data_6AZ3
#
_entry.id   6AZ3
#
_cell.length_a   1
_cell.length_b   1
_cell.length_c   1
_cell.angle_alpha   90
_cell.angle_beta   90
_cell.angle_gamma   90
#
_symmetry.space_group_name_H-M   'P 1'
#
loop_
_entity.id
_entity.type
_entity.pdbx_description
1 polymer 'ribosomal protein uL2'
2 polymer 'ribosomal protein uL3'
3 polymer 'Ribosomal protein L1a, putative'
4 polymer '60S ribosomal protein L11 (L5, L16)'
5 polymer '60S ribosomal protein L9, putative'
6 polymer 'ribosomal protein eL6'
7 polymer '60S ribosomal protein L7a'
8 polymer 'ribosomal protein uL13'
9 polymer 'ribosomal protein eL13'
10 polymer '60S ribosomal protein L23, putative'
11 polymer 'Probable 60S ribosomal protein L14'
12 polymer '60S ribosomal protein L27A/L29, putative'
13 polymer 'Ribosomal protein L15'
14 polymer '60S ribosomal protein L10, putative'
15 polymer '60S ribosomal protein L5, putative'
16 polymer '60S ribosomal protein L18, putative'
17 polymer 'Ribosomal protein L19e family protein'
18 polymer '60S ribosomal protein L18a'
19 polymer '60S ribosomal protein L21, putative'
20 polymer '60S ribosomal protein L17, putative'
21 polymer '60S ribosomal protein L22, putative'
22 polymer '60S ribosomal protein L23a, putative'
23 polymer 'ribosomal protein uL24'
24 polymer 'ribosomal protein eL24'
25 polymer 'Ribosomal L27e family protein'
26 polymer '60S ribosomal protein L28, putative'
27 polymer 60S_ribosomal_protein_L35_putative/GeneDB:LmjF.26.2330/GeneDB:LmjF.26.2340
28 polymer '60S ribosomal protein L29'
29 polymer '60S ribosomal protein L7 family protein'
30 polymer '60S ribosomal protein L30'
31 polymer '60S ribosomal subunit protein L31, putative'
32 polymer 60S_ribosomal_protein_L32/GeneDB:LmjF.21.1720
33 polymer 'Ribosomal protein L35Ae family protein'
34 polymer '60S ribosomal protein L34, putative'
35 polymer '60S ribosomal protein L36, putative'
36 polymer '60S ribosomal protein L37'
37 polymer 'Ribosomal L38e family protein'
38 polymer '60S ribosomal protein L39, putative'
39 polymer 'Ubiquitin-60S ribosomal protein L40'
40 polymer 'ribosomal protein eL41'
41 polymer '60S ribosomal protein L37a'
42 polymer '60S ribosomal protein L44, putative'
43 polymer 'rRNA alpha'
44 polymer 'rRNA beta'
45 polymer 'rRNA gamma'
46 polymer 'rRNA delta'
47 polymer 'rRNA epsilon'
48 polymer 'rRNA zeta'
49 polymer 'rRNA 5.8S'
50 polymer 'rRNA 5S'
51 non-polymer PAROMOMYCIN
52 non-polymer 'MAGNESIUM ION'
53 water water
#
loop_
_entity_poly.entity_id
_entity_poly.type
_entity_poly.pdbx_seq_one_letter_code
_entity_poly.pdbx_strand_id
1 'polypeptide(L)'
;GKTVLSCRKGNGSVYQVHGHKRLGPAKLRILDYAERHGYMRGVVKSIEHEAGRGAALARVEFRHPYKFRRVKELMVAPEG
MFTGQSVFCGQKAPLAIGNVLPLGQITEGCIVCNVEAKPGDRGTLARASGDYCIIISHNHETGRTRLKLPSGQKKSVPST
SRAMIGIISGGGRIEKPVLKAGNSFYRFRGKRNCWPKVRGVARNPVEHPHGGGNHQHIGHPSTVSRHSPPGQKVGLIAAR
RTGRIRGGKAVKGA
;
A
2 'polypeptide(L)'
;SHCKFEHPRHGHLGFLPRKRSRQIRGRARAFPKDDATQKPHLTSFMVFKAGMTHIVRDVDRPGSKVNKKEVVEPVTILEA
PPMVIVGIVGYRQTPVGLKTIGTVWAHHTSVEFRRRYYKNWKQSAQLAFSRQKQFANTKEGKVAEARTLNAFAKKASVIR
VIAHTQLRKLRNHRVGVKKAHVQEIQINGGNVAAKIALAKSLLEKEVRVDSVFQQSEACDVCSVTKGHGTEGVVKRWGVA
CLPRKTHRGLRKVACIGAWHPARVMYTVARAGQHGYHHRTQLNKKIYQIGRSVAVEPNQATTTYDLTAKTITPMGGFVGY
GTVRNDYVMLKGSVSGPRRRVMTLRRPMAPQTSRHLKEKIVLKFIDTSSKIGHGRFQTKKEKNQWFGPLKKDRIRREERL
RK
;
B
3 'polypeptide(L)'
;RPSVSVYSASSDSVVGTCPLPAVFTAPIRNDIVKFVHTNMAKNSRQAYAVNRLSGMNHSAHSWGTGRAVARIPRISGGGT
STSGAGAFGNMCRGGRMFAPTKIFRRWHRKINLHQKRFAVVSALAASSVPSLVMSRGHRIDNVPEVPLVVEDSIQGYEKT
KEAMAFLKAIAAIDDVNRVNDSREIRAGRGKMRNRRYVARRGPMLVMPNNKGTRAFRNIFGLDLANVSALNLLHLAPGGH
VGRFVIWTKSAFEQLDKIFGTFTEASAVKKGFTLPAPMLTNTDVTRIMQSEEVRRVLKPKKLQAKKASRYQTPTNGIKNR
RLRLRLNPYVKRETAAAKGMRNVANRDARRKAKMARVTKAKKAATK
;
C
4 'polypeptide(L)'
;ANPMREIVVKKLCINICVGESGDRLTRASKVLEQLCEQTPVLSRARLTVRTFGIRRNEKIAVHCTVRGKKAEELLEKGLK
VKEFELKSYNFSDTGSFGFGIDEHIDLGIKYDPSTGIYGMDFYVVLGRRGERVAHRKRKCSRVGHSHHVTKEEAMKWFEK
VHDGIIFQ
;
D
5 'polypeptide(L)'
;VKVKSLCTLQIPEGVTVDVKGRKVTVTGKRGTLTKDLTHLQLDLRVDKKNRTFTVIRWFGSKIPIACLNTTKAHVQNMIT
GVTKGYRFKVRCAYAHFPINVSVDGQNIEVRNFLGEKRVRRQLVPSSVKVSQTDPSKVKDEIIFDGNDLEQVSREAAVLH
QMCLVKKKDIRKFLDGIYVQTKTNIE
;
E
6 'polypeptide(L)'
;MAATKSAASAAKRKAAKKVSRKSPEYTTLRKSCAPGVIAIILAGRFRGRRAVILKQLPHNGPLVVSGPMKYNGVPIRRID
SRYVIATSTKVDISSVDTAPITPEVFQRPKAEKLTKSEGDFMGDKQKARAEKAAKKTSKAGKKTPVSDARAQLQKKIDAA
LIAAIKKDAQGKEKAGYLRSVFTVKPGDAPHRWNW
;
F
7 'polypeptide(L)'
;MTVRSSPTANLYLTYLLLSCPICTSPFPFATLIRTHLHHRVAPAFAFLLFFGCAHVCACVLARLLLPYFHSTFSASISRR
AEKSMPGKEVKKATQPAKAASPYKKPAVASHFAARPKNFGIGQDVPYARDLSRFMRWPTFVTMQRKKRVLQRRLKVPPAL
NQFTKVLDRASRNEALKLIKKYAPETRKARRERLHKAAEEKKKDPKKTVSTRAPLAVVTGLQEVTRAIEKKQARMVVIAN
NVDPVELVLWMPNLCRANKIPYAIVKDMARLGDAIGRKTATCVAITDVNAEDEATLKNLIRSVNARFLSRSDVIRRQWGG
LQLSLRSRAELRKKHARNAGVDAAAIIQ
;
G
8 'polypeptide(L)'
;AFPSRKDASRAQRKSAKKHRPEIIVIDLKDHVLGRAAAVVAKQLLLGKKITVVRCEQLNIAGTEIRNKIKYLQYLRKRKL
TNPTKGPFHHRAPSDVFVRTVRSMLPRYTKRGMKALNSLVAYEGIPPNVVRTGGRVVIPRAQRHVCYRSERPYTVLGNMC
KHVGWKYSDVVANLEKARVEKASRHHEKQAKLREAWKAARKEALAKMPKHNVEVLKKFGYA
;
H
9 'polypeptide(L)'
;PKGNNAIPHVHQKKHWNPCSSQKGNVKVFLNQPAQKHRRRRLRLLKAKKVFPRPLKALRPQVNCPTVRHNMKRRLGRGFS
PAELKAAGLNPQYAATIGIRVDSRRKNKSEEGMNVNVQRLKTYMSKLVLFPMNHKKVQKGEASEEEVKAATQDRSRFGDA
AVGAVVYPSAETPRAVSAEEKSMCVYAFLKKNHSAVRFFGARSARAARKEAA
;
I
10 'polypeptide(L)'
;ANVKGCRFRVSVALPVGAVVNCADNTGAKNLYVISVKGYHGRLNRLPSAALGDMVMCSVKKGKPELRKKVLNAVIIRQRK
SWRRKDGTVIYFEDNAGVIVNPKGEMKGSGIAGPVAKESADLWPKISTHAPAIV
;
J
11 'polypeptide(L)'
;KSHYICAGRLVRILRGPRQDRVGVIVDIVDANRVLVENPEDAKMWRHVQNLKNVEPLKYCVSVSRNCSAKALKDALASSK
ALEKYAKTRTAARVEAKKACAASTDFERYQLRVARRSRAHWARKVFDEKDAKTPVSWHKVALKKMQKKA
;
K
12 'polypeptide(L)'
;PTRFKKCRHQRGSTFCGYGRVGKHRKHESGRGNAGGMHHHRINFDKYHPGYFGKLGMDHYHRKKNPMWKPTINLNNLSRL
IAAEEAAKATKGGTLPVVDLQSSGYAKLLGNGHIQVPCIVKARYVSKLADKKIRKAGGAVVLQA
;
L
13 'polypeptide(L)'
;GAFMYLNELWKKKSSDVMRFIQRIRSWEFRHQHTVVRLRRPTRPEKARMLGYKTKQGFCVFRVRVRRGGRKRPVHKGITY
GKPKTSGVLGMKLNKNNQAVAEQRLGKRFGNLRVLNSYWVNMDSTFKWYEVIAVDPMCKTIRRDPRINWIVNSVHKHREQ
RGLTSAGRKHRGLRHKGHKASKLRPSYRAAWRRNNRIVFLRKR
;
M
14 'polypeptide(L)'
;MARRPSRCYRFCKNKPYPKSRFCRGVPDPKIRNFDIGRRRATVDEFPVCIHVVSRELEQIASEALEAARIQANKYMVKRA
NKDVFHMRTRAHPFHVLRINKMLSCAGADRLQTGMRGAFGKPNGVCARVRIGQILLSMRTKEAYVPQAFEALRRAKMKFP
GRQIIVMSKYWGFTNILRTEYEALRDAGKLEQRGTHCKLIAPKGKITMRNVMA
;
N
15 'polypeptide(L)'
;MPFVKVVKNKAYFKRFQVKYRRRREGKTDYHARRQMVLQDKTKFGSPKYRLVVRITNKDIIAQIVQAKIVGDEVVMAAYA
HELPAFGIEHGLTNYAAAYATGLLLARRTLAKLGIADKFQGAKEADGSYSAVRTKKDDEGDDEERFPFKAILDVGLARTT
TGARVFGVLKGAVDGGMAVPHRPNRFPGYNKEKSSLDAKVHRDRIFGKHVAEYLKQVKEEASSNPDEKCVQFSRYMAAKV
LPESIEGMYKKAHAAIRADPSKSLPKKAKKEGVAHKSYKTKKLSGAEKRAAAKAKVAAIRERLGK
;
O
16 'polypeptide(L)'
;GVDLTGISKKSRVIRHHTYSTNPYIKLLIKLYKFLAKRTSSGFNKVVYQRLIKSRSNRAPISLSRIAVVMKRKAVFTAKS
KAAPIAVVVGDVLDDVRMARIPAMRVCALRFSKSARQSIVAAGGECLTFDQLAMIAPTGKNTYLLRGRKSGRESVRHFGA
SGVPGSHSKPYATNRGKETKRGRRTGRSYKRKAFRHV
;
P
17 'polypeptide(L)'
;VSLKLQARLASSILGCGRARVWLDPNEAVEIQNANSRKSVRKLIKDGFIIRKPVKVHSRARWRKMKEAKDMGRHNGVGRR
EGSREARMPSKELWMRRLRILRRLLRKYRADKKIDRHVYRDLYVRAKGNVFRNKRNLVEHIHKIKNEKKKERQLAEQLAA
KHLRDEQNRNKARKQELRKREKERERARR
;
Q
18 'polypeptide(L)'
;VKPHLRHYQVVGRESPSEKNPEPTVYKFEVFAPNFVVAKSRFWRMMRVKNKVKATHGDVLSCKVVKDAKLVARNYLVDIA
YYSQRCGYTRMVKEFRDVSKTGAVSQAYHDLASRHRARYHNIEVLNVKSIPDHEVKHLSIAQYHAPNLSFPLLQRRIKAA
RKDRAIFVKKNTKRAVVA
;
R
19 'polypeptide(L)'
;VHSYGYKSGTRHLFAKKFRKHGAPSVSTILTNIKVGDYVDVVADSAVREGMPHKYYHGRTGIVWNVTPRGVGVIINKPVR
TRTLRKRICVRFEHVRKSRCQEAFKAKEHQFQAYLAAKKAGKALPPLKKSSRMGGIVRPKNVEVLARRVADYEA
;
S
20 'polypeptide(L)'
;THYSRKPQVSSKSAKAKVSDLRCHYKNTFETANVINGMPLRKAQQLYRQVLAKTRCIPFKRYNGKIGRTAQAKEWGQTKG
RWPRKSVVAMMSLLKNAEANAIEKGLDPNQMVIKHVQVDQAARMRRRTYRAHGRITPYMCSPCHVQLFMSEKKE
;
T
21 'polypeptide(L)'
;VAVRAKVGSRSYVRQKQLAKGKKVFKIDCSIPAADGIFSEDVLGNFEQFFQDNTKLNGRKGKLSDKVRLSMNDNVLTIST
TMAYRKKYFKYLTKKFLKKKDLRDWIRILATGKGTYQLKYF
;
U
22 'polypeptide(L)'
;AKSYTRPQFRRPHTYRKPAMAKPSNRVTVESKDIAAFSVIRYPLTTDKAMKKIEENNTLTFIVDSRANKTEIKKAMRKLY
QVKAVKVNTLIRPDGLKKAYIRLSAAHDALDTANKIGL
;
V
23 'polypeptide(L)'
;ASIKCGSRRKARRAHFQAPSHVRRVLMSAPLSKELRAKYNVRAMPVRKDDEVIVKRGTFKGREGKVTACYRLKWVILIDK
VNREKANGSTVAVGIHPSNVEITKLKLTHHRKSILERKDRS
;
W
24 'polypeptide(L)' MRTIECEFSHFAVHPGHGRRYVPFAFLSTKPVLTFSRPKCFALYMRKKNPRFIPWTRTYRRIHRK X
25 'polypeptide(L)'
;KFLKPGKVVIVTAGRYAGHKAVIVQNSDIATKERPYGRALLAGIKKYPKKVVRGMSKQTIARRSQVGVFLRVVNHKHFLP
TRYNVDMSKELRGKINVSDASKRSRSKRLVRHVFQARYNAGSSMWFFQRLRF
;
Y
26 'polypeptide(L)'
;SHSVDLQWILVRQNSRFLQKRGGIRMSNDPFNNNGNWTKRHCGFLNEKAAVVKPAKGGAICVTVKDGSSNNKPRQTYRKT
VHAAGVRASDVSRAVAAVRPDLADVSFRRARRMACIASRTAKVAAARKARSEKIKFSRKS
;
Z
27 'polypeptide(L)'
;SHHMKIKDLREKSKDDLLKTLTEYKKELSQLRVVQQTGGAETRLGRIRPIRKSIARILTVLNQNERSNLKMFYADRKLRC
KTPKVLRAKLTHRRRLALKENEKNRKTSRQMRQAHKFPKRVYAVK
;
a
28 'polypeptide(L)' AKSKNHTNHNQSSKNHRNGIKGPMPLHLHNSKRGSWLPALVNARRVRKHNQKAALKKRRERIAAFAAK b
29 'polypeptide(L)'
;AAFKQQQTENFKKAVVARKAAKAALKKTAYLRARKYSREYRGAEKKLVTLRRQAASHGNYYLEAKPKVAVVTRIRGIAKV
NPKQRKILQLLRLRQIFNTVFVKMNKPMENMLRAVEPYIAYGYPSLATVRAMVYKRGYLKINGQRVKITDNQMIKDKYNN
ADIVCAEDMVNQIYTCGKHFRTVTHGMWPFKLAPPAGGMRQKRRHFVEGGDYGNRDTLINRFLARMI
;
c
30 'polypeptide(L)'
;VDTINAKLQLVMKSGKYVLGTQQALTTLRQGRSKLIVISNNCPPIRRAEVEYYCTLSKTPIHHYSGNNLDLGTACGKHFR
TCVLSVTNVGDS
;
d
31 'polypeptide(L)'
;TRASLRKRTGRKPDAVSMEATIHLSKLLKKKTFSKRAPLAIKRIKAFVGRLMKTKDNRIDASLNTYIWHKGVKGVPGRVR
VLIQRKSETTEGNKHKHFYTVISNVPVASFKGLTTKTVE
;
e
32 'polypeptide(L)'
;VKPTVSKAIVKKRTKRFTRHRYELFPQLSSSWRKPRGEDSPVRRRYKGQKAMPNKGYGSDRATKYITPSGFRSFPINNVE
DLYMLVMQNRKYAGVISHTVGARKRKAIARKAMELDVRLANGNAKLRKIA
;
f
33 'polypeptide(L)'
;KTSRVNRNRKAPRLYMKGTLAGYTRGLHGQTKQTALVRVENVNTREDATWYVGKRVCYVYHGKKVKRCVRWSKAPARRST
TRALWGRVTRPHGNAGMMRVKFNGASVPASAIGRRIRVYLYPSQI
;
g
34 'polypeptide(L)'
;CPRVQYRRRMHYATRGNRMKMVRTPGNKLVMQKRAKRSQGIHTPWVLGHKRLGGTKALRHIDARLASRHEKSVSRAYGGV
LSHDQVRDRVVRAFLVEEQRIVKQALKEHSKMKLSHKRTANKKKS
;
h
35 'polypeptide(L)'
;APTPRTGIIAGFNKGHVTTRRPRQPSPNDRFAVPHKHLRAVKAIIADLVGLSPLEKRVQEFLRVGKEKRALKYCKKRLGD
FTAAKKKRSKMEEALRH
;
i
36 'polypeptide(L)' TKGTTSMGQRHGRTHILCRRCGRNSYHVQWERCAACAYPRASRRRYNWSVKAIKRRRTGTGRCRYLKVVNRRIANHFKTP j
37 'polypeptide(L)' PREIKTLKEFLAICSRKDARCVKVKHNPSATKFKVRCSRYLYTLVVNDKKKADKIERSIHPSVKKIAVTARSHAKT k
38 'polypeptide(L)' GRFKPLAVKKKYAKKMNQNKPVPYWIRLRTGNRIKWNEKRRHWRRTKLNY l
39 'polypeptide(L)' MEPTLVALAKKYNWEKKVCRRCYARLPVRATNCRKKACGHCSNLRMKKKL m
40 'polypeptide(L)' GTVSRPRGMRPKWHKKRIKRLKLRRRRMRQRSK n
41 'polypeptide(L)'
;AKRTVKMGVMGRYGTRYGANPRKRAKKLEVSQHAKHFCSFCGKFAFRRKAVGIWRCDGCSKTVAGGAYTLSTPNNSTVRS
TVRRLRELAK
;
o
42 'polypeptide(L)'
;VNYPKKKVMHCGDARCNAHKSFKVVQYKAGKARLFARGKRRYDRKQSGYGGQTKPVFHKKAKTTKKIVLKLQCSGCKSIR
QVVLKRTKHFELNDKK
;
p
43 'polyribonucleotide'
;AGACCUGAGUGUGGCAGGACUACCCGCCGAACUUAAGCAUAUUAC(OMU)CAGCGGAGGAAAAGAAAACA(A2M)CCGUG
AUUCUCUCAGUGAGCGGCGAGCGAAGAGGGAACGAACUCGUUGCCGAAUCGGGUCUUACAAGGCCUUGAGUUGUGGCACA
AAUAUCAUUUCGUGGUUGGUGCAGGAGUGGCGAAAUUCAAGCGCAAAGCAAACCCGUUGCUGAAUACAACCCUUCAUGUG
(A2M)GUAUUGAGCCAAAGAAGGUGUUAGCCCAUUGAGCCAUAAACCUGAGCGCCUCAUGAACUGUAUUAAGCGAGUAGC
ACUGUUUGGGAAUGCAGUGUCAAGUUGGCAGGUAUUUGUCUGCCAAAGUUAAAUACAGAGUAGGAAGACCGAUAGCGAAC
AAGUAGCGUGAGCGAAAGUUUGAAAAGCACUUUGGAAAGAGAGUGA(A2M)AUAGAACCUGAAGUCGUGACAAAGACAAU
GGAAGUACCUCCAUUUCAACGGCCAGAACCAGCCCUACUGCAUUAUCCUGUCGGGGGUCAAAAUCCGGCGGGCAACGAAG
UGCAAGAAUUUUGGGUCUUGGUGAAAUGAGCGGAGUAUUUGAGCUGUGCACGGCGCAAGCCGCACGCACUGGUUUCUUCU
CCGUGAUGCUCCAUGUUGGCGAUGGAAAUGGGGUGCCCCCACCCGUCUUGA(A2M)AC(A2M)CGGACCAAGGAGU
(OMC)A(A2M)ACAGACGCGCAAGGGAGGAGAUAUGGUUGCCAGUACUUCUCUCGUACUGAAAGGGAGAUGCAAAAUGCA
UCUGUGGUGUGCACACGUCAAAUCCGUUUGAUUUGCCCAACACCGACCGGCCCUCCGUGGGUUGCGUUGGAGUGUGCC
(OMU)G(OMU)UUGGACCC(OMG)A(A2M)AGGUGGUGAACUAUGCCUGAACAAGGUGAAGCCCGGGGAAACCCAGGUGG
AGGCCUGUAGCGAUGCUG(A2M)CGUGCAAAUCGCUCGUAUGAUUUGGGU(A2M)UCG(OMG)AGCGAAAGACUCAUCGA
ACCACCUAGUAGCUGGUUCACAUCGAAGUUUCCCUCAGGAUAGCUGGUGCUAGUAGAAGUAUUGUGCGGUAAAGCAAAUG
AUUAGAGGCAUUGGUGUUCUUAGAAUAUCGACCUAUUCUCAAACUUUAAA(OMU)GUGCAAACAAACCGUGCCUUAGCCA
ACUGCAAGGCCGGAAAGAAAAGAAUUAGAGGCACCAAGUGGGCCUUCUUCGGUAAGC(OMG)GAGCAGGCGAUGCGGAAU
GAACCGCUUAGGGAUAUGUGGCGUCAAAACUUAUGGGCUCAUUC(OMU)CGAUACGUGAAAAGGGUGUUGGUGGAUUGGA
CAGUUGGACGGUGGCCAUGGAAGUCGGCAUCCGCUAAGGAGUGUGUAACAACUCACCAACCGAAUCCACCGGCCCCGAAA
AUGGA(OMU)GACGCUUAAGCCCAAUUAGUGAUUGCCCAUUAUUCCUUUGGUAAGGGCGGAAACAAACUCUUGGAGAAAG
UGUAGCCCUUCCGAUGUAGAUGUGGCCUGGAGGUUAGGACGAAGCUUAUGGCGUGAGCCUAAGAUGGACCGGCCUCUAGU
GCA(OMG)AU(OMC)UUGGUUGGCGU(A2M)(OMG)CAAAGAUCUAACGGAGAUAUACUCAACAUGCAACGUUGGAUACU
GGAGCGGGGAAGGAUUUCGUGCCAACGGCACUCGUACACGA(OMG)UUGUUCGGAAACUGAGCACAACGUUAUAUCGU
(OMU)UUGUUAGGAAAGUGAAGGUGUGUCGGCGGCAGCUGCUUUCGGGUAGCUGUUCGACUGGCCAUAACUGAAAAGGGG
CAACAGAGAACCUGGGAUUAUAUUCCAAAAAGAAAUUGCAUGUGGG
;
1
44 'polyribonucleotide'
;CCCAACUGCAGACCGUACUCAUCACCGCAUCAGGUCCCCAAGCAUAGAAUGCUCUGGUACAUAGAGAAA(OMG)G(OMU)
ACACUCAGGGAAGUCGGCAAAAUAGAUGCGUAAGUUCGCAAGAAGCAUUGGCUCUGAGGGCAAAGUCAGAGAAAACCGGA
AGGCCAGUGUCCUCUCGCAUGCAGCCGUUCUUCAGAUGUUGUUUUGGCGCUCGCCGCCUUAGCACGCUGAUAGCGACUGU
ACUGUCGUCUGUGAAGGCUACCUUCCCGAGGCGUCGUAACCCGGCGUCUCACUCUGGCACGGGCCGGUCUUGGCGGGUUC
ACGCUCGCCUUGUGCCGCGUCCCACAAAUUGCCAACUCAGAACUG(OMC)UUACGGCGGGGAAUCCAACUGU(A2M)UAA
UUAAAACAUAGGUUUGUGAUGCAUCCAAGUGGUGUAUAUCGCAAACUGAUUUCUGCC(OMC)AGUGCUCUGAAUGUCAAC
GUGACGAGAUUCACCGACGCGCGGGUAAACGGCGGGAGUA(A2M)CUAUGACUCUCUUAAGGUAGCCAA(A2M)UGCCUC
(OMG)UCUUCCAAUUAGAGACGCGCAUGAA(OMU)GGAUUAAUG(A2M)G(A2M)UUCCCUCUGU(OMC)CCGAGUU
(A2M)CUAUCUAGCGAA(A2M)CGACAGUCAAGGGAACGGACUUG(A2M)AGGGCUAAGCGG(OMG)GAAAGAAGACCCU
(OMG)UUGAGUUUG(A2M)C(OMU)CCAGUCUGGCUCUGUGCGGCGACAUCUGAGGUGUAGUAUAGGUGGAAGCGCAAGC
GCAAAUGAAAUACCACCACUCGGAACGUUGCUUCACUUAUCGAAUGAAGAGACCAAUGGGUUUAGCGUAGUCUUCGGGCU
AUGCACCGUCUAGGUUUGGGAGUAAUUUUAUGGCGGUAACCCCGUCCCCACGGGAAAGGGUGGUGUGCUUUUUUCUGCGU
GCGUCUUCACGGGCGUCGCGCGGGCCCCGCUCUUUUUUAUUACGUUUCCUUCGGGGGGCGUGACUCGUGGGUACCCAACC
GUGCUGUAAACUGAACCAACGGGAUUGCCUCGUGCAGUUCCGGAGUCUUGUUUCGAGACAUCUGCCAGAUGGGGAGUUUG
GCUG(OMG)GGCGGCAUAUCUGUUACACG(A2M)CAACGCAGG(OMU)(OMG)UCCUAAGGCGAGCUCAGUGGGAACAGA
AAUCUCACGUAGAACACAAGCGUAAAAGCUUGCUUGAUUAACGAUU(OMU)CCAGUA(OMC)GAAUCGAGACUGCGAAAG
CAAGGCC(A2M)GCGAUCCUUUGCGAAGAAUAGGAAAUAUGAACAAAUCAUACCA(OMG)A(OMG)GUGUCAGAAUAAUU
AC(OMC)ACAG(OMG)GAUAACUGGCUUGUGGCGGCCAAGCGUUCAUAGCGACGUCGCUUUUUGAUCCUUCGAUGUCGG
(OMC)UCUUCCUAACCUAGCGCCGCAGAAGACGCUAAGGGUUGGAU(OMU)(OMG)UUCACCCACUG(A2M)CAGGGAAC
GUG(A2M)GCUGGGUUUAGA(OMC)CGUCGUGAGACAGGUUGGUUU(OMU)ACCCUACUUAGCUGGAAAUUGCGAGAAAA
AGAUUAUCCGUGCAAAGCGGACGUCGGGUCGUUCUUGGGCCUGGCGAGCGGUGGGUAGUACUUGGUACGCUCAUCACC
;
2
45 'polyribonucleotide'
;AGUGGUAA(OMU)GCGAAACACUGCCAGGUAACAAAUCAAUCCUCCCACGGUGAGCUUUCUUUUCACCAUAAUCCACAUC
UCCGGCUUUGCUGGGGCUUGGGCCUUUUUACUUCUCGCGUUGUUCGGAGCGGGGGCUCAAGAUUGAAAAAUGCAGCUCUC
CCUACGUACUGUCAUUGUUGUGAGUUCUGCGCAUUAACGCAAAAACCUGGGGUGU
;
3
46 'polyribonucleotide'
;GUGAGAUUGUGAAGGGAUCUCGCAGGUAUCGUGAGGGAAGUAUGGGGUAGUACGAGAGGAACUCCCAUGCCGU(OMG)CC
UCUAGUUUCUGGGGUUUGUCGAACGGCAAGUGCCCCGAAGCCAUCGCACGGUGGUUCUCGGCUGAACGCCUCUAAGCCAG
AAGCCAAUCCCAAGACCAGAUGCCCAC
;
4
47 'polyribonucleotide'
;UACGUCCCUCUCCAAACGAGAGAACAUGCAUGGGCUGGCAUGAGCGGCAUGCUUCACUUCGGUGGGGCUCGAGGGGCAUU
UACGUCCCGAGGCGCUGAACCUUGAGGCCUGAAAUUUCAUGCUCAGGGACACA
;
5
48 'polyribonucleotide' AUCGAAUCGCCACCUACAAGACUGGAGCUUGCUCCCUCGAAGGCGCCAAGUAUAUUCAUGAUCACAAGACA 6
49 'polyribonucleotide'
;AACGUG(OMU)CGCGAUGGAUGACUUGGCUUCCUAUUUCGUUGAAG(A2M)ACGCAGUAAAGUGCGAUAAGUGGUAUCAA
UU(OMG)CAGAAUCAUUCAAUUACCGAAUCUUUGAACGCAAACGGCGCAUGGGAGAAGCUCUAUUGUGUCAUCCCCGUGC
AUGCCAUAUUCUC(A2M)GUGUCGAAC
;
7
50 'polyribonucleotide'
;GAGUACGACCAUACUUGAGUGAAAACACCAUAUCCCGUCCGAUUUGUGAAGUUAAGCACUCACAGGCUCAGUUAGUACUG
AGGUCAGUGAUGACUCGGGAACCCUGAGUGCCGUACUC
;
8
#
# COMPACT_ATOMS: atom_id res chain seq x y z
N GLY A 1 -9.42 -15.50 -30.23
CA GLY A 1 -9.11 -16.24 -29.03
C GLY A 1 -10.25 -17.16 -28.66
N LYS A 2 -11.44 -16.85 -29.13
CA LYS A 2 -12.61 -17.68 -28.94
C LYS A 2 -13.02 -18.32 -30.26
N THR A 3 -13.88 -19.32 -30.18
CA THR A 3 -14.19 -20.15 -31.33
C THR A 3 -15.17 -19.44 -32.26
N VAL A 4 -14.88 -19.50 -33.55
CA VAL A 4 -15.69 -18.88 -34.59
C VAL A 4 -17.04 -19.58 -34.69
N LEU A 5 -18.08 -18.82 -35.04
CA LEU A 5 -19.43 -19.34 -35.14
C LEU A 5 -19.57 -20.44 -36.18
N SER A 6 -18.80 -20.36 -37.27
CA SER A 6 -18.89 -21.39 -38.31
C SER A 6 -18.30 -22.70 -37.82
N CYS A 7 -17.29 -22.62 -36.97
CA CYS A 7 -16.76 -23.82 -36.32
C CYS A 7 -17.74 -24.35 -35.28
N ARG A 8 -18.55 -23.48 -34.70
CA ARG A 8 -19.43 -23.92 -33.62
CA ARG A 8 -19.45 -23.90 -33.62
C ARG A 8 -20.66 -24.65 -34.14
N LYS A 9 -21.03 -24.41 -35.38
CA LYS A 9 -22.21 -25.08 -35.93
C LYS A 9 -21.96 -26.56 -36.23
N GLY A 10 -20.70 -26.99 -36.27
CA GLY A 10 -20.36 -28.39 -36.43
C GLY A 10 -20.45 -29.23 -35.19
N ASN A 11 -20.48 -28.60 -34.02
CA ASN A 11 -20.93 -29.29 -32.82
C ASN A 11 -22.39 -29.70 -32.95
N GLY A 12 -23.19 -28.86 -33.59
CA GLY A 12 -24.55 -29.15 -33.96
C GLY A 12 -25.40 -29.34 -32.73
N SER A 13 -25.57 -28.29 -31.96
CA SER A 13 -26.29 -28.39 -30.70
C SER A 13 -27.54 -27.54 -30.69
N VAL A 14 -27.37 -26.22 -30.82
CA VAL A 14 -28.46 -25.30 -31.05
C VAL A 14 -28.73 -25.19 -32.53
N TYR A 15 -27.88 -25.78 -33.37
CA TYR A 15 -27.84 -25.50 -34.79
C TYR A 15 -28.29 -26.68 -35.63
N GLN A 16 -28.90 -27.70 -35.02
CA GLN A 16 -29.40 -28.82 -35.79
C GLN A 16 -30.70 -28.47 -36.47
N VAL A 17 -31.18 -29.39 -37.32
CA VAL A 17 -32.37 -29.13 -38.09
C VAL A 17 -33.60 -29.14 -37.19
N HIS A 18 -34.64 -28.43 -37.66
CA HIS A 18 -35.89 -28.29 -36.94
C HIS A 18 -36.86 -29.27 -37.56
N GLY A 19 -36.80 -30.50 -37.08
CA GLY A 19 -37.43 -31.60 -37.77
C GLY A 19 -38.66 -32.21 -37.16
N HIS A 20 -39.24 -31.60 -36.11
CA HIS A 20 -40.37 -32.24 -35.44
C HIS A 20 -41.62 -32.26 -36.28
N LYS A 21 -41.85 -31.22 -37.09
CA LYS A 21 -43.00 -31.20 -37.96
C LYS A 21 -42.68 -31.72 -39.36
N ARG A 22 -41.45 -32.15 -39.61
CA ARG A 22 -41.12 -32.75 -40.89
CA ARG A 22 -41.14 -32.75 -40.89
C ARG A 22 -41.78 -34.12 -41.01
N LEU A 23 -42.08 -34.51 -42.24
CA LEU A 23 -42.52 -35.86 -42.54
C LEU A 23 -41.26 -36.71 -42.65
N GLY A 24 -41.37 -37.93 -43.15
CA GLY A 24 -40.22 -38.77 -43.29
C GLY A 24 -39.26 -38.25 -44.38
N PRO A 25 -38.15 -38.96 -44.55
CA PRO A 25 -37.30 -38.67 -45.70
C PRO A 25 -38.00 -39.04 -46.99
N ALA A 26 -37.88 -38.16 -47.97
CA ALA A 26 -38.48 -38.37 -49.28
C ALA A 26 -37.50 -39.13 -50.13
N LYS A 27 -37.87 -40.34 -50.55
N LYS A 27 -37.91 -40.31 -50.60
N LYS A 27 -37.89 -40.33 -50.57
CA LYS A 27 -37.02 -41.14 -51.41
CA LYS A 27 -37.05 -41.21 -51.34
CA LYS A 27 -37.03 -41.13 -51.43
C LYS A 27 -37.88 -42.00 -52.33
C LYS A 27 -37.88 -42.03 -52.32
C LYS A 27 -37.87 -42.00 -52.33
N LEU A 28 -37.22 -42.56 -53.35
CA LEU A 28 -37.88 -43.49 -54.23
C LEU A 28 -38.05 -44.83 -53.53
N ARG A 29 -38.96 -45.66 -54.03
CA ARG A 29 -39.18 -46.93 -53.36
C ARG A 29 -38.01 -47.89 -53.66
N ILE A 30 -37.96 -48.97 -52.87
CA ILE A 30 -36.80 -49.86 -52.84
C ILE A 30 -36.60 -50.52 -54.19
N LEU A 31 -35.37 -50.50 -54.69
CA LEU A 31 -35.06 -51.20 -55.93
C LEU A 31 -35.06 -52.69 -55.64
N ASP A 32 -36.22 -53.31 -55.81
CA ASP A 32 -36.42 -54.72 -55.57
C ASP A 32 -36.43 -55.47 -56.89
N TYR A 33 -36.76 -56.76 -56.83
CA TYR A 33 -36.85 -57.59 -58.01
C TYR A 33 -37.97 -57.11 -58.92
N ALA A 34 -39.02 -56.55 -58.34
CA ALA A 34 -40.21 -56.17 -59.09
C ALA A 34 -39.97 -54.98 -59.99
N GLU A 35 -38.90 -54.22 -59.76
CA GLU A 35 -38.49 -53.16 -60.67
C GLU A 35 -37.31 -53.51 -61.54
N ARG A 36 -36.50 -54.49 -61.14
CA ARG A 36 -35.42 -54.91 -62.00
C ARG A 36 -35.89 -55.73 -63.19
N HIS A 37 -37.15 -56.17 -63.19
CA HIS A 37 -37.68 -57.03 -64.24
C HIS A 37 -39.01 -56.51 -64.77
N GLY A 38 -39.84 -55.96 -63.90
CA GLY A 38 -41.14 -55.45 -64.32
C GLY A 38 -41.41 -54.06 -63.82
N TYR A 39 -42.68 -53.66 -63.79
CA TYR A 39 -43.07 -52.39 -63.21
C TYR A 39 -43.97 -52.65 -62.00
N MET A 40 -43.82 -51.82 -60.99
CA MET A 40 -44.82 -51.70 -59.93
C MET A 40 -45.68 -50.49 -60.22
N ARG A 41 -46.99 -50.65 -60.14
CA ARG A 41 -47.85 -49.49 -60.20
C ARG A 41 -48.30 -49.09 -58.80
N GLY A 42 -48.37 -47.78 -58.59
CA GLY A 42 -48.86 -47.22 -57.37
C GLY A 42 -50.07 -46.38 -57.65
N VAL A 43 -50.43 -45.51 -56.71
CA VAL A 43 -51.49 -44.52 -56.90
C VAL A 43 -51.22 -43.38 -55.94
N VAL A 44 -51.28 -42.16 -56.45
CA VAL A 44 -51.04 -40.99 -55.62
C VAL A 44 -52.30 -40.68 -54.83
N LYS A 45 -52.18 -40.65 -53.50
CA LYS A 45 -53.31 -40.39 -52.62
C LYS A 45 -53.33 -38.99 -52.06
N SER A 46 -52.18 -38.40 -51.79
CA SER A 46 -52.16 -37.06 -51.23
C SER A 46 -50.91 -36.34 -51.68
N ILE A 47 -51.05 -35.04 -51.87
CA ILE A 47 -49.94 -34.14 -52.14
C ILE A 47 -49.74 -33.31 -50.88
N GLU A 48 -48.51 -33.29 -50.39
CA GLU A 48 -48.22 -32.86 -49.03
C GLU A 48 -47.17 -31.76 -49.02
N HIS A 49 -47.27 -30.91 -48.00
CA HIS A 49 -46.26 -29.91 -47.67
C HIS A 49 -45.62 -30.31 -46.36
N GLU A 50 -44.30 -30.38 -46.33
CA GLU A 50 -43.62 -30.41 -45.05
C GLU A 50 -42.86 -29.10 -44.86
N ALA A 51 -42.61 -28.76 -43.60
CA ALA A 51 -41.87 -27.57 -43.26
C ALA A 51 -40.42 -27.70 -43.73
N GLY A 52 -39.91 -26.62 -44.31
CA GLY A 52 -38.52 -26.61 -44.69
C GLY A 52 -38.20 -27.17 -46.05
N ARG A 53 -39.22 -27.44 -46.87
CA ARG A 53 -39.04 -27.65 -48.30
C ARG A 53 -39.92 -26.66 -49.04
N GLY A 54 -39.55 -26.36 -50.27
CA GLY A 54 -40.38 -25.60 -51.16
C GLY A 54 -41.05 -26.44 -52.21
N ALA A 55 -40.78 -27.74 -52.21
CA ALA A 55 -41.34 -28.66 -53.18
C ALA A 55 -42.40 -29.50 -52.52
N ALA A 56 -43.42 -29.87 -53.29
CA ALA A 56 -44.50 -30.67 -52.76
C ALA A 56 -44.09 -32.13 -52.70
N LEU A 57 -44.54 -32.82 -51.66
CA LEU A 57 -44.33 -34.25 -51.50
C LEU A 57 -45.53 -35.03 -52.03
N ALA A 58 -45.43 -36.34 -52.02
CA ALA A 58 -46.55 -37.18 -52.43
C ALA A 58 -46.44 -38.53 -51.75
N ARG A 59 -47.55 -38.99 -51.15
CA ARG A 59 -47.66 -40.37 -50.72
C ARG A 59 -48.28 -41.20 -51.82
N VAL A 60 -47.53 -42.16 -52.33
CA VAL A 60 -47.94 -43.09 -53.37
C VAL A 60 -48.18 -44.43 -52.71
N GLU A 61 -49.22 -45.15 -53.12
CA GLU A 61 -49.58 -46.43 -52.49
C GLU A 61 -49.27 -47.58 -53.42
N PHE A 62 -48.31 -48.39 -53.04
CA PHE A 62 -48.03 -49.63 -53.72
C PHE A 62 -48.63 -50.77 -52.91
N ARG A 63 -48.74 -51.92 -53.54
CA ARG A 63 -48.90 -53.18 -52.84
C ARG A 63 -47.52 -53.69 -52.47
N HIS A 64 -47.39 -54.32 -51.32
CA HIS A 64 -46.12 -54.91 -50.96
C HIS A 64 -45.90 -56.13 -51.84
N PRO A 65 -44.67 -56.37 -52.31
CA PRO A 65 -44.45 -57.41 -53.32
C PRO A 65 -44.64 -58.82 -52.81
N TYR A 66 -44.53 -59.04 -51.50
CA TYR A 66 -44.37 -60.36 -50.94
C TYR A 66 -45.40 -60.68 -49.89
N LYS A 67 -46.07 -59.67 -49.35
CA LYS A 67 -47.01 -59.80 -48.24
C LYS A 67 -48.34 -59.16 -48.63
N PHE A 68 -49.39 -59.58 -47.94
CA PHE A 68 -50.71 -58.98 -48.10
C PHE A 68 -50.78 -57.68 -47.28
N ARG A 69 -50.17 -56.64 -47.85
CA ARG A 69 -50.24 -55.32 -47.26
CA ARG A 69 -50.05 -55.32 -47.24
C ARG A 69 -49.97 -54.28 -48.34
N ARG A 70 -50.12 -53.02 -47.97
CA ARG A 70 -49.86 -51.92 -48.88
C ARG A 70 -48.85 -50.99 -48.24
N VAL A 71 -47.96 -50.46 -49.07
CA VAL A 71 -46.81 -49.70 -48.61
C VAL A 71 -47.07 -48.22 -48.90
N LYS A 72 -47.11 -47.43 -47.85
CA LYS A 72 -47.17 -45.97 -47.98
C LYS A 72 -45.76 -45.48 -48.33
N GLU A 73 -45.65 -44.76 -49.44
CA GLU A 73 -44.35 -44.32 -49.94
C GLU A 73 -44.34 -42.82 -50.15
N LEU A 74 -43.54 -42.09 -49.37
CA LEU A 74 -43.45 -40.65 -49.46
C LEU A 74 -42.39 -40.24 -50.47
N MET A 75 -42.82 -39.82 -51.66
CA MET A 75 -41.96 -39.34 -52.71
C MET A 75 -42.10 -37.84 -52.83
N VAL A 76 -41.14 -37.19 -53.45
CA VAL A 76 -41.29 -35.78 -53.79
C VAL A 76 -41.86 -35.68 -55.19
N ALA A 77 -42.81 -34.84 -55.35
CA ALA A 77 -43.65 -34.87 -56.53
C ALA A 77 -43.07 -34.04 -57.66
N PRO A 78 -43.41 -34.39 -58.89
CA PRO A 78 -43.21 -33.49 -60.02
C PRO A 78 -44.44 -32.62 -60.30
N GLU A 79 -44.27 -31.67 -61.21
CA GLU A 79 -45.39 -30.81 -61.55
C GLU A 79 -46.37 -31.57 -62.43
N GLY A 80 -47.64 -31.38 -62.16
CA GLY A 80 -48.68 -32.14 -62.83
C GLY A 80 -49.08 -33.38 -62.11
N MET A 81 -48.40 -33.74 -61.03
CA MET A 81 -48.81 -34.89 -60.25
C MET A 81 -50.07 -34.59 -59.46
N PHE A 82 -51.13 -35.30 -59.79
CA PHE A 82 -52.43 -35.17 -59.17
C PHE A 82 -52.75 -36.42 -58.37
N THR A 83 -53.65 -36.28 -57.41
CA THR A 83 -54.07 -37.41 -56.59
C THR A 83 -54.90 -38.37 -57.41
N GLY A 84 -54.47 -39.62 -57.46
CA GLY A 84 -55.11 -40.64 -58.26
C GLY A 84 -54.32 -41.11 -59.44
N GLN A 85 -53.06 -40.69 -59.58
CA GLN A 85 -52.43 -40.60 -60.90
C GLN A 85 -52.02 -41.96 -61.45
N SER A 86 -51.79 -42.96 -60.60
CA SER A 86 -51.19 -44.25 -60.95
C SER A 86 -49.79 -44.06 -61.54
N VAL A 87 -48.88 -43.68 -60.66
CA VAL A 87 -47.45 -43.78 -60.91
C VAL A 87 -47.08 -45.20 -61.28
N PHE A 88 -46.26 -45.37 -62.33
CA PHE A 88 -45.66 -46.67 -62.62
C PHE A 88 -44.18 -46.58 -62.26
N CYS A 89 -43.60 -47.73 -61.93
N CYS A 89 -43.60 -47.73 -61.93
CA CYS A 89 -42.28 -47.75 -61.29
CA CYS A 89 -42.28 -47.75 -61.29
C CYS A 89 -41.54 -49.01 -61.70
C CYS A 89 -41.55 -49.02 -61.70
N GLY A 90 -40.58 -48.92 -62.59
CA GLY A 90 -39.76 -50.08 -62.88
C GLY A 90 -39.22 -50.09 -64.29
N GLN A 91 -38.82 -51.29 -64.73
CA GLN A 91 -38.16 -51.44 -66.02
C GLN A 91 -39.14 -51.27 -67.17
N LYS A 92 -40.22 -52.04 -67.15
CA LYS A 92 -41.17 -52.05 -68.24
C LYS A 92 -42.19 -50.93 -68.14
N ALA A 93 -41.99 -49.98 -67.23
CA ALA A 93 -42.89 -48.84 -67.13
C ALA A 93 -42.75 -47.96 -68.37
N PRO A 94 -43.84 -47.33 -68.81
CA PRO A 94 -43.75 -46.41 -69.94
C PRO A 94 -43.06 -45.10 -69.61
N LEU A 95 -43.00 -44.24 -70.61
CA LEU A 95 -42.27 -42.98 -70.54
C LEU A 95 -43.33 -41.91 -70.35
N ALA A 96 -43.67 -41.63 -69.09
CA ALA A 96 -44.66 -40.60 -68.80
C ALA A 96 -44.19 -39.79 -67.60
N ILE A 97 -44.81 -38.63 -67.41
CA ILE A 97 -44.46 -37.80 -66.26
C ILE A 97 -44.98 -38.45 -64.98
N GLY A 98 -44.10 -38.56 -63.99
CA GLY A 98 -44.40 -39.22 -62.76
C GLY A 98 -43.85 -40.62 -62.67
N ASN A 99 -43.54 -41.24 -63.79
CA ASN A 99 -43.04 -42.60 -63.74
C ASN A 99 -41.56 -42.61 -63.41
N VAL A 100 -41.11 -43.72 -62.85
CA VAL A 100 -39.73 -43.90 -62.40
C VAL A 100 -39.20 -45.12 -63.11
N LEU A 101 -38.22 -44.95 -63.98
CA LEU A 101 -37.68 -46.01 -64.80
C LEU A 101 -36.19 -45.76 -64.98
N PRO A 102 -35.40 -46.79 -65.31
CA PRO A 102 -33.94 -46.60 -65.39
C PRO A 102 -33.54 -45.64 -66.49
N LEU A 103 -32.36 -45.04 -66.32
CA LEU A 103 -31.86 -44.08 -67.29
C LEU A 103 -31.47 -44.72 -68.61
N GLY A 104 -31.24 -46.03 -68.63
CA GLY A 104 -31.05 -46.71 -69.90
C GLY A 104 -32.29 -46.70 -70.77
N GLN A 105 -33.47 -46.66 -70.16
CA GLN A 105 -34.71 -46.76 -70.90
C GLN A 105 -35.30 -45.41 -71.28
N ILE A 106 -34.78 -44.32 -70.75
CA ILE A 106 -35.30 -42.99 -71.03
C ILE A 106 -34.50 -42.43 -72.19
N THR A 107 -35.16 -42.15 -73.31
CA THR A 107 -34.47 -41.69 -74.50
C THR A 107 -33.91 -40.29 -74.31
N GLU A 108 -32.92 -39.95 -75.13
CA GLU A 108 -32.05 -38.81 -74.87
C GLU A 108 -32.80 -37.50 -75.05
N GLY A 109 -32.27 -36.46 -74.41
CA GLY A 109 -32.91 -35.17 -74.42
C GLY A 109 -34.13 -35.08 -73.53
N CYS A 110 -34.24 -35.91 -72.50
CA CYS A 110 -35.42 -35.98 -71.69
C CYS A 110 -35.17 -35.39 -70.31
N ILE A 111 -36.09 -34.53 -69.88
CA ILE A 111 -36.06 -33.91 -68.56
C ILE A 111 -36.44 -34.94 -67.51
N VAL A 112 -35.55 -35.16 -66.55
CA VAL A 112 -35.75 -36.10 -65.46
C VAL A 112 -35.47 -35.42 -64.13
N CYS A 113 -36.05 -35.98 -63.07
CA CYS A 113 -35.85 -35.50 -61.71
C CYS A 113 -35.79 -36.71 -60.80
N ASN A 114 -35.35 -36.48 -59.56
CA ASN A 114 -35.06 -37.55 -58.58
C ASN A 114 -34.10 -38.59 -59.13
N VAL A 115 -33.20 -38.18 -60.01
CA VAL A 115 -32.19 -39.08 -60.55
C VAL A 115 -31.20 -39.43 -59.46
N GLU A 116 -30.73 -40.66 -59.47
CA GLU A 116 -29.89 -41.17 -58.39
C GLU A 116 -28.49 -41.47 -58.90
N ALA A 117 -27.48 -41.07 -58.11
CA ALA A 117 -26.10 -41.06 -58.56
C ALA A 117 -25.46 -42.42 -58.53
N LYS A 118 -26.04 -43.38 -57.84
CA LYS A 118 -25.67 -44.78 -57.88
C LYS A 118 -26.96 -45.57 -57.79
N PRO A 119 -27.00 -46.78 -58.36
CA PRO A 119 -28.24 -47.55 -58.34
C PRO A 119 -28.64 -47.94 -56.92
N GLY A 120 -29.86 -47.60 -56.56
CA GLY A 120 -30.45 -48.08 -55.35
C GLY A 120 -30.49 -47.10 -54.19
N ASP A 121 -29.80 -45.95 -54.27
CA ASP A 121 -29.79 -45.06 -53.11
C ASP A 121 -31.00 -44.14 -53.05
N ARG A 122 -31.97 -44.38 -53.93
CA ARG A 122 -33.36 -43.96 -53.80
C ARG A 122 -33.54 -42.46 -54.03
N GLY A 123 -32.66 -41.84 -54.82
CA GLY A 123 -32.86 -40.49 -55.27
C GLY A 123 -32.01 -39.47 -54.55
N THR A 124 -30.95 -38.99 -55.19
CA THR A 124 -30.09 -38.00 -54.56
C THR A 124 -29.85 -36.75 -55.39
N LEU A 125 -30.19 -36.75 -56.67
CA LEU A 125 -29.87 -35.61 -57.52
C LEU A 125 -31.17 -35.00 -58.03
N ALA A 126 -31.15 -33.67 -58.18
CA ALA A 126 -32.25 -32.84 -58.69
C ALA A 126 -33.54 -33.00 -57.89
N ARG A 127 -33.51 -32.58 -56.61
CA ARG A 127 -34.68 -32.67 -55.74
CA ARG A 127 -34.65 -32.67 -55.72
C ARG A 127 -35.10 -31.34 -55.16
N ALA A 128 -34.37 -30.26 -55.42
CA ALA A 128 -34.87 -28.98 -54.96
C ALA A 128 -35.94 -28.50 -55.91
N SER A 129 -36.76 -27.56 -55.45
CA SER A 129 -38.04 -27.25 -56.08
C SER A 129 -37.81 -26.59 -57.43
N GLY A 130 -38.30 -27.21 -58.49
CA GLY A 130 -38.14 -26.68 -59.81
C GLY A 130 -36.95 -27.16 -60.58
N ASP A 131 -36.18 -28.10 -60.03
CA ASP A 131 -34.97 -28.55 -60.68
C ASP A 131 -35.19 -29.85 -61.43
N TYR A 132 -34.24 -30.13 -62.33
CA TYR A 132 -34.37 -31.22 -63.28
C TYR A 132 -33.01 -31.47 -63.90
N CYS A 133 -32.81 -32.68 -64.37
CA CYS A 133 -31.64 -33.03 -65.15
C CYS A 133 -32.05 -33.37 -66.57
N ILE A 134 -31.13 -33.18 -67.49
CA ILE A 134 -31.36 -33.42 -68.91
C ILE A 134 -30.44 -34.54 -69.34
N ILE A 135 -30.99 -35.55 -69.99
CA ILE A 135 -30.19 -36.69 -70.43
C ILE A 135 -29.52 -36.34 -71.75
N ILE A 136 -28.19 -36.38 -71.76
CA ILE A 136 -27.44 -36.02 -72.96
C ILE A 136 -27.23 -37.21 -73.87
N SER A 137 -26.72 -38.32 -73.34
CA SER A 137 -26.31 -39.43 -74.17
C SER A 137 -26.31 -40.72 -73.36
N HIS A 138 -26.16 -41.83 -74.08
CA HIS A 138 -25.94 -43.14 -73.50
C HIS A 138 -24.70 -43.77 -74.13
N ASN A 139 -24.00 -44.57 -73.33
CA ASN A 139 -22.87 -45.36 -73.81
C ASN A 139 -23.17 -46.80 -73.48
N HIS A 140 -23.20 -47.66 -74.49
CA HIS A 140 -23.57 -49.06 -74.29
C HIS A 140 -22.36 -49.97 -74.11
N GLU A 141 -21.16 -49.48 -74.43
CA GLU A 141 -19.96 -50.24 -74.08
C GLU A 141 -19.72 -50.22 -72.58
N THR A 142 -19.82 -49.06 -71.96
CA THR A 142 -19.58 -48.91 -70.54
C THR A 142 -20.83 -49.10 -69.70
N GLY A 143 -22.02 -48.96 -70.29
CA GLY A 143 -23.26 -49.02 -69.55
C GLY A 143 -23.46 -47.83 -68.62
N ARG A 144 -23.17 -46.62 -69.09
CA ARG A 144 -23.33 -45.43 -68.27
C ARG A 144 -24.08 -44.36 -69.04
N THR A 145 -24.80 -43.52 -68.30
CA THR A 145 -25.57 -42.42 -68.85
C THR A 145 -24.94 -41.12 -68.38
N ARG A 146 -24.76 -40.18 -69.31
CA ARG A 146 -24.18 -38.89 -69.01
C ARG A 146 -25.26 -37.83 -69.09
N LEU A 147 -25.48 -37.12 -68.00
CA LEU A 147 -26.57 -36.16 -67.92
C LEU A 147 -26.09 -34.85 -67.33
N LYS A 148 -26.87 -33.81 -67.58
CA LYS A 148 -26.57 -32.44 -67.17
C LYS A 148 -27.29 -32.13 -65.87
N LEU A 149 -26.52 -31.89 -64.81
CA LEU A 149 -27.07 -31.60 -63.50
C LEU A 149 -27.63 -30.17 -63.48
N PRO A 150 -28.47 -29.83 -62.49
CA PRO A 150 -29.05 -28.47 -62.46
C PRO A 150 -28.06 -27.31 -62.35
N SER A 151 -26.80 -27.55 -62.01
CA SER A 151 -25.78 -26.51 -62.07
C SER A 151 -25.14 -26.39 -63.44
N GLY A 152 -25.38 -27.34 -64.33
CA GLY A 152 -24.71 -27.41 -65.60
C GLY A 152 -23.53 -28.36 -65.62
N GLN A 153 -23.03 -28.70 -64.45
CA GLN A 153 -21.91 -29.62 -64.32
C GLN A 153 -22.34 -31.02 -64.73
N LYS A 154 -21.69 -31.57 -65.75
CA LYS A 154 -22.07 -32.86 -66.30
C LYS A 154 -21.66 -33.97 -65.33
N LYS A 155 -22.32 -35.12 -65.44
CA LYS A 155 -22.01 -36.23 -64.55
C LYS A 155 -22.44 -37.52 -65.20
N SER A 156 -21.51 -38.46 -65.34
CA SER A 156 -21.80 -39.78 -65.89
C SER A 156 -22.22 -40.70 -64.75
N VAL A 157 -23.40 -41.31 -64.88
CA VAL A 157 -23.97 -42.19 -63.87
C VAL A 157 -24.33 -43.51 -64.55
N PRO A 158 -24.42 -44.62 -63.80
CA PRO A 158 -24.82 -45.89 -64.41
C PRO A 158 -26.25 -45.86 -64.92
N SER A 159 -26.47 -46.55 -66.04
CA SER A 159 -27.75 -46.54 -66.72
C SER A 159 -28.79 -47.44 -66.09
N THR A 160 -28.44 -48.15 -65.01
CA THR A 160 -29.43 -48.87 -64.23
C THR A 160 -29.98 -48.05 -63.07
N SER A 161 -29.37 -46.92 -62.79
CA SER A 161 -29.90 -46.01 -61.78
C SER A 161 -31.14 -45.35 -62.34
N ARG A 162 -32.22 -45.37 -61.59
CA ARG A 162 -33.49 -44.89 -62.11
C ARG A 162 -33.71 -43.42 -61.76
N ALA A 163 -34.71 -42.82 -62.41
CA ALA A 163 -35.04 -41.41 -62.26
C ALA A 163 -36.53 -41.25 -62.48
N MET A 164 -37.10 -40.22 -61.86
CA MET A 164 -38.49 -39.87 -62.11
C MET A 164 -38.51 -38.87 -63.27
N ILE A 165 -39.66 -38.73 -63.91
CA ILE A 165 -39.77 -37.85 -65.08
C ILE A 165 -40.54 -36.59 -64.71
N GLY A 166 -39.89 -35.45 -64.87
CA GLY A 166 -40.57 -34.17 -64.72
C GLY A 166 -39.65 -33.13 -64.14
N ILE A 167 -40.19 -31.93 -64.01
CA ILE A 167 -39.63 -30.88 -63.17
C ILE A 167 -39.96 -31.25 -61.73
N ILE A 168 -39.12 -30.90 -60.76
CA ILE A 168 -39.58 -30.98 -59.38
C ILE A 168 -40.66 -29.93 -59.13
N SER A 169 -41.70 -30.33 -58.40
CA SER A 169 -42.82 -29.48 -58.05
C SER A 169 -42.38 -28.28 -57.22
N GLY A 170 -43.29 -27.32 -57.09
CA GLY A 170 -43.03 -26.16 -56.27
C GLY A 170 -42.08 -25.17 -56.87
N GLY A 171 -41.95 -25.13 -58.19
CA GLY A 171 -41.01 -24.25 -58.84
C GLY A 171 -41.52 -22.84 -59.02
N GLY A 172 -40.59 -21.91 -59.06
CA GLY A 172 -40.85 -20.51 -59.18
C GLY A 172 -40.76 -19.74 -57.89
N ARG A 173 -40.05 -20.27 -56.90
CA ARG A 173 -40.28 -19.83 -55.52
C ARG A 173 -39.42 -18.61 -55.17
N ILE A 174 -38.22 -18.53 -55.74
CA ILE A 174 -37.21 -17.58 -55.33
C ILE A 174 -37.48 -16.27 -56.05
N GLU A 175 -38.38 -16.32 -57.02
CA GLU A 175 -38.66 -15.14 -57.84
C GLU A 175 -39.56 -14.13 -57.17
N LYS A 176 -40.04 -14.37 -55.95
CA LYS A 176 -40.82 -13.36 -55.26
C LYS A 176 -39.99 -12.76 -54.15
N PRO A 177 -39.93 -11.44 -54.02
CA PRO A 177 -39.14 -10.85 -52.94
C PRO A 177 -39.82 -11.02 -51.59
N VAL A 178 -38.97 -11.18 -50.57
CA VAL A 178 -39.41 -11.55 -49.24
C VAL A 178 -40.06 -10.36 -48.53
N LEU A 179 -39.48 -9.17 -48.70
CA LEU A 179 -39.90 -7.83 -48.30
C LEU A 179 -39.80 -7.59 -46.80
N LYS A 180 -39.72 -8.62 -46.00
CA LYS A 180 -39.78 -8.43 -44.56
C LYS A 180 -38.76 -9.33 -43.91
N ALA A 181 -38.21 -8.85 -42.81
CA ALA A 181 -37.50 -9.74 -41.91
C ALA A 181 -38.45 -10.65 -41.17
N GLY A 182 -39.72 -10.30 -41.11
CA GLY A 182 -40.70 -11.23 -40.59
C GLY A 182 -40.87 -12.44 -41.47
N ASN A 183 -40.86 -12.25 -42.79
CA ASN A 183 -41.07 -13.38 -43.69
C ASN A 183 -39.84 -14.25 -43.80
N SER A 184 -38.68 -13.76 -43.38
CA SER A 184 -37.49 -14.57 -43.33
C SER A 184 -37.33 -15.26 -41.99
N PHE A 185 -38.04 -14.81 -40.96
CA PHE A 185 -38.16 -15.50 -39.70
C PHE A 185 -38.83 -16.85 -39.88
N TYR A 186 -39.92 -16.88 -40.63
CA TYR A 186 -40.73 -18.07 -40.78
C TYR A 186 -40.25 -18.98 -41.90
N ARG A 187 -39.47 -18.44 -42.82
CA ARG A 187 -38.79 -19.26 -43.81
C ARG A 187 -37.79 -20.18 -43.15
N PHE A 188 -36.96 -19.63 -42.27
CA PHE A 188 -35.97 -20.38 -41.50
C PHE A 188 -36.53 -20.95 -40.22
N ARG A 189 -37.84 -20.95 -40.01
CA ARG A 189 -38.39 -21.54 -38.80
C ARG A 189 -38.37 -23.05 -38.85
N GLY A 190 -38.67 -23.66 -39.99
CA GLY A 190 -38.74 -25.09 -40.07
C GLY A 190 -37.45 -25.68 -40.60
N LYS A 191 -36.42 -24.84 -40.76
CA LYS A 191 -35.15 -25.34 -41.25
C LYS A 191 -34.11 -25.65 -40.16
N ARG A 192 -33.53 -24.63 -39.54
CA ARG A 192 -32.47 -24.73 -38.54
C ARG A 192 -32.07 -23.32 -38.12
N ASN A 193 -31.33 -23.22 -37.03
CA ASN A 193 -30.90 -21.95 -36.48
C ASN A 193 -29.75 -21.41 -37.33
N CYS A 194 -30.05 -20.53 -38.28
CA CYS A 194 -28.98 -19.85 -39.02
C CYS A 194 -29.31 -18.40 -39.39
N TRP A 195 -30.23 -17.75 -38.69
CA TRP A 195 -30.70 -16.43 -39.10
C TRP A 195 -31.03 -15.68 -37.81
N PRO A 196 -30.81 -14.36 -37.76
CA PRO A 196 -30.15 -13.35 -38.59
C PRO A 196 -28.66 -13.56 -38.75
N LYS A 197 -28.07 -12.99 -39.78
CA LYS A 197 -26.66 -13.24 -40.11
C LYS A 197 -25.83 -11.99 -39.82
N VAL A 198 -25.03 -12.05 -38.78
CA VAL A 198 -24.20 -10.92 -38.36
C VAL A 198 -22.90 -10.96 -39.15
N ARG A 199 -22.48 -9.81 -39.66
CA ARG A 199 -21.27 -9.75 -40.47
CA ARG A 199 -21.27 -9.74 -40.47
C ARG A 199 -20.03 -9.88 -39.60
N GLY A 200 -18.96 -10.38 -40.19
CA GLY A 200 -17.73 -10.58 -39.44
C GLY A 200 -17.06 -9.29 -39.03
N VAL A 201 -17.21 -8.23 -39.83
CA VAL A 201 -16.61 -6.95 -39.50
C VAL A 201 -17.30 -6.27 -38.33
N ALA A 202 -18.54 -6.67 -38.02
CA ALA A 202 -19.30 -6.14 -36.90
C ALA A 202 -18.94 -6.79 -35.58
N ARG A 203 -17.94 -7.66 -35.57
CA ARG A 203 -17.59 -8.46 -34.41
C ARG A 203 -16.32 -7.90 -33.79
N ASN A 204 -15.94 -8.47 -32.68
CA ASN A 204 -14.69 -8.19 -32.00
C ASN A 204 -13.61 -9.12 -32.51
N PRO A 205 -12.32 -8.80 -32.33
CA PRO A 205 -11.26 -9.69 -32.84
C PRO A 205 -11.17 -11.03 -32.14
N VAL A 206 -11.81 -11.18 -30.99
CA VAL A 206 -11.80 -12.45 -30.30
C VAL A 206 -12.77 -13.41 -30.95
N GLU A 207 -13.76 -12.91 -31.68
CA GLU A 207 -14.78 -13.81 -32.18
C GLU A 207 -14.55 -14.21 -33.62
N HIS A 208 -13.90 -13.36 -34.41
CA HIS A 208 -13.87 -13.58 -35.83
C HIS A 208 -12.59 -12.96 -36.37
N PRO A 209 -12.01 -13.51 -37.43
CA PRO A 209 -10.82 -12.89 -38.02
C PRO A 209 -11.03 -11.52 -38.62
N HIS A 210 -12.23 -11.19 -39.08
CA HIS A 210 -12.47 -9.88 -39.67
C HIS A 210 -12.81 -8.82 -38.64
N GLY A 211 -13.06 -9.19 -37.40
CA GLY A 211 -13.57 -8.25 -36.43
C GLY A 211 -12.53 -7.29 -35.92
N GLY A 212 -13.01 -6.18 -35.38
CA GLY A 212 -12.16 -5.21 -34.72
C GLY A 212 -11.81 -4.03 -35.59
N GLY A 213 -11.01 -3.15 -35.01
CA GLY A 213 -10.56 -1.95 -35.67
C GLY A 213 -11.36 -0.74 -35.23
N ASN A 214 -11.01 0.40 -35.82
CA ASN A 214 -11.79 1.61 -35.61
C ASN A 214 -12.72 1.92 -36.79
N HIS A 215 -12.45 1.35 -37.95
CA HIS A 215 -13.37 1.33 -39.08
C HIS A 215 -13.72 -0.13 -39.35
N GLN A 216 -14.94 -0.39 -39.80
CA GLN A 216 -15.30 -1.78 -40.09
C GLN A 216 -14.70 -2.16 -41.42
N HIS A 217 -13.49 -2.69 -41.37
CA HIS A 217 -12.77 -3.13 -42.54
C HIS A 217 -12.26 -4.53 -42.27
N ILE A 218 -12.19 -5.32 -43.32
CA ILE A 218 -11.37 -6.50 -43.31
C ILE A 218 -9.94 -6.02 -43.48
N GLY A 219 -9.05 -6.44 -42.61
CA GLY A 219 -7.70 -5.95 -42.81
C GLY A 219 -6.93 -6.63 -43.92
N HIS A 220 -6.65 -7.90 -43.71
CA HIS A 220 -6.00 -8.79 -44.66
C HIS A 220 -6.91 -9.05 -45.85
N PRO A 221 -6.38 -9.58 -46.96
CA PRO A 221 -7.26 -9.99 -48.06
C PRO A 221 -8.19 -11.13 -47.67
N SER A 222 -9.47 -10.98 -48.05
CA SER A 222 -10.54 -11.84 -47.57
C SER A 222 -10.68 -13.12 -48.35
N THR A 223 -9.75 -13.41 -49.24
CA THR A 223 -9.70 -14.67 -49.96
C THR A 223 -8.69 -15.58 -49.28
N VAL A 224 -9.18 -16.60 -48.61
CA VAL A 224 -8.36 -17.51 -47.83
C VAL A 224 -8.05 -18.75 -48.64
N SER A 225 -6.93 -19.39 -48.29
CA SER A 225 -6.47 -20.61 -48.92
C SER A 225 -7.41 -21.78 -48.70
N ARG A 226 -7.28 -22.82 -49.52
CA ARG A 226 -7.93 -24.09 -49.28
C ARG A 226 -7.38 -24.77 -48.03
N HIS A 227 -6.13 -24.51 -47.68
CA HIS A 227 -5.45 -25.21 -46.62
C HIS A 227 -5.49 -24.49 -45.30
N SER A 228 -6.36 -23.51 -45.16
CA SER A 228 -6.46 -22.77 -43.93
C SER A 228 -7.10 -23.66 -42.88
N PRO A 229 -6.70 -23.52 -41.62
CA PRO A 229 -7.30 -24.31 -40.56
C PRO A 229 -8.73 -23.84 -40.28
N PRO A 230 -9.53 -24.65 -39.59
CA PRO A 230 -10.84 -24.18 -39.15
C PRO A 230 -10.68 -23.07 -38.12
N GLY A 231 -11.30 -21.93 -38.40
CA GLY A 231 -11.12 -20.74 -37.60
C GLY A 231 -10.46 -19.65 -38.42
N GLN A 232 -9.51 -20.05 -39.25
CA GLN A 232 -8.84 -19.14 -40.16
C GLN A 232 -9.51 -19.13 -41.53
N LYS A 233 -10.15 -20.24 -41.90
CA LYS A 233 -10.84 -20.36 -43.17
C LYS A 233 -12.22 -19.73 -43.05
N VAL A 234 -12.25 -18.40 -43.08
CA VAL A 234 -13.48 -17.65 -43.24
C VAL A 234 -13.28 -16.65 -44.35
N GLY A 235 -14.37 -16.13 -44.88
CA GLY A 235 -14.25 -15.22 -46.00
C GLY A 235 -14.61 -15.88 -47.30
N LEU A 236 -13.81 -15.65 -48.33
CA LEU A 236 -14.05 -16.25 -49.64
C LEU A 236 -13.08 -17.41 -49.76
N ILE A 237 -13.58 -18.61 -49.51
CA ILE A 237 -12.73 -19.78 -49.33
C ILE A 237 -12.24 -20.25 -50.68
N ALA A 238 -10.93 -20.11 -50.92
CA ALA A 238 -10.23 -20.62 -52.11
C ALA A 238 -10.79 -20.04 -53.40
N ALA A 239 -11.01 -18.73 -53.42
CA ALA A 239 -11.63 -18.07 -54.56
C ALA A 239 -10.71 -18.08 -55.77
N ARG A 240 -11.17 -18.68 -56.86
CA ARG A 240 -10.38 -18.70 -58.09
C ARG A 240 -10.34 -17.32 -58.72
N ARG A 241 -11.46 -16.60 -58.58
CA ARG A 241 -11.63 -15.25 -59.08
C ARG A 241 -12.71 -14.54 -58.26
N THR A 242 -12.59 -13.22 -58.08
CA THR A 242 -13.55 -12.46 -57.30
C THR A 242 -14.18 -11.37 -58.15
N GLY A 243 -14.81 -10.41 -57.52
CA GLY A 243 -15.35 -9.30 -58.26
C GLY A 243 -16.66 -9.65 -58.93
N ARG A 244 -17.32 -8.61 -59.42
CA ARG A 244 -18.56 -8.74 -60.16
C ARG A 244 -18.27 -9.49 -61.45
N ILE A 245 -18.95 -10.62 -61.64
CA ILE A 245 -18.70 -11.51 -62.78
C ILE A 245 -19.16 -10.78 -64.05
N ARG A 246 -18.20 -10.26 -64.80
CA ARG A 246 -18.52 -9.54 -66.03
C ARG A 246 -18.23 -10.41 -67.24
N GLY A 247 -19.29 -10.95 -67.83
CA GLY A 247 -19.13 -11.81 -68.98
C GLY A 247 -20.13 -12.95 -69.00
N GLY A 248 -19.63 -14.17 -69.13
CA GLY A 248 -20.50 -15.32 -69.26
C GLY A 248 -21.02 -15.83 -67.93
N LYS A 249 -21.03 -17.14 -67.77
CA LYS A 249 -21.42 -17.76 -66.50
C LYS A 249 -20.70 -19.09 -66.44
N ALA A 250 -19.59 -19.13 -65.70
CA ALA A 250 -18.86 -20.36 -65.52
C ALA A 250 -19.58 -21.26 -64.53
N VAL A 251 -19.63 -22.55 -64.84
CA VAL A 251 -20.17 -23.52 -63.90
C VAL A 251 -19.25 -23.63 -62.69
N LYS A 252 -19.84 -23.71 -61.51
CA LYS A 252 -19.12 -23.63 -60.26
C LYS A 252 -19.02 -25.02 -59.65
N GLY A 253 -17.81 -25.41 -59.30
CA GLY A 253 -17.54 -26.75 -58.83
C GLY A 253 -16.21 -27.24 -59.33
N ALA A 254 -15.76 -28.38 -58.87
CA ALA A 254 -14.46 -28.90 -59.27
C ALA A 254 -14.60 -29.75 -60.51
N SER B 1 -9.57 35.34 -8.53
CA SER B 1 -10.06 35.99 -9.71
C SER B 1 -11.24 36.85 -9.36
N HIS B 2 -11.35 37.99 -10.03
CA HIS B 2 -12.34 38.99 -9.70
C HIS B 2 -13.74 38.49 -10.03
N CYS B 3 -14.74 39.11 -9.41
CA CYS B 3 -16.11 38.82 -9.77
C CYS B 3 -16.37 39.36 -11.16
N LYS B 4 -17.05 38.55 -11.97
CA LYS B 4 -17.09 38.82 -13.40
C LYS B 4 -17.93 40.03 -13.73
N PHE B 5 -18.97 40.27 -12.95
CA PHE B 5 -19.79 41.47 -13.10
C PHE B 5 -20.04 42.06 -11.73
N GLU B 6 -20.50 43.30 -11.71
CA GLU B 6 -20.68 44.05 -10.47
C GLU B 6 -22.16 44.30 -10.19
N HIS B 7 -22.58 43.98 -8.98
CA HIS B 7 -23.81 44.52 -8.42
C HIS B 7 -23.45 45.11 -7.07
N PRO B 8 -24.23 46.08 -6.57
CA PRO B 8 -24.02 46.58 -5.22
C PRO B 8 -24.45 45.52 -4.21
N ARG B 9 -23.72 45.42 -3.10
CA ARG B 9 -24.00 44.34 -2.15
C ARG B 9 -25.35 44.47 -1.47
N HIS B 10 -25.83 43.36 -0.92
CA HIS B 10 -27.20 43.25 -0.42
C HIS B 10 -27.25 43.67 1.03
N GLY B 11 -28.12 44.61 1.35
CA GLY B 11 -28.36 44.99 2.73
C GLY B 11 -27.35 45.98 3.28
N HIS B 12 -27.82 46.99 4.00
CA HIS B 12 -26.94 47.91 4.71
C HIS B 12 -26.28 47.17 5.84
N LEU B 13 -24.97 47.34 5.94
CA LEU B 13 -24.14 46.61 6.86
C LEU B 13 -24.01 47.33 8.19
N GLY B 14 -24.62 48.51 8.31
CA GLY B 14 -24.61 49.29 9.53
C GLY B 14 -25.75 49.03 10.46
N PHE B 15 -26.73 48.24 10.03
CA PHE B 15 -27.80 47.77 10.89
C PHE B 15 -27.53 46.37 11.43
N LEU B 16 -26.36 46.06 11.65
CA LEU B 16 -25.93 44.83 12.30
C LEU B 16 -25.67 45.09 13.79
N PRO B 17 -25.88 44.10 14.67
CA PRO B 17 -26.43 42.76 14.47
C PRO B 17 -27.92 42.78 14.28
N ARG B 18 -28.43 42.00 13.33
CA ARG B 18 -29.87 41.95 13.08
C ARG B 18 -30.52 40.97 14.06
N LYS B 19 -30.43 41.31 15.33
CA LYS B 19 -30.94 40.55 16.44
C LYS B 19 -32.18 41.24 16.96
N ARG B 20 -32.96 40.52 17.76
CA ARG B 20 -34.19 41.05 18.35
C ARG B 20 -33.87 42.26 19.20
N SER B 21 -34.79 43.22 19.20
CA SER B 21 -34.67 44.41 20.02
C SER B 21 -34.61 44.02 21.49
N ARG B 22 -33.85 44.76 22.28
CA ARG B 22 -33.74 44.43 23.69
C ARG B 22 -35.02 44.77 24.44
N GLN B 23 -35.79 45.72 23.91
CA GLN B 23 -37.03 46.15 24.53
C GLN B 23 -38.04 46.56 23.46
N ILE B 24 -39.33 46.35 23.76
CA ILE B 24 -40.39 46.48 22.76
C ILE B 24 -40.68 47.93 22.40
N ARG B 25 -40.23 48.88 23.21
CA ARG B 25 -40.63 50.26 23.07
C ARG B 25 -39.60 51.04 22.27
N GLY B 26 -40.05 52.14 21.67
CA GLY B 26 -39.13 53.04 21.01
C GLY B 26 -38.41 53.85 22.06
N ARG B 27 -37.08 53.91 21.96
CA ARG B 27 -36.26 54.65 22.91
CA ARG B 27 -36.27 54.66 22.91
C ARG B 27 -35.25 55.47 22.13
N ALA B 28 -35.22 56.77 22.38
CA ALA B 28 -34.28 57.66 21.74
C ALA B 28 -32.87 57.42 22.25
N ARG B 29 -31.97 57.11 21.32
CA ARG B 29 -30.56 56.99 21.68
C ARG B 29 -29.86 58.32 21.67
N ALA B 30 -30.52 59.38 21.18
CA ALA B 30 -29.98 60.72 21.15
C ALA B 30 -31.14 61.68 20.99
N PHE B 31 -31.16 62.74 21.79
CA PHE B 31 -32.12 63.82 21.68
C PHE B 31 -31.54 64.92 20.81
N PRO B 32 -32.34 65.89 20.37
CA PRO B 32 -31.78 67.02 19.62
C PRO B 32 -30.77 67.83 20.42
N LYS B 33 -29.93 68.57 19.68
CA LYS B 33 -28.88 69.36 20.28
C LYS B 33 -29.48 70.53 21.05
N ASP B 34 -29.02 70.71 22.30
CA ASP B 34 -29.58 71.69 23.20
C ASP B 34 -29.21 73.09 22.74
N ASP B 35 -30.21 73.86 22.34
CA ASP B 35 -30.05 75.28 22.07
C ASP B 35 -30.50 76.03 23.33
N ALA B 36 -29.55 76.60 24.06
CA ALA B 36 -29.82 77.30 25.30
C ALA B 36 -30.42 78.68 25.10
N THR B 37 -30.55 79.12 23.85
CA THR B 37 -31.20 80.38 23.50
C THR B 37 -32.70 80.20 23.37
N GLN B 38 -33.17 78.97 23.17
CA GLN B 38 -34.58 78.67 23.10
C GLN B 38 -35.23 78.78 24.48
N LYS B 39 -36.53 78.49 24.52
CA LYS B 39 -37.38 78.31 25.70
C LYS B 39 -37.41 76.83 26.08
N PRO B 40 -37.37 76.50 27.37
CA PRO B 40 -37.43 75.09 27.79
C PRO B 40 -38.71 74.40 27.37
N HIS B 41 -38.56 73.19 26.83
CA HIS B 41 -39.64 72.45 26.23
C HIS B 41 -39.27 70.97 26.19
N LEU B 42 -40.28 70.12 26.20
CA LEU B 42 -40.03 68.68 26.07
C LEU B 42 -39.68 68.33 24.63
N THR B 43 -39.06 67.16 24.47
CA THR B 43 -38.56 66.75 23.16
C THR B 43 -39.11 65.42 22.64
N SER B 44 -39.76 64.61 23.45
CA SER B 44 -40.34 63.38 22.93
C SER B 44 -41.70 63.15 23.55
N PHE B 45 -42.43 62.21 22.96
CA PHE B 45 -43.76 61.88 23.42
C PHE B 45 -44.08 60.49 22.91
N MET B 46 -44.71 59.66 23.75
CA MET B 46 -45.08 58.31 23.35
C MET B 46 -46.51 58.23 22.86
N VAL B 47 -46.67 57.67 21.67
CA VAL B 47 -47.94 57.48 20.98
C VAL B 47 -48.04 56.00 20.66
N PHE B 48 -49.26 55.53 20.38
CA PHE B 48 -49.48 54.13 20.06
C PHE B 48 -50.06 54.04 18.66
N LYS B 49 -49.60 53.06 17.87
CA LYS B 49 -49.99 52.98 16.47
C LYS B 49 -51.39 52.42 16.34
N ALA B 50 -52.23 53.14 15.59
CA ALA B 50 -53.63 52.79 15.39
C ALA B 50 -53.92 52.80 13.91
N GLY B 51 -53.59 51.72 13.21
CA GLY B 51 -53.79 51.60 11.78
C GLY B 51 -53.21 52.73 10.94
N MET B 52 -53.70 52.86 9.70
CA MET B 52 -53.31 53.97 8.86
C MET B 52 -54.42 54.18 7.83
N THR B 53 -54.40 55.34 7.18
CA THR B 53 -55.40 55.68 6.18
C THR B 53 -54.76 56.59 5.14
N HIS B 54 -55.56 57.24 4.32
CA HIS B 54 -55.02 58.21 3.39
C HIS B 54 -55.85 59.49 3.42
N ILE B 55 -55.25 60.55 2.89
CA ILE B 55 -55.85 61.88 2.88
C ILE B 55 -55.86 62.44 1.47
N VAL B 56 -56.39 63.64 1.30
CA VAL B 56 -56.28 64.43 0.09
C VAL B 56 -55.92 65.84 0.50
N ARG B 57 -54.92 66.42 -0.16
N ARG B 57 -54.96 66.44 -0.19
CA ARG B 57 -54.48 67.77 0.16
CA ARG B 57 -54.52 67.78 0.13
C ARG B 57 -53.95 68.40 -1.11
C ARG B 57 -53.88 68.41 -1.06
N ASP B 58 -54.05 69.72 -1.23
CA ASP B 58 -53.45 70.39 -2.36
C ASP B 58 -52.05 70.88 -2.02
N VAL B 59 -51.19 70.92 -3.04
CA VAL B 59 -49.75 71.02 -2.87
C VAL B 59 -49.30 72.43 -3.24
N ASP B 60 -48.60 73.08 -2.32
CA ASP B 60 -47.91 74.33 -2.58
C ASP B 60 -46.43 74.03 -2.82
N ARG B 61 -46.04 73.91 -4.09
CA ARG B 61 -44.67 73.60 -4.44
C ARG B 61 -44.39 74.27 -5.77
N PRO B 62 -43.93 75.52 -5.76
CA PRO B 62 -43.69 76.24 -7.02
C PRO B 62 -42.55 75.63 -7.81
N GLY B 63 -42.80 75.40 -9.09
CA GLY B 63 -41.89 74.71 -9.97
C GLY B 63 -42.32 73.30 -10.29
N SER B 64 -43.11 72.68 -9.44
CA SER B 64 -43.46 71.28 -9.57
C SER B 64 -44.62 71.10 -10.54
N LYS B 65 -44.72 69.89 -11.09
CA LYS B 65 -45.82 69.52 -11.97
C LYS B 65 -47.12 69.30 -11.23
N VAL B 66 -47.08 69.24 -9.91
CA VAL B 66 -48.26 69.05 -9.10
C VAL B 66 -48.53 70.30 -8.24
N ASN B 67 -48.03 71.45 -8.69
CA ASN B 67 -48.26 72.71 -8.01
C ASN B 67 -49.73 73.10 -8.08
N LYS B 68 -50.31 73.38 -6.91
CA LYS B 68 -51.73 73.72 -6.73
C LYS B 68 -52.64 72.66 -7.34
N LYS B 69 -52.28 71.39 -7.14
CA LYS B 69 -53.08 70.25 -7.53
C LYS B 69 -53.17 69.30 -6.34
N GLU B 70 -54.25 68.52 -6.28
CA GLU B 70 -54.53 67.70 -5.12
C GLU B 70 -53.89 66.32 -5.26
N VAL B 71 -53.19 65.91 -4.21
CA VAL B 71 -52.57 64.59 -4.13
C VAL B 71 -53.32 63.75 -3.12
N VAL B 72 -53.09 62.44 -3.20
CA VAL B 72 -53.56 61.51 -2.17
C VAL B 72 -52.33 60.97 -1.47
N GLU B 73 -52.21 61.27 -0.19
CA GLU B 73 -51.08 60.82 0.57
C GLU B 73 -51.52 59.84 1.64
N PRO B 74 -50.82 58.74 1.84
CA PRO B 74 -51.12 57.87 2.98
C PRO B 74 -50.56 58.43 4.28
N VAL B 75 -51.36 58.31 5.33
CA VAL B 75 -51.03 58.82 6.65
C VAL B 75 -51.22 57.70 7.67
N THR B 76 -50.48 57.76 8.77
CA THR B 76 -50.66 56.80 9.85
C THR B 76 -51.21 57.50 11.09
N ILE B 77 -52.17 56.85 11.75
CA ILE B 77 -52.84 57.40 12.92
C ILE B 77 -52.19 56.83 14.16
N LEU B 78 -51.82 57.71 15.08
CA LEU B 78 -51.06 57.35 16.26
C LEU B 78 -51.77 57.95 17.46
N GLU B 79 -52.39 57.13 18.30
CA GLU B 79 -53.18 57.66 19.39
C GLU B 79 -52.27 58.09 20.54
N ALA B 80 -52.56 59.26 21.11
CA ALA B 80 -51.69 59.89 22.10
C ALA B 80 -52.47 60.36 23.31
N PRO B 81 -52.70 59.49 24.30
CA PRO B 81 -53.12 59.99 25.60
C PRO B 81 -51.97 60.74 26.24
N PRO B 82 -52.27 61.73 27.09
CA PRO B 82 -51.19 62.53 27.70
C PRO B 82 -50.34 61.71 28.65
N MET B 83 -49.07 62.08 28.76
CA MET B 83 -48.19 61.41 29.70
C MET B 83 -48.06 62.24 30.96
N VAL B 84 -47.96 61.56 32.11
CA VAL B 84 -47.87 62.21 33.41
C VAL B 84 -46.42 62.17 33.86
N ILE B 85 -45.89 63.32 34.26
CA ILE B 85 -44.51 63.41 34.74
C ILE B 85 -44.45 62.91 36.17
N VAL B 86 -43.51 62.01 36.47
CA VAL B 86 -43.32 61.54 37.84
C VAL B 86 -41.94 61.79 38.38
N GLY B 87 -40.95 62.18 37.57
CA GLY B 87 -39.62 62.37 38.09
C GLY B 87 -38.85 63.44 37.35
N ILE B 88 -37.66 63.74 37.87
CA ILE B 88 -36.70 64.67 37.27
C ILE B 88 -35.32 64.05 37.51
N VAL B 89 -34.65 63.62 36.45
CA VAL B 89 -33.27 63.22 36.57
C VAL B 89 -32.38 64.32 36.02
N GLY B 90 -31.11 64.27 36.41
CA GLY B 90 -30.13 65.23 35.94
C GLY B 90 -28.79 64.56 35.78
N TYR B 91 -28.08 64.86 34.70
CA TYR B 91 -26.90 64.11 34.30
C TYR B 91 -25.70 65.06 34.25
N ARG B 92 -24.55 64.59 34.74
CA ARG B 92 -23.34 65.42 34.79
C ARG B 92 -22.25 64.84 33.91
N GLN B 93 -21.49 65.72 33.26
CA GLN B 93 -20.46 65.28 32.33
C GLN B 93 -19.23 64.77 33.06
N THR B 94 -18.75 63.61 32.66
CA THR B 94 -17.51 63.01 33.11
C THR B 94 -16.68 62.67 31.88
N PRO B 95 -15.36 62.47 32.04
CA PRO B 95 -14.58 61.91 30.92
C PRO B 95 -14.90 60.47 30.60
N VAL B 96 -15.63 59.77 31.47
CA VAL B 96 -16.16 58.45 31.16
C VAL B 96 -17.42 58.58 30.34
N GLY B 97 -18.24 59.59 30.60
CA GLY B 97 -19.57 59.60 30.06
C GLY B 97 -20.46 60.69 30.59
N LEU B 98 -21.63 60.29 31.10
CA LEU B 98 -22.65 61.24 31.50
C LEU B 98 -23.42 60.58 32.64
N LYS B 99 -23.06 60.92 33.87
CA LYS B 99 -23.49 60.18 35.05
C LYS B 99 -24.74 60.79 35.68
N THR B 100 -25.65 59.93 36.13
CA THR B 100 -26.88 60.39 36.75
C THR B 100 -26.59 60.93 38.14
N ILE B 101 -27.10 62.12 38.44
CA ILE B 101 -26.91 62.72 39.75
C ILE B 101 -27.94 62.17 40.74
N GLY B 102 -29.19 62.09 40.33
CA GLY B 102 -30.24 61.59 41.21
C GLY B 102 -31.58 61.87 40.58
N THR B 103 -32.63 61.42 41.27
CA THR B 103 -33.99 61.72 40.83
C THR B 103 -34.86 62.13 42.01
N VAL B 104 -35.61 63.20 41.83
CA VAL B 104 -36.72 63.54 42.71
C VAL B 104 -37.96 62.86 42.16
N TRP B 105 -38.91 62.58 43.03
CA TRP B 105 -40.16 61.99 42.60
C TRP B 105 -41.29 62.94 42.96
N ALA B 106 -42.50 62.58 42.53
CA ALA B 106 -43.58 63.54 42.35
C ALA B 106 -44.44 63.78 43.58
N HIS B 107 -44.26 62.97 44.64
CA HIS B 107 -45.00 62.81 45.89
C HIS B 107 -46.30 62.07 45.69
N HIS B 108 -46.74 61.83 44.46
CA HIS B 108 -47.98 61.13 44.17
C HIS B 108 -47.78 60.44 42.84
N THR B 109 -47.77 59.12 42.85
CA THR B 109 -47.54 58.33 41.66
C THR B 109 -48.78 57.50 41.35
N SER B 110 -48.96 57.16 40.09
CA SER B 110 -50.16 56.44 39.69
C SER B 110 -50.05 54.97 40.04
N VAL B 111 -51.20 54.30 40.08
CA VAL B 111 -51.23 52.85 40.27
C VAL B 111 -50.54 52.17 39.11
N GLU B 112 -50.81 52.64 37.90
CA GLU B 112 -50.20 52.05 36.71
C GLU B 112 -48.76 52.47 36.51
N PHE B 113 -48.28 53.52 37.18
CA PHE B 113 -46.84 53.75 37.20
C PHE B 113 -46.12 52.70 38.03
N ARG B 114 -46.49 52.56 39.31
N ARG B 114 -46.62 52.54 39.25
CA ARG B 114 -45.84 51.60 40.17
CA ARG B 114 -46.08 51.63 40.25
C ARG B 114 -46.35 50.17 39.96
C ARG B 114 -46.33 50.18 39.94
N ARG B 115 -47.09 49.95 38.89
CA ARG B 115 -47.37 48.62 38.35
CA ARG B 115 -47.38 48.62 38.36
C ARG B 115 -46.22 48.07 37.52
N ARG B 116 -45.42 48.95 36.93
CA ARG B 116 -44.23 48.65 36.13
C ARG B 116 -43.15 47.95 36.94
N TYR B 117 -43.22 48.02 38.26
CA TYR B 117 -42.27 47.38 39.14
CA TYR B 117 -42.27 47.37 39.14
C TYR B 117 -42.67 45.96 39.53
N TYR B 118 -43.80 45.47 39.03
CA TYR B 118 -44.33 44.19 39.42
C TYR B 118 -44.58 43.32 38.21
N LYS B 119 -44.08 42.08 38.27
CA LYS B 119 -44.49 41.07 37.31
C LYS B 119 -45.90 40.60 37.61
N ASN B 120 -46.34 40.71 38.86
CA ASN B 120 -47.69 40.34 39.27
C ASN B 120 -48.13 41.36 40.31
N TRP B 121 -49.00 42.28 39.89
CA TRP B 121 -49.46 43.38 40.74
C TRP B 121 -50.63 42.97 41.63
N LYS B 122 -51.62 42.26 41.07
CA LYS B 122 -52.83 41.93 41.80
C LYS B 122 -52.57 40.93 42.91
N GLN B 123 -51.65 40.00 42.68
CA GLN B 123 -51.22 39.06 43.71
C GLN B 123 -49.89 39.54 44.30
N SER B 124 -49.95 40.66 45.01
CA SER B 124 -48.75 41.23 45.61
C SER B 124 -49.15 42.08 46.81
N ALA B 125 -48.14 42.62 47.49
CA ALA B 125 -48.35 43.51 48.61
C ALA B 125 -48.56 44.95 48.16
N GLN B 126 -48.13 45.29 46.95
CA GLN B 126 -48.42 46.56 46.26
C GLN B 126 -47.82 47.76 47.00
N LEU B 127 -46.76 47.54 47.75
CA LEU B 127 -46.21 48.56 48.64
C LEU B 127 -44.95 49.20 48.09
N ALA B 128 -44.87 49.36 46.77
CA ALA B 128 -43.82 50.12 46.12
C ALA B 128 -44.15 51.61 46.14
N PHE B 129 -43.09 52.43 46.25
CA PHE B 129 -43.19 53.88 46.52
C PHE B 129 -44.01 54.19 47.76
N SER B 130 -43.85 53.35 48.78
CA SER B 130 -44.62 53.51 50.00
C SER B 130 -43.80 54.06 51.16
N ARG B 131 -42.50 53.79 51.19
CA ARG B 131 -41.63 54.42 52.15
C ARG B 131 -40.98 55.67 51.61
N GLN B 132 -40.89 55.82 50.29
CA GLN B 132 -40.48 57.08 49.69
C GLN B 132 -41.60 58.11 49.79
N LYS B 133 -42.85 57.67 49.79
CA LYS B 133 -43.98 58.59 49.87
C LYS B 133 -44.05 59.25 51.24
N GLN B 134 -43.72 58.50 52.28
CA GLN B 134 -43.81 59.01 53.64
C GLN B 134 -42.54 59.68 54.11
N PHE B 135 -41.39 59.33 53.54
CA PHE B 135 -40.15 60.02 53.88
C PHE B 135 -40.04 61.36 53.17
N ALA B 136 -40.73 61.54 52.04
CA ALA B 136 -40.59 62.75 51.25
C ALA B 136 -41.18 63.98 51.92
N ASN B 137 -42.07 63.80 52.89
CA ASN B 137 -42.61 64.92 53.65
C ASN B 137 -42.23 64.87 55.13
N THR B 138 -41.22 64.10 55.49
CA THR B 138 -40.61 64.29 56.79
C THR B 138 -39.75 65.56 56.77
N LYS B 139 -39.17 65.89 57.93
CA LYS B 139 -38.26 67.03 57.98
C LYS B 139 -36.99 66.75 57.19
N GLU B 140 -36.42 65.56 57.37
CA GLU B 140 -35.17 65.21 56.71
C GLU B 140 -35.34 64.92 55.23
N GLY B 141 -36.54 64.56 54.80
CA GLY B 141 -36.77 64.20 53.41
C GLY B 141 -37.13 65.38 52.55
N LYS B 142 -37.77 66.39 53.14
CA LYS B 142 -37.92 67.67 52.45
C LYS B 142 -36.60 68.38 52.27
N VAL B 143 -35.65 68.12 53.18
CA VAL B 143 -34.28 68.58 52.98
C VAL B 143 -33.63 67.84 51.82
N ALA B 144 -33.77 66.51 51.80
CA ALA B 144 -33.09 65.69 50.79
C ALA B 144 -33.66 65.87 49.40
N GLU B 145 -34.92 66.30 49.27
CA GLU B 145 -35.44 66.72 47.98
C GLU B 145 -34.73 67.98 47.49
N ALA B 146 -34.66 69.00 48.35
CA ALA B 146 -33.98 70.24 48.01
C ALA B 146 -32.47 70.08 47.98
N ARG B 147 -31.94 69.01 48.57
CA ARG B 147 -30.51 68.77 48.51
C ARG B 147 -30.08 68.36 47.11
N THR B 148 -30.84 67.48 46.49
CA THR B 148 -30.52 66.99 45.15
C THR B 148 -31.08 67.87 44.04
N LEU B 149 -32.08 68.71 44.32
CA LEU B 149 -32.46 69.76 43.37
C LEU B 149 -31.36 70.81 43.24
N ASN B 150 -30.63 71.08 44.31
CA ASN B 150 -29.51 72.01 44.22
C ASN B 150 -28.35 71.35 43.49
N ALA B 151 -28.15 70.05 43.70
CA ALA B 151 -27.11 69.31 43.00
C ALA B 151 -27.37 69.19 41.52
N PHE B 152 -28.63 69.34 41.07
CA PHE B 152 -28.88 69.54 39.65
C PHE B 152 -28.36 70.91 39.21
N ALA B 153 -28.58 71.93 40.03
CA ALA B 153 -28.20 73.28 39.63
C ALA B 153 -26.69 73.46 39.64
N LYS B 154 -25.99 72.69 40.47
CA LYS B 154 -24.53 72.73 40.47
C LYS B 154 -23.96 71.93 39.30
N LYS B 155 -24.24 70.62 39.26
CA LYS B 155 -23.48 69.72 38.41
C LYS B 155 -24.14 69.37 37.09
N ALA B 156 -25.47 69.46 36.96
CA ALA B 156 -26.11 68.88 35.78
C ALA B 156 -25.98 69.79 34.57
N SER B 157 -25.66 69.18 33.44
CA SER B 157 -25.79 69.81 32.15
C SER B 157 -27.05 69.38 31.40
N VAL B 158 -27.55 68.18 31.69
CA VAL B 158 -28.71 67.62 31.01
C VAL B 158 -29.77 67.34 32.06
N ILE B 159 -30.91 68.02 31.94
CA ILE B 159 -32.07 67.78 32.79
C ILE B 159 -33.10 67.02 31.97
N ARG B 160 -33.60 65.93 32.53
CA ARG B 160 -34.65 65.14 31.89
C ARG B 160 -35.77 64.94 32.90
N VAL B 161 -36.96 64.66 32.40
CA VAL B 161 -38.08 64.29 33.26
C VAL B 161 -38.53 62.89 32.87
N ILE B 162 -39.19 62.23 33.81
CA ILE B 162 -39.64 60.86 33.63
C ILE B 162 -41.16 60.88 33.52
N ALA B 163 -41.67 60.44 32.37
CA ALA B 163 -43.10 60.38 32.15
C ALA B 163 -43.55 58.94 31.98
N HIS B 164 -44.86 58.75 32.00
CA HIS B 164 -45.44 57.45 31.71
C HIS B 164 -46.76 57.63 30.99
N THR B 165 -47.08 56.69 30.10
CA THR B 165 -48.12 56.83 29.08
C THR B 165 -49.54 57.05 29.55
N GLN B 166 -49.85 56.71 30.81
CA GLN B 166 -51.17 56.86 31.42
C GLN B 166 -52.23 56.06 30.66
N LEU B 167 -52.09 54.73 30.75
CA LEU B 167 -52.88 53.78 29.97
C LEU B 167 -54.31 53.62 30.42
N ARG B 168 -54.76 54.23 31.51
CA ARG B 168 -56.15 54.02 31.88
C ARG B 168 -57.04 55.01 31.15
N LYS B 169 -56.49 56.15 30.74
CA LYS B 169 -57.17 57.00 29.76
C LYS B 169 -57.08 56.47 28.35
N LEU B 170 -56.16 55.55 28.08
CA LEU B 170 -56.19 54.77 26.85
C LEU B 170 -57.17 53.64 27.09
N ARG B 171 -58.44 53.85 26.76
CA ARG B 171 -59.43 52.83 27.08
C ARG B 171 -59.48 51.75 26.02
N ASN B 172 -58.33 51.15 25.72
CA ASN B 172 -58.19 50.26 24.57
C ASN B 172 -58.24 48.81 25.04
N HIS B 173 -58.99 48.01 24.31
CA HIS B 173 -59.24 46.64 24.69
C HIS B 173 -58.16 45.69 24.22
N ARG B 174 -57.37 46.09 23.24
CA ARG B 174 -56.46 45.17 22.59
C ARG B 174 -55.01 45.40 22.97
N VAL B 175 -54.66 46.64 23.32
CA VAL B 175 -53.41 46.89 24.03
C VAL B 175 -53.64 46.36 25.45
N GLY B 176 -53.16 45.14 25.71
CA GLY B 176 -53.54 44.44 26.91
C GLY B 176 -52.75 44.76 28.14
N VAL B 177 -51.73 45.58 28.01
CA VAL B 177 -50.87 45.95 29.12
C VAL B 177 -51.57 46.98 30.00
N LYS B 178 -51.41 46.83 31.32
CA LYS B 178 -51.97 47.74 32.30
C LYS B 178 -50.93 48.50 33.09
N LYS B 179 -49.67 48.08 33.06
CA LYS B 179 -48.58 48.84 33.62
C LYS B 179 -48.09 49.86 32.60
N ALA B 180 -47.62 51.00 33.09
CA ALA B 180 -47.33 52.12 32.21
C ALA B 180 -45.94 52.00 31.59
N HIS B 181 -45.81 52.55 30.39
CA HIS B 181 -44.54 52.61 29.69
C HIS B 181 -43.78 53.83 30.15
N VAL B 182 -42.55 53.65 30.60
CA VAL B 182 -41.79 54.70 31.27
C VAL B 182 -40.59 55.09 30.41
N GLN B 183 -40.42 56.37 30.14
CA GLN B 183 -39.21 56.84 29.50
C GLN B 183 -38.79 58.18 30.09
N GLU B 184 -37.62 58.65 29.67
CA GLU B 184 -37.11 59.95 30.05
C GLU B 184 -37.14 60.88 28.86
N ILE B 185 -37.65 62.10 29.06
CA ILE B 185 -37.74 63.12 28.03
C ILE B 185 -36.79 64.24 28.40
N GLN B 186 -35.90 64.62 27.48
CA GLN B 186 -34.92 65.63 27.79
C GLN B 186 -35.49 67.03 27.62
N ILE B 187 -35.22 67.89 28.59
CA ILE B 187 -35.51 69.31 28.48
C ILE B 187 -34.42 69.96 27.63
N ASN B 188 -34.83 70.70 26.61
CA ASN B 188 -33.88 71.52 25.85
C ASN B 188 -34.36 72.96 25.83
N GLY B 189 -33.43 73.89 25.99
CA GLY B 189 -33.76 75.29 26.05
C GLY B 189 -33.37 75.92 27.36
N GLY B 190 -32.80 77.12 27.31
CA GLY B 190 -32.46 77.84 28.52
C GLY B 190 -31.23 77.28 29.21
N ASN B 191 -30.92 77.88 30.35
CA ASN B 191 -29.88 77.35 31.21
C ASN B 191 -30.48 76.32 32.15
N VAL B 192 -29.66 75.77 33.05
CA VAL B 192 -30.12 74.66 33.88
C VAL B 192 -31.11 75.15 34.93
N ALA B 193 -30.98 76.41 35.36
CA ALA B 193 -31.96 76.96 36.28
C ALA B 193 -33.32 77.16 35.61
N ALA B 194 -33.34 77.42 34.30
CA ALA B 194 -34.60 77.55 33.57
C ALA B 194 -35.18 76.21 33.16
N LYS B 195 -34.38 75.15 33.14
CA LYS B 195 -34.91 73.83 32.81
C LYS B 195 -35.59 73.19 34.01
N ILE B 196 -35.01 73.35 35.20
CA ILE B 196 -35.54 72.73 36.41
C ILE B 196 -36.87 73.36 36.79
N ALA B 197 -37.02 74.67 36.56
CA ALA B 197 -38.29 75.33 36.85
C ALA B 197 -39.40 74.86 35.95
N LEU B 198 -39.07 74.47 34.71
CA LEU B 198 -40.04 73.83 33.83
C LEU B 198 -40.19 72.35 34.20
N ALA B 199 -39.14 71.76 34.78
CA ALA B 199 -39.24 70.38 35.25
C ALA B 199 -39.95 70.27 36.58
N LYS B 200 -39.87 71.32 37.42
CA LYS B 200 -40.63 71.31 38.66
C LYS B 200 -42.10 71.64 38.42
N SER B 201 -42.39 72.55 37.47
CA SER B 201 -43.75 73.03 37.31
C SER B 201 -44.65 71.97 36.69
N LEU B 202 -44.17 71.27 35.67
CA LEU B 202 -44.88 70.09 35.16
C LEU B 202 -44.30 68.83 35.80
N LEU B 203 -44.60 68.69 37.08
CA LEU B 203 -44.31 67.49 37.85
C LEU B 203 -45.60 67.08 38.55
N GLU B 204 -45.95 65.80 38.43
CA GLU B 204 -47.25 65.24 38.82
C GLU B 204 -48.39 65.98 38.11
N LYS B 205 -48.17 66.34 36.85
CA LYS B 205 -49.13 66.98 35.98
C LYS B 205 -48.97 66.40 34.60
N GLU B 206 -50.08 66.14 33.90
CA GLU B 206 -50.01 65.47 32.62
C GLU B 206 -49.70 66.46 31.51
N VAL B 207 -48.87 66.02 30.57
CA VAL B 207 -48.44 66.85 29.46
C VAL B 207 -49.07 66.28 28.20
N ARG B 208 -49.66 67.15 27.39
CA ARG B 208 -50.46 66.75 26.25
C ARG B 208 -49.66 66.98 24.98
N VAL B 209 -49.95 66.20 23.92
CA VAL B 209 -49.06 66.06 22.77
C VAL B 209 -48.95 67.35 21.96
N ASP B 210 -50.01 68.16 21.93
CA ASP B 210 -49.94 69.42 21.21
C ASP B 210 -49.19 70.51 21.96
N SER B 211 -48.68 70.24 23.15
CA SER B 211 -47.75 71.14 23.81
C SER B 211 -46.29 70.80 23.51
N VAL B 212 -46.04 69.73 22.76
CA VAL B 212 -44.70 69.34 22.40
C VAL B 212 -44.44 69.52 20.91
N PHE B 213 -45.45 69.25 20.08
CA PHE B 213 -45.33 69.36 18.64
C PHE B 213 -46.37 70.33 18.07
N GLN B 214 -46.11 70.81 16.86
CA GLN B 214 -47.04 71.64 16.13
C GLN B 214 -47.62 70.86 14.96
N GLN B 215 -48.53 71.50 14.22
CA GLN B 215 -49.39 70.77 13.29
C GLN B 215 -48.67 70.40 12.01
N SER B 216 -47.80 71.27 11.49
CA SER B 216 -47.22 71.05 10.17
C SER B 216 -45.71 71.00 10.21
N GLU B 217 -45.17 70.19 11.11
CA GLU B 217 -43.74 70.03 11.31
C GLU B 217 -43.36 68.59 10.96
N ALA B 218 -42.14 68.21 11.30
CA ALA B 218 -41.71 66.84 11.18
C ALA B 218 -41.20 66.37 12.54
N CYS B 219 -40.82 65.10 12.60
CA CYS B 219 -40.32 64.50 13.83
C CYS B 219 -39.59 63.22 13.48
N ASP B 220 -38.92 62.67 14.48
CA ASP B 220 -38.32 61.34 14.39
C ASP B 220 -39.24 60.38 15.11
N VAL B 221 -39.30 59.14 14.63
CA VAL B 221 -40.14 58.12 15.26
C VAL B 221 -39.25 56.96 15.65
N CYS B 222 -38.82 56.93 16.92
CA CYS B 222 -38.10 55.76 17.41
C CYS B 222 -39.13 54.66 17.68
N SER B 223 -38.98 53.51 17.03
CA SER B 223 -39.99 52.47 17.10
C SER B 223 -39.36 51.14 16.73
N VAL B 224 -39.99 50.06 17.19
CA VAL B 224 -39.46 48.71 17.00
C VAL B 224 -40.24 48.04 15.89
N THR B 225 -39.50 47.53 14.89
CA THR B 225 -40.01 46.90 13.67
C THR B 225 -40.93 45.72 13.99
N LYS B 226 -41.86 45.45 13.08
CA LYS B 226 -42.71 44.27 13.16
C LYS B 226 -41.88 43.00 12.96
N GLY B 227 -42.05 42.04 13.86
CA GLY B 227 -41.20 40.85 13.87
C GLY B 227 -41.71 39.75 12.95
N HIS B 228 -40.76 39.03 12.34
CA HIS B 228 -41.08 38.01 11.35
C HIS B 228 -40.39 36.68 11.60
N GLY B 229 -39.76 36.48 12.75
CA GLY B 229 -39.21 35.17 13.08
C GLY B 229 -37.85 34.95 12.46
N THR B 230 -37.44 33.68 12.43
CA THR B 230 -36.29 33.29 11.64
C THR B 230 -36.67 33.26 10.18
N GLU B 231 -36.02 34.10 9.37
CA GLU B 231 -36.21 34.11 7.94
C GLU B 231 -34.90 33.77 7.24
N GLY B 232 -35.02 33.21 6.05
CA GLY B 232 -33.88 32.83 5.26
C GLY B 232 -33.25 34.03 4.59
N VAL B 233 -32.29 33.75 3.72
CA VAL B 233 -31.42 34.80 3.24
C VAL B 233 -32.12 35.64 2.17
N VAL B 234 -33.09 35.07 1.46
CA VAL B 234 -33.79 35.81 0.42
C VAL B 234 -34.77 36.82 1.03
N LYS B 235 -35.48 36.43 2.08
CA LYS B 235 -36.37 37.38 2.76
C LYS B 235 -35.62 38.40 3.58
N ARG B 236 -34.52 38.01 4.22
CA ARG B 236 -33.88 38.87 5.20
C ARG B 236 -32.96 39.88 4.53
N TRP B 237 -32.07 39.41 3.66
CA TRP B 237 -31.08 40.25 3.02
C TRP B 237 -31.45 40.65 1.61
N GLY B 238 -32.35 39.93 0.96
CA GLY B 238 -32.74 40.27 -0.39
C GLY B 238 -31.80 39.77 -1.45
N VAL B 239 -31.23 38.58 -1.27
CA VAL B 239 -30.31 38.02 -2.24
C VAL B 239 -31.10 37.46 -3.41
N ALA B 240 -30.41 37.19 -4.51
CA ALA B 240 -31.07 36.60 -5.68
C ALA B 240 -31.29 35.11 -5.47
N CYS B 241 -32.44 34.64 -5.93
CA CYS B 241 -32.83 33.24 -5.79
C CYS B 241 -32.27 32.44 -6.95
N LEU B 242 -31.77 31.25 -6.63
CA LEU B 242 -30.95 30.45 -7.54
C LEU B 242 -31.80 29.82 -8.65
N PRO B 243 -31.17 29.34 -9.77
CA PRO B 243 -31.93 28.68 -10.84
C PRO B 243 -32.62 27.39 -10.44
N ARG B 244 -33.71 27.08 -11.17
CA ARG B 244 -34.69 26.08 -10.74
CA ARG B 244 -34.69 26.09 -10.73
C ARG B 244 -34.09 24.69 -10.61
N LYS B 245 -33.08 24.37 -11.40
CA LYS B 245 -32.51 23.03 -11.39
C LYS B 245 -31.37 22.87 -10.39
N THR B 246 -31.38 23.63 -9.29
CA THR B 246 -30.33 23.55 -8.27
C THR B 246 -30.67 22.47 -7.24
N HIS B 247 -29.67 21.65 -6.92
CA HIS B 247 -29.81 20.58 -5.95
C HIS B 247 -29.53 21.10 -4.55
N ARG B 248 -30.30 20.59 -3.59
N ARG B 248 -30.43 20.72 -3.66
CA ARG B 248 -30.44 20.99 -2.18
CA ARG B 248 -30.36 21.07 -2.26
C ARG B 248 -31.13 22.34 -1.97
C ARG B 248 -31.15 22.34 -1.98
N GLY B 249 -31.41 23.11 -3.02
CA GLY B 249 -32.22 24.29 -2.79
C GLY B 249 -31.90 25.62 -3.45
N LEU B 250 -32.93 26.45 -3.55
CA LEU B 250 -32.93 27.71 -4.27
C LEU B 250 -32.60 28.90 -3.38
N ARG B 251 -33.20 28.97 -2.20
CA ARG B 251 -33.30 30.21 -1.44
C ARG B 251 -32.11 30.32 -0.50
N LYS B 252 -30.92 30.26 -1.11
N LYS B 252 -30.92 30.32 -1.10
CA LYS B 252 -29.64 30.16 -0.41
CA LYS B 252 -29.70 30.29 -0.34
C LYS B 252 -28.65 31.09 -1.10
C LYS B 252 -28.65 31.11 -1.09
N VAL B 253 -27.57 31.42 -0.40
CA VAL B 253 -26.41 32.09 -1.00
C VAL B 253 -25.41 31.02 -1.39
N ALA B 254 -25.03 31.03 -2.67
CA ALA B 254 -24.28 29.93 -3.25
C ALA B 254 -22.87 29.86 -2.69
N CYS B 255 -22.11 30.93 -2.82
CA CYS B 255 -20.77 31.02 -2.27
C CYS B 255 -20.81 31.87 -1.02
N ILE B 256 -20.36 31.32 0.11
CA ILE B 256 -20.24 32.09 1.34
C ILE B 256 -18.78 32.47 1.62
N GLY B 257 -17.92 32.40 0.63
CA GLY B 257 -16.58 32.94 0.79
C GLY B 257 -15.56 32.15 0.00
N ALA B 258 -14.36 32.72 -0.05
CA ALA B 258 -13.25 32.12 -0.75
C ALA B 258 -12.63 31.01 0.10
N TRP B 259 -11.64 30.32 -0.47
CA TRP B 259 -10.86 29.37 0.30
C TRP B 259 -10.13 30.10 1.42
N HIS B 260 -9.52 31.23 1.09
CA HIS B 260 -8.81 32.14 1.98
C HIS B 260 -9.42 33.54 1.90
N PRO B 261 -9.71 34.21 3.03
CA PRO B 261 -9.59 33.95 4.47
C PRO B 261 -10.40 32.75 4.86
N ALA B 262 -9.85 31.76 5.57
CA ALA B 262 -10.55 30.49 5.69
C ALA B 262 -11.65 30.54 6.74
N ARG B 263 -12.50 31.56 6.67
CA ARG B 263 -13.54 31.83 7.65
CA ARG B 263 -13.55 31.82 7.64
C ARG B 263 -14.71 32.48 6.91
N VAL B 264 -15.90 32.34 7.47
CA VAL B 264 -17.04 33.06 6.94
C VAL B 264 -16.99 34.48 7.50
N MET B 265 -17.30 35.45 6.68
CA MET B 265 -17.23 36.84 7.10
C MET B 265 -18.59 37.32 7.62
N TYR B 266 -18.55 38.45 8.33
CA TYR B 266 -19.76 39.06 8.84
C TYR B 266 -20.54 39.76 7.74
N THR B 267 -19.89 40.02 6.61
CA THR B 267 -20.50 40.63 5.45
C THR B 267 -21.30 39.65 4.61
N VAL B 268 -21.02 38.35 4.73
CA VAL B 268 -21.79 37.33 4.04
C VAL B 268 -23.17 37.21 4.69
N ALA B 269 -24.20 37.24 3.85
CA ALA B 269 -25.58 37.19 4.30
C ALA B 269 -25.95 35.79 4.77
N ARG B 270 -26.52 35.67 5.98
CA ARG B 270 -27.00 34.40 6.49
C ARG B 270 -28.43 34.53 7.02
N ALA B 271 -28.99 33.42 7.48
CA ALA B 271 -30.36 33.36 7.96
C ALA B 271 -30.41 33.53 9.48
N GLY B 272 -31.61 33.82 9.99
CA GLY B 272 -31.74 34.20 11.39
C GLY B 272 -32.88 35.18 11.58
N GLN B 273 -32.83 35.97 12.65
CA GLN B 273 -33.92 36.87 13.03
C GLN B 273 -34.15 37.97 12.00
N HIS B 274 -35.36 38.03 11.47
CA HIS B 274 -35.80 39.13 10.62
C HIS B 274 -37.00 39.80 11.26
N GLY B 275 -36.93 41.10 11.42
CA GLY B 275 -37.96 41.85 12.12
C GLY B 275 -37.65 42.00 13.59
N TYR B 276 -38.44 42.85 14.23
CA TYR B 276 -38.37 43.19 15.65
C TYR B 276 -37.02 43.83 15.96
N HIS B 277 -36.80 44.95 15.29
CA HIS B 277 -35.54 45.71 15.29
C HIS B 277 -35.87 47.15 15.60
N HIS B 278 -34.97 47.85 16.26
CA HIS B 278 -35.22 49.25 16.56
C HIS B 278 -34.77 50.13 15.41
N ARG B 279 -35.62 51.09 15.03
CA ARG B 279 -35.34 52.01 13.94
C ARG B 279 -35.75 53.42 14.37
N THR B 280 -35.10 54.43 13.78
CA THR B 280 -35.27 55.83 14.23
C THR B 280 -36.04 56.70 13.24
N GLN B 281 -35.85 56.47 11.93
CA GLN B 281 -36.67 56.96 10.80
C GLN B 281 -37.05 58.46 10.82
N LEU B 282 -36.05 59.30 10.58
CA LEU B 282 -36.18 60.75 10.64
C LEU B 282 -37.09 61.31 9.53
N ASN B 283 -37.53 62.55 9.76
CA ASN B 283 -38.28 63.42 8.83
C ASN B 283 -39.68 62.90 8.50
N LYS B 284 -40.42 62.51 9.53
CA LYS B 284 -41.81 62.09 9.37
C LYS B 284 -42.69 63.31 9.58
N LYS B 285 -43.20 63.85 8.48
CA LYS B 285 -43.95 65.10 8.50
C LYS B 285 -45.30 64.88 9.19
N ILE B 286 -45.66 65.79 10.08
CA ILE B 286 -46.92 65.67 10.81
C ILE B 286 -47.96 66.54 10.13
N TYR B 287 -49.18 66.01 10.04
CA TYR B 287 -50.26 66.60 9.26
C TYR B 287 -51.43 67.06 10.08
N GLN B 288 -51.69 66.42 11.21
CA GLN B 288 -52.83 66.76 12.03
C GLN B 288 -52.52 66.29 13.43
N ILE B 289 -52.50 67.20 14.39
CA ILE B 289 -52.58 66.83 15.79
C ILE B 289 -54.05 66.86 16.15
N GLY B 290 -54.62 65.69 16.40
CA GLY B 290 -56.03 65.60 16.65
C GLY B 290 -56.38 65.88 18.08
N ARG B 291 -57.67 65.79 18.35
CA ARG B 291 -58.22 66.15 19.64
C ARG B 291 -59.27 65.10 19.98
N SER B 292 -59.44 64.85 21.27
CA SER B 292 -60.22 63.72 21.77
C SER B 292 -61.68 63.84 21.37
N VAL B 293 -62.37 62.69 21.35
CA VAL B 293 -63.74 62.64 20.85
C VAL B 293 -64.68 63.30 21.86
N ALA B 294 -64.30 63.30 23.14
CA ALA B 294 -65.03 64.05 24.15
C ALA B 294 -64.97 65.54 23.90
N VAL B 295 -63.92 66.02 23.25
CA VAL B 295 -63.88 67.40 22.78
C VAL B 295 -64.44 67.52 21.37
N GLU B 296 -63.94 66.70 20.45
CA GLU B 296 -64.28 66.82 19.03
C GLU B 296 -65.09 65.63 18.54
N PRO B 297 -66.40 65.75 18.39
CA PRO B 297 -67.15 64.69 17.71
C PRO B 297 -66.95 64.70 16.19
N ASN B 298 -66.26 65.71 15.66
CA ASN B 298 -66.09 65.88 14.22
C ASN B 298 -64.59 66.09 14.01
N GLN B 299 -63.86 64.99 13.88
CA GLN B 299 -62.41 65.01 13.81
C GLN B 299 -61.88 65.03 12.39
N ALA B 300 -62.45 64.24 11.49
CA ALA B 300 -61.98 64.19 10.11
C ALA B 300 -62.64 65.23 9.23
N THR B 301 -63.45 66.11 9.79
CA THR B 301 -64.12 67.15 9.02
C THR B 301 -63.11 68.24 8.66
N THR B 302 -63.11 68.64 7.40
CA THR B 302 -62.22 69.66 6.89
C THR B 302 -63.08 70.88 6.56
N THR B 303 -62.44 72.05 6.42
CA THR B 303 -63.05 73.20 5.78
C THR B 303 -63.66 72.84 4.43
N TYR B 304 -62.95 72.06 3.63
CA TYR B 304 -63.31 71.76 2.27
C TYR B 304 -64.14 70.49 2.14
N ASP B 305 -64.52 69.90 3.26
CA ASP B 305 -65.25 68.63 3.35
C ASP B 305 -66.04 68.65 4.65
N LEU B 306 -67.31 69.05 4.56
CA LEU B 306 -68.11 69.32 5.75
C LEU B 306 -68.87 68.10 6.24
N THR B 307 -68.41 66.89 5.92
CA THR B 307 -69.04 65.69 6.44
C THR B 307 -68.64 65.49 7.89
N ALA B 308 -69.62 65.35 8.76
CA ALA B 308 -69.41 65.30 10.20
C ALA B 308 -68.98 63.89 10.58
N LYS B 309 -67.68 63.68 10.76
CA LYS B 309 -67.14 62.33 10.95
C LYS B 309 -65.86 62.37 11.76
N THR B 310 -65.60 61.29 12.49
CA THR B 310 -64.45 61.17 13.36
C THR B 310 -63.27 60.58 12.60
N ILE B 311 -62.18 60.30 13.29
CA ILE B 311 -61.00 59.75 12.62
C ILE B 311 -61.09 58.23 12.52
N THR B 312 -61.92 57.59 13.33
CA THR B 312 -61.99 56.15 13.36
C THR B 312 -62.83 55.64 12.21
N PRO B 313 -62.33 54.73 11.39
CA PRO B 313 -63.06 54.28 10.21
C PRO B 313 -64.31 53.47 10.52
N MET B 314 -65.01 53.07 9.47
CA MET B 314 -66.19 52.24 9.65
C MET B 314 -65.76 50.84 10.04
N GLY B 315 -66.30 50.34 11.15
CA GLY B 315 -65.85 49.07 11.65
C GLY B 315 -64.52 49.11 12.36
N GLY B 316 -64.07 50.30 12.75
CA GLY B 316 -62.86 50.45 13.55
C GLY B 316 -61.57 50.23 12.79
N PHE B 317 -60.46 50.64 13.39
CA PHE B 317 -59.16 50.22 12.88
C PHE B 317 -59.02 48.74 13.08
N VAL B 318 -58.56 48.04 12.05
CA VAL B 318 -58.60 46.59 12.02
C VAL B 318 -57.58 46.06 13.00
N GLY B 319 -58.04 45.28 13.97
CA GLY B 319 -57.18 44.76 15.02
C GLY B 319 -56.93 45.69 16.17
N TYR B 320 -57.37 46.95 16.10
CA TYR B 320 -57.08 47.93 17.13
C TYR B 320 -58.33 48.37 17.88
N GLY B 321 -59.31 48.91 17.18
CA GLY B 321 -60.47 49.44 17.85
C GLY B 321 -60.83 50.85 17.43
N THR B 322 -60.89 51.75 18.40
CA THR B 322 -61.33 53.12 18.22
C THR B 322 -60.28 54.05 18.80
N VAL B 323 -59.98 55.14 18.11
CA VAL B 323 -59.13 56.17 18.68
C VAL B 323 -59.99 57.01 19.62
N ARG B 324 -59.74 56.89 20.91
CA ARG B 324 -60.56 57.51 21.93
C ARG B 324 -59.93 58.77 22.50
N ASN B 325 -58.69 59.08 22.14
CA ASN B 325 -57.93 60.17 22.74
C ASN B 325 -57.39 61.12 21.68
N ASP B 326 -56.49 61.99 22.10
CA ASP B 326 -55.74 62.83 21.19
C ASP B 326 -54.90 61.97 20.27
N TYR B 327 -54.61 62.47 19.08
CA TYR B 327 -53.83 61.69 18.14
C TYR B 327 -52.97 62.61 17.29
N VAL B 328 -51.84 62.09 16.86
CA VAL B 328 -51.05 62.72 15.81
C VAL B 328 -51.22 61.92 14.53
N MET B 329 -51.14 62.61 13.41
CA MET B 329 -51.27 62.00 12.10
C MET B 329 -50.03 62.37 11.30
N LEU B 330 -49.25 61.37 10.90
CA LEU B 330 -47.98 61.59 10.24
C LEU B 330 -48.07 61.16 8.79
N LYS B 331 -47.28 61.78 7.93
CA LYS B 331 -47.19 61.34 6.54
C LYS B 331 -46.48 59.98 6.46
N GLY B 332 -47.17 59.00 5.88
CA GLY B 332 -46.52 57.76 5.53
C GLY B 332 -46.55 56.69 6.60
N SER B 333 -45.52 55.88 6.63
CA SER B 333 -45.47 54.71 7.50
C SER B 333 -44.49 54.93 8.64
N VAL B 334 -44.75 54.23 9.74
CA VAL B 334 -43.82 54.13 10.85
C VAL B 334 -43.57 52.65 11.11
N SER B 335 -42.36 52.32 11.54
CA SER B 335 -41.95 50.94 11.77
C SER B 335 -42.72 50.35 12.94
N GLY B 336 -43.42 49.26 12.71
CA GLY B 336 -44.06 48.55 13.77
C GLY B 336 -45.48 48.18 13.44
N PRO B 337 -46.03 47.24 14.15
CA PRO B 337 -47.44 46.92 13.97
C PRO B 337 -48.30 47.92 14.71
N ARG B 338 -49.62 47.79 14.54
CA ARG B 338 -50.57 48.45 15.41
C ARG B 338 -50.41 47.95 16.83
N ARG B 339 -50.87 48.77 17.78
CA ARG B 339 -50.86 48.61 19.24
C ARG B 339 -49.49 48.86 19.87
N ARG B 340 -48.46 49.11 19.08
CA ARG B 340 -47.12 49.20 19.64
C ARG B 340 -46.79 50.65 20.02
N VAL B 341 -46.19 50.84 21.19
CA VAL B 341 -45.79 52.15 21.65
C VAL B 341 -44.62 52.67 20.82
N MET B 342 -44.70 53.94 20.43
CA MET B 342 -43.74 54.57 19.54
C MET B 342 -43.40 55.94 20.08
N THR B 343 -42.16 56.36 19.87
CA THR B 343 -41.64 57.61 20.40
C THR B 343 -41.50 58.63 19.28
N LEU B 344 -42.37 59.63 19.26
CA LEU B 344 -42.19 60.83 18.44
C LEU B 344 -41.22 61.80 19.09
N ARG B 345 -40.07 61.94 18.46
CA ARG B 345 -39.05 62.84 18.95
C ARG B 345 -38.79 63.95 17.92
N ARG B 346 -38.53 65.16 18.42
CA ARG B 346 -38.19 66.32 17.62
C ARG B 346 -36.97 66.07 16.74
N PRO B 347 -36.89 66.71 15.56
CA PRO B 347 -35.91 66.29 14.56
C PRO B 347 -34.50 66.70 14.91
N MET B 348 -33.53 65.90 14.48
CA MET B 348 -32.13 66.29 14.52
C MET B 348 -31.62 66.71 13.15
N ALA B 349 -32.33 66.36 12.10
CA ALA B 349 -32.06 66.84 10.75
C ALA B 349 -32.35 68.33 10.66
N PRO B 350 -31.65 69.05 9.80
CA PRO B 350 -31.99 70.46 9.55
C PRO B 350 -33.35 70.59 8.90
N GLN B 351 -34.26 71.29 9.57
CA GLN B 351 -35.63 71.39 9.10
C GLN B 351 -35.82 72.63 8.22
N THR B 352 -34.91 72.80 7.27
CA THR B 352 -34.82 74.01 6.48
C THR B 352 -35.10 73.78 5.01
N SER B 353 -35.15 72.53 4.57
CA SER B 353 -35.52 72.25 3.19
C SER B 353 -36.97 72.64 2.96
N ARG B 354 -37.29 72.95 1.72
CA ARG B 354 -38.56 73.58 1.43
C ARG B 354 -39.70 72.56 1.43
N HIS B 355 -39.36 71.26 1.39
CA HIS B 355 -40.34 70.22 1.60
C HIS B 355 -40.79 70.15 3.06
N LEU B 356 -39.91 70.50 4.00
CA LEU B 356 -40.17 70.37 5.42
C LEU B 356 -40.71 71.64 6.06
N LYS B 357 -40.55 72.79 5.41
CA LYS B 357 -41.17 74.01 5.89
C LYS B 357 -42.63 74.17 5.46
N GLU B 358 -43.13 73.27 4.61
CA GLU B 358 -44.42 73.46 3.95
C GLU B 358 -45.57 73.29 4.93
N LYS B 359 -46.42 74.30 5.02
CA LYS B 359 -47.61 74.22 5.85
C LYS B 359 -48.67 73.37 5.16
N ILE B 360 -49.35 72.55 5.95
CA ILE B 360 -50.27 71.54 5.44
C ILE B 360 -51.68 71.94 5.76
N VAL B 361 -52.53 71.97 4.74
CA VAL B 361 -53.98 72.02 4.90
C VAL B 361 -54.55 70.82 4.17
N LEU B 362 -55.51 70.16 4.79
CA LEU B 362 -56.06 68.95 4.21
C LEU B 362 -57.28 69.30 3.39
N LYS B 363 -57.84 68.31 2.71
CA LYS B 363 -59.10 68.50 2.03
C LYS B 363 -60.06 67.35 2.25
N PHE B 364 -59.58 66.21 2.73
CA PHE B 364 -60.34 64.97 2.83
C PHE B 364 -59.55 63.98 3.67
N ILE B 365 -60.21 63.31 4.60
CA ILE B 365 -59.62 62.21 5.36
C ILE B 365 -60.49 60.99 5.15
N ASP B 366 -59.89 59.90 4.69
CA ASP B 366 -60.63 58.70 4.38
C ASP B 366 -61.08 58.01 5.66
N THR B 367 -62.38 58.01 5.91
CA THR B 367 -62.98 57.36 7.06
C THR B 367 -63.83 56.17 6.59
N SER B 368 -63.49 55.64 5.43
CA SER B 368 -64.17 54.47 4.90
C SER B 368 -63.65 53.22 5.58
N SER B 369 -64.23 52.07 5.27
CA SER B 369 -63.85 50.86 5.97
C SER B 369 -62.49 50.36 5.49
N LYS B 370 -61.71 49.82 6.43
CA LYS B 370 -60.47 49.15 6.08
C LYS B 370 -60.65 47.65 5.98
N ILE B 371 -61.77 47.13 6.47
CA ILE B 371 -62.24 45.78 6.16
C ILE B 371 -62.85 45.78 4.77
N GLY B 372 -62.38 44.89 3.92
CA GLY B 372 -62.92 44.85 2.58
C GLY B 372 -62.46 46.04 1.78
N HIS B 373 -63.29 46.45 0.82
CA HIS B 373 -63.10 47.69 0.10
C HIS B 373 -63.97 48.75 0.74
N GLY B 374 -63.35 49.87 1.10
CA GLY B 374 -64.10 50.98 1.68
C GLY B 374 -64.97 51.61 0.63
N ARG B 375 -66.21 51.83 0.96
CA ARG B 375 -67.19 52.36 0.03
CA ARG B 375 -67.18 52.37 0.03
C ARG B 375 -67.94 53.57 0.54
N PHE B 376 -68.26 53.61 1.82
CA PHE B 376 -69.03 54.69 2.39
C PHE B 376 -68.11 55.42 3.34
N GLN B 377 -68.27 56.74 3.42
CA GLN B 377 -67.42 57.48 4.33
C GLN B 377 -68.00 57.56 5.72
N THR B 378 -69.33 57.60 5.83
CA THR B 378 -70.03 57.52 7.10
C THR B 378 -71.09 56.44 7.03
N LYS B 379 -71.65 56.12 8.19
CA LYS B 379 -72.78 55.21 8.27
C LYS B 379 -74.06 55.87 7.80
N LYS B 380 -74.08 57.19 7.72
CA LYS B 380 -75.20 57.92 7.13
C LYS B 380 -75.26 57.69 5.63
N GLU B 381 -74.13 57.39 5.01
CA GLU B 381 -74.11 57.12 3.58
C GLU B 381 -74.48 55.69 3.23
N LYS B 382 -74.29 54.75 4.16
CA LYS B 382 -74.72 53.38 3.93
C LYS B 382 -76.21 53.23 4.19
N ASN B 383 -76.79 54.05 5.05
CA ASN B 383 -78.24 54.06 5.23
C ASN B 383 -78.97 54.84 4.17
N GLN B 384 -78.27 55.45 3.21
CA GLN B 384 -78.94 56.03 2.06
C GLN B 384 -78.75 55.24 0.78
N TRP B 385 -77.68 54.46 0.66
CA TRP B 385 -77.62 53.48 -0.42
C TRP B 385 -78.64 52.38 -0.17
N PHE B 386 -78.48 51.69 0.95
CA PHE B 386 -79.40 50.68 1.43
C PHE B 386 -80.55 51.39 2.11
N GLY B 387 -81.78 51.09 1.71
CA GLY B 387 -82.91 51.67 2.40
C GLY B 387 -83.19 50.95 3.70
N PRO B 388 -84.47 50.81 4.04
CA PRO B 388 -84.83 49.86 5.11
C PRO B 388 -84.66 48.43 4.61
N LEU B 389 -83.85 47.68 5.32
CA LEU B 389 -83.61 46.28 4.97
C LEU B 389 -84.60 45.39 5.72
N LYS B 390 -84.35 44.08 5.72
CA LYS B 390 -85.30 43.16 6.34
C LYS B 390 -85.23 43.23 7.85
N LYS B 391 -84.01 43.20 8.40
CA LYS B 391 -83.80 43.30 9.84
C LYS B 391 -84.19 44.66 10.40
N ASP B 392 -84.29 45.68 9.56
CA ASP B 392 -84.81 46.97 10.01
C ASP B 392 -86.33 46.98 10.01
N ARG B 393 -86.97 46.32 9.06
CA ARG B 393 -88.43 46.28 8.98
C ARG B 393 -89.06 45.31 9.97
N ILE B 394 -88.28 44.43 10.60
CA ILE B 394 -88.79 43.65 11.72
C ILE B 394 -88.40 44.24 13.06
N ARG B 395 -87.37 45.09 13.11
CA ARG B 395 -87.14 45.91 14.30
C ARG B 395 -88.14 47.05 14.36
N ARG B 396 -88.61 47.52 13.20
CA ARG B 396 -89.68 48.51 13.18
C ARG B 396 -91.03 47.88 13.43
N GLU B 397 -91.12 46.56 13.34
CA GLU B 397 -92.34 45.82 13.66
C GLU B 397 -92.42 45.48 15.14
N GLU B 398 -91.26 45.32 15.80
CA GLU B 398 -91.24 45.16 17.24
C GLU B 398 -91.46 46.49 17.94
N ARG B 399 -91.03 47.59 17.32
CA ARG B 399 -91.17 48.92 17.91
C ARG B 399 -92.58 49.47 17.78
N LEU B 400 -93.38 48.98 16.83
CA LEU B 400 -94.80 49.30 16.81
C LEU B 400 -95.60 48.36 17.69
N ARG B 401 -95.15 47.12 17.85
CA ARG B 401 -95.86 46.18 18.70
C ARG B 401 -95.64 46.50 20.17
N LYS B 402 -94.49 47.06 20.50
CA LYS B 402 -94.06 47.45 21.86
C LYS B 402 -94.15 46.33 22.88
N ARG C 1 51.48 -45.22 48.13
CA ARG C 1 50.08 -44.88 47.88
C ARG C 1 49.28 -44.85 49.18
N PRO C 2 48.23 -44.00 49.24
CA PRO C 2 47.37 -43.98 50.43
C PRO C 2 46.52 -45.22 50.62
N SER C 3 45.64 -45.21 51.62
CA SER C 3 44.78 -46.36 51.88
C SER C 3 43.51 -45.88 52.56
N VAL C 4 42.42 -46.61 52.30
CA VAL C 4 41.15 -46.34 52.94
C VAL C 4 40.83 -47.52 53.84
N SER C 5 39.90 -47.32 54.75
CA SER C 5 39.39 -48.39 55.59
C SER C 5 38.10 -48.95 55.00
N VAL C 6 37.71 -50.12 55.51
CA VAL C 6 36.50 -50.80 55.11
C VAL C 6 35.68 -51.00 56.37
N TYR C 7 34.51 -50.39 56.42
CA TYR C 7 33.69 -50.42 57.62
C TYR C 7 32.63 -51.51 57.50
N SER C 8 32.01 -51.83 58.63
CA SER C 8 31.22 -53.05 58.68
C SER C 8 29.76 -52.76 58.35
N ALA C 9 29.02 -53.83 58.11
CA ALA C 9 27.63 -53.77 57.70
C ALA C 9 26.67 -53.67 58.87
N SER C 10 27.15 -53.86 60.09
CA SER C 10 26.27 -53.92 61.25
C SER C 10 26.84 -53.25 62.49
N SER C 11 28.00 -52.61 62.41
CA SER C 11 28.69 -52.18 63.61
C SER C 11 29.59 -51.00 63.29
N ASP C 12 29.94 -50.26 64.34
CA ASP C 12 30.92 -49.19 64.23
C ASP C 12 32.29 -49.80 64.48
N SER C 13 32.81 -50.46 63.44
CA SER C 13 34.12 -51.08 63.49
C SER C 13 34.63 -51.25 62.06
N VAL C 14 35.86 -51.73 61.94
CA VAL C 14 36.46 -51.96 60.65
C VAL C 14 36.56 -53.46 60.41
N VAL C 15 36.60 -53.85 59.14
CA VAL C 15 36.85 -55.24 58.78
C VAL C 15 38.04 -55.41 57.86
N GLY C 16 38.61 -54.34 57.34
CA GLY C 16 39.77 -54.46 56.48
C GLY C 16 40.23 -53.12 55.97
N THR C 17 40.94 -53.15 54.84
CA THR C 17 41.44 -51.93 54.22
C THR C 17 41.60 -52.15 52.73
N CYS C 18 41.55 -51.04 51.99
CA CYS C 18 41.72 -51.00 50.55
C CYS C 18 42.73 -49.92 50.19
N PRO C 19 43.55 -50.14 49.15
CA PRO C 19 44.69 -49.24 48.90
C PRO C 19 44.41 -47.94 48.15
N LEU C 20 43.15 -47.47 48.07
CA LEU C 20 42.73 -46.23 47.41
C LEU C 20 43.17 -46.17 45.95
N PRO C 21 42.39 -46.74 45.02
CA PRO C 21 42.75 -46.73 43.60
C PRO C 21 43.00 -45.34 43.03
N ALA C 22 43.69 -45.33 41.88
CA ALA C 22 44.28 -44.11 41.34
C ALA C 22 43.26 -43.15 40.74
N VAL C 23 41.99 -43.54 40.62
CA VAL C 23 41.03 -42.69 39.93
C VAL C 23 40.50 -41.59 40.81
N PHE C 24 40.76 -41.65 42.11
CA PHE C 24 40.34 -40.63 43.03
C PHE C 24 41.36 -39.52 43.15
N THR C 25 42.55 -39.68 42.58
CA THR C 25 43.56 -38.64 42.49
C THR C 25 43.63 -38.03 41.10
N ALA C 26 42.93 -38.60 40.13
CA ALA C 26 42.87 -38.10 38.77
C ALA C 26 42.20 -36.73 38.77
N PRO C 27 42.48 -35.88 37.77
CA PRO C 27 42.05 -34.48 37.86
C PRO C 27 40.54 -34.27 37.82
N ILE C 28 40.09 -33.31 38.61
CA ILE C 28 38.69 -32.94 38.68
C ILE C 28 38.48 -31.78 37.73
N ARG C 29 37.63 -31.99 36.74
CA ARG C 29 37.32 -30.99 35.72
C ARG C 29 35.85 -30.64 35.84
N ASN C 30 35.55 -29.49 36.44
CA ASN C 30 34.15 -29.09 36.53
C ASN C 30 33.57 -28.72 35.17
N ASP C 31 34.41 -28.31 34.22
CA ASP C 31 33.95 -27.85 32.93
C ASP C 31 33.61 -28.98 31.97
N ILE C 32 34.34 -30.09 32.06
CA ILE C 32 34.05 -31.22 31.18
C ILE C 32 32.82 -31.96 31.67
N VAL C 33 32.67 -32.08 32.99
CA VAL C 33 31.47 -32.66 33.56
C VAL C 33 30.25 -31.82 33.22
N LYS C 34 30.40 -30.49 33.26
CA LYS C 34 29.34 -29.59 32.82
C LYS C 34 29.06 -29.75 31.34
N PHE C 35 30.11 -29.98 30.55
CA PHE C 35 29.94 -30.18 29.13
C PHE C 35 29.25 -31.50 28.82
N VAL C 36 29.68 -32.57 29.48
CA VAL C 36 29.16 -33.88 29.10
C VAL C 36 27.76 -34.10 29.67
N HIS C 37 27.50 -33.64 30.90
CA HIS C 37 26.16 -33.74 31.47
C HIS C 37 25.12 -32.94 30.68
N THR C 38 25.53 -31.81 30.10
CA THR C 38 24.64 -31.02 29.26
C THR C 38 24.22 -31.79 28.02
N ASN C 39 25.15 -32.49 27.39
CA ASN C 39 24.95 -33.12 26.11
C ASN C 39 24.53 -34.58 26.21
N MET C 40 24.77 -35.21 27.36
CA MET C 40 24.34 -36.59 27.57
C MET C 40 22.89 -36.63 28.06
N ALA C 41 22.43 -35.56 28.71
CA ALA C 41 21.05 -35.46 29.17
C ALA C 41 20.09 -35.07 28.06
N LYS C 42 20.59 -34.76 26.87
CA LYS C 42 19.73 -34.52 25.73
C LYS C 42 19.37 -35.80 25.02
N ASN C 43 20.05 -36.89 25.35
CA ASN C 43 19.80 -38.17 24.69
C ASN C 43 18.60 -38.89 25.25
N SER C 44 18.36 -38.77 26.56
CA SER C 44 17.16 -39.30 27.19
C SER C 44 16.07 -38.24 27.10
N ARG C 45 15.61 -38.02 25.87
CA ARG C 45 14.72 -36.93 25.55
C ARG C 45 13.95 -37.27 24.29
N GLN C 46 12.63 -37.22 24.41
CA GLN C 46 11.68 -37.73 23.43
C GLN C 46 11.12 -36.56 22.62
N ALA C 47 10.87 -36.80 21.34
CA ALA C 47 10.64 -35.74 20.36
C ALA C 47 9.24 -35.15 20.49
N TYR C 48 9.10 -33.92 20.01
CA TYR C 48 7.81 -33.26 19.92
C TYR C 48 7.75 -32.38 18.68
N ALA C 49 6.55 -32.17 18.18
CA ALA C 49 6.26 -31.34 17.02
C ALA C 49 4.78 -31.06 16.98
N VAL C 50 4.39 -30.01 16.29
CA VAL C 50 2.99 -29.77 16.01
C VAL C 50 2.66 -30.51 14.74
N ASN C 51 1.37 -30.74 14.49
CA ASN C 51 0.96 -31.34 13.24
C ASN C 51 1.20 -30.36 12.10
N ARG C 52 1.56 -30.89 10.94
CA ARG C 52 2.00 -30.06 9.84
C ARG C 52 0.86 -29.51 9.00
N LEU C 53 -0.38 -29.82 9.36
CA LEU C 53 -1.55 -29.24 8.72
C LEU C 53 -2.27 -28.28 9.63
N SER C 54 -1.68 -27.96 10.78
CA SER C 54 -2.36 -27.20 11.81
C SER C 54 -2.31 -25.71 11.51
N GLY C 55 -3.46 -25.07 11.63
CA GLY C 55 -3.60 -23.67 11.31
C GLY C 55 -3.71 -23.37 9.85
N MET C 56 -3.59 -24.37 8.99
CA MET C 56 -3.53 -24.19 7.55
C MET C 56 -4.62 -24.97 6.83
N ASN C 57 -5.58 -25.53 7.56
CA ASN C 57 -6.55 -26.45 6.98
C ASN C 57 -7.83 -25.73 6.58
N HIS C 58 -7.73 -24.46 6.26
CA HIS C 58 -8.82 -23.67 5.75
C HIS C 58 -8.58 -23.40 4.27
N SER C 59 -9.60 -22.87 3.62
CA SER C 59 -9.56 -22.50 2.21
C SER C 59 -9.52 -21.00 2.07
N ALA C 60 -8.76 -20.35 2.94
CA ALA C 60 -8.77 -18.90 3.07
C ALA C 60 -8.00 -18.23 1.94
N HIS C 61 -8.51 -17.10 1.47
CA HIS C 61 -7.79 -16.28 0.52
C HIS C 61 -7.88 -14.83 0.95
N SER C 62 -6.91 -14.05 0.51
CA SER C 62 -6.92 -12.62 0.77
C SER C 62 -8.03 -11.95 -0.01
N TRP C 63 -8.71 -10.99 0.63
CA TRP C 63 -9.69 -10.19 -0.09
C TRP C 63 -9.06 -9.17 -1.01
N GLY C 64 -7.74 -9.05 -1.02
CA GLY C 64 -7.08 -8.15 -1.93
C GLY C 64 -6.99 -6.77 -1.34
N THR C 65 -7.25 -5.75 -2.15
CA THR C 65 -7.16 -4.38 -1.71
C THR C 65 -8.27 -3.60 -2.39
N GLY C 66 -8.81 -2.61 -1.70
CA GLY C 66 -10.00 -1.90 -2.14
C GLY C 66 -11.11 -1.92 -1.12
N ARG C 67 -10.99 -2.76 -0.11
CA ARG C 67 -11.80 -2.72 1.09
C ARG C 67 -10.92 -2.18 2.20
N ALA C 68 -11.53 -1.62 3.24
CA ALA C 68 -10.72 -1.08 4.33
C ALA C 68 -10.33 -2.15 5.33
N VAL C 69 -9.77 -3.26 4.85
CA VAL C 69 -9.30 -4.37 5.67
C VAL C 69 -7.89 -4.69 5.24
N ALA C 70 -7.10 -5.23 6.18
CA ALA C 70 -5.69 -5.52 5.95
C ALA C 70 -5.51 -6.67 4.96
N ARG C 71 -4.36 -6.73 4.32
CA ARG C 71 -4.09 -7.70 3.26
C ARG C 71 -3.58 -8.97 3.92
N ILE C 72 -4.51 -9.78 4.40
CA ILE C 72 -4.20 -11.12 4.91
C ILE C 72 -5.21 -12.09 4.34
N PRO C 73 -4.86 -13.39 4.32
CA PRO C 73 -5.87 -14.39 3.95
C PRO C 73 -7.02 -14.44 4.94
N ARG C 74 -8.23 -14.57 4.40
CA ARG C 74 -9.44 -14.54 5.20
C ARG C 74 -10.33 -15.73 4.84
N ILE C 75 -11.06 -16.23 5.84
CA ILE C 75 -11.86 -17.45 5.70
C ILE C 75 -12.98 -17.24 4.70
N SER C 76 -13.13 -18.20 3.79
CA SER C 76 -14.16 -18.15 2.76
C SER C 76 -15.52 -18.56 3.32
N GLY C 77 -16.56 -18.26 2.56
CA GLY C 77 -17.90 -18.63 2.94
C GLY C 77 -18.59 -17.55 3.74
N GLY C 78 -19.72 -17.95 4.33
CA GLY C 78 -20.48 -17.04 5.16
C GLY C 78 -21.38 -17.82 6.09
N GLY C 79 -22.19 -17.09 6.84
CA GLY C 79 -23.16 -17.70 7.71
C GLY C 79 -22.59 -18.21 9.01
N THR C 80 -21.34 -17.98 9.28
CA THR C 80 -20.71 -18.43 10.49
C THR C 80 -19.81 -17.32 11.00
N SER C 81 -19.47 -17.38 12.28
CA SER C 81 -18.75 -16.29 12.90
C SER C 81 -17.28 -16.27 12.52
N THR C 82 -16.75 -17.36 11.99
CA THR C 82 -15.38 -17.41 11.55
C THR C 82 -15.21 -16.95 10.11
N SER C 83 -16.30 -16.67 9.41
CA SER C 83 -16.23 -16.37 7.99
C SER C 83 -15.86 -14.91 7.78
N GLY C 84 -14.86 -14.68 6.94
CA GLY C 84 -14.24 -13.39 6.83
C GLY C 84 -13.13 -13.14 7.80
N ALA C 85 -13.00 -13.96 8.85
CA ALA C 85 -11.94 -13.79 9.82
C ALA C 85 -10.60 -14.15 9.20
N GLY C 86 -9.56 -13.52 9.71
CA GLY C 86 -8.24 -13.69 9.14
C GLY C 86 -7.68 -15.06 9.42
N ALA C 87 -6.78 -15.49 8.54
CA ALA C 87 -6.19 -16.81 8.65
C ALA C 87 -4.77 -16.77 8.14
N PHE C 88 -4.04 -17.85 8.41
CA PHE C 88 -2.74 -18.20 7.83
C PHE C 88 -1.69 -17.14 8.16
N GLY C 89 -1.36 -17.05 9.43
CA GLY C 89 -0.26 -16.18 9.83
C GLY C 89 0.07 -16.51 11.26
N ASN C 90 1.22 -16.02 11.70
CA ASN C 90 1.57 -16.26 13.09
C ASN C 90 0.75 -15.40 14.05
N MET C 91 0.11 -14.34 13.55
CA MET C 91 -0.61 -13.40 14.40
C MET C 91 -2.12 -13.57 14.38
N CYS C 92 -2.67 -14.29 13.42
CA CYS C 92 -4.09 -14.60 13.39
C CYS C 92 -4.39 -15.70 14.40
N ARG C 93 -5.62 -15.70 14.96
CA ARG C 93 -6.01 -16.80 15.83
C ARG C 93 -6.52 -17.91 14.94
N GLY C 94 -6.35 -19.14 15.38
CA GLY C 94 -6.63 -20.28 14.55
C GLY C 94 -5.69 -20.47 13.38
N GLY C 95 -4.64 -19.67 13.27
CA GLY C 95 -3.66 -19.80 12.23
C GLY C 95 -2.46 -20.55 12.73
N ARG C 96 -1.43 -20.60 11.91
CA ARG C 96 -0.32 -21.45 12.25
CA ARG C 96 -0.27 -21.43 12.15
C ARG C 96 0.80 -20.66 12.92
N MET C 97 1.50 -21.34 13.81
CA MET C 97 2.57 -20.74 14.57
C MET C 97 3.73 -20.37 13.66
N PHE C 98 4.51 -19.39 14.09
CA PHE C 98 5.77 -19.13 13.42
C PHE C 98 6.72 -20.29 13.58
N ALA C 99 7.26 -20.74 12.43
CA ALA C 99 8.25 -21.78 12.27
C ALA C 99 7.81 -23.01 13.01
N PRO C 100 6.81 -23.74 12.51
CA PRO C 100 6.25 -24.85 13.28
C PRO C 100 7.28 -25.95 13.49
N THR C 101 7.22 -26.55 14.67
CA THR C 101 8.29 -27.42 15.12
C THR C 101 8.27 -28.74 14.35
N LYS C 102 9.45 -29.32 14.19
CA LYS C 102 9.67 -30.48 13.35
C LYS C 102 10.25 -31.60 14.19
N ILE C 103 10.03 -32.85 13.75
CA ILE C 103 10.57 -33.97 14.51
C ILE C 103 12.01 -34.27 14.13
N PHE C 104 12.52 -33.67 13.05
CA PHE C 104 13.91 -33.84 12.64
C PHE C 104 14.80 -32.76 13.18
N ARG C 105 14.44 -32.20 14.33
CA ARG C 105 15.30 -31.34 15.11
C ARG C 105 16.43 -32.16 15.69
N ARG C 106 17.55 -31.52 16.03
CA ARG C 106 18.62 -32.23 16.71
C ARG C 106 18.19 -32.42 18.15
N TRP C 107 17.89 -33.66 18.51
CA TRP C 107 17.49 -33.99 19.88
C TRP C 107 18.66 -34.56 20.65
N HIS C 108 19.30 -35.57 20.08
CA HIS C 108 20.39 -36.31 20.65
C HIS C 108 21.72 -35.68 20.26
N ARG C 109 22.68 -35.74 21.18
CA ARG C 109 24.02 -35.24 20.96
C ARG C 109 24.99 -36.39 21.09
N LYS C 110 26.12 -36.30 20.41
CA LYS C 110 27.16 -37.31 20.54
C LYS C 110 28.43 -36.67 21.11
N ILE C 111 29.01 -37.33 22.11
CA ILE C 111 30.17 -36.86 22.84
C ILE C 111 31.29 -37.85 22.55
N ASN C 112 32.53 -37.34 22.45
CA ASN C 112 33.67 -38.20 22.22
C ASN C 112 33.83 -39.21 23.34
N LEU C 113 34.37 -40.38 23.00
CA LEU C 113 34.42 -41.49 23.95
C LEU C 113 35.43 -41.23 25.06
N HIS C 114 36.57 -40.63 24.73
CA HIS C 114 37.53 -40.27 25.78
C HIS C 114 37.04 -39.12 26.63
N GLN C 115 36.23 -38.24 26.07
CA GLN C 115 35.79 -37.09 26.82
C GLN C 115 34.56 -37.41 27.67
N LYS C 116 33.87 -38.50 27.39
CA LYS C 116 32.93 -39.10 28.33
C LYS C 116 33.60 -39.87 29.43
N ARG C 117 34.72 -40.51 29.14
CA ARG C 117 35.47 -41.22 30.16
C ARG C 117 36.17 -40.27 31.11
N PHE C 118 36.75 -39.19 30.60
CA PHE C 118 37.40 -38.21 31.45
C PHE C 118 36.41 -37.32 32.19
N ALA C 119 35.13 -37.41 31.88
CA ALA C 119 34.14 -36.76 32.72
C ALA C 119 33.58 -37.69 33.79
N VAL C 120 33.46 -38.99 33.51
CA VAL C 120 33.10 -39.94 34.56
C VAL C 120 34.18 -40.05 35.61
N VAL C 121 35.45 -40.01 35.21
CA VAL C 121 36.58 -40.05 36.13
C VAL C 121 36.63 -38.80 37.01
N SER C 122 36.32 -37.63 36.45
CA SER C 122 36.43 -36.39 37.21
C SER C 122 35.33 -36.26 38.25
N ALA C 123 34.12 -36.70 37.93
CA ALA C 123 33.06 -36.76 38.93
C ALA C 123 33.27 -37.88 39.92
N LEU C 124 34.07 -38.86 39.58
CA LEU C 124 34.36 -39.95 40.49
C LEU C 124 35.53 -39.60 41.39
N ALA C 125 36.42 -38.74 40.93
CA ALA C 125 37.50 -38.25 41.77
C ALA C 125 36.99 -37.31 42.85
N ALA C 126 35.94 -36.56 42.55
CA ALA C 126 35.38 -35.58 43.47
C ALA C 126 34.49 -36.18 44.53
N SER C 127 34.06 -37.43 44.36
CA SER C 127 33.36 -38.10 45.44
C SER C 127 34.30 -38.48 46.59
N SER C 128 35.60 -38.59 46.31
CA SER C 128 36.57 -38.82 47.37
C SER C 128 36.88 -37.57 48.17
N VAL C 129 36.67 -36.39 47.60
CA VAL C 129 36.89 -35.14 48.31
C VAL C 129 35.69 -34.89 49.21
N PRO C 130 35.87 -34.83 50.52
CA PRO C 130 34.73 -34.63 51.42
C PRO C 130 34.25 -33.19 51.49
N SER C 131 35.00 -32.26 50.92
CA SER C 131 34.61 -30.85 50.88
C SER C 131 33.64 -30.58 49.77
N LEU C 132 33.71 -31.35 48.69
CA LEU C 132 32.86 -31.18 47.53
C LEU C 132 31.59 -31.98 47.63
N VAL C 133 31.63 -33.13 48.31
CA VAL C 133 30.44 -33.90 48.63
C VAL C 133 29.57 -33.12 49.62
N MET C 134 30.21 -32.38 50.52
CA MET C 134 29.49 -31.61 51.52
C MET C 134 28.93 -30.31 50.97
N SER C 135 29.59 -29.74 49.96
CA SER C 135 29.15 -28.48 49.37
C SER C 135 28.18 -28.72 48.23
N ARG C 136 27.65 -29.93 48.15
CA ARG C 136 26.74 -30.30 47.09
C ARG C 136 25.39 -30.70 47.68
N GLY C 137 25.28 -30.77 48.99
CA GLY C 137 24.03 -30.98 49.66
C GLY C 137 24.02 -32.13 50.63
N HIS C 138 24.95 -33.07 50.48
CA HIS C 138 24.86 -34.34 51.20
C HIS C 138 25.21 -34.16 52.66
N ARG C 139 24.44 -34.84 53.52
CA ARG C 139 24.60 -34.74 54.97
C ARG C 139 25.51 -35.88 55.42
N ILE C 140 26.82 -35.64 55.32
CA ILE C 140 27.77 -36.70 55.58
C ILE C 140 28.48 -36.45 56.91
N ASP C 141 27.81 -35.75 57.82
CA ASP C 141 28.43 -35.28 59.06
C ASP C 141 28.73 -36.38 60.06
N ASN C 142 28.10 -37.55 59.93
CA ASN C 142 28.37 -38.67 60.83
C ASN C 142 29.06 -39.84 60.15
N VAL C 143 29.36 -39.72 58.86
CA VAL C 143 29.91 -40.80 58.04
C VAL C 143 31.32 -41.15 58.54
N PRO C 144 31.68 -42.43 58.65
CA PRO C 144 33.03 -42.81 59.10
C PRO C 144 34.15 -42.24 58.24
N GLU C 145 34.19 -42.54 56.94
CA GLU C 145 35.27 -42.10 56.07
C GLU C 145 34.69 -41.70 54.72
N VAL C 146 35.37 -40.80 54.03
CA VAL C 146 35.12 -40.51 52.61
C VAL C 146 36.42 -40.77 51.86
N PRO C 147 36.48 -41.73 50.91
CA PRO C 147 35.45 -42.64 50.38
C PRO C 147 35.01 -43.71 51.36
N LEU C 148 33.70 -43.74 51.61
CA LEU C 148 33.13 -44.78 52.46
C LEU C 148 33.16 -46.08 51.70
N VAL C 149 33.57 -47.16 52.38
CA VAL C 149 33.61 -48.50 51.79
C VAL C 149 33.06 -49.47 52.84
N VAL C 150 32.05 -50.24 52.46
CA VAL C 150 31.48 -51.26 53.33
C VAL C 150 31.82 -52.63 52.76
N GLU C 151 31.56 -53.66 53.55
CA GLU C 151 31.77 -55.03 53.14
C GLU C 151 30.60 -55.53 52.28
N ASP C 152 30.71 -56.76 51.79
CA ASP C 152 29.76 -57.31 50.84
C ASP C 152 28.68 -58.16 51.48
N SER C 153 28.51 -58.06 52.79
CA SER C 153 27.44 -58.79 53.45
C SER C 153 26.09 -58.16 53.18
N ILE C 154 26.06 -56.89 52.74
CA ILE C 154 24.81 -56.22 52.41
C ILE C 154 24.23 -56.64 51.08
N GLN C 155 24.97 -57.44 50.32
CA GLN C 155 24.49 -57.95 49.04
C GLN C 155 23.77 -59.30 49.22
N GLY C 156 23.34 -59.59 50.44
CA GLY C 156 22.59 -60.79 50.75
C GLY C 156 21.42 -60.51 51.66
N TYR C 157 21.21 -59.23 51.99
CA TYR C 157 20.04 -58.81 52.74
C TYR C 157 18.78 -59.00 51.90
N GLU C 158 17.71 -59.48 52.53
CA GLU C 158 16.48 -59.79 51.82
C GLU C 158 15.26 -59.11 52.44
N LYS C 159 15.46 -58.25 53.43
CA LYS C 159 14.39 -57.49 54.04
C LYS C 159 14.79 -56.03 54.05
N THR C 160 13.83 -55.16 53.78
CA THR C 160 14.12 -53.72 53.74
C THR C 160 14.35 -53.18 55.14
N LYS C 161 13.77 -53.80 56.16
CA LYS C 161 14.05 -53.44 57.54
C LYS C 161 15.49 -53.73 57.95
N GLU C 162 16.18 -54.61 57.23
CA GLU C 162 17.57 -54.91 57.49
C GLU C 162 18.50 -53.99 56.72
N ALA C 163 18.09 -53.57 55.51
CA ALA C 163 18.81 -52.54 54.77
C ALA C 163 18.74 -51.19 55.46
N MET C 164 17.63 -50.90 56.15
CA MET C 164 17.49 -49.64 56.86
C MET C 164 18.35 -49.58 58.11
N ALA C 165 18.61 -50.72 58.75
CA ALA C 165 19.53 -50.75 59.87
C ALA C 165 20.98 -50.65 59.42
N PHE C 166 21.27 -51.01 58.17
CA PHE C 166 22.59 -50.78 57.62
C PHE C 166 22.90 -49.30 57.46
N LEU C 167 21.95 -48.51 56.95
CA LEU C 167 22.19 -47.09 56.75
C LEU C 167 22.22 -46.33 58.06
N LYS C 168 21.54 -46.86 59.08
CA LYS C 168 21.62 -46.29 60.42
C LYS C 168 22.98 -46.57 61.05
N ALA C 169 23.58 -47.72 60.73
CA ALA C 169 24.85 -48.12 61.31
C ALA C 169 26.04 -47.56 60.56
N ILE C 170 25.93 -47.39 59.25
CA ILE C 170 27.01 -46.77 58.48
C ILE C 170 26.83 -45.24 58.43
N ALA C 171 25.80 -44.73 59.11
CA ALA C 171 25.51 -43.30 59.28
C ALA C 171 25.28 -42.60 57.93
N ALA C 172 24.64 -43.31 57.01
CA ALA C 172 24.17 -42.75 55.75
C ALA C 172 22.66 -42.60 55.75
N ILE C 173 22.04 -42.61 56.94
CA ILE C 173 20.61 -42.42 57.05
C ILE C 173 20.27 -40.95 57.20
N ASP C 174 21.27 -40.11 57.47
CA ASP C 174 21.05 -38.67 57.50
C ASP C 174 20.91 -38.06 56.12
N ASP C 175 21.17 -38.81 55.06
CA ASP C 175 20.96 -38.32 53.71
C ASP C 175 19.78 -39.00 53.03
N VAL C 176 19.32 -40.13 53.56
CA VAL C 176 18.03 -40.67 53.19
C VAL C 176 16.91 -39.87 53.85
N ASN C 177 17.11 -39.44 55.10
CA ASN C 177 16.17 -38.53 55.75
C ASN C 177 16.31 -37.09 55.30
N ARG C 178 17.22 -36.79 54.38
CA ARG C 178 17.18 -35.50 53.70
C ARG C 178 16.27 -35.57 52.48
N VAL C 179 16.17 -36.74 51.86
CA VAL C 179 15.36 -36.91 50.66
C VAL C 179 13.89 -37.09 51.01
N ASN C 180 13.57 -37.78 52.11
CA ASN C 180 12.21 -37.93 52.56
C ASN C 180 11.55 -36.61 52.93
N ASP C 181 12.32 -35.68 53.50
CA ASP C 181 11.75 -34.40 53.88
C ASP C 181 11.48 -33.51 52.67
N SER C 182 12.31 -33.65 51.64
CA SER C 182 12.22 -32.79 50.48
C SER C 182 11.19 -33.27 49.47
N ARG C 183 10.49 -34.37 49.76
CA ARG C 183 9.45 -34.83 48.87
C ARG C 183 8.28 -33.87 48.90
N GLU C 184 8.06 -33.18 47.80
CA GLU C 184 6.96 -32.25 47.69
C GLU C 184 6.35 -32.41 46.31
N ILE C 185 5.28 -31.70 46.09
CA ILE C 185 4.68 -31.62 44.76
C ILE C 185 5.46 -30.59 43.96
N ARG C 186 5.79 -30.94 42.71
CA ARG C 186 6.55 -30.06 41.83
C ARG C 186 5.78 -28.78 41.52
N ALA C 187 6.51 -27.67 41.42
CA ALA C 187 5.95 -26.39 40.98
C ALA C 187 5.80 -26.39 39.48
N GLY C 188 4.69 -25.84 39.00
CA GLY C 188 4.55 -25.51 37.61
C GLY C 188 3.67 -26.47 36.84
N ARG C 189 3.82 -26.39 35.52
CA ARG C 189 3.05 -27.18 34.57
C ARG C 189 3.41 -28.65 34.59
N GLY C 190 4.66 -28.98 34.90
CA GLY C 190 5.21 -30.32 34.80
C GLY C 190 4.49 -31.38 35.60
N LYS C 191 3.78 -31.00 36.67
CA LYS C 191 3.05 -32.02 37.42
C LYS C 191 1.80 -32.50 36.69
N MET C 192 1.25 -31.72 35.76
CA MET C 192 0.30 -32.26 34.81
C MET C 192 0.95 -33.21 33.82
N ARG C 193 2.26 -33.18 33.68
CA ARG C 193 2.99 -33.88 32.64
C ARG C 193 3.83 -35.01 33.20
N ASN C 194 3.25 -35.74 34.17
CA ASN C 194 3.79 -36.97 34.76
C ASN C 194 5.07 -36.73 35.52
N ARG C 195 5.16 -35.58 36.18
CA ARG C 195 6.32 -35.20 36.97
CA ARG C 195 6.32 -35.20 36.97
C ARG C 195 5.89 -34.59 38.29
N ARG C 196 4.85 -35.14 38.93
CA ARG C 196 4.21 -34.65 40.15
C ARG C 196 5.15 -34.32 41.29
N TYR C 197 6.00 -35.27 41.67
CA TYR C 197 6.77 -35.15 42.88
C TYR C 197 8.25 -34.99 42.57
N VAL C 198 8.92 -34.21 43.40
CA VAL C 198 10.35 -34.00 43.30
C VAL C 198 10.97 -34.35 44.65
N ALA C 199 12.15 -34.94 44.62
CA ALA C 199 12.95 -35.22 45.79
C ALA C 199 14.39 -34.82 45.50
N ARG C 200 15.26 -35.00 46.48
CA ARG C 200 16.66 -34.72 46.25
C ARG C 200 17.40 -36.03 45.96
N ARG C 201 18.61 -35.90 45.47
CA ARG C 201 19.48 -37.04 45.23
C ARG C 201 20.25 -37.35 46.48
N GLY C 202 20.05 -38.56 47.01
CA GLY C 202 20.68 -38.99 48.23
C GLY C 202 21.96 -39.75 47.94
N PRO C 203 22.25 -40.77 48.75
CA PRO C 203 23.45 -41.56 48.51
C PRO C 203 23.26 -42.55 47.37
N MET C 204 24.32 -42.72 46.59
CA MET C 204 24.42 -43.79 45.63
C MET C 204 25.01 -45.00 46.31
N LEU C 205 24.49 -46.18 46.04
CA LEU C 205 25.07 -47.42 46.52
C LEU C 205 25.63 -48.19 45.33
N VAL C 206 26.94 -48.32 45.28
CA VAL C 206 27.60 -49.04 44.21
C VAL C 206 27.87 -50.47 44.66
N MET C 207 27.26 -51.42 43.98
CA MET C 207 27.33 -52.87 44.02
C MET C 207 28.42 -53.36 43.08
N PRO C 208 29.01 -54.53 43.33
CA PRO C 208 29.99 -55.06 42.38
C PRO C 208 29.36 -55.58 41.10
N ASN C 209 28.12 -56.05 41.17
CA ASN C 209 27.41 -56.58 40.01
C ASN C 209 25.92 -56.33 40.22
N ASN C 210 25.09 -57.03 39.45
CA ASN C 210 23.67 -56.77 39.38
C ASN C 210 22.86 -57.36 40.53
N LYS C 211 23.47 -58.14 41.41
CA LYS C 211 22.72 -58.93 42.38
C LYS C 211 22.70 -58.26 43.74
N GLY C 212 21.84 -58.80 44.61
CA GLY C 212 21.75 -58.33 45.98
C GLY C 212 21.04 -57.02 46.18
N THR C 213 20.28 -56.56 45.20
CA THR C 213 19.65 -55.25 45.30
C THR C 213 18.32 -55.26 46.03
N ARG C 214 17.70 -56.43 46.21
CA ARG C 214 16.30 -56.55 46.59
C ARG C 214 15.92 -55.91 47.92
N ALA C 215 16.83 -55.90 48.89
CA ALA C 215 16.56 -55.20 50.14
C ALA C 215 16.64 -53.69 49.98
N PHE C 216 17.31 -53.19 48.95
CA PHE C 216 17.58 -51.77 48.81
C PHE C 216 16.69 -51.09 47.79
N ARG C 217 15.89 -51.85 47.04
CA ARG C 217 15.13 -51.26 45.94
C ARG C 217 13.99 -50.39 46.44
N ASN C 218 13.51 -50.64 47.65
CA ASN C 218 12.30 -49.95 48.06
C ASN C 218 12.57 -48.69 48.85
N ILE C 219 13.81 -48.45 49.28
CA ILE C 219 14.09 -47.28 50.11
C ILE C 219 14.05 -46.03 49.24
N PHE C 220 13.17 -45.10 49.59
CA PHE C 220 13.06 -43.83 48.90
C PHE C 220 14.24 -42.95 49.28
N GLY C 221 15.13 -42.70 48.33
CA GLY C 221 16.26 -41.85 48.60
C GLY C 221 17.60 -42.47 48.28
N LEU C 222 17.77 -43.74 48.61
CA LEU C 222 18.99 -44.48 48.29
C LEU C 222 18.95 -44.91 46.83
N ASP C 223 19.97 -44.52 46.08
CA ASP C 223 20.13 -44.97 44.70
C ASP C 223 21.13 -46.11 44.63
N LEU C 224 20.89 -47.01 43.69
CA LEU C 224 21.74 -48.16 43.46
C LEU C 224 22.53 -47.95 42.19
N ALA C 225 23.66 -48.65 42.09
CA ALA C 225 24.50 -48.54 40.91
C ALA C 225 25.27 -49.83 40.74
N ASN C 226 25.84 -49.99 39.56
CA ASN C 226 26.75 -51.09 39.24
C ASN C 226 28.07 -50.46 38.83
N VAL C 227 29.17 -51.05 39.28
CA VAL C 227 30.46 -50.42 39.06
C VAL C 227 30.95 -50.65 37.64
N SER C 228 30.48 -51.72 36.97
CA SER C 228 30.87 -51.96 35.60
C SER C 228 30.21 -50.97 34.65
N ALA C 229 29.10 -50.36 35.04
CA ALA C 229 28.39 -49.36 34.25
C ALA C 229 28.04 -48.19 35.15
N LEU C 230 28.95 -47.24 35.31
CA LEU C 230 28.71 -46.05 36.11
C LEU C 230 28.29 -44.90 35.21
N ASN C 231 27.19 -44.26 35.57
CA ASN C 231 26.54 -43.23 34.78
C ASN C 231 26.99 -41.87 35.30
N LEU C 232 27.28 -40.95 34.38
CA LEU C 232 27.63 -39.60 34.80
C LEU C 232 26.40 -38.81 35.20
N LEU C 233 25.22 -39.19 34.70
CA LEU C 233 23.96 -38.58 35.12
C LEU C 233 23.68 -38.79 36.59
N HIS C 234 24.29 -39.79 37.19
CA HIS C 234 24.12 -40.10 38.59
C HIS C 234 25.36 -39.80 39.42
N LEU C 235 26.56 -39.87 38.84
CA LEU C 235 27.76 -39.51 39.59
C LEU C 235 27.90 -38.02 39.77
N ALA C 236 27.33 -37.22 38.87
CA ALA C 236 27.28 -35.76 39.05
C ALA C 236 25.94 -35.23 38.58
N PRO C 237 24.87 -35.44 39.34
CA PRO C 237 23.55 -34.99 38.87
C PRO C 237 23.36 -33.50 39.08
N GLY C 238 22.88 -32.84 38.04
CA GLY C 238 22.76 -31.40 38.02
C GLY C 238 23.87 -30.71 37.29
N GLY C 239 24.89 -31.45 36.88
CA GLY C 239 26.14 -30.88 36.42
C GLY C 239 27.13 -30.67 37.53
N HIS C 240 26.78 -31.00 38.76
CA HIS C 240 27.58 -30.66 39.93
C HIS C 240 28.28 -31.90 40.43
N VAL C 241 29.61 -31.86 40.49
CA VAL C 241 30.37 -33.02 40.94
C VAL C 241 30.22 -33.19 42.44
N GLY C 242 30.55 -34.40 42.91
CA GLY C 242 30.53 -34.68 44.32
C GLY C 242 29.27 -35.35 44.85
N ARG C 243 28.88 -36.46 44.24
CA ARG C 243 27.81 -37.30 44.75
C ARG C 243 28.34 -38.10 45.92
N PHE C 244 27.52 -38.32 46.95
CA PHE C 244 27.91 -39.22 48.02
C PHE C 244 27.64 -40.66 47.62
N VAL C 245 28.67 -41.49 47.66
CA VAL C 245 28.66 -42.86 47.15
C VAL C 245 29.15 -43.78 48.29
N ILE C 246 28.54 -44.97 48.40
CA ILE C 246 28.74 -45.84 49.55
C ILE C 246 29.76 -46.95 49.29
N TRP C 247 29.88 -47.41 48.04
CA TRP C 247 31.01 -48.25 47.59
C TRP C 247 31.25 -49.58 48.32
N THR C 248 30.52 -50.66 48.02
CA THR C 248 30.87 -51.97 48.57
C THR C 248 32.32 -52.41 48.33
N LYS C 249 32.76 -53.42 49.09
CA LYS C 249 34.16 -53.84 49.14
C LYS C 249 34.70 -54.30 47.80
N SER C 250 33.99 -55.20 47.13
CA SER C 250 34.46 -55.75 45.87
C SER C 250 34.04 -54.94 44.66
N ALA C 251 33.28 -53.87 44.84
CA ALA C 251 33.13 -52.87 43.80
C ALA C 251 34.23 -51.83 43.87
N PHE C 252 35.03 -51.85 44.93
CA PHE C 252 36.07 -50.87 45.15
C PHE C 252 37.44 -51.46 44.85
N GLU C 253 37.56 -52.78 44.90
CA GLU C 253 38.76 -53.52 44.57
C GLU C 253 38.86 -53.87 43.09
N GLN C 254 37.84 -53.58 42.30
CA GLN C 254 37.92 -53.74 40.86
C GLN C 254 37.81 -52.41 40.13
N LEU C 255 38.10 -51.31 40.81
CA LEU C 255 37.99 -49.99 40.20
C LEU C 255 39.29 -49.55 39.57
N ASP C 256 40.38 -50.30 39.77
CA ASP C 256 41.59 -50.19 38.96
C ASP C 256 41.57 -51.04 37.71
N LYS C 257 40.77 -52.11 37.66
CA LYS C 257 40.65 -52.80 36.39
C LYS C 257 39.73 -52.07 35.45
N ILE C 258 38.72 -51.38 35.98
CA ILE C 258 37.74 -50.70 35.14
C ILE C 258 38.35 -49.45 34.50
N PHE C 259 39.02 -48.62 35.31
CA PHE C 259 39.52 -47.34 34.81
C PHE C 259 41.02 -47.28 34.62
N GLY C 260 41.77 -48.27 35.08
CA GLY C 260 43.20 -48.22 34.97
C GLY C 260 43.83 -47.32 36.01
N THR C 261 45.13 -47.13 35.87
CA THR C 261 45.87 -46.13 36.62
C THR C 261 46.50 -45.14 35.62
N PHE C 262 47.41 -44.31 36.12
CA PHE C 262 48.10 -43.36 35.25
C PHE C 262 49.08 -44.05 34.33
N THR C 263 49.78 -45.06 34.82
CA THR C 263 50.82 -45.73 34.05
C THR C 263 50.42 -47.09 33.53
N GLU C 264 49.20 -47.54 33.80
CA GLU C 264 48.77 -48.89 33.47
C GLU C 264 47.34 -48.81 32.97
N ALA C 265 47.10 -49.35 31.79
CA ALA C 265 45.82 -49.19 31.12
C ALA C 265 44.76 -50.05 31.79
N SER C 266 43.52 -49.88 31.35
CA SER C 266 42.41 -50.61 31.93
C SER C 266 42.09 -51.85 31.13
N ALA C 267 41.48 -52.82 31.80
CA ALA C 267 41.08 -54.05 31.13
C ALA C 267 39.74 -53.89 30.44
N VAL C 268 38.82 -53.15 31.07
CA VAL C 268 37.48 -52.99 30.53
C VAL C 268 37.49 -52.03 29.36
N LYS C 269 38.08 -50.87 29.55
CA LYS C 269 38.10 -49.78 28.59
C LYS C 269 39.44 -49.82 27.86
N LYS C 270 39.44 -50.30 26.61
CA LYS C 270 40.67 -50.63 25.91
C LYS C 270 41.47 -49.38 25.57
N GLY C 271 42.72 -49.32 26.06
CA GLY C 271 43.61 -48.23 25.77
C GLY C 271 43.49 -47.03 26.69
N PHE C 272 42.64 -47.08 27.70
CA PHE C 272 42.36 -45.93 28.55
C PHE C 272 43.23 -45.98 29.80
N THR C 273 44.28 -45.17 29.82
CA THR C 273 44.95 -44.80 31.05
C THR C 273 44.31 -43.53 31.58
N LEU C 274 44.50 -43.26 32.86
CA LEU C 274 44.00 -42.02 33.43
C LEU C 274 44.80 -40.85 32.89
N PRO C 275 44.13 -39.72 32.63
CA PRO C 275 44.84 -38.58 32.04
C PRO C 275 45.81 -37.96 33.01
N ALA C 276 46.91 -37.46 32.46
CA ALA C 276 48.01 -37.00 33.27
C ALA C 276 47.61 -35.71 33.98
N PRO C 277 48.00 -35.55 35.24
CA PRO C 277 47.74 -34.28 35.93
C PRO C 277 48.54 -33.15 35.29
N MET C 278 47.84 -32.06 35.01
CA MET C 278 48.48 -30.87 34.47
C MET C 278 49.41 -30.22 35.48
N LEU C 279 49.06 -30.30 36.76
CA LEU C 279 49.90 -29.83 37.85
C LEU C 279 50.21 -31.01 38.75
N THR C 280 51.47 -31.17 39.12
CA THR C 280 51.84 -32.22 40.05
C THR C 280 51.34 -31.89 41.45
N ASN C 281 51.57 -30.67 41.89
CA ASN C 281 51.09 -30.18 43.18
C ASN C 281 50.08 -29.09 42.91
N THR C 282 48.82 -29.37 43.19
CA THR C 282 47.70 -28.52 42.83
C THR C 282 47.58 -27.30 43.78
N ASP C 283 48.48 -27.19 44.75
CA ASP C 283 48.39 -26.20 45.81
C ASP C 283 49.31 -25.03 45.45
N VAL C 284 48.80 -24.14 44.59
CA VAL C 284 49.63 -23.08 44.05
C VAL C 284 49.76 -21.86 44.96
N THR C 285 49.17 -21.90 46.16
CA THR C 285 49.47 -20.86 47.12
C THR C 285 50.62 -21.24 48.04
N ARG C 286 50.91 -22.53 48.20
CA ARG C 286 52.08 -22.94 48.95
C ARG C 286 53.34 -22.67 48.15
N ILE C 287 53.23 -22.65 46.83
CA ILE C 287 54.33 -22.20 45.99
C ILE C 287 54.55 -20.70 46.16
N MET C 288 53.46 -19.91 46.15
CA MET C 288 53.48 -18.48 46.39
C MET C 288 54.00 -18.10 47.77
N GLN C 289 54.11 -19.05 48.70
CA GLN C 289 54.52 -18.77 50.06
C GLN C 289 55.73 -19.60 50.49
N SER C 290 56.31 -20.37 49.57
CA SER C 290 57.49 -21.15 49.89
C SER C 290 58.70 -20.24 50.02
N GLU C 291 59.74 -20.75 50.67
CA GLU C 291 60.88 -19.92 51.00
C GLU C 291 61.88 -19.77 49.87
N GLU C 292 61.72 -20.54 48.79
CA GLU C 292 62.55 -20.43 47.61
C GLU C 292 61.85 -19.73 46.45
N VAL C 293 60.58 -19.37 46.63
CA VAL C 293 59.91 -18.42 45.75
C VAL C 293 59.87 -17.03 46.38
N ARG C 294 59.70 -16.96 47.69
CA ARG C 294 59.74 -15.70 48.42
C ARG C 294 61.17 -15.15 48.47
N ARG C 295 62.15 -16.02 48.23
CA ARG C 295 63.55 -15.64 48.09
C ARG C 295 63.83 -14.73 46.91
N VAL C 296 63.19 -14.96 45.77
CA VAL C 296 63.49 -14.22 44.55
C VAL C 296 62.51 -13.10 44.29
N LEU C 297 61.61 -12.81 45.22
CA LEU C 297 60.64 -11.77 44.97
C LEU C 297 61.29 -10.39 45.14
N LYS C 298 60.60 -9.38 44.66
CA LYS C 298 61.07 -8.02 44.85
C LYS C 298 60.91 -7.61 46.31
N PRO C 299 61.87 -6.88 46.87
CA PRO C 299 61.72 -6.38 48.24
C PRO C 299 60.67 -5.30 48.31
N LYS C 300 59.77 -5.44 49.28
CA LYS C 300 58.66 -4.50 49.45
C LYS C 300 59.21 -3.20 50.05
N LYS C 301 59.31 -2.17 49.22
CA LYS C 301 59.88 -0.91 49.61
C LYS C 301 58.92 -0.12 50.50
N LEU C 302 59.49 0.78 51.30
CA LEU C 302 58.71 1.66 52.16
C LEU C 302 57.91 2.64 51.31
N GLN C 303 56.60 2.55 51.40
CA GLN C 303 55.75 3.33 50.53
C GLN C 303 55.53 4.72 51.11
N ALA C 304 54.91 5.58 50.30
CA ALA C 304 54.75 6.98 50.66
C ALA C 304 53.77 7.14 51.82
N LYS C 305 54.01 8.18 52.60
CA LYS C 305 53.16 8.49 53.74
C LYS C 305 51.79 8.95 53.26
N LYS C 306 50.74 8.46 53.92
CA LYS C 306 49.37 8.65 53.47
C LYS C 306 48.93 10.10 53.63
N ALA C 307 47.68 10.37 53.28
CA ALA C 307 47.16 11.72 53.31
C ALA C 307 46.77 12.15 54.72
N SER C 308 46.01 13.25 54.83
CA SER C 308 45.54 13.74 56.11
C SER C 308 44.15 14.31 55.94
N ARG C 309 43.49 14.59 57.07
CA ARG C 309 42.22 15.31 57.02
C ARG C 309 42.37 16.75 56.56
N TYR C 310 43.57 17.30 56.68
CA TYR C 310 43.92 18.59 56.10
C TYR C 310 44.48 18.37 54.71
N GLN C 311 43.94 19.10 53.73
CA GLN C 311 43.77 18.60 52.37
C GLN C 311 45.06 18.30 51.61
N THR C 312 45.68 19.33 51.00
CA THR C 312 46.95 19.42 50.27
C THR C 312 46.97 20.86 49.75
N PRO C 313 48.12 21.51 49.58
CA PRO C 313 48.16 22.75 48.80
C PRO C 313 48.17 22.45 47.30
N THR C 314 47.31 23.14 46.56
CA THR C 314 47.23 22.92 45.11
C THR C 314 47.05 24.22 44.32
N ASN C 315 47.37 25.36 44.91
CA ASN C 315 47.62 26.63 44.24
C ASN C 315 49.13 26.67 44.00
N GLY C 316 49.79 27.81 44.21
CA GLY C 316 51.23 27.81 44.14
C GLY C 316 51.91 29.12 43.85
N ILE C 317 51.14 30.17 43.57
CA ILE C 317 51.65 31.54 43.66
C ILE C 317 50.99 32.33 44.78
N LYS C 318 50.03 31.73 45.49
CA LYS C 318 49.32 32.42 46.58
C LYS C 318 49.27 31.66 47.89
N ASN C 319 49.38 30.33 47.87
CA ASN C 319 49.43 29.59 49.13
C ASN C 319 50.86 29.66 49.67
N ARG C 320 50.96 29.72 50.99
CA ARG C 320 52.23 30.09 51.61
C ARG C 320 53.22 28.93 51.58
N ARG C 321 52.74 27.71 51.83
CA ARG C 321 53.69 26.62 52.04
C ARG C 321 54.01 25.89 50.75
N LEU C 322 53.19 26.03 49.71
CA LEU C 322 53.51 25.42 48.43
C LEU C 322 54.44 26.30 47.61
N ARG C 323 54.33 27.62 47.78
CA ARG C 323 55.25 28.52 47.11
C ARG C 323 56.66 28.39 47.68
N LEU C 324 56.76 28.00 48.96
CA LEU C 324 58.04 27.82 49.62
C LEU C 324 58.56 26.39 49.54
N ARG C 325 57.68 25.41 49.33
CA ARG C 325 58.14 24.04 49.09
C ARG C 325 58.85 23.90 47.76
N LEU C 326 58.48 24.72 46.78
CA LEU C 326 59.04 24.70 45.44
C LEU C 326 60.25 25.59 45.29
N ASN C 327 60.28 26.71 45.99
CA ASN C 327 61.36 27.70 45.87
C ASN C 327 61.71 28.16 47.27
N PRO C 328 62.73 27.58 47.91
CA PRO C 328 63.11 28.04 49.25
C PRO C 328 63.69 29.45 49.28
N TYR C 329 64.11 29.98 48.15
CA TYR C 329 64.64 31.33 48.05
C TYR C 329 63.54 32.38 47.95
N VAL C 330 62.27 32.00 48.07
CA VAL C 330 61.21 33.01 47.97
C VAL C 330 61.10 33.83 49.26
N LYS C 331 61.63 33.31 50.38
CA LYS C 331 61.70 34.14 51.58
C LYS C 331 62.76 35.22 51.48
N ARG C 332 63.68 35.11 50.53
CA ARG C 332 64.66 36.15 50.25
C ARG C 332 64.18 37.10 49.17
N GLU C 333 63.50 36.58 48.15
CA GLU C 333 62.90 37.42 47.11
C GLU C 333 61.83 38.34 47.67
N THR C 334 60.99 37.85 48.58
CA THR C 334 59.99 38.73 49.19
C THR C 334 60.63 39.70 50.16
N ALA C 335 61.70 39.29 50.85
CA ALA C 335 62.37 40.19 51.78
C ALA C 335 63.19 41.25 51.03
N ALA C 336 63.65 40.92 49.82
CA ALA C 336 64.29 41.92 48.97
C ALA C 336 63.27 42.94 48.49
N ALA C 337 62.06 42.50 48.19
CA ALA C 337 60.99 43.37 47.72
C ALA C 337 60.13 43.86 48.88
N LYS C 338 60.77 44.34 49.94
CA LYS C 338 60.11 45.08 51.01
C LYS C 338 60.90 46.34 51.32
N GLY C 339 62.22 46.26 51.19
CA GLY C 339 63.10 47.39 51.25
C GLY C 339 63.26 48.06 49.91
N MET C 340 62.48 47.65 48.93
CA MET C 340 62.31 48.33 47.66
C MET C 340 61.01 49.11 47.60
N ARG C 341 59.94 48.54 48.15
CA ARG C 341 58.66 49.24 48.31
C ARG C 341 58.70 50.25 49.45
N ASN C 342 59.69 50.18 50.32
CA ASN C 342 59.78 51.06 51.48
C ASN C 342 60.02 52.49 51.02
N VAL C 343 59.17 53.41 51.50
CA VAL C 343 59.20 54.78 51.03
C VAL C 343 60.40 55.54 51.57
N ALA C 344 61.07 55.03 52.61
CA ALA C 344 62.31 55.67 53.04
C ALA C 344 63.47 55.25 52.17
N ASN C 345 63.55 53.97 51.81
CA ASN C 345 64.58 53.52 50.90
C ASN C 345 64.36 54.04 49.49
N ARG C 346 63.09 54.12 49.07
CA ARG C 346 62.74 54.47 47.70
C ARG C 346 63.11 55.90 47.36
N ASP C 347 62.79 56.84 48.25
CA ASP C 347 62.94 58.25 47.94
C ASP C 347 64.40 58.67 47.90
N ALA C 348 65.23 58.10 48.76
CA ALA C 348 66.67 58.24 48.63
C ALA C 348 67.26 57.05 47.86
N ARG C 349 66.63 56.74 46.74
CA ARG C 349 67.18 55.82 45.75
C ARG C 349 66.95 56.47 44.39
N ARG C 350 65.88 57.25 44.30
CA ARG C 350 65.66 58.09 43.14
C ARG C 350 66.37 59.42 43.28
N LYS C 351 66.80 59.76 44.50
CA LYS C 351 67.63 60.94 44.68
C LYS C 351 69.03 60.68 44.18
N ALA C 352 69.48 59.43 44.24
CA ALA C 352 70.79 59.02 43.79
C ALA C 352 70.80 58.55 42.34
N LYS C 353 69.77 57.82 41.91
CA LYS C 353 69.70 57.38 40.52
C LYS C 353 69.42 58.54 39.57
N MET C 354 68.83 59.62 40.06
CA MET C 354 68.79 60.86 39.31
C MET C 354 70.02 61.73 39.56
N ALA C 355 71.10 61.13 40.07
CA ALA C 355 72.40 61.76 40.15
C ALA C 355 73.54 60.87 39.67
N ARG C 356 73.36 59.54 39.65
CA ARG C 356 74.32 58.64 39.06
C ARG C 356 74.19 58.54 37.56
N VAL C 357 72.96 58.66 37.04
CA VAL C 357 72.71 58.51 35.61
C VAL C 357 72.96 59.81 34.87
N THR C 358 72.53 60.94 35.46
CA THR C 358 72.74 62.24 34.83
C THR C 358 74.20 62.66 34.85
N LYS C 359 74.98 62.14 35.80
CA LYS C 359 76.41 62.41 35.81
C LYS C 359 77.10 61.68 34.67
N ALA C 360 76.76 60.41 34.47
CA ALA C 360 77.30 59.65 33.35
C ALA C 360 76.71 60.07 32.02
N LYS C 361 75.57 60.78 32.04
CA LYS C 361 74.99 61.31 30.81
C LYS C 361 75.74 62.55 30.34
N LYS C 362 76.00 63.49 31.25
CA LYS C 362 76.71 64.70 30.88
C LYS C 362 78.21 64.47 30.65
N ALA C 363 78.76 63.37 31.15
CA ALA C 363 80.16 63.07 30.94
C ALA C 363 80.41 62.21 29.70
N ALA C 364 79.39 61.48 29.22
CA ALA C 364 79.51 60.78 27.95
C ALA C 364 79.18 61.67 26.77
N THR C 365 78.69 62.89 27.02
CA THR C 365 78.53 63.90 25.99
C THR C 365 79.65 64.94 26.06
N LYS C 366 80.85 64.50 26.41
CA LYS C 366 82.02 65.36 26.42
C LYS C 366 83.27 64.53 26.18
N ALA D 1 92.88 42.37 -60.11
CA ALA D 1 93.12 42.57 -58.69
C ALA D 1 93.82 41.36 -58.10
N ASN D 2 93.10 40.26 -57.99
CA ASN D 2 93.59 39.02 -57.40
C ASN D 2 93.31 37.89 -58.38
N PRO D 3 94.31 37.08 -58.76
CA PRO D 3 94.09 36.02 -59.74
C PRO D 3 93.16 34.89 -59.29
N MET D 4 92.76 34.82 -58.02
CA MET D 4 91.75 33.86 -57.62
C MET D 4 90.33 34.32 -57.93
N ARG D 5 90.16 35.59 -58.33
CA ARG D 5 88.85 36.15 -58.59
C ARG D 5 88.52 36.22 -60.08
N GLU D 6 89.18 35.39 -60.89
CA GLU D 6 88.85 35.30 -62.30
C GLU D 6 87.49 34.63 -62.45
N ILE D 7 86.53 35.35 -63.02
CA ILE D 7 85.21 34.78 -63.27
C ILE D 7 85.35 33.73 -64.37
N VAL D 8 84.96 32.51 -64.05
CA VAL D 8 84.98 31.40 -65.01
C VAL D 8 83.53 31.00 -65.27
N VAL D 9 83.34 30.05 -66.17
CA VAL D 9 82.02 29.45 -66.35
C VAL D 9 81.95 28.24 -65.43
N LYS D 10 80.93 28.21 -64.57
CA LYS D 10 80.77 27.06 -63.70
C LYS D 10 80.01 25.94 -64.41
N LYS D 11 78.79 26.20 -64.84
CA LYS D 11 78.02 25.20 -65.56
C LYS D 11 77.25 25.86 -66.69
N LEU D 12 76.63 25.01 -67.51
CA LEU D 12 75.79 25.44 -68.62
C LEU D 12 74.62 24.46 -68.69
N CYS D 13 73.42 24.98 -68.88
CA CYS D 13 72.20 24.20 -68.66
C CYS D 13 71.39 24.18 -69.94
N ILE D 14 71.32 23.00 -70.57
CA ILE D 14 70.67 22.87 -71.88
C ILE D 14 69.27 22.34 -71.62
N ASN D 15 68.35 23.27 -71.36
CA ASN D 15 66.99 22.90 -71.01
C ASN D 15 66.11 22.80 -72.25
N ILE D 16 65.39 21.69 -72.36
CA ILE D 16 64.29 21.53 -73.31
C ILE D 16 63.05 21.25 -72.49
N CYS D 17 61.93 21.89 -72.84
CA CYS D 17 60.70 21.83 -72.05
C CYS D 17 59.52 21.45 -72.96
N VAL D 18 59.67 20.29 -73.62
CA VAL D 18 58.79 19.68 -74.62
C VAL D 18 57.31 19.85 -74.32
N GLY D 19 56.90 19.49 -73.11
CA GLY D 19 55.52 19.61 -72.66
C GLY D 19 54.67 18.40 -72.96
N GLU D 20 54.98 17.70 -74.05
CA GLU D 20 54.23 16.51 -74.42
C GLU D 20 54.54 15.37 -73.46
N SER D 21 53.69 14.33 -73.52
CA SER D 21 53.79 13.25 -72.55
C SER D 21 55.00 12.35 -72.78
N GLY D 22 55.60 12.40 -73.97
CA GLY D 22 56.73 11.53 -74.22
C GLY D 22 56.77 10.89 -75.59
N ASP D 23 55.86 11.27 -76.47
CA ASP D 23 55.96 10.79 -77.85
C ASP D 23 57.05 11.54 -78.61
N ARG D 24 56.97 12.87 -78.63
CA ARG D 24 58.00 13.70 -79.25
C ARG D 24 59.23 13.86 -78.36
N LEU D 25 59.10 13.60 -77.07
CA LEU D 25 60.18 13.81 -76.12
C LEU D 25 61.28 12.76 -76.25
N THR D 26 60.97 11.58 -76.76
CA THR D 26 62.00 10.55 -76.89
C THR D 26 62.92 10.79 -78.08
N ARG D 27 62.55 11.67 -79.01
CA ARG D 27 63.51 12.23 -79.95
C ARG D 27 63.97 13.63 -79.56
N ALA D 28 63.54 14.12 -78.40
CA ALA D 28 64.12 15.31 -77.79
C ALA D 28 65.24 14.97 -76.82
N SER D 29 65.30 13.73 -76.33
CA SER D 29 66.46 13.27 -75.58
C SER D 29 67.59 12.86 -76.50
N LYS D 30 67.29 12.51 -77.75
CA LYS D 30 68.31 12.15 -78.72
C LYS D 30 68.92 13.36 -79.40
N VAL D 31 68.22 14.50 -79.43
CA VAL D 31 68.74 15.69 -80.09
C VAL D 31 69.83 16.35 -79.26
N LEU D 32 69.91 16.01 -77.96
CA LEU D 32 70.87 16.63 -77.08
C LEU D 32 72.09 15.73 -76.87
N GLU D 33 71.99 14.44 -77.17
CA GLU D 33 73.18 13.61 -77.19
C GLU D 33 74.05 13.87 -78.43
N GLN D 34 73.44 14.34 -79.53
CA GLN D 34 74.22 14.83 -80.66
C GLN D 34 74.86 16.18 -80.35
N LEU D 35 74.30 16.92 -79.40
CA LEU D 35 74.91 18.00 -78.64
C LEU D 35 75.81 17.39 -77.57
N CYS D 36 75.87 18.01 -76.39
CA CYS D 36 76.88 17.91 -75.32
C CYS D 36 77.60 16.58 -75.11
N GLU D 37 77.00 15.48 -75.54
CA GLU D 37 77.62 14.14 -75.61
C GLU D 37 77.83 13.56 -74.22
N GLN D 38 76.83 13.73 -73.37
CA GLN D 38 76.67 12.89 -72.20
C GLN D 38 75.16 12.64 -72.05
N THR D 39 74.83 11.68 -71.21
CA THR D 39 73.47 11.13 -71.11
C THR D 39 72.47 12.16 -70.62
N PRO D 40 71.39 12.44 -71.35
CA PRO D 40 70.38 13.36 -70.84
C PRO D 40 69.56 12.75 -69.72
N VAL D 41 69.01 13.63 -68.89
CA VAL D 41 68.16 13.25 -67.78
C VAL D 41 66.79 13.89 -68.00
N LEU D 42 65.73 13.18 -67.61
CA LEU D 42 64.38 13.59 -67.91
C LEU D 42 63.85 14.47 -66.78
N SER D 43 62.59 14.88 -66.89
CA SER D 43 61.98 15.74 -65.88
C SER D 43 60.48 15.62 -65.95
N ARG D 44 59.84 15.36 -64.82
CA ARG D 44 58.40 15.24 -64.74
C ARG D 44 57.80 16.53 -64.18
N ALA D 45 56.47 16.55 -64.08
CA ALA D 45 55.74 17.75 -63.68
C ALA D 45 55.46 17.76 -62.18
N ARG D 46 55.24 18.96 -61.64
CA ARG D 46 54.91 19.10 -60.22
C ARG D 46 53.42 18.84 -59.98
N LEU D 47 52.58 19.69 -60.55
CA LEU D 47 51.15 19.59 -60.44
C LEU D 47 50.55 19.25 -61.79
N THR D 48 49.22 19.28 -61.88
CA THR D 48 48.51 19.07 -63.14
C THR D 48 47.72 20.33 -63.49
N VAL D 49 48.18 21.05 -64.50
CA VAL D 49 47.50 22.24 -64.98
C VAL D 49 46.66 21.86 -66.18
N ARG D 50 45.36 22.16 -66.12
CA ARG D 50 44.42 21.64 -67.12
C ARG D 50 44.53 22.35 -68.45
N THR D 51 44.82 23.65 -68.45
CA THR D 51 44.90 24.40 -69.72
C THR D 51 46.12 23.99 -70.54
N PHE D 52 47.18 23.51 -69.89
CA PHE D 52 48.42 23.21 -70.58
C PHE D 52 48.49 21.77 -71.08
N GLY D 53 47.57 20.91 -70.65
CA GLY D 53 47.59 19.52 -71.06
C GLY D 53 48.74 18.72 -70.49
N ILE D 54 48.98 18.87 -69.19
CA ILE D 54 50.10 18.19 -68.53
C ILE D 54 49.63 17.72 -67.16
N ARG D 55 49.99 16.48 -66.81
CA ARG D 55 49.59 15.87 -65.56
C ARG D 55 50.83 15.56 -64.73
N ARG D 56 50.59 15.20 -63.48
CA ARG D 56 51.67 15.02 -62.52
C ARG D 56 52.46 13.76 -62.82
N ASN D 57 53.78 13.86 -62.63
CA ASN D 57 54.74 12.75 -62.70
C ASN D 57 54.75 12.09 -64.08
N GLU D 58 54.58 12.91 -65.11
CA GLU D 58 54.76 12.48 -66.50
C GLU D 58 55.90 13.30 -67.08
N LYS D 59 56.84 12.60 -67.76
CA LYS D 59 58.10 13.18 -68.19
C LYS D 59 57.89 14.29 -69.23
N ILE D 60 58.20 15.53 -68.86
CA ILE D 60 57.76 16.70 -69.59
C ILE D 60 58.92 17.58 -70.06
N ALA D 61 60.16 17.21 -69.78
CA ALA D 61 61.30 18.07 -70.09
C ALA D 61 62.56 17.24 -70.16
N VAL D 62 63.58 17.80 -70.83
CA VAL D 62 64.92 17.24 -70.90
C VAL D 62 65.89 18.36 -70.58
N HIS D 63 66.84 18.10 -69.67
CA HIS D 63 67.85 19.07 -69.33
C HIS D 63 69.19 18.39 -69.15
N CYS D 64 70.26 19.17 -69.29
CA CYS D 64 71.62 18.70 -69.06
C CYS D 64 72.47 19.81 -68.45
N THR D 65 73.20 19.46 -67.41
CA THR D 65 74.28 20.31 -66.93
C THR D 65 75.56 19.85 -67.61
N VAL D 66 76.21 20.75 -68.35
CA VAL D 66 77.47 20.47 -69.00
C VAL D 66 78.52 21.43 -68.44
N ARG D 67 79.71 20.91 -68.16
CA ARG D 67 80.78 21.68 -67.58
C ARG D 67 82.06 21.41 -68.34
N GLY D 68 83.13 22.07 -67.92
CA GLY D 68 84.44 21.75 -68.45
C GLY D 68 84.72 22.42 -69.77
N LYS D 69 85.18 21.65 -70.74
CA LYS D 69 85.58 22.24 -72.02
C LYS D 69 84.40 22.53 -72.92
N LYS D 70 83.33 21.76 -72.82
CA LYS D 70 82.12 22.02 -73.60
C LYS D 70 81.27 23.14 -73.02
N ALA D 71 81.56 23.57 -71.78
CA ALA D 71 80.92 24.76 -71.25
C ALA D 71 81.40 26.01 -71.94
N GLU D 72 82.60 25.98 -72.52
CA GLU D 72 83.14 27.08 -73.30
C GLU D 72 82.74 26.97 -74.77
N GLU D 73 82.78 25.74 -75.33
CA GLU D 73 82.56 25.55 -76.75
C GLU D 73 81.08 25.50 -77.13
N LEU D 74 80.18 25.72 -76.19
CA LEU D 74 78.76 25.81 -76.50
C LEU D 74 78.17 27.16 -76.18
N LEU D 75 78.99 28.13 -75.79
CA LEU D 75 78.59 29.52 -75.90
C LEU D 75 79.07 30.13 -77.20
N GLU D 76 80.28 29.77 -77.63
CA GLU D 76 80.74 30.13 -78.97
C GLU D 76 79.87 29.47 -80.04
N LYS D 77 79.41 28.24 -79.75
CA LYS D 77 78.37 27.64 -80.57
C LYS D 77 77.05 28.38 -80.43
N GLY D 78 76.71 28.80 -79.22
CA GLY D 78 75.38 29.27 -78.92
C GLY D 78 75.11 30.76 -79.08
N LEU D 79 76.16 31.58 -79.12
CA LEU D 79 75.99 33.01 -79.28
C LEU D 79 76.15 33.47 -80.72
N LYS D 80 76.47 32.57 -81.65
CA LYS D 80 76.36 32.85 -83.06
C LYS D 80 74.92 33.13 -83.47
N VAL D 81 73.96 32.48 -82.82
CA VAL D 81 72.55 32.67 -83.10
C VAL D 81 72.03 33.95 -82.44
N LYS D 82 72.83 34.57 -81.57
CA LYS D 82 72.50 35.88 -81.02
C LYS D 82 73.28 37.02 -81.65
N GLU D 83 74.31 36.72 -82.44
CA GLU D 83 75.26 37.71 -82.97
C GLU D 83 75.88 38.55 -81.85
N PHE D 84 76.19 37.87 -80.73
CA PHE D 84 76.84 38.43 -79.54
C PHE D 84 76.05 39.58 -78.93
N GLU D 85 74.74 39.59 -79.13
CA GLU D 85 73.86 40.65 -78.62
C GLU D 85 72.73 40.00 -77.84
N LEU D 86 72.80 40.09 -76.51
CA LEU D 86 71.69 39.72 -75.65
C LEU D 86 71.55 40.78 -74.57
N LYS D 87 70.31 41.04 -74.17
CA LYS D 87 69.92 42.26 -73.45
C LYS D 87 70.47 42.29 -72.03
N SER D 88 70.14 43.38 -71.33
CA SER D 88 70.60 43.57 -69.96
C SER D 88 69.68 42.90 -68.95
N TYR D 89 68.43 42.67 -69.29
CA TYR D 89 67.54 41.97 -68.37
C TYR D 89 67.67 40.45 -68.46
N ASN D 90 68.42 39.95 -69.45
CA ASN D 90 68.78 38.54 -69.49
C ASN D 90 69.75 38.13 -68.38
N PHE D 91 70.37 39.12 -67.74
CA PHE D 91 71.27 38.92 -66.62
C PHE D 91 70.51 38.97 -65.31
N SER D 92 70.90 38.11 -64.38
CA SER D 92 70.33 38.09 -63.04
C SER D 92 71.27 38.78 -62.07
N ASP D 93 70.74 39.14 -60.91
CA ASP D 93 71.57 39.79 -59.90
C ASP D 93 72.41 38.80 -59.09
N THR D 94 72.20 37.50 -59.29
CA THR D 94 73.06 36.50 -58.67
C THR D 94 74.39 36.33 -59.39
N GLY D 95 74.54 36.92 -60.57
CA GLY D 95 75.77 36.85 -61.33
C GLY D 95 75.68 36.08 -62.61
N SER D 96 74.57 35.42 -62.91
CA SER D 96 74.46 34.56 -64.08
C SER D 96 73.49 35.16 -65.08
N PHE D 97 73.47 34.55 -66.26
CA PHE D 97 72.56 34.98 -67.31
C PHE D 97 72.12 33.77 -68.11
N GLY D 98 71.26 34.02 -69.08
CA GLY D 98 70.77 32.96 -69.94
C GLY D 98 70.17 33.53 -71.21
N PHE D 99 69.94 32.64 -72.15
CA PHE D 99 69.33 33.02 -73.42
C PHE D 99 68.68 31.78 -74.02
N GLY D 100 67.66 32.00 -74.83
CA GLY D 100 66.93 30.89 -75.40
C GLY D 100 66.95 30.86 -76.91
N ILE D 101 67.58 29.82 -77.47
CA ILE D 101 67.56 29.63 -78.90
C ILE D 101 66.15 29.19 -79.33
N ASP D 102 65.84 29.39 -80.62
CA ASP D 102 64.54 29.05 -81.15
C ASP D 102 64.53 27.80 -82.01
N GLU D 103 65.63 27.49 -82.70
CA GLU D 103 65.76 26.24 -83.44
C GLU D 103 67.22 25.81 -83.45
N HIS D 104 67.47 24.54 -83.11
CA HIS D 104 68.82 24.07 -82.86
C HIS D 104 69.63 23.84 -84.11
N ILE D 105 69.00 23.77 -85.29
CA ILE D 105 69.71 23.43 -86.51
C ILE D 105 70.57 24.57 -87.04
N ASP D 106 70.42 25.78 -86.50
CA ASP D 106 71.27 26.90 -86.83
C ASP D 106 72.53 26.97 -85.98
N LEU D 107 72.87 25.87 -85.31
CA LEU D 107 74.13 25.73 -84.60
C LEU D 107 75.23 25.11 -85.45
N GLY D 108 74.86 24.15 -86.31
CA GLY D 108 75.84 23.35 -87.02
C GLY D 108 75.53 21.87 -86.88
N ILE D 109 74.30 21.57 -86.48
CA ILE D 109 73.82 20.20 -86.36
C ILE D 109 73.19 19.79 -87.69
N LYS D 110 73.61 18.63 -88.21
CA LYS D 110 72.98 18.08 -89.39
C LYS D 110 71.56 17.65 -89.07
N TYR D 111 70.62 18.02 -89.93
CA TYR D 111 69.20 17.84 -89.67
C TYR D 111 68.80 16.41 -90.03
N ASP D 112 68.51 15.61 -89.02
CA ASP D 112 68.04 14.25 -89.26
C ASP D 112 66.58 14.28 -89.68
N PRO D 113 66.16 13.41 -90.60
CA PRO D 113 64.73 13.34 -90.96
C PRO D 113 63.86 12.62 -89.95
N SER D 114 64.43 12.02 -88.91
CA SER D 114 63.65 11.41 -87.84
C SER D 114 63.37 12.41 -86.72
N THR D 115 64.42 12.98 -86.15
CA THR D 115 64.26 13.97 -85.10
C THR D 115 63.91 15.31 -85.72
N GLY D 116 62.91 15.99 -85.17
CA GLY D 116 62.45 17.22 -85.76
C GLY D 116 63.28 18.44 -85.41
N ILE D 117 62.60 19.55 -85.12
CA ILE D 117 63.26 20.79 -84.74
C ILE D 117 62.95 21.04 -83.28
N TYR D 118 63.86 21.73 -82.59
CA TYR D 118 63.70 22.02 -81.17
C TYR D 118 64.35 23.35 -80.81
N GLY D 119 63.64 24.15 -80.03
CA GLY D 119 64.20 25.32 -79.40
C GLY D 119 64.58 25.01 -77.96
N MET D 120 65.65 25.66 -77.49
CA MET D 120 66.29 25.29 -76.24
C MET D 120 66.48 26.52 -75.35
N ASP D 121 67.00 26.28 -74.16
CA ASP D 121 67.48 27.34 -73.28
C ASP D 121 68.96 27.13 -73.00
N PHE D 122 69.66 28.23 -72.82
CA PHE D 122 71.10 28.21 -72.54
C PHE D 122 71.33 29.13 -71.35
N TYR D 123 71.18 28.60 -70.14
CA TYR D 123 71.36 29.39 -68.93
C TYR D 123 72.72 29.04 -68.34
N VAL D 124 73.65 29.97 -68.40
CA VAL D 124 74.97 29.75 -67.82
C VAL D 124 74.92 30.11 -66.35
N VAL D 125 75.94 29.68 -65.61
CA VAL D 125 76.10 30.03 -64.21
C VAL D 125 77.52 30.53 -64.03
N LEU D 126 77.68 31.81 -63.77
CA LEU D 126 78.98 32.41 -63.59
C LEU D 126 79.36 32.40 -62.12
N GLY D 127 80.64 32.19 -61.87
CA GLY D 127 81.14 32.14 -60.52
C GLY D 127 82.64 32.16 -60.51
N ARG D 128 83.18 32.38 -59.32
CA ARG D 128 84.61 32.32 -59.09
C ARG D 128 84.95 31.01 -58.40
N ARG D 129 86.20 30.58 -58.56
CA ARG D 129 86.68 29.42 -57.83
C ARG D 129 86.75 29.74 -56.34
N GLY D 130 86.42 28.75 -55.52
CA GLY D 130 86.13 28.98 -54.12
C GLY D 130 84.66 28.86 -53.78
N GLU D 131 83.84 28.47 -54.74
CA GLU D 131 82.43 28.20 -54.52
C GLU D 131 82.22 26.82 -53.91
N ARG D 132 83.30 26.07 -53.70
CA ARG D 132 83.21 24.76 -53.07
C ARG D 132 82.76 24.85 -51.63
N VAL D 133 83.04 25.98 -50.94
CA VAL D 133 82.74 26.09 -49.53
C VAL D 133 81.24 26.13 -49.24
N ALA D 134 80.41 26.35 -50.26
CA ALA D 134 78.97 26.21 -50.12
C ALA D 134 78.47 24.85 -50.53
N HIS D 135 79.30 24.00 -51.14
CA HIS D 135 78.91 22.66 -51.56
C HIS D 135 79.97 21.69 -51.04
N ARG D 136 79.84 21.30 -49.77
CA ARG D 136 80.74 20.32 -49.16
C ARG D 136 79.94 19.52 -48.15
N LYS D 137 80.38 18.29 -47.92
CA LYS D 137 79.82 17.55 -46.81
C LYS D 137 80.32 18.13 -45.49
N ARG D 138 81.63 18.09 -45.24
CA ARG D 138 82.15 18.65 -44.02
C ARG D 138 82.54 20.11 -44.22
N LYS D 139 82.41 20.88 -43.15
CA LYS D 139 82.82 22.29 -43.06
C LYS D 139 82.09 23.15 -44.07
N CYS D 140 80.84 22.81 -44.36
CA CYS D 140 80.04 23.58 -45.30
C CYS D 140 79.70 24.92 -44.70
N SER D 141 79.99 25.98 -45.45
CA SER D 141 79.79 27.34 -44.99
C SER D 141 79.24 28.14 -46.16
N ARG D 142 79.33 29.45 -46.06
CA ARG D 142 78.80 30.33 -47.09
C ARG D 142 79.93 31.08 -47.77
N VAL D 143 79.65 31.59 -48.95
CA VAL D 143 80.60 32.42 -49.68
C VAL D 143 80.34 33.87 -49.30
N GLY D 144 81.40 34.59 -48.95
CA GLY D 144 81.25 35.92 -48.40
C GLY D 144 80.79 36.93 -49.44
N HIS D 145 80.39 38.11 -48.95
CA HIS D 145 79.80 39.13 -49.82
C HIS D 145 80.86 40.09 -50.34
N SER D 146 81.91 39.50 -50.89
CA SER D 146 82.80 40.17 -51.83
C SER D 146 83.14 39.25 -52.98
N HIS D 147 82.79 37.97 -52.88
CA HIS D 147 83.25 36.93 -53.77
C HIS D 147 82.12 36.37 -54.62
N HIS D 148 80.89 36.85 -54.40
CA HIS D 148 79.80 36.58 -55.32
C HIS D 148 80.00 37.35 -56.61
N VAL D 149 79.72 36.71 -57.73
CA VAL D 149 79.63 37.42 -58.99
C VAL D 149 78.34 38.22 -59.00
N THR D 150 78.41 39.48 -59.43
CA THR D 150 77.25 40.37 -59.41
C THR D 150 76.66 40.52 -60.81
N LYS D 151 75.59 41.31 -60.90
CA LYS D 151 75.03 41.64 -62.21
C LYS D 151 75.94 42.59 -62.97
N GLU D 152 76.46 43.61 -62.29
CA GLU D 152 77.42 44.53 -62.90
C GLU D 152 78.75 43.85 -63.19
N GLU D 153 79.06 42.77 -62.48
CA GLU D 153 80.27 41.99 -62.73
C GLU D 153 80.08 41.05 -63.90
N ALA D 154 78.87 40.54 -64.12
CA ALA D 154 78.59 39.71 -65.29
C ALA D 154 78.37 40.54 -66.54
N MET D 155 78.15 41.86 -66.39
CA MET D 155 78.21 42.76 -67.53
C MET D 155 79.56 42.67 -68.22
N LYS D 156 80.63 42.98 -67.49
CA LYS D 156 81.94 43.16 -68.08
C LYS D 156 82.57 41.84 -68.52
N TRP D 157 82.20 40.73 -67.88
CA TRP D 157 82.73 39.44 -68.30
C TRP D 157 82.24 39.06 -69.68
N PHE D 158 80.97 39.34 -69.96
CA PHE D 158 80.41 39.11 -71.28
C PHE D 158 80.97 40.07 -72.32
N GLU D 159 81.52 41.20 -71.90
CA GLU D 159 82.08 42.18 -72.81
C GLU D 159 83.59 42.09 -72.96
N LYS D 160 84.25 41.20 -72.23
CA LYS D 160 85.69 41.10 -72.25
C LYS D 160 86.18 39.73 -72.69
N VAL D 161 85.30 38.73 -72.74
CA VAL D 161 85.66 37.38 -73.17
C VAL D 161 85.05 37.03 -74.52
N HIS D 162 83.72 37.04 -74.63
CA HIS D 162 83.00 36.56 -75.80
C HIS D 162 82.52 37.67 -76.73
N ASP D 163 82.11 38.79 -76.16
CA ASP D 163 81.18 39.73 -76.78
C ASP D 163 81.49 41.13 -76.28
N GLY D 164 80.46 41.96 -76.15
CA GLY D 164 80.65 43.37 -75.97
C GLY D 164 79.44 44.16 -76.39
N ILE D 165 78.42 43.48 -76.89
CA ILE D 165 77.15 44.11 -77.25
C ILE D 165 76.08 43.59 -76.29
N ILE D 166 75.74 44.38 -75.28
CA ILE D 166 74.56 44.12 -74.47
C ILE D 166 73.31 44.61 -75.19
N PHE D 167 73.34 45.85 -75.68
CA PHE D 167 72.25 46.51 -76.41
C PHE D 167 70.96 46.53 -75.59
N GLN D 168 71.03 47.30 -74.49
CA GLN D 168 69.90 47.52 -73.62
C GLN D 168 68.72 48.19 -74.32
N VAL E 1 28.67 74.55 13.36
CA VAL E 1 28.11 75.19 14.55
C VAL E 1 28.96 76.38 14.95
N LYS E 2 28.37 77.57 14.91
CA LYS E 2 29.03 78.78 15.38
C LYS E 2 28.55 79.10 16.79
N VAL E 3 29.18 80.11 17.38
CA VAL E 3 29.02 80.39 18.80
C VAL E 3 28.05 81.52 19.05
N LYS E 4 28.06 82.56 18.23
CA LYS E 4 27.12 83.66 18.40
C LYS E 4 26.74 84.19 17.03
N SER E 5 25.45 84.10 16.72
CA SER E 5 24.89 84.69 15.51
C SER E 5 23.70 85.53 15.89
N LEU E 6 23.69 86.78 15.46
CA LEU E 6 22.69 87.73 15.93
C LEU E 6 22.42 88.75 14.84
N CYS E 7 21.35 89.51 15.05
CA CYS E 7 21.02 90.69 14.27
C CYS E 7 20.09 91.54 15.11
N THR E 8 20.33 92.85 15.11
CA THR E 8 19.55 93.77 15.91
C THR E 8 18.75 94.72 15.03
N LEU E 9 17.56 95.08 15.50
CA LEU E 9 16.80 96.17 14.92
C LEU E 9 16.82 97.34 15.88
N GLN E 10 16.57 98.53 15.36
CA GLN E 10 16.57 99.76 16.14
C GLN E 10 15.13 100.18 16.39
N ILE E 11 14.78 100.35 17.66
CA ILE E 11 13.41 100.74 18.02
C ILE E 11 13.28 102.25 17.91
N PRO E 12 12.26 102.78 17.23
CA PRO E 12 12.09 104.22 17.11
C PRO E 12 11.57 104.86 18.39
N GLU E 13 11.54 106.18 18.39
CA GLU E 13 11.09 106.95 19.53
C GLU E 13 9.57 107.02 19.49
N GLY E 14 8.92 106.22 20.34
CA GLY E 14 7.48 106.20 20.39
C GLY E 14 6.89 104.81 20.52
N VAL E 15 7.75 103.80 20.51
CA VAL E 15 7.33 102.40 20.49
C VAL E 15 7.92 101.69 21.70
N THR E 16 7.08 101.00 22.46
CA THR E 16 7.52 100.17 23.56
C THR E 16 7.43 98.70 23.16
N VAL E 17 8.59 98.06 22.99
CA VAL E 17 8.70 96.64 22.72
C VAL E 17 9.22 95.97 23.97
N ASP E 18 8.58 94.88 24.39
CA ASP E 18 9.10 94.13 25.54
C ASP E 18 8.73 92.65 25.41
N VAL E 19 9.63 91.80 25.88
CA VAL E 19 9.55 90.36 25.69
C VAL E 19 9.29 89.71 27.03
N LYS E 20 8.70 88.50 26.99
CA LYS E 20 8.52 87.70 28.20
C LYS E 20 8.54 86.23 27.78
N GLY E 21 9.71 85.63 27.78
CA GLY E 21 9.87 84.25 27.38
C GLY E 21 9.47 83.96 25.95
N ARG E 22 10.19 84.57 25.00
CA ARG E 22 9.97 84.43 23.55
C ARG E 22 8.57 84.86 23.15
N LYS E 23 8.10 85.97 23.71
CA LYS E 23 6.71 86.37 23.52
C LYS E 23 6.66 87.90 23.58
N VAL E 24 6.73 88.54 22.41
CA VAL E 24 6.90 89.99 22.35
C VAL E 24 5.56 90.69 22.43
N THR E 25 5.60 91.98 22.75
CA THR E 25 4.42 92.82 22.79
C THR E 25 4.85 94.23 22.44
N VAL E 26 4.25 94.80 21.40
CA VAL E 26 4.69 96.06 20.82
C VAL E 26 3.56 97.07 20.97
N THR E 27 3.78 98.08 21.81
CA THR E 27 2.77 99.10 22.13
C THR E 27 3.22 100.42 21.54
N GLY E 28 2.57 100.86 20.47
CA GLY E 28 2.91 102.13 19.85
C GLY E 28 1.80 103.14 19.88
N LYS E 29 1.68 103.92 18.80
CA LYS E 29 0.63 104.92 18.70
C LYS E 29 -0.74 104.28 18.57
N ARG E 30 -0.83 103.18 17.83
CA ARG E 30 -2.10 102.68 17.34
C ARG E 30 -2.61 101.45 18.08
N GLY E 31 -1.86 100.91 19.03
CA GLY E 31 -2.34 99.77 19.77
C GLY E 31 -1.25 98.76 19.99
N THR E 32 -1.64 97.57 20.41
CA THR E 32 -0.71 96.53 20.81
C THR E 32 -0.78 95.36 19.84
N LEU E 33 0.35 94.66 19.69
CA LEU E 33 0.45 93.52 18.79
C LEU E 33 1.34 92.46 19.44
N THR E 34 0.72 91.43 19.99
CA THR E 34 1.46 90.32 20.56
C THR E 34 1.82 89.32 19.47
N LYS E 35 3.02 88.75 19.55
CA LYS E 35 3.46 87.69 18.65
C LYS E 35 4.03 86.55 19.48
N ASP E 36 3.34 85.42 19.49
CA ASP E 36 3.71 84.23 20.25
C ASP E 36 4.83 83.47 19.55
N LEU E 37 6.08 83.84 19.81
CA LEU E 37 7.23 83.20 19.17
C LEU E 37 7.81 82.08 20.02
N THR E 38 6.97 81.17 20.52
CA THR E 38 7.44 80.16 21.47
C THR E 38 8.20 79.05 20.75
N HIS E 39 7.88 78.82 19.49
CA HIS E 39 8.40 77.72 18.70
C HIS E 39 9.79 77.98 18.13
N LEU E 40 10.56 78.94 18.64
CA LEU E 40 11.78 79.33 17.94
C LEU E 40 13.07 79.04 18.66
N GLN E 41 13.09 79.08 20.00
CA GLN E 41 14.28 78.87 20.85
C GLN E 41 15.39 79.87 20.53
N LEU E 42 15.11 81.13 20.86
CA LEU E 42 16.06 82.21 20.63
C LEU E 42 16.19 83.03 21.90
N ASP E 43 17.24 83.85 21.97
CA ASP E 43 17.44 84.77 23.09
C ASP E 43 16.99 86.15 22.63
N LEU E 44 15.73 86.48 22.92
CA LEU E 44 15.17 87.78 22.56
C LEU E 44 15.39 88.73 23.72
N ARG E 45 15.94 89.90 23.44
CA ARG E 45 16.20 90.87 24.50
C ARG E 45 16.08 92.28 23.94
N VAL E 46 15.66 93.20 24.80
CA VAL E 46 15.45 94.60 24.45
C VAL E 46 16.34 95.47 25.34
N ASP E 47 16.96 96.49 24.74
CA ASP E 47 17.89 97.33 25.49
C ASP E 47 17.19 98.38 26.33
N LYS E 48 16.07 98.92 25.83
CA LYS E 48 15.12 99.81 26.50
C LYS E 48 15.64 101.22 26.76
N LYS E 49 16.93 101.48 26.55
CA LYS E 49 17.49 102.82 26.73
C LYS E 49 18.08 103.33 25.42
N ASN E 50 18.96 102.56 24.80
CA ASN E 50 19.40 102.84 23.44
C ASN E 50 18.42 102.37 22.39
N ARG E 51 17.31 101.74 22.82
CA ARG E 51 16.13 101.45 22.03
C ARG E 51 16.45 100.53 20.85
N THR E 52 16.85 99.32 21.18
CA THR E 52 17.21 98.33 20.18
C THR E 52 16.88 96.93 20.66
N PHE E 53 16.35 96.13 19.75
CA PHE E 53 15.89 94.77 20.01
C PHE E 53 16.88 93.79 19.41
N THR E 54 17.17 92.71 20.13
CA THR E 54 18.25 91.81 19.78
C THR E 54 17.76 90.37 19.81
N VAL E 55 17.96 89.64 18.72
CA VAL E 55 17.74 88.19 18.69
C VAL E 55 19.11 87.54 18.68
N ILE E 56 19.26 86.45 19.43
CA ILE E 56 20.53 85.73 19.50
C ILE E 56 20.23 84.24 19.42
N ARG E 57 20.92 83.56 18.51
CA ARG E 57 21.02 82.10 18.49
C ARG E 57 22.45 81.74 18.84
N TRP E 58 22.64 80.88 19.84
CA TRP E 58 24.02 80.65 20.22
C TRP E 58 24.69 79.56 19.39
N PHE E 59 24.37 78.30 19.61
CA PHE E 59 25.07 77.23 18.90
C PHE E 59 24.14 76.67 17.83
N GLY E 60 24.00 77.41 16.73
CA GLY E 60 23.12 77.03 15.64
C GLY E 60 23.91 76.64 14.41
N SER E 61 23.37 75.71 13.63
CA SER E 61 24.08 75.27 12.42
C SER E 61 23.80 76.15 11.22
N LYS E 62 22.63 75.98 10.59
CA LYS E 62 22.20 76.91 9.56
C LYS E 62 20.68 77.08 9.59
N ILE E 63 19.99 76.06 10.09
CA ILE E 63 18.53 76.05 10.21
C ILE E 63 18.05 77.08 11.24
N PRO E 64 18.62 77.22 12.45
CA PRO E 64 18.11 78.28 13.33
C PRO E 64 18.63 79.67 13.00
N ILE E 65 19.70 79.78 12.21
CA ILE E 65 20.16 81.08 11.74
C ILE E 65 19.14 81.68 10.77
N ALA E 66 18.40 80.82 10.07
CA ALA E 66 17.30 81.28 9.23
C ALA E 66 16.18 81.92 10.04
N CYS E 67 15.97 81.49 11.29
CA CYS E 67 14.91 82.03 12.11
C CYS E 67 15.32 83.30 12.86
N LEU E 68 16.54 83.80 12.65
CA LEU E 68 16.94 85.06 13.25
C LEU E 68 16.35 86.25 12.50
N ASN E 69 16.61 86.34 11.20
CA ASN E 69 16.07 87.42 10.40
C ASN E 69 14.58 87.27 10.15
N THR E 70 14.01 86.08 10.37
CA THR E 70 12.56 85.95 10.39
C THR E 70 11.98 86.67 11.59
N THR E 71 12.61 86.51 12.76
CA THR E 71 12.13 87.17 13.97
C THR E 71 12.34 88.68 13.90
N LYS E 72 13.47 89.11 13.33
CA LYS E 72 13.73 90.54 13.16
C LYS E 72 12.74 91.17 12.20
N ALA E 73 12.32 90.45 11.15
CA ALA E 73 11.37 91.00 10.22
C ALA E 73 9.96 91.06 10.79
N HIS E 74 9.61 90.11 11.65
CA HIS E 74 8.28 90.09 12.25
C HIS E 74 8.08 91.23 13.23
N VAL E 75 9.12 91.56 14.00
CA VAL E 75 9.02 92.67 14.93
C VAL E 75 8.98 93.99 14.19
N GLN E 76 9.65 94.07 13.05
CA GLN E 76 9.60 95.29 12.25
C GLN E 76 8.23 95.48 11.61
N ASN E 77 7.54 94.40 11.25
CA ASN E 77 6.17 94.53 10.77
C ASN E 77 5.17 94.82 11.87
N MET E 78 5.57 94.73 13.14
CA MET E 78 4.72 95.21 14.21
C MET E 78 5.05 96.64 14.60
N ILE E 79 6.32 97.04 14.49
CA ILE E 79 6.68 98.43 14.70
C ILE E 79 6.11 99.30 13.59
N THR E 80 6.06 98.78 12.37
CA THR E 80 5.38 99.50 11.30
C THR E 80 3.87 99.51 11.52
N GLY E 81 3.33 98.44 12.11
CA GLY E 81 1.91 98.35 12.33
C GLY E 81 1.36 99.25 13.42
N VAL E 82 2.12 99.43 14.49
CA VAL E 82 1.62 100.26 15.58
C VAL E 82 1.98 101.73 15.41
N THR E 83 2.96 102.05 14.56
CA THR E 83 3.30 103.44 14.28
C THR E 83 2.53 103.95 13.09
N LYS E 84 2.71 103.30 11.94
CA LYS E 84 2.11 103.75 10.70
C LYS E 84 0.90 102.94 10.28
N GLY E 85 0.85 101.66 10.64
CA GLY E 85 -0.24 100.79 10.24
C GLY E 85 -0.08 100.26 8.84
N TYR E 86 -1.00 99.37 8.47
CA TYR E 86 -1.01 98.76 7.16
C TYR E 86 -2.32 99.00 6.45
N ARG E 87 -2.24 99.16 5.14
CA ARG E 87 -3.40 99.36 4.29
C ARG E 87 -3.10 98.72 2.94
N PHE E 88 -3.98 97.84 2.47
CA PHE E 88 -3.87 97.32 1.12
C PHE E 88 -5.03 97.86 0.29
N LYS E 89 -4.89 97.75 -1.02
CA LYS E 89 -5.95 98.12 -1.96
C LYS E 89 -6.09 97.02 -2.98
N VAL E 90 -7.30 96.48 -3.12
CA VAL E 90 -7.57 95.44 -4.09
C VAL E 90 -8.51 96.01 -5.15
N ARG E 91 -8.47 95.40 -6.34
CA ARG E 91 -9.18 95.94 -7.50
C ARG E 91 -9.96 94.83 -8.19
N CYS E 92 -11.24 95.07 -8.45
CA CYS E 92 -12.03 94.18 -9.30
C CYS E 92 -11.66 94.40 -10.75
N ALA E 93 -11.19 93.35 -11.40
CA ALA E 93 -10.90 93.37 -12.83
C ALA E 93 -11.87 92.41 -13.52
N TYR E 94 -12.50 92.88 -14.59
CA TYR E 94 -13.45 92.05 -15.31
C TYR E 94 -13.46 92.45 -16.78
N ALA E 95 -13.99 91.56 -17.61
CA ALA E 95 -14.11 91.80 -19.04
C ALA E 95 -15.53 92.17 -19.46
N HIS E 96 -16.55 91.50 -18.93
CA HIS E 96 -17.91 91.74 -19.41
C HIS E 96 -18.91 91.91 -18.27
N PHE E 97 -18.63 91.35 -17.11
CA PHE E 97 -19.61 91.34 -16.02
C PHE E 97 -19.11 92.20 -14.86
N PRO E 98 -19.81 93.30 -14.52
CA PRO E 98 -19.38 94.13 -13.40
C PRO E 98 -19.47 93.43 -12.05
N ILE E 99 -18.30 93.20 -11.44
CA ILE E 99 -18.24 92.56 -10.14
C ILE E 99 -18.77 93.54 -9.10
N ASN E 100 -19.80 93.14 -8.37
CA ASN E 100 -20.47 94.00 -7.41
C ASN E 100 -20.10 93.53 -6.01
N VAL E 101 -19.28 94.32 -5.33
CA VAL E 101 -18.78 93.98 -4.00
C VAL E 101 -19.51 94.82 -2.97
N SER E 102 -20.27 94.16 -2.11
CA SER E 102 -21.01 94.80 -1.04
C SER E 102 -20.17 94.81 0.23
N VAL E 103 -20.27 95.90 0.99
CA VAL E 103 -19.57 96.05 2.28
C VAL E 103 -20.58 96.62 3.26
N ASP E 104 -20.95 95.83 4.27
CA ASP E 104 -21.77 96.30 5.37
C ASP E 104 -21.21 95.72 6.65
N GLY E 105 -20.65 96.57 7.49
CA GLY E 105 -19.94 96.09 8.67
C GLY E 105 -18.64 95.43 8.28
N GLN E 106 -18.33 94.34 8.97
CA GLN E 106 -17.16 93.55 8.60
C GLN E 106 -17.46 92.59 7.47
N ASN E 107 -18.73 92.31 7.20
CA ASN E 107 -19.10 91.38 6.16
C ASN E 107 -18.85 91.96 4.78
N ILE E 108 -18.61 91.08 3.82
CA ILE E 108 -18.35 91.49 2.44
C ILE E 108 -18.97 90.45 1.50
N GLU E 109 -19.75 90.94 0.53
CA GLU E 109 -20.47 90.08 -0.40
C GLU E 109 -20.06 90.50 -1.81
N VAL E 110 -19.47 89.57 -2.55
CA VAL E 110 -19.15 89.78 -3.95
C VAL E 110 -20.13 88.97 -4.80
N ARG E 111 -20.82 89.67 -5.70
CA ARG E 111 -21.80 89.08 -6.60
C ARG E 111 -21.38 89.34 -8.04
N ASN E 112 -22.01 88.58 -8.96
CA ASN E 112 -21.90 88.78 -10.41
C ASN E 112 -20.45 88.64 -10.88
N PHE E 113 -19.77 87.61 -10.39
CA PHE E 113 -18.42 87.30 -10.81
C PHE E 113 -18.52 86.32 -11.98
N LEU E 114 -18.13 86.79 -13.18
CA LEU E 114 -18.32 86.07 -14.44
C LEU E 114 -19.78 85.69 -14.67
N GLY E 115 -20.70 86.54 -14.21
CA GLY E 115 -22.10 86.31 -14.41
C GLY E 115 -22.70 85.17 -13.63
N GLU E 116 -21.98 84.64 -12.65
CA GLU E 116 -22.52 83.56 -11.85
C GLU E 116 -23.60 84.07 -10.90
N LYS E 117 -24.48 83.17 -10.49
CA LYS E 117 -25.55 83.51 -9.56
C LYS E 117 -25.16 83.24 -8.11
N ARG E 118 -24.06 82.52 -7.89
CA ARG E 118 -23.48 82.34 -6.56
C ARG E 118 -23.09 83.68 -5.96
N VAL E 119 -23.38 83.85 -4.68
CA VAL E 119 -22.83 84.95 -3.89
C VAL E 119 -21.75 84.38 -3.00
N ARG E 120 -20.62 85.09 -2.93
CA ARG E 120 -19.47 84.62 -2.18
C ARG E 120 -19.35 85.47 -0.92
N ARG E 121 -19.15 84.82 0.22
CA ARG E 121 -19.33 85.47 1.51
C ARG E 121 -18.07 85.32 2.35
N GLN E 122 -17.55 86.44 2.85
CA GLN E 122 -16.39 86.47 3.71
C GLN E 122 -16.70 87.31 4.95
N LEU E 123 -16.35 86.80 6.13
CA LEU E 123 -16.55 87.49 7.39
C LEU E 123 -15.19 87.95 7.86
N VAL E 124 -14.90 89.22 7.63
CA VAL E 124 -13.61 89.81 8.01
C VAL E 124 -13.54 89.96 9.52
N PRO E 125 -12.41 89.69 10.16
CA PRO E 125 -12.31 89.88 11.61
C PRO E 125 -12.39 91.35 12.01
N SER E 126 -12.58 91.56 13.31
CA SER E 126 -12.70 92.91 13.86
C SER E 126 -11.40 93.68 13.83
N SER E 127 -10.26 92.98 13.70
CA SER E 127 -8.96 93.63 13.66
C SER E 127 -8.74 94.37 12.36
N VAL E 128 -9.43 93.99 11.28
CA VAL E 128 -9.28 94.62 9.98
C VAL E 128 -10.57 95.37 9.68
N LYS E 129 -10.43 96.59 9.14
CA LYS E 129 -11.58 97.39 8.72
C LYS E 129 -11.69 97.28 7.21
N VAL E 130 -12.91 97.27 6.69
CA VAL E 130 -13.14 97.14 5.26
C VAL E 130 -13.83 98.40 4.78
N SER E 131 -13.22 99.07 3.82
CA SER E 131 -13.78 100.29 3.25
C SER E 131 -13.98 100.10 1.77
N GLN E 132 -14.54 101.13 1.13
CA GLN E 132 -14.76 101.11 -0.31
C GLN E 132 -14.70 102.54 -0.82
N THR E 133 -13.81 102.78 -1.77
CA THR E 133 -13.73 104.09 -2.41
C THR E 133 -14.96 104.30 -3.29
N ASP E 134 -15.49 105.52 -3.30
CA ASP E 134 -16.54 105.85 -4.25
C ASP E 134 -16.00 105.78 -5.68
N PRO E 135 -16.87 105.49 -6.66
CA PRO E 135 -16.40 105.46 -8.06
C PRO E 135 -16.13 106.84 -8.66
N SER E 136 -16.26 107.91 -7.89
CA SER E 136 -15.85 109.23 -8.36
C SER E 136 -14.34 109.31 -8.53
N LYS E 137 -13.59 108.83 -7.54
CA LYS E 137 -12.13 108.90 -7.56
C LYS E 137 -11.50 107.67 -8.21
N VAL E 138 -11.76 106.49 -7.66
CA VAL E 138 -11.20 105.23 -8.13
C VAL E 138 -12.35 104.30 -8.48
N LYS E 139 -12.21 103.56 -9.59
CA LYS E 139 -13.30 102.79 -10.20
C LYS E 139 -13.91 101.78 -9.23
N ASP E 140 -13.11 100.82 -8.75
CA ASP E 140 -13.62 99.92 -7.72
C ASP E 140 -12.44 99.46 -6.85
N GLU E 141 -12.33 100.05 -5.68
CA GLU E 141 -11.30 99.67 -4.73
C GLU E 141 -11.96 99.26 -3.42
N ILE E 142 -11.49 98.16 -2.86
CA ILE E 142 -11.85 97.71 -1.52
C ILE E 142 -10.60 97.84 -0.67
N ILE E 143 -10.73 98.43 0.51
CA ILE E 143 -9.59 98.84 1.32
C ILE E 143 -9.55 97.99 2.58
N PHE E 144 -8.43 97.30 2.77
CA PHE E 144 -8.19 96.46 3.94
C PHE E 144 -7.11 97.13 4.76
N ASP E 145 -7.46 97.55 5.97
CA ASP E 145 -6.50 98.24 6.82
C ASP E 145 -6.61 97.79 8.27
N GLY E 146 -5.47 97.74 8.94
CA GLY E 146 -5.37 97.30 10.32
C GLY E 146 -4.00 97.60 10.91
N ASN E 147 -3.49 96.71 11.76
CA ASN E 147 -2.14 96.83 12.30
C ASN E 147 -1.29 95.60 12.03
N ASP E 148 -1.87 94.41 12.09
CA ASP E 148 -1.15 93.20 11.70
C ASP E 148 -1.00 93.14 10.20
N LEU E 149 0.24 92.96 9.74
CA LEU E 149 0.48 92.81 8.31
C LEU E 149 -0.15 91.53 7.79
N GLU E 150 0.06 90.42 8.49
CA GLU E 150 -0.42 89.13 8.02
C GLU E 150 -1.85 88.82 8.49
N GLN E 151 -2.59 89.84 8.90
CA GLN E 151 -4.04 89.76 8.95
C GLN E 151 -4.70 90.63 7.92
N VAL E 152 -4.04 91.70 7.49
CA VAL E 152 -4.46 92.45 6.32
C VAL E 152 -4.14 91.69 5.05
N SER E 153 -2.93 91.12 4.99
CA SER E 153 -2.53 90.32 3.84
C SER E 153 -3.26 89.00 3.78
N ARG E 154 -3.70 88.48 4.92
CA ARG E 154 -4.49 87.26 4.92
C ARG E 154 -5.88 87.50 4.32
N GLU E 155 -6.53 88.60 4.68
CA GLU E 155 -7.89 88.84 4.18
C GLU E 155 -7.91 89.24 2.72
N ALA E 156 -6.85 89.89 2.24
CA ALA E 156 -6.81 90.29 0.84
C ALA E 156 -6.53 89.11 -0.09
N ALA E 157 -6.12 87.96 0.43
CA ALA E 157 -5.95 86.76 -0.37
C ALA E 157 -7.02 85.71 -0.12
N VAL E 158 -7.73 85.77 1.01
CA VAL E 158 -9.01 85.08 1.12
C VAL E 158 -9.97 85.62 0.08
N LEU E 159 -9.99 86.95 -0.10
CA LEU E 159 -10.84 87.58 -1.11
C LEU E 159 -10.37 87.26 -2.52
N HIS E 160 -9.06 87.20 -2.73
CA HIS E 160 -8.52 86.88 -4.05
C HIS E 160 -8.87 85.46 -4.47
N GLN E 161 -8.96 84.53 -3.53
CA GLN E 161 -9.12 83.12 -3.86
C GLN E 161 -10.56 82.64 -3.83
N MET E 162 -11.51 83.46 -3.37
CA MET E 162 -12.91 83.14 -3.62
C MET E 162 -13.24 83.33 -5.09
N CYS E 163 -12.68 84.38 -5.69
CA CYS E 163 -12.97 84.73 -7.08
C CYS E 163 -11.82 84.27 -7.96
N LEU E 164 -11.79 82.97 -8.21
CA LEU E 164 -10.87 82.35 -9.14
C LEU E 164 -11.68 81.75 -10.28
N VAL E 165 -11.15 81.86 -11.50
CA VAL E 165 -11.79 81.27 -12.67
C VAL E 165 -11.58 79.77 -12.61
N LYS E 166 -12.65 79.00 -12.84
CA LYS E 166 -12.60 77.55 -12.75
C LYS E 166 -12.95 76.93 -14.10
N LYS E 167 -12.11 75.98 -14.52
CA LYS E 167 -12.33 75.11 -15.68
C LYS E 167 -12.44 75.89 -16.97
N LYS E 168 -11.76 77.03 -17.05
CA LYS E 168 -11.55 77.79 -18.26
C LYS E 168 -10.10 78.26 -18.28
N ASP E 169 -9.71 78.89 -19.37
CA ASP E 169 -8.32 79.31 -19.54
C ASP E 169 -8.09 80.61 -18.77
N ILE E 170 -7.18 80.58 -17.79
CA ILE E 170 -6.92 81.76 -16.98
C ILE E 170 -6.06 82.79 -17.69
N ARG E 171 -5.42 82.42 -18.80
CA ARG E 171 -4.67 83.38 -19.60
C ARG E 171 -5.61 84.27 -20.39
N LYS E 172 -6.79 83.76 -20.72
CA LYS E 172 -7.82 84.48 -21.44
C LYS E 172 -8.86 85.08 -20.51
N PHE E 173 -9.15 84.40 -19.41
CA PHE E 173 -10.14 84.85 -18.44
C PHE E 173 -9.36 85.45 -17.28
N LEU E 174 -9.02 86.73 -17.42
CA LEU E 174 -8.16 87.44 -16.49
C LEU E 174 -8.94 88.13 -15.38
N ASP E 175 -10.12 87.63 -15.04
CA ASP E 175 -11.02 88.33 -14.14
C ASP E 175 -10.73 87.94 -12.69
N GLY E 176 -11.03 88.85 -11.78
CA GLY E 176 -10.83 88.57 -10.37
C GLY E 176 -10.66 89.85 -9.57
N ILE E 177 -10.34 89.66 -8.30
CA ILE E 177 -10.06 90.75 -7.36
C ILE E 177 -8.57 90.68 -7.05
N TYR E 178 -7.81 91.67 -7.52
CA TYR E 178 -6.36 91.63 -7.46
C TYR E 178 -5.82 92.75 -6.60
N VAL E 179 -4.86 92.44 -5.74
CA VAL E 179 -4.15 93.45 -4.97
C VAL E 179 -3.22 94.19 -5.92
N GLN E 180 -3.32 95.52 -5.96
CA GLN E 180 -2.34 96.27 -6.73
C GLN E 180 -1.34 97.03 -5.88
N THR E 181 -1.76 97.68 -4.80
CA THR E 181 -0.87 98.49 -3.99
C THR E 181 -0.90 98.03 -2.54
N LYS E 182 0.23 98.21 -1.87
CA LYS E 182 0.37 97.90 -0.46
C LYS E 182 1.01 99.12 0.20
N THR E 183 0.24 99.79 1.06
CA THR E 183 0.66 101.07 1.62
C THR E 183 0.61 101.06 3.14
N ASN E 184 0.74 102.24 3.74
CA ASN E 184 0.49 102.46 5.15
C ASN E 184 -0.74 103.35 5.28
N ILE E 185 -1.13 103.64 6.51
CA ILE E 185 -2.15 104.65 6.75
C ILE E 185 -1.52 106.00 7.10
N GLU E 186 -0.48 105.98 7.95
CA GLU E 186 0.25 107.21 8.27
C GLU E 186 1.31 107.49 7.21
N SER F 20 48.46 29.45 70.96
CA SER F 20 47.81 30.51 71.72
C SER F 20 46.30 30.47 71.54
N ARG F 21 45.83 29.70 70.57
CA ARG F 21 44.41 29.71 70.22
C ARG F 21 43.54 29.05 71.28
N LYS F 22 44.09 28.09 72.02
CA LYS F 22 43.35 27.44 73.10
C LYS F 22 43.33 28.28 74.37
N SER F 23 44.15 29.32 74.46
CA SER F 23 44.10 30.21 75.61
C SER F 23 42.79 30.97 75.64
N PRO F 24 42.23 31.21 76.83
CA PRO F 24 40.98 31.98 76.91
C PRO F 24 41.14 33.44 76.51
N GLU F 25 42.36 33.98 76.56
CA GLU F 25 42.61 35.33 76.09
C GLU F 25 42.77 35.41 74.57
N TYR F 26 42.64 34.29 73.86
CA TYR F 26 42.65 34.32 72.40
C TYR F 26 41.33 34.86 71.92
N THR F 27 41.36 36.04 71.30
CA THR F 27 40.19 36.61 70.65
C THR F 27 40.48 36.75 69.17
N THR F 28 39.41 36.79 68.38
CA THR F 28 39.50 37.14 66.98
C THR F 28 38.52 38.28 66.69
N LEU F 29 38.03 38.93 67.74
CA LEU F 29 37.01 39.96 67.64
C LEU F 29 37.57 41.25 67.05
N ARG F 30 36.69 41.97 66.34
CA ARG F 30 37.00 43.21 65.63
C ARG F 30 37.58 44.30 66.52
N LYS F 31 38.43 45.15 65.96
CA LYS F 31 39.03 46.23 66.71
C LYS F 31 38.05 47.35 67.02
N SER F 32 36.85 47.33 66.44
CA SER F 32 35.82 48.30 66.76
C SER F 32 34.97 47.90 67.96
N CYS F 33 34.91 46.62 68.28
CA CYS F 33 34.07 46.14 69.39
C CYS F 33 34.85 46.10 70.70
N ALA F 34 35.52 47.20 71.03
CA ALA F 34 36.29 47.30 72.25
C ALA F 34 35.37 47.51 73.45
N PRO F 35 35.84 47.26 74.66
CA PRO F 35 35.09 47.67 75.86
C PRO F 35 34.92 49.19 75.93
N GLY F 36 33.69 49.62 76.19
CA GLY F 36 33.33 51.01 76.20
C GLY F 36 32.63 51.48 74.94
N VAL F 37 32.70 50.70 73.87
CA VAL F 37 32.13 51.12 72.59
C VAL F 37 30.62 50.95 72.63
N ILE F 38 29.91 52.01 72.31
CA ILE F 38 28.44 52.01 72.31
C ILE F 38 27.96 51.29 71.06
N ALA F 39 27.06 50.35 71.24
CA ALA F 39 26.68 49.41 70.19
C ALA F 39 25.24 49.66 69.75
N ILE F 40 24.86 48.95 68.69
CA ILE F 40 23.47 48.88 68.23
C ILE F 40 23.13 47.40 68.13
N ILE F 41 21.95 47.02 68.59
CA ILE F 41 21.69 45.62 68.91
C ILE F 41 21.18 44.81 67.72
N LEU F 42 20.46 45.42 66.78
CA LEU F 42 20.18 44.88 65.44
C LEU F 42 19.32 43.62 65.36
N ALA F 43 19.04 42.98 66.50
CA ALA F 43 18.46 41.65 66.53
C ALA F 43 18.08 41.35 67.97
N GLY F 44 17.44 40.20 68.16
CA GLY F 44 17.12 39.77 69.51
C GLY F 44 15.95 40.57 70.05
N ARG F 45 15.78 40.53 71.37
CA ARG F 45 14.66 41.25 71.98
C ARG F 45 14.84 42.75 71.87
N PHE F 46 15.97 43.25 72.33
CA PHE F 46 16.19 44.68 72.47
C PHE F 46 16.81 45.29 71.21
N ARG F 47 16.24 45.00 70.04
CA ARG F 47 16.80 45.46 68.78
C ARG F 47 16.63 46.95 68.63
N GLY F 48 17.61 47.58 67.98
CA GLY F 48 17.61 49.01 67.83
C GLY F 48 18.03 49.81 69.03
N ARG F 49 18.20 49.19 70.19
CA ARG F 49 18.65 49.94 71.35
C ARG F 49 20.15 50.18 71.26
N ARG F 50 20.65 51.06 72.12
CA ARG F 50 22.07 51.38 72.20
C ARG F 50 22.59 50.88 73.54
N ALA F 51 23.39 49.82 73.51
CA ALA F 51 23.98 49.24 74.71
C ALA F 51 25.49 49.42 74.66
N VAL F 52 26.10 49.46 75.84
CA VAL F 52 27.55 49.63 75.97
C VAL F 52 28.21 48.26 76.11
N ILE F 53 29.30 48.05 75.38
CA ILE F 53 30.02 46.78 75.38
C ILE F 53 30.93 46.74 76.60
N LEU F 54 30.72 45.74 77.46
CA LEU F 54 31.48 45.67 78.70
C LEU F 54 32.79 44.91 78.53
N LYS F 55 32.72 43.67 78.06
CA LYS F 55 33.92 42.88 77.74
C LYS F 55 33.50 41.74 76.82
N GLN F 56 34.43 40.82 76.59
CA GLN F 56 34.18 39.61 75.83
C GLN F 56 34.50 38.40 76.70
N LEU F 57 33.61 37.40 76.68
CA LEU F 57 33.75 36.21 77.46
C LEU F 57 34.93 35.36 76.97
N PRO F 58 35.49 34.50 77.83
CA PRO F 58 36.68 33.74 77.42
C PRO F 58 36.36 32.61 76.44
N HIS F 59 37.45 32.05 75.90
CA HIS F 59 37.44 31.06 74.81
C HIS F 59 36.70 31.58 73.59
N ASN F 60 37.04 32.81 73.21
CA ASN F 60 36.47 33.54 72.07
C ASN F 60 34.94 33.60 72.16
N GLY F 61 34.46 33.90 73.37
CA GLY F 61 33.05 33.86 73.65
C GLY F 61 32.33 35.06 73.08
N PRO F 62 31.02 35.10 73.32
CA PRO F 62 30.23 36.24 72.85
C PRO F 62 30.53 37.47 73.68
N LEU F 63 30.17 38.62 73.12
CA LEU F 63 30.23 39.87 73.84
C LEU F 63 29.24 39.87 74.99
N VAL F 64 29.49 40.70 75.98
CA VAL F 64 28.52 40.93 77.04
C VAL F 64 28.24 42.43 77.10
N VAL F 65 26.98 42.79 76.92
CA VAL F 65 26.57 44.19 76.88
C VAL F 65 25.60 44.46 78.02
N SER F 66 25.82 45.56 78.71
CA SER F 66 24.79 46.19 79.51
C SER F 66 24.27 47.40 78.77
N GLY F 67 23.09 47.84 79.13
CA GLY F 67 22.49 48.99 78.50
C GLY F 67 23.15 50.31 78.82
N PRO F 68 23.06 50.78 80.08
CA PRO F 68 22.49 50.22 81.31
C PRO F 68 20.98 50.21 81.30
N MET F 69 20.38 49.42 82.20
CA MET F 69 18.93 49.34 82.24
C MET F 69 18.28 50.65 82.67
N LYS F 70 19.03 51.50 83.38
CA LYS F 70 18.53 52.82 83.76
C LYS F 70 18.13 53.66 82.56
N TYR F 71 18.85 53.50 81.45
CA TYR F 71 18.62 54.33 80.27
C TYR F 71 17.65 53.68 79.28
N ASN F 72 18.02 52.51 78.74
CA ASN F 72 17.27 51.93 77.64
C ASN F 72 16.58 50.60 77.94
N GLY F 73 16.81 50.01 79.10
CA GLY F 73 16.15 48.77 79.46
C GLY F 73 16.91 47.51 79.12
N VAL F 74 18.17 47.62 78.71
CA VAL F 74 18.96 46.46 78.30
C VAL F 74 19.76 45.99 79.50
N PRO F 75 19.52 44.79 80.01
CA PRO F 75 20.34 44.29 81.12
C PRO F 75 21.71 43.83 80.69
N ILE F 76 22.47 43.26 81.62
CA ILE F 76 23.67 42.52 81.28
C ILE F 76 23.25 41.25 80.55
N ARG F 77 23.67 41.13 79.29
CA ARG F 77 23.21 40.04 78.45
C ARG F 77 24.32 39.69 77.47
N ARG F 78 24.34 38.44 77.03
CA ARG F 78 25.24 37.99 75.98
C ARG F 78 24.69 38.34 74.62
N ILE F 79 25.58 38.73 73.72
CA ILE F 79 25.30 38.93 72.31
C ILE F 79 26.62 38.67 71.61
N ASP F 80 26.58 38.33 70.35
CA ASP F 80 27.85 38.15 69.64
C ASP F 80 28.14 39.33 68.74
N SER F 81 29.32 39.29 68.14
CA SER F 81 29.85 40.41 67.38
C SER F 81 29.08 40.66 66.11
N ARG F 82 28.58 39.60 65.48
CA ARG F 82 27.93 39.75 64.18
C ARG F 82 26.52 40.29 64.29
N TYR F 83 26.00 40.47 65.49
CA TYR F 83 24.69 41.05 65.70
C TYR F 83 24.80 42.41 66.38
N VAL F 84 25.87 43.14 66.09
CA VAL F 84 26.21 44.39 66.77
C VAL F 84 26.92 45.31 65.79
N ILE F 85 26.39 46.52 65.63
CA ILE F 85 27.14 47.60 64.98
C ILE F 85 27.88 48.37 66.06
N ALA F 86 29.21 48.29 66.03
CA ALA F 86 30.04 49.03 66.95
C ALA F 86 30.39 50.38 66.32
N THR F 87 30.15 51.45 67.06
CA THR F 87 30.27 52.80 66.56
C THR F 87 31.60 53.40 66.98
N SER F 88 31.84 54.65 66.59
CA SER F 88 33.05 55.34 66.98
C SER F 88 33.03 55.84 68.41
N THR F 89 31.86 55.92 69.02
CA THR F 89 31.68 56.59 70.30
C THR F 89 32.00 55.63 71.44
N LYS F 90 33.01 55.96 72.23
CA LYS F 90 33.35 55.25 73.45
C LYS F 90 33.04 56.12 74.65
N VAL F 91 32.87 55.47 75.80
CA VAL F 91 32.65 56.16 77.07
C VAL F 91 33.78 55.99 78.04
N ASP F 92 34.77 55.14 77.73
CA ASP F 92 35.97 54.87 78.53
C ASP F 92 35.62 54.35 79.93
N ILE F 93 35.04 53.16 79.92
CA ILE F 93 34.79 52.43 81.17
C ILE F 93 36.06 51.74 81.62
N SER F 94 36.24 51.68 82.93
CA SER F 94 37.30 50.92 83.56
C SER F 94 36.72 50.17 84.75
N SER F 95 35.50 49.66 84.57
CA SER F 95 34.61 49.28 85.65
C SER F 95 34.95 47.88 86.16
N VAL F 96 34.09 47.37 87.02
CA VAL F 96 34.28 46.05 87.61
C VAL F 96 34.01 44.98 86.56
N ASP F 97 34.88 43.97 86.50
CA ASP F 97 34.65 42.80 85.65
C ASP F 97 34.69 41.58 86.55
N THR F 98 33.53 41.29 87.15
CA THR F 98 33.26 40.07 87.88
C THR F 98 32.04 39.37 87.28
N ALA F 99 31.96 39.35 85.95
CA ALA F 99 30.90 38.68 85.21
C ALA F 99 31.52 37.56 84.38
N PRO F 100 31.73 36.38 84.99
CA PRO F 100 32.36 35.26 84.26
C PRO F 100 31.45 34.62 83.24
N ILE F 101 31.83 33.44 82.77
CA ILE F 101 30.96 32.70 81.86
C ILE F 101 29.88 31.93 82.60
N THR F 102 29.77 32.12 83.93
CA THR F 102 28.73 31.46 84.71
C THR F 102 27.91 32.30 85.70
N PRO F 103 27.46 33.52 85.37
CA PRO F 103 26.14 33.96 85.85
C PRO F 103 25.07 33.68 84.81
N GLU F 104 25.52 33.42 83.59
CA GLU F 104 24.65 33.15 82.47
C GLU F 104 24.65 31.64 82.19
N VAL F 105 23.93 30.93 83.06
CA VAL F 105 23.84 29.47 83.01
C VAL F 105 22.50 29.09 83.63
N PHE F 106 22.10 27.84 83.44
CA PHE F 106 20.81 27.33 83.93
C PHE F 106 20.71 27.26 85.45
N VAL F 146 14.24 36.98 88.00
CA VAL F 146 15.66 37.32 88.10
C VAL F 146 16.19 36.84 89.44
N SER F 147 17.27 36.07 89.41
CA SER F 147 17.95 35.64 90.63
C SER F 147 18.59 36.83 91.33
N ASP F 148 18.69 36.73 92.65
CA ASP F 148 19.21 37.83 93.45
C ASP F 148 20.70 38.04 93.27
N ALA F 149 21.41 37.04 92.74
CA ALA F 149 22.79 37.25 92.35
C ALA F 149 22.89 38.10 91.09
N ARG F 150 22.14 37.74 90.05
CA ARG F 150 22.13 38.52 88.82
C ARG F 150 21.44 39.87 89.00
N ALA F 151 20.53 40.00 89.97
CA ALA F 151 19.93 41.29 90.29
C ALA F 151 20.87 42.18 91.08
N GLN F 152 21.83 41.61 91.80
CA GLN F 152 22.86 42.37 92.48
C GLN F 152 24.04 42.67 91.57
N LEU F 153 24.42 41.70 90.72
CA LEU F 153 25.47 41.92 89.74
C LEU F 153 25.07 42.94 88.69
N GLN F 154 23.77 43.06 88.41
CA GLN F 154 23.27 44.14 87.57
C GLN F 154 23.58 45.50 88.17
N LYS F 155 23.04 45.78 89.36
CA LYS F 155 23.08 47.11 89.94
C LYS F 155 24.50 47.54 90.33
N LYS F 156 25.38 46.57 90.62
CA LYS F 156 26.76 46.92 90.95
C LYS F 156 27.55 47.34 89.71
N ILE F 157 27.12 46.93 88.52
CA ILE F 157 27.77 47.30 87.27
C ILE F 157 26.97 48.42 86.62
N ASP F 158 25.65 48.42 86.86
CA ASP F 158 24.75 49.49 86.42
C ASP F 158 25.22 50.84 86.96
N ALA F 159 25.36 50.97 88.28
CA ALA F 159 25.77 52.22 88.87
C ALA F 159 27.22 52.57 88.58
N ALA F 160 28.05 51.58 88.24
CA ALA F 160 29.41 51.88 87.80
C ALA F 160 29.44 52.43 86.39
N LEU F 161 28.40 52.19 85.59
CA LEU F 161 28.34 52.77 84.25
C LEU F 161 27.99 54.25 84.31
N ILE F 162 26.88 54.59 85.00
CA ILE F 162 26.45 55.98 85.14
C ILE F 162 27.51 56.83 85.85
N ALA F 163 28.27 56.21 86.75
CA ALA F 163 29.45 56.86 87.32
C ALA F 163 30.48 57.23 86.26
N ALA F 164 30.67 56.35 85.28
CA ALA F 164 31.61 56.58 84.20
C ALA F 164 31.02 57.31 83.00
N ILE F 165 29.69 57.28 82.85
CA ILE F 165 29.03 58.08 81.82
C ILE F 165 29.20 59.56 82.11
N LYS F 166 28.95 59.97 83.35
CA LYS F 166 28.85 61.39 83.67
C LYS F 166 30.22 62.07 83.78
N LYS F 167 31.28 61.34 84.14
CA LYS F 167 32.58 61.99 84.18
C LYS F 167 33.24 62.07 82.81
N ASP F 168 32.58 61.58 81.77
CA ASP F 168 33.06 61.76 80.40
C ASP F 168 32.77 63.18 79.93
N ALA F 169 33.70 63.74 79.18
CA ALA F 169 33.43 65.02 78.52
C ALA F 169 32.43 64.80 77.40
N GLN F 170 31.44 65.69 77.33
CA GLN F 170 30.18 65.49 76.60
C GLN F 170 29.51 64.19 77.04
N GLY F 171 29.42 64.02 78.36
CA GLY F 171 28.92 62.80 78.94
C GLY F 171 27.43 62.78 79.18
N LYS F 172 26.81 63.96 79.27
CA LYS F 172 25.36 64.01 79.34
C LYS F 172 24.74 63.89 77.94
N GLU F 173 25.46 64.31 76.90
CA GLU F 173 25.03 64.05 75.54
C GLU F 173 25.06 62.57 75.19
N LYS F 174 25.97 61.82 75.81
CA LYS F 174 26.05 60.39 75.52
C LYS F 174 25.03 59.59 76.32
N ALA F 175 24.63 60.09 77.49
CA ALA F 175 23.58 59.42 78.24
C ALA F 175 22.24 59.52 77.53
N GLY F 176 21.97 60.63 76.85
CA GLY F 176 20.81 60.72 76.00
C GLY F 176 20.94 59.91 74.74
N TYR F 177 22.17 59.69 74.28
CA TYR F 177 22.42 58.90 73.08
C TYR F 177 22.11 57.43 73.31
N LEU F 178 22.25 56.96 74.54
CA LEU F 178 21.93 55.59 74.92
C LEU F 178 20.45 55.34 75.11
N ARG F 179 19.63 56.38 75.17
CA ARG F 179 18.20 56.19 75.31
C ARG F 179 17.46 56.23 73.98
N SER F 180 18.10 56.71 72.93
CA SER F 180 17.45 56.75 71.62
C SER F 180 17.37 55.36 71.01
N VAL F 181 16.57 55.23 69.96
CA VAL F 181 16.33 53.96 69.28
C VAL F 181 16.75 54.11 67.83
N PHE F 182 17.60 53.19 67.37
CA PHE F 182 17.96 53.11 65.96
C PHE F 182 16.88 52.34 65.21
N THR F 183 16.30 52.99 64.21
CA THR F 183 15.44 52.30 63.26
C THR F 183 15.86 52.73 61.87
N VAL F 184 15.44 51.97 60.87
CA VAL F 184 15.73 52.31 59.49
C VAL F 184 14.55 53.11 58.97
N LYS F 185 14.81 54.39 58.68
CA LYS F 185 13.80 55.25 58.12
C LYS F 185 13.46 54.84 56.69
N PRO F 186 12.32 55.28 56.15
CA PRO F 186 11.97 54.88 54.78
C PRO F 186 12.81 55.51 53.67
N GLY F 187 13.81 56.33 53.98
CA GLY F 187 14.59 56.92 52.91
C GLY F 187 16.07 57.03 53.16
N ASP F 188 16.61 56.27 54.11
CA ASP F 188 18.01 56.42 54.50
C ASP F 188 18.82 55.18 54.13
N ALA F 189 20.11 55.40 53.92
CA ALA F 189 21.01 54.39 53.37
C ALA F 189 22.09 54.01 54.38
N PRO F 190 21.95 52.88 55.08
CA PRO F 190 22.96 52.48 56.06
C PRO F 190 24.26 52.00 55.46
N HIS F 191 24.33 51.86 54.14
CA HIS F 191 25.53 51.42 53.45
C HIS F 191 26.42 52.58 53.04
N ARG F 192 26.03 53.81 53.37
CA ARG F 192 26.82 54.99 53.04
C ARG F 192 27.16 55.80 54.28
N TRP F 193 27.05 55.20 55.46
CA TRP F 193 27.16 55.88 56.73
C TRP F 193 28.46 55.53 57.43
N ASN F 194 29.03 56.52 58.11
CA ASN F 194 30.04 56.27 59.11
C ASN F 194 29.35 56.09 60.45
N TRP F 195 29.95 55.27 61.30
CA TRP F 195 29.32 54.86 62.53
C TRP F 195 30.21 55.19 63.72
N HIS G 111 -68.53 -79.32 -57.00
CA HIS G 111 -68.07 -77.96 -57.28
C HIS G 111 -66.59 -77.81 -56.97
N PHE G 112 -65.83 -78.90 -57.10
CA PHE G 112 -64.42 -78.90 -56.73
C PHE G 112 -63.63 -78.33 -57.91
N ALA G 113 -63.69 -77.01 -58.06
CA ALA G 113 -63.03 -76.33 -59.17
C ALA G 113 -61.68 -75.81 -58.74
N ALA G 114 -60.86 -75.48 -59.74
CA ALA G 114 -59.50 -75.01 -59.53
C ALA G 114 -59.43 -73.50 -59.70
N ARG G 115 -58.84 -72.83 -58.71
CA ARG G 115 -58.53 -71.40 -58.77
C ARG G 115 -57.03 -71.23 -58.82
N PRO G 116 -56.44 -71.09 -60.01
CA PRO G 116 -55.00 -70.88 -60.09
C PRO G 116 -54.63 -69.48 -59.65
N LYS G 117 -53.52 -69.37 -58.93
CA LYS G 117 -52.98 -68.08 -58.55
C LYS G 117 -51.94 -67.65 -59.55
N ASN G 118 -52.02 -66.39 -59.95
CA ASN G 118 -51.08 -65.79 -60.88
C ASN G 118 -49.89 -65.27 -60.06
N PHE G 119 -48.70 -65.78 -60.33
CA PHE G 119 -47.53 -65.33 -59.62
C PHE G 119 -46.63 -64.50 -60.51
N GLY G 120 -47.21 -63.70 -61.40
CA GLY G 120 -46.46 -62.71 -62.12
C GLY G 120 -46.15 -61.53 -61.22
N ILE G 121 -45.34 -60.60 -61.76
CA ILE G 121 -45.01 -59.41 -60.99
C ILE G 121 -46.23 -58.52 -60.92
N GLY G 122 -46.56 -58.06 -59.71
CA GLY G 122 -47.71 -57.22 -59.48
C GLY G 122 -49.02 -57.95 -59.35
N GLN G 123 -49.00 -59.27 -59.46
CA GLN G 123 -50.19 -60.12 -59.43
C GLN G 123 -50.45 -60.58 -58.00
N ASP G 124 -51.14 -61.71 -57.85
CA ASP G 124 -51.39 -62.33 -56.55
C ASP G 124 -50.11 -62.50 -55.74
N VAL G 125 -50.22 -62.17 -54.45
CA VAL G 125 -49.11 -62.23 -53.49
C VAL G 125 -48.64 -63.67 -53.34
N PRO G 126 -47.35 -63.96 -53.46
CA PRO G 126 -46.91 -65.32 -53.73
C PRO G 126 -46.82 -66.19 -52.49
N TYR G 127 -46.41 -67.43 -52.72
CA TYR G 127 -46.05 -68.39 -51.71
C TYR G 127 -44.79 -67.93 -50.98
N ALA G 128 -44.53 -68.57 -49.84
CA ALA G 128 -43.30 -68.31 -49.11
C ALA G 128 -42.16 -69.08 -49.79
N ARG G 129 -41.17 -68.33 -50.26
CA ARG G 129 -40.03 -68.92 -50.96
C ARG G 129 -39.04 -69.52 -49.97
N ASP G 130 -37.92 -69.99 -50.48
CA ASP G 130 -36.80 -70.39 -49.64
C ASP G 130 -35.80 -69.27 -49.78
N LEU G 131 -35.73 -68.43 -48.77
CA LEU G 131 -34.81 -67.30 -48.74
C LEU G 131 -33.51 -67.65 -48.08
N SER G 132 -33.15 -68.93 -48.07
CA SER G 132 -31.97 -69.41 -47.35
C SER G 132 -30.69 -68.86 -47.93
N ARG G 133 -30.66 -68.63 -49.23
CA ARG G 133 -29.45 -68.20 -49.91
C ARG G 133 -29.31 -66.69 -49.91
N PHE G 134 -30.35 -65.96 -49.53
CA PHE G 134 -30.35 -64.51 -49.55
C PHE G 134 -30.61 -63.92 -48.17
N MET G 135 -30.60 -64.74 -47.13
CA MET G 135 -30.95 -64.23 -45.81
C MET G 135 -29.72 -63.78 -45.06
N ARG G 136 -29.97 -62.96 -44.04
CA ARG G 136 -28.90 -62.58 -43.13
C ARG G 136 -28.69 -63.76 -42.20
N TRP G 137 -27.55 -64.40 -42.31
CA TRP G 137 -27.17 -65.49 -41.47
C TRP G 137 -26.49 -64.97 -40.21
N PRO G 138 -26.32 -65.81 -39.19
CA PRO G 138 -25.43 -65.45 -38.09
C PRO G 138 -23.99 -65.20 -38.53
N THR G 139 -23.26 -64.47 -37.68
CA THR G 139 -21.93 -64.03 -38.04
C THR G 139 -20.95 -65.19 -38.09
N PHE G 140 -21.18 -66.26 -37.32
CA PHE G 140 -20.22 -67.35 -37.38
C PHE G 140 -20.45 -68.21 -38.61
N VAL G 141 -21.68 -68.31 -39.12
CA VAL G 141 -21.91 -69.08 -40.34
C VAL G 141 -21.69 -68.27 -41.60
N THR G 142 -21.76 -66.96 -41.53
CA THR G 142 -21.46 -66.20 -42.72
C THR G 142 -19.97 -65.98 -42.87
N MET G 143 -19.16 -66.31 -41.86
CA MET G 143 -17.72 -66.12 -41.96
C MET G 143 -16.96 -67.43 -41.86
N GLN G 144 -17.64 -68.55 -41.62
CA GLN G 144 -17.04 -69.85 -41.87
C GLN G 144 -17.27 -70.28 -43.31
N ARG G 145 -18.19 -69.62 -44.01
CA ARG G 145 -18.44 -69.85 -45.42
C ARG G 145 -17.61 -68.94 -46.31
N LYS G 146 -17.26 -67.77 -45.82
CA LYS G 146 -16.33 -66.90 -46.52
C LYS G 146 -14.89 -67.27 -46.20
N LYS G 147 -14.65 -67.99 -45.12
CA LYS G 147 -13.32 -68.53 -44.87
C LYS G 147 -12.99 -69.65 -45.84
N ARG G 148 -14.00 -70.41 -46.25
CA ARG G 148 -13.83 -71.48 -47.22
C ARG G 148 -13.64 -70.97 -48.64
N VAL G 149 -14.26 -69.84 -48.98
CA VAL G 149 -14.04 -69.23 -50.28
C VAL G 149 -12.63 -68.68 -50.37
N LEU G 150 -12.16 -68.05 -49.29
CA LEU G 150 -10.91 -67.30 -49.32
C LEU G 150 -9.71 -68.22 -49.38
N GLN G 151 -9.82 -69.44 -48.85
CA GLN G 151 -8.78 -70.45 -48.97
C GLN G 151 -8.73 -71.06 -50.35
N ARG G 152 -9.79 -70.90 -51.13
CA ARG G 152 -9.91 -71.40 -52.49
C ARG G 152 -9.51 -70.37 -53.53
N ARG G 153 -9.82 -69.10 -53.29
CA ARG G 153 -9.54 -68.05 -54.27
C ARG G 153 -8.08 -67.65 -54.29
N LEU G 154 -7.43 -67.69 -53.14
CA LEU G 154 -6.03 -67.28 -53.02
C LEU G 154 -5.11 -68.42 -53.45
N LYS G 155 -3.90 -68.04 -53.86
CA LYS G 155 -2.93 -69.01 -54.35
C LYS G 155 -2.20 -69.63 -53.15
N VAL G 156 -2.40 -70.92 -52.96
CA VAL G 156 -2.01 -71.62 -51.73
C VAL G 156 -0.61 -72.19 -51.93
N PRO G 157 0.30 -72.05 -50.96
CA PRO G 157 1.63 -72.62 -51.07
C PRO G 157 1.59 -74.14 -51.12
N PRO G 158 2.65 -74.79 -51.64
CA PRO G 158 2.60 -76.25 -51.80
C PRO G 158 2.60 -77.04 -50.49
N ALA G 159 2.78 -76.39 -49.34
CA ALA G 159 2.77 -77.06 -48.06
C ALA G 159 1.37 -77.16 -47.46
N LEU G 160 0.44 -76.30 -47.87
CA LEU G 160 -0.96 -76.44 -47.51
C LEU G 160 -1.81 -76.98 -48.64
N ASN G 161 -1.32 -76.93 -49.87
CA ASN G 161 -1.96 -77.61 -50.98
C ASN G 161 -2.02 -79.12 -50.73
N GLN G 162 -0.97 -79.68 -50.13
CA GLN G 162 -0.83 -81.12 -49.98
C GLN G 162 -1.87 -81.73 -49.05
N PHE G 163 -2.55 -80.93 -48.23
CA PHE G 163 -3.63 -81.45 -47.41
C PHE G 163 -4.97 -81.41 -48.12
N THR G 164 -5.09 -80.62 -49.18
CA THR G 164 -6.24 -80.71 -50.05
C THR G 164 -6.16 -81.91 -50.98
N LYS G 165 -4.98 -82.52 -51.12
CA LYS G 165 -4.79 -83.72 -51.92
C LYS G 165 -4.80 -84.91 -50.99
N VAL G 166 -5.84 -85.73 -51.08
CA VAL G 166 -6.21 -86.69 -50.04
C VAL G 166 -6.24 -88.09 -50.67
N LEU G 167 -5.83 -89.09 -49.88
CA LEU G 167 -5.95 -90.49 -50.25
C LEU G 167 -7.40 -90.87 -50.50
N ASP G 168 -7.63 -91.70 -51.52
CA ASP G 168 -8.97 -91.99 -51.99
C ASP G 168 -9.73 -92.93 -51.05
N ARG G 169 -10.97 -93.27 -51.44
CA ARG G 169 -11.88 -93.97 -50.53
C ARG G 169 -11.48 -95.42 -50.29
N ALA G 170 -11.11 -96.13 -51.36
CA ALA G 170 -10.80 -97.54 -51.22
C ALA G 170 -9.55 -97.76 -50.37
N SER G 171 -8.63 -96.81 -50.37
CA SER G 171 -7.46 -96.89 -49.52
C SER G 171 -7.67 -96.24 -48.17
N ARG G 172 -8.72 -95.44 -48.00
CA ARG G 172 -9.03 -94.87 -46.69
C ARG G 172 -9.91 -95.83 -45.90
N ASN G 173 -10.93 -96.40 -46.55
CA ASN G 173 -11.78 -97.39 -45.89
C ASN G 173 -11.05 -98.68 -45.61
N GLU G 174 -9.97 -98.97 -46.36
CA GLU G 174 -9.10 -100.08 -45.99
C GLU G 174 -8.23 -99.70 -44.80
N ALA G 175 -7.81 -98.43 -44.71
CA ALA G 175 -6.86 -98.03 -43.69
C ALA G 175 -7.52 -97.94 -42.32
N LEU G 176 -8.64 -97.23 -42.21
CA LEU G 176 -9.27 -97.02 -40.92
C LEU G 176 -9.90 -98.29 -40.36
N LYS G 177 -10.21 -99.26 -41.21
CA LYS G 177 -10.67 -100.56 -40.75
C LYS G 177 -9.53 -101.38 -40.17
N LEU G 178 -8.30 -101.09 -40.57
CA LEU G 178 -7.11 -101.70 -40.00
C LEU G 178 -6.63 -100.95 -38.78
N ILE G 179 -6.88 -99.64 -38.71
CA ILE G 179 -6.67 -98.86 -37.51
C ILE G 179 -7.73 -99.18 -36.45
N LYS G 180 -8.90 -99.62 -36.88
CA LYS G 180 -9.97 -99.96 -35.95
C LYS G 180 -9.65 -101.20 -35.15
N LYS G 181 -9.10 -102.23 -35.80
CA LYS G 181 -8.89 -103.49 -35.12
C LYS G 181 -7.64 -103.49 -34.26
N TYR G 182 -6.73 -102.55 -34.48
CA TYR G 182 -5.58 -102.36 -33.60
C TYR G 182 -5.72 -101.05 -32.85
N ALA G 183 -6.94 -100.68 -32.50
CA ALA G 183 -7.16 -99.51 -31.68
C ALA G 183 -6.67 -99.80 -30.27
N PRO G 184 -6.32 -98.75 -29.51
CA PRO G 184 -5.92 -98.97 -28.12
C PRO G 184 -7.06 -99.52 -27.28
N GLU G 185 -6.68 -100.28 -26.27
CA GLU G 185 -7.64 -100.81 -25.31
C GLU G 185 -8.25 -99.68 -24.50
N THR G 186 -9.51 -99.85 -24.13
CA THR G 186 -10.26 -98.81 -23.45
C THR G 186 -9.87 -98.73 -21.98
N ARG G 187 -10.63 -97.96 -21.21
CA ARG G 187 -10.32 -97.80 -19.80
CA ARG G 187 -10.33 -97.80 -19.79
C ARG G 187 -10.63 -99.06 -19.00
N LYS G 188 -11.73 -99.75 -19.33
CA LYS G 188 -12.02 -101.01 -18.66
C LYS G 188 -11.06 -102.11 -19.09
N ALA G 189 -10.65 -102.11 -20.36
CA ALA G 189 -9.71 -103.10 -20.84
C ALA G 189 -8.28 -102.82 -20.41
N ARG G 190 -8.02 -101.65 -19.83
CA ARG G 190 -6.75 -101.34 -19.22
C ARG G 190 -6.80 -101.33 -17.70
N ARG G 191 -7.98 -101.12 -17.10
CA ARG G 191 -8.17 -101.37 -15.68
C ARG G 191 -8.14 -102.86 -15.34
N GLU G 192 -8.75 -103.70 -16.18
CA GLU G 192 -8.47 -105.13 -16.21
C GLU G 192 -7.16 -105.29 -16.96
N ARG G 193 -6.53 -106.47 -16.83
CA ARG G 193 -5.18 -106.87 -17.28
C ARG G 193 -4.12 -106.25 -16.36
N LEU G 194 -4.51 -105.31 -15.49
CA LEU G 194 -3.65 -104.83 -14.43
C LEU G 194 -4.16 -105.29 -13.07
N HIS G 195 -5.48 -105.24 -12.85
CA HIS G 195 -6.09 -105.91 -11.71
C HIS G 195 -6.13 -107.43 -11.89
N LYS G 196 -5.91 -107.93 -13.10
CA LYS G 196 -5.63 -109.34 -13.34
C LYS G 196 -4.15 -109.61 -13.44
N ALA G 197 -3.29 -108.64 -13.10
CA ALA G 197 -1.86 -108.86 -12.98
C ALA G 197 -1.31 -108.39 -11.64
N ALA G 198 -2.11 -107.70 -10.83
CA ALA G 198 -1.80 -107.58 -9.41
C ALA G 198 -2.16 -108.83 -8.64
N GLU G 199 -2.94 -109.72 -9.25
CA GLU G 199 -3.14 -111.07 -8.74
C GLU G 199 -2.01 -112.01 -9.16
N GLU G 200 -1.31 -111.69 -10.25
CA GLU G 200 -0.13 -112.44 -10.65
C GLU G 200 1.05 -112.22 -9.70
N LYS G 201 1.04 -111.12 -8.94
CA LYS G 201 2.00 -110.90 -7.87
C LYS G 201 1.32 -110.90 -6.50
N LYS G 202 0.22 -111.64 -6.39
CA LYS G 202 -0.54 -111.72 -5.14
C LYS G 202 -0.54 -113.12 -4.56
N ALA G 213 -0.24 -104.55 -22.39
CA ALA G 213 -0.75 -103.99 -23.65
C ALA G 213 -0.54 -105.01 -24.76
N PRO G 214 -1.65 -105.51 -25.34
CA PRO G 214 -1.51 -106.55 -26.38
C PRO G 214 -0.76 -106.12 -27.63
N LEU G 215 -1.34 -105.19 -28.40
CA LEU G 215 -0.74 -104.55 -29.56
C LEU G 215 -1.72 -103.48 -30.01
N ALA G 216 -1.23 -102.30 -30.36
CA ALA G 216 -2.12 -101.22 -30.74
C ALA G 216 -1.39 -100.29 -31.69
N VAL G 217 -2.15 -99.39 -32.29
CA VAL G 217 -1.55 -98.35 -33.09
C VAL G 217 -1.05 -97.24 -32.18
N VAL G 218 0.00 -96.56 -32.62
CA VAL G 218 0.54 -95.43 -31.89
C VAL G 218 -0.30 -94.21 -32.22
N THR G 219 -0.89 -93.59 -31.20
CA THR G 219 -1.78 -92.46 -31.37
C THR G 219 -1.32 -91.31 -30.47
N GLY G 220 -1.39 -90.10 -30.99
CA GLY G 220 -1.00 -88.93 -30.25
C GLY G 220 0.14 -88.20 -30.92
N LEU G 221 0.15 -86.88 -30.83
CA LEU G 221 1.11 -86.10 -31.62
C LEU G 221 2.51 -86.13 -31.02
N GLN G 222 2.62 -86.47 -29.74
CA GLN G 222 3.93 -86.69 -29.14
C GLN G 222 4.44 -88.11 -29.34
N GLU G 223 3.55 -89.08 -29.49
CA GLU G 223 3.95 -90.48 -29.62
C GLU G 223 4.22 -90.88 -31.06
N VAL G 224 3.44 -90.34 -32.00
CA VAL G 224 3.64 -90.67 -33.40
C VAL G 224 4.90 -90.01 -33.93
N THR G 225 5.26 -88.85 -33.38
CA THR G 225 6.50 -88.19 -33.77
C THR G 225 7.72 -88.99 -33.35
N ARG G 226 7.67 -89.60 -32.16
CA ARG G 226 8.77 -90.44 -31.70
C ARG G 226 8.90 -91.71 -32.53
N ALA G 227 7.78 -92.22 -33.06
CA ALA G 227 7.80 -93.42 -33.88
C ALA G 227 8.35 -93.18 -35.28
N ILE G 228 8.71 -91.95 -35.62
CA ILE G 228 9.32 -91.64 -36.90
C ILE G 228 10.77 -91.21 -36.71
N GLU G 229 11.05 -90.49 -35.63
CA GLU G 229 12.42 -90.17 -35.25
C GLU G 229 13.21 -91.44 -34.95
N LYS G 230 12.54 -92.43 -34.36
CA LYS G 230 13.10 -93.76 -34.16
C LYS G 230 12.92 -94.66 -35.38
N LYS G 231 12.09 -94.24 -36.34
CA LYS G 231 11.75 -95.00 -37.56
C LYS G 231 11.10 -96.34 -37.22
N GLN G 232 10.19 -96.32 -36.24
CA GLN G 232 9.50 -97.54 -35.82
C GLN G 232 8.17 -97.74 -36.50
N ALA G 233 7.51 -96.66 -36.89
CA ALA G 233 6.26 -96.77 -37.62
C ALA G 233 6.49 -97.32 -39.01
N ARG G 234 5.58 -98.18 -39.46
CA ARG G 234 5.62 -98.70 -40.81
C ARG G 234 4.68 -97.94 -41.73
N MET G 235 3.67 -97.27 -41.18
CA MET G 235 2.85 -96.35 -41.94
C MET G 235 2.25 -95.35 -40.98
N VAL G 236 2.23 -94.08 -41.39
CA VAL G 236 1.65 -93.00 -40.61
C VAL G 236 0.41 -92.51 -41.35
N VAL G 237 -0.67 -92.24 -40.63
CA VAL G 237 -1.90 -91.74 -41.21
C VAL G 237 -2.17 -90.36 -40.61
N ILE G 238 -2.14 -89.33 -41.44
CA ILE G 238 -2.24 -87.94 -41.01
C ILE G 238 -3.63 -87.43 -41.36
N ALA G 239 -4.25 -86.67 -40.46
CA ALA G 239 -5.51 -86.02 -40.78
C ALA G 239 -5.26 -84.77 -41.62
N ASN G 240 -6.32 -84.22 -42.22
CA ASN G 240 -6.13 -83.10 -43.12
C ASN G 240 -6.62 -81.76 -42.60
N ASN G 241 -7.36 -81.71 -41.50
CA ASN G 241 -8.04 -80.48 -41.10
C ASN G 241 -7.86 -80.17 -39.62
N VAL G 242 -6.63 -80.22 -39.09
CA VAL G 242 -6.44 -79.82 -37.70
C VAL G 242 -6.50 -78.29 -37.64
N ASP G 243 -7.05 -77.76 -36.54
CA ASP G 243 -7.59 -76.40 -36.62
C ASP G 243 -6.47 -75.35 -36.53
N PRO G 244 -5.44 -75.50 -35.67
CA PRO G 244 -4.15 -74.88 -36.04
C PRO G 244 -3.34 -75.85 -36.89
N VAL G 245 -3.20 -75.52 -38.17
CA VAL G 245 -2.67 -76.46 -39.15
C VAL G 245 -1.17 -76.67 -38.98
N GLU G 246 -0.49 -75.80 -38.24
CA GLU G 246 0.94 -75.95 -37.99
C GLU G 246 1.29 -77.16 -37.14
N LEU G 247 0.31 -77.83 -36.52
CA LEU G 247 0.61 -79.00 -35.72
C LEU G 247 1.09 -80.15 -36.58
N VAL G 248 0.48 -80.36 -37.75
CA VAL G 248 0.89 -81.44 -38.64
C VAL G 248 1.31 -80.91 -40.01
N LEU G 249 1.65 -79.62 -40.08
CA LEU G 249 2.14 -79.04 -41.34
C LEU G 249 3.49 -79.61 -41.72
N TRP G 250 4.35 -79.81 -40.73
CA TRP G 250 5.67 -80.42 -40.86
C TRP G 250 5.61 -81.94 -40.99
N MET G 251 4.45 -82.53 -40.78
CA MET G 251 4.35 -83.97 -40.55
C MET G 251 4.60 -84.83 -41.79
N PRO G 252 4.18 -84.47 -43.02
CA PRO G 252 4.60 -85.30 -44.16
C PRO G 252 6.07 -85.20 -44.52
N ASN G 253 6.72 -84.07 -44.27
CA ASN G 253 8.14 -83.92 -44.55
C ASN G 253 9.02 -84.64 -43.54
N LEU G 254 8.51 -84.95 -42.36
CA LEU G 254 9.27 -85.79 -41.45
C LEU G 254 9.23 -87.25 -41.90
N CYS G 255 8.08 -87.71 -42.38
CA CYS G 255 7.98 -89.04 -42.95
C CYS G 255 8.76 -89.16 -44.25
N ARG G 256 8.93 -88.07 -44.98
CA ARG G 256 9.68 -88.07 -46.22
CA ARG G 256 9.68 -88.10 -46.21
C ARG G 256 11.19 -88.05 -45.99
N ALA G 257 11.64 -87.39 -44.93
CA ALA G 257 13.07 -87.36 -44.60
C ALA G 257 13.53 -88.69 -44.03
N ASN G 258 12.62 -89.45 -43.44
CA ASN G 258 12.93 -90.71 -42.80
C ASN G 258 12.37 -91.90 -43.56
N LYS G 259 11.66 -91.64 -44.66
CA LYS G 259 11.21 -92.65 -45.64
C LYS G 259 10.20 -93.63 -45.04
N ILE G 260 9.37 -93.17 -44.12
CA ILE G 260 8.20 -93.91 -43.67
C ILE G 260 7.04 -93.56 -44.60
N PRO G 261 6.30 -94.55 -45.10
CA PRO G 261 5.10 -94.27 -45.89
C PRO G 261 4.04 -93.54 -45.10
N TYR G 262 3.54 -92.44 -45.65
CA TYR G 262 2.50 -91.67 -44.99
C TYR G 262 1.26 -91.58 -45.86
N ALA G 263 0.19 -91.09 -45.24
CA ALA G 263 -1.10 -90.83 -45.86
C ALA G 263 -1.65 -89.54 -45.29
N ILE G 264 -2.38 -88.81 -46.10
CA ILE G 264 -3.23 -87.73 -45.65
C ILE G 264 -4.64 -88.09 -46.05
N VAL G 265 -5.44 -88.49 -45.08
CA VAL G 265 -6.78 -88.98 -45.34
C VAL G 265 -7.79 -87.93 -44.90
N LYS G 266 -9.03 -88.15 -45.28
CA LYS G 266 -10.09 -87.20 -45.04
C LYS G 266 -10.78 -87.59 -43.73
N ASP G 267 -10.37 -86.93 -42.65
CA ASP G 267 -10.48 -87.48 -41.30
C ASP G 267 -10.38 -86.39 -40.25
N MET G 268 -9.87 -86.79 -39.06
CA MET G 268 -9.82 -86.19 -37.72
C MET G 268 -11.11 -86.39 -36.95
N ALA G 269 -12.19 -86.68 -37.64
CA ALA G 269 -13.33 -87.24 -36.95
C ALA G 269 -13.40 -88.73 -37.16
N ARG G 270 -12.89 -89.19 -38.29
CA ARG G 270 -12.91 -90.59 -38.67
C ARG G 270 -11.71 -91.35 -38.13
N LEU G 271 -10.59 -90.66 -37.85
CA LEU G 271 -9.49 -91.27 -37.13
C LEU G 271 -9.80 -91.44 -35.65
N GLY G 272 -10.42 -90.44 -35.02
CA GLY G 272 -10.80 -90.58 -33.63
C GLY G 272 -11.92 -91.58 -33.42
N ASP G 273 -12.80 -91.75 -34.40
CA ASP G 273 -13.79 -92.81 -34.35
C ASP G 273 -13.13 -94.18 -34.44
N ALA G 274 -12.04 -94.30 -35.21
CA ALA G 274 -11.38 -95.59 -35.37
C ALA G 274 -10.66 -96.01 -34.10
N ILE G 275 -10.18 -95.04 -33.31
CA ILE G 275 -9.35 -95.34 -32.16
C ILE G 275 -10.06 -95.08 -30.84
N GLY G 276 -11.27 -94.55 -30.86
CA GLY G 276 -12.03 -94.37 -29.65
C GLY G 276 -11.93 -93.00 -29.01
N ARG G 277 -11.64 -91.97 -29.79
CA ARG G 277 -11.50 -90.61 -29.30
C ARG G 277 -12.56 -89.76 -30.00
N LYS G 278 -12.47 -88.46 -29.83
CA LYS G 278 -13.22 -87.56 -30.70
C LYS G 278 -12.38 -87.06 -31.86
N THR G 279 -11.06 -87.04 -31.70
CA THR G 279 -10.14 -86.41 -32.64
C THR G 279 -8.78 -87.06 -32.50
N ALA G 280 -8.16 -87.35 -33.64
CA ALA G 280 -6.77 -87.77 -33.71
C ALA G 280 -6.10 -87.01 -34.84
N THR G 281 -4.97 -86.38 -34.53
CA THR G 281 -4.23 -85.70 -35.58
C THR G 281 -3.44 -86.68 -36.42
N CYS G 282 -2.89 -87.72 -35.78
CA CYS G 282 -2.00 -88.68 -36.44
C CYS G 282 -2.20 -90.04 -35.81
N VAL G 283 -2.05 -91.07 -36.62
CA VAL G 283 -1.98 -92.46 -36.19
C VAL G 283 -0.77 -93.08 -36.86
N ALA G 284 0.05 -93.78 -36.09
CA ALA G 284 1.15 -94.56 -36.64
C ALA G 284 0.90 -96.04 -36.44
N ILE G 285 1.45 -96.85 -37.31
CA ILE G 285 1.31 -98.31 -37.26
C ILE G 285 2.72 -98.87 -37.19
N THR G 286 3.17 -99.21 -35.98
CA THR G 286 4.53 -99.73 -35.82
C THR G 286 4.65 -101.17 -36.31
N ASP G 287 3.66 -102.00 -36.01
CA ASP G 287 3.66 -103.40 -36.38
C ASP G 287 2.24 -103.91 -36.18
N VAL G 288 1.90 -104.99 -36.88
CA VAL G 288 0.59 -105.63 -36.76
C VAL G 288 0.78 -107.12 -36.50
N ASN G 289 -0.32 -107.86 -36.46
CA ASN G 289 -0.25 -109.32 -36.47
C ASN G 289 -0.12 -109.81 -37.90
N ALA G 290 0.46 -111.00 -38.05
CA ALA G 290 0.83 -111.53 -39.37
C ALA G 290 -0.35 -112.03 -40.18
N GLU G 291 -1.54 -112.10 -39.59
CA GLU G 291 -2.73 -112.46 -40.36
C GLU G 291 -3.03 -111.38 -41.40
N ASP G 292 -3.20 -110.16 -40.95
CA ASP G 292 -3.37 -109.00 -41.82
C ASP G 292 -2.04 -108.28 -42.02
N GLU G 293 -1.07 -109.04 -42.51
CA GLU G 293 0.25 -108.53 -42.87
C GLU G 293 0.35 -108.24 -44.36
N ALA G 294 -0.25 -109.09 -45.19
CA ALA G 294 -0.38 -108.77 -46.61
C ALA G 294 -1.31 -107.59 -46.81
N THR G 295 -2.33 -107.48 -45.96
CA THR G 295 -3.24 -106.34 -45.99
C THR G 295 -2.50 -105.05 -45.63
N LEU G 296 -1.56 -105.13 -44.69
CA LEU G 296 -0.77 -103.96 -44.34
C LEU G 296 0.19 -103.56 -45.45
N LYS G 297 0.75 -104.55 -46.15
CA LYS G 297 1.71 -104.23 -47.20
C LYS G 297 1.05 -103.88 -48.52
N ASN G 298 -0.17 -104.38 -48.77
CA ASN G 298 -0.93 -103.90 -49.92
C ASN G 298 -1.36 -102.46 -49.74
N LEU G 299 -1.60 -102.04 -48.50
CA LEU G 299 -1.98 -100.66 -48.22
C LEU G 299 -0.79 -99.72 -48.36
N ILE G 300 0.42 -100.19 -48.08
CA ILE G 300 1.61 -99.35 -48.23
C ILE G 300 1.92 -99.09 -49.70
N ARG G 301 1.71 -100.09 -50.56
CA ARG G 301 1.88 -99.84 -51.99
C ARG G 301 0.78 -98.95 -52.53
N SER G 302 -0.43 -99.07 -52.00
CA SER G 302 -1.53 -98.21 -52.42
C SER G 302 -1.34 -96.77 -52.00
N VAL G 303 -0.55 -96.52 -50.96
CA VAL G 303 -0.46 -95.17 -50.41
C VAL G 303 0.84 -94.48 -50.82
N ASN G 304 1.87 -95.23 -51.20
CA ASN G 304 3.06 -94.61 -51.76
C ASN G 304 2.83 -94.15 -53.19
N ALA G 305 1.83 -94.72 -53.86
CA ALA G 305 1.44 -94.24 -55.18
C ALA G 305 0.92 -92.82 -55.11
N ARG G 306 0.23 -92.48 -54.03
CA ARG G 306 -0.37 -91.16 -53.91
C ARG G 306 0.54 -90.15 -53.24
N PHE G 307 1.38 -90.58 -52.30
CA PHE G 307 2.11 -89.63 -51.46
C PHE G 307 3.63 -89.73 -51.57
N LEU G 308 4.22 -90.89 -51.33
CA LEU G 308 5.64 -90.90 -51.06
C LEU G 308 6.48 -91.02 -52.31
N SER G 309 6.10 -91.89 -53.24
CA SER G 309 6.78 -91.97 -54.52
C SER G 309 6.45 -90.80 -55.43
N ARG G 310 5.47 -89.98 -55.08
CA ARG G 310 5.05 -88.85 -55.88
C ARG G 310 5.45 -87.55 -55.18
N SER G 311 6.59 -87.58 -54.51
CA SER G 311 6.98 -86.52 -53.61
C SER G 311 7.52 -85.30 -54.34
N ASP G 312 8.14 -85.46 -55.50
CA ASP G 312 8.66 -84.32 -56.22
C ASP G 312 7.55 -83.48 -56.84
N VAL G 313 6.38 -84.08 -57.09
CA VAL G 313 5.22 -83.34 -57.55
C VAL G 313 4.61 -82.54 -56.41
N ILE G 314 4.51 -83.16 -55.24
CA ILE G 314 3.88 -82.57 -54.05
C ILE G 314 4.64 -81.34 -53.56
N ARG G 315 5.96 -81.35 -53.70
CA ARG G 315 6.79 -80.24 -53.24
C ARG G 315 6.63 -78.96 -54.06
N ARG G 316 6.09 -79.03 -55.28
CA ARG G 316 6.12 -77.85 -56.13
C ARG G 316 4.78 -77.57 -56.80
N GLN G 317 3.68 -78.06 -56.26
CA GLN G 317 2.37 -77.92 -56.87
C GLN G 317 1.61 -76.83 -56.12
N TRP G 318 1.75 -75.59 -56.59
CA TRP G 318 1.02 -74.46 -56.05
C TRP G 318 -0.46 -74.55 -56.37
N GLY G 319 -1.30 -74.63 -55.33
CA GLY G 319 -2.73 -74.75 -55.50
C GLY G 319 -3.47 -73.44 -55.24
N GLY G 320 -4.78 -73.52 -55.45
CA GLY G 320 -5.64 -72.37 -55.27
C GLY G 320 -6.04 -71.77 -56.60
N LEU G 321 -6.28 -70.46 -56.61
CA LEU G 321 -6.57 -69.66 -57.80
C LEU G 321 -7.80 -70.13 -58.55
N GLN G 322 -8.74 -70.74 -57.86
CA GLN G 322 -10.02 -71.05 -58.47
C GLN G 322 -10.87 -69.80 -58.48
N LEU G 323 -11.78 -69.74 -59.45
CA LEU G 323 -12.70 -68.62 -59.57
C LEU G 323 -14.06 -69.01 -59.02
N SER G 324 -14.98 -68.06 -59.01
CA SER G 324 -16.37 -68.36 -58.77
C SER G 324 -16.92 -69.20 -59.92
N LEU G 325 -18.08 -69.80 -59.68
CA LEU G 325 -18.88 -70.25 -60.80
C LEU G 325 -19.43 -69.07 -61.57
N ARG G 326 -19.70 -67.98 -60.85
CA ARG G 326 -20.25 -66.75 -61.42
C ARG G 326 -19.21 -65.98 -62.22
N SER G 327 -17.96 -65.97 -61.74
CA SER G 327 -16.88 -65.32 -62.48
C SER G 327 -16.47 -66.15 -63.69
N ARG G 328 -16.54 -67.47 -63.59
CA ARG G 328 -16.21 -68.35 -64.70
C ARG G 328 -17.19 -68.22 -65.85
N ALA G 329 -18.47 -68.06 -65.54
CA ALA G 329 -19.48 -67.86 -66.58
C ALA G 329 -19.36 -66.50 -67.24
N GLU G 330 -18.66 -65.55 -66.62
CA GLU G 330 -18.30 -64.29 -67.23
C GLU G 330 -16.96 -64.36 -67.96
N LEU G 331 -16.46 -65.56 -68.24
CA LEU G 331 -15.43 -65.73 -69.24
C LEU G 331 -15.95 -66.46 -70.46
N ARG G 332 -16.98 -67.30 -70.30
CA ARG G 332 -17.66 -67.87 -71.45
C ARG G 332 -18.30 -66.79 -72.29
N LYS G 333 -19.19 -66.02 -71.68
CA LYS G 333 -19.98 -65.03 -72.38
C LYS G 333 -19.21 -63.75 -72.67
N LYS G 334 -18.01 -63.60 -72.12
CA LYS G 334 -17.11 -62.52 -72.49
C LYS G 334 -16.17 -62.94 -73.62
N HIS G 335 -16.08 -64.23 -73.92
CA HIS G 335 -15.31 -64.72 -75.05
C HIS G 335 -16.17 -65.20 -76.19
N ALA G 336 -17.40 -65.64 -75.92
CA ALA G 336 -18.29 -66.06 -76.99
C ALA G 336 -18.84 -64.88 -77.77
N ARG G 337 -18.77 -63.67 -77.22
CA ARG G 337 -19.19 -62.49 -77.96
C ARG G 337 -18.03 -61.82 -78.69
N ASN G 338 -16.80 -62.03 -78.22
CA ASN G 338 -15.60 -61.61 -78.94
C ASN G 338 -15.01 -62.76 -79.76
N ALA G 339 -15.85 -63.66 -80.24
CA ALA G 339 -15.41 -64.82 -81.01
C ALA G 339 -15.27 -64.54 -82.50
N GLY G 340 -15.29 -63.28 -82.91
CA GLY G 340 -15.09 -62.92 -84.29
C GLY G 340 -14.86 -61.42 -84.50
N ALA H 1 -16.35 49.34 41.45
CA ALA H 1 -16.35 48.29 42.45
C ALA H 1 -16.60 48.84 43.85
N PHE H 2 -17.84 48.86 44.26
CA PHE H 2 -18.14 49.21 45.64
C PHE H 2 -18.06 47.95 46.51
N PRO H 3 -17.65 48.05 47.76
CA PRO H 3 -17.47 46.84 48.56
C PRO H 3 -18.81 46.26 49.00
N SER H 4 -18.91 44.94 48.90
CA SER H 4 -20.14 44.25 49.21
C SER H 4 -20.39 44.23 50.71
N ARG H 5 -21.57 43.73 51.06
CA ARG H 5 -21.98 43.62 52.45
C ARG H 5 -21.22 42.56 53.22
N LYS H 6 -20.61 41.59 52.56
CA LYS H 6 -19.65 40.73 53.23
C LYS H 6 -18.35 41.47 53.50
N ASP H 7 -17.93 42.31 52.57
CA ASP H 7 -16.76 43.16 52.73
C ASP H 7 -17.05 44.41 53.54
N ALA H 8 -18.31 44.68 53.86
CA ALA H 8 -18.66 45.81 54.71
C ALA H 8 -18.95 45.42 56.14
N SER H 9 -19.51 44.22 56.37
CA SER H 9 -19.76 43.77 57.73
C SER H 9 -18.46 43.36 58.43
N ARG H 10 -17.48 42.87 57.68
CA ARG H 10 -16.19 42.52 58.27
C ARG H 10 -15.39 43.76 58.64
N ALA H 11 -15.62 44.87 57.95
CA ALA H 11 -15.07 46.15 58.40
C ALA H 11 -15.89 46.78 59.53
N GLN H 12 -16.92 46.10 60.02
CA GLN H 12 -17.64 46.52 61.21
C GLN H 12 -17.49 45.55 62.36
N ARG H 13 -17.36 44.25 62.07
CA ARG H 13 -17.05 43.27 63.11
C ARG H 13 -15.65 43.45 63.66
N LYS H 14 -14.72 43.94 62.84
CA LYS H 14 -13.32 43.99 63.23
C LYS H 14 -12.83 45.40 63.48
N SER H 15 -13.70 46.42 63.29
CA SER H 15 -13.40 47.84 63.43
C SER H 15 -12.21 48.25 62.56
N ALA H 16 -12.41 48.11 61.25
CA ALA H 16 -11.37 48.39 60.29
C ALA H 16 -11.16 49.89 60.17
N LYS H 17 -9.93 50.34 60.42
CA LYS H 17 -9.53 51.70 60.10
C LYS H 17 -9.57 51.88 58.59
N LYS H 18 -9.86 53.11 58.15
CA LYS H 18 -9.80 53.44 56.72
C LYS H 18 -8.39 53.28 56.19
N HIS H 19 -8.22 52.38 55.24
CA HIS H 19 -6.92 51.96 54.75
C HIS H 19 -6.66 52.51 53.37
N ARG H 20 -5.45 53.02 53.17
CA ARG H 20 -5.03 53.32 51.81
C ARG H 20 -3.70 52.63 51.54
N PRO H 21 -3.60 51.86 50.47
CA PRO H 21 -2.33 51.25 50.11
C PRO H 21 -1.31 52.27 49.63
N GLU H 22 -0.06 51.86 49.60
CA GLU H 22 1.04 52.74 49.23
C GLU H 22 1.00 52.93 47.71
N ILE H 23 0.42 54.03 47.28
CA ILE H 23 0.16 54.32 45.87
C ILE H 23 0.98 55.52 45.46
N ILE H 24 1.77 55.36 44.40
CA ILE H 24 2.60 56.44 43.86
C ILE H 24 1.83 57.08 42.71
N VAL H 25 1.65 58.39 42.78
CA VAL H 25 0.82 59.13 41.83
C VAL H 25 1.74 60.01 40.98
N ILE H 26 1.86 59.67 39.69
CA ILE H 26 2.73 60.38 38.77
C ILE H 26 1.91 61.44 38.05
N ASP H 27 2.41 62.67 38.02
CA ASP H 27 1.84 63.75 37.21
C ASP H 27 2.54 63.73 35.86
N LEU H 28 1.85 63.26 34.82
CA LEU H 28 2.48 63.09 33.52
C LEU H 28 2.34 64.29 32.61
N LYS H 29 2.26 65.50 33.15
CA LYS H 29 2.36 66.67 32.28
C LYS H 29 3.79 66.80 31.78
N ASP H 30 3.92 66.90 30.45
CA ASP H 30 5.17 67.10 29.74
C ASP H 30 6.15 65.95 30.00
N HIS H 31 5.71 64.76 29.62
CA HIS H 31 6.54 63.57 29.67
C HIS H 31 6.59 62.91 28.30
N VAL H 32 7.71 62.27 28.03
CA VAL H 32 7.84 61.47 26.83
C VAL H 32 6.95 60.25 26.98
N LEU H 33 6.16 59.97 25.95
CA LEU H 33 5.11 58.95 26.03
C LEU H 33 5.68 57.57 26.31
N GLY H 34 6.77 57.21 25.65
CA GLY H 34 7.28 55.86 25.79
C GLY H 34 8.43 55.73 26.73
N ARG H 35 9.00 56.86 27.16
CA ARG H 35 10.01 56.82 28.20
C ARG H 35 9.36 56.78 29.57
N ALA H 36 8.24 57.47 29.73
CA ALA H 36 7.46 57.34 30.96
C ALA H 36 6.78 55.99 31.03
N ALA H 37 6.39 55.42 29.89
CA ALA H 37 5.69 54.15 29.87
C ALA H 37 6.59 52.99 30.24
N ALA H 38 7.90 53.12 29.97
CA ALA H 38 8.85 52.07 30.28
C ALA H 38 9.34 52.13 31.71
N VAL H 39 9.42 53.33 32.28
CA VAL H 39 9.68 53.46 33.71
C VAL H 39 8.52 52.91 34.51
N VAL H 40 7.30 53.19 34.07
CA VAL H 40 6.10 52.68 34.75
C VAL H 40 5.96 51.18 34.55
N ALA H 41 6.28 50.66 33.37
CA ALA H 41 6.15 49.22 33.13
C ALA H 41 7.12 48.37 33.94
N LYS H 42 8.21 48.96 34.42
CA LYS H 42 9.14 48.24 35.27
C LYS H 42 8.77 48.36 36.74
N GLN H 43 8.25 49.50 37.16
CA GLN H 43 7.88 49.68 38.56
C GLN H 43 6.64 48.90 38.93
N LEU H 44 5.64 48.87 38.05
CA LEU H 44 4.44 48.07 38.26
C LEU H 44 4.74 46.59 38.40
N LEU H 45 5.78 46.13 37.73
CA LEU H 45 6.17 44.74 37.69
C LEU H 45 7.16 44.41 38.79
N LEU H 46 7.64 45.42 39.51
CA LEU H 46 8.31 45.31 40.79
C LEU H 46 7.37 45.53 41.97
N GLY H 47 6.07 45.43 41.75
CA GLY H 47 5.12 45.47 42.84
C GLY H 47 4.71 46.84 43.32
N LYS H 48 4.87 47.88 42.50
CA LYS H 48 4.40 49.20 42.86
C LYS H 48 2.97 49.38 42.42
N LYS H 49 2.15 49.98 43.28
CA LYS H 49 0.81 50.40 42.92
C LYS H 49 0.92 51.83 42.42
N ILE H 50 0.53 52.07 41.18
CA ILE H 50 0.79 53.33 40.51
C ILE H 50 -0.51 53.89 39.95
N THR H 51 -0.92 55.06 40.43
CA THR H 51 -1.93 55.86 39.78
C THR H 51 -1.24 56.88 38.87
N VAL H 52 -1.72 56.98 37.65
CA VAL H 52 -1.16 57.85 36.64
C VAL H 52 -2.18 58.93 36.33
N VAL H 53 -1.74 60.18 36.25
CA VAL H 53 -2.68 61.28 36.19
C VAL H 53 -2.22 62.19 35.06
N ARG H 54 -3.17 62.95 34.49
CA ARG H 54 -2.93 63.95 33.43
CA ARG H 54 -2.93 63.95 33.44
C ARG H 54 -2.32 63.32 32.18
N CYS H 55 -3.06 62.36 31.60
CA CYS H 55 -2.56 61.71 30.39
C CYS H 55 -2.84 62.48 29.13
N GLU H 56 -3.69 63.50 29.16
CA GLU H 56 -3.88 64.34 27.99
C GLU H 56 -2.74 65.31 27.75
N GLN H 57 -1.74 65.34 28.63
CA GLN H 57 -0.62 66.25 28.54
C GLN H 57 0.68 65.56 28.14
N LEU H 58 0.64 64.26 27.88
CA LEU H 58 1.81 63.51 27.41
C LEU H 58 2.25 63.99 26.05
N ASN H 59 3.55 63.86 25.79
CA ASN H 59 4.12 64.33 24.55
C ASN H 59 4.71 63.17 23.76
N ILE H 60 4.56 63.26 22.45
CA ILE H 60 5.17 62.33 21.51
C ILE H 60 5.96 63.20 20.54
N ALA H 61 7.18 62.79 20.21
CA ALA H 61 8.04 63.62 19.39
C ALA H 61 7.58 63.62 17.94
N GLY H 62 7.67 64.78 17.32
CA GLY H 62 7.28 64.94 15.93
C GLY H 62 6.07 65.85 15.80
N THR H 63 5.81 66.22 14.54
CA THR H 63 4.64 67.01 14.16
C THR H 63 3.38 66.28 14.56
N GLU H 64 2.36 67.05 14.99
CA GLU H 64 1.06 66.51 15.33
C GLU H 64 0.43 65.75 14.17
N ILE H 65 0.65 66.21 12.93
CA ILE H 65 0.17 65.49 11.76
C ILE H 65 0.86 64.14 11.62
N ARG H 66 2.13 64.05 12.02
CA ARG H 66 2.86 62.78 11.93
C ARG H 66 2.31 61.73 12.88
N ASN H 67 2.13 62.09 14.15
CA ASN H 67 1.68 61.12 15.14
C ASN H 67 0.21 60.80 14.99
N LYS H 68 -0.55 61.66 14.33
CA LYS H 68 -1.95 61.40 14.07
C LYS H 68 -2.12 60.40 12.94
N ILE H 69 -1.22 60.43 11.96
CA ILE H 69 -1.21 59.43 10.90
C ILE H 69 -0.80 58.06 11.44
N LYS H 70 0.13 58.02 12.40
CA LYS H 70 0.54 56.74 12.95
C LYS H 70 -0.56 56.10 13.77
N TYR H 71 -1.47 56.89 14.32
CA TYR H 71 -2.63 56.28 14.95
C TYR H 71 -3.61 55.80 13.91
N LEU H 72 -3.74 56.52 12.80
CA LEU H 72 -4.67 56.11 11.75
C LEU H 72 -4.16 54.92 10.95
N GLN H 73 -2.85 54.70 10.90
CA GLN H 73 -2.34 53.44 10.39
C GLN H 73 -2.61 52.30 11.35
N TYR H 74 -2.62 52.59 12.65
CA TYR H 74 -3.02 51.61 13.65
C TYR H 74 -4.52 51.33 13.60
N LEU H 75 -5.33 52.34 13.31
CA LEU H 75 -6.78 52.14 13.19
C LEU H 75 -7.16 51.44 11.90
N ARG H 76 -6.24 51.38 10.92
CA ARG H 76 -6.44 50.62 9.70
C ARG H 76 -6.51 49.12 9.99
N LYS H 77 -5.88 48.67 11.07
CA LYS H 77 -5.88 47.26 11.45
C LYS H 77 -7.20 46.89 12.11
N ARG H 78 -7.84 45.84 11.58
CA ARG H 78 -9.02 45.24 12.20
C ARG H 78 -9.17 43.85 11.63
N LYS H 79 -9.72 42.93 12.41
CA LYS H 79 -9.93 41.57 11.92
C LYS H 79 -11.05 41.61 10.90
N LEU H 80 -10.70 41.33 9.63
CA LEU H 80 -11.64 41.52 8.52
C LEU H 80 -12.81 40.55 8.59
N THR H 81 -12.58 39.34 9.08
CA THR H 81 -13.65 38.36 9.22
C THR H 81 -14.69 38.80 10.23
N ASN H 82 -14.27 39.19 11.41
CA ASN H 82 -15.20 39.67 12.41
C ASN H 82 -14.47 40.74 13.21
N PRO H 83 -14.80 42.02 13.03
CA PRO H 83 -14.08 43.08 13.73
C PRO H 83 -14.47 43.23 15.19
N THR H 84 -15.50 42.53 15.66
CA THR H 84 -15.79 42.52 17.09
C THR H 84 -14.78 41.68 17.84
N LYS H 85 -14.04 40.82 17.13
CA LYS H 85 -12.92 40.08 17.69
C LYS H 85 -11.60 40.70 17.32
N GLY H 86 -11.60 41.95 16.88
CA GLY H 86 -10.43 42.54 16.30
C GLY H 86 -9.61 43.28 17.31
N PRO H 87 -8.53 43.93 16.87
CA PRO H 87 -7.85 44.90 17.73
C PRO H 87 -8.79 46.03 18.08
N PHE H 88 -8.88 46.35 19.37
CA PHE H 88 -9.79 47.38 19.84
C PHE H 88 -8.98 48.64 20.00
N HIS H 89 -9.45 49.73 19.41
CA HIS H 89 -8.62 50.91 19.22
C HIS H 89 -9.12 51.97 20.19
N HIS H 90 -8.41 52.14 21.29
CA HIS H 90 -8.82 53.05 22.34
C HIS H 90 -8.31 54.45 22.05
N ARG H 91 -9.21 55.41 22.14
CA ARG H 91 -8.91 56.79 21.77
C ARG H 91 -8.58 57.75 22.88
N ALA H 92 -8.85 57.38 24.12
CA ALA H 92 -8.54 58.29 25.21
C ALA H 92 -7.04 58.33 25.43
N PRO H 93 -6.49 59.50 25.76
CA PRO H 93 -5.10 59.56 26.20
C PRO H 93 -4.81 58.71 27.41
N SER H 94 -5.78 58.57 28.31
CA SER H 94 -5.63 57.69 29.45
C SER H 94 -5.63 56.22 29.03
N ASP H 95 -6.20 55.90 27.88
CA ASP H 95 -6.23 54.53 27.37
C ASP H 95 -5.17 54.25 26.33
N VAL H 96 -4.65 55.30 25.67
CA VAL H 96 -3.43 55.15 24.89
C VAL H 96 -2.25 54.82 25.79
N PHE H 97 -2.21 55.41 26.98
CA PHE H 97 -1.08 55.15 27.87
C PHE H 97 -1.15 53.78 28.52
N VAL H 98 -2.37 53.31 28.85
CA VAL H 98 -2.54 51.96 29.39
C VAL H 98 -2.12 50.91 28.39
N ARG H 99 -2.40 51.14 27.11
CA ARG H 99 -1.93 50.23 26.07
C ARG H 99 -0.42 50.24 25.94
N THR H 100 0.18 51.42 25.94
CA THR H 100 1.63 51.54 25.76
C THR H 100 2.38 50.96 26.95
N VAL H 101 1.81 51.06 28.14
CA VAL H 101 2.35 50.32 29.28
C VAL H 101 2.18 48.82 29.09
N ARG H 102 0.99 48.40 28.65
CA ARG H 102 0.64 46.98 28.54
C ARG H 102 1.47 46.25 27.51
N SER H 103 1.83 46.92 26.43
CA SER H 103 2.68 46.34 25.40
C SER H 103 4.14 46.25 25.83
N MET H 104 4.47 46.73 27.01
CA MET H 104 5.78 46.58 27.61
C MET H 104 5.75 45.61 28.79
N LEU H 105 4.62 44.98 29.05
CA LEU H 105 4.42 43.99 30.10
C LEU H 105 4.33 42.58 29.52
N PRO H 106 4.61 41.55 30.32
CA PRO H 106 4.26 40.18 29.88
C PRO H 106 2.76 39.93 30.02
N ARG H 107 2.04 40.34 28.98
CA ARG H 107 0.59 40.58 29.06
C ARG H 107 -0.19 39.29 29.18
N TYR H 108 0.38 38.17 28.75
CA TYR H 108 -0.34 36.92 28.60
C TYR H 108 0.00 35.93 29.69
N THR H 109 0.51 36.42 30.81
CA THR H 109 0.70 35.66 32.04
C THR H 109 -0.08 36.34 33.16
N LYS H 110 -0.09 35.71 34.33
CA LYS H 110 -0.76 36.31 35.47
C LYS H 110 0.06 37.36 36.17
N ARG H 111 1.40 37.31 36.08
CA ARG H 111 2.25 38.31 36.70
CA ARG H 111 2.19 38.33 36.73
C ARG H 111 2.17 39.64 35.96
N GLY H 112 1.94 39.58 34.65
CA GLY H 112 1.76 40.79 33.86
C GLY H 112 0.34 41.30 33.82
N MET H 113 -0.62 40.50 34.25
CA MET H 113 -1.98 40.96 34.49
C MET H 113 -2.17 41.49 35.89
N LYS H 114 -1.38 41.03 36.85
CA LYS H 114 -1.39 41.64 38.16
C LYS H 114 -0.69 42.98 38.20
N ALA H 115 0.08 43.30 37.18
CA ALA H 115 0.81 44.55 37.11
C ALA H 115 0.12 45.58 36.23
N LEU H 116 -0.73 45.15 35.32
CA LEU H 116 -1.51 46.06 34.51
C LEU H 116 -2.79 46.47 35.20
N ASN H 117 -3.26 45.69 36.15
CA ASN H 117 -4.36 46.11 37.03
C ASN H 117 -3.87 46.85 38.26
N SER H 118 -2.57 47.04 38.40
CA SER H 118 -2.02 47.95 39.40
C SER H 118 -1.92 49.37 38.89
N LEU H 119 -2.11 49.58 37.59
CA LEU H 119 -2.10 50.90 36.97
C LEU H 119 -3.52 51.38 36.79
N VAL H 120 -3.77 52.67 36.99
CA VAL H 120 -5.12 53.22 36.94
C VAL H 120 -5.28 54.22 35.80
N ALA H 121 -4.39 55.20 35.69
CA ALA H 121 -4.23 56.10 34.53
C ALA H 121 -5.49 56.92 34.25
N TYR H 122 -5.71 57.91 35.10
CA TYR H 122 -6.72 58.93 34.86
C TYR H 122 -6.23 59.97 33.85
N GLU H 123 -7.10 60.91 33.51
CA GLU H 123 -6.69 62.06 32.70
C GLU H 123 -7.35 63.33 33.24
N GLY H 124 -6.57 64.38 33.37
CA GLY H 124 -6.86 65.40 34.35
C GLY H 124 -6.54 64.88 35.73
N ILE H 125 -6.83 65.67 36.76
CA ILE H 125 -6.62 65.17 38.12
C ILE H 125 -7.97 65.05 38.82
N PRO H 126 -8.47 63.83 39.02
CA PRO H 126 -9.83 63.63 39.52
C PRO H 126 -9.93 64.01 40.99
N PRO H 127 -11.15 64.22 41.52
CA PRO H 127 -11.29 64.70 42.90
C PRO H 127 -10.79 63.75 43.98
N ASN H 128 -10.74 62.45 43.71
CA ASN H 128 -10.18 61.51 44.67
C ASN H 128 -8.65 61.48 44.70
N VAL H 129 -7.99 62.02 43.68
CA VAL H 129 -6.54 61.98 43.58
C VAL H 129 -5.92 63.28 44.06
N VAL H 130 -6.68 64.38 44.10
CA VAL H 130 -6.15 65.73 44.35
C VAL H 130 -5.48 65.82 45.71
N ARG H 131 -6.22 65.55 46.78
CA ARG H 131 -5.72 65.77 48.15
CA ARG H 131 -5.62 65.79 48.11
C ARG H 131 -5.13 64.51 48.77
N THR H 132 -4.62 63.59 47.98
CA THR H 132 -3.98 62.39 48.52
C THR H 132 -2.46 62.41 48.44
N GLY H 133 -1.83 63.56 48.66
CA GLY H 133 -0.38 63.60 48.70
C GLY H 133 0.21 64.30 47.50
N GLY H 134 1.48 64.69 47.59
CA GLY H 134 2.11 65.39 46.49
C GLY H 134 2.34 64.45 45.33
N ARG H 135 2.06 64.94 44.11
CA ARG H 135 2.35 64.14 42.94
C ARG H 135 3.85 64.03 42.71
N VAL H 136 4.24 62.96 42.02
CA VAL H 136 5.65 62.74 41.75
C VAL H 136 5.83 62.92 40.24
N VAL H 137 7.08 62.81 39.78
CA VAL H 137 7.40 63.09 38.40
C VAL H 137 8.55 62.15 38.02
N ILE H 138 8.78 61.96 36.73
CA ILE H 138 9.84 61.08 36.25
C ILE H 138 10.88 61.94 35.56
N PRO H 139 11.93 62.36 36.28
CA PRO H 139 12.83 63.39 35.76
C PRO H 139 13.75 62.92 34.65
N ARG H 140 13.77 61.63 34.33
CA ARG H 140 14.50 61.14 33.18
C ARG H 140 13.62 61.01 31.96
N ALA H 141 12.42 61.59 31.99
CA ALA H 141 11.49 61.46 30.87
C ALA H 141 10.67 62.72 30.62
N GLN H 142 11.18 63.92 30.91
CA GLN H 142 10.32 65.09 31.07
C GLN H 142 10.28 66.09 29.91
N ARG H 143 10.72 65.74 28.71
CA ARG H 143 10.66 66.53 27.46
C ARG H 143 11.54 67.79 27.46
N HIS H 144 11.88 68.34 28.61
CA HIS H 144 12.79 69.47 28.62
C HIS H 144 14.22 69.00 28.81
N VAL H 145 14.38 67.73 29.16
CA VAL H 145 15.68 67.07 29.16
C VAL H 145 15.78 65.99 28.10
N CYS H 146 14.69 65.60 27.47
CA CYS H 146 14.68 64.48 26.54
C CYS H 146 14.43 64.86 25.09
N TYR H 147 13.75 65.96 24.82
CA TYR H 147 13.55 66.44 23.46
C TYR H 147 14.42 67.66 23.24
N ARG H 148 15.05 67.73 22.08
CA ARG H 148 15.74 68.93 21.66
C ARG H 148 14.71 70.02 21.39
N SER H 149 14.84 71.15 22.06
CA SER H 149 13.79 72.15 22.16
C SER H 149 13.42 72.81 20.85
N GLU H 150 14.24 72.67 19.81
CA GLU H 150 13.91 73.15 18.48
C GLU H 150 13.00 72.20 17.71
N ARG H 151 12.99 70.94 18.08
CA ARG H 151 12.16 69.96 17.41
C ARG H 151 10.71 70.10 17.83
N PRO H 152 9.75 69.89 16.93
CA PRO H 152 8.35 69.89 17.33
C PRO H 152 8.01 68.66 18.16
N TYR H 153 6.96 68.81 18.96
CA TYR H 153 6.41 67.73 19.76
C TYR H 153 4.90 67.75 19.60
N THR H 154 4.23 66.81 20.24
CA THR H 154 2.80 66.59 20.02
C THR H 154 2.14 66.26 21.34
N VAL H 155 1.22 67.12 21.78
CA VAL H 155 0.47 66.85 22.99
C VAL H 155 -0.54 65.74 22.70
N LEU H 156 -0.60 64.74 23.60
CA LEU H 156 -1.41 63.55 23.35
C LEU H 156 -2.90 63.85 23.38
N GLY H 157 -3.32 64.87 24.13
CA GLY H 157 -4.71 65.27 24.13
C GLY H 157 -5.17 65.88 22.82
N ASN H 158 -4.26 66.39 22.02
CA ASN H 158 -4.59 66.99 20.73
C ASN H 158 -4.51 66.02 19.59
N MET H 159 -3.59 65.05 19.67
CA MET H 159 -3.55 63.98 18.68
C MET H 159 -4.80 63.11 18.80
N CYS H 160 -5.24 62.86 20.03
CA CYS H 160 -6.33 61.92 20.26
C CYS H 160 -7.70 62.53 20.03
N LYS H 161 -7.85 63.85 20.10
CA LYS H 161 -9.17 64.43 19.88
C LYS H 161 -9.56 64.44 18.42
N HIS H 162 -8.61 64.28 17.50
CA HIS H 162 -8.89 64.31 16.08
C HIS H 162 -8.95 62.93 15.46
N VAL H 163 -8.85 61.88 16.27
CA VAL H 163 -8.98 60.50 15.84
C VAL H 163 -10.13 59.80 16.55
N GLY H 164 -10.97 60.56 17.24
CA GLY H 164 -11.92 60.04 18.20
C GLY H 164 -11.83 60.86 19.47
N TRP H 165 -12.08 60.24 20.62
CA TRP H 165 -11.98 60.85 21.94
C TRP H 165 -12.81 62.12 22.06
N LYS H 166 -14.11 61.95 22.19
CA LYS H 166 -15.09 63.02 22.25
C LYS H 166 -15.16 63.72 23.61
N TYR H 167 -14.19 63.57 24.50
CA TYR H 167 -14.28 64.21 25.82
C TYR H 167 -13.13 65.16 26.05
N SER H 168 -12.61 65.78 24.98
CA SER H 168 -11.52 66.74 25.10
C SER H 168 -11.97 68.00 25.83
N ASP H 169 -13.14 68.52 25.46
CA ASP H 169 -13.64 69.74 26.05
C ASP H 169 -14.15 69.53 27.47
N VAL H 170 -14.59 68.31 27.80
CA VAL H 170 -15.00 68.02 29.15
C VAL H 170 -13.80 68.03 30.09
N VAL H 171 -12.68 67.46 29.66
CA VAL H 171 -11.46 67.47 30.45
C VAL H 171 -10.91 68.89 30.59
N ALA H 172 -11.07 69.71 29.55
CA ALA H 172 -10.56 71.07 29.58
C ALA H 172 -11.38 71.97 30.49
N ASN H 173 -12.64 71.65 30.73
CA ASN H 173 -13.41 72.41 31.70
C ASN H 173 -13.36 71.82 33.10
N LEU H 174 -12.94 70.56 33.24
CA LEU H 174 -12.70 70.02 34.57
C LEU H 174 -11.34 70.39 35.11
N GLU H 175 -10.39 70.77 34.25
CA GLU H 175 -9.08 71.20 34.69
C GLU H 175 -8.91 72.70 34.73
N LYS H 176 -9.74 73.43 34.00
CA LYS H 176 -9.83 74.87 34.23
C LYS H 176 -10.48 75.14 35.58
N ALA H 177 -11.50 74.36 35.94
CA ALA H 177 -12.19 74.51 37.22
C ALA H 177 -11.36 74.03 38.39
N ARG H 178 -10.34 73.21 38.16
CA ARG H 178 -9.50 72.75 39.26
C ARG H 178 -8.43 73.77 39.61
N VAL H 179 -7.74 74.29 38.60
CA VAL H 179 -6.65 75.24 38.82
C VAL H 179 -7.18 76.57 39.33
N GLU H 180 -8.42 76.93 38.97
CA GLU H 180 -9.08 78.04 39.64
C GLU H 180 -9.37 77.71 41.11
N LYS H 181 -9.81 76.48 41.38
CA LYS H 181 -10.13 76.09 42.75
C LYS H 181 -8.87 75.89 43.58
N ALA H 182 -7.84 75.31 42.99
CA ALA H 182 -6.63 75.04 43.76
C ALA H 182 -5.75 76.25 43.94
N SER H 183 -5.98 77.32 43.17
CA SER H 183 -5.30 78.58 43.42
C SER H 183 -6.03 79.45 44.41
N ARG H 184 -7.34 79.23 44.60
CA ARG H 184 -8.02 79.88 45.70
C ARG H 184 -7.63 79.26 47.03
N HIS H 185 -7.39 77.94 47.03
CA HIS H 185 -6.95 77.26 48.24
C HIS H 185 -5.52 77.62 48.61
N HIS H 186 -4.72 78.08 47.65
CA HIS H 186 -3.33 78.37 47.89
C HIS H 186 -3.07 79.84 48.24
N GLU H 187 -3.97 80.76 47.87
CA GLU H 187 -3.88 82.09 48.46
C GLU H 187 -4.33 82.05 49.91
N LYS H 188 -5.30 81.20 50.21
CA LYS H 188 -5.52 80.75 51.59
C LYS H 188 -4.31 79.96 52.05
N GLN H 189 -4.12 79.93 53.37
CA GLN H 189 -2.99 79.31 54.08
C GLN H 189 -1.64 79.95 53.74
N ALA H 190 -1.61 81.04 52.97
CA ALA H 190 -0.40 81.83 52.81
C ALA H 190 -0.08 82.62 54.07
N LYS H 191 -1.07 82.80 54.95
CA LYS H 191 -0.82 83.33 56.27
C LYS H 191 -0.79 82.18 57.27
N LEU H 192 -0.69 80.95 56.75
CA LEU H 192 -0.37 79.77 57.54
C LEU H 192 1.01 79.26 57.12
N ARG H 193 1.33 79.38 55.83
CA ARG H 193 2.68 79.04 55.38
C ARG H 193 3.69 80.06 55.88
N GLU H 194 3.29 81.34 55.90
CA GLU H 194 4.15 82.37 56.47
C GLU H 194 4.09 82.39 57.98
N ALA H 195 3.05 81.79 58.57
CA ALA H 195 2.96 81.71 60.02
C ALA H 195 3.97 80.73 60.59
N TRP H 196 4.17 79.59 59.92
CA TRP H 196 5.15 78.62 60.42
C TRP H 196 6.58 79.09 60.17
N LYS H 197 6.87 79.66 59.01
CA LYS H 197 8.25 80.04 58.73
C LYS H 197 8.69 81.27 59.49
N ALA H 198 7.75 82.10 59.96
CA ALA H 198 8.05 83.15 60.91
C ALA H 198 8.01 82.64 62.34
N ALA H 199 7.62 81.39 62.55
CA ALA H 199 7.78 80.72 63.83
C ALA H 199 8.97 79.78 63.84
N ARG H 200 9.46 79.36 62.67
CA ARG H 200 10.67 78.56 62.60
C ARG H 200 11.93 79.41 62.51
N LYS H 201 11.78 80.71 62.20
CA LYS H 201 12.87 81.65 62.40
C LYS H 201 12.85 82.22 63.81
N GLU H 202 11.68 82.20 64.45
CA GLU H 202 11.54 82.65 65.83
C GLU H 202 11.87 81.54 66.82
N ALA H 203 11.82 80.28 66.40
CA ALA H 203 12.25 79.18 67.25
C ALA H 203 13.74 79.22 67.51
N LEU H 204 14.52 79.73 66.56
CA LEU H 204 15.90 80.06 66.84
C LEU H 204 15.95 81.22 67.82
N ALA H 205 16.94 81.19 68.71
CA ALA H 205 17.16 82.07 69.87
C ALA H 205 16.11 81.91 70.98
N LYS H 206 15.10 81.06 70.79
CA LYS H 206 14.26 80.57 71.87
C LYS H 206 14.64 79.15 72.25
N MET H 207 15.57 78.54 71.53
CA MET H 207 16.08 77.20 71.74
C MET H 207 17.54 77.33 72.19
N PRO H 208 18.10 76.32 72.88
CA PRO H 208 19.47 76.45 73.40
C PRO H 208 20.52 76.51 72.30
N LYS H 209 21.54 77.35 72.54
CA LYS H 209 22.50 77.71 71.51
C LYS H 209 23.53 76.62 71.23
N HIS H 210 23.60 75.58 72.06
CA HIS H 210 24.48 74.47 71.74
C HIS H 210 23.82 73.48 70.78
N ASN H 211 22.52 73.62 70.53
CA ASN H 211 21.84 72.87 69.49
C ASN H 211 21.60 73.69 68.23
N VAL H 212 22.17 74.89 68.15
CA VAL H 212 22.06 75.70 66.94
C VAL H 212 23.36 75.66 66.14
N GLU H 213 24.52 75.67 66.80
CA GLU H 213 25.75 75.45 66.05
C GLU H 213 26.04 73.99 65.76
N VAL H 214 25.14 73.07 66.12
CA VAL H 214 25.12 71.77 65.45
C VAL H 214 24.05 71.77 64.38
N LEU H 215 23.09 72.71 64.45
CA LEU H 215 22.09 72.88 63.41
C LEU H 215 22.61 73.78 62.29
N LYS H 216 23.72 74.48 62.52
CA LYS H 216 24.42 75.25 61.50
C LYS H 216 25.64 74.52 60.93
N LYS H 217 26.11 73.45 61.58
CA LYS H 217 27.15 72.66 60.94
C LYS H 217 26.56 71.85 59.78
N PHE H 218 25.40 71.27 59.98
CA PHE H 218 24.74 70.49 58.95
C PHE H 218 23.86 71.35 58.04
N GLY H 219 23.91 72.67 58.20
CA GLY H 219 23.29 73.57 57.25
C GLY H 219 21.79 73.66 57.33
N TYR H 220 21.19 73.31 58.48
CA TYR H 220 19.74 73.32 58.64
C TYR H 220 19.23 74.55 59.37
N ALA H 221 19.95 75.67 59.30
CA ALA H 221 19.52 76.85 60.03
C ALA H 221 18.36 77.54 59.32
N PRO I 1 26.30 -9.00 2.21
CA PRO I 1 27.46 -9.09 1.33
C PRO I 1 28.12 -10.45 1.37
N LYS I 2 28.14 -11.14 0.24
CA LYS I 2 28.85 -12.40 0.12
C LYS I 2 30.34 -12.13 0.24
N GLY I 3 31.08 -13.11 0.71
CA GLY I 3 32.50 -12.88 0.89
C GLY I 3 33.33 -14.02 0.31
N ASN I 4 34.27 -14.51 1.09
CA ASN I 4 35.09 -15.65 0.70
C ASN I 4 34.47 -16.94 1.23
N ASN I 5 33.25 -17.18 0.82
CA ASN I 5 32.56 -18.38 1.25
C ASN I 5 32.67 -19.41 0.14
N ALA I 6 32.59 -20.69 0.51
CA ALA I 6 32.55 -21.75 -0.46
C ALA I 6 31.26 -21.71 -1.25
N ILE I 7 31.33 -22.17 -2.49
CA ILE I 7 30.15 -22.22 -3.35
C ILE I 7 29.29 -23.38 -2.83
N PRO I 8 28.04 -23.12 -2.43
CA PRO I 8 27.34 -24.01 -1.49
C PRO I 8 27.01 -25.44 -1.93
N HIS I 9 26.24 -25.61 -3.02
CA HIS I 9 25.79 -26.91 -3.54
C HIS I 9 25.11 -27.77 -2.46
N VAL I 10 23.99 -27.27 -1.91
CA VAL I 10 23.40 -27.96 -0.77
C VAL I 10 22.29 -28.96 -1.09
N HIS I 11 21.71 -28.90 -2.30
CA HIS I 11 20.88 -29.98 -2.90
C HIS I 11 19.57 -30.23 -2.14
N GLN I 12 18.82 -29.17 -1.89
CA GLN I 12 17.59 -29.30 -1.13
C GLN I 12 16.45 -28.54 -1.81
N LYS I 13 16.24 -28.82 -3.09
CA LYS I 13 15.28 -28.11 -3.90
C LYS I 13 14.10 -28.97 -4.34
N LYS I 14 13.88 -30.13 -3.71
CA LYS I 14 12.94 -31.10 -4.24
C LYS I 14 11.86 -31.51 -3.25
N HIS I 15 11.32 -30.54 -2.50
CA HIS I 15 10.09 -30.70 -1.68
C HIS I 15 10.20 -31.84 -0.68
N TRP I 16 11.21 -31.77 0.15
CA TRP I 16 11.55 -32.88 1.03
C TRP I 16 10.90 -32.76 2.41
N ASN I 17 10.62 -31.52 2.90
CA ASN I 17 10.09 -31.53 4.26
C ASN I 17 8.57 -31.45 4.27
N PRO I 18 7.91 -32.09 5.25
CA PRO I 18 6.45 -31.99 5.30
C PRO I 18 5.97 -30.62 5.76
N CYS I 19 5.53 -29.82 4.82
CA CYS I 19 4.86 -28.58 5.15
C CYS I 19 3.37 -28.80 4.93
N SER I 20 2.59 -27.72 4.98
CA SER I 20 1.13 -27.79 4.90
C SER I 20 0.61 -28.30 3.57
N SER I 21 1.46 -28.38 2.56
CA SER I 21 1.09 -28.80 1.22
C SER I 21 1.85 -30.01 0.73
N GLN I 22 2.92 -30.41 1.42
CA GLN I 22 3.81 -31.46 0.97
C GLN I 22 3.79 -32.58 1.98
N LYS I 23 3.65 -33.80 1.50
CA LYS I 23 3.75 -34.97 2.38
C LYS I 23 5.17 -35.15 2.88
N GLY I 24 6.15 -34.71 2.10
CA GLY I 24 7.55 -34.81 2.47
C GLY I 24 8.22 -36.02 1.86
N ASN I 25 9.54 -36.05 2.01
CA ASN I 25 10.35 -37.20 1.63
C ASN I 25 11.53 -37.17 2.60
N VAL I 26 11.39 -37.88 3.71
CA VAL I 26 12.18 -37.63 4.91
C VAL I 26 12.18 -38.91 5.74
N LYS I 27 13.33 -39.26 6.31
CA LYS I 27 13.48 -40.53 7.02
C LYS I 27 14.29 -40.31 8.29
N VAL I 28 13.64 -40.49 9.44
CA VAL I 28 14.19 -40.13 10.74
C VAL I 28 14.41 -41.42 11.54
N PHE I 29 15.46 -41.45 12.35
CA PHE I 29 15.86 -42.64 13.10
C PHE I 29 15.42 -42.61 14.56
N LEU I 30 14.21 -42.16 14.89
CA LEU I 30 13.82 -42.13 16.29
C LEU I 30 13.51 -43.51 16.85
N ASN I 31 13.27 -44.50 16.00
CA ASN I 31 13.07 -45.87 16.44
C ASN I 31 14.34 -46.71 16.39
N GLN I 32 15.49 -46.06 16.27
CA GLN I 32 16.77 -46.78 16.23
C GLN I 32 17.05 -47.62 17.48
N PRO I 33 16.83 -47.16 18.72
CA PRO I 33 17.09 -48.07 19.85
C PRO I 33 15.97 -49.05 20.12
N ALA I 34 14.79 -48.88 19.52
CA ALA I 34 13.70 -49.80 19.72
C ALA I 34 13.65 -50.90 18.68
N GLN I 35 14.28 -50.69 17.54
CA GLN I 35 14.52 -51.75 16.58
C GLN I 35 15.81 -52.48 16.88
N LYS I 36 16.76 -51.78 17.51
CA LYS I 36 17.95 -52.43 18.06
C LYS I 36 17.56 -53.47 19.10
N HIS I 37 16.67 -53.08 20.01
CA HIS I 37 16.12 -53.99 21.02
C HIS I 37 15.24 -55.07 20.41
N ARG I 38 14.46 -54.73 19.38
CA ARG I 38 13.56 -55.69 18.76
C ARG I 38 14.31 -56.83 18.08
N ARG I 39 15.38 -56.51 17.35
CA ARG I 39 16.15 -57.54 16.67
C ARG I 39 16.85 -58.47 17.65
N ARG I 40 17.27 -57.97 18.80
CA ARG I 40 17.90 -58.80 19.81
C ARG I 40 16.90 -59.67 20.54
N ARG I 41 15.77 -59.08 20.93
CA ARG I 41 14.63 -59.80 21.51
C ARG I 41 14.14 -60.89 20.57
N LEU I 42 14.20 -60.65 19.27
CA LEU I 42 13.71 -61.61 18.30
C LEU I 42 14.79 -62.61 17.89
N ARG I 43 16.06 -62.33 18.19
CA ARG I 43 17.13 -63.33 18.07
C ARG I 43 17.24 -64.22 19.28
N LEU I 44 16.78 -63.77 20.43
CA LEU I 44 16.74 -64.61 21.62
C LEU I 44 15.47 -65.44 21.66
N LEU I 45 14.41 -64.97 21.02
CA LEU I 45 13.21 -65.75 20.85
C LEU I 45 13.39 -66.82 19.77
N LYS I 46 14.30 -66.58 18.84
CA LYS I 46 14.59 -67.53 17.77
C LYS I 46 15.64 -68.57 18.18
N ALA I 47 16.62 -68.15 18.99
CA ALA I 47 17.60 -69.08 19.51
C ALA I 47 16.97 -70.11 20.43
N LYS I 48 15.86 -69.76 21.08
CA LYS I 48 15.05 -70.75 21.78
C LYS I 48 14.28 -71.63 20.81
N LYS I 49 13.82 -71.06 19.69
CA LYS I 49 12.95 -71.76 18.76
C LYS I 49 13.70 -72.85 18.01
N VAL I 50 15.01 -72.74 17.87
CA VAL I 50 15.78 -73.67 17.06
C VAL I 50 16.50 -74.71 17.92
N PHE I 51 16.66 -74.43 19.23
CA PHE I 51 17.60 -75.09 20.17
C PHE I 51 17.72 -76.61 19.98
N PRO I 52 18.95 -77.17 19.98
CA PRO I 52 20.26 -76.63 20.34
C PRO I 52 21.18 -76.34 19.17
N ARG I 53 20.64 -76.26 17.98
CA ARG I 53 21.45 -75.96 16.81
C ARG I 53 21.91 -74.51 16.86
N PRO I 54 23.03 -74.19 16.20
CA PRO I 54 23.50 -72.81 16.15
C PRO I 54 22.48 -71.88 15.51
N LEU I 55 22.45 -70.65 16.02
CA LEU I 55 21.50 -69.66 15.52
C LEU I 55 21.83 -69.26 14.10
N LYS I 56 23.11 -69.21 13.75
CA LYS I 56 23.55 -68.90 12.40
C LYS I 56 24.29 -70.09 11.82
N ALA I 57 24.00 -70.39 10.56
CA ALA I 57 24.62 -71.51 9.89
C ALA I 57 26.07 -71.20 9.56
N LEU I 58 26.81 -72.25 9.25
CA LEU I 58 28.24 -72.12 8.99
C LEU I 58 28.46 -71.52 7.61
N ARG I 59 29.39 -70.59 7.50
CA ARG I 59 29.71 -69.94 6.25
C ARG I 59 31.20 -70.04 5.97
N PRO I 60 31.60 -70.12 4.70
CA PRO I 60 33.01 -70.28 4.37
C PRO I 60 33.79 -68.99 4.58
N GLN I 61 35.10 -69.13 4.59
CA GLN I 61 35.99 -67.98 4.51
C GLN I 61 36.29 -67.70 3.06
N VAL I 62 35.93 -66.51 2.59
CA VAL I 62 36.23 -66.10 1.22
C VAL I 62 37.08 -64.84 1.29
N ASN I 63 37.86 -64.61 0.25
CA ASN I 63 38.70 -63.42 0.16
C ASN I 63 37.86 -62.23 -0.23
N CYS I 64 38.49 -61.10 -0.39
CA CYS I 64 37.73 -60.00 -0.92
C CYS I 64 38.27 -59.59 -2.28
N PRO I 65 37.41 -59.09 -3.18
CA PRO I 65 37.89 -58.72 -4.52
C PRO I 65 38.52 -57.34 -4.54
N THR I 66 38.88 -56.81 -5.71
CA THR I 66 39.27 -55.40 -5.90
C THR I 66 40.50 -54.97 -5.12
N VAL I 67 41.69 -55.03 -5.73
CA VAL I 67 43.06 -54.93 -5.19
C VAL I 67 43.28 -54.03 -3.97
N ARG I 68 42.37 -53.08 -3.73
CA ARG I 68 42.27 -52.42 -2.42
C ARG I 68 42.06 -53.44 -1.29
N HIS I 69 41.25 -54.47 -1.53
CA HIS I 69 40.81 -55.37 -0.48
C HIS I 69 41.35 -56.78 -0.63
N ASN I 70 42.43 -56.97 -1.39
CA ASN I 70 42.98 -58.30 -1.59
C ASN I 70 43.44 -58.96 -0.30
N MET I 71 44.03 -58.18 0.59
CA MET I 71 44.65 -58.68 1.81
C MET I 71 43.66 -58.95 2.92
N LYS I 72 42.37 -58.84 2.64
CA LYS I 72 41.31 -59.05 3.61
C LYS I 72 40.60 -60.35 3.35
N ARG I 73 39.93 -60.86 4.37
CA ARG I 73 39.09 -62.03 4.28
C ARG I 73 37.81 -61.77 5.07
N ARG I 74 36.76 -62.50 4.73
CA ARG I 74 35.47 -62.34 5.38
C ARG I 74 34.72 -63.67 5.23
N LEU I 75 33.44 -63.65 5.56
CA LEU I 75 32.62 -64.86 5.52
C LEU I 75 31.79 -64.87 4.25
N GLY I 76 31.79 -65.99 3.55
CA GLY I 76 31.10 -66.12 2.29
C GLY I 76 29.63 -66.48 2.45
N ARG I 77 28.99 -66.71 1.31
CA ARG I 77 27.60 -67.15 1.35
C ARG I 77 27.51 -68.61 1.77
N GLY I 78 28.10 -69.51 0.99
CA GLY I 78 28.00 -70.91 1.28
C GLY I 78 29.21 -71.65 0.74
N PHE I 79 29.38 -72.87 1.23
CA PHE I 79 30.44 -73.73 0.74
C PHE I 79 30.10 -74.25 -0.63
N SER I 80 31.09 -74.24 -1.51
CA SER I 80 30.87 -74.75 -2.86
C SER I 80 30.72 -76.27 -2.80
N PRO I 81 30.03 -76.85 -3.79
CA PRO I 81 29.94 -78.32 -3.82
C PRO I 81 31.15 -79.02 -4.41
N ALA I 82 32.33 -78.49 -4.11
CA ALA I 82 33.62 -79.15 -4.26
C ALA I 82 34.46 -79.08 -2.99
N GLU I 83 34.32 -78.03 -2.19
CA GLU I 83 34.82 -78.03 -0.83
C GLU I 83 34.05 -79.01 0.04
N LEU I 84 32.75 -79.15 -0.22
CA LEU I 84 31.94 -80.11 0.52
C LEU I 84 32.31 -81.54 0.17
N LYS I 85 32.54 -81.82 -1.11
CA LYS I 85 32.91 -83.18 -1.51
C LYS I 85 34.34 -83.50 -1.11
N ALA I 86 35.22 -82.50 -1.06
CA ALA I 86 36.55 -82.70 -0.51
C ALA I 86 36.54 -82.93 0.98
N ALA I 87 35.47 -82.55 1.67
CA ALA I 87 35.24 -82.89 3.06
C ALA I 87 34.40 -84.14 3.20
N GLY I 88 34.20 -84.90 2.12
CA GLY I 88 33.43 -86.14 2.14
C GLY I 88 31.98 -85.95 2.51
N LEU I 89 31.32 -84.95 1.92
CA LEU I 89 30.03 -84.52 2.42
C LEU I 89 29.10 -84.18 1.25
N ASN I 90 27.89 -84.69 1.30
CA ASN I 90 26.88 -84.47 0.27
C ASN I 90 26.32 -83.05 0.39
N PRO I 91 26.27 -82.28 -0.70
CA PRO I 91 25.77 -80.90 -0.57
C PRO I 91 24.29 -80.79 -0.26
N GLN I 92 23.47 -81.71 -0.76
CA GLN I 92 22.07 -81.73 -0.36
C GLN I 92 21.91 -82.14 1.09
N TYR I 93 22.77 -83.04 1.58
CA TYR I 93 22.71 -83.43 2.99
C TYR I 93 23.32 -82.38 3.90
N ALA I 94 24.30 -81.62 3.43
CA ALA I 94 24.97 -80.65 4.29
C ALA I 94 24.07 -79.49 4.67
N ALA I 95 23.07 -79.19 3.85
CA ALA I 95 22.16 -78.09 4.15
C ALA I 95 21.24 -78.40 5.33
N THR I 96 21.04 -79.67 5.64
CA THR I 96 20.20 -80.07 6.76
C THR I 96 20.96 -80.06 8.09
N ILE I 97 22.27 -80.26 8.05
CA ILE I 97 23.08 -80.34 9.26
C ILE I 97 23.81 -79.03 9.54
N GLY I 98 23.31 -77.91 9.03
CA GLY I 98 23.75 -76.62 9.49
C GLY I 98 24.71 -75.87 8.61
N ILE I 99 24.89 -76.28 7.38
CA ILE I 99 25.93 -75.74 6.51
C ILE I 99 25.27 -75.01 5.36
N ARG I 100 25.71 -73.78 5.10
CA ARG I 100 25.25 -73.04 3.94
C ARG I 100 26.02 -73.49 2.70
N VAL I 101 25.32 -73.59 1.57
CA VAL I 101 25.86 -74.13 0.34
C VAL I 101 25.69 -73.11 -0.77
N ASP I 102 26.74 -72.91 -1.58
CA ASP I 102 26.75 -71.93 -2.67
C ASP I 102 27.18 -72.63 -3.94
N SER I 103 26.24 -72.82 -4.86
CA SER I 103 26.50 -73.49 -6.12
C SER I 103 27.23 -72.61 -7.12
N ARG I 104 27.33 -71.31 -6.85
CA ARG I 104 27.87 -70.38 -7.84
C ARG I 104 29.37 -70.20 -7.72
N ARG I 105 29.95 -70.37 -6.54
CA ARG I 105 31.33 -70.00 -6.29
C ARG I 105 32.29 -71.04 -6.88
N LYS I 106 33.41 -70.58 -7.46
CA LYS I 106 34.10 -71.35 -8.47
C LYS I 106 35.40 -72.03 -8.04
N ASN I 107 36.00 -71.66 -6.89
CA ASN I 107 37.22 -72.28 -6.37
C ASN I 107 38.38 -72.20 -7.36
N LYS I 108 38.88 -70.99 -7.56
CA LYS I 108 39.94 -70.74 -8.53
C LYS I 108 41.35 -70.94 -7.98
N SER I 109 41.50 -71.42 -6.75
CA SER I 109 42.83 -71.72 -6.21
C SER I 109 42.70 -72.76 -5.12
N GLU I 110 43.82 -73.42 -4.82
CA GLU I 110 43.82 -74.50 -3.84
C GLU I 110 44.02 -74.03 -2.41
N GLU I 111 44.60 -72.85 -2.19
CA GLU I 111 44.71 -72.33 -0.83
C GLU I 111 43.36 -71.90 -0.29
N GLY I 112 42.55 -71.22 -1.11
CA GLY I 112 41.22 -70.86 -0.67
C GLY I 112 40.27 -72.02 -0.59
N MET I 113 40.59 -73.14 -1.23
CA MET I 113 39.75 -74.31 -1.12
C MET I 113 40.08 -75.09 0.15
N ASN I 114 41.35 -75.15 0.54
CA ASN I 114 41.76 -75.93 1.69
C ASN I 114 41.44 -75.25 3.01
N VAL I 115 41.31 -73.93 3.02
CA VAL I 115 40.88 -73.22 4.23
C VAL I 115 39.46 -73.60 4.60
N ASN I 116 38.59 -73.70 3.60
CA ASN I 116 37.18 -74.00 3.85
C ASN I 116 36.91 -75.49 4.02
N VAL I 117 37.78 -76.35 3.52
CA VAL I 117 37.66 -77.77 3.85
C VAL I 117 38.00 -77.99 5.31
N GLN I 118 39.00 -77.26 5.82
CA GLN I 118 39.35 -77.35 7.24
C GLN I 118 38.27 -76.76 8.13
N ARG I 119 37.49 -75.80 7.62
CA ARG I 119 36.33 -75.35 8.37
C ARG I 119 35.25 -76.42 8.42
N LEU I 120 35.09 -77.19 7.35
CA LEU I 120 34.15 -78.30 7.35
C LEU I 120 34.65 -79.49 8.14
N LYS I 121 35.97 -79.75 8.15
CA LYS I 121 36.50 -80.85 8.94
C LYS I 121 36.40 -80.56 10.44
N THR I 122 36.54 -79.29 10.83
CA THR I 122 36.38 -78.92 12.23
C THR I 122 34.92 -78.98 12.64
N TYR I 123 34.01 -78.60 11.75
CA TYR I 123 32.60 -78.53 12.09
C TYR I 123 31.98 -79.89 12.30
N MET I 124 32.44 -80.90 11.57
CA MET I 124 31.84 -82.22 11.69
C MET I 124 32.31 -82.93 12.95
N SER I 125 33.51 -82.58 13.44
CA SER I 125 34.01 -83.12 14.70
C SER I 125 33.35 -82.47 15.91
N LYS I 126 32.86 -81.24 15.77
CA LYS I 126 32.07 -80.60 16.81
C LYS I 126 30.60 -80.93 16.71
N LEU I 127 30.16 -81.43 15.55
CA LEU I 127 28.74 -81.71 15.32
C LEU I 127 28.31 -82.92 16.14
N VAL I 128 27.09 -82.88 16.63
CA VAL I 128 26.55 -83.94 17.47
C VAL I 128 25.58 -84.82 16.69
N LEU I 129 24.66 -84.21 15.94
CA LEU I 129 23.73 -84.91 15.04
C LEU I 129 22.83 -85.90 15.77
N PHE I 130 21.81 -85.40 16.44
CA PHE I 130 20.80 -86.16 17.19
C PHE I 130 20.17 -87.25 16.34
N PRO I 131 19.73 -88.36 16.94
CA PRO I 131 19.05 -89.38 16.14
C PRO I 131 17.64 -88.95 15.73
N MET I 132 17.14 -89.62 14.69
CA MET I 132 15.72 -89.54 14.38
C MET I 132 14.89 -90.20 15.45
N ASN I 133 15.11 -91.49 15.67
CA ASN I 133 14.51 -92.24 16.75
C ASN I 133 15.56 -92.35 17.84
N HIS I 134 15.25 -91.83 19.03
CA HIS I 134 16.23 -91.85 20.12
C HIS I 134 16.33 -93.21 20.80
N LYS I 135 15.57 -94.19 20.35
CA LYS I 135 15.67 -95.57 20.80
C LYS I 135 16.48 -96.42 19.82
N LYS I 136 16.13 -96.38 18.54
CA LYS I 136 16.86 -97.07 17.49
C LYS I 136 17.79 -96.06 16.83
N VAL I 137 19.06 -96.07 17.23
CA VAL I 137 20.07 -95.22 16.62
C VAL I 137 20.44 -95.82 15.26
N GLN I 138 20.44 -94.98 14.23
CA GLN I 138 20.62 -95.46 12.86
C GLN I 138 22.06 -95.40 12.38
N LYS I 139 22.83 -94.39 12.79
CA LYS I 139 24.16 -94.19 12.22
C LYS I 139 25.05 -93.59 13.30
N GLY I 140 26.18 -93.03 12.88
CA GLY I 140 26.99 -92.24 13.79
C GLY I 140 26.25 -90.99 14.17
N GLU I 141 25.70 -91.00 15.39
CA GLU I 141 24.79 -89.97 15.88
C GLU I 141 25.08 -89.77 17.36
N ALA I 142 24.21 -89.05 18.05
CA ALA I 142 24.39 -88.84 19.47
C ALA I 142 24.04 -90.11 20.24
N SER I 143 24.51 -90.17 21.49
CA SER I 143 24.32 -91.35 22.32
C SER I 143 23.61 -91.04 23.62
N GLU I 144 22.94 -89.88 23.70
CA GLU I 144 22.05 -89.39 24.76
C GLU I 144 22.82 -88.97 26.01
N GLU I 145 24.11 -89.31 26.10
CA GLU I 145 25.02 -88.56 26.94
C GLU I 145 25.58 -87.36 26.17
N GLU I 146 25.40 -87.36 24.86
CA GLU I 146 25.66 -86.20 24.00
C GLU I 146 24.40 -85.45 23.64
N VAL I 147 23.23 -86.11 23.64
CA VAL I 147 21.98 -85.48 23.25
C VAL I 147 21.29 -84.87 24.47
N LYS I 148 22.02 -84.79 25.59
CA LYS I 148 21.55 -84.13 26.80
C LYS I 148 22.51 -83.06 27.30
N ALA I 149 23.79 -83.17 27.00
CA ALA I 149 24.77 -82.15 27.33
C ALA I 149 24.91 -81.09 26.25
N ALA I 150 24.06 -81.13 25.23
CA ALA I 150 24.23 -80.32 24.04
C ALA I 150 23.68 -78.91 24.24
N THR I 151 24.38 -77.93 23.66
CA THR I 151 24.08 -76.51 23.79
C THR I 151 24.16 -75.85 22.42
N GLN I 152 23.88 -74.55 22.39
CA GLN I 152 23.95 -73.74 21.19
C GLN I 152 24.83 -72.53 21.43
N ASP I 153 25.15 -71.84 20.35
CA ASP I 153 25.89 -70.59 20.41
C ASP I 153 25.07 -69.44 19.84
N ARG I 154 25.31 -68.25 20.39
CA ARG I 154 24.78 -67.00 19.89
C ARG I 154 25.94 -66.11 19.47
N SER I 155 26.97 -66.73 18.89
CA SER I 155 28.28 -66.12 18.69
C SER I 155 28.33 -65.12 17.54
N ARG I 156 27.18 -64.80 16.94
CA ARG I 156 26.90 -63.71 16.00
C ARG I 156 27.46 -64.01 14.60
N PHE I 157 28.27 -65.06 14.45
CA PHE I 157 28.76 -65.43 13.13
C PHE I 157 28.69 -66.92 12.84
N GLY I 158 28.49 -67.77 13.84
CA GLY I 158 28.71 -69.18 13.68
C GLY I 158 30.16 -69.60 13.78
N ASP I 159 31.00 -68.75 14.38
CA ASP I 159 32.43 -68.99 14.49
C ASP I 159 32.84 -69.37 15.89
N ALA I 160 31.90 -69.87 16.70
CA ALA I 160 32.26 -70.36 18.03
C ALA I 160 33.00 -71.67 17.93
N ALA I 161 32.48 -72.61 17.13
CA ALA I 161 33.04 -73.96 17.05
C ALA I 161 33.66 -74.26 15.71
N VAL I 162 34.12 -73.24 14.98
CA VAL I 162 34.89 -73.44 13.76
C VAL I 162 36.08 -72.49 13.83
N GLY I 163 36.08 -71.60 14.81
CA GLY I 163 37.11 -70.59 14.93
C GLY I 163 36.85 -69.38 14.05
N ALA I 164 37.65 -68.35 14.28
CA ALA I 164 37.47 -67.09 13.57
C ALA I 164 38.06 -67.17 12.16
N VAL I 165 38.00 -66.04 11.45
CA VAL I 165 38.55 -65.95 10.11
C VAL I 165 40.07 -65.96 10.18
N VAL I 166 40.68 -66.84 9.40
CA VAL I 166 42.12 -67.10 9.48
C VAL I 166 42.82 -66.11 8.56
N TYR I 167 43.37 -65.05 9.15
CA TYR I 167 44.34 -64.23 8.44
C TYR I 167 45.71 -64.90 8.44
N PRO I 168 46.56 -64.59 7.46
CA PRO I 168 47.93 -65.13 7.48
C PRO I 168 48.77 -64.49 8.57
N SER I 169 49.80 -65.23 8.98
CA SER I 169 50.72 -64.79 10.02
C SER I 169 51.79 -63.88 9.42
N ALA I 170 52.10 -62.82 10.14
CA ALA I 170 53.09 -61.85 9.69
C ALA I 170 54.49 -62.45 9.73
N GLU I 171 55.37 -61.91 8.89
CA GLU I 171 56.68 -62.51 8.68
C GLU I 171 57.62 -62.20 9.84
N THR I 172 58.39 -63.21 10.23
CA THR I 172 59.35 -63.09 11.32
C THR I 172 60.50 -62.18 10.91
N PRO I 173 61.18 -61.55 11.88
CA PRO I 173 62.34 -60.71 11.54
C PRO I 173 63.50 -61.54 11.03
N ARG I 174 64.01 -61.17 9.87
CA ARG I 174 65.10 -61.90 9.22
C ARG I 174 66.18 -60.93 8.79
N ALA I 175 67.28 -61.49 8.30
CA ALA I 175 68.39 -60.69 7.82
C ALA I 175 68.22 -60.36 6.34
N VAL I 176 68.91 -59.31 5.91
CA VAL I 176 68.87 -58.91 4.49
C VAL I 176 69.75 -59.86 3.70
N SER I 177 69.18 -60.46 2.66
CA SER I 177 69.82 -61.55 1.94
C SER I 177 70.92 -61.02 1.03
N ALA I 178 71.59 -61.96 0.35
CA ALA I 178 72.73 -61.60 -0.48
C ALA I 178 72.27 -60.87 -1.74
N GLU I 179 71.13 -61.28 -2.28
CA GLU I 179 70.59 -60.66 -3.49
C GLU I 179 69.99 -59.31 -3.17
N GLU I 180 69.27 -59.22 -2.05
CA GLU I 180 68.53 -58.03 -1.65
C GLU I 180 69.41 -56.89 -1.20
N LYS I 181 70.72 -57.10 -1.09
CA LYS I 181 71.63 -56.03 -0.69
C LYS I 181 72.14 -55.23 -1.87
N SER I 182 72.02 -55.76 -3.08
CA SER I 182 72.60 -55.12 -4.26
C SER I 182 71.70 -55.10 -5.47
N MET I 183 70.60 -55.85 -5.50
CA MET I 183 69.74 -55.93 -6.67
C MET I 183 68.75 -54.76 -6.64
N CYS I 184 68.73 -53.99 -7.71
CA CYS I 184 67.85 -52.82 -7.78
C CYS I 184 66.41 -53.27 -7.97
N VAL I 185 65.52 -52.70 -7.18
CA VAL I 185 64.16 -53.21 -7.06
C VAL I 185 63.23 -52.34 -7.91
N TYR I 186 63.55 -51.05 -8.02
CA TYR I 186 62.73 -50.16 -8.83
C TYR I 186 62.87 -50.49 -10.31
N ALA I 187 64.06 -50.87 -10.75
CA ALA I 187 64.30 -51.10 -12.17
C ALA I 187 63.61 -52.38 -12.64
N PHE I 188 63.47 -53.37 -11.76
CA PHE I 188 62.76 -54.60 -12.05
C PHE I 188 61.24 -54.40 -12.01
N LEU I 189 60.78 -53.54 -11.11
CA LEU I 189 59.36 -53.18 -11.07
C LEU I 189 58.96 -52.39 -12.30
N LYS I 190 59.79 -51.43 -12.72
CA LYS I 190 59.44 -50.59 -13.86
C LYS I 190 59.61 -51.34 -15.17
N LYS I 191 60.56 -52.28 -15.25
CA LYS I 191 60.70 -53.11 -16.45
C LYS I 191 59.50 -54.03 -16.63
N ASN I 192 59.01 -54.60 -15.53
CA ASN I 192 57.79 -55.41 -15.61
C ASN I 192 56.57 -54.55 -15.89
N HIS I 193 56.52 -53.36 -15.30
CA HIS I 193 55.42 -52.44 -15.53
C HIS I 193 55.38 -51.97 -16.96
N SER I 194 56.52 -51.53 -17.49
CA SER I 194 56.57 -51.02 -18.85
C SER I 194 56.41 -52.10 -19.90
N ALA I 195 56.64 -53.36 -19.54
CA ALA I 195 56.46 -54.46 -20.48
C ALA I 195 55.00 -54.61 -20.87
N VAL I 196 54.10 -54.49 -19.90
CA VAL I 196 52.68 -54.57 -20.18
C VAL I 196 52.08 -53.20 -20.53
N ARG I 197 52.72 -52.12 -20.09
CA ARG I 197 52.19 -50.78 -20.34
C ARG I 197 52.46 -50.36 -21.78
N PHE I 198 53.52 -50.88 -22.38
CA PHE I 198 53.85 -50.59 -23.78
C PHE I 198 53.75 -51.83 -24.66
N PHE I 199 53.15 -52.90 -24.17
CA PHE I 199 52.79 -54.03 -25.01
C PHE I 199 51.81 -53.57 -26.08
N GLY I 200 52.10 -53.91 -27.33
CA GLY I 200 51.30 -53.43 -28.43
C GLY I 200 51.82 -52.15 -29.02
N ALA I 201 52.23 -51.21 -28.16
CA ALA I 201 52.86 -50.00 -28.65
C ALA I 201 54.24 -50.28 -29.21
N ARG I 202 54.97 -51.24 -28.61
CA ARG I 202 56.23 -51.71 -29.14
C ARG I 202 56.10 -53.02 -29.90
N SER I 203 54.98 -53.70 -29.77
CA SER I 203 54.76 -54.94 -30.49
C SER I 203 54.21 -54.72 -31.88
N ALA I 204 53.68 -53.52 -32.15
CA ALA I 204 53.36 -53.11 -33.51
C ALA I 204 54.53 -52.45 -34.21
N ARG I 205 55.48 -51.88 -33.47
CA ARG I 205 56.69 -51.34 -34.09
C ARG I 205 57.57 -52.44 -34.65
N ALA I 206 57.60 -53.60 -34.01
CA ALA I 206 58.22 -54.76 -34.63
C ALA I 206 57.40 -55.23 -35.82
N ALA I 207 56.07 -55.22 -35.69
CA ALA I 207 55.20 -55.52 -36.81
C ALA I 207 55.30 -54.50 -37.94
N ARG I 208 55.68 -53.26 -37.63
CA ARG I 208 55.98 -52.24 -38.62
C ARG I 208 57.40 -52.39 -39.17
N LYS I 209 58.17 -53.37 -38.65
CA LYS I 209 59.54 -53.60 -39.08
C LYS I 209 59.79 -55.01 -39.58
N GLU I 210 59.00 -56.01 -39.16
CA GLU I 210 59.04 -57.30 -39.86
C GLU I 210 58.53 -57.18 -41.29
N ALA I 211 57.61 -56.26 -41.53
CA ALA I 211 57.13 -55.94 -42.87
C ALA I 211 57.93 -54.73 -43.37
N ALA I 212 59.04 -55.01 -44.03
CA ALA I 212 59.98 -54.04 -44.61
C ALA I 212 60.48 -52.99 -43.62
N ALA J 1 -30.20 61.75 -22.31
CA ALA J 1 -30.10 63.04 -21.65
C ALA J 1 -31.21 63.99 -22.08
N ASN J 2 -32.43 63.47 -22.16
CA ASN J 2 -33.45 64.32 -22.76
C ASN J 2 -34.71 64.45 -21.91
N VAL J 3 -35.21 63.36 -21.33
CA VAL J 3 -36.58 63.40 -20.84
C VAL J 3 -36.78 62.74 -19.47
N LYS J 4 -35.69 62.24 -18.86
CA LYS J 4 -35.81 61.32 -17.74
C LYS J 4 -36.34 61.98 -16.47
N GLY J 5 -35.63 62.99 -15.97
CA GLY J 5 -36.11 63.70 -14.81
C GLY J 5 -37.06 64.83 -15.16
N CYS J 6 -38.14 64.51 -15.87
CA CYS J 6 -39.08 65.52 -16.33
C CYS J 6 -40.50 65.18 -15.91
N ARG J 7 -40.83 63.89 -15.84
CA ARG J 7 -42.13 63.45 -15.35
C ARG J 7 -41.91 62.49 -14.19
N PHE J 8 -42.99 62.30 -13.41
CA PHE J 8 -42.94 61.51 -12.19
C PHE J 8 -42.68 60.04 -12.49
N ARG J 9 -42.48 59.29 -11.42
CA ARG J 9 -42.20 57.87 -11.53
C ARG J 9 -43.47 57.14 -11.93
N VAL J 10 -43.36 56.27 -12.93
CA VAL J 10 -44.46 55.48 -13.48
C VAL J 10 -44.01 54.03 -13.42
N SER J 11 -44.93 53.13 -13.06
CA SER J 11 -44.65 51.70 -13.02
C SER J 11 -44.24 51.19 -14.39
N VAL J 12 -43.03 50.63 -14.47
CA VAL J 12 -42.51 50.20 -15.76
C VAL J 12 -43.24 48.94 -16.22
N ALA J 13 -43.43 48.84 -17.52
CA ALA J 13 -44.34 47.87 -18.11
C ALA J 13 -43.68 46.94 -19.11
N LEU J 14 -42.74 47.44 -19.90
CA LEU J 14 -42.34 46.83 -21.16
C LEU J 14 -40.84 46.59 -21.14
N PRO J 15 -40.38 45.46 -20.62
CA PRO J 15 -38.95 45.17 -20.67
C PRO J 15 -38.45 44.86 -22.06
N VAL J 16 -37.14 44.67 -22.20
CA VAL J 16 -36.55 44.38 -23.48
C VAL J 16 -37.02 43.01 -23.94
N GLY J 17 -37.55 42.96 -25.16
CA GLY J 17 -38.24 41.78 -25.68
C GLY J 17 -39.68 42.03 -25.98
N ALA J 18 -40.25 43.12 -25.46
CA ALA J 18 -41.66 43.40 -25.59
C ALA J 18 -41.99 43.86 -26.99
N VAL J 19 -43.20 43.53 -27.43
CA VAL J 19 -43.67 43.72 -28.78
C VAL J 19 -44.97 44.51 -28.68
N VAL J 20 -44.92 45.80 -28.99
CA VAL J 20 -46.04 46.70 -28.76
C VAL J 20 -46.62 47.15 -30.09
N ASN J 21 -47.71 47.88 -30.03
CA ASN J 21 -48.42 48.31 -31.22
C ASN J 21 -47.84 49.61 -31.75
N CYS J 22 -48.14 49.87 -33.01
CA CYS J 22 -47.80 51.12 -33.66
C CYS J 22 -49.10 51.84 -33.91
N ALA J 23 -49.40 52.84 -33.08
CA ALA J 23 -50.56 53.69 -33.33
C ALA J 23 -50.29 54.75 -34.39
N ASP J 24 -49.04 54.87 -34.81
CA ASP J 24 -48.63 55.79 -35.86
C ASP J 24 -48.97 55.20 -37.22
N ASN J 25 -49.34 56.06 -38.16
CA ASN J 25 -49.63 55.62 -39.52
C ASN J 25 -48.42 55.74 -40.44
N THR J 26 -47.28 55.20 -40.01
CA THR J 26 -46.08 55.13 -40.84
C THR J 26 -46.02 53.88 -41.68
N GLY J 27 -47.15 53.19 -41.86
CA GLY J 27 -47.19 51.91 -42.52
C GLY J 27 -46.84 50.74 -41.64
N ALA J 28 -46.09 50.94 -40.57
CA ALA J 28 -45.75 49.88 -39.65
C ALA J 28 -46.99 49.47 -38.84
N LYS J 29 -46.93 48.24 -38.34
CA LYS J 29 -48.02 47.68 -37.57
C LYS J 29 -47.56 47.16 -36.22
N ASN J 30 -46.29 47.36 -35.87
CA ASN J 30 -45.70 46.56 -34.82
C ASN J 30 -44.37 47.17 -34.42
N LEU J 31 -44.09 47.19 -33.13
CA LEU J 31 -42.75 47.54 -32.66
C LEU J 31 -42.18 46.40 -31.83
N TYR J 32 -40.93 46.55 -31.43
CA TYR J 32 -40.23 45.53 -30.66
C TYR J 32 -39.19 46.26 -29.82
N VAL J 33 -39.38 46.29 -28.50
CA VAL J 33 -38.51 47.09 -27.65
C VAL J 33 -37.14 46.45 -27.60
N ILE J 34 -36.13 47.18 -28.07
CA ILE J 34 -34.75 46.73 -28.12
C ILE J 34 -33.97 47.19 -26.91
N SER J 35 -34.14 48.45 -26.53
CA SER J 35 -33.65 48.97 -25.26
C SER J 35 -34.42 50.25 -24.96
N VAL J 36 -34.10 50.83 -23.81
CA VAL J 36 -34.78 52.00 -23.28
C VAL J 36 -33.73 53.06 -23.03
N LYS J 37 -34.00 54.29 -23.45
CA LYS J 37 -33.11 55.39 -23.12
C LYS J 37 -33.35 55.82 -21.68
N GLY J 38 -32.24 56.07 -20.99
CA GLY J 38 -32.27 56.35 -19.57
C GLY J 38 -31.98 55.16 -18.70
N TYR J 39 -31.63 54.02 -19.27
CA TYR J 39 -31.34 52.84 -18.47
C TYR J 39 -29.93 52.92 -17.94
N HIS J 40 -29.80 53.31 -16.67
CA HIS J 40 -28.56 53.09 -15.96
C HIS J 40 -28.56 51.66 -15.49
N GLY J 41 -27.42 50.98 -15.64
CA GLY J 41 -27.41 49.56 -15.51
C GLY J 41 -27.58 49.05 -14.09
N ARG J 42 -28.26 47.91 -14.00
CA ARG J 42 -28.24 47.06 -12.81
C ARG J 42 -28.04 45.64 -13.31
N LEU J 43 -27.16 44.89 -12.66
CA LEU J 43 -26.87 43.52 -13.05
C LEU J 43 -28.12 42.65 -12.95
N ASN J 44 -28.39 41.94 -14.05
CA ASN J 44 -29.50 41.01 -14.33
C ASN J 44 -30.82 41.72 -14.58
N ARG J 45 -30.90 43.02 -14.35
CA ARG J 45 -32.13 43.76 -14.54
C ARG J 45 -32.26 44.23 -15.97
N LEU J 46 -33.42 44.06 -16.53
CA LEU J 46 -33.65 44.43 -17.91
C LEU J 46 -34.01 45.91 -18.03
N PRO J 47 -33.69 46.55 -19.15
CA PRO J 47 -34.29 47.85 -19.46
C PRO J 47 -35.79 47.71 -19.67
N SER J 48 -36.56 48.34 -18.80
CA SER J 48 -38.01 48.32 -18.92
C SER J 48 -38.51 49.73 -19.16
N ALA J 49 -39.60 49.83 -19.89
CA ALA J 49 -40.16 51.10 -20.30
C ALA J 49 -41.48 51.37 -19.59
N ALA J 50 -41.87 52.64 -19.61
CA ALA J 50 -43.14 53.09 -19.08
C ALA J 50 -43.67 54.08 -20.11
N LEU J 51 -44.63 54.91 -19.71
CA LEU J 51 -45.38 55.73 -20.67
C LEU J 51 -44.50 56.76 -21.36
N GLY J 52 -43.81 57.59 -20.61
CA GLY J 52 -43.11 58.65 -21.31
C GLY J 52 -41.84 58.25 -22.02
N ASP J 53 -41.39 57.02 -21.87
CA ASP J 53 -40.03 56.64 -22.24
C ASP J 53 -39.87 56.52 -23.73
N MET J 54 -38.77 57.06 -24.24
CA MET J 54 -38.34 56.75 -25.59
C MET J 54 -37.61 55.42 -25.59
N VAL J 55 -38.01 54.53 -26.50
CA VAL J 55 -37.39 53.23 -26.61
C VAL J 55 -36.60 53.18 -27.90
N MET J 56 -35.71 52.20 -27.99
CA MET J 56 -35.13 51.77 -29.25
C MET J 56 -35.96 50.59 -29.72
N CYS J 57 -36.36 50.60 -30.98
CA CYS J 57 -37.30 49.60 -31.44
C CYS J 57 -36.87 49.06 -32.80
N SER J 58 -37.59 48.08 -33.27
CA SER J 58 -37.49 47.62 -34.65
C SER J 58 -38.85 47.09 -35.03
N VAL J 59 -39.30 47.43 -36.24
CA VAL J 59 -40.59 46.94 -36.70
C VAL J 59 -40.47 45.46 -37.04
N LYS J 60 -41.33 44.65 -36.46
CA LYS J 60 -41.36 43.22 -36.74
C LYS J 60 -42.43 42.86 -37.75
N LYS J 61 -43.34 43.76 -38.03
CA LYS J 61 -44.43 43.54 -38.97
C LYS J 61 -44.88 44.91 -39.45
N GLY J 62 -44.73 45.16 -40.74
CA GLY J 62 -45.04 46.48 -41.26
C GLY J 62 -44.48 46.62 -42.66
N LYS J 63 -44.27 47.87 -43.07
CA LYS J 63 -43.68 48.11 -44.38
C LYS J 63 -42.20 47.74 -44.35
N PRO J 64 -41.69 47.07 -45.39
CA PRO J 64 -40.25 46.81 -45.45
C PRO J 64 -39.42 48.03 -45.76
N GLU J 65 -40.05 49.17 -46.06
CA GLU J 65 -39.31 50.42 -46.19
C GLU J 65 -38.65 50.79 -44.87
N LEU J 66 -39.33 50.54 -43.75
CA LEU J 66 -38.75 50.66 -42.42
C LEU J 66 -39.10 49.39 -41.64
N ARG J 67 -38.35 48.31 -41.87
CA ARG J 67 -38.60 47.14 -41.04
C ARG J 67 -37.34 46.62 -40.36
N LYS J 68 -36.26 46.43 -41.11
CA LYS J 68 -35.09 45.78 -40.51
C LYS J 68 -34.06 46.77 -39.99
N LYS J 69 -34.48 47.73 -39.17
CA LYS J 69 -33.59 48.79 -38.71
C LYS J 69 -33.98 49.22 -37.31
N VAL J 70 -33.10 49.97 -36.68
CA VAL J 70 -33.27 50.40 -35.30
C VAL J 70 -33.89 51.79 -35.34
N LEU J 71 -35.12 51.90 -34.84
CA LEU J 71 -35.89 53.13 -34.87
C LEU J 71 -36.09 53.65 -33.44
N ASN J 72 -36.70 54.82 -33.34
CA ASN J 72 -36.97 55.50 -32.08
C ASN J 72 -38.48 55.62 -31.90
N ALA J 73 -39.03 54.96 -30.90
CA ALA J 73 -40.45 55.06 -30.61
C ALA J 73 -40.66 55.67 -29.23
N VAL J 74 -41.86 56.19 -29.03
CA VAL J 74 -42.28 56.76 -27.75
C VAL J 74 -43.55 56.04 -27.34
N ILE J 75 -43.56 55.51 -26.12
CA ILE J 75 -44.73 54.81 -25.60
C ILE J 75 -45.85 55.81 -25.37
N ILE J 76 -47.08 55.38 -25.64
CA ILE J 76 -48.27 56.21 -25.41
C ILE J 76 -49.35 55.48 -24.64
N ARG J 77 -49.29 54.16 -24.57
CA ARG J 77 -50.23 53.32 -23.86
C ARG J 77 -49.48 52.17 -23.22
N GLN J 78 -50.01 51.70 -22.11
CA GLN J 78 -49.48 50.50 -21.48
C GLN J 78 -50.61 49.87 -20.67
N ARG J 79 -50.58 48.55 -20.57
CA ARG J 79 -51.57 47.85 -19.78
C ARG J 79 -51.24 47.85 -18.30
N LYS J 80 -49.99 48.13 -17.94
CA LYS J 80 -49.59 48.10 -16.55
C LYS J 80 -50.14 49.31 -15.83
N SER J 81 -50.86 49.05 -14.75
CA SER J 81 -51.52 50.10 -13.98
C SER J 81 -50.47 50.94 -13.28
N TRP J 82 -50.48 52.23 -13.53
CA TRP J 82 -49.63 53.17 -12.83
C TRP J 82 -50.50 54.06 -11.97
N ARG J 83 -50.00 54.39 -10.78
CA ARG J 83 -50.67 55.29 -9.87
C ARG J 83 -50.27 56.72 -10.19
N ARG J 84 -51.26 57.57 -10.47
CA ARG J 84 -50.95 58.97 -10.59
C ARG J 84 -50.83 59.61 -9.21
N LYS J 85 -50.28 60.83 -9.20
CA LYS J 85 -50.05 61.51 -7.93
C LYS J 85 -51.34 61.98 -7.28
N ASP J 86 -52.44 62.09 -8.03
CA ASP J 86 -53.74 62.35 -7.44
C ASP J 86 -54.44 61.08 -6.97
N GLY J 87 -53.70 59.99 -6.79
CA GLY J 87 -54.23 58.80 -6.16
C GLY J 87 -55.05 57.90 -7.03
N THR J 88 -55.17 58.18 -8.32
CA THR J 88 -55.97 57.35 -9.22
C THR J 88 -55.08 56.35 -9.92
N VAL J 89 -55.51 55.10 -9.95
CA VAL J 89 -54.81 54.03 -10.65
C VAL J 89 -55.53 53.82 -11.97
N ILE J 90 -54.76 53.72 -13.06
CA ILE J 90 -55.29 53.88 -14.40
C ILE J 90 -54.46 53.03 -15.35
N TYR J 91 -55.09 52.48 -16.38
CA TYR J 91 -54.41 51.59 -17.32
C TYR J 91 -55.22 51.50 -18.60
N PHE J 92 -54.55 51.07 -19.66
CA PHE J 92 -55.11 50.97 -20.99
C PHE J 92 -55.42 49.52 -21.34
N GLU J 93 -56.19 49.35 -22.42
CA GLU J 93 -56.49 48.02 -22.93
C GLU J 93 -55.28 47.40 -23.62
N ASP J 94 -54.49 48.21 -24.32
CA ASP J 94 -53.33 47.73 -25.07
C ASP J 94 -52.13 48.61 -24.78
N ASN J 95 -50.96 48.07 -25.08
CA ASN J 95 -49.71 48.80 -25.18
C ASN J 95 -49.65 49.39 -26.58
N ALA J 96 -49.10 50.59 -26.70
CA ALA J 96 -48.79 51.10 -28.02
C ALA J 96 -47.61 52.04 -27.94
N GLY J 97 -46.99 52.25 -29.11
CA GLY J 97 -45.94 53.23 -29.25
C GLY J 97 -46.15 54.02 -30.52
N VAL J 98 -45.37 55.07 -30.67
CA VAL J 98 -45.37 55.89 -31.87
C VAL J 98 -43.93 56.20 -32.24
N ILE J 99 -43.55 55.92 -33.48
CA ILE J 99 -42.17 56.09 -33.93
C ILE J 99 -41.83 57.57 -33.97
N VAL J 100 -40.62 57.94 -33.55
CA VAL J 100 -40.18 59.33 -33.57
C VAL J 100 -38.77 59.42 -34.15
N ASN J 101 -38.24 60.64 -34.16
CA ASN J 101 -36.86 60.94 -34.49
C ASN J 101 -35.98 60.75 -33.24
N PRO J 102 -34.67 60.93 -33.35
CA PRO J 102 -33.87 61.14 -32.13
C PRO J 102 -34.22 62.40 -31.37
N LYS J 103 -34.87 63.37 -31.99
CA LYS J 103 -35.26 64.60 -31.31
C LYS J 103 -36.75 64.63 -30.94
N GLY J 104 -37.56 63.74 -31.51
CA GLY J 104 -38.93 63.57 -31.05
C GLY J 104 -40.02 63.82 -32.07
N GLU J 105 -39.73 64.22 -33.31
CA GLU J 105 -40.79 64.50 -34.27
C GLU J 105 -41.41 63.20 -34.78
N MET J 106 -42.73 63.23 -34.98
CA MET J 106 -43.57 62.04 -34.96
C MET J 106 -43.42 61.12 -36.18
N LYS J 107 -42.86 61.58 -37.30
CA LYS J 107 -42.51 60.78 -38.48
C LYS J 107 -43.76 60.26 -39.25
N GLY J 108 -44.95 60.41 -38.67
CA GLY J 108 -46.22 60.09 -39.27
C GLY J 108 -47.14 61.29 -39.18
N SER J 109 -48.44 61.01 -39.04
CA SER J 109 -49.39 62.10 -38.93
C SER J 109 -50.50 61.90 -37.91
N GLY J 110 -50.76 60.70 -37.41
CA GLY J 110 -51.93 60.49 -36.58
C GLY J 110 -51.77 59.29 -35.68
N ILE J 111 -52.45 59.33 -34.53
CA ILE J 111 -52.46 58.27 -33.55
C ILE J 111 -53.83 57.59 -33.60
N ALA J 112 -53.82 56.26 -33.52
CA ALA J 112 -55.03 55.45 -33.49
C ALA J 112 -55.98 55.80 -32.36
N GLY J 113 -55.57 55.55 -31.12
CA GLY J 113 -56.44 55.79 -30.00
C GLY J 113 -56.01 56.99 -29.19
N PRO J 114 -56.26 56.97 -27.88
CA PRO J 114 -55.80 58.06 -27.02
C PRO J 114 -54.30 58.03 -26.78
N VAL J 115 -53.80 59.03 -26.07
CA VAL J 115 -52.48 58.95 -25.45
C VAL J 115 -52.66 59.40 -24.01
N ALA J 116 -51.66 59.12 -23.20
CA ALA J 116 -51.74 59.50 -21.81
C ALA J 116 -51.34 60.97 -21.64
N LYS J 117 -51.67 61.52 -20.47
CA LYS J 117 -51.14 62.82 -20.11
C LYS J 117 -49.65 62.74 -19.83
N GLU J 118 -49.17 61.58 -19.39
CA GLU J 118 -47.77 61.41 -19.03
C GLU J 118 -46.84 61.51 -20.23
N SER J 119 -47.23 60.93 -21.36
CA SER J 119 -46.38 60.92 -22.53
C SER J 119 -46.67 62.07 -23.48
N ALA J 120 -47.83 62.71 -23.39
CA ALA J 120 -48.12 63.85 -24.24
C ALA J 120 -47.39 65.10 -23.77
N ASP J 121 -47.20 65.24 -22.45
CA ASP J 121 -46.60 66.46 -21.93
C ASP J 121 -45.12 66.54 -22.22
N LEU J 122 -44.44 65.40 -22.26
CA LEU J 122 -43.04 65.34 -22.58
C LEU J 122 -42.78 65.59 -24.05
N TRP J 123 -43.76 65.33 -24.91
CA TRP J 123 -43.56 65.28 -26.36
C TRP J 123 -44.65 66.11 -27.02
N PRO J 124 -44.35 67.35 -27.43
CA PRO J 124 -45.39 68.20 -28.03
C PRO J 124 -45.83 67.78 -29.43
N LYS J 125 -45.03 66.98 -30.15
CA LYS J 125 -45.52 66.45 -31.42
C LYS J 125 -46.54 65.34 -31.18
N ILE J 126 -46.40 64.63 -30.08
CA ILE J 126 -47.34 63.56 -29.72
C ILE J 126 -48.63 64.15 -29.14
N SER J 127 -48.53 65.22 -28.37
CA SER J 127 -49.71 65.88 -27.84
C SER J 127 -50.52 66.60 -28.92
N THR J 128 -49.91 66.94 -30.04
CA THR J 128 -50.61 67.64 -31.10
C THR J 128 -51.51 66.71 -31.89
N HIS J 129 -50.97 65.60 -32.37
CA HIS J 129 -51.70 64.68 -33.21
C HIS J 129 -52.58 63.70 -32.45
N ALA J 130 -52.79 63.89 -31.16
CA ALA J 130 -53.51 62.88 -30.41
C ALA J 130 -54.97 63.26 -30.28
N PRO J 131 -55.90 62.36 -30.62
CA PRO J 131 -57.32 62.71 -30.58
C PRO J 131 -57.90 62.88 -29.18
N ALA J 132 -57.23 62.37 -28.15
CA ALA J 132 -57.72 62.48 -26.77
C ALA J 132 -56.57 62.27 -25.82
N ILE J 133 -56.26 63.27 -25.00
CA ILE J 133 -55.21 63.16 -24.01
C ILE J 133 -55.84 62.56 -22.76
N VAL J 134 -55.63 61.27 -22.56
CA VAL J 134 -55.99 60.63 -21.31
C VAL J 134 -54.93 60.92 -20.27
N LYS K 1 19.62 85.17 36.13
CA LYS K 1 20.06 85.14 34.75
C LYS K 1 21.32 84.28 34.64
N SER K 2 21.45 83.54 33.54
CA SER K 2 22.55 82.61 33.34
C SER K 2 23.87 83.35 33.22
N HIS K 3 24.95 82.63 33.54
CA HIS K 3 26.27 83.21 33.70
C HIS K 3 27.17 82.63 32.63
N TYR K 4 27.84 83.49 31.88
CA TYR K 4 28.48 83.01 30.65
C TYR K 4 29.83 82.38 30.94
N ILE K 5 30.17 81.40 30.11
CA ILE K 5 31.51 80.81 30.09
C ILE K 5 32.46 81.83 29.48
N CYS K 6 33.35 82.36 30.31
CA CYS K 6 34.37 83.30 29.85
C CYS K 6 35.61 83.07 30.68
N ALA K 7 36.71 83.65 30.25
CA ALA K 7 37.96 83.50 30.98
C ALA K 7 37.89 84.29 32.29
N GLY K 8 37.92 83.59 33.40
CA GLY K 8 37.71 84.18 34.70
C GLY K 8 36.48 83.67 35.41
N ARG K 9 35.52 83.10 34.68
CA ARG K 9 34.27 82.64 35.25
C ARG K 9 34.53 81.46 36.18
N LEU K 10 34.10 81.59 37.43
CA LEU K 10 34.27 80.50 38.37
C LEU K 10 33.19 79.46 38.12
N VAL K 11 33.59 78.22 37.92
CA VAL K 11 32.66 77.11 37.79
C VAL K 11 32.86 76.16 38.96
N ARG K 12 31.78 75.48 39.34
CA ARG K 12 31.83 74.38 40.29
C ARG K 12 31.65 73.08 39.51
N ILE K 13 32.44 72.07 39.85
CA ILE K 13 32.40 70.81 39.13
C ILE K 13 31.19 70.02 39.60
N LEU K 14 30.46 69.42 38.66
CA LEU K 14 29.21 68.76 39.01
C LEU K 14 29.42 67.34 39.52
N ARG K 15 29.90 66.43 38.69
CA ARG K 15 29.98 65.04 39.15
C ARG K 15 31.24 64.30 38.67
N GLY K 16 32.39 64.95 38.73
CA GLY K 16 33.60 64.23 38.39
C GLY K 16 34.10 63.40 39.56
N PRO K 17 35.43 63.20 39.63
CA PRO K 17 36.07 62.81 40.89
C PRO K 17 36.27 63.95 41.86
N ARG K 18 35.63 65.09 41.60
CA ARG K 18 35.72 66.30 42.39
C ARG K 18 34.40 66.73 43.01
N GLN K 19 33.33 66.79 42.20
CA GLN K 19 31.93 66.78 42.59
C GLN K 19 31.44 68.05 43.28
N ASP K 20 32.34 68.85 43.86
CA ASP K 20 31.97 70.03 44.63
C ASP K 20 32.99 71.15 44.52
N ARG K 21 34.04 70.97 43.75
CA ARG K 21 35.18 71.86 43.83
C ARG K 21 35.03 73.00 42.85
N VAL K 22 35.38 74.20 43.27
CA VAL K 22 35.29 75.37 42.41
C VAL K 22 36.59 75.55 41.65
N GLY K 23 36.48 76.14 40.47
CA GLY K 23 37.64 76.39 39.64
C GLY K 23 37.37 77.54 38.69
N VAL K 24 38.46 78.16 38.23
CA VAL K 24 38.41 79.35 37.40
C VAL K 24 38.74 78.96 35.97
N ILE K 25 37.90 79.38 35.03
CA ILE K 25 38.14 79.09 33.62
C ILE K 25 39.27 79.99 33.13
N VAL K 26 40.38 79.38 32.75
CA VAL K 26 41.54 80.14 32.29
C VAL K 26 41.72 80.09 30.79
N ASP K 27 41.02 79.20 30.07
CA ASP K 27 40.99 79.18 28.62
C ASP K 27 39.80 78.35 28.18
N ILE K 28 39.21 78.71 27.04
CA ILE K 28 38.10 77.99 26.44
C ILE K 28 38.64 77.25 25.22
N VAL K 29 38.55 75.92 25.24
CA VAL K 29 39.07 75.15 24.12
C VAL K 29 38.16 75.29 22.92
N ASP K 30 36.94 74.78 23.03
CA ASP K 30 35.98 74.80 21.95
C ASP K 30 34.58 74.87 22.58
N ALA K 31 33.57 74.49 21.82
CA ALA K 31 32.16 74.57 22.22
C ALA K 31 31.79 73.62 23.36
N ASN K 32 32.69 72.75 23.82
CA ASN K 32 32.34 71.89 24.94
C ASN K 32 33.46 71.65 25.95
N ARG K 33 34.63 72.28 25.83
CA ARG K 33 35.67 72.08 26.84
C ARG K 33 36.34 73.41 27.19
N VAL K 34 36.79 73.50 28.44
CA VAL K 34 37.56 74.63 28.94
C VAL K 34 38.72 74.11 29.78
N LEU K 35 39.67 75.00 30.08
CA LEU K 35 40.71 74.72 31.06
C LEU K 35 40.31 75.34 32.39
N VAL K 36 40.46 74.58 33.46
CA VAL K 36 39.96 74.95 34.78
C VAL K 36 41.13 74.88 35.76
N GLU K 37 41.36 75.96 36.50
CA GLU K 37 42.41 75.95 37.51
C GLU K 37 41.98 76.80 38.71
N ASN K 38 42.20 76.27 39.91
CA ASN K 38 42.09 77.04 41.15
C ASN K 38 43.38 76.81 41.91
N PRO K 39 44.24 77.81 42.06
CA PRO K 39 45.51 77.60 42.78
C PRO K 39 45.34 77.36 44.26
N GLU K 40 44.19 77.75 44.83
CA GLU K 40 43.97 77.61 46.26
C GLU K 40 43.70 76.17 46.65
N ASP K 41 43.21 75.35 45.73
CA ASP K 41 42.87 73.98 46.03
C ASP K 41 43.91 73.03 45.45
N ALA K 42 44.14 71.92 46.16
CA ALA K 42 45.20 70.99 45.77
C ALA K 42 44.79 70.19 44.53
N LYS K 43 43.58 69.64 44.53
CA LYS K 43 43.11 68.83 43.42
C LYS K 43 42.77 69.64 42.18
N MET K 44 42.70 70.95 42.29
CA MET K 44 42.29 71.81 41.17
C MET K 44 43.51 72.39 40.46
N TRP K 45 44.39 71.52 39.96
CA TRP K 45 45.42 72.01 39.08
C TRP K 45 44.83 72.20 37.68
N ARG K 46 45.62 72.75 36.76
CA ARG K 46 45.12 73.15 35.46
C ARG K 46 44.84 71.91 34.62
N HIS K 47 43.57 71.53 34.55
CA HIS K 47 43.10 70.35 33.86
C HIS K 47 42.07 70.77 32.81
N VAL K 48 41.48 69.79 32.16
CA VAL K 48 40.48 70.02 31.11
C VAL K 48 39.15 69.46 31.59
N GLN K 49 38.16 70.34 31.73
CA GLN K 49 36.81 69.95 32.06
C GLN K 49 35.87 70.08 30.86
N ASN K 50 35.01 69.09 30.71
CA ASN K 50 33.89 69.18 29.79
C ASN K 50 32.85 70.13 30.36
N LEU K 51 32.20 70.90 29.49
CA LEU K 51 31.24 71.90 29.93
C LEU K 51 29.92 71.29 30.38
N LYS K 52 29.70 70.00 30.15
CA LYS K 52 28.57 69.32 30.74
C LYS K 52 28.78 69.04 32.22
N ASN K 53 30.00 69.19 32.74
CA ASN K 53 30.31 68.89 34.13
C ASN K 53 30.53 70.14 34.96
N VAL K 54 30.37 71.32 34.37
CA VAL K 54 30.67 72.55 35.08
C VAL K 54 29.36 73.24 35.41
N GLU K 55 29.41 74.14 36.38
CA GLU K 55 28.27 74.98 36.67
C GLU K 55 28.75 76.41 36.92
N PRO K 56 28.48 77.33 35.99
CA PRO K 56 29.03 78.70 36.11
C PRO K 56 28.40 79.45 37.28
N LEU K 57 29.26 80.07 38.08
CA LEU K 57 28.83 80.84 39.24
C LEU K 57 28.69 82.30 38.86
N LYS K 58 28.28 83.13 39.81
CA LYS K 58 28.04 84.53 39.49
C LYS K 58 29.30 85.38 39.54
N TYR K 59 30.44 84.78 39.85
CA TYR K 59 31.68 85.47 40.13
C TYR K 59 32.64 85.29 38.97
N CYS K 60 33.42 86.33 38.69
CA CYS K 60 34.29 86.29 37.52
C CYS K 60 35.47 87.21 37.76
N VAL K 61 36.65 86.63 37.97
CA VAL K 61 37.86 87.44 38.12
C VAL K 61 38.23 88.06 36.78
N SER K 62 38.87 89.23 36.84
CA SER K 62 39.30 89.92 35.63
C SER K 62 40.68 89.39 35.27
N VAL K 63 40.69 88.27 34.56
CA VAL K 63 41.91 87.62 34.13
C VAL K 63 41.75 87.36 32.64
N SER K 64 42.88 87.18 31.95
CA SER K 64 42.86 87.04 30.50
C SER K 64 42.85 85.56 30.13
N ARG K 65 42.76 85.30 28.83
CA ARG K 65 42.76 83.92 28.35
C ARG K 65 44.18 83.37 28.35
N ASN K 66 44.30 82.11 28.73
CA ASN K 66 45.58 81.39 28.87
C ASN K 66 46.52 82.16 29.80
N CYS K 67 46.12 82.25 31.06
CA CYS K 67 46.85 83.06 32.02
C CYS K 67 48.17 82.36 32.40
N SER K 68 48.97 83.06 33.21
CA SER K 68 50.36 82.69 33.43
C SER K 68 50.56 81.81 34.65
N ALA K 69 49.47 81.34 35.28
CA ALA K 69 49.39 80.46 36.45
C ALA K 69 49.94 81.09 37.73
N LYS K 70 50.44 82.31 37.69
CA LYS K 70 50.80 83.09 38.86
C LYS K 70 50.10 84.43 38.90
N ALA K 71 49.64 84.95 37.77
CA ALA K 71 48.72 86.06 37.74
C ALA K 71 47.27 85.60 37.94
N LEU K 72 47.02 84.30 37.87
CA LEU K 72 45.72 83.77 38.28
C LEU K 72 45.56 83.81 39.79
N LYS K 73 46.60 83.41 40.54
CA LYS K 73 46.55 83.51 41.99
C LYS K 73 46.49 84.96 42.44
N ASP K 74 47.03 85.87 41.63
CA ASP K 74 46.88 87.29 41.89
C ASP K 74 45.47 87.77 41.57
N ALA K 75 44.82 87.16 40.58
CA ALA K 75 43.53 87.65 40.12
C ALA K 75 42.41 87.31 41.09
N LEU K 76 42.41 86.11 41.65
CA LEU K 76 41.38 85.75 42.60
C LEU K 76 41.68 86.19 44.02
N ALA K 77 42.88 86.71 44.27
CA ALA K 77 43.14 87.29 45.58
C ALA K 77 42.63 88.71 45.66
N SER K 78 42.85 89.50 44.61
CA SER K 78 42.34 90.87 44.59
C SER K 78 40.83 90.91 44.43
N SER K 79 40.26 89.93 43.74
CA SER K 79 38.83 89.89 43.51
C SER K 79 38.05 89.42 44.73
N LYS K 80 38.69 88.64 45.61
CA LYS K 80 38.07 87.99 46.77
C LYS K 80 36.87 87.15 46.36
N ALA K 81 36.99 86.48 45.21
CA ALA K 81 35.87 85.72 44.67
C ALA K 81 35.66 84.42 45.42
N LEU K 82 36.71 83.88 46.03
CA LEU K 82 36.58 82.65 46.78
C LEU K 82 35.90 82.89 48.13
N GLU K 83 36.06 84.09 48.69
CA GLU K 83 35.42 84.41 49.96
C GLU K 83 33.99 84.87 49.78
N LYS K 84 33.67 85.54 48.67
CA LYS K 84 32.30 85.89 48.38
C LYS K 84 31.47 84.63 48.09
N TYR K 85 32.10 83.63 47.48
CA TYR K 85 31.44 82.34 47.30
C TYR K 85 31.27 81.62 48.62
N ALA K 86 32.24 81.75 49.53
CA ALA K 86 32.25 80.99 50.76
C ALA K 86 31.17 81.41 51.75
N LYS K 87 30.45 82.49 51.50
CA LYS K 87 29.34 82.91 52.34
C LYS K 87 28.00 82.81 51.64
N THR K 88 27.94 82.28 50.44
CA THR K 88 26.64 82.03 49.81
C THR K 88 25.97 80.81 50.43
N ARG K 89 24.68 80.69 50.19
CA ARG K 89 23.92 79.61 50.79
C ARG K 89 24.15 78.30 50.06
N THR K 90 24.42 78.36 48.76
CA THR K 90 24.65 77.14 47.97
C THR K 90 25.99 76.52 48.34
N ALA K 91 26.96 77.34 48.73
CA ALA K 91 28.23 76.80 49.23
C ALA K 91 28.08 76.21 50.61
N ALA K 92 27.15 76.73 51.41
CA ALA K 92 26.88 76.14 52.70
C ALA K 92 26.23 74.77 52.55
N ARG K 93 25.46 74.57 51.47
CA ARG K 93 24.88 73.26 51.21
C ARG K 93 25.93 72.25 50.77
N VAL K 94 27.02 72.73 50.18
CA VAL K 94 28.11 71.86 49.80
C VAL K 94 28.88 71.37 51.03
N GLU K 95 29.21 72.29 51.93
CA GLU K 95 29.93 71.90 53.13
C GLU K 95 29.02 71.21 54.14
N ALA K 96 27.70 71.26 53.96
CA ALA K 96 26.80 70.55 54.87
C ALA K 96 26.71 69.07 54.54
N LYS K 97 26.75 68.72 53.26
CA LYS K 97 26.75 67.31 52.89
C LYS K 97 28.05 66.64 53.28
N LYS K 98 29.14 67.39 53.27
CA LYS K 98 30.45 66.88 53.69
C LYS K 98 30.47 66.55 55.18
N ALA K 99 29.59 67.17 55.96
CA ALA K 99 29.40 66.73 57.34
C ALA K 99 28.48 65.52 57.40
N CYS K 100 27.45 65.49 56.55
CA CYS K 100 26.52 64.35 56.57
C CYS K 100 27.19 63.10 56.01
N ALA K 101 28.06 63.23 55.03
CA ALA K 101 28.79 62.08 54.49
C ALA K 101 30.02 61.74 55.32
N ALA K 102 30.23 62.41 56.44
CA ALA K 102 31.28 62.07 57.38
C ALA K 102 30.76 61.98 58.80
N SER K 103 29.44 61.98 58.99
CA SER K 103 28.87 61.96 60.32
C SER K 103 28.99 60.57 60.93
N THR K 104 29.35 60.52 62.20
CA THR K 104 29.20 59.32 62.98
C THR K 104 27.76 59.21 63.47
N ASP K 105 27.44 58.07 64.07
CA ASP K 105 26.08 57.84 64.55
C ASP K 105 25.75 58.72 65.75
N PHE K 106 26.75 59.19 66.48
CA PHE K 106 26.50 60.10 67.59
C PHE K 106 26.20 61.51 67.10
N GLU K 107 26.89 61.99 66.08
CA GLU K 107 26.56 63.31 65.56
C GLU K 107 25.41 63.28 64.55
N ARG K 108 24.92 62.11 64.16
CA ARG K 108 23.57 62.03 63.60
C ARG K 108 22.50 62.10 64.68
N TYR K 109 22.82 61.67 65.91
CA TYR K 109 21.91 61.86 67.02
C TYR K 109 21.83 63.31 67.45
N GLN K 110 22.96 64.03 67.39
CA GLN K 110 22.98 65.44 67.72
C GLN K 110 22.19 66.28 66.74
N LEU K 111 22.15 65.88 65.48
CA LEU K 111 21.31 66.57 64.51
C LEU K 111 19.84 66.27 64.74
N ARG K 112 19.52 65.10 65.28
CA ARG K 112 18.12 64.77 65.53
C ARG K 112 17.59 65.47 66.78
N VAL K 113 18.42 65.63 67.81
CA VAL K 113 17.96 66.37 68.98
C VAL K 113 17.99 67.87 68.74
N ALA K 114 18.75 68.34 67.75
CA ALA K 114 18.73 69.75 67.40
C ALA K 114 17.48 70.08 66.62
N ARG K 115 17.11 69.20 65.68
CA ARG K 115 15.90 69.42 64.91
C ARG K 115 14.65 69.20 65.72
N ARG K 116 14.64 68.25 66.67
CA ARG K 116 13.47 68.12 67.53
C ARG K 116 13.36 69.24 68.54
N SER K 117 14.46 69.92 68.86
CA SER K 117 14.35 71.11 69.69
C SER K 117 13.64 72.22 68.95
N ARG K 118 14.19 72.63 67.80
CA ARG K 118 13.67 73.71 66.96
C ARG K 118 12.23 73.47 66.53
N ALA K 119 11.89 72.21 66.26
CA ALA K 119 10.53 71.83 65.95
C ALA K 119 9.60 71.94 67.15
N HIS K 120 10.07 71.59 68.34
CA HIS K 120 9.28 71.77 69.56
C HIS K 120 9.07 73.24 69.87
N TRP K 121 10.07 74.08 69.59
CA TRP K 121 9.92 75.49 69.89
C TRP K 121 9.05 76.19 68.85
N ALA K 122 9.16 75.81 67.59
CA ALA K 122 8.37 76.47 66.55
C ALA K 122 6.90 76.08 66.60
N ARG K 123 6.56 74.97 67.26
CA ARG K 123 5.16 74.58 67.40
C ARG K 123 4.54 75.09 68.69
N LYS K 124 5.33 75.55 69.65
CA LYS K 124 4.76 76.19 70.82
C LYS K 124 4.73 77.70 70.66
N VAL K 125 5.62 78.24 69.82
CA VAL K 125 5.47 79.63 69.38
C VAL K 125 4.26 79.75 68.47
N PHE K 126 4.07 78.78 67.57
CA PHE K 126 2.86 78.73 66.74
C PHE K 126 1.61 78.55 67.59
N ASP K 127 1.72 77.84 68.71
CA ASP K 127 0.63 77.76 69.66
C ASP K 127 0.28 79.13 70.22
N GLU K 128 1.26 79.79 70.86
CA GLU K 128 1.01 81.04 71.55
C GLU K 128 1.00 82.26 70.64
N LYS K 129 0.89 82.05 69.33
CA LYS K 129 0.46 83.08 68.41
C LYS K 129 -0.86 82.73 67.73
N ASP K 130 -1.28 81.46 67.74
CA ASP K 130 -2.59 81.09 67.21
C ASP K 130 -3.70 81.32 68.21
N ALA K 131 -3.37 81.53 69.48
CA ALA K 131 -4.38 81.93 70.44
C ALA K 131 -4.77 83.38 70.26
N LYS K 132 -3.86 84.20 69.72
CA LYS K 132 -4.14 85.61 69.48
C LYS K 132 -4.82 85.83 68.13
N THR K 133 -4.28 85.23 67.07
CA THR K 133 -4.94 85.27 65.77
C THR K 133 -5.37 83.87 65.34
N PRO K 134 -6.60 83.70 64.86
CA PRO K 134 -7.19 82.35 64.79
C PRO K 134 -6.76 81.47 63.62
N VAL K 135 -5.58 81.71 63.03
CA VAL K 135 -5.08 81.15 61.77
C VAL K 135 -5.35 79.67 61.49
N SER K 136 -5.01 78.79 62.42
CA SER K 136 -4.97 77.36 62.14
C SER K 136 -6.37 76.74 62.10
N TRP K 137 -6.43 75.43 61.80
CA TRP K 137 -7.70 74.77 61.55
C TRP K 137 -8.48 74.52 62.84
N HIS K 138 -7.76 74.25 63.94
N HIS K 138 -7.79 74.26 63.96
CA HIS K 138 -8.36 74.18 65.27
CA HIS K 138 -8.53 74.16 65.21
C HIS K 138 -8.94 75.52 65.67
C HIS K 138 -8.89 75.53 65.78
N LYS K 139 -8.29 76.60 65.27
CA LYS K 139 -8.63 77.94 65.73
C LYS K 139 -9.55 78.71 64.79
N VAL K 140 -9.62 78.36 63.51
CA VAL K 140 -10.67 78.94 62.65
C VAL K 140 -12.03 78.38 63.05
N ALA K 141 -12.10 77.06 63.27
CA ALA K 141 -13.39 76.40 63.51
C ALA K 141 -13.97 76.78 64.87
N LEU K 142 -13.11 76.97 65.86
CA LEU K 142 -13.55 77.38 67.19
C LEU K 142 -13.91 78.86 67.26
N LYS K 143 -13.28 79.70 66.45
CA LYS K 143 -13.64 81.11 66.35
C LYS K 143 -14.98 81.32 65.67
N LYS K 144 -15.31 80.51 64.66
CA LYS K 144 -16.60 80.58 63.99
C LYS K 144 -17.65 79.72 64.70
N MET K 145 -17.34 79.24 65.89
CA MET K 145 -18.28 78.47 66.70
C MET K 145 -18.71 79.24 67.94
N GLN K 146 -17.74 79.77 68.70
CA GLN K 146 -18.05 80.46 69.96
C GLN K 146 -18.74 81.79 69.72
N LYS K 147 -18.63 82.35 68.51
CA LYS K 147 -19.36 83.55 68.16
C LYS K 147 -20.86 83.32 67.99
N LYS K 148 -21.31 82.06 67.88
CA LYS K 148 -22.73 81.76 67.75
C LYS K 148 -23.12 80.50 68.51
N ALA K 149 -22.37 80.11 69.54
CA ALA K 149 -22.74 78.94 70.35
C ALA K 149 -22.23 79.06 71.78
N PRO L 1 21.15 -23.31 21.24
CA PRO L 1 20.49 -22.55 22.30
C PRO L 1 19.94 -21.23 21.81
N THR L 2 18.63 -21.01 21.96
CA THR L 2 18.04 -19.78 21.46
C THR L 2 18.42 -18.57 22.28
N ARG L 3 18.77 -18.77 23.55
CA ARG L 3 19.01 -17.64 24.45
C ARG L 3 20.34 -16.97 24.17
N PHE L 4 21.26 -17.68 23.52
CA PHE L 4 22.58 -17.20 23.19
C PHE L 4 22.61 -16.42 21.89
N LYS L 5 21.46 -16.27 21.24
CA LYS L 5 21.38 -15.73 19.89
C LYS L 5 21.38 -14.21 19.89
N LYS L 6 21.79 -13.65 18.75
CA LYS L 6 21.78 -12.22 18.52
C LYS L 6 20.36 -11.66 18.47
N CYS L 7 19.38 -12.50 18.10
CA CYS L 7 17.95 -12.16 18.15
C CYS L 7 17.52 -11.65 19.51
N ARG L 8 18.00 -12.27 20.58
CA ARG L 8 17.54 -11.88 21.90
C ARG L 8 18.09 -10.53 22.33
N HIS L 9 19.25 -10.16 21.80
CA HIS L 9 19.88 -8.89 22.16
C HIS L 9 19.21 -7.73 21.46
N GLN L 10 19.05 -7.83 20.15
CA GLN L 10 18.46 -6.76 19.35
C GLN L 10 16.95 -6.82 19.33
N ARG L 11 16.39 -7.69 20.16
CA ARG L 11 14.98 -7.69 20.50
C ARG L 11 14.59 -6.34 21.10
N GLY L 12 13.79 -5.57 20.36
CA GLY L 12 13.40 -4.24 20.77
C GLY L 12 14.01 -3.14 19.93
N SER L 13 14.86 -3.47 18.97
CA SER L 13 15.62 -2.50 18.19
C SER L 13 15.06 -2.31 16.78
N THR L 14 13.95 -2.97 16.47
CA THR L 14 13.00 -2.81 15.34
C THR L 14 13.61 -2.89 13.95
N PHE L 15 14.88 -3.23 13.78
CA PHE L 15 15.37 -3.50 12.44
C PHE L 15 16.26 -4.71 12.38
N CYS L 16 16.70 -5.22 13.53
CA CYS L 16 17.44 -6.46 13.70
C CYS L 16 18.75 -6.46 12.93
N GLY L 17 19.41 -5.32 12.87
CA GLY L 17 20.70 -5.24 12.24
C GLY L 17 20.66 -5.29 10.75
N TYR L 18 19.57 -4.86 10.13
CA TYR L 18 19.46 -4.81 8.68
C TYR L 18 19.27 -3.42 8.12
N GLY L 19 18.91 -2.46 8.94
CA GLY L 19 19.00 -1.08 8.51
C GLY L 19 17.64 -0.51 8.15
N ARG L 20 17.60 0.81 8.09
CA ARG L 20 16.42 1.57 7.71
C ARG L 20 16.34 1.82 6.22
N VAL L 21 17.47 2.05 5.57
CA VAL L 21 17.47 2.43 4.16
C VAL L 21 17.18 1.23 3.29
N GLY L 22 18.08 0.26 3.29
CA GLY L 22 17.90 -0.98 2.56
C GLY L 22 17.55 -2.08 3.54
N LYS L 23 16.39 -2.66 3.32
CA LYS L 23 15.77 -3.50 4.33
C LYS L 23 16.36 -4.90 4.26
N HIS L 24 15.79 -5.84 5.02
CA HIS L 24 16.05 -7.25 4.82
C HIS L 24 14.92 -7.79 3.97
N ARG L 25 15.23 -8.12 2.72
CA ARG L 25 14.22 -8.53 1.76
C ARG L 25 14.61 -9.86 1.14
N LYS L 26 13.58 -10.59 0.71
CA LYS L 26 13.74 -11.97 0.24
C LYS L 26 14.50 -11.98 -1.07
N HIS L 27 15.75 -12.44 -1.04
CA HIS L 27 16.57 -12.73 -2.22
C HIS L 27 16.79 -11.48 -3.08
N GLU L 28 17.53 -10.53 -2.49
CA GLU L 28 17.82 -9.27 -3.16
C GLU L 28 18.91 -9.39 -4.20
N SER L 29 19.66 -10.50 -4.22
CA SER L 29 20.76 -10.70 -5.14
C SER L 29 20.63 -11.97 -5.96
N GLY L 30 19.52 -12.67 -5.84
CA GLY L 30 19.28 -13.93 -6.53
C GLY L 30 19.27 -15.10 -5.56
N ARG L 31 18.74 -16.20 -6.06
CA ARG L 31 18.80 -17.45 -5.32
C ARG L 31 20.02 -18.25 -5.75
N GLY L 32 20.91 -18.51 -4.79
CA GLY L 32 22.01 -19.44 -4.96
C GLY L 32 23.20 -18.78 -5.60
N ASN L 33 23.85 -19.49 -6.52
CA ASN L 33 24.99 -18.98 -7.26
C ASN L 33 24.59 -18.32 -8.56
N ALA L 34 23.38 -17.75 -8.61
CA ALA L 34 22.92 -16.92 -9.71
C ALA L 34 23.89 -15.80 -10.00
N GLY L 35 24.01 -15.44 -11.28
CA GLY L 35 24.81 -14.30 -11.67
C GLY L 35 26.29 -14.46 -11.49
N GLY L 36 26.81 -15.67 -11.69
CA GLY L 36 28.23 -15.90 -11.49
C GLY L 36 29.11 -15.22 -12.52
N MET L 37 28.61 -15.07 -13.74
CA MET L 37 29.32 -14.35 -14.77
C MET L 37 28.76 -12.97 -15.00
N HIS L 38 27.63 -12.63 -14.37
CA HIS L 38 26.95 -11.37 -14.63
C HIS L 38 27.12 -10.35 -13.51
N HIS L 39 26.49 -10.54 -12.35
CA HIS L 39 26.48 -9.49 -11.34
C HIS L 39 27.25 -9.88 -10.09
N HIS L 40 27.75 -11.11 -10.03
CA HIS L 40 28.71 -11.53 -9.02
C HIS L 40 30.02 -11.94 -9.67
N ARG L 41 30.36 -11.34 -10.80
CA ARG L 41 31.57 -11.70 -11.53
C ARG L 41 32.83 -11.36 -10.72
N ILE L 42 32.78 -10.30 -9.93
CA ILE L 42 33.96 -9.92 -9.16
C ILE L 42 34.19 -10.89 -8.01
N ASN L 43 33.11 -11.38 -7.40
CA ASN L 43 33.22 -12.38 -6.34
C ASN L 43 33.71 -13.71 -6.89
N PHE L 44 33.10 -14.16 -7.98
CA PHE L 44 33.46 -15.46 -8.56
C PHE L 44 34.83 -15.46 -9.21
N ASP L 45 35.33 -14.31 -9.66
CA ASP L 45 36.68 -14.32 -10.24
C ASP L 45 37.74 -14.22 -9.16
N LYS L 46 37.51 -13.39 -8.15
CA LYS L 46 38.53 -13.10 -7.15
C LYS L 46 38.73 -14.27 -6.22
N TYR L 47 37.66 -14.82 -5.68
CA TYR L 47 37.83 -15.84 -4.65
C TYR L 47 37.82 -17.25 -5.20
N HIS L 48 37.09 -17.49 -6.27
CA HIS L 48 36.88 -18.84 -6.80
C HIS L 48 37.33 -18.89 -8.26
N PRO L 49 38.67 -18.76 -8.53
CA PRO L 49 39.13 -18.50 -9.90
C PRO L 49 38.77 -19.55 -10.92
N GLY L 50 39.29 -20.76 -10.81
CA GLY L 50 39.18 -21.67 -11.92
C GLY L 50 37.86 -22.38 -12.12
N TYR L 51 36.76 -21.71 -11.86
CA TYR L 51 35.42 -22.22 -12.05
C TYR L 51 35.13 -22.08 -13.55
N PHE L 52 33.91 -22.38 -14.02
CA PHE L 52 33.41 -21.91 -15.32
C PHE L 52 34.25 -22.44 -16.49
N GLY L 53 34.16 -23.74 -16.75
CA GLY L 53 34.72 -24.24 -17.98
C GLY L 53 34.89 -25.75 -17.94
N LYS L 54 35.79 -26.22 -18.80
CA LYS L 54 36.08 -27.64 -18.93
C LYS L 54 37.59 -27.85 -18.95
N LEU L 55 38.00 -29.04 -18.50
CA LEU L 55 39.41 -29.41 -18.46
C LEU L 55 39.61 -30.92 -18.40
N GLY L 56 40.28 -31.48 -19.40
CA GLY L 56 40.73 -32.85 -19.32
C GLY L 56 39.79 -33.84 -19.95
N MET L 57 40.22 -35.10 -19.88
CA MET L 57 39.54 -36.25 -20.42
C MET L 57 38.38 -36.68 -19.50
N ASP L 58 37.43 -37.41 -20.07
CA ASP L 58 36.30 -37.92 -19.33
C ASP L 58 36.50 -39.41 -19.02
N HIS L 59 36.62 -39.72 -17.73
CA HIS L 59 36.75 -41.09 -17.25
C HIS L 59 35.36 -41.59 -16.92
N TYR L 60 34.68 -42.16 -17.91
CA TYR L 60 33.34 -42.72 -17.70
C TYR L 60 33.43 -43.95 -16.80
N HIS L 61 32.60 -43.97 -15.76
CA HIS L 61 32.52 -45.02 -14.74
C HIS L 61 33.89 -45.25 -14.09
N ARG L 62 34.28 -44.25 -13.32
CA ARG L 62 35.46 -44.37 -12.48
C ARG L 62 35.20 -45.36 -11.36
N LYS L 63 36.13 -46.28 -11.18
CA LYS L 63 36.17 -47.18 -10.03
C LYS L 63 37.36 -46.75 -9.20
N LYS L 64 37.15 -46.39 -7.94
CA LYS L 64 38.24 -45.92 -7.11
C LYS L 64 38.92 -47.02 -6.31
N ASN L 65 38.49 -48.25 -6.46
CA ASN L 65 39.15 -49.40 -5.85
C ASN L 65 40.39 -49.88 -6.64
N PRO L 66 40.41 -49.95 -7.98
CA PRO L 66 41.68 -50.29 -8.65
C PRO L 66 42.69 -49.17 -8.66
N MET L 67 42.28 -47.91 -8.58
CA MET L 67 43.23 -46.80 -8.46
C MET L 67 43.49 -46.46 -6.99
N TRP L 68 43.82 -47.48 -6.21
CA TRP L 68 44.10 -47.37 -4.79
C TRP L 68 45.60 -47.52 -4.60
N LYS L 69 46.22 -46.51 -4.04
CA LYS L 69 47.67 -46.50 -3.91
C LYS L 69 48.10 -45.54 -2.81
N PRO L 70 47.91 -45.87 -1.52
CA PRO L 70 48.33 -44.95 -0.47
C PRO L 70 49.83 -44.94 -0.32
N THR L 71 50.30 -43.99 0.47
CA THR L 71 51.69 -43.55 0.42
C THR L 71 52.25 -43.36 1.83
N ILE L 72 53.46 -43.87 2.03
CA ILE L 72 54.20 -43.67 3.28
C ILE L 72 55.65 -43.36 2.90
N ASN L 73 56.31 -42.55 3.73
CA ASN L 73 57.68 -42.17 3.48
C ASN L 73 58.65 -43.01 4.29
N LEU L 74 59.94 -42.75 4.12
CA LEU L 74 60.95 -43.51 4.84
C LEU L 74 61.07 -43.05 6.29
N ASN L 75 60.78 -41.79 6.57
CA ASN L 75 60.88 -41.31 7.94
C ASN L 75 59.68 -41.68 8.80
N ASN L 76 58.58 -42.15 8.20
CA ASN L 76 57.40 -42.58 8.92
C ASN L 76 57.24 -44.09 8.96
N LEU L 77 58.29 -44.85 8.65
CA LEU L 77 58.20 -46.30 8.79
C LEU L 77 58.26 -46.77 10.23
N SER L 78 58.62 -45.89 11.16
CA SER L 78 58.57 -46.23 12.57
C SER L 78 57.15 -46.32 13.09
N ARG L 79 56.18 -45.77 12.35
CA ARG L 79 54.77 -45.92 12.67
C ARG L 79 54.28 -47.35 12.55
N LEU L 80 54.94 -48.17 11.73
CA LEU L 80 54.50 -49.53 11.45
C LEU L 80 55.33 -50.59 12.17
N ILE L 81 56.45 -50.21 12.77
CA ILE L 81 57.31 -51.15 13.48
C ILE L 81 56.99 -51.02 14.96
N ALA L 82 56.78 -52.16 15.61
CA ALA L 82 56.47 -52.17 17.03
C ALA L 82 57.67 -51.71 17.84
N ALA L 83 57.41 -51.10 19.00
CA ALA L 83 58.46 -50.50 19.80
C ALA L 83 59.40 -51.52 20.42
N GLU L 84 58.98 -52.78 20.53
CA GLU L 84 59.86 -53.85 20.98
C GLU L 84 60.93 -54.18 19.96
N GLU L 85 60.70 -53.86 18.68
CA GLU L 85 61.41 -54.49 17.59
C GLU L 85 62.34 -53.52 16.87
N ALA L 86 62.14 -52.22 17.01
CA ALA L 86 63.06 -51.25 16.43
C ALA L 86 64.37 -51.17 17.19
N ALA L 87 64.35 -51.43 18.50
CA ALA L 87 65.57 -51.33 19.29
C ALA L 87 66.52 -52.49 19.02
N LYS L 88 66.00 -53.63 18.59
CA LYS L 88 66.86 -54.75 18.23
C LYS L 88 67.40 -54.64 16.81
N ALA L 89 67.03 -53.58 16.08
CA ALA L 89 67.35 -53.47 14.67
C ALA L 89 68.68 -52.75 14.48
N THR L 90 69.64 -53.47 13.91
CA THR L 90 70.96 -52.93 13.58
C THR L 90 71.31 -53.36 12.17
N LYS L 91 72.01 -52.48 11.45
CA LYS L 91 72.44 -52.77 10.08
C LYS L 91 73.43 -53.92 10.06
N GLY L 92 73.19 -54.89 9.20
CA GLY L 92 73.99 -56.09 9.14
C GLY L 92 73.50 -57.21 10.04
N GLY L 93 72.46 -56.98 10.83
CA GLY L 93 71.91 -58.03 11.67
C GLY L 93 70.54 -58.46 11.23
N THR L 94 69.67 -58.75 12.20
CA THR L 94 68.29 -59.15 11.92
C THR L 94 67.40 -57.91 11.97
N LEU L 95 66.66 -57.67 10.89
CA LEU L 95 65.84 -56.49 10.74
C LEU L 95 64.36 -56.86 10.72
N PRO L 96 63.47 -55.98 11.20
CA PRO L 96 62.04 -56.30 11.18
C PRO L 96 61.46 -56.22 9.78
N VAL L 97 60.45 -57.03 9.54
CA VAL L 97 59.78 -57.08 8.24
C VAL L 97 58.48 -56.32 8.35
N VAL L 98 58.28 -55.35 7.47
CA VAL L 98 57.10 -54.51 7.46
C VAL L 98 56.30 -54.85 6.21
N ASP L 99 55.09 -55.34 6.39
CA ASP L 99 54.19 -55.70 5.29
C ASP L 99 53.26 -54.52 5.08
N LEU L 100 53.51 -53.73 4.03
CA LEU L 100 52.84 -52.45 3.87
C LEU L 100 51.37 -52.57 3.52
N GLN L 101 50.99 -53.55 2.69
CA GLN L 101 49.60 -53.63 2.24
C GLN L 101 48.65 -54.09 3.33
N SER L 102 49.17 -54.62 4.43
CA SER L 102 48.38 -54.94 5.61
C SER L 102 48.12 -53.71 6.47
N SER L 103 48.59 -52.54 6.04
CA SER L 103 48.57 -51.35 6.87
C SER L 103 48.01 -50.14 6.12
N GLY L 104 47.49 -50.33 4.92
CA GLY L 104 47.23 -49.23 4.01
C GLY L 104 48.35 -49.26 2.99
N TYR L 105 48.87 -48.08 2.66
CA TYR L 105 50.23 -47.81 2.20
C TYR L 105 50.72 -48.77 1.11
N ALA L 106 50.12 -48.64 -0.07
CA ALA L 106 50.54 -49.48 -1.20
C ALA L 106 51.91 -49.09 -1.73
N LYS L 107 52.27 -47.82 -1.67
CA LYS L 107 53.53 -47.34 -2.21
C LYS L 107 54.41 -46.76 -1.11
N LEU L 108 55.69 -47.12 -1.12
CA LEU L 108 56.70 -46.49 -0.29
C LEU L 108 57.35 -45.35 -1.08
N LEU L 109 57.47 -44.18 -0.48
CA LEU L 109 58.24 -43.09 -1.05
C LEU L 109 59.46 -42.79 -0.18
N GLY L 110 60.33 -41.94 -0.70
CA GLY L 110 61.66 -41.81 -0.12
C GLY L 110 62.01 -40.50 0.54
N ASN L 111 61.02 -39.84 1.12
CA ASN L 111 61.26 -38.58 1.81
C ASN L 111 61.93 -38.82 3.15
N GLY L 112 62.83 -37.91 3.52
CA GLY L 112 63.43 -37.89 4.83
C GLY L 112 64.41 -39.02 5.06
N HIS L 113 64.90 -39.07 6.29
CA HIS L 113 65.84 -40.10 6.71
C HIS L 113 65.09 -41.23 7.40
N ILE L 114 65.41 -42.47 7.05
CA ILE L 114 64.78 -43.61 7.69
C ILE L 114 65.48 -43.87 9.03
N GLN L 115 64.70 -43.90 10.11
CA GLN L 115 65.25 -43.89 11.45
C GLN L 115 65.55 -45.27 11.99
N VAL L 116 65.16 -46.31 11.26
CA VAL L 116 65.38 -47.69 11.66
C VAL L 116 65.45 -48.54 10.40
N PRO L 117 66.53 -49.28 10.18
CA PRO L 117 66.60 -50.14 8.99
C PRO L 117 65.67 -51.33 9.13
N CYS L 118 64.87 -51.57 8.08
CA CYS L 118 63.90 -52.64 8.11
C CYS L 118 63.72 -53.16 6.69
N ILE L 119 63.13 -54.36 6.60
CA ILE L 119 62.77 -54.94 5.32
C ILE L 119 61.33 -54.54 5.04
N VAL L 120 61.13 -53.75 4.00
CA VAL L 120 59.82 -53.23 3.62
C VAL L 120 59.24 -54.12 2.53
N LYS L 121 58.01 -54.57 2.73
CA LYS L 121 57.30 -55.31 1.70
C LYS L 121 56.24 -54.39 1.13
N ALA L 122 56.48 -53.88 -0.09
CA ALA L 122 55.65 -52.86 -0.69
C ALA L 122 55.24 -53.27 -2.10
N ARG L 123 54.04 -52.87 -2.50
CA ARG L 123 53.60 -53.09 -3.88
C ARG L 123 54.35 -52.19 -4.84
N TYR L 124 54.60 -50.95 -4.45
CA TYR L 124 55.33 -50.00 -5.28
C TYR L 124 56.42 -49.34 -4.45
N VAL L 125 57.38 -48.74 -5.16
CA VAL L 125 58.50 -48.04 -4.55
C VAL L 125 59.06 -47.12 -5.62
N SER L 126 59.82 -46.11 -5.21
CA SER L 126 60.36 -45.11 -6.12
C SER L 126 61.86 -45.30 -6.28
N LYS L 127 62.47 -44.48 -7.16
CA LYS L 127 63.92 -44.50 -7.34
C LYS L 127 64.64 -44.15 -6.06
N LEU L 128 64.27 -43.02 -5.47
CA LEU L 128 64.96 -42.50 -4.30
C LEU L 128 64.49 -43.15 -3.02
N ALA L 129 63.56 -44.10 -3.07
CA ALA L 129 63.27 -44.88 -1.89
C ALA L 129 63.99 -46.22 -1.91
N ASP L 130 64.17 -46.80 -3.09
CA ASP L 130 64.94 -48.03 -3.21
C ASP L 130 66.42 -47.78 -2.95
N LYS L 131 66.96 -46.71 -3.54
CA LYS L 131 68.34 -46.27 -3.40
C LYS L 131 68.73 -46.02 -1.96
N LYS L 132 67.78 -45.61 -1.13
CA LYS L 132 68.01 -44.97 0.14
C LYS L 132 67.73 -45.89 1.30
N ILE L 133 67.23 -47.10 1.02
CA ILE L 133 66.96 -48.08 2.06
C ILE L 133 67.94 -49.22 1.88
N ARG L 134 68.52 -49.34 0.68
CA ARG L 134 69.60 -50.29 0.49
C ARG L 134 70.91 -49.74 1.04
N LYS L 135 71.04 -48.42 1.12
CA LYS L 135 72.23 -47.86 1.74
C LYS L 135 72.08 -47.75 3.25
N ALA L 136 70.85 -47.57 3.73
CA ALA L 136 70.57 -47.57 5.15
C ALA L 136 70.72 -48.93 5.80
N GLY L 137 70.63 -50.01 5.02
CA GLY L 137 70.90 -51.34 5.53
C GLY L 137 69.76 -52.32 5.40
N GLY L 138 68.56 -51.86 5.06
CA GLY L 138 67.44 -52.73 4.80
C GLY L 138 67.33 -53.07 3.33
N ALA L 139 66.11 -53.36 2.91
CA ALA L 139 65.81 -53.68 1.52
C ALA L 139 64.35 -53.33 1.28
N VAL L 140 63.88 -53.66 0.08
CA VAL L 140 62.46 -53.57 -0.23
C VAL L 140 62.09 -54.79 -1.07
N VAL L 141 61.05 -55.51 -0.63
CA VAL L 141 60.63 -56.76 -1.23
C VAL L 141 59.28 -56.51 -1.89
N LEU L 142 59.16 -56.80 -3.18
CA LEU L 142 57.93 -56.49 -3.87
C LEU L 142 56.86 -57.51 -3.52
N GLN L 143 55.61 -57.06 -3.55
CA GLN L 143 54.48 -57.91 -3.23
C GLN L 143 53.31 -57.55 -4.14
N ALA L 144 52.29 -58.40 -4.12
CA ALA L 144 51.10 -58.19 -4.92
C ALA L 144 49.85 -58.25 -4.05
N GLY M 1 11.75 -84.26 -30.84
CA GLY M 1 10.47 -84.20 -30.19
C GLY M 1 9.47 -83.40 -30.99
N ALA M 2 8.20 -83.44 -30.59
CA ALA M 2 7.15 -82.80 -31.39
C ALA M 2 7.15 -81.28 -31.26
N PHE M 3 7.68 -80.77 -30.15
CA PHE M 3 7.77 -79.32 -29.95
C PHE M 3 8.70 -78.69 -30.96
N MET M 4 9.83 -79.36 -31.24
CA MET M 4 10.91 -78.74 -32.00
C MET M 4 10.49 -78.42 -33.43
N TYR M 5 9.51 -79.15 -33.95
CA TYR M 5 9.00 -78.85 -35.28
C TYR M 5 8.00 -77.70 -35.23
N LEU M 6 7.19 -77.65 -34.17
CA LEU M 6 6.27 -76.53 -33.97
C LEU M 6 7.02 -75.24 -33.66
N ASN M 7 8.10 -75.32 -32.88
CA ASN M 7 8.84 -74.11 -32.51
C ASN M 7 9.59 -73.53 -33.69
N GLU M 8 10.18 -74.39 -34.53
CA GLU M 8 10.93 -73.89 -35.67
C GLU M 8 10.04 -73.51 -36.85
N LEU M 9 8.79 -73.92 -36.83
CA LEU M 9 7.84 -73.48 -37.85
C LEU M 9 7.32 -72.08 -37.55
N TRP M 10 7.25 -71.71 -36.27
CA TRP M 10 6.85 -70.39 -35.84
C TRP M 10 8.02 -69.43 -35.71
N LYS M 11 9.20 -69.83 -36.17
CA LYS M 11 10.29 -68.89 -36.40
C LYS M 11 10.40 -68.52 -37.86
N LYS M 12 9.77 -69.29 -38.75
CA LYS M 12 9.67 -68.98 -40.16
C LYS M 12 8.41 -68.19 -40.46
N LYS M 13 8.21 -67.09 -39.72
CA LYS M 13 6.98 -66.30 -39.84
C LYS M 13 6.89 -65.54 -41.15
N SER M 14 8.01 -65.27 -41.80
CA SER M 14 8.05 -64.50 -43.03
C SER M 14 8.07 -65.37 -44.27
N SER M 15 8.07 -66.68 -44.11
CA SER M 15 8.06 -67.57 -45.26
C SER M 15 6.67 -67.59 -45.87
N ASP M 16 6.60 -68.09 -47.11
CA ASP M 16 5.38 -68.00 -47.89
C ASP M 16 4.25 -68.84 -47.34
N VAL M 17 4.55 -69.90 -46.60
CA VAL M 17 3.50 -70.73 -46.04
C VAL M 17 2.92 -70.09 -44.79
N MET M 18 3.77 -69.59 -43.92
CA MET M 18 3.28 -68.93 -42.73
C MET M 18 2.71 -67.55 -43.03
N ARG M 19 3.13 -66.91 -44.12
CA ARG M 19 2.45 -65.70 -44.56
C ARG M 19 1.10 -65.98 -45.19
N PHE M 20 0.81 -67.23 -45.56
CA PHE M 20 -0.53 -67.55 -46.03
C PHE M 20 -1.47 -67.82 -44.88
N ILE M 21 -0.97 -68.49 -43.84
CA ILE M 21 -1.81 -68.86 -42.71
C ILE M 21 -2.17 -67.64 -41.90
N GLN M 22 -1.20 -66.75 -41.67
CA GLN M 22 -1.47 -65.51 -40.95
C GLN M 22 -2.31 -64.54 -41.78
N ARG M 23 -2.27 -64.64 -43.10
CA ARG M 23 -3.18 -63.93 -43.98
C ARG M 23 -4.63 -64.32 -43.73
N ILE M 24 -4.91 -65.62 -43.71
CA ILE M 24 -6.25 -66.11 -43.48
C ILE M 24 -6.70 -65.80 -42.06
N ARG M 25 -5.80 -65.96 -41.09
CA ARG M 25 -6.13 -65.71 -39.70
C ARG M 25 -6.44 -64.25 -39.44
N SER M 26 -5.62 -63.35 -39.98
CA SER M 26 -5.85 -61.92 -39.74
C SER M 26 -7.10 -61.43 -40.44
N TRP M 27 -7.53 -62.09 -41.51
CA TRP M 27 -8.85 -61.83 -42.08
C TRP M 27 -9.95 -62.22 -41.09
N GLU M 28 -9.98 -63.47 -40.66
CA GLU M 28 -11.05 -63.92 -39.81
C GLU M 28 -10.96 -63.42 -38.37
N PHE M 29 -9.87 -62.77 -37.97
CA PHE M 29 -9.84 -62.22 -36.62
C PHE M 29 -10.41 -60.82 -36.57
N ARG M 30 -10.31 -60.06 -37.65
CA ARG M 30 -10.88 -58.71 -37.70
C ARG M 30 -12.34 -58.71 -38.09
N HIS M 31 -12.96 -59.89 -38.13
CA HIS M 31 -14.40 -60.03 -38.27
C HIS M 31 -14.97 -60.72 -37.04
N GLN M 32 -14.23 -60.72 -35.94
CA GLN M 32 -14.67 -61.20 -34.66
C GLN M 32 -14.64 -60.01 -33.71
N HIS M 33 -14.88 -60.29 -32.44
CA HIS M 33 -14.97 -59.23 -31.46
C HIS M 33 -13.59 -58.85 -30.95
N THR M 34 -13.53 -57.86 -30.07
CA THR M 34 -12.27 -57.46 -29.46
C THR M 34 -11.75 -58.55 -28.54
N VAL M 35 -12.62 -59.19 -27.78
CA VAL M 35 -12.25 -60.27 -26.87
C VAL M 35 -13.03 -61.52 -27.27
N VAL M 36 -12.30 -62.61 -27.54
CA VAL M 36 -12.84 -63.86 -28.05
C VAL M 36 -12.26 -65.01 -27.24
N ARG M 37 -13.12 -65.90 -26.76
CA ARG M 37 -12.64 -67.11 -26.09
C ARG M 37 -12.48 -68.25 -27.09
N LEU M 38 -11.37 -68.98 -26.95
CA LEU M 38 -11.08 -70.17 -27.74
C LEU M 38 -11.17 -71.42 -26.87
N ARG M 39 -11.47 -72.55 -27.51
CA ARG M 39 -11.40 -73.83 -26.82
C ARG M 39 -9.95 -74.24 -26.59
N ARG M 40 -9.14 -74.15 -27.62
CA ARG M 40 -7.74 -74.51 -27.61
C ARG M 40 -6.95 -73.29 -28.07
N PRO M 41 -5.71 -73.12 -27.62
CA PRO M 41 -4.91 -71.99 -28.06
C PRO M 41 -4.47 -72.14 -29.51
N THR M 42 -4.23 -71.00 -30.15
CA THR M 42 -3.83 -70.97 -31.55
C THR M 42 -2.41 -71.49 -31.71
N ARG M 43 -1.55 -71.16 -30.75
CA ARG M 43 -0.19 -71.69 -30.68
C ARG M 43 -0.10 -72.52 -29.41
N PRO M 44 -0.27 -73.83 -29.47
CA PRO M 44 -0.18 -74.63 -28.24
C PRO M 44 1.24 -74.80 -27.73
N GLU M 45 2.24 -74.72 -28.60
CA GLU M 45 3.63 -74.81 -28.17
C GLU M 45 4.03 -73.60 -27.35
N LYS M 46 3.51 -72.43 -27.69
CA LYS M 46 3.81 -71.18 -27.01
C LYS M 46 2.89 -70.92 -25.83
N ALA M 47 1.70 -71.50 -25.83
CA ALA M 47 0.81 -71.38 -24.68
C ALA M 47 1.33 -72.19 -23.51
N ARG M 48 1.87 -73.39 -23.75
CA ARG M 48 2.31 -74.25 -22.66
C ARG M 48 3.68 -73.84 -22.14
N MET M 49 4.51 -73.29 -23.02
CA MET M 49 5.70 -72.55 -22.63
C MET M 49 5.37 -71.47 -21.60
N LEU M 50 4.26 -70.78 -21.80
CA LEU M 50 3.90 -69.59 -21.06
C LEU M 50 3.01 -69.92 -19.85
N GLY M 51 2.48 -71.13 -19.77
CA GLY M 51 1.92 -71.60 -18.52
C GLY M 51 0.68 -72.45 -18.62
N TYR M 52 0.08 -72.50 -19.81
CA TYR M 52 -1.15 -73.23 -20.05
C TYR M 52 -0.93 -74.72 -19.96
N LYS M 53 -1.85 -75.42 -19.32
CA LYS M 53 -1.98 -76.85 -19.42
C LYS M 53 -3.40 -77.16 -19.86
N THR M 54 -3.60 -78.33 -20.43
CA THR M 54 -4.95 -78.76 -20.79
C THR M 54 -5.64 -79.37 -19.55
N LYS M 55 -5.83 -78.52 -18.55
CA LYS M 55 -6.50 -78.82 -17.31
C LYS M 55 -7.92 -78.23 -17.36
N GLN M 56 -8.61 -78.25 -16.23
CA GLN M 56 -10.00 -77.82 -16.17
C GLN M 56 -10.15 -76.32 -16.00
N GLY M 57 -9.36 -75.70 -15.13
CA GLY M 57 -9.55 -74.30 -14.86
C GLY M 57 -8.79 -73.34 -15.73
N PHE M 58 -7.96 -73.83 -16.64
CA PHE M 58 -7.29 -72.97 -17.60
C PHE M 58 -8.21 -72.62 -18.76
N CYS M 59 -7.99 -71.44 -19.33
CA CYS M 59 -8.85 -70.89 -20.36
C CYS M 59 -8.10 -69.77 -21.08
N VAL M 60 -8.26 -69.70 -22.40
CA VAL M 60 -7.50 -68.79 -23.23
C VAL M 60 -8.47 -67.85 -23.95
N PHE M 61 -8.12 -66.57 -23.99
CA PHE M 61 -8.90 -65.52 -24.62
C PHE M 61 -8.01 -64.77 -25.58
N ARG M 62 -8.50 -64.49 -26.79
CA ARG M 62 -7.74 -63.70 -27.74
C ARG M 62 -8.22 -62.25 -27.73
N VAL M 63 -7.30 -61.33 -27.47
CA VAL M 63 -7.63 -59.94 -27.19
C VAL M 63 -6.99 -59.07 -28.26
N ARG M 64 -7.74 -58.08 -28.75
CA ARG M 64 -7.33 -57.21 -29.83
C ARG M 64 -7.00 -55.81 -29.33
N VAL M 65 -5.83 -55.30 -29.70
CA VAL M 65 -5.47 -53.91 -29.47
C VAL M 65 -5.16 -53.24 -30.80
N ARG M 66 -5.36 -51.93 -30.86
CA ARG M 66 -5.04 -51.18 -32.06
C ARG M 66 -3.60 -50.69 -32.04
N ARG M 67 -3.03 -50.58 -33.23
CA ARG M 67 -1.64 -50.23 -33.40
C ARG M 67 -1.46 -48.73 -33.53
N GLY M 68 -0.21 -48.31 -33.55
CA GLY M 68 0.17 -46.93 -33.68
C GLY M 68 0.52 -46.32 -32.34
N GLY M 69 0.93 -45.07 -32.41
CA GLY M 69 1.37 -44.35 -31.24
C GLY M 69 0.19 -43.83 -30.43
N ARG M 70 0.52 -43.05 -29.42
CA ARG M 70 -0.46 -42.50 -28.50
C ARG M 70 -0.71 -41.04 -28.84
N LYS M 71 -1.87 -40.73 -29.38
CA LYS M 71 -2.27 -39.33 -29.46
C LYS M 71 -2.61 -38.84 -28.07
N ARG M 72 -1.92 -37.79 -27.65
CA ARG M 72 -2.22 -37.15 -26.37
C ARG M 72 -3.61 -36.52 -26.39
N PRO M 73 -4.47 -36.83 -25.42
CA PRO M 73 -5.87 -36.39 -25.49
C PRO M 73 -6.13 -34.98 -24.99
N VAL M 74 -5.30 -34.02 -25.36
CA VAL M 74 -5.60 -32.64 -25.03
C VAL M 74 -6.69 -32.15 -25.97
N HIS M 75 -7.50 -31.21 -25.49
CA HIS M 75 -8.62 -30.72 -26.28
C HIS M 75 -8.13 -29.89 -27.44
N LYS M 76 -8.50 -30.33 -28.65
CA LYS M 76 -8.26 -29.66 -29.92
C LYS M 76 -6.77 -29.57 -30.25
N GLY M 77 -5.96 -30.45 -29.66
CA GLY M 77 -4.52 -30.33 -29.77
C GLY M 77 -3.91 -29.17 -29.04
N ILE M 78 -4.67 -28.46 -28.21
CA ILE M 78 -4.19 -27.27 -27.53
C ILE M 78 -3.70 -27.67 -26.16
N THR M 79 -2.42 -27.43 -25.90
CA THR M 79 -1.87 -27.63 -24.56
C THR M 79 -1.01 -26.43 -24.20
N TYR M 80 -0.70 -26.35 -22.93
CA TYR M 80 -0.31 -25.13 -22.24
C TYR M 80 1.08 -25.27 -21.66
N GLY M 81 1.62 -24.16 -21.18
CA GLY M 81 2.85 -24.22 -20.43
C GLY M 81 4.08 -24.34 -21.32
N LYS M 82 5.08 -25.04 -20.81
CA LYS M 82 6.40 -25.05 -21.41
C LYS M 82 6.37 -25.78 -22.74
N PRO M 83 7.17 -25.35 -23.73
CA PRO M 83 7.10 -25.96 -25.07
C PRO M 83 7.57 -27.39 -25.17
N LYS M 84 8.27 -27.94 -24.18
CA LYS M 84 8.65 -29.34 -24.24
C LYS M 84 7.45 -30.26 -24.12
N THR M 85 6.37 -29.80 -23.50
CA THR M 85 5.17 -30.59 -23.26
C THR M 85 4.06 -30.24 -24.25
N SER M 86 4.45 -29.73 -25.43
CA SER M 86 3.50 -29.24 -26.40
C SER M 86 3.09 -30.29 -27.43
N GLY M 87 3.76 -31.42 -27.48
CA GLY M 87 3.51 -32.39 -28.54
C GLY M 87 2.26 -33.20 -28.27
N VAL M 88 1.55 -33.53 -29.35
CA VAL M 88 0.28 -34.23 -29.27
C VAL M 88 0.35 -35.60 -29.93
N LEU M 89 0.94 -35.69 -31.12
CA LEU M 89 0.90 -36.88 -31.95
C LEU M 89 2.12 -37.77 -31.83
N GLY M 90 3.33 -37.20 -31.73
CA GLY M 90 4.52 -38.03 -31.65
C GLY M 90 4.80 -38.65 -30.31
N MET M 91 4.03 -38.30 -29.30
CA MET M 91 4.15 -38.91 -27.98
C MET M 91 3.78 -40.39 -28.04
N LYS M 92 4.37 -41.18 -27.15
CA LYS M 92 4.19 -42.62 -27.16
C LYS M 92 3.99 -43.14 -25.75
N LEU M 93 3.10 -44.11 -25.61
CA LEU M 93 2.78 -44.69 -24.31
C LEU M 93 3.96 -45.49 -23.80
N ASN M 94 4.07 -45.58 -22.47
CA ASN M 94 5.18 -46.26 -21.84
C ASN M 94 4.85 -47.69 -21.47
N LYS M 95 3.71 -48.20 -21.91
CA LYS M 95 3.34 -49.60 -21.80
C LYS M 95 3.25 -50.18 -23.20
N ASN M 96 3.77 -51.39 -23.38
CA ASN M 96 3.60 -52.07 -24.65
C ASN M 96 2.17 -52.56 -24.78
N ASN M 97 1.79 -52.87 -26.02
CA ASN M 97 0.42 -53.27 -26.29
C ASN M 97 0.10 -54.67 -25.80
N GLN M 98 1.11 -55.49 -25.53
CA GLN M 98 0.83 -56.79 -24.93
C GLN M 98 0.34 -56.64 -23.50
N ALA M 99 0.92 -55.72 -22.75
CA ALA M 99 0.44 -55.42 -21.42
C ALA M 99 -0.95 -54.82 -21.44
N VAL M 100 -1.20 -53.90 -22.38
CA VAL M 100 -2.51 -53.27 -22.55
C VAL M 100 -3.58 -54.30 -22.92
N ALA M 101 -3.21 -55.33 -23.69
CA ALA M 101 -4.15 -56.40 -24.02
C ALA M 101 -4.46 -57.25 -22.80
N GLU M 102 -3.45 -57.54 -21.97
CA GLU M 102 -3.67 -58.31 -20.75
C GLU M 102 -4.51 -57.57 -19.74
N GLN M 103 -4.40 -56.24 -19.68
CA GLN M 103 -5.20 -55.47 -18.75
C GLN M 103 -6.63 -55.31 -19.23
N ARG M 104 -6.85 -55.30 -20.54
CA ARG M 104 -8.23 -55.21 -21.03
C ARG M 104 -8.99 -56.50 -20.83
N LEU M 105 -8.29 -57.64 -20.80
CA LEU M 105 -8.97 -58.89 -20.47
C LEU M 105 -9.33 -58.92 -18.99
N GLY M 106 -8.37 -58.63 -18.12
CA GLY M 106 -8.57 -58.83 -16.70
C GLY M 106 -9.38 -57.75 -16.02
N LYS M 107 -9.53 -56.58 -16.63
CA LYS M 107 -10.47 -55.60 -16.12
C LYS M 107 -11.89 -55.90 -16.55
N ARG M 108 -12.06 -56.81 -17.50
CA ARG M 108 -13.36 -57.13 -18.07
C ARG M 108 -13.91 -58.43 -17.53
N PHE M 109 -13.04 -59.41 -17.27
CA PHE M 109 -13.43 -60.70 -16.74
C PHE M 109 -12.80 -60.80 -15.36
N GLY M 110 -13.50 -60.26 -14.37
CA GLY M 110 -12.90 -60.04 -13.06
C GLY M 110 -12.69 -61.28 -12.24
N ASN M 111 -13.44 -62.35 -12.50
CA ASN M 111 -13.31 -63.56 -11.72
C ASN M 111 -12.12 -64.42 -12.11
N LEU M 112 -11.32 -64.01 -13.08
CA LEU M 112 -10.23 -64.81 -13.62
C LEU M 112 -8.90 -64.11 -13.37
N ARG M 113 -7.92 -64.89 -12.96
CA ARG M 113 -6.58 -64.40 -12.70
C ARG M 113 -5.75 -64.65 -13.95
N VAL M 114 -5.42 -63.60 -14.68
CA VAL M 114 -4.66 -63.83 -15.90
C VAL M 114 -3.18 -63.99 -15.54
N LEU M 115 -2.57 -65.02 -16.08
CA LEU M 115 -1.13 -65.06 -16.21
C LEU M 115 -0.82 -64.61 -17.63
N ASN M 116 0.42 -64.76 -18.07
CA ASN M 116 0.88 -63.99 -19.22
C ASN M 116 0.30 -64.48 -20.54
N SER M 117 0.51 -63.68 -21.58
CA SER M 117 -0.03 -63.83 -22.92
C SER M 117 1.12 -64.00 -23.92
N TYR M 118 0.78 -63.97 -25.20
CA TYR M 118 1.76 -64.10 -26.26
C TYR M 118 1.21 -63.54 -27.56
N TRP M 119 2.12 -63.14 -28.43
CA TRP M 119 1.78 -62.59 -29.74
C TRP M 119 1.16 -63.65 -30.64
N VAL M 120 0.10 -63.29 -31.34
CA VAL M 120 -0.64 -64.20 -32.21
C VAL M 120 -0.55 -63.78 -33.66
N ASN M 121 -0.92 -62.54 -33.95
CA ASN M 121 -1.06 -62.09 -35.32
C ASN M 121 -1.09 -60.58 -35.35
N MET M 122 -0.62 -60.02 -36.45
CA MET M 122 -0.74 -58.60 -36.71
C MET M 122 -1.54 -58.35 -37.97
N ASP M 123 -2.08 -57.15 -38.02
CA ASP M 123 -2.75 -56.58 -39.16
C ASP M 123 -2.09 -55.23 -39.36
N SER M 124 -2.58 -54.43 -40.29
CA SER M 124 -2.10 -53.06 -40.32
C SER M 124 -2.75 -52.21 -39.24
N THR M 125 -3.90 -52.62 -38.74
CA THR M 125 -4.64 -51.86 -37.75
C THR M 125 -4.59 -52.49 -36.36
N PHE M 126 -4.52 -53.82 -36.26
CA PHE M 126 -4.68 -54.50 -34.99
C PHE M 126 -3.52 -55.43 -34.70
N LYS M 127 -3.36 -55.78 -33.42
CA LYS M 127 -2.51 -56.86 -32.97
C LYS M 127 -3.37 -57.76 -32.10
N TRP M 128 -3.09 -59.05 -32.13
CA TRP M 128 -3.86 -59.98 -31.34
C TRP M 128 -2.95 -60.74 -30.40
N TYR M 129 -3.46 -61.01 -29.21
CA TYR M 129 -2.74 -61.72 -28.16
C TYR M 129 -3.69 -62.71 -27.53
N GLU M 130 -3.28 -63.97 -27.41
CA GLU M 130 -4.01 -64.96 -26.63
C GLU M 130 -3.58 -64.77 -25.18
N VAL M 131 -4.49 -64.34 -24.32
CA VAL M 131 -4.18 -64.15 -22.91
C VAL M 131 -4.64 -65.38 -22.16
N ILE M 132 -3.70 -66.06 -21.51
CA ILE M 132 -4.04 -67.22 -20.68
C ILE M 132 -4.53 -66.72 -19.33
N ALA M 133 -5.78 -67.06 -18.99
CA ALA M 133 -6.33 -66.83 -17.67
C ALA M 133 -6.55 -68.17 -16.98
N VAL M 134 -6.85 -68.10 -15.69
CA VAL M 134 -7.07 -69.32 -14.91
C VAL M 134 -8.14 -69.01 -13.87
N ASP M 135 -9.03 -69.97 -13.63
CA ASP M 135 -10.14 -69.79 -12.71
C ASP M 135 -9.67 -70.14 -11.31
N PRO M 136 -9.58 -69.19 -10.39
CA PRO M 136 -9.06 -69.52 -9.06
C PRO M 136 -10.02 -70.31 -8.19
N MET M 137 -11.31 -70.34 -8.52
CA MET M 137 -12.27 -71.08 -7.73
C MET M 137 -12.46 -72.50 -8.21
N CYS M 138 -11.85 -72.87 -9.33
CA CYS M 138 -11.92 -74.24 -9.81
C CYS M 138 -11.17 -75.16 -8.88
N LYS M 139 -11.80 -76.30 -8.57
CA LYS M 139 -11.26 -77.25 -7.59
C LYS M 139 -10.00 -77.93 -8.11
N THR M 140 -9.84 -78.00 -9.44
CA THR M 140 -8.60 -78.49 -10.04
C THR M 140 -7.44 -77.53 -9.75
N ILE M 141 -7.69 -76.23 -9.87
CA ILE M 141 -6.64 -75.23 -9.75
C ILE M 141 -6.21 -75.07 -8.29
N ARG M 142 -7.15 -75.27 -7.36
CA ARG M 142 -6.84 -75.09 -5.95
C ARG M 142 -6.01 -76.24 -5.40
N ARG M 143 -6.22 -77.45 -5.91
CA ARG M 143 -5.54 -78.65 -5.44
C ARG M 143 -4.25 -78.96 -6.17
N ASP M 144 -3.91 -78.20 -7.20
CA ASP M 144 -2.75 -78.50 -8.01
C ASP M 144 -1.58 -77.62 -7.57
N PRO M 145 -0.45 -78.21 -7.14
CA PRO M 145 0.55 -77.43 -6.41
C PRO M 145 1.30 -76.39 -7.22
N ARG M 146 1.46 -76.62 -8.51
CA ARG M 146 2.23 -75.73 -9.37
C ARG M 146 1.41 -74.58 -9.93
N ILE M 147 0.11 -74.52 -9.64
CA ILE M 147 -0.72 -73.41 -10.07
C ILE M 147 -1.56 -72.84 -8.91
N ASN M 148 -1.54 -73.46 -7.72
CA ASN M 148 -2.45 -73.02 -6.66
C ASN M 148 -2.03 -71.69 -6.04
N TRP M 149 -0.81 -71.22 -6.34
CA TRP M 149 -0.36 -69.90 -5.88
C TRP M 149 -1.22 -68.78 -6.44
N ILE M 150 -1.85 -68.99 -7.60
CA ILE M 150 -2.69 -67.98 -8.23
C ILE M 150 -3.98 -67.74 -7.47
N VAL M 151 -4.34 -68.64 -6.55
CA VAL M 151 -5.57 -68.51 -5.79
C VAL M 151 -5.41 -67.54 -4.63
N ASN M 152 -4.17 -67.37 -4.15
CA ASN M 152 -3.88 -66.41 -3.10
C ASN M 152 -4.18 -65.00 -3.56
N SER M 153 -4.70 -64.17 -2.66
CA SER M 153 -5.33 -62.92 -3.07
C SER M 153 -4.34 -61.79 -3.27
N VAL M 154 -3.04 -62.07 -3.40
CA VAL M 154 -2.09 -61.03 -3.76
C VAL M 154 -1.89 -60.99 -5.27
N HIS M 155 -2.38 -62.00 -5.98
CA HIS M 155 -2.29 -62.09 -7.42
C HIS M 155 -3.59 -61.70 -8.10
N LYS M 156 -4.40 -60.85 -7.46
CA LYS M 156 -5.79 -60.65 -7.89
C LYS M 156 -5.88 -59.95 -9.24
N HIS M 157 -5.15 -58.86 -9.41
CA HIS M 157 -4.99 -58.26 -10.74
C HIS M 157 -3.50 -58.05 -10.94
N ARG M 158 -2.82 -59.11 -11.36
CA ARG M 158 -1.39 -59.01 -11.66
C ARG M 158 -1.16 -58.11 -12.86
N GLU M 159 -2.11 -58.09 -13.79
CA GLU M 159 -1.97 -57.35 -15.03
C GLU M 159 -2.04 -55.84 -14.80
N GLN M 160 -2.81 -55.38 -13.82
CA GLN M 160 -3.04 -53.96 -13.61
C GLN M 160 -1.89 -53.30 -12.87
N ARG M 161 -0.90 -54.07 -12.42
CA ARG M 161 0.20 -53.60 -11.61
C ARG M 161 1.55 -53.89 -12.25
N GLY M 162 1.57 -54.52 -13.41
CA GLY M 162 2.82 -54.80 -14.09
C GLY M 162 3.57 -55.98 -13.54
N LEU M 163 2.89 -57.08 -13.22
CA LEU M 163 3.53 -58.26 -12.68
C LEU M 163 3.56 -59.41 -13.66
N THR M 164 3.01 -59.26 -14.85
CA THR M 164 3.16 -60.26 -15.89
C THR M 164 4.49 -60.06 -16.60
N SER M 165 4.77 -60.93 -17.57
CA SER M 165 6.02 -60.84 -18.31
C SER M 165 6.08 -59.58 -19.15
N ALA M 166 4.98 -59.23 -19.81
CA ALA M 166 4.91 -57.99 -20.56
C ALA M 166 4.89 -56.78 -19.64
N GLY M 167 4.40 -56.95 -18.42
CA GLY M 167 4.52 -55.89 -17.45
C GLY M 167 5.95 -55.67 -17.01
N ARG M 168 6.69 -56.76 -16.80
CA ARG M 168 8.08 -56.68 -16.38
C ARG M 168 8.98 -56.17 -17.48
N LYS M 169 8.56 -56.27 -18.74
CA LYS M 169 9.30 -55.68 -19.84
C LYS M 169 9.30 -54.16 -19.75
N HIS M 170 8.12 -53.53 -19.70
CA HIS M 170 8.09 -52.06 -19.76
C HIS M 170 8.51 -51.41 -18.46
N ARG M 171 8.70 -52.18 -17.40
CA ARG M 171 9.34 -51.73 -16.18
C ARG M 171 10.86 -51.84 -16.23
N GLY M 172 11.40 -52.55 -17.22
CA GLY M 172 12.83 -52.72 -17.35
C GLY M 172 13.42 -53.86 -16.56
N LEU M 173 12.60 -54.77 -16.07
CA LEU M 173 13.07 -55.85 -15.23
C LEU M 173 13.58 -57.05 -16.01
N ARG M 174 13.83 -56.88 -17.31
CA ARG M 174 14.65 -57.80 -18.08
C ARG M 174 16.13 -57.65 -17.79
N HIS M 175 16.54 -56.51 -17.22
CA HIS M 175 17.93 -56.22 -16.95
C HIS M 175 18.17 -56.23 -15.44
N LYS M 176 19.40 -56.54 -15.05
CA LYS M 176 19.68 -56.66 -13.62
C LYS M 176 20.85 -55.84 -13.15
N GLY M 177 21.82 -55.61 -14.01
CA GLY M 177 23.06 -55.09 -13.49
C GLY M 177 23.14 -53.59 -13.40
N HIS M 178 24.12 -53.02 -14.09
CA HIS M 178 24.26 -51.58 -14.23
C HIS M 178 23.24 -50.99 -15.20
N LYS M 179 22.50 -51.83 -15.90
CA LYS M 179 21.47 -51.41 -16.82
C LYS M 179 20.11 -51.28 -16.15
N ALA M 180 20.01 -51.57 -14.87
CA ALA M 180 18.73 -51.49 -14.19
C ALA M 180 18.87 -50.88 -12.80
N SER M 181 19.94 -50.13 -12.54
CA SER M 181 20.20 -49.69 -11.17
C SER M 181 19.22 -48.63 -10.72
N LYS M 182 18.74 -47.79 -11.63
CA LYS M 182 17.75 -46.76 -11.31
C LYS M 182 16.36 -47.33 -11.12
N LEU M 183 16.13 -48.60 -11.45
CA LEU M 183 14.77 -49.13 -11.55
C LEU M 183 14.57 -50.41 -10.76
N ARG M 184 15.50 -50.79 -9.89
CA ARG M 184 15.32 -51.94 -9.04
C ARG M 184 14.96 -51.50 -7.63
N PRO M 185 13.86 -52.00 -7.03
CA PRO M 185 12.81 -52.87 -7.53
C PRO M 185 11.85 -52.14 -8.45
N SER M 186 11.71 -50.85 -8.20
CA SER M 186 10.86 -49.96 -8.98
C SER M 186 11.60 -48.65 -9.17
N TYR M 187 11.16 -47.85 -10.13
CA TYR M 187 11.68 -46.49 -10.25
C TYR M 187 11.31 -45.67 -9.03
N ARG M 188 10.09 -45.86 -8.52
CA ARG M 188 9.64 -45.19 -7.31
C ARG M 188 10.30 -45.76 -6.08
N ALA M 189 10.64 -47.04 -6.10
CA ALA M 189 11.34 -47.62 -4.96
C ALA M 189 12.78 -47.15 -4.91
N ALA M 190 13.35 -46.76 -6.04
CA ALA M 190 14.69 -46.16 -6.08
C ALA M 190 14.65 -44.65 -5.99
N TRP M 191 13.59 -43.99 -6.47
CA TRP M 191 13.46 -42.55 -6.30
C TRP M 191 13.33 -42.19 -4.83
N ARG M 192 12.43 -42.88 -4.14
CA ARG M 192 12.22 -42.68 -2.71
C ARG M 192 13.51 -42.95 -1.95
N ARG M 193 14.19 -44.06 -2.27
CA ARG M 193 15.44 -44.46 -1.62
C ARG M 193 16.56 -43.45 -1.81
N ASN M 194 16.70 -42.91 -3.02
CA ASN M 194 17.80 -42.01 -3.35
C ASN M 194 17.53 -40.57 -2.96
N ASN M 195 16.28 -40.21 -2.67
CA ASN M 195 15.94 -38.83 -2.40
C ASN M 195 15.44 -38.55 -0.99
N ARG M 196 15.22 -39.57 -0.15
CA ARG M 196 14.68 -39.27 1.16
C ARG M 196 15.80 -38.76 2.06
N ILE M 197 15.55 -37.59 2.67
CA ILE M 197 16.57 -36.89 3.44
C ILE M 197 16.70 -37.63 4.76
N VAL M 198 17.74 -38.45 4.90
CA VAL M 198 17.92 -39.28 6.08
C VAL M 198 18.47 -38.44 7.21
N PHE M 199 17.81 -38.50 8.36
CA PHE M 199 18.24 -37.83 9.59
C PHE M 199 18.70 -38.90 10.56
N LEU M 200 20.01 -39.08 10.67
CA LEU M 200 20.53 -39.97 11.69
C LEU M 200 20.31 -39.35 13.06
N ARG M 201 20.27 -40.20 14.07
CA ARG M 201 19.73 -39.76 15.35
C ARG M 201 20.76 -38.90 16.09
N LYS M 202 21.90 -39.48 16.42
CA LYS M 202 23.05 -38.72 16.92
C LYS M 202 23.91 -38.32 15.72
N ARG M 203 23.97 -37.04 15.43
CA ARG M 203 24.69 -36.58 14.24
C ARG M 203 25.32 -35.20 14.47
N ALA N 2 12.53 41.71 -31.37
CA ALA N 2 12.93 42.38 -30.15
C ALA N 2 14.04 41.61 -29.45
N ARG N 3 15.20 42.25 -29.31
CA ARG N 3 16.34 41.61 -28.66
C ARG N 3 16.14 41.50 -27.16
N ARG N 4 16.88 40.57 -26.56
CA ARG N 4 16.84 40.40 -25.11
C ARG N 4 17.49 41.61 -24.44
N PRO N 5 16.95 42.04 -23.29
CA PRO N 5 17.51 43.21 -22.60
C PRO N 5 18.96 43.03 -22.14
N SER N 6 19.59 44.17 -21.85
CA SER N 6 20.98 44.16 -21.38
C SER N 6 21.08 43.80 -19.91
N ARG N 7 19.95 43.64 -19.21
CA ARG N 7 19.97 43.18 -17.82
C ARG N 7 20.45 41.75 -17.70
N CYS N 8 20.42 40.99 -18.78
CA CYS N 8 20.73 39.57 -18.80
C CYS N 8 22.20 39.28 -19.01
N TYR N 9 23.00 40.28 -19.40
CA TYR N 9 24.37 40.04 -19.84
C TYR N 9 25.33 41.08 -19.28
N ARG N 10 24.97 41.70 -18.15
CA ARG N 10 25.75 42.80 -17.63
C ARG N 10 27.00 42.30 -16.89
N PHE N 11 26.97 41.08 -16.38
CA PHE N 11 28.02 40.58 -15.51
C PHE N 11 28.93 39.63 -16.27
N CYS N 12 30.24 39.73 -16.00
CA CYS N 12 31.24 38.85 -16.60
C CYS N 12 31.18 37.52 -15.86
N LYS N 13 30.27 36.66 -16.30
CA LYS N 13 30.04 35.39 -15.62
C LYS N 13 30.76 34.21 -16.27
N ASN N 14 31.16 34.33 -17.52
CA ASN N 14 31.79 33.23 -18.24
C ASN N 14 33.17 33.65 -18.73
N LYS N 15 33.96 32.64 -19.12
CA LYS N 15 35.26 32.85 -19.74
C LYS N 15 35.09 33.51 -21.11
N PRO N 16 36.11 34.20 -21.61
CA PRO N 16 35.98 34.87 -22.90
C PRO N 16 35.82 33.87 -24.05
N TYR N 17 34.80 34.11 -24.86
CA TYR N 17 34.30 33.16 -25.87
C TYR N 17 34.29 33.89 -27.21
N PRO N 18 35.46 34.06 -27.84
CA PRO N 18 35.53 34.88 -29.05
C PRO N 18 35.14 34.14 -30.32
N LYS N 19 35.31 34.78 -31.46
CA LYS N 19 35.25 34.06 -32.73
C LYS N 19 36.57 33.34 -32.96
N SER N 20 36.47 32.03 -33.14
CA SER N 20 37.62 31.18 -33.39
C SER N 20 37.20 30.17 -34.45
N ARG N 21 37.98 29.12 -34.64
CA ARG N 21 37.60 28.06 -35.58
C ARG N 21 36.61 27.08 -34.96
N PHE N 22 36.00 27.43 -33.83
CA PHE N 22 35.09 26.61 -33.07
C PHE N 22 33.69 27.20 -33.04
N CYS N 23 33.58 28.51 -32.80
CA CYS N 23 32.30 29.22 -32.79
C CYS N 23 32.20 30.01 -34.10
N ARG N 24 31.26 29.60 -34.98
CA ARG N 24 31.28 30.06 -36.36
C ARG N 24 29.92 30.56 -36.85
N GLY N 25 29.04 31.00 -35.96
CA GLY N 25 27.79 31.61 -36.40
C GLY N 25 27.58 32.99 -35.80
N VAL N 26 28.66 33.70 -35.57
CA VAL N 26 28.61 34.94 -34.78
C VAL N 26 28.21 36.10 -35.71
N PRO N 27 27.24 36.90 -35.32
CA PRO N 27 26.78 37.99 -36.19
C PRO N 27 27.77 39.15 -36.24
N ASP N 28 27.51 40.04 -37.17
CA ASP N 28 28.33 41.23 -37.36
C ASP N 28 28.05 42.19 -36.21
N PRO N 29 29.06 42.63 -35.45
CA PRO N 29 28.81 43.56 -34.35
C PRO N 29 28.32 44.90 -34.83
N LYS N 30 27.54 45.57 -33.97
CA LYS N 30 26.81 46.77 -34.40
C LYS N 30 27.73 47.94 -34.63
N ILE N 31 28.82 48.04 -33.87
CA ILE N 31 29.82 49.08 -34.07
C ILE N 31 30.79 48.66 -35.16
N ARG N 32 30.92 49.49 -36.19
CA ARG N 32 31.85 49.29 -37.28
C ARG N 32 32.86 50.41 -37.40
N ASN N 33 32.41 51.65 -37.21
CA ASN N 33 33.29 52.81 -37.16
C ASN N 33 33.71 52.98 -35.70
N PHE N 34 35.02 52.97 -35.46
CA PHE N 34 35.54 53.14 -34.11
C PHE N 34 36.17 54.51 -33.90
N ASP N 35 36.21 55.33 -34.95
CA ASP N 35 36.80 56.66 -34.90
C ASP N 35 35.85 57.62 -35.61
N ILE N 36 35.55 58.74 -34.96
CA ILE N 36 34.71 59.77 -35.54
C ILE N 36 35.47 61.08 -35.48
N GLY N 37 35.15 61.99 -36.40
CA GLY N 37 35.89 63.24 -36.50
C GLY N 37 37.06 63.13 -37.47
N ARG N 38 38.03 64.02 -37.27
CA ARG N 38 39.24 64.05 -38.11
C ARG N 38 40.23 62.99 -37.66
N ARG N 39 40.02 61.78 -38.15
CA ARG N 39 41.01 60.74 -37.92
C ARG N 39 42.21 60.86 -38.85
N ARG N 40 42.09 61.61 -39.94
CA ARG N 40 43.21 61.88 -40.83
C ARG N 40 44.18 62.92 -40.27
N ALA N 41 43.82 63.61 -39.19
CA ALA N 41 44.56 64.76 -38.70
C ALA N 41 45.89 64.34 -38.07
N THR N 42 46.65 65.34 -37.65
CA THR N 42 48.00 65.15 -37.12
C THR N 42 47.98 65.23 -35.59
N VAL N 43 49.17 65.10 -35.01
CA VAL N 43 49.30 65.01 -33.56
C VAL N 43 49.08 66.36 -32.91
N ASP N 44 49.76 67.39 -33.39
CA ASP N 44 49.71 68.72 -32.80
C ASP N 44 48.48 69.53 -33.20
N GLU N 45 47.53 68.91 -33.90
CA GLU N 45 46.30 69.60 -34.25
C GLU N 45 45.41 69.78 -33.03
N PHE N 46 45.16 68.69 -32.30
CA PHE N 46 44.24 68.72 -31.17
C PHE N 46 45.02 68.36 -29.91
N PRO N 47 45.34 69.33 -29.05
CA PRO N 47 46.22 69.04 -27.90
C PRO N 47 45.57 68.25 -26.78
N VAL N 48 44.34 68.61 -26.36
CA VAL N 48 43.82 68.11 -25.10
C VAL N 48 43.24 66.72 -25.29
N CYS N 49 43.05 66.01 -24.18
CA CYS N 49 42.50 64.66 -24.26
C CYS N 49 41.52 64.45 -23.12
N ILE N 50 40.32 63.98 -23.48
CA ILE N 50 39.23 63.79 -22.52
C ILE N 50 38.76 62.35 -22.61
N HIS N 51 38.76 61.65 -21.48
CA HIS N 51 38.49 60.22 -21.43
C HIS N 51 37.14 59.94 -20.80
N VAL N 52 36.61 58.75 -21.04
CA VAL N 52 35.43 58.23 -20.35
C VAL N 52 35.85 56.90 -19.74
N VAL N 53 36.08 56.90 -18.44
CA VAL N 53 36.72 55.78 -17.76
C VAL N 53 35.67 54.99 -17.00
N SER N 54 35.72 53.67 -17.08
CA SER N 54 34.72 52.82 -16.47
C SER N 54 35.05 52.53 -15.00
N ARG N 55 34.07 52.74 -14.13
CA ARG N 55 34.16 52.44 -12.71
C ARG N 55 33.43 51.15 -12.34
N GLU N 56 33.33 50.22 -13.28
CA GLU N 56 32.58 48.98 -13.06
C GLU N 56 33.23 47.88 -13.87
N LEU N 57 33.09 46.65 -13.38
CA LEU N 57 33.56 45.45 -14.08
C LEU N 57 32.33 44.82 -14.71
N GLU N 58 32.11 45.11 -15.99
CA GLU N 58 30.86 44.75 -16.64
C GLU N 58 31.10 44.42 -18.11
N GLN N 59 30.01 44.05 -18.78
CA GLN N 59 30.00 43.80 -20.22
C GLN N 59 29.10 44.81 -20.89
N ILE N 60 29.69 45.67 -21.73
CA ILE N 60 28.93 46.63 -22.52
C ILE N 60 28.67 46.02 -23.88
N ALA N 61 27.42 46.02 -24.31
CA ALA N 61 27.07 45.42 -25.58
C ALA N 61 27.55 46.29 -26.73
N SER N 62 27.71 45.66 -27.89
CA SER N 62 28.07 46.41 -29.09
C SER N 62 26.94 47.30 -29.58
N GLU N 63 25.70 47.03 -29.16
CA GLU N 63 24.60 47.93 -29.45
C GLU N 63 24.69 49.24 -28.66
N ALA N 64 25.39 49.23 -27.52
CA ALA N 64 25.58 50.44 -26.74
C ALA N 64 26.82 51.22 -27.14
N LEU N 65 27.81 50.56 -27.75
CA LEU N 65 28.96 51.28 -28.29
C LEU N 65 28.58 52.12 -29.49
N GLU N 66 27.62 51.65 -30.30
CA GLU N 66 27.15 52.45 -31.41
C GLU N 66 26.30 53.61 -30.92
N ALA N 67 25.38 53.33 -29.98
CA ALA N 67 24.45 54.34 -29.48
C ALA N 67 25.18 55.48 -28.76
N ALA N 68 26.32 55.18 -28.13
CA ALA N 68 27.11 56.22 -27.50
C ALA N 68 27.95 56.99 -28.48
N ARG N 69 28.22 56.43 -29.65
CA ARG N 69 29.06 57.06 -30.67
C ARG N 69 28.24 57.78 -31.72
N ILE N 70 27.07 57.26 -32.09
CA ILE N 70 26.17 57.97 -32.99
C ILE N 70 25.66 59.25 -32.34
N GLN N 71 25.58 59.27 -31.01
CA GLN N 71 25.09 60.43 -30.30
C GLN N 71 26.20 61.40 -29.90
N ALA N 72 27.41 60.91 -29.62
CA ALA N 72 28.51 61.84 -29.35
C ALA N 72 28.96 62.56 -30.60
N ASN N 73 28.77 61.94 -31.76
CA ASN N 73 29.01 62.64 -33.02
C ASN N 73 27.96 63.72 -33.26
N LYS N 74 26.76 63.53 -32.71
CA LYS N 74 25.66 64.44 -33.00
C LYS N 74 25.84 65.78 -32.30
N TYR N 75 26.10 65.76 -31.00
CA TYR N 75 26.29 66.99 -30.24
C TYR N 75 27.56 67.73 -30.63
N MET N 76 28.52 67.05 -31.22
CA MET N 76 29.72 67.73 -31.69
C MET N 76 29.46 68.52 -32.97
N VAL N 77 28.79 67.92 -33.96
CA VAL N 77 28.52 68.67 -35.18
C VAL N 77 27.39 69.67 -34.98
N LYS N 78 26.60 69.54 -33.91
CA LYS N 78 25.54 70.49 -33.62
C LYS N 78 26.10 71.74 -32.97
N ARG N 79 26.97 71.55 -31.98
CA ARG N 79 27.52 72.65 -31.19
C ARG N 79 28.98 72.97 -31.52
N ALA N 80 29.49 72.45 -32.62
CA ALA N 80 30.80 72.80 -33.16
C ALA N 80 30.81 72.42 -34.64
N ASN N 81 32.00 72.33 -35.22
CA ASN N 81 32.16 71.76 -36.55
C ASN N 81 32.45 70.27 -36.40
N LYS N 82 32.56 69.56 -37.52
CA LYS N 82 32.96 68.16 -37.54
C LYS N 82 34.47 67.98 -37.56
N ASP N 83 35.22 69.07 -37.45
CA ASP N 83 36.65 69.07 -37.71
C ASP N 83 37.47 69.50 -36.50
N VAL N 84 36.92 69.39 -35.30
CA VAL N 84 37.60 69.81 -34.09
C VAL N 84 37.86 68.62 -33.16
N PHE N 85 37.13 67.52 -33.30
CA PHE N 85 37.21 66.41 -32.38
C PHE N 85 37.76 65.18 -33.08
N HIS N 86 38.16 64.20 -32.27
CA HIS N 86 38.50 62.86 -32.76
C HIS N 86 38.22 61.88 -31.62
N MET N 87 37.05 61.26 -31.63
CA MET N 87 36.69 60.34 -30.56
C MET N 87 37.00 58.91 -30.97
N ARG N 88 38.07 58.36 -30.41
CA ARG N 88 38.38 56.95 -30.49
C ARG N 88 37.60 56.19 -29.44
N THR N 89 37.03 55.04 -29.83
CA THR N 89 36.35 54.14 -28.92
C THR N 89 37.32 53.01 -28.57
N ARG N 90 37.77 53.00 -27.31
CA ARG N 90 38.80 52.08 -26.86
C ARG N 90 38.23 50.82 -26.22
N ALA N 91 37.07 50.37 -26.67
CA ALA N 91 36.49 49.10 -26.26
C ALA N 91 36.07 48.36 -27.52
N HIS N 92 36.38 47.08 -27.60
CA HIS N 92 36.05 46.29 -28.76
C HIS N 92 35.20 45.09 -28.38
N PRO N 93 34.13 44.84 -29.09
CA PRO N 93 33.29 43.68 -28.78
C PRO N 93 33.91 42.38 -29.28
N PHE N 94 34.71 41.74 -28.42
CA PHE N 94 35.33 40.48 -28.78
C PHE N 94 34.72 39.26 -28.11
N HIS N 95 33.91 39.44 -27.06
CA HIS N 95 33.24 38.36 -26.38
C HIS N 95 31.84 38.17 -26.92
N VAL N 96 31.47 36.94 -27.23
CA VAL N 96 30.24 36.63 -27.94
C VAL N 96 29.26 36.02 -26.96
N LEU N 97 28.05 36.57 -26.93
CA LEU N 97 26.98 36.08 -26.07
C LEU N 97 26.24 34.93 -26.75
N ARG N 98 25.38 34.26 -25.98
CA ARG N 98 24.64 33.09 -26.42
C ARG N 98 23.17 33.21 -26.03
N ILE N 99 22.32 32.50 -26.77
CA ILE N 99 20.89 32.43 -26.45
C ILE N 99 20.41 30.99 -26.66
N ASN N 100 19.60 30.50 -25.72
CA ASN N 100 18.94 29.19 -25.85
C ASN N 100 17.53 29.43 -26.37
N LYS N 101 17.42 29.55 -27.69
CA LYS N 101 16.13 29.78 -28.33
C LYS N 101 15.58 28.50 -28.94
N GLY N 114 18.09 25.90 -18.83
CA GLY N 114 18.27 24.73 -18.02
C GLY N 114 17.35 23.61 -18.46
N MET N 115 17.75 22.90 -19.51
CA MET N 115 16.94 21.87 -20.11
C MET N 115 17.91 20.94 -20.85
N ARG N 116 17.38 19.89 -21.47
CA ARG N 116 18.17 19.02 -22.33
C ARG N 116 18.73 19.80 -23.51
N GLY N 117 20.06 19.75 -23.67
CA GLY N 117 20.72 20.37 -24.79
C GLY N 117 20.63 21.88 -24.76
N ALA N 118 21.22 22.48 -23.73
CA ALA N 118 20.93 23.87 -23.41
C ALA N 118 21.95 24.86 -23.93
N PHE N 119 23.14 24.40 -24.35
CA PHE N 119 24.21 25.28 -24.86
C PHE N 119 23.73 26.09 -26.04
N GLY N 120 23.83 27.41 -25.92
CA GLY N 120 23.17 28.32 -26.83
C GLY N 120 23.89 28.47 -28.15
N LYS N 121 23.38 29.43 -28.92
CA LYS N 121 23.92 29.83 -30.20
C LYS N 121 24.20 31.33 -30.15
N PRO N 122 25.19 31.81 -30.88
CA PRO N 122 25.53 33.24 -30.82
C PRO N 122 24.44 34.13 -31.41
N ASN N 123 24.07 35.18 -30.65
CA ASN N 123 23.13 36.19 -31.10
C ASN N 123 23.69 37.61 -31.07
N GLY N 124 24.59 37.92 -30.13
CA GLY N 124 25.12 39.27 -29.98
C GLY N 124 26.51 39.20 -29.40
N VAL N 125 27.19 40.34 -29.46
CA VAL N 125 28.59 40.45 -29.08
C VAL N 125 28.72 41.64 -28.11
N CYS N 126 29.51 41.47 -27.06
CA CYS N 126 29.68 42.52 -26.06
C CYS N 126 31.16 42.75 -25.77
N ALA N 127 31.43 43.81 -25.01
CA ALA N 127 32.79 44.21 -24.63
C ALA N 127 32.98 44.02 -23.14
N ARG N 128 33.77 43.04 -22.76
CA ARG N 128 34.14 42.81 -21.36
C ARG N 128 35.11 43.90 -20.93
N VAL N 129 34.63 44.92 -20.24
CA VAL N 129 35.44 46.03 -19.83
C VAL N 129 35.77 45.88 -18.35
N ARG N 130 36.76 46.63 -17.89
CA ARG N 130 37.36 46.45 -16.58
C ARG N 130 37.29 47.76 -15.80
N ILE N 131 37.84 47.73 -14.58
CA ILE N 131 38.02 48.93 -13.77
C ILE N 131 39.16 49.74 -14.36
N GLY N 132 38.92 51.04 -14.57
CA GLY N 132 39.96 51.91 -15.07
C GLY N 132 40.25 51.81 -16.54
N GLN N 133 39.61 50.88 -17.25
CA GLN N 133 39.77 50.78 -18.69
C GLN N 133 39.08 51.96 -19.37
N ILE N 134 39.81 52.62 -20.26
CA ILE N 134 39.26 53.75 -20.99
C ILE N 134 38.23 53.25 -21.98
N LEU N 135 37.05 53.87 -21.98
CA LEU N 135 36.01 53.51 -22.94
C LEU N 135 36.01 54.41 -24.16
N LEU N 136 35.97 55.72 -23.95
CA LEU N 136 36.00 56.69 -25.03
C LEU N 136 37.16 57.62 -24.80
N SER N 137 37.66 58.21 -25.89
CA SER N 137 38.73 59.18 -25.82
C SER N 137 38.59 60.14 -26.98
N MET N 138 38.32 61.41 -26.69
CA MET N 138 38.11 62.41 -27.72
C MET N 138 39.13 63.54 -27.56
N ARG N 139 40.13 63.56 -28.45
CA ARG N 139 41.10 64.63 -28.45
C ARG N 139 40.55 65.83 -29.22
N THR N 140 40.50 66.98 -28.55
CA THR N 140 39.96 68.20 -29.14
C THR N 140 40.95 69.34 -29.01
N LYS N 141 40.53 70.54 -29.38
CA LYS N 141 41.31 71.74 -29.19
C LYS N 141 41.01 72.33 -27.81
N GLU N 142 41.96 73.09 -27.30
CA GLU N 142 41.80 73.72 -25.98
C GLU N 142 40.75 74.81 -25.97
N ALA N 143 40.34 75.30 -27.15
CA ALA N 143 39.23 76.24 -27.23
C ALA N 143 37.90 75.55 -26.97
N TYR N 144 37.64 74.45 -27.68
CA TYR N 144 36.32 73.81 -27.66
C TYR N 144 36.27 72.65 -26.69
N VAL N 145 36.92 72.81 -25.55
CA VAL N 145 36.82 71.84 -24.46
C VAL N 145 35.42 71.70 -23.87
N PRO N 146 34.72 72.78 -23.43
CA PRO N 146 33.45 72.55 -22.71
C PRO N 146 32.32 71.97 -23.54
N GLN N 147 32.44 71.95 -24.87
CA GLN N 147 31.50 71.20 -25.69
C GLN N 147 31.83 69.72 -25.72
N ALA N 148 32.98 69.32 -25.20
CA ALA N 148 33.39 67.92 -25.20
C ALA N 148 33.09 67.23 -23.89
N PHE N 149 33.08 67.95 -22.78
CA PHE N 149 32.57 67.38 -21.55
C PHE N 149 31.09 67.10 -21.62
N GLU N 150 30.36 67.87 -22.42
CA GLU N 150 28.92 67.68 -22.57
C GLU N 150 28.56 66.66 -23.63
N ALA N 151 29.40 66.46 -24.65
CA ALA N 151 29.17 65.38 -25.59
C ALA N 151 29.47 64.03 -24.95
N LEU N 152 30.38 63.98 -23.99
CA LEU N 152 30.72 62.73 -23.32
C LEU N 152 29.91 62.51 -22.05
N ARG N 153 29.30 63.56 -21.49
CA ARG N 153 28.30 63.34 -20.44
C ARG N 153 27.07 62.69 -21.03
N ARG N 154 26.70 63.08 -22.24
CA ARG N 154 25.54 62.52 -22.89
C ARG N 154 25.80 61.12 -23.42
N ALA N 155 27.03 60.84 -23.84
CA ALA N 155 27.32 59.54 -24.44
C ALA N 155 27.39 58.43 -23.40
N LYS N 156 27.78 58.75 -22.16
CA LYS N 156 27.83 57.73 -21.13
C LYS N 156 26.46 57.34 -20.60
N MET N 157 25.39 58.06 -20.98
CA MET N 157 24.04 57.64 -20.66
C MET N 157 23.60 56.46 -21.50
N LYS N 158 24.28 56.18 -22.61
CA LYS N 158 24.04 55.03 -23.45
C LYS N 158 24.76 53.80 -22.95
N PHE N 159 25.59 53.93 -21.93
CA PHE N 159 26.43 52.94 -21.30
C PHE N 159 25.79 52.42 -20.03
N PRO N 160 25.87 51.11 -19.76
CA PRO N 160 25.55 50.61 -18.42
C PRO N 160 26.66 50.92 -17.43
N GLY N 161 26.37 50.67 -16.16
CA GLY N 161 27.38 50.88 -15.13
C GLY N 161 27.62 52.35 -14.82
N ARG N 162 28.74 52.60 -14.16
CA ARG N 162 29.17 53.95 -13.82
C ARG N 162 30.41 54.30 -14.63
N GLN N 163 30.43 55.52 -15.17
CA GLN N 163 31.56 56.06 -15.90
C GLN N 163 31.89 57.43 -15.34
N ILE N 164 33.15 57.83 -15.51
CA ILE N 164 33.60 59.17 -15.17
C ILE N 164 34.22 59.80 -16.41
N ILE N 165 34.13 61.13 -16.50
CA ILE N 165 34.71 61.87 -17.59
C ILE N 165 35.90 62.62 -17.04
N VAL N 166 37.10 62.11 -17.29
CA VAL N 166 38.30 62.64 -16.67
C VAL N 166 39.03 63.50 -17.70
N MET N 167 39.94 64.33 -17.21
CA MET N 167 40.79 65.17 -18.05
C MET N 167 42.19 64.58 -18.06
N SER N 168 42.64 64.12 -19.22
CA SER N 168 43.91 63.44 -19.32
C SER N 168 45.07 64.43 -19.29
N LYS N 169 46.14 64.04 -18.60
CA LYS N 169 47.31 64.88 -18.47
C LYS N 169 48.26 64.76 -19.66
N TYR N 170 48.00 63.84 -20.58
CA TYR N 170 48.88 63.63 -21.74
C TYR N 170 48.42 64.46 -22.93
N TRP N 171 49.37 64.71 -23.83
CA TRP N 171 49.10 65.45 -25.06
C TRP N 171 48.31 64.59 -26.03
N GLY N 172 46.99 64.66 -25.98
CA GLY N 172 46.19 63.94 -26.96
C GLY N 172 46.23 62.44 -26.75
N PHE N 173 46.48 61.70 -27.83
CA PHE N 173 46.56 60.26 -27.78
C PHE N 173 47.97 59.76 -27.53
N THR N 174 48.90 60.66 -27.25
CA THR N 174 50.31 60.34 -27.09
C THR N 174 50.65 60.03 -25.64
N ASN N 175 51.85 59.48 -25.44
CA ASN N 175 52.34 59.06 -24.13
C ASN N 175 53.29 60.11 -23.52
N ILE N 176 53.10 61.37 -23.88
CA ILE N 176 53.97 62.46 -23.44
C ILE N 176 53.10 63.59 -22.89
N LEU N 177 53.58 64.19 -21.80
CA LEU N 177 52.74 65.04 -20.98
C LEU N 177 52.46 66.37 -21.66
N ARG N 178 51.35 67.00 -21.28
CA ARG N 178 51.06 68.34 -21.77
C ARG N 178 52.02 69.35 -21.17
N THR N 179 52.56 69.06 -19.99
CA THR N 179 53.63 69.88 -19.43
C THR N 179 54.92 69.73 -20.23
N GLU N 180 55.21 68.51 -20.69
CA GLU N 180 56.49 68.19 -21.33
C GLU N 180 56.32 67.78 -22.80
N TYR N 181 55.47 68.49 -23.54
CA TYR N 181 55.41 68.29 -24.99
C TYR N 181 56.20 69.34 -25.74
N GLU N 182 56.10 70.60 -25.31
CA GLU N 182 56.96 71.64 -25.83
C GLU N 182 58.39 71.43 -25.35
N ALA N 183 59.34 71.93 -26.15
CA ALA N 183 60.78 71.66 -26.04
C ALA N 183 61.10 70.17 -26.12
N LEU N 184 60.25 69.40 -26.80
CA LEU N 184 60.55 68.01 -27.11
C LEU N 184 60.29 67.79 -28.60
N ARG N 185 59.34 68.54 -29.15
CA ARG N 185 59.29 68.69 -30.60
C ARG N 185 60.22 69.81 -31.07
N ASP N 186 60.55 70.76 -30.19
CA ASP N 186 61.47 71.85 -30.48
C ASP N 186 62.89 71.53 -30.08
N ALA N 187 63.10 70.49 -29.27
CA ALA N 187 64.41 69.88 -29.12
C ALA N 187 64.67 68.83 -30.20
N GLY N 188 63.66 68.47 -30.98
CA GLY N 188 63.81 67.58 -32.11
C GLY N 188 63.93 66.11 -31.76
N LYS N 189 63.76 65.74 -30.49
CA LYS N 189 63.93 64.36 -30.07
C LYS N 189 62.70 63.49 -30.29
N LEU N 190 61.66 64.01 -30.93
CA LEU N 190 60.34 63.40 -30.92
C LEU N 190 59.99 62.89 -32.30
N GLU N 191 59.68 61.60 -32.39
CA GLU N 191 59.27 60.96 -33.64
C GLU N 191 57.75 60.95 -33.69
N GLN N 192 57.18 61.86 -34.48
CA GLN N 192 55.73 61.89 -34.69
C GLN N 192 55.42 61.03 -35.91
N ARG N 193 54.95 59.81 -35.66
CA ARG N 193 54.39 58.97 -36.69
C ARG N 193 52.88 58.86 -36.49
N GLY N 194 52.11 59.17 -37.54
CA GLY N 194 50.68 58.99 -37.52
C GLY N 194 49.90 59.87 -36.58
N THR N 195 49.34 59.25 -35.52
CA THR N 195 48.57 59.94 -34.51
C THR N 195 49.19 59.77 -33.12
N HIS N 196 50.45 59.36 -33.06
CA HIS N 196 51.11 59.07 -31.80
C HIS N 196 52.58 59.46 -31.92
N CYS N 197 53.30 59.36 -30.82
CA CYS N 197 54.67 59.85 -30.77
C CYS N 197 55.57 58.85 -30.06
N LYS N 198 56.85 58.94 -30.35
CA LYS N 198 57.86 58.07 -29.75
C LYS N 198 59.10 58.90 -29.50
N LEU N 199 59.52 58.98 -28.24
CA LEU N 199 60.78 59.64 -27.92
C LEU N 199 61.94 58.86 -28.51
N ILE N 200 62.70 59.52 -29.37
CA ILE N 200 63.84 58.89 -30.01
C ILE N 200 64.95 58.70 -28.98
N ALA N 201 65.38 57.47 -28.80
CA ALA N 201 66.49 57.09 -27.95
C ALA N 201 67.69 56.70 -28.81
N PRO N 202 68.88 56.63 -28.21
CA PRO N 202 69.99 55.94 -28.90
C PRO N 202 69.67 54.49 -29.14
N LYS N 203 70.03 54.00 -30.34
CA LYS N 203 69.76 52.62 -30.68
C LYS N 203 70.72 51.68 -29.95
N PHE O 3 57.57 46.28 -51.37
CA PHE O 3 58.72 45.60 -51.97
C PHE O 3 58.63 44.10 -51.75
N VAL O 4 59.61 43.54 -51.04
CA VAL O 4 59.68 42.12 -50.76
C VAL O 4 59.67 41.95 -49.24
N LYS O 5 58.84 41.03 -48.75
CA LYS O 5 58.81 40.72 -47.32
C LYS O 5 60.13 40.15 -46.85
N VAL O 6 60.68 40.75 -45.79
CA VAL O 6 61.92 40.28 -45.19
C VAL O 6 61.62 38.99 -44.43
N VAL O 7 62.35 37.93 -44.75
CA VAL O 7 62.24 36.70 -43.97
C VAL O 7 62.82 36.91 -42.58
N LYS O 8 64.06 37.39 -42.50
CA LYS O 8 64.77 37.61 -41.25
C LYS O 8 64.27 38.89 -40.57
N ASN O 9 63.04 38.82 -40.10
CA ASN O 9 62.47 39.77 -39.18
C ASN O 9 63.19 39.67 -37.83
N LYS O 10 62.96 40.66 -36.97
CA LYS O 10 63.37 40.56 -35.58
C LYS O 10 62.69 39.38 -34.88
N ALA O 11 61.49 39.01 -35.34
CA ALA O 11 60.83 37.81 -34.85
C ALA O 11 61.54 36.54 -35.31
N TYR O 12 62.19 36.56 -36.47
CA TYR O 12 63.00 35.42 -36.89
C TYR O 12 64.18 35.21 -35.97
N PHE O 13 64.84 36.30 -35.60
CA PHE O 13 65.99 36.22 -34.72
C PHE O 13 65.61 35.94 -33.28
N LYS O 14 64.41 36.32 -32.88
CA LYS O 14 64.00 36.16 -31.50
C LYS O 14 63.64 34.71 -31.20
N ARG O 15 63.20 33.97 -32.21
CA ARG O 15 62.79 32.59 -32.05
C ARG O 15 63.73 31.61 -32.74
N PHE O 16 64.92 32.03 -33.11
CA PHE O 16 65.82 31.17 -33.83
C PHE O 16 66.62 30.33 -32.84
N GLN O 17 66.58 29.03 -33.04
CA GLN O 17 67.32 28.08 -32.21
C GLN O 17 68.54 27.63 -32.97
N VAL O 18 69.72 28.08 -32.54
CA VAL O 18 70.95 27.70 -33.23
C VAL O 18 71.25 26.24 -32.93
N LYS O 19 71.97 25.62 -33.85
CA LYS O 19 72.30 24.21 -33.70
C LYS O 19 73.49 24.09 -32.74
N TYR O 20 74.02 22.88 -32.60
CA TYR O 20 75.25 22.71 -31.87
C TYR O 20 76.40 23.36 -32.63
N ARG O 21 77.46 23.67 -31.89
CA ARG O 21 78.56 24.44 -32.47
C ARG O 21 79.27 23.64 -33.55
N ARG O 22 79.54 22.38 -33.29
CA ARG O 22 80.17 21.52 -34.27
C ARG O 22 79.20 20.94 -35.28
N ARG O 23 77.94 21.39 -35.28
CA ARG O 23 77.01 21.18 -36.38
C ARG O 23 76.91 22.39 -37.29
N ARG O 24 76.88 23.59 -36.72
CA ARG O 24 77.05 24.82 -37.50
C ARG O 24 78.39 24.84 -38.22
N GLU O 25 79.46 24.43 -37.55
CA GLU O 25 80.78 24.38 -38.16
C GLU O 25 80.92 23.27 -39.18
N GLY O 26 80.01 22.31 -39.21
CA GLY O 26 80.08 21.22 -40.16
C GLY O 26 81.17 20.21 -39.85
N LYS O 27 81.31 19.82 -38.59
CA LYS O 27 82.35 18.88 -38.18
C LYS O 27 81.82 17.60 -37.58
N THR O 28 80.62 17.60 -37.02
CA THR O 28 80.13 16.45 -36.27
C THR O 28 78.78 16.04 -36.80
N ASP O 29 78.60 14.73 -37.00
CA ASP O 29 77.30 14.13 -37.19
C ASP O 29 76.88 13.61 -35.82
N TYR O 30 76.11 14.41 -35.08
CA TYR O 30 75.70 14.05 -33.73
C TYR O 30 74.74 12.87 -33.70
N HIS O 31 74.06 12.60 -34.80
N HIS O 31 74.06 12.56 -34.80
CA HIS O 31 73.22 11.43 -34.93
CA HIS O 31 73.22 11.39 -34.84
C HIS O 31 74.02 10.13 -35.02
C HIS O 31 74.01 10.10 -35.04
N ALA O 32 75.26 10.20 -35.47
CA ALA O 32 76.16 9.05 -35.42
C ALA O 32 77.08 9.08 -34.23
N ARG O 33 77.44 10.29 -33.78
CA ARG O 33 78.17 10.48 -32.53
C ARG O 33 77.47 9.85 -31.35
N ARG O 34 76.13 9.97 -31.31
N ARG O 34 76.13 9.95 -31.31
CA ARG O 34 75.34 9.41 -30.21
CA ARG O 34 75.38 9.40 -30.19
C ARG O 34 75.39 7.89 -30.21
C ARG O 34 75.38 7.88 -30.21
N GLN O 35 75.27 7.28 -31.39
CA GLN O 35 75.23 5.82 -31.45
C GLN O 35 76.61 5.19 -31.33
N MET O 36 77.67 5.90 -31.75
CA MET O 36 79.03 5.42 -31.55
C MET O 36 79.43 5.43 -30.08
N VAL O 37 78.98 6.46 -29.35
CA VAL O 37 79.30 6.59 -27.94
C VAL O 37 78.42 5.70 -27.08
N LEU O 38 77.19 5.41 -27.54
CA LEU O 38 76.25 4.55 -26.83
C LEU O 38 76.78 3.15 -26.59
N GLN O 39 76.74 2.74 -25.34
CA GLN O 39 77.16 1.43 -24.90
C GLN O 39 76.02 0.93 -24.01
N ASP O 40 76.05 -0.34 -23.63
CA ASP O 40 75.03 -0.87 -22.74
C ASP O 40 75.09 -0.17 -21.39
N LYS O 41 73.93 0.01 -20.77
CA LYS O 41 73.92 0.58 -19.44
C LYS O 41 74.40 -0.42 -18.40
N THR O 42 74.39 -1.71 -18.73
CA THR O 42 74.91 -2.75 -17.87
C THR O 42 76.44 -2.79 -17.88
N LYS O 43 77.07 -2.12 -18.82
CA LYS O 43 78.51 -1.95 -18.84
C LYS O 43 78.73 -0.58 -18.19
N PHE O 44 78.90 -0.56 -16.87
CA PHE O 44 78.77 0.65 -16.08
C PHE O 44 79.98 1.56 -16.32
N GLY O 45 79.96 2.23 -17.47
CA GLY O 45 81.00 3.17 -17.83
C GLY O 45 82.32 2.55 -18.21
N SER O 46 82.31 1.38 -18.83
CA SER O 46 83.53 0.74 -19.26
C SER O 46 84.17 1.55 -20.38
N PRO O 47 85.49 1.47 -20.55
CA PRO O 47 86.14 2.22 -21.63
C PRO O 47 85.76 1.68 -23.00
N LYS O 48 85.32 2.59 -23.87
CA LYS O 48 84.97 2.31 -25.24
C LYS O 48 85.71 3.30 -26.11
N TYR O 49 86.49 2.80 -27.06
CA TYR O 49 87.41 3.64 -27.82
C TYR O 49 86.96 3.75 -29.27
N ARG O 50 87.12 4.95 -29.84
CA ARG O 50 86.83 5.21 -31.24
C ARG O 50 88.12 5.33 -32.03
N LEU O 51 88.13 4.76 -33.24
CA LEU O 51 89.23 4.93 -34.18
C LEU O 51 88.86 6.09 -35.11
N VAL O 52 89.11 7.29 -34.60
CA VAL O 52 88.80 8.53 -35.31
C VAL O 52 89.83 8.71 -36.41
N VAL O 53 89.41 8.54 -37.66
CA VAL O 53 90.25 8.84 -38.81
C VAL O 53 89.68 10.04 -39.56
N ARG O 54 90.53 11.03 -39.81
CA ARG O 54 90.12 12.28 -40.45
C ARG O 54 91.17 12.63 -41.49
N ILE O 55 90.81 12.62 -42.76
CA ILE O 55 91.75 12.77 -43.86
C ILE O 55 91.52 14.14 -44.49
N THR O 56 92.49 15.03 -44.30
CA THR O 56 92.42 16.38 -44.81
C THR O 56 93.07 16.44 -46.20
N ASN O 57 93.34 17.64 -46.70
CA ASN O 57 93.95 17.77 -48.01
C ASN O 57 95.43 17.39 -48.02
N LYS O 58 96.11 17.45 -46.88
CA LYS O 58 97.53 17.11 -46.85
C LYS O 58 97.92 16.26 -45.66
N ASP O 59 96.97 15.62 -44.99
CA ASP O 59 97.33 14.90 -43.77
C ASP O 59 96.29 13.81 -43.49
N ILE O 60 96.75 12.72 -42.90
CA ILE O 60 95.89 11.67 -42.39
C ILE O 60 96.04 11.66 -40.88
N ILE O 61 94.92 11.77 -40.17
CA ILE O 61 94.89 11.92 -38.72
C ILE O 61 94.14 10.72 -38.17
N ALA O 62 94.85 9.81 -37.52
CA ALA O 62 94.26 8.62 -36.93
C ALA O 62 94.55 8.62 -35.44
N GLN O 63 93.50 8.55 -34.63
CA GLN O 63 93.68 8.69 -33.18
C GLN O 63 92.64 7.89 -32.41
N ILE O 64 93.07 7.28 -31.31
CA ILE O 64 92.21 6.48 -30.44
C ILE O 64 91.65 7.39 -29.35
N VAL O 65 90.33 7.41 -29.21
CA VAL O 65 89.61 8.45 -28.48
C VAL O 65 88.58 7.79 -27.56
N GLN O 66 88.58 8.17 -26.28
CA GLN O 66 87.53 7.76 -25.35
C GLN O 66 86.63 8.93 -24.99
N ALA O 67 85.34 8.75 -25.15
CA ALA O 67 84.38 9.82 -24.89
C ALA O 67 84.22 10.06 -23.39
N LYS O 68 84.30 11.32 -23.00
CA LYS O 68 84.02 11.75 -21.64
C LYS O 68 82.92 12.80 -21.65
N ILE O 69 82.37 13.07 -20.47
CA ILE O 69 81.42 14.16 -20.36
C ILE O 69 82.14 15.51 -20.42
N VAL O 70 83.40 15.55 -20.00
N VAL O 70 83.39 15.56 -19.97
CA VAL O 70 84.14 16.82 -20.04
CA VAL O 70 84.15 16.79 -20.06
C VAL O 70 84.79 17.05 -21.40
C VAL O 70 84.61 17.07 -21.49
N GLY O 71 84.89 16.04 -22.24
CA GLY O 71 85.47 16.20 -23.55
C GLY O 71 86.27 14.95 -23.84
N ASP O 72 86.32 14.59 -25.11
CA ASP O 72 86.87 13.32 -25.53
C ASP O 72 88.37 13.26 -25.27
N GLU O 73 88.83 12.10 -24.82
CA GLU O 73 90.14 11.94 -24.21
C GLU O 73 91.00 11.13 -25.18
N VAL O 74 91.89 11.82 -25.87
CA VAL O 74 92.67 11.21 -26.94
C VAL O 74 93.78 10.36 -26.35
N VAL O 75 93.75 9.08 -26.69
CA VAL O 75 94.78 8.13 -26.28
C VAL O 75 95.65 7.90 -27.51
N MET O 76 96.84 8.53 -27.53
CA MET O 76 97.88 8.29 -28.54
C MET O 76 97.44 8.57 -29.98
N ALA O 77 97.43 9.82 -30.40
CA ALA O 77 97.20 10.13 -31.81
C ALA O 77 98.38 9.67 -32.68
N ALA O 78 98.15 9.67 -33.99
CA ALA O 78 99.18 9.36 -34.99
C ALA O 78 98.84 10.06 -36.29
N TYR O 79 99.86 10.61 -36.96
CA TYR O 79 99.68 11.48 -38.10
C TYR O 79 100.46 10.93 -39.29
N ALA O 80 100.19 11.49 -40.47
CA ALA O 80 100.89 11.03 -41.66
C ALA O 80 102.08 11.90 -42.01
N HIS O 81 102.14 13.12 -41.51
CA HIS O 81 103.29 13.98 -41.78
C HIS O 81 104.52 13.59 -40.97
N GLU O 82 104.41 12.62 -40.08
CA GLU O 82 105.54 12.10 -39.32
C GLU O 82 106.01 10.74 -39.81
N LEU O 83 105.40 10.22 -40.88
CA LEU O 83 105.94 9.15 -41.71
C LEU O 83 107.25 9.42 -42.44
N PRO O 84 107.68 10.67 -42.73
CA PRO O 84 109.08 10.88 -43.14
C PRO O 84 110.14 10.49 -42.13
N ALA O 85 109.79 10.22 -40.87
CA ALA O 85 110.74 9.68 -39.91
C ALA O 85 110.95 8.18 -40.09
N PHE O 86 110.33 7.58 -41.10
CA PHE O 86 110.25 6.14 -41.29
C PHE O 86 110.64 5.71 -42.68
N GLY O 87 110.83 6.64 -43.60
CA GLY O 87 111.21 6.33 -44.96
C GLY O 87 110.18 6.65 -46.01
N ILE O 88 109.15 7.44 -45.70
CA ILE O 88 108.11 7.81 -46.65
C ILE O 88 108.12 9.33 -46.72
N GLU O 89 108.77 9.88 -47.73
CA GLU O 89 108.86 11.33 -47.90
C GLU O 89 107.79 11.89 -48.83
N HIS O 90 107.04 11.03 -49.51
CA HIS O 90 106.35 11.45 -50.72
C HIS O 90 104.84 11.32 -50.68
N GLY O 91 104.28 10.18 -50.29
CA GLY O 91 102.85 9.99 -50.46
C GLY O 91 101.96 10.79 -49.53
N LEU O 92 101.86 10.38 -48.26
CA LEU O 92 101.34 11.15 -47.14
C LEU O 92 99.87 11.59 -47.23
N THR O 93 99.21 11.31 -48.35
CA THR O 93 97.75 11.43 -48.40
C THR O 93 97.14 10.37 -49.31
N ASN O 94 97.88 9.32 -49.67
CA ASN O 94 97.37 8.30 -50.56
C ASN O 94 96.87 7.10 -49.75
N TYR O 95 96.47 6.02 -50.44
CA TYR O 95 95.98 4.85 -49.73
C TYR O 95 97.12 4.10 -49.08
N ALA O 96 98.32 4.20 -49.63
CA ALA O 96 99.47 3.52 -49.06
C ALA O 96 100.00 4.21 -47.80
N ALA O 97 99.69 5.49 -47.61
CA ALA O 97 100.00 6.15 -46.36
C ALA O 97 98.83 6.12 -45.40
N ALA O 98 97.65 5.72 -45.85
CA ALA O 98 96.58 5.36 -44.93
C ALA O 98 96.93 4.08 -44.18
N TYR O 99 97.50 3.10 -44.89
CA TYR O 99 97.89 1.86 -44.25
C TYR O 99 99.07 2.05 -43.31
N ALA O 100 99.97 2.99 -43.62
CA ALA O 100 101.11 3.22 -42.74
C ALA O 100 100.71 3.96 -41.48
N THR O 101 99.81 4.95 -41.61
CA THR O 101 99.31 5.67 -40.44
C THR O 101 98.47 4.77 -39.55
N GLY O 102 97.75 3.80 -40.13
CA GLY O 102 97.01 2.86 -39.31
C GLY O 102 97.91 1.86 -38.62
N LEU O 103 98.98 1.43 -39.29
CA LEU O 103 99.97 0.59 -38.64
C LEU O 103 100.68 1.34 -37.52
N LEU O 104 101.11 2.57 -37.80
CA LEU O 104 101.80 3.38 -36.81
C LEU O 104 100.89 3.81 -35.68
N LEU O 105 99.58 3.81 -35.88
CA LEU O 105 98.69 4.03 -34.75
C LEU O 105 98.57 2.78 -33.89
N ALA O 106 98.36 1.61 -34.52
CA ALA O 106 98.18 0.38 -33.77
C ALA O 106 99.47 -0.16 -33.17
N ARG O 107 100.63 0.34 -33.57
CA ARG O 107 101.86 0.00 -32.88
C ARG O 107 102.14 0.91 -31.69
N ARG O 108 101.86 2.21 -31.83
CA ARG O 108 102.03 3.12 -30.71
C ARG O 108 100.99 2.90 -29.63
N THR O 109 99.83 2.36 -29.97
CA THR O 109 98.76 2.16 -29.01
C THR O 109 99.01 0.93 -28.13
N LEU O 110 99.50 -0.16 -28.73
CA LEU O 110 99.74 -1.36 -27.96
C LEU O 110 100.98 -1.23 -27.08
N ALA O 111 102.00 -0.51 -27.56
CA ALA O 111 103.15 -0.20 -26.72
C ALA O 111 102.80 0.77 -25.61
N LYS O 112 101.77 1.60 -25.82
CA LYS O 112 101.24 2.43 -24.75
C LYS O 112 100.63 1.57 -23.65
N LEU O 113 99.93 0.52 -24.04
CA LEU O 113 99.29 -0.36 -23.07
C LEU O 113 100.28 -1.34 -22.47
N GLY O 114 101.35 -1.64 -23.19
CA GLY O 114 102.22 -2.75 -22.87
C GLY O 114 101.81 -4.04 -23.51
N ILE O 115 100.79 -4.01 -24.38
CA ILE O 115 100.28 -5.24 -25.00
C ILE O 115 100.92 -5.52 -26.34
N ALA O 116 102.11 -4.97 -26.61
CA ALA O 116 102.86 -5.35 -27.79
C ALA O 116 103.80 -6.50 -27.46
N ASP O 117 104.30 -7.16 -28.52
CA ASP O 117 105.05 -8.43 -28.63
C ASP O 117 104.16 -9.63 -28.38
N LYS O 118 102.95 -9.37 -27.93
CA LYS O 118 101.75 -10.15 -28.20
C LYS O 118 100.90 -9.23 -29.08
N PHE O 119 99.97 -9.83 -29.83
CA PHE O 119 99.02 -9.10 -30.68
C PHE O 119 99.73 -8.20 -31.70
N GLN O 120 100.54 -8.83 -32.53
CA GLN O 120 101.25 -8.08 -33.56
C GLN O 120 100.60 -8.20 -34.93
N GLY O 121 100.51 -9.39 -35.51
CA GLY O 121 99.60 -9.68 -36.62
C GLY O 121 100.04 -9.18 -37.97
N ALA O 122 100.11 -10.10 -38.96
CA ALA O 122 100.37 -9.80 -40.38
C ALA O 122 101.63 -8.95 -40.56
N LYS O 123 102.77 -9.56 -40.27
CA LYS O 123 104.05 -8.84 -40.35
C LYS O 123 104.36 -8.45 -41.79
N GLU O 124 103.98 -9.28 -42.75
CA GLU O 124 103.96 -8.88 -44.14
C GLU O 124 102.52 -8.95 -44.63
N ALA O 125 102.09 -7.92 -45.35
CA ALA O 125 100.68 -7.67 -45.57
C ALA O 125 100.16 -8.42 -46.79
N ASP O 126 98.88 -8.78 -46.71
CA ASP O 126 98.11 -9.30 -47.82
C ASP O 126 96.87 -8.45 -47.96
N GLY O 127 96.08 -8.72 -48.98
CA GLY O 127 94.80 -8.06 -49.09
C GLY O 127 93.66 -8.82 -48.45
N SER O 128 93.94 -10.02 -47.93
CA SER O 128 92.91 -10.94 -47.51
C SER O 128 92.27 -10.51 -46.19
N TYR O 129 91.00 -10.84 -46.05
CA TYR O 129 90.21 -10.50 -44.87
C TYR O 129 90.57 -11.41 -43.70
N SER O 130 90.46 -10.84 -42.50
CA SER O 130 91.00 -11.46 -41.30
C SER O 130 89.97 -12.04 -40.35
N ALA O 131 88.74 -11.51 -40.34
CA ALA O 131 87.67 -11.90 -39.40
C ALA O 131 88.10 -11.69 -37.94
N VAL O 132 88.18 -10.40 -37.59
CA VAL O 132 88.61 -9.92 -36.27
C VAL O 132 87.85 -10.58 -35.13
N ARG O 133 88.61 -11.05 -34.13
CA ARG O 133 88.08 -11.71 -32.93
C ARG O 133 87.79 -10.69 -31.84
N THR O 134 86.52 -10.50 -31.52
CA THR O 134 86.08 -9.63 -30.43
C THR O 134 85.20 -10.42 -29.45
N LYS O 135 84.88 -9.79 -28.32
CA LYS O 135 84.08 -10.46 -27.29
C LYS O 135 82.63 -10.61 -27.68
N LYS O 136 82.14 -9.80 -28.62
CA LYS O 136 80.81 -10.00 -29.16
C LYS O 136 80.74 -11.30 -29.96
N ASP O 137 81.87 -11.72 -30.54
CA ASP O 137 81.98 -12.98 -31.24
C ASP O 137 82.39 -14.12 -30.29
N GLU O 144 91.12 -17.42 -25.25
CA GLU O 144 92.38 -16.80 -24.88
C GLU O 144 92.22 -15.29 -24.75
N ARG O 145 93.34 -14.58 -24.79
CA ARG O 145 93.37 -13.14 -24.60
C ARG O 145 92.81 -12.44 -25.84
N PHE O 146 92.01 -11.38 -25.61
CA PHE O 146 91.38 -10.61 -26.67
C PHE O 146 92.25 -9.41 -27.03
N PRO O 147 92.28 -9.03 -28.30
CA PRO O 147 93.05 -7.86 -28.70
C PRO O 147 92.34 -6.57 -28.29
N PHE O 148 93.08 -5.47 -28.38
CA PHE O 148 92.53 -4.16 -28.02
C PHE O 148 91.49 -3.73 -29.05
N LYS O 149 90.28 -3.43 -28.57
CA LYS O 149 89.14 -3.18 -29.43
C LYS O 149 88.80 -1.70 -29.47
N ALA O 150 88.86 -1.12 -30.66
CA ALA O 150 88.29 0.19 -30.95
C ALA O 150 87.47 0.07 -32.23
N ILE O 151 86.41 0.88 -32.33
CA ILE O 151 85.57 0.90 -33.51
C ILE O 151 85.94 2.11 -34.36
N LEU O 152 85.64 2.02 -35.65
CA LEU O 152 86.15 2.96 -36.65
C LEU O 152 85.11 4.05 -36.92
N ASP O 153 85.49 5.30 -36.68
CA ASP O 153 84.61 6.46 -36.81
C ASP O 153 85.03 7.29 -38.02
N VAL O 154 84.29 7.14 -39.13
CA VAL O 154 84.60 7.92 -40.32
C VAL O 154 84.14 9.36 -40.24
N GLY O 155 83.31 9.71 -39.26
CA GLY O 155 82.80 11.06 -39.16
C GLY O 155 81.81 11.38 -40.26
N LEU O 156 82.23 12.20 -41.22
CA LEU O 156 81.37 12.62 -42.31
C LEU O 156 81.85 12.16 -43.67
N ALA O 157 82.93 11.38 -43.75
CA ALA O 157 83.44 10.91 -45.02
C ALA O 157 82.52 9.85 -45.61
N ARG O 158 82.36 9.88 -46.93
CA ARG O 158 81.50 8.92 -47.59
C ARG O 158 82.25 7.60 -47.73
N THR O 159 81.71 6.56 -47.09
CA THR O 159 82.33 5.24 -47.07
C THR O 159 82.06 4.56 -48.39
N THR O 160 82.98 4.72 -49.33
CA THR O 160 82.92 4.07 -50.62
C THR O 160 83.89 2.90 -50.66
N THR O 161 83.62 1.96 -51.55
CA THR O 161 84.46 0.77 -51.66
C THR O 161 85.76 1.11 -52.38
N GLY O 162 86.74 1.55 -51.59
CA GLY O 162 88.07 1.87 -52.09
C GLY O 162 88.64 3.08 -51.39
N ALA O 163 87.87 3.67 -50.48
CA ALA O 163 88.23 4.92 -49.83
C ALA O 163 89.39 4.74 -48.86
N ARG O 164 89.97 5.87 -48.46
CA ARG O 164 91.21 5.85 -47.69
C ARG O 164 90.99 5.81 -46.19
N VAL O 165 89.74 5.97 -45.72
CA VAL O 165 89.44 5.74 -44.32
C VAL O 165 89.39 4.25 -44.01
N PHE O 166 89.41 3.42 -45.03
CA PHE O 166 89.45 1.98 -44.90
C PHE O 166 90.83 1.41 -45.16
N GLY O 167 91.82 2.27 -45.40
CA GLY O 167 93.21 1.88 -45.44
C GLY O 167 93.83 2.02 -44.08
N VAL O 168 93.35 3.01 -43.32
CA VAL O 168 93.68 3.11 -41.92
C VAL O 168 93.05 1.96 -41.14
N LEU O 169 91.93 1.43 -41.65
CA LEU O 169 91.27 0.27 -41.09
C LEU O 169 92.17 -0.96 -41.10
N LYS O 170 92.67 -1.35 -42.28
CA LYS O 170 93.57 -2.49 -42.33
C LYS O 170 94.97 -2.16 -41.84
N GLY O 171 95.32 -0.88 -41.77
CA GLY O 171 96.51 -0.50 -41.02
C GLY O 171 96.39 -0.87 -39.56
N ALA O 172 95.25 -0.57 -38.94
CA ALA O 172 95.07 -0.84 -37.53
C ALA O 172 94.86 -2.33 -37.28
N VAL O 173 94.16 -3.02 -38.21
CA VAL O 173 93.88 -4.44 -38.04
C VAL O 173 95.15 -5.26 -38.17
N ASP O 174 95.94 -5.02 -39.21
CA ASP O 174 97.23 -5.67 -39.38
C ASP O 174 98.34 -5.03 -38.54
N GLY O 175 98.00 -4.20 -37.55
CA GLY O 175 98.96 -3.68 -36.61
C GLY O 175 98.73 -4.25 -35.22
N GLY O 176 97.71 -5.09 -35.08
CA GLY O 176 97.41 -5.75 -33.83
C GLY O 176 96.20 -5.23 -33.09
N MET O 177 95.51 -4.23 -33.62
CA MET O 177 94.30 -3.70 -33.01
C MET O 177 93.10 -4.44 -33.58
N ALA O 178 92.05 -4.56 -32.78
CA ALA O 178 90.87 -5.34 -33.15
C ALA O 178 89.69 -4.44 -33.45
N VAL O 179 89.54 -4.06 -34.71
CA VAL O 179 88.43 -3.23 -35.16
C VAL O 179 87.42 -4.14 -35.85
N PRO O 180 86.14 -4.09 -35.50
CA PRO O 180 85.17 -4.97 -36.17
C PRO O 180 84.78 -4.39 -37.52
N HIS O 181 84.80 -5.24 -38.56
CA HIS O 181 84.53 -4.82 -39.92
C HIS O 181 84.26 -6.06 -40.77
N ARG O 182 83.66 -5.82 -41.93
CA ARG O 182 83.54 -6.76 -43.03
C ARG O 182 84.32 -6.21 -44.22
N PRO O 183 84.76 -7.06 -45.16
CA PRO O 183 85.58 -6.51 -46.24
C PRO O 183 84.77 -5.98 -47.40
N ASN O 184 83.67 -5.28 -47.14
CA ASN O 184 82.80 -4.88 -48.24
C ASN O 184 83.25 -3.59 -48.87
N ARG O 185 84.05 -2.80 -48.17
CA ARG O 185 84.48 -1.52 -48.67
C ARG O 185 86.00 -1.44 -48.79
N PHE O 186 86.67 -2.59 -48.83
CA PHE O 186 88.04 -2.67 -49.27
C PHE O 186 88.10 -2.45 -50.77
N PRO O 187 89.23 -1.98 -51.29
CA PRO O 187 89.33 -1.73 -52.74
C PRO O 187 89.20 -2.96 -53.61
N GLY O 188 89.83 -4.06 -53.22
CA GLY O 188 89.72 -5.26 -54.01
C GLY O 188 88.52 -6.11 -53.65
N TYR O 189 87.34 -5.51 -53.58
CA TYR O 189 86.13 -6.24 -53.27
C TYR O 189 85.13 -5.99 -54.39
N ASN O 190 84.42 -7.03 -54.78
CA ASN O 190 83.49 -6.96 -55.89
C ASN O 190 82.08 -7.06 -55.35
N LYS O 191 81.23 -6.12 -55.78
CA LYS O 191 79.87 -6.00 -55.24
C LYS O 191 78.98 -7.16 -55.67
N GLU O 192 78.98 -7.48 -56.96
CA GLU O 192 78.07 -8.49 -57.46
C GLU O 192 78.64 -9.91 -57.38
N LYS O 193 79.96 -10.07 -57.39
CA LYS O 193 80.53 -11.38 -57.21
C LYS O 193 80.60 -11.78 -55.74
N SER O 194 80.61 -10.78 -54.84
CA SER O 194 80.63 -10.94 -53.39
C SER O 194 81.87 -11.68 -52.90
N SER O 195 83.00 -11.47 -53.58
CA SER O 195 84.25 -12.12 -53.18
C SER O 195 85.37 -11.11 -53.21
N LEU O 196 86.17 -11.11 -52.15
CA LEU O 196 87.33 -10.24 -52.04
C LEU O 196 88.42 -10.66 -53.02
N ASP O 197 89.24 -9.69 -53.41
CA ASP O 197 90.41 -9.92 -54.25
C ASP O 197 91.60 -9.37 -53.47
N ALA O 198 92.45 -10.26 -53.00
CA ALA O 198 93.62 -9.85 -52.23
C ALA O 198 94.75 -9.36 -53.11
N LYS O 199 94.67 -9.55 -54.43
CA LYS O 199 95.68 -8.99 -55.32
C LYS O 199 95.53 -7.49 -55.44
N VAL O 200 94.30 -7.03 -55.67
CA VAL O 200 94.05 -5.61 -55.95
C VAL O 200 94.18 -4.78 -54.67
N HIS O 201 93.82 -5.34 -53.51
CA HIS O 201 93.92 -4.57 -52.28
C HIS O 201 95.38 -4.43 -51.84
N ARG O 202 96.17 -5.50 -51.98
CA ARG O 202 97.57 -5.45 -51.56
C ARG O 202 98.39 -4.50 -52.42
N ASP O 203 97.97 -4.26 -53.66
CA ASP O 203 98.75 -3.41 -54.57
C ASP O 203 98.71 -1.95 -54.13
N ARG O 204 97.58 -1.48 -53.63
CA ARG O 204 97.53 -0.10 -53.17
C ARG O 204 97.83 0.01 -51.68
N ILE O 205 97.99 -1.13 -50.98
CA ILE O 205 98.69 -1.09 -49.69
C ILE O 205 100.12 -0.62 -49.88
N PHE O 206 100.79 -1.15 -50.90
CA PHE O 206 102.18 -0.81 -51.16
C PHE O 206 102.33 0.19 -52.30
N GLY O 207 101.25 0.91 -52.62
CA GLY O 207 101.31 2.03 -53.54
C GLY O 207 101.68 1.68 -54.96
N LYS O 208 101.23 0.53 -55.45
CA LYS O 208 101.53 0.17 -56.84
C LYS O 208 100.71 1.01 -57.81
N HIS O 209 99.49 1.38 -57.43
CA HIS O 209 98.62 2.16 -58.30
C HIS O 209 99.15 3.57 -58.52
N VAL O 210 99.99 4.06 -57.62
CA VAL O 210 100.75 5.28 -57.87
C VAL O 210 101.82 5.01 -58.93
N ALA O 211 102.41 3.82 -58.91
CA ALA O 211 103.54 3.53 -59.76
C ALA O 211 103.16 3.27 -61.22
N GLU O 212 101.93 2.83 -61.51
CA GLU O 212 101.55 2.82 -62.93
C GLU O 212 101.05 4.16 -63.41
N TYR O 213 100.90 5.14 -62.52
CA TYR O 213 100.52 6.48 -62.93
C TYR O 213 101.63 7.49 -62.75
N LEU O 214 102.62 7.21 -61.89
CA LEU O 214 103.86 7.96 -61.93
C LEU O 214 104.64 7.62 -63.19
N LYS O 215 104.48 6.38 -63.68
CA LYS O 215 105.14 5.97 -64.91
C LYS O 215 104.55 6.69 -66.11
N GLN O 216 103.23 6.84 -66.16
CA GLN O 216 102.61 7.54 -67.27
C GLN O 216 102.91 9.04 -67.24
N VAL O 217 103.11 9.60 -66.04
CA VAL O 217 103.45 11.01 -65.97
C VAL O 217 104.89 11.25 -66.41
N LYS O 218 105.83 10.37 -66.06
CA LYS O 218 107.19 10.55 -66.57
C LYS O 218 107.35 10.08 -68.02
N GLU O 219 106.35 9.43 -68.60
CA GLU O 219 106.42 8.98 -70.00
C GLU O 219 105.59 9.81 -70.96
N GLU O 220 104.54 10.47 -70.48
CA GLU O 220 103.74 11.36 -71.30
C GLU O 220 104.03 12.83 -71.01
N ALA O 221 105.06 13.12 -70.22
CA ALA O 221 105.58 14.47 -70.10
C ALA O 221 107.06 14.52 -70.43
N SER O 222 107.55 13.54 -71.19
CA SER O 222 108.89 13.60 -71.76
C SER O 222 108.88 13.42 -73.27
N SER O 223 107.86 12.80 -73.84
CA SER O 223 107.68 12.70 -75.28
C SER O 223 106.95 13.91 -75.85
N ASN O 224 105.94 14.39 -75.14
CA ASN O 224 105.11 15.54 -75.53
C ASN O 224 105.91 16.85 -75.53
N PRO O 225 106.75 17.16 -74.50
CA PRO O 225 107.47 18.43 -74.73
C PRO O 225 108.77 18.25 -75.53
N VAL O 230 102.14 19.11 -64.04
CA VAL O 230 102.28 19.62 -62.69
C VAL O 230 101.96 18.48 -61.71
N GLN O 231 101.28 17.46 -62.21
CA GLN O 231 101.04 16.24 -61.44
C GLN O 231 102.37 15.54 -61.19
N PHE O 232 102.59 15.16 -59.93
CA PHE O 232 103.84 14.55 -59.44
C PHE O 232 105.05 15.44 -59.69
N SER O 233 104.93 16.73 -59.39
CA SER O 233 106.06 17.63 -59.60
C SER O 233 107.17 17.37 -58.62
N ARG O 234 106.85 17.30 -57.32
CA ARG O 234 107.86 17.04 -56.31
C ARG O 234 108.38 15.61 -56.35
N TYR O 235 107.75 14.71 -57.11
CA TYR O 235 108.38 13.41 -57.27
C TYR O 235 109.32 13.42 -58.48
N MET O 236 108.91 14.10 -59.57
CA MET O 236 109.81 14.26 -60.70
C MET O 236 110.93 15.23 -60.40
N ALA O 237 110.71 16.18 -59.48
CA ALA O 237 111.83 16.98 -58.97
C ALA O 237 112.78 16.13 -58.16
N ALA O 238 112.25 15.13 -57.47
CA ALA O 238 113.09 14.16 -56.77
C ALA O 238 113.64 13.15 -57.76
N LYS O 239 114.54 12.30 -57.26
CA LYS O 239 115.11 11.23 -58.05
C LYS O 239 114.33 9.93 -57.92
N VAL O 240 113.06 10.02 -57.52
CA VAL O 240 112.32 8.81 -57.19
C VAL O 240 111.83 8.16 -58.49
N LEU O 241 111.69 6.83 -58.43
CA LEU O 241 111.46 6.04 -59.63
C LEU O 241 110.30 5.11 -59.35
N PRO O 242 109.55 4.69 -60.37
CA PRO O 242 108.75 3.48 -60.24
C PRO O 242 109.67 2.28 -60.14
N GLU O 243 109.14 1.20 -59.54
CA GLU O 243 109.74 -0.03 -59.03
C GLU O 243 110.49 0.26 -57.70
N SER O 244 110.70 1.53 -57.35
CA SER O 244 111.24 1.92 -56.06
C SER O 244 110.18 2.57 -55.19
N ILE O 245 108.92 2.53 -55.61
CA ILE O 245 107.78 2.94 -54.79
C ILE O 245 107.27 1.79 -53.94
N GLU O 246 107.21 0.59 -54.51
CA GLU O 246 106.59 -0.54 -53.82
C GLU O 246 107.48 -1.07 -52.70
N GLY O 247 108.76 -1.24 -52.97
CA GLY O 247 109.67 -1.65 -51.93
C GLY O 247 110.00 -0.55 -50.93
N MET O 248 109.65 0.69 -51.25
CA MET O 248 109.81 1.79 -50.30
C MET O 248 108.86 1.65 -49.13
N TYR O 249 107.70 1.02 -49.31
CA TYR O 249 106.76 0.86 -48.20
C TYR O 249 107.08 -0.37 -47.36
N LYS O 250 107.47 -1.49 -48.00
CA LYS O 250 107.79 -2.72 -47.29
C LYS O 250 108.95 -2.50 -46.32
N LYS O 251 109.94 -1.73 -46.74
CA LYS O 251 111.02 -1.34 -45.85
C LYS O 251 110.54 -0.35 -44.80
N ALA O 252 109.55 0.48 -45.16
CA ALA O 252 109.06 1.48 -44.21
C ALA O 252 108.12 0.88 -43.18
N HIS O 253 107.53 -0.28 -43.46
CA HIS O 253 106.77 -0.95 -42.41
C HIS O 253 107.68 -1.59 -41.38
N ALA O 254 108.92 -1.91 -41.75
CA ALA O 254 109.90 -2.36 -40.77
C ALA O 254 110.32 -1.22 -39.85
N ALA O 255 110.42 -0.01 -40.38
CA ALA O 255 110.77 1.14 -39.54
C ALA O 255 109.63 1.53 -38.61
N ILE O 256 108.39 1.18 -38.96
CA ILE O 256 107.27 1.47 -38.08
C ILE O 256 107.11 0.39 -37.04
N ARG O 257 107.03 -0.86 -37.47
CA ARG O 257 106.64 -1.97 -36.60
C ARG O 257 107.70 -2.28 -35.55
N ALA O 258 108.97 -1.98 -35.85
CA ALA O 258 110.05 -2.23 -34.91
C ALA O 258 110.26 -1.10 -33.91
N ASP O 259 109.92 0.15 -34.25
CA ASP O 259 110.11 1.28 -33.35
C ASP O 259 109.13 2.39 -33.71
N PRO O 260 107.90 2.36 -33.18
CA PRO O 260 106.87 3.30 -33.63
C PRO O 260 106.87 4.65 -32.93
N SER O 261 107.56 4.80 -31.81
CA SER O 261 107.54 6.05 -31.06
C SER O 261 108.38 7.15 -31.70
N LYS O 262 109.10 6.84 -32.77
CA LYS O 262 109.92 7.82 -33.47
C LYS O 262 109.04 8.82 -34.20
N SER O 263 109.49 10.07 -34.23
CA SER O 263 108.80 11.10 -34.99
C SER O 263 109.85 12.08 -35.51
N LEU O 264 109.41 13.24 -35.95
CA LEU O 264 110.29 14.23 -36.57
C LEU O 264 111.19 14.91 -35.53
N GLY P 1 35.41 18.56 24.58
CA GLY P 1 36.00 19.80 24.14
C GLY P 1 37.41 19.62 23.65
N VAL P 2 37.92 18.42 23.81
CA VAL P 2 39.27 18.09 23.37
C VAL P 2 39.21 17.48 21.98
N ASP P 3 40.19 17.82 21.16
CA ASP P 3 40.23 17.39 19.78
C ASP P 3 40.98 16.07 19.70
N LEU P 4 40.31 15.03 20.16
CA LEU P 4 40.89 13.69 20.22
C LEU P 4 40.32 12.91 19.04
N THR P 5 40.92 13.13 17.87
CA THR P 5 40.36 12.55 16.65
C THR P 5 40.78 11.09 16.49
N GLY P 6 42.07 10.84 16.32
CA GLY P 6 42.54 9.48 16.16
C GLY P 6 43.00 8.85 17.46
N ILE P 7 42.18 8.93 18.50
CA ILE P 7 42.59 8.45 19.81
C ILE P 7 41.96 7.13 20.17
N SER P 8 40.84 6.75 19.53
CA SER P 8 40.31 5.43 19.74
C SER P 8 41.00 4.42 18.85
N LYS P 9 41.62 4.89 17.77
CA LYS P 9 42.36 4.04 16.86
C LYS P 9 43.73 3.68 17.39
N LYS P 10 44.19 4.36 18.43
CA LYS P 10 45.43 4.00 19.09
C LYS P 10 45.23 2.87 20.09
N SER P 11 43.99 2.57 20.44
CA SER P 11 43.67 1.52 21.39
C SER P 11 43.90 0.14 20.77
N ARG P 12 44.32 -0.81 21.61
CA ARG P 12 44.54 -2.18 21.19
C ARG P 12 43.75 -3.11 22.10
N VAL P 13 43.77 -4.39 21.78
CA VAL P 13 42.93 -5.39 22.46
C VAL P 13 43.84 -6.32 23.25
N ILE P 14 43.68 -6.31 24.58
CA ILE P 14 44.67 -6.87 25.49
C ILE P 14 44.16 -8.13 26.18
N ARG P 15 42.95 -8.07 26.76
CA ARG P 15 42.27 -9.21 27.38
C ARG P 15 43.07 -9.84 28.53
N HIS P 16 43.06 -9.21 29.70
CA HIS P 16 43.82 -9.66 30.85
C HIS P 16 43.37 -10.99 31.44
N HIS P 17 42.19 -11.49 31.12
CA HIS P 17 41.73 -12.75 31.67
C HIS P 17 41.70 -13.81 30.57
N THR P 18 41.50 -15.04 30.98
CA THR P 18 41.46 -16.14 30.03
C THR P 18 40.02 -16.53 29.73
N TYR P 19 39.80 -17.03 28.52
CA TYR P 19 38.50 -17.52 28.13
C TYR P 19 38.30 -18.98 28.48
N SER P 20 39.35 -19.67 28.90
CA SER P 20 39.29 -21.09 29.14
C SER P 20 38.43 -21.40 30.34
N THR P 21 37.82 -22.57 30.31
CA THR P 21 37.02 -23.06 31.42
C THR P 21 37.76 -24.07 32.27
N ASN P 22 39.01 -24.37 31.91
CA ASN P 22 39.84 -25.33 32.65
C ASN P 22 40.17 -24.77 34.03
N PRO P 23 39.90 -25.52 35.11
CA PRO P 23 40.32 -25.06 36.43
C PRO P 23 41.79 -25.23 36.75
N TYR P 24 42.59 -25.86 35.88
CA TYR P 24 44.02 -25.97 36.14
C TYR P 24 44.83 -24.93 35.39
N ILE P 25 44.30 -24.38 34.29
CA ILE P 25 44.92 -23.21 33.70
C ILE P 25 44.73 -22.00 34.59
N LYS P 26 43.57 -21.88 35.23
CA LYS P 26 43.29 -20.80 36.16
C LYS P 26 44.17 -20.84 37.40
N LEU P 27 44.70 -22.01 37.75
CA LEU P 27 45.66 -22.09 38.85
C LEU P 27 47.05 -21.64 38.41
N LEU P 28 47.42 -21.87 37.15
CA LEU P 28 48.68 -21.34 36.66
C LEU P 28 48.60 -19.85 36.41
N ILE P 29 47.42 -19.36 36.05
CA ILE P 29 47.23 -17.92 35.97
C ILE P 29 47.15 -17.30 37.36
N LYS P 30 46.77 -18.06 38.38
CA LYS P 30 46.92 -17.56 39.75
C LYS P 30 48.38 -17.49 40.14
N LEU P 31 49.19 -18.45 39.70
CA LEU P 31 50.59 -18.52 40.06
C LEU P 31 51.46 -17.56 39.27
N TYR P 32 51.27 -17.48 37.96
CA TYR P 32 52.13 -16.64 37.13
C TYR P 32 51.68 -15.19 37.02
N LYS P 33 50.47 -14.84 37.44
CA LYS P 33 50.18 -13.42 37.63
C LYS P 33 50.81 -12.91 38.91
N PHE P 34 51.00 -13.80 39.88
CA PHE P 34 51.75 -13.45 41.09
C PHE P 34 53.21 -13.19 40.76
N LEU P 35 53.82 -14.09 39.99
CA LEU P 35 55.24 -14.00 39.69
C LEU P 35 55.54 -12.87 38.69
N ALA P 36 54.57 -12.49 37.87
CA ALA P 36 54.82 -11.45 36.88
C ALA P 36 54.99 -10.08 37.52
N LYS P 37 54.22 -9.81 38.57
CA LYS P 37 54.33 -8.52 39.25
C LYS P 37 55.38 -8.52 40.35
N ARG P 38 55.59 -9.65 41.01
CA ARG P 38 56.46 -9.73 42.18
C ARG P 38 57.88 -10.14 41.81
N THR P 39 58.26 -10.07 40.55
CA THR P 39 59.59 -10.44 40.11
C THR P 39 59.92 -9.60 38.88
N SER P 40 61.17 -9.15 38.80
CA SER P 40 61.68 -8.39 37.66
C SER P 40 62.05 -9.26 36.46
N SER P 41 61.74 -10.56 36.50
CA SER P 41 62.08 -11.44 35.39
C SER P 41 61.14 -11.23 34.22
N GLY P 42 61.71 -11.09 33.02
CA GLY P 42 60.91 -11.03 31.82
C GLY P 42 60.34 -12.36 31.40
N PHE P 43 60.87 -13.45 31.97
CA PHE P 43 60.31 -14.79 31.74
C PHE P 43 58.88 -14.87 32.23
N ASN P 44 58.65 -14.52 33.50
CA ASN P 44 57.32 -14.61 34.09
C ASN P 44 56.36 -13.60 33.51
N LYS P 45 56.85 -12.51 32.93
CA LYS P 45 56.00 -11.60 32.17
C LYS P 45 55.47 -12.29 30.94
N VAL P 46 56.35 -12.95 30.21
CA VAL P 46 56.00 -13.58 28.94
C VAL P 46 55.24 -14.86 29.19
N VAL P 47 55.62 -15.61 30.23
CA VAL P 47 54.93 -16.86 30.53
C VAL P 47 53.53 -16.60 31.06
N TYR P 48 53.33 -15.50 31.80
CA TYR P 48 51.96 -15.13 32.18
C TYR P 48 51.16 -14.65 30.99
N GLN P 49 51.75 -13.86 30.10
CA GLN P 49 50.93 -13.30 29.03
C GLN P 49 50.61 -14.32 27.95
N ARG P 50 51.43 -15.36 27.81
CA ARG P 50 51.23 -16.40 26.80
C ARG P 50 50.31 -17.48 27.31
N LEU P 51 50.03 -17.49 28.60
CA LEU P 51 49.15 -18.45 29.26
C LEU P 51 47.70 -17.99 29.20
N ILE P 52 47.50 -16.68 29.17
CA ILE P 52 46.20 -16.06 28.90
C ILE P 52 45.69 -16.40 27.51
N LYS P 53 46.60 -16.56 26.54
CA LYS P 53 46.26 -16.64 25.12
C LYS P 53 45.38 -17.84 24.80
N SER P 54 44.67 -17.74 23.69
CA SER P 54 43.70 -18.73 23.28
C SER P 54 44.39 -19.99 22.79
N ARG P 55 43.59 -21.03 22.56
CA ARG P 55 44.14 -22.33 22.18
C ARG P 55 44.67 -22.32 20.76
N SER P 56 44.16 -21.43 19.92
CA SER P 56 44.73 -21.23 18.59
C SER P 56 46.07 -20.49 18.66
N ASN P 57 46.25 -19.63 19.66
CA ASN P 57 47.47 -18.85 19.83
C ASN P 57 48.43 -19.51 20.79
N ARG P 58 48.20 -20.77 21.12
CA ARG P 58 49.10 -21.60 21.91
C ARG P 58 49.39 -22.81 21.05
N ALA P 59 49.84 -22.55 19.82
CA ALA P 59 50.13 -23.59 18.85
C ALA P 59 51.19 -24.54 19.39
N PRO P 60 51.05 -25.82 19.14
CA PRO P 60 51.92 -26.80 19.80
C PRO P 60 53.26 -26.96 19.10
N ILE P 61 54.19 -27.53 19.85
CA ILE P 61 55.54 -27.76 19.36
C ILE P 61 55.73 -29.27 19.24
N SER P 62 56.65 -29.67 18.38
CA SER P 62 57.02 -31.06 18.20
C SER P 62 58.30 -31.36 18.94
N LEU P 63 58.48 -32.63 19.28
CA LEU P 63 59.63 -33.01 20.08
C LEU P 63 60.92 -32.97 19.28
N SER P 64 60.85 -33.20 17.97
CA SER P 64 62.02 -33.06 17.13
C SER P 64 62.39 -31.61 16.90
N ARG P 65 61.49 -30.67 17.19
CA ARG P 65 61.86 -29.27 17.09
C ARG P 65 62.56 -28.82 18.35
N ILE P 66 62.14 -29.34 19.51
CA ILE P 66 62.84 -29.08 20.76
C ILE P 66 64.23 -29.69 20.71
N ALA P 67 64.38 -30.84 20.06
CA ALA P 67 65.67 -31.51 20.03
C ALA P 67 66.68 -30.86 19.09
N VAL P 68 66.24 -30.01 18.16
CA VAL P 68 67.16 -29.34 17.24
C VAL P 68 67.59 -27.98 17.77
N VAL P 69 66.67 -27.18 18.29
CA VAL P 69 67.06 -25.89 18.83
C VAL P 69 67.78 -26.00 20.16
N MET P 70 67.55 -27.08 20.92
CA MET P 70 68.38 -27.31 22.09
C MET P 70 69.76 -27.81 21.70
N LYS P 71 69.88 -28.46 20.55
CA LYS P 71 71.18 -28.88 20.04
C LYS P 71 72.00 -27.67 19.60
N ARG P 72 71.37 -26.73 18.91
CA ARG P 72 72.07 -25.57 18.38
C ARG P 72 72.41 -24.53 19.42
N LYS P 73 71.91 -24.68 20.65
CA LYS P 73 72.35 -23.90 21.79
C LYS P 73 73.37 -24.63 22.64
N ALA P 74 73.27 -25.96 22.74
CA ALA P 74 74.27 -26.78 23.40
C ALA P 74 75.56 -26.92 22.58
N VAL P 75 75.56 -26.45 21.35
CA VAL P 75 76.79 -26.33 20.58
C VAL P 75 77.69 -25.26 21.15
N PHE P 76 77.12 -24.12 21.54
CA PHE P 76 77.89 -23.02 22.09
C PHE P 76 77.65 -22.83 23.58
N THR P 77 77.44 -23.93 24.29
CA THR P 77 77.36 -23.97 25.73
C THR P 77 78.57 -24.74 26.25
N ALA P 78 79.15 -24.28 27.37
CA ALA P 78 80.51 -24.60 27.74
C ALA P 78 80.73 -26.03 28.25
N LYS P 79 79.67 -26.85 28.35
CA LYS P 79 79.62 -28.24 28.81
C LYS P 79 79.89 -28.40 30.31
N SER P 80 80.23 -27.33 31.03
CA SER P 80 80.21 -27.35 32.48
C SER P 80 78.82 -27.03 33.00
N LYS P 81 78.15 -26.06 32.37
CA LYS P 81 76.73 -25.87 32.52
C LYS P 81 76.00 -27.06 31.90
N ALA P 82 74.79 -27.33 32.39
CA ALA P 82 74.16 -28.56 31.93
C ALA P 82 73.46 -28.39 30.58
N ALA P 83 72.31 -27.71 30.58
CA ALA P 83 71.44 -27.40 29.45
C ALA P 83 70.27 -26.64 30.05
N PRO P 84 69.58 -25.78 29.30
CA PRO P 84 68.38 -25.16 29.84
C PRO P 84 67.24 -26.15 29.99
N ILE P 85 66.24 -25.73 30.75
CA ILE P 85 64.96 -26.41 30.81
C ILE P 85 64.12 -25.85 29.69
N ALA P 86 63.74 -26.69 28.73
CA ALA P 86 62.88 -26.23 27.65
C ALA P 86 61.46 -26.04 28.18
N VAL P 87 60.90 -24.87 27.95
CA VAL P 87 59.55 -24.56 28.42
C VAL P 87 58.72 -24.07 27.24
N VAL P 88 57.61 -24.73 26.98
CA VAL P 88 56.63 -24.27 26.00
C VAL P 88 55.28 -24.14 26.70
N VAL P 89 54.59 -23.03 26.46
CA VAL P 89 53.23 -22.83 26.95
C VAL P 89 52.31 -23.35 25.86
N GLY P 90 52.00 -24.63 25.94
CA GLY P 90 51.31 -25.32 24.86
C GLY P 90 51.62 -26.80 24.97
N ASP P 91 51.39 -27.50 23.87
CA ASP P 91 51.47 -28.95 23.84
C ASP P 91 52.74 -29.40 23.14
N VAL P 92 53.33 -30.47 23.64
CA VAL P 92 54.44 -31.14 22.98
C VAL P 92 53.88 -32.39 22.35
N LEU P 93 54.04 -32.52 21.04
CA LEU P 93 53.67 -33.77 20.39
C LEU P 93 54.93 -34.56 20.12
N ASP P 94 54.75 -35.86 19.95
CA ASP P 94 55.88 -36.69 19.56
C ASP P 94 56.18 -36.46 18.09
N ASP P 95 57.39 -36.83 17.68
CA ASP P 95 57.77 -36.83 16.29
C ASP P 95 58.24 -38.24 15.97
N VAL P 96 57.55 -38.90 15.03
CA VAL P 96 57.94 -40.22 14.58
C VAL P 96 59.31 -40.18 13.90
N ARG P 97 59.55 -39.12 13.15
CA ARG P 97 60.67 -38.94 12.24
C ARG P 97 62.00 -38.70 12.95
N MET P 98 62.05 -38.70 14.27
CA MET P 98 63.30 -38.51 15.01
C MET P 98 63.35 -39.54 16.12
N ALA P 99 64.11 -40.61 15.92
CA ALA P 99 64.07 -41.75 16.83
C ALA P 99 64.82 -41.46 18.12
N ARG P 100 66.11 -41.17 18.03
CA ARG P 100 66.91 -40.96 19.21
C ARG P 100 67.15 -39.46 19.43
N ILE P 101 67.06 -39.05 20.69
CA ILE P 101 67.04 -37.66 21.16
C ILE P 101 67.80 -37.63 22.48
N PRO P 102 68.36 -36.52 22.92
CA PRO P 102 69.12 -36.50 24.17
C PRO P 102 68.21 -36.43 25.39
N ALA P 103 68.84 -36.44 26.54
CA ALA P 103 68.17 -36.34 27.82
C ALA P 103 67.93 -34.86 28.10
N MET P 104 66.79 -34.37 27.65
CA MET P 104 66.40 -32.97 27.87
C MET P 104 65.26 -32.90 28.88
N ARG P 105 65.11 -31.73 29.49
CA ARG P 105 64.15 -31.53 30.56
C ARG P 105 63.14 -30.50 30.09
N VAL P 106 61.90 -30.95 29.86
CA VAL P 106 60.90 -30.19 29.15
C VAL P 106 59.74 -29.89 30.09
N CYS P 107 59.32 -28.64 30.14
CA CYS P 107 58.13 -28.21 30.86
C CYS P 107 57.09 -27.77 29.84
N ALA P 108 55.98 -28.49 29.75
CA ALA P 108 54.92 -28.11 28.82
C ALA P 108 53.59 -28.06 29.54
N LEU P 109 52.62 -27.48 28.86
CA LEU P 109 51.31 -27.29 29.42
C LEU P 109 50.49 -28.57 29.33
N ARG P 110 50.91 -29.49 28.46
CA ARG P 110 50.36 -30.83 28.29
C ARG P 110 51.30 -31.58 27.36
N PHE P 111 51.52 -32.85 27.63
CA PHE P 111 52.28 -33.72 26.74
C PHE P 111 51.35 -34.76 26.15
N SER P 112 51.75 -35.31 25.01
CA SER P 112 51.09 -36.50 24.51
C SER P 112 51.43 -37.69 25.39
N LYS P 113 50.73 -38.80 25.18
CA LYS P 113 51.10 -40.02 25.87
C LYS P 113 52.38 -40.60 25.30
N SER P 114 52.66 -40.33 24.03
CA SER P 114 53.86 -40.83 23.37
C SER P 114 55.00 -39.84 23.40
N ALA P 115 54.72 -38.54 23.46
CA ALA P 115 55.79 -37.57 23.65
C ALA P 115 56.34 -37.62 25.06
N ARG P 116 55.49 -37.99 26.03
CA ARG P 116 55.96 -38.22 27.39
C ARG P 116 56.87 -39.43 27.46
N GLN P 117 56.57 -40.47 26.70
CA GLN P 117 57.35 -41.70 26.79
C GLN P 117 58.72 -41.54 26.16
N SER P 118 58.80 -40.89 25.01
CA SER P 118 60.07 -40.76 24.32
C SER P 118 60.99 -39.73 24.97
N ILE P 119 60.46 -38.83 25.80
CA ILE P 119 61.32 -37.97 26.60
C ILE P 119 61.95 -38.75 27.73
N VAL P 120 61.13 -39.46 28.51
CA VAL P 120 61.67 -40.17 29.67
C VAL P 120 62.47 -41.40 29.29
N ALA P 121 62.28 -41.95 28.09
CA ALA P 121 63.09 -43.07 27.65
C ALA P 121 64.46 -42.64 27.18
N ALA P 122 64.61 -41.38 26.81
CA ALA P 122 65.91 -40.84 26.44
C ALA P 122 66.70 -40.36 27.64
N GLY P 123 66.25 -40.64 28.85
CA GLY P 123 66.87 -40.13 30.05
C GLY P 123 66.40 -38.77 30.49
N GLY P 124 65.31 -38.27 29.90
CA GLY P 124 64.85 -36.93 30.15
C GLY P 124 63.78 -36.85 31.23
N GLU P 125 63.03 -35.75 31.20
CA GLU P 125 62.05 -35.47 32.24
C GLU P 125 60.99 -34.54 31.69
N CYS P 126 59.73 -34.89 31.90
CA CYS P 126 58.60 -34.02 31.58
C CYS P 126 58.21 -33.26 32.84
N LEU P 127 58.31 -31.95 32.79
CA LEU P 127 57.93 -31.14 33.94
C LEU P 127 56.56 -30.52 33.73
N THR P 128 56.20 -29.64 34.67
CA THR P 128 54.97 -28.88 34.64
C THR P 128 55.22 -27.54 35.33
N PHE P 129 54.29 -26.61 35.15
CA PHE P 129 54.57 -25.22 35.50
C PHE P 129 54.55 -24.95 37.01
N ASP P 130 53.81 -25.73 37.80
CA ASP P 130 53.99 -25.66 39.25
C ASP P 130 55.34 -26.22 39.67
N GLN P 131 55.87 -27.17 38.90
CA GLN P 131 57.16 -27.77 39.18
C GLN P 131 58.31 -26.91 38.63
N LEU P 132 58.04 -26.05 37.65
CA LEU P 132 58.99 -25.05 37.18
C LEU P 132 58.97 -23.80 38.03
N ALA P 133 57.94 -23.59 38.85
CA ALA P 133 57.97 -22.46 39.76
C ALA P 133 58.84 -22.72 40.98
N MET P 134 59.36 -23.94 41.14
CA MET P 134 60.18 -24.32 42.27
C MET P 134 61.65 -24.41 41.92
N ILE P 135 61.98 -25.08 40.82
CA ILE P 135 63.32 -25.04 40.24
C ILE P 135 63.30 -23.99 39.13
N ALA P 136 64.20 -23.00 39.26
CA ALA P 136 64.18 -21.74 38.50
C ALA P 136 62.84 -21.02 38.61
N PRO P 137 62.54 -20.37 39.74
CA PRO P 137 61.27 -19.62 39.85
C PRO P 137 61.24 -18.32 39.06
N THR P 138 62.35 -17.85 38.50
CA THR P 138 62.34 -16.67 37.65
C THR P 138 62.71 -16.98 36.21
N GLY P 139 62.94 -18.25 35.89
CA GLY P 139 63.32 -18.61 34.55
C GLY P 139 64.81 -18.60 34.29
N LYS P 140 65.64 -18.69 35.32
CA LYS P 140 67.08 -18.79 35.13
C LYS P 140 67.40 -20.11 34.44
N ASN P 141 68.15 -20.04 33.35
CA ASN P 141 68.58 -21.17 32.53
C ASN P 141 67.39 -21.97 32.00
N THR P 142 66.55 -21.28 31.23
CA THR P 142 65.41 -21.85 30.54
C THR P 142 65.54 -21.57 29.05
N TYR P 143 64.67 -22.18 28.26
CA TYR P 143 64.64 -21.88 26.83
C TYR P 143 63.18 -21.95 26.37
N LEU P 144 62.59 -20.77 26.23
CA LEU P 144 61.17 -20.63 25.98
C LEU P 144 60.87 -20.71 24.48
N LEU P 145 59.95 -21.60 24.12
CA LEU P 145 59.70 -21.95 22.73
C LEU P 145 58.20 -21.79 22.46
N ARG P 146 57.81 -21.72 21.18
CA ARG P 146 56.38 -21.57 20.92
C ARG P 146 55.76 -22.74 20.16
N GLY P 147 56.20 -23.03 18.96
CA GLY P 147 55.41 -23.91 18.12
C GLY P 147 54.78 -23.16 16.97
N ARG P 148 54.61 -23.83 15.84
CA ARG P 148 54.47 -23.17 14.56
C ARG P 148 53.01 -22.92 14.19
N LYS P 149 52.73 -21.69 13.77
CA LYS P 149 51.39 -21.26 13.37
C LYS P 149 51.21 -21.17 11.87
N SER P 150 52.27 -20.93 11.11
CA SER P 150 52.18 -21.12 9.67
C SER P 150 52.12 -22.61 9.37
N GLY P 151 51.67 -22.94 8.17
CA GLY P 151 51.48 -24.32 7.81
C GLY P 151 50.13 -24.88 8.18
N ARG P 152 49.35 -24.15 8.95
CA ARG P 152 47.97 -24.48 9.22
C ARG P 152 47.14 -24.42 7.95
N GLU P 153 46.05 -25.20 7.91
CA GLU P 153 45.12 -25.15 6.79
C GLU P 153 44.46 -23.79 6.68
N SER P 154 44.05 -23.23 7.82
CA SER P 154 43.34 -21.95 7.82
C SER P 154 44.21 -20.82 7.32
N VAL P 155 45.50 -20.82 7.70
CA VAL P 155 46.45 -19.82 7.22
C VAL P 155 46.70 -19.97 5.73
N ARG P 156 46.59 -21.19 5.21
CA ARG P 156 46.78 -21.42 3.78
C ARG P 156 45.58 -21.04 2.95
N HIS P 157 44.42 -20.84 3.58
CA HIS P 157 43.24 -20.34 2.91
C HIS P 157 43.06 -18.84 3.05
N PHE P 158 43.89 -18.18 3.85
CA PHE P 158 43.76 -16.74 4.06
C PHE P 158 44.28 -16.01 2.83
N GLY P 159 43.40 -15.31 2.14
CA GLY P 159 43.77 -14.55 0.98
C GLY P 159 42.63 -14.51 -0.01
N ALA P 160 42.89 -13.89 -1.15
CA ALA P 160 41.88 -13.80 -2.20
C ALA P 160 41.89 -15.03 -3.10
N SER P 161 43.09 -15.51 -3.48
CA SER P 161 43.44 -16.65 -4.33
C SER P 161 43.23 -16.39 -5.82
N GLY P 162 42.70 -15.24 -6.22
CA GLY P 162 42.56 -14.98 -7.64
C GLY P 162 43.01 -13.60 -8.02
N VAL P 163 43.67 -12.92 -7.09
CA VAL P 163 44.38 -11.68 -7.40
C VAL P 163 45.83 -12.08 -7.62
N PRO P 164 46.63 -11.32 -8.36
CA PRO P 164 48.00 -11.76 -8.65
C PRO P 164 48.91 -11.72 -7.43
N GLY P 165 49.73 -12.75 -7.32
CA GLY P 165 50.63 -12.92 -6.21
C GLY P 165 50.15 -13.93 -5.19
N SER P 166 48.84 -14.08 -5.03
CA SER P 166 48.25 -14.89 -3.98
C SER P 166 48.27 -16.35 -4.37
N HIS P 167 48.89 -17.18 -3.54
CA HIS P 167 48.87 -18.63 -3.68
C HIS P 167 48.07 -19.29 -2.56
N SER P 168 47.01 -18.64 -2.09
CA SER P 168 46.17 -19.27 -1.11
C SER P 168 45.27 -20.30 -1.76
N LYS P 169 44.69 -21.15 -0.94
CA LYS P 169 43.86 -22.25 -1.38
C LYS P 169 42.40 -21.86 -1.38
N PRO P 170 41.65 -22.21 -2.41
CA PRO P 170 40.23 -21.91 -2.41
C PRO P 170 39.44 -22.79 -1.45
N TYR P 171 38.39 -22.22 -0.88
CA TYR P 171 37.44 -23.03 -0.12
C TYR P 171 36.60 -23.81 -1.11
N ALA P 172 36.96 -25.08 -1.33
CA ALA P 172 36.25 -25.93 -2.26
C ALA P 172 36.26 -27.35 -1.74
N THR P 173 35.08 -27.93 -1.56
CA THR P 173 34.99 -29.34 -1.19
C THR P 173 35.37 -30.23 -2.35
N ASN P 174 35.18 -29.76 -3.57
CA ASN P 174 35.56 -30.46 -4.78
C ASN P 174 36.89 -29.90 -5.25
N ARG P 175 37.87 -30.78 -5.42
CA ARG P 175 39.21 -30.34 -5.79
C ARG P 175 39.33 -30.11 -7.28
N GLY P 176 38.68 -30.94 -8.08
CA GLY P 176 38.77 -30.78 -9.52
C GLY P 176 37.73 -29.86 -10.11
N LYS P 177 37.08 -29.04 -9.29
CA LYS P 177 36.02 -28.18 -9.81
C LYS P 177 36.54 -26.80 -10.20
N GLU P 178 37.30 -26.15 -9.31
CA GLU P 178 37.78 -24.80 -9.57
C GLU P 178 39.20 -24.84 -10.11
N THR P 179 39.33 -25.32 -11.36
CA THR P 179 40.64 -25.46 -11.98
C THR P 179 40.71 -24.99 -13.43
N LYS P 180 39.75 -24.21 -13.94
CA LYS P 180 39.65 -23.95 -15.37
C LYS P 180 39.91 -22.51 -15.78
N ARG P 181 39.03 -21.57 -15.46
CA ARG P 181 39.00 -20.26 -16.11
C ARG P 181 39.53 -19.21 -15.15
N GLY P 182 40.68 -18.64 -15.46
CA GLY P 182 41.34 -17.83 -14.47
C GLY P 182 42.40 -18.59 -13.73
N ARG P 183 42.63 -19.83 -14.11
CA ARG P 183 43.65 -20.65 -13.50
C ARG P 183 44.47 -21.38 -14.56
N ARG P 184 44.11 -21.28 -15.84
CA ARG P 184 44.94 -21.75 -16.95
C ARG P 184 45.02 -20.68 -18.03
N THR P 185 46.21 -20.52 -18.63
CA THR P 185 46.42 -19.48 -19.63
C THR P 185 45.60 -19.71 -20.89
N GLY P 186 45.26 -20.97 -21.19
CA GLY P 186 44.41 -21.27 -22.33
C GLY P 186 42.95 -20.92 -22.11
N ARG P 187 42.51 -20.85 -20.86
CA ARG P 187 41.12 -20.52 -20.54
C ARG P 187 41.00 -19.05 -20.15
N SER P 188 41.31 -18.21 -21.13
CA SER P 188 41.15 -16.75 -21.23
C SER P 188 42.07 -15.90 -20.37
N TYR P 189 42.62 -16.44 -19.27
CA TYR P 189 43.63 -15.81 -18.43
C TYR P 189 43.97 -16.78 -17.31
N LYS P 190 45.08 -16.50 -16.65
CA LYS P 190 45.56 -17.25 -15.50
C LYS P 190 46.19 -16.23 -14.58
N ARG P 191 45.81 -16.26 -13.30
CA ARG P 191 46.22 -15.20 -12.39
C ARG P 191 47.72 -15.28 -12.17
N LYS P 192 48.35 -14.11 -12.11
CA LYS P 192 49.80 -14.05 -12.15
C LYS P 192 50.35 -14.57 -10.83
N ALA P 193 51.18 -15.62 -10.93
CA ALA P 193 51.74 -16.28 -9.77
C ALA P 193 52.70 -15.40 -8.98
N PHE P 194 53.14 -14.28 -9.55
CA PHE P 194 54.04 -13.37 -8.88
C PHE P 194 53.62 -11.94 -9.16
N ARG P 195 53.67 -11.12 -8.12
CA ARG P 195 53.48 -9.68 -8.22
C ARG P 195 54.48 -9.01 -7.30
N HIS P 196 55.12 -7.96 -7.79
CA HIS P 196 56.09 -7.22 -6.98
C HIS P 196 55.40 -6.50 -5.83
N VAL P 197 55.91 -6.76 -4.61
CA VAL P 197 55.37 -6.33 -3.31
C VAL P 197 53.98 -6.89 -3.05
N VAL Q 1 -64.14 -11.54 26.91
CA VAL Q 1 -63.67 -10.40 26.14
C VAL Q 1 -63.56 -10.66 24.63
N SER Q 2 -62.78 -11.67 24.23
CA SER Q 2 -62.49 -11.88 22.81
C SER Q 2 -63.62 -12.71 22.23
N LEU Q 3 -64.52 -12.04 21.50
CA LEU Q 3 -65.59 -12.72 20.79
C LEU Q 3 -65.21 -13.04 19.35
N LYS Q 4 -63.93 -13.30 19.11
CA LYS Q 4 -63.43 -13.44 17.76
C LYS Q 4 -63.70 -14.83 17.20
N LEU Q 5 -63.77 -15.84 18.07
CA LEU Q 5 -64.13 -17.18 17.62
C LEU Q 5 -65.61 -17.29 17.31
N GLN Q 6 -66.46 -16.61 18.07
CA GLN Q 6 -67.88 -16.62 17.81
C GLN Q 6 -68.26 -15.69 16.66
N ALA Q 7 -67.38 -14.77 16.30
CA ALA Q 7 -67.62 -13.95 15.14
C ALA Q 7 -67.17 -14.63 13.86
N ARG Q 8 -66.16 -15.50 13.94
CA ARG Q 8 -65.75 -16.26 12.78
C ARG Q 8 -66.72 -17.37 12.46
N LEU Q 9 -67.22 -18.07 13.48
CA LEU Q 9 -68.19 -19.13 13.25
C LEU Q 9 -69.55 -18.60 12.84
N ALA Q 10 -69.86 -17.35 13.16
CA ALA Q 10 -71.15 -16.79 12.75
C ALA Q 10 -71.13 -16.36 11.30
N SER Q 11 -69.99 -15.94 10.79
CA SER Q 11 -69.87 -15.59 9.39
C SER Q 11 -69.95 -16.81 8.48
N SER Q 12 -69.64 -18.00 8.99
CA SER Q 12 -69.67 -19.20 8.19
C SER Q 12 -70.90 -20.05 8.42
N ILE Q 13 -71.69 -19.75 9.45
CA ILE Q 13 -73.03 -20.34 9.61
C ILE Q 13 -74.07 -19.48 8.91
N LEU Q 14 -74.02 -18.16 9.11
CA LEU Q 14 -74.88 -17.26 8.36
C LEU Q 14 -74.45 -17.11 6.91
N GLY Q 15 -73.19 -17.40 6.61
CA GLY Q 15 -72.71 -17.41 5.25
C GLY Q 15 -72.57 -16.06 4.60
N CYS Q 16 -72.34 -15.00 5.38
CA CYS Q 16 -72.43 -13.65 4.85
C CYS Q 16 -71.08 -12.92 4.83
N GLY Q 17 -70.48 -12.67 5.97
CA GLY Q 17 -69.36 -11.75 6.04
C GLY Q 17 -69.34 -11.05 7.38
N ARG Q 18 -68.15 -10.61 7.78
CA ARG Q 18 -67.95 -10.16 9.15
C ARG Q 18 -68.48 -8.75 9.37
N ALA Q 19 -68.50 -7.90 8.34
CA ALA Q 19 -69.13 -6.60 8.52
C ALA Q 19 -70.65 -6.66 8.46
N ARG Q 20 -71.22 -7.86 8.37
CA ARG Q 20 -72.64 -8.07 8.21
C ARG Q 20 -73.23 -8.97 9.30
N VAL Q 21 -72.39 -9.56 10.17
CA VAL Q 21 -72.88 -10.22 11.37
C VAL Q 21 -72.99 -9.20 12.48
N TRP Q 22 -74.02 -9.35 13.29
CA TRP Q 22 -74.26 -8.46 14.42
C TRP Q 22 -74.29 -9.31 15.68
N LEU Q 23 -73.23 -9.24 16.49
CA LEU Q 23 -73.21 -9.85 17.80
C LEU Q 23 -73.73 -8.84 18.81
N ASP Q 24 -74.59 -9.30 19.71
CA ASP Q 24 -75.25 -8.44 20.69
C ASP Q 24 -74.22 -7.89 21.67
N PRO Q 25 -74.04 -6.57 21.77
CA PRO Q 25 -73.01 -6.03 22.66
C PRO Q 25 -73.30 -6.17 24.13
N ASN Q 26 -74.55 -6.45 24.50
CA ASN Q 26 -74.88 -6.63 25.91
C ASN Q 26 -74.52 -8.03 26.39
N GLU Q 27 -74.93 -9.05 25.64
CA GLU Q 27 -74.69 -10.44 26.03
C GLU Q 27 -73.34 -10.94 25.53
N ALA Q 28 -72.27 -10.29 25.97
CA ALA Q 28 -70.94 -10.81 25.73
C ALA Q 28 -70.59 -11.96 26.66
N VAL Q 29 -71.43 -12.25 27.65
CA VAL Q 29 -71.25 -13.38 28.53
C VAL Q 29 -71.86 -14.64 27.94
N GLU Q 30 -73.10 -14.55 27.48
CA GLU Q 30 -73.78 -15.71 26.90
C GLU Q 30 -73.21 -16.11 25.54
N ILE Q 31 -72.52 -15.21 24.86
CA ILE Q 31 -71.94 -15.55 23.57
C ILE Q 31 -70.57 -16.21 23.74
N GLN Q 32 -69.75 -15.72 24.68
CA GLN Q 32 -68.36 -16.13 24.75
C GLN Q 32 -68.15 -17.56 25.22
N ASN Q 33 -69.18 -18.23 25.75
CA ASN Q 33 -69.10 -19.65 26.06
C ASN Q 33 -69.84 -20.51 25.02
N ALA Q 34 -69.73 -20.14 23.75
CA ALA Q 34 -70.35 -20.94 22.69
C ALA Q 34 -69.49 -22.13 22.31
N ASN Q 35 -68.32 -21.86 21.73
CA ASN Q 35 -67.21 -22.78 21.44
C ASN Q 35 -67.51 -23.81 20.35
N SER Q 36 -68.72 -23.86 19.81
CA SER Q 36 -69.08 -24.85 18.81
C SER Q 36 -69.94 -24.19 17.76
N ARG Q 37 -70.11 -24.86 16.62
CA ARG Q 37 -71.06 -24.38 15.63
C ARG Q 37 -72.47 -24.65 16.07
N LYS Q 38 -72.67 -25.67 16.91
CA LYS Q 38 -74.00 -25.97 17.45
C LYS Q 38 -74.46 -24.88 18.39
N SER Q 39 -73.54 -24.28 19.14
CA SER Q 39 -73.90 -23.27 20.13
C SER Q 39 -74.10 -21.91 19.49
N VAL Q 40 -73.31 -21.58 18.47
CA VAL Q 40 -73.52 -20.34 17.73
C VAL Q 40 -74.83 -20.39 16.97
N ARG Q 41 -75.22 -21.57 16.47
CA ARG Q 41 -76.55 -21.73 15.89
C ARG Q 41 -77.69 -21.57 16.89
N LYS Q 42 -77.43 -21.81 18.18
CA LYS Q 42 -78.44 -21.45 19.19
C LYS Q 42 -78.47 -19.95 19.42
N LEU Q 43 -77.31 -19.29 19.35
CA LEU Q 43 -77.26 -17.84 19.53
C LEU Q 43 -77.84 -17.09 18.34
N ILE Q 44 -77.71 -17.67 17.15
CA ILE Q 44 -78.35 -17.10 15.98
C ILE Q 44 -79.85 -17.29 16.06
N LYS Q 45 -80.30 -18.42 16.62
CA LYS Q 45 -81.73 -18.66 16.78
C LYS Q 45 -82.33 -17.82 17.90
N ASP Q 46 -81.54 -17.47 18.91
CA ASP Q 46 -82.04 -16.68 20.04
C ASP Q 46 -82.06 -15.19 19.78
N GLY Q 47 -81.55 -14.72 18.64
CA GLY Q 47 -81.50 -13.31 18.37
C GLY Q 47 -80.28 -12.59 18.92
N PHE Q 48 -79.26 -13.33 19.35
CA PHE Q 48 -78.07 -12.72 19.90
C PHE Q 48 -77.02 -12.48 18.83
N ILE Q 49 -77.11 -13.24 17.74
CA ILE Q 49 -76.35 -13.02 16.52
C ILE Q 49 -77.37 -12.97 15.38
N ILE Q 50 -77.27 -11.97 14.51
CA ILE Q 50 -78.11 -11.91 13.31
C ILE Q 50 -77.26 -11.56 12.10
N ARG Q 51 -77.84 -11.79 10.92
CA ARG Q 51 -77.42 -11.13 9.69
C ARG Q 51 -78.09 -9.78 9.58
N LYS Q 52 -77.32 -8.77 9.37
CA LYS Q 52 -77.86 -7.48 9.03
C LYS Q 52 -78.10 -7.41 7.54
N PRO Q 53 -79.02 -6.56 7.09
CA PRO Q 53 -79.20 -6.38 5.65
C PRO Q 53 -78.01 -5.67 5.03
N VAL Q 54 -77.87 -5.86 3.72
CA VAL Q 54 -76.78 -5.23 3.01
C VAL Q 54 -77.04 -3.73 2.89
N LYS Q 55 -75.97 -2.98 2.69
CA LYS Q 55 -76.08 -1.55 2.47
C LYS Q 55 -76.73 -1.29 1.11
N VAL Q 56 -77.34 -0.14 0.99
CA VAL Q 56 -78.21 0.14 -0.14
C VAL Q 56 -77.39 0.57 -1.35
N HIS Q 57 -77.77 0.07 -2.52
CA HIS Q 57 -77.21 0.59 -3.78
C HIS Q 57 -78.41 0.77 -4.72
N SER Q 58 -78.90 2.01 -4.80
CA SER Q 58 -80.17 2.31 -5.44
C SER Q 58 -79.99 2.66 -6.90
N ARG Q 59 -80.88 2.13 -7.73
CA ARG Q 59 -80.92 2.42 -9.15
C ARG Q 59 -82.01 3.41 -9.49
N ALA Q 60 -82.67 3.99 -8.48
CA ALA Q 60 -83.78 4.92 -8.73
C ALA Q 60 -83.32 6.19 -9.39
N ARG Q 61 -82.07 6.55 -9.18
CA ARG Q 61 -81.47 7.73 -9.78
C ARG Q 61 -81.02 7.45 -11.21
N TRP Q 62 -80.77 6.18 -11.53
CA TRP Q 62 -80.52 5.75 -12.90
C TRP Q 62 -81.81 5.54 -13.67
N ARG Q 63 -82.84 4.97 -13.01
CA ARG Q 63 -84.11 4.69 -13.66
C ARG Q 63 -84.83 5.97 -14.07
N LYS Q 64 -84.71 7.01 -13.26
CA LYS Q 64 -85.26 8.30 -13.65
C LYS Q 64 -84.42 8.95 -14.75
N MET Q 65 -83.12 8.67 -14.75
CA MET Q 65 -82.25 9.16 -15.81
C MET Q 65 -82.49 8.44 -17.12
N LYS Q 66 -82.84 7.16 -17.07
CA LYS Q 66 -83.17 6.41 -18.27
C LYS Q 66 -84.45 6.90 -18.91
N GLU Q 67 -85.44 7.31 -18.10
CA GLU Q 67 -86.67 7.83 -18.66
C GLU Q 67 -86.49 9.18 -19.33
N ALA Q 68 -85.47 9.94 -18.95
CA ALA Q 68 -85.10 11.11 -19.74
C ALA Q 68 -84.42 10.69 -21.03
N LYS Q 69 -83.53 9.70 -20.97
CA LYS Q 69 -82.77 9.31 -22.13
C LYS Q 69 -83.62 8.51 -23.12
N ASP Q 70 -84.75 7.97 -22.69
CA ASP Q 70 -85.64 7.31 -23.63
C ASP Q 70 -86.42 8.32 -24.46
N MET Q 71 -86.55 9.54 -23.98
CA MET Q 71 -87.08 10.65 -24.75
C MET Q 71 -85.98 11.49 -25.38
N GLY Q 72 -84.72 11.07 -25.23
CA GLY Q 72 -83.60 11.74 -25.85
C GLY Q 72 -83.26 13.07 -25.23
N ARG Q 73 -82.83 13.08 -23.97
CA ARG Q 73 -82.58 14.33 -23.26
C ARG Q 73 -81.12 14.62 -22.97
N HIS Q 74 -80.25 13.62 -22.99
CA HIS Q 74 -78.85 13.82 -22.61
C HIS Q 74 -77.94 13.15 -23.60
N ASN Q 75 -78.19 13.36 -24.89
CA ASN Q 75 -77.49 12.63 -25.93
C ASN Q 75 -76.93 13.55 -27.02
N GLY Q 76 -76.92 14.86 -26.79
CA GLY Q 76 -76.46 15.81 -27.78
C GLY Q 76 -74.96 15.81 -27.92
N VAL Q 77 -74.49 16.77 -28.71
CA VAL Q 77 -73.14 16.76 -29.29
C VAL Q 77 -72.07 16.95 -28.22
N GLY Q 78 -72.33 17.81 -27.23
CA GLY Q 78 -71.37 17.98 -26.16
C GLY Q 78 -71.34 16.80 -25.21
N ARG Q 79 -72.47 16.11 -25.07
CA ARG Q 79 -72.53 14.97 -24.18
C ARG Q 79 -72.00 13.71 -24.85
N ARG Q 80 -71.86 13.71 -26.17
CA ARG Q 80 -71.24 12.59 -26.89
C ARG Q 80 -69.73 12.65 -26.74
N GLU Q 81 -69.15 11.58 -26.21
CA GLU Q 81 -67.75 11.53 -25.81
C GLU Q 81 -66.92 10.58 -26.65
N GLY Q 82 -67.52 9.53 -27.18
CA GLY Q 82 -66.85 8.61 -28.06
C GLY Q 82 -67.30 8.81 -29.50
N SER Q 83 -66.63 8.10 -30.40
CA SER Q 83 -66.78 8.30 -31.84
C SER Q 83 -68.17 7.88 -32.30
N ARG Q 84 -68.54 8.35 -33.50
CA ARG Q 84 -69.83 7.99 -34.08
C ARG Q 84 -69.91 6.51 -34.36
N GLU Q 85 -68.81 5.93 -34.84
CA GLU Q 85 -68.77 4.55 -35.30
C GLU Q 85 -68.44 3.59 -34.16
N ALA Q 86 -68.40 4.08 -32.93
CA ALA Q 86 -68.36 3.27 -31.73
C ALA Q 86 -69.69 3.29 -30.97
N ARG Q 87 -70.37 4.44 -30.93
CA ARG Q 87 -71.70 4.51 -30.34
C ARG Q 87 -72.71 3.73 -31.18
N MET Q 88 -72.67 3.93 -32.49
CA MET Q 88 -73.42 3.09 -33.43
C MET Q 88 -72.45 2.61 -34.51
N PRO Q 89 -72.10 1.32 -34.54
CA PRO Q 89 -71.19 0.85 -35.58
C PRO Q 89 -71.91 0.82 -36.92
N SER Q 90 -71.25 1.37 -37.94
CA SER Q 90 -71.84 1.44 -39.27
C SER Q 90 -71.92 0.09 -39.96
N LYS Q 91 -71.24 -0.93 -39.45
CA LYS Q 91 -71.48 -2.29 -39.92
C LYS Q 91 -72.77 -2.83 -39.34
N GLU Q 92 -73.06 -2.51 -38.09
CA GLU Q 92 -74.32 -2.93 -37.46
C GLU Q 92 -75.51 -2.28 -38.14
N LEU Q 93 -75.37 -1.02 -38.57
CA LEU Q 93 -76.45 -0.33 -39.26
C LEU Q 93 -76.67 -0.87 -40.66
N TRP Q 94 -75.61 -1.37 -41.31
CA TRP Q 94 -75.77 -2.02 -42.60
C TRP Q 94 -76.34 -3.43 -42.46
N MET Q 95 -75.87 -4.20 -41.47
CA MET Q 95 -76.39 -5.56 -41.29
C MET Q 95 -77.84 -5.54 -40.91
N ARG Q 96 -78.24 -4.61 -40.05
CA ARG Q 96 -79.62 -4.53 -39.61
C ARG Q 96 -80.54 -4.13 -40.76
N ARG Q 97 -80.09 -3.18 -41.59
CA ARG Q 97 -80.88 -2.74 -42.73
C ARG Q 97 -81.02 -3.84 -43.77
N LEU Q 98 -79.92 -4.49 -44.14
CA LEU Q 98 -79.94 -5.47 -45.22
C LEU Q 98 -80.73 -6.72 -44.85
N ARG Q 99 -80.76 -7.08 -43.57
CA ARG Q 99 -81.58 -8.19 -43.13
C ARG Q 99 -83.07 -7.84 -43.15
N ILE Q 100 -83.42 -6.58 -42.90
CA ILE Q 100 -84.81 -6.13 -43.04
C ILE Q 100 -85.25 -6.20 -44.48
N LEU Q 101 -84.38 -5.81 -45.40
CA LEU Q 101 -84.72 -5.79 -46.82
C LEU Q 101 -84.85 -7.21 -47.37
N ARG Q 102 -84.00 -8.12 -46.94
CA ARG Q 102 -84.05 -9.49 -47.43
C ARG Q 102 -85.18 -10.28 -46.80
N ARG Q 103 -85.52 -10.02 -45.54
CA ARG Q 103 -86.66 -10.66 -44.91
C ARG Q 103 -87.98 -10.19 -45.53
N LEU Q 104 -88.03 -8.94 -45.98
CA LEU Q 104 -89.21 -8.42 -46.65
C LEU Q 104 -89.38 -9.02 -48.04
N LEU Q 105 -88.28 -9.22 -48.74
CA LEU Q 105 -88.34 -9.78 -50.08
C LEU Q 105 -88.68 -11.26 -50.06
N ARG Q 106 -88.25 -11.99 -49.04
CA ARG Q 106 -88.73 -13.36 -48.85
C ARG Q 106 -90.17 -13.39 -48.40
N LYS Q 107 -90.63 -12.34 -47.73
CA LYS Q 107 -92.00 -12.28 -47.28
C LYS Q 107 -92.95 -12.00 -48.42
N TYR Q 108 -92.56 -11.09 -49.32
CA TYR Q 108 -93.43 -10.77 -50.46
C TYR Q 108 -93.37 -11.84 -51.53
N ARG Q 109 -92.28 -12.57 -51.65
CA ARG Q 109 -92.20 -13.65 -52.62
C ARG Q 109 -92.95 -14.88 -52.14
N ALA Q 110 -92.92 -15.16 -50.84
CA ALA Q 110 -93.73 -16.26 -50.30
C ALA Q 110 -95.21 -15.92 -50.30
N ASP Q 111 -95.57 -14.65 -50.11
CA ASP Q 111 -96.93 -14.20 -50.27
C ASP Q 111 -97.34 -14.06 -51.73
N LYS Q 112 -96.40 -14.25 -52.65
CA LYS Q 112 -96.58 -14.23 -54.10
C LYS Q 112 -97.10 -12.87 -54.59
N LYS Q 113 -96.70 -11.80 -53.88
CA LYS Q 113 -96.92 -10.46 -54.40
C LYS Q 113 -95.99 -10.18 -55.58
N ILE Q 114 -94.75 -10.64 -55.50
CA ILE Q 114 -93.77 -10.42 -56.56
C ILE Q 114 -93.35 -11.77 -57.13
N ASP Q 115 -92.73 -11.71 -58.31
CA ASP Q 115 -92.27 -12.87 -59.04
C ASP Q 115 -90.82 -13.16 -58.67
N ARG Q 116 -90.36 -14.36 -59.02
CA ARG Q 116 -88.95 -14.72 -58.80
C ARG Q 116 -88.02 -13.96 -59.72
N HIS Q 117 -88.50 -13.46 -60.85
CA HIS Q 117 -87.71 -12.54 -61.65
C HIS Q 117 -87.63 -11.16 -60.99
N VAL Q 118 -88.72 -10.75 -60.34
CA VAL Q 118 -88.74 -9.48 -59.61
C VAL Q 118 -87.91 -9.59 -58.33
N TYR Q 119 -87.94 -10.75 -57.68
CA TYR Q 119 -87.15 -11.00 -56.48
C TYR Q 119 -85.66 -10.89 -56.76
N ARG Q 120 -85.21 -11.55 -57.82
CA ARG Q 120 -83.78 -11.62 -58.11
C ARG Q 120 -83.25 -10.29 -58.60
N ASP Q 121 -84.12 -9.49 -59.22
CA ASP Q 121 -83.73 -8.13 -59.59
C ASP Q 121 -83.60 -7.25 -58.37
N LEU Q 122 -84.51 -7.39 -57.41
CA LEU Q 122 -84.49 -6.55 -56.23
C LEU Q 122 -83.56 -7.08 -55.14
N TYR Q 123 -83.07 -8.30 -55.27
CA TYR Q 123 -82.17 -8.86 -54.27
C TYR Q 123 -80.78 -8.25 -54.38
N VAL Q 124 -80.25 -8.17 -55.60
CA VAL Q 124 -78.90 -7.67 -55.79
C VAL Q 124 -78.83 -6.16 -55.73
N ARG Q 125 -79.95 -5.46 -55.92
CA ARG Q 125 -79.95 -4.01 -55.76
C ARG Q 125 -80.05 -3.64 -54.30
N ALA Q 126 -80.57 -4.55 -53.46
CA ALA Q 126 -80.66 -4.26 -52.04
C ALA Q 126 -79.30 -4.35 -51.38
N LYS Q 127 -78.46 -5.31 -51.77
CA LYS Q 127 -77.11 -5.43 -51.28
C LYS Q 127 -76.15 -4.51 -52.03
N GLY Q 128 -76.64 -3.84 -53.07
CA GLY Q 128 -75.85 -2.88 -53.80
C GLY Q 128 -76.24 -1.46 -53.46
N ASN Q 129 -76.93 -1.31 -52.32
CA ASN Q 129 -77.27 -0.05 -51.68
C ASN Q 129 -78.10 0.86 -52.59
N VAL Q 130 -79.31 0.44 -52.91
CA VAL Q 130 -80.24 1.25 -53.69
C VAL Q 130 -81.35 1.82 -52.82
N PHE Q 131 -81.85 1.02 -51.89
CA PHE Q 131 -83.01 1.37 -51.08
C PHE Q 131 -82.55 1.86 -49.71
N ARG Q 132 -83.05 3.03 -49.29
CA ARG Q 132 -82.58 3.63 -48.06
C ARG Q 132 -83.05 2.87 -46.83
N ASN Q 133 -84.22 2.25 -46.91
CA ASN Q 133 -84.90 1.68 -45.76
C ASN Q 133 -85.96 0.71 -46.25
N LYS Q 134 -86.84 0.28 -45.35
CA LYS Q 134 -87.91 -0.64 -45.72
C LYS Q 134 -88.95 0.04 -46.58
N ARG Q 135 -89.27 1.31 -46.27
CA ARG Q 135 -90.32 2.01 -46.98
C ARG Q 135 -89.94 2.30 -48.43
N ASN Q 136 -88.66 2.49 -48.71
CA ASN Q 136 -88.24 2.72 -50.08
C ASN Q 136 -88.26 1.43 -50.90
N LEU Q 137 -87.95 0.29 -50.28
CA LEU Q 137 -88.11 -0.98 -50.98
C LEU Q 137 -89.58 -1.27 -51.26
N VAL Q 138 -90.45 -0.92 -50.31
CA VAL Q 138 -91.89 -1.11 -50.49
C VAL Q 138 -92.43 -0.21 -51.60
N GLU Q 139 -92.03 1.06 -51.62
CA GLU Q 139 -92.57 1.97 -52.62
C GLU Q 139 -91.98 1.73 -54.00
N HIS Q 140 -90.86 1.03 -54.10
CA HIS Q 140 -90.32 0.66 -55.40
C HIS Q 140 -90.87 -0.67 -55.89
N ILE Q 141 -91.34 -1.52 -54.99
CA ILE Q 141 -92.18 -2.64 -55.43
C ILE Q 141 -93.49 -2.13 -55.98
N HIS Q 142 -94.08 -1.14 -55.31
CA HIS Q 142 -95.35 -0.56 -55.74
C HIS Q 142 -95.21 0.30 -56.98
N LYS Q 143 -94.02 0.79 -57.27
CA LYS Q 143 -93.81 1.48 -58.54
C LYS Q 143 -93.68 0.48 -59.68
N ILE Q 144 -93.02 -0.65 -59.42
CA ILE Q 144 -92.91 -1.72 -60.42
C ILE Q 144 -94.28 -2.33 -60.70
N LYS Q 145 -95.06 -2.59 -59.65
CA LYS Q 145 -96.34 -3.26 -59.80
C LYS Q 145 -97.39 -2.40 -60.48
N ASN Q 146 -97.23 -1.07 -60.45
CA ASN Q 146 -98.19 -0.20 -61.12
C ASN Q 146 -97.86 -0.03 -62.60
N GLU Q 147 -96.57 0.07 -62.94
CA GLU Q 147 -96.17 0.17 -64.34
C GLU Q 147 -96.18 -1.17 -65.05
N LYS Q 148 -96.41 -2.27 -64.32
CA LYS Q 148 -96.58 -3.59 -64.91
C LYS Q 148 -98.05 -3.88 -65.19
N LYS Q 149 -98.94 -3.44 -64.32
CA LYS Q 149 -100.38 -3.55 -64.59
C LYS Q 149 -100.82 -2.57 -65.66
N LYS Q 150 -100.11 -1.46 -65.84
CA LYS Q 150 -100.37 -0.57 -66.96
C LYS Q 150 -99.70 -1.07 -68.24
N GLU Q 151 -98.76 -2.00 -68.12
CA GLU Q 151 -98.13 -2.59 -69.28
C GLU Q 151 -98.80 -3.88 -69.72
N ARG Q 152 -99.32 -4.66 -68.77
CA ARG Q 152 -100.00 -5.90 -69.13
C ARG Q 152 -101.39 -5.61 -69.70
N GLN Q 153 -101.90 -4.40 -69.46
CA GLN Q 153 -103.24 -4.05 -69.93
C GLN Q 153 -103.23 -3.35 -71.27
N LEU Q 154 -102.19 -2.57 -71.56
CA LEU Q 154 -102.04 -1.99 -72.89
C LEU Q 154 -101.69 -3.05 -73.93
N ALA Q 155 -101.19 -4.22 -73.51
CA ALA Q 155 -101.04 -5.37 -74.38
C ALA Q 155 -102.22 -6.32 -74.31
N GLU Q 156 -103.05 -6.25 -73.26
CA GLU Q 156 -104.26 -7.05 -73.22
C GLU Q 156 -105.33 -6.51 -74.15
N GLN Q 157 -105.24 -5.23 -74.54
CA GLN Q 157 -106.13 -4.71 -75.57
C GLN Q 157 -105.60 -5.01 -76.96
N LEU Q 158 -104.27 -5.05 -77.12
CA LEU Q 158 -103.70 -5.33 -78.44
C LEU Q 158 -103.92 -6.78 -78.83
N ALA Q 159 -103.88 -7.71 -77.87
CA ALA Q 159 -104.21 -9.10 -78.16
C ALA Q 159 -105.69 -9.28 -78.45
N ALA Q 160 -106.55 -8.39 -77.95
CA ALA Q 160 -107.97 -8.46 -78.27
C ALA Q 160 -108.27 -7.93 -79.67
N LYS Q 161 -107.64 -6.82 -80.05
CA LYS Q 161 -107.85 -6.25 -81.38
C LYS Q 161 -107.10 -6.99 -82.46
N HIS Q 162 -106.06 -7.75 -82.13
CA HIS Q 162 -105.44 -8.64 -83.09
C HIS Q 162 -106.17 -9.97 -83.20
N LEU Q 163 -107.13 -10.22 -82.32
CA LEU Q 163 -107.99 -11.39 -82.43
C LEU Q 163 -109.34 -11.07 -83.06
N ARG Q 164 -109.81 -9.83 -82.91
CA ARG Q 164 -110.98 -9.39 -83.67
C ARG Q 164 -110.64 -9.21 -85.13
N ASP Q 165 -109.42 -8.77 -85.43
CA ASP Q 165 -108.93 -8.71 -86.80
C ASP Q 165 -108.73 -10.10 -87.37
N GLU Q 166 -108.46 -11.09 -86.52
CA GLU Q 166 -108.39 -12.47 -86.97
C GLU Q 166 -109.76 -13.05 -87.31
N GLN Q 167 -110.83 -12.40 -86.84
CA GLN Q 167 -112.19 -12.81 -87.17
C GLN Q 167 -112.74 -12.06 -88.38
N ASN Q 168 -112.37 -10.79 -88.55
CA ASN Q 168 -112.80 -10.04 -89.72
C ASN Q 168 -112.14 -10.58 -90.99
N ARG Q 169 -110.87 -10.95 -90.91
CA ARG Q 169 -110.20 -11.55 -92.05
C ARG Q 169 -110.67 -12.97 -92.32
N ASN Q 170 -111.18 -13.66 -91.29
CA ASN Q 170 -111.66 -15.02 -91.47
C ASN Q 170 -113.08 -15.05 -92.00
N LYS Q 171 -113.91 -14.08 -91.60
CA LYS Q 171 -115.26 -13.98 -92.14
C LYS Q 171 -115.25 -13.51 -93.59
N ALA Q 172 -114.32 -12.61 -93.94
CA ALA Q 172 -114.21 -12.13 -95.31
C ALA Q 172 -113.65 -13.19 -96.25
N ARG Q 173 -113.06 -14.26 -95.72
CA ARG Q 173 -112.71 -15.42 -96.52
C ARG Q 173 -113.83 -16.44 -96.59
N LYS Q 174 -114.81 -16.35 -95.69
CA LYS Q 174 -116.01 -17.16 -95.77
C LYS Q 174 -117.14 -16.45 -96.49
N GLN Q 175 -117.15 -15.11 -96.47
CA GLN Q 175 -118.13 -14.37 -97.24
C GLN Q 175 -117.80 -14.37 -98.73
N GLU Q 176 -116.56 -14.68 -99.08
CA GLU Q 176 -116.17 -14.84 -100.48
C GLU Q 176 -116.29 -16.28 -100.94
N LEU Q 177 -115.84 -17.24 -100.13
CA LEU Q 177 -115.84 -18.64 -100.56
C LEU Q 177 -117.22 -19.27 -100.52
N ARG Q 178 -118.18 -18.66 -99.83
CA ARG Q 178 -119.55 -19.14 -99.92
C ARG Q 178 -120.25 -18.55 -101.14
N LYS Q 179 -120.02 -17.27 -101.42
CA LYS Q 179 -120.66 -16.63 -102.56
C LYS Q 179 -120.05 -17.08 -103.87
N ARG Q 180 -118.78 -17.51 -103.86
CA ARG Q 180 -118.17 -18.04 -105.07
C ARG Q 180 -118.77 -19.39 -105.44
N GLU Q 181 -119.08 -20.22 -104.45
CA GLU Q 181 -119.80 -21.46 -104.68
C GLU Q 181 -121.30 -21.25 -104.81
N LYS Q 182 -121.80 -20.07 -104.46
CA LYS Q 182 -123.21 -19.77 -104.68
C LYS Q 182 -123.46 -19.40 -106.13
N GLU Q 183 -122.72 -18.42 -106.64
CA GLU Q 183 -122.89 -17.91 -107.99
C GLU Q 183 -122.39 -18.88 -109.06
N ARG Q 184 -121.61 -19.90 -108.68
CA ARG Q 184 -121.19 -20.89 -109.67
C ARG Q 184 -122.33 -21.80 -110.07
N GLU Q 185 -123.15 -22.22 -109.11
CA GLU Q 185 -124.30 -23.08 -109.40
C GLU Q 185 -125.42 -22.33 -110.11
N ARG Q 186 -125.40 -21.00 -110.07
CA ARG Q 186 -126.36 -20.19 -110.81
C ARG Q 186 -126.18 -20.36 -112.32
N ALA Q 187 -124.98 -20.73 -112.77
CA ALA Q 187 -124.81 -21.15 -114.16
C ALA Q 187 -125.45 -22.50 -114.41
N ARG Q 188 -125.47 -23.39 -113.41
CA ARG Q 188 -126.04 -24.72 -113.56
C ARG Q 188 -127.57 -24.67 -113.57
N ARG Q 189 -128.16 -24.15 -112.50
CA ARG Q 189 -129.61 -23.98 -112.45
C ARG Q 189 -129.97 -22.55 -112.08
N VAL R 1 38.48 63.26 26.69
CA VAL R 1 38.16 62.05 27.40
C VAL R 1 39.50 61.32 27.60
N LYS R 2 40.60 62.10 27.49
CA LYS R 2 41.98 61.61 27.48
C LYS R 2 42.15 60.58 26.37
N PRO R 3 42.47 61.06 25.14
CA PRO R 3 42.14 60.36 23.88
C PRO R 3 42.59 58.92 23.68
N HIS R 4 42.01 58.29 22.66
CA HIS R 4 42.17 56.86 22.45
C HIS R 4 43.34 56.51 21.53
N LEU R 5 44.15 57.50 21.14
CA LEU R 5 45.29 57.28 20.28
C LEU R 5 46.52 57.87 20.92
N ARG R 6 47.67 57.25 20.62
CA ARG R 6 48.93 57.59 21.26
C ARG R 6 49.98 57.80 20.19
N HIS R 7 50.89 58.73 20.43
CA HIS R 7 51.83 59.17 19.41
C HIS R 7 53.07 58.31 19.52
N TYR R 8 53.19 57.31 18.65
CA TYR R 8 54.32 56.40 18.67
C TYR R 8 55.35 56.82 17.64
N GLN R 9 56.60 56.81 18.05
CA GLN R 9 57.75 57.03 17.19
C GLN R 9 58.40 55.68 16.97
N VAL R 10 58.04 55.03 15.86
CA VAL R 10 58.57 53.72 15.53
C VAL R 10 59.80 53.90 14.65
N VAL R 11 60.95 53.47 15.15
CA VAL R 11 62.21 53.51 14.41
C VAL R 11 62.52 52.09 13.97
N GLY R 12 62.89 51.91 12.72
CA GLY R 12 63.25 50.59 12.26
C GLY R 12 64.14 50.64 11.05
N ARG R 13 64.35 49.47 10.46
CA ARG R 13 65.45 49.24 9.55
C ARG R 13 65.18 47.93 8.83
N GLU R 14 65.75 47.77 7.64
CA GLU R 14 65.56 46.51 6.92
C GLU R 14 66.22 45.32 7.61
N SER R 15 67.54 45.13 7.45
CA SER R 15 68.34 44.08 8.07
C SER R 15 69.78 44.21 7.60
N PRO R 16 70.75 43.83 8.40
CA PRO R 16 72.11 43.71 7.87
C PRO R 16 72.22 42.47 7.00
N SER R 17 72.23 42.68 5.70
CA SER R 17 72.40 41.61 4.74
C SER R 17 73.86 41.55 4.33
N GLU R 18 74.14 40.75 3.31
CA GLU R 18 75.44 40.77 2.66
C GLU R 18 75.41 41.49 1.33
N LYS R 19 74.23 41.58 0.71
CA LYS R 19 73.98 42.59 -0.32
C LYS R 19 74.15 43.98 0.27
N ASN R 20 73.37 44.28 1.31
CA ASN R 20 73.32 45.58 1.96
C ASN R 20 73.94 45.41 3.33
N PRO R 21 75.22 45.74 3.52
CA PRO R 21 75.86 45.49 4.82
C PRO R 21 75.40 46.44 5.90
N GLU R 22 75.05 47.66 5.55
CA GLU R 22 74.51 48.63 6.49
C GLU R 22 73.29 49.26 5.85
N PRO R 23 72.09 48.93 6.30
CA PRO R 23 70.88 49.46 5.68
C PRO R 23 70.41 50.78 6.30
N THR R 24 69.43 51.39 5.65
CA THR R 24 68.93 52.68 6.05
C THR R 24 67.96 52.52 7.21
N VAL R 25 68.05 53.41 8.18
CA VAL R 25 67.18 53.41 9.36
C VAL R 25 66.09 54.44 9.12
N TYR R 26 64.84 54.09 9.41
CA TYR R 26 63.70 54.92 9.08
C TYR R 26 62.96 55.35 10.33
N LYS R 27 62.54 56.60 10.36
CA LYS R 27 61.70 57.12 11.42
C LYS R 27 60.27 57.28 10.92
N PHE R 28 59.32 57.12 11.83
CA PHE R 28 57.92 57.01 11.46
C PHE R 28 57.07 57.47 12.63
N GLU R 29 56.20 58.44 12.39
CA GLU R 29 55.25 58.90 13.38
C GLU R 29 53.89 58.28 13.09
N VAL R 30 53.29 57.67 14.10
CA VAL R 30 52.01 56.99 13.95
C VAL R 30 51.17 57.26 15.18
N PHE R 31 49.87 57.40 14.98
CA PHE R 31 48.90 57.54 16.04
C PHE R 31 48.11 56.25 16.09
N ALA R 32 48.34 55.47 17.15
CA ALA R 32 47.84 54.11 17.26
C ALA R 32 47.28 53.92 18.66
N PRO R 33 46.40 52.93 18.85
CA PRO R 33 45.93 52.65 20.21
C PRO R 33 47.00 52.05 21.10
N ASN R 34 47.90 51.27 20.53
CA ASN R 34 48.97 50.62 21.27
C ASN R 34 50.14 50.40 20.32
N PHE R 35 51.19 49.78 20.83
CA PHE R 35 52.41 49.69 20.03
C PHE R 35 52.41 48.49 19.08
N VAL R 36 51.53 47.51 19.28
CA VAL R 36 51.46 46.38 18.37
C VAL R 36 50.80 46.81 17.06
N VAL R 37 49.76 47.64 17.15
CA VAL R 37 49.21 48.28 15.96
C VAL R 37 50.24 49.22 15.35
N ALA R 38 51.00 49.92 16.20
CA ALA R 38 51.95 50.93 15.71
C ALA R 38 53.13 50.31 14.98
N LYS R 39 53.60 49.14 15.41
CA LYS R 39 54.66 48.48 14.68
C LYS R 39 54.18 47.98 13.33
N SER R 40 52.92 47.57 13.22
CA SER R 40 52.42 47.01 11.98
C SER R 40 52.08 48.08 10.96
N ARG R 41 51.65 49.25 11.41
CA ARG R 41 51.51 50.38 10.49
C ARG R 41 52.87 50.84 9.99
N PHE R 42 53.92 50.66 10.80
CA PHE R 42 55.28 50.92 10.36
C PHE R 42 55.71 49.94 9.28
N TRP R 43 55.44 48.64 9.47
CA TRP R 43 55.83 47.69 8.44
C TRP R 43 54.89 47.67 7.25
N ARG R 44 53.70 48.23 7.40
CA ARG R 44 52.88 48.51 6.24
C ARG R 44 53.55 49.54 5.35
N MET R 45 54.14 50.57 5.96
CA MET R 45 54.71 51.66 5.20
C MET R 45 56.13 51.34 4.73
N MET R 46 56.81 50.42 5.40
CA MET R 46 58.08 49.93 4.88
C MET R 46 57.88 49.06 3.66
N ARG R 47 56.73 48.39 3.56
CA ARG R 47 56.44 47.56 2.41
C ARG R 47 56.00 48.39 1.21
N VAL R 48 55.10 49.35 1.41
CA VAL R 48 54.53 50.10 0.30
C VAL R 48 55.38 51.30 -0.10
N LYS R 49 56.53 51.51 0.53
CA LYS R 49 57.41 52.59 0.12
C LYS R 49 58.85 52.13 -0.10
N ASN R 50 59.28 51.09 0.62
CA ASN R 50 60.69 50.72 0.61
C ASN R 50 60.96 49.27 0.24
N LYS R 51 59.92 48.49 -0.09
CA LYS R 51 60.01 47.06 -0.42
C LYS R 51 60.65 46.23 0.68
N VAL R 52 60.47 46.64 1.93
CA VAL R 52 61.02 45.96 3.08
C VAL R 52 59.88 45.21 3.76
N LYS R 53 60.13 43.96 4.12
CA LYS R 53 59.16 43.17 4.89
C LYS R 53 59.49 43.22 6.37
N ALA R 54 58.54 42.77 7.18
CA ALA R 54 58.77 42.63 8.60
C ALA R 54 59.51 41.35 8.95
N THR R 55 59.44 40.35 8.07
CA THR R 55 60.21 39.13 8.26
C THR R 55 61.69 39.40 8.15
N HIS R 56 62.09 40.15 7.13
CA HIS R 56 63.46 40.65 7.00
C HIS R 56 63.50 42.05 7.59
N GLY R 57 63.29 42.10 8.90
CA GLY R 57 62.92 43.34 9.53
C GLY R 57 63.38 43.52 10.96
N ASP R 58 63.76 44.75 11.31
CA ASP R 58 64.15 45.11 12.68
C ASP R 58 63.32 46.31 13.10
N VAL R 59 62.69 46.24 14.26
CA VAL R 59 62.17 47.42 14.92
C VAL R 59 63.19 47.88 15.96
N LEU R 60 63.87 48.97 15.67
CA LEU R 60 64.92 49.47 16.55
C LEU R 60 64.33 50.16 17.77
N SER R 61 63.15 50.74 17.63
CA SER R 61 62.48 51.47 18.69
C SER R 61 61.00 51.56 18.36
N CYS R 62 60.18 51.54 19.41
CA CYS R 62 58.77 51.92 19.29
C CYS R 62 58.39 52.50 20.65
N LYS R 63 58.53 53.81 20.78
CA LYS R 63 58.28 54.47 22.03
C LYS R 63 57.24 55.57 21.83
N VAL R 64 56.50 55.84 22.89
CA VAL R 64 55.49 56.87 22.86
C VAL R 64 56.17 58.24 22.93
N VAL R 65 55.45 59.27 22.47
CA VAL R 65 55.90 60.64 22.55
C VAL R 65 54.96 61.37 23.52
N LYS R 66 55.50 61.87 24.62
CA LYS R 66 54.68 62.61 25.57
C LYS R 66 54.21 63.93 24.97
N ASP R 67 53.15 64.48 25.54
CA ASP R 67 52.42 65.46 24.75
C ASP R 67 53.02 66.85 24.81
N ALA R 68 52.70 67.59 25.88
CA ALA R 68 52.99 69.02 26.05
C ALA R 68 52.34 69.49 27.33
N LYS R 69 52.52 70.76 27.67
CA LYS R 69 51.55 71.46 28.49
C LYS R 69 50.20 71.44 27.79
N LEU R 70 49.13 71.29 28.56
CA LEU R 70 47.79 71.36 28.01
C LEU R 70 47.44 72.83 27.79
N VAL R 71 47.46 73.26 26.52
CA VAL R 71 47.12 74.62 26.11
C VAL R 71 46.22 74.48 24.89
N ALA R 72 45.21 75.34 24.77
CA ALA R 72 44.35 75.32 23.58
C ALA R 72 45.13 75.80 22.36
N ARG R 73 45.38 74.90 21.43
CA ARG R 73 46.10 75.15 20.20
C ARG R 73 45.19 74.87 19.00
N ASN R 74 45.68 75.21 17.81
CA ASN R 74 45.00 74.94 16.55
C ASN R 74 45.85 73.95 15.77
N TYR R 75 45.29 72.80 15.43
CA TYR R 75 46.07 71.75 14.78
C TYR R 75 45.62 71.52 13.36
N LEU R 76 46.57 71.49 12.42
CA LEU R 76 46.32 71.08 11.04
C LEU R 76 46.58 69.58 10.94
N VAL R 77 45.52 68.79 11.02
CA VAL R 77 45.65 67.33 10.89
C VAL R 77 45.46 67.03 9.41
N ASP R 78 46.55 67.16 8.65
CA ASP R 78 46.56 66.88 7.21
C ASP R 78 46.37 65.39 7.00
N ILE R 79 45.18 64.99 6.60
CA ILE R 79 44.76 63.62 6.74
C ILE R 79 44.23 63.11 5.40
N ALA R 80 44.41 61.82 5.15
CA ALA R 80 43.99 61.21 3.91
C ALA R 80 43.21 59.94 4.23
N TYR R 81 42.31 59.57 3.32
CA TYR R 81 41.47 58.41 3.58
C TYR R 81 41.06 57.77 2.27
N TYR R 82 40.74 56.49 2.33
CA TYR R 82 40.37 55.72 1.15
C TYR R 82 38.88 55.39 1.20
N SER R 83 38.18 55.68 0.12
CA SER R 83 36.87 55.14 -0.16
C SER R 83 36.96 54.38 -1.46
N GLN R 84 36.00 53.47 -1.70
CA GLN R 84 36.08 52.64 -2.90
C GLN R 84 35.82 53.46 -4.16
N ARG R 85 34.74 54.22 -4.17
CA ARG R 85 34.62 55.32 -5.12
C ARG R 85 35.50 56.48 -4.66
N CYS R 86 36.18 57.12 -5.62
CA CYS R 86 37.09 58.26 -5.44
C CYS R 86 38.16 57.98 -4.38
N GLY R 87 39.00 56.99 -4.69
CA GLY R 87 39.97 56.52 -3.73
C GLY R 87 41.09 57.50 -3.45
N TYR R 88 41.53 57.50 -2.18
CA TYR R 88 42.62 58.32 -1.65
C TYR R 88 42.35 59.81 -1.82
N THR R 89 41.33 60.26 -1.08
CA THR R 89 41.02 61.67 -0.93
C THR R 89 41.82 62.23 0.23
N ARG R 90 42.43 63.40 0.04
CA ARG R 90 43.26 64.02 1.06
C ARG R 90 42.68 65.37 1.44
N MET R 91 42.48 65.58 2.74
CA MET R 91 41.96 66.83 3.28
C MET R 91 42.92 67.39 4.31
N VAL R 92 42.62 68.61 4.77
CA VAL R 92 43.53 69.38 5.60
C VAL R 92 43.04 69.52 7.04
N LYS R 93 41.78 69.95 7.23
CA LYS R 93 41.00 69.74 8.46
C LYS R 93 41.66 70.35 9.70
N GLU R 94 41.59 71.67 9.80
CA GLU R 94 42.07 72.31 11.03
C GLU R 94 41.11 72.10 12.20
N PHE R 95 41.69 71.86 13.37
CA PHE R 95 40.99 71.50 14.59
C PHE R 95 41.43 72.41 15.72
N ARG R 96 40.90 72.14 16.91
CA ARG R 96 41.06 73.02 18.06
C ARG R 96 41.01 72.14 19.31
N ASP R 97 42.18 71.79 19.84
CA ASP R 97 42.26 70.86 20.96
C ASP R 97 43.47 71.21 21.81
N VAL R 98 43.56 70.57 22.97
CA VAL R 98 44.60 70.90 23.94
C VAL R 98 45.90 70.15 23.66
N SER R 99 45.84 69.01 22.99
CA SER R 99 47.04 68.23 22.74
C SER R 99 47.08 67.79 21.29
N LYS R 100 48.24 67.30 20.88
CA LYS R 100 48.43 66.87 19.49
C LYS R 100 47.83 65.49 19.25
N THR R 101 47.96 64.59 20.22
CA THR R 101 47.37 63.26 20.09
C THR R 101 45.85 63.29 20.24
N GLY R 102 45.30 64.34 20.82
CA GLY R 102 43.87 64.45 20.93
C GLY R 102 43.28 65.07 19.68
N ALA R 103 44.09 65.84 18.97
CA ALA R 103 43.65 66.48 17.74
C ALA R 103 43.49 65.44 16.63
N VAL R 104 44.38 64.45 16.60
CA VAL R 104 44.26 63.38 15.62
C VAL R 104 43.11 62.48 15.97
N SER R 105 42.83 62.31 17.27
CA SER R 105 41.68 61.52 17.69
C SER R 105 40.37 62.17 17.27
N GLN R 106 40.27 63.50 17.35
CA GLN R 106 39.11 64.20 16.80
C GLN R 106 39.00 64.04 15.30
N ALA R 107 40.14 63.96 14.60
CA ALA R 107 40.10 63.74 13.17
C ALA R 107 39.58 62.35 12.84
N TYR R 108 39.92 61.36 13.66
CA TYR R 108 39.37 60.03 13.46
C TYR R 108 37.91 59.92 13.87
N HIS R 109 37.40 60.85 14.68
CA HIS R 109 35.99 60.78 15.01
C HIS R 109 35.10 61.57 14.05
N ASP R 110 35.65 62.43 13.20
CA ASP R 110 34.84 63.06 12.17
C ASP R 110 35.27 62.72 10.74
N LEU R 111 36.34 61.95 10.56
CA LEU R 111 36.42 61.19 9.32
C LEU R 111 35.49 60.00 9.36
N ALA R 112 35.03 59.64 10.55
CA ALA R 112 34.10 58.54 10.78
C ALA R 112 32.65 58.96 10.66
N SER R 113 32.34 60.22 10.95
CA SER R 113 30.97 60.71 10.91
C SER R 113 30.66 61.46 9.62
N ARG R 114 31.54 62.37 9.22
CA ARG R 114 31.31 63.12 7.99
C ARG R 114 31.53 62.28 6.75
N HIS R 115 32.36 61.24 6.83
CA HIS R 115 32.75 60.51 5.64
C HIS R 115 32.70 59.01 5.76
N ARG R 116 32.48 58.47 6.96
CA ARG R 116 32.37 57.03 7.23
C ARG R 116 33.65 56.27 6.82
N ALA R 117 34.78 56.73 7.33
CA ALA R 117 36.07 56.10 7.10
C ALA R 117 36.59 55.53 8.41
N ARG R 118 37.17 54.34 8.35
CA ARG R 118 37.57 53.61 9.54
C ARG R 118 39.08 53.78 9.74
N TYR R 119 39.62 53.11 10.77
CA TYR R 119 41.00 53.37 11.20
C TYR R 119 42.01 52.99 10.12
N HIS R 120 41.87 51.81 9.54
CA HIS R 120 42.88 51.31 8.62
C HIS R 120 42.76 51.90 7.23
N ASN R 121 41.70 52.65 6.95
CA ASN R 121 41.54 53.38 5.71
C ASN R 121 41.81 54.86 5.89
N ILE R 122 42.74 55.22 6.77
CA ILE R 122 43.09 56.60 7.08
C ILE R 122 44.58 56.68 7.35
N GLU R 123 45.28 57.58 6.66
CA GLU R 123 46.67 57.89 6.95
C GLU R 123 46.78 59.35 7.38
N VAL R 124 47.60 59.61 8.41
CA VAL R 124 47.68 60.91 9.07
C VAL R 124 49.08 61.48 8.88
N LEU R 125 49.15 62.72 8.41
CA LEU R 125 50.38 63.36 7.96
C LEU R 125 50.50 64.72 8.64
N ASN R 126 51.64 65.00 9.26
CA ASN R 126 52.09 66.36 9.60
C ASN R 126 51.09 67.09 10.50
N VAL R 127 50.97 66.62 11.73
CA VAL R 127 50.12 67.28 12.72
C VAL R 127 50.95 68.36 13.40
N LYS R 128 50.50 69.60 13.31
CA LYS R 128 51.27 70.71 13.82
C LYS R 128 50.34 71.74 14.43
N SER R 129 50.75 72.30 15.56
CA SER R 129 50.00 73.39 16.18
C SER R 129 50.32 74.68 15.43
N ILE R 130 49.30 75.29 14.84
CA ILE R 130 49.48 76.49 14.04
C ILE R 130 48.96 77.67 14.86
N PRO R 131 49.38 78.92 14.58
CA PRO R 131 48.86 80.05 15.36
C PRO R 131 47.43 80.43 15.01
N ASP R 132 46.92 81.48 15.66
CA ASP R 132 45.54 81.88 15.45
C ASP R 132 45.36 82.54 14.08
N HIS R 133 46.35 83.32 13.64
CA HIS R 133 46.19 84.10 12.42
C HIS R 133 46.38 83.28 11.15
N GLU R 134 46.67 81.99 11.26
CA GLU R 134 46.73 81.11 10.11
C GLU R 134 45.49 80.24 9.96
N VAL R 135 44.56 80.26 10.92
CA VAL R 135 43.36 79.46 10.84
C VAL R 135 42.42 80.05 9.80
N LYS R 136 42.01 79.22 8.84
CA LYS R 136 41.27 79.71 7.69
C LYS R 136 39.76 79.59 7.87
N HIS R 137 39.26 78.47 8.38
CA HIS R 137 37.82 78.32 8.56
C HIS R 137 37.35 79.08 9.79
N LEU R 138 36.23 79.79 9.62
CA LEU R 138 35.64 80.59 10.67
C LEU R 138 34.96 79.78 11.76
N SER R 139 34.76 78.48 11.56
CA SER R 139 34.21 77.63 12.61
C SER R 139 35.27 77.19 13.62
N ILE R 140 36.54 77.53 13.39
CA ILE R 140 37.60 77.29 14.36
C ILE R 140 38.16 78.66 14.74
N ALA R 141 38.14 79.58 13.77
CA ALA R 141 38.66 80.93 13.98
C ALA R 141 37.80 81.77 14.91
N GLN R 142 36.57 81.36 15.18
CA GLN R 142 35.69 82.08 16.07
C GLN R 142 36.05 81.93 17.54
N TYR R 143 36.99 81.05 17.87
CA TYR R 143 37.41 80.88 19.26
C TYR R 143 38.63 81.72 19.58
N HIS R 144 39.19 82.43 18.62
CA HIS R 144 40.34 83.28 18.92
C HIS R 144 39.91 84.65 19.41
N ALA R 145 38.61 84.90 19.47
CA ALA R 145 38.12 86.16 19.98
C ALA R 145 38.45 86.27 21.45
N PRO R 146 39.06 87.37 21.89
CA PRO R 146 39.53 87.46 23.28
C PRO R 146 38.44 87.63 24.32
N ASN R 147 37.19 87.75 23.90
CA ASN R 147 36.06 88.01 24.78
C ASN R 147 34.85 87.16 24.38
N LEU R 148 35.04 85.83 24.30
CA LEU R 148 34.03 84.89 23.78
C LEU R 148 32.66 84.95 24.46
N SER R 149 32.57 84.51 25.72
CA SER R 149 31.41 84.73 26.60
C SER R 149 30.12 84.15 26.00
N PHE R 150 30.01 82.83 26.01
CA PHE R 150 28.74 82.21 25.67
C PHE R 150 28.06 81.57 26.87
N PRO R 151 26.73 81.46 26.85
CA PRO R 151 26.02 80.76 27.93
C PRO R 151 25.79 79.28 27.65
N LEU R 152 25.77 78.51 28.74
CA LEU R 152 25.43 77.10 28.66
C LEU R 152 23.93 77.00 28.74
N LEU R 153 23.29 77.03 27.59
CA LEU R 153 21.86 76.88 27.50
C LEU R 153 21.53 75.45 27.14
N GLN R 154 20.31 75.05 27.49
CA GLN R 154 19.68 73.82 27.04
C GLN R 154 20.47 72.59 27.51
N ARG R 155 20.55 72.46 28.84
CA ARG R 155 21.45 71.54 29.49
C ARG R 155 20.76 70.24 29.92
N ARG R 156 21.59 69.31 30.39
CA ARG R 156 21.19 67.96 30.76
C ARG R 156 21.83 67.63 32.12
N ILE R 157 21.55 68.46 33.12
CA ILE R 157 22.11 68.28 34.45
C ILE R 157 21.51 67.01 35.05
N LYS R 158 22.31 65.95 35.09
CA LYS R 158 21.89 64.67 35.63
C LYS R 158 22.47 64.50 37.02
N ALA R 159 21.87 63.60 37.79
CA ALA R 159 22.35 63.38 39.15
C ALA R 159 23.64 62.55 39.14
N ALA R 160 24.24 62.41 40.32
CA ALA R 160 25.65 62.06 40.40
C ALA R 160 25.90 60.57 40.66
N ARG R 161 25.00 59.70 40.17
CA ARG R 161 25.11 58.23 40.11
C ARG R 161 24.99 57.57 41.48
N LYS R 162 25.06 58.36 42.55
CA LYS R 162 24.90 57.93 43.92
C LYS R 162 23.58 58.39 44.48
N ASP R 163 23.01 59.45 43.90
CA ASP R 163 21.75 60.03 44.33
C ASP R 163 20.75 60.16 43.20
N ARG R 164 20.90 59.35 42.13
CA ARG R 164 19.95 59.40 41.04
C ARG R 164 18.67 58.74 41.49
N ALA R 165 17.55 59.14 40.89
CA ALA R 165 16.26 58.64 41.33
C ALA R 165 15.37 58.30 40.15
N ILE R 166 14.22 57.74 40.48
CA ILE R 166 13.24 57.34 39.50
C ILE R 166 11.96 58.17 39.60
N PHE R 167 11.44 58.36 40.80
CA PHE R 167 10.27 59.19 41.05
C PHE R 167 10.65 60.27 42.04
N VAL R 168 10.79 61.51 41.59
CA VAL R 168 10.97 62.65 42.48
C VAL R 168 9.68 63.47 42.44
N LYS R 169 9.56 64.42 43.35
CA LYS R 169 8.25 64.87 43.85
C LYS R 169 7.81 66.21 43.22
N LYS R 170 8.08 66.39 41.94
CA LYS R 170 7.46 67.33 40.99
C LYS R 170 7.80 68.80 41.18
N ASN R 171 8.16 69.22 42.39
CA ASN R 171 8.62 70.57 42.67
C ASN R 171 9.67 70.54 43.77
N THR R 172 10.18 69.36 44.03
CA THR R 172 10.79 68.99 45.30
C THR R 172 11.97 68.10 44.96
N LYS R 173 13.00 68.15 45.79
CA LYS R 173 14.17 67.32 45.58
C LYS R 173 14.07 65.97 46.28
N ARG R 174 12.87 65.48 46.56
CA ARG R 174 12.69 64.22 47.27
C ARG R 174 12.93 63.03 46.34
N ALA R 175 12.66 61.84 46.84
CA ALA R 175 12.72 60.63 46.03
C ALA R 175 11.71 59.65 46.62
N VAL R 176 10.53 59.58 46.02
CA VAL R 176 9.48 58.71 46.52
C VAL R 176 9.76 57.26 46.16
N VAL R 177 10.31 57.02 44.98
CA VAL R 177 10.91 55.73 44.64
C VAL R 177 12.33 56.02 44.18
N ALA R 178 13.29 55.32 44.79
CA ALA R 178 14.69 55.27 44.39
C ALA R 178 15.38 56.63 44.42
N VAL S 1 39.32 13.44 -19.22
CA VAL S 1 39.52 14.49 -20.22
C VAL S 1 38.94 14.08 -21.57
N HIS S 2 37.81 13.36 -21.50
CA HIS S 2 36.97 12.84 -22.58
C HIS S 2 37.62 11.66 -23.29
N SER S 3 38.88 11.38 -22.98
CA SER S 3 39.57 10.21 -23.49
C SER S 3 40.58 9.82 -22.43
N TYR S 4 40.77 8.53 -22.27
CA TYR S 4 41.57 8.04 -21.17
C TYR S 4 42.68 7.15 -21.69
N GLY S 5 43.31 7.62 -22.75
CA GLY S 5 44.43 6.93 -23.34
C GLY S 5 45.69 7.17 -22.55
N TYR S 6 46.81 6.80 -23.16
CA TYR S 6 48.05 6.83 -22.40
C TYR S 6 48.59 8.24 -22.28
N LYS S 7 48.55 9.01 -23.36
CA LYS S 7 49.05 10.38 -23.38
C LYS S 7 47.83 11.28 -23.55
N SER S 8 47.17 11.58 -22.45
CA SER S 8 45.95 12.38 -22.47
C SER S 8 46.09 13.51 -21.46
N GLY S 9 45.93 14.74 -21.92
CA GLY S 9 46.25 15.86 -21.06
C GLY S 9 47.72 16.14 -20.98
N THR S 10 48.51 15.57 -21.88
CA THR S 10 49.95 15.75 -21.92
C THR S 10 50.38 16.73 -22.99
N ARG S 11 49.55 17.75 -23.25
CA ARG S 11 49.87 18.71 -24.30
C ARG S 11 51.05 19.57 -23.93
N HIS S 12 50.93 20.31 -22.83
CA HIS S 12 52.03 21.13 -22.32
C HIS S 12 53.03 20.32 -21.54
N LEU S 13 52.70 19.09 -21.17
CA LEU S 13 53.50 18.32 -20.23
C LEU S 13 54.61 17.55 -20.94
N PHE S 14 54.29 16.91 -22.06
CA PHE S 14 55.29 16.27 -22.90
C PHE S 14 55.77 17.18 -24.01
N ALA S 15 55.76 18.50 -23.80
CA ALA S 15 56.34 19.40 -24.77
C ALA S 15 57.76 19.76 -24.35
N LYS S 16 58.46 20.46 -25.24
CA LYS S 16 59.83 20.88 -24.96
C LYS S 16 59.87 22.39 -24.79
N LYS S 17 60.81 22.83 -23.96
CA LYS S 17 60.94 24.24 -23.59
C LYS S 17 61.39 25.06 -24.81
N PHE S 18 61.07 26.35 -24.79
CA PHE S 18 61.29 27.24 -25.93
C PHE S 18 62.78 27.41 -26.21
N ARG S 19 63.16 27.10 -27.46
CA ARG S 19 64.55 27.02 -27.94
C ARG S 19 65.37 26.01 -27.13
N LYS S 20 64.73 24.92 -26.71
CA LYS S 20 65.41 23.82 -26.05
C LYS S 20 65.12 22.49 -26.74
N HIS S 21 64.70 22.53 -28.01
CA HIS S 21 64.35 21.35 -28.77
C HIS S 21 65.59 20.55 -29.17
N GLY S 22 65.35 19.36 -29.69
CA GLY S 22 66.40 18.54 -30.23
C GLY S 22 66.50 17.20 -29.54
N ALA S 23 67.23 16.30 -30.19
CA ALA S 23 67.52 14.97 -29.68
C ALA S 23 68.42 15.08 -28.43
N PRO S 24 68.41 14.07 -27.55
CA PRO S 24 69.13 14.19 -26.28
C PRO S 24 70.65 14.25 -26.47
N SER S 25 71.30 14.75 -25.44
CA SER S 25 72.69 15.14 -25.54
C SER S 25 73.60 13.98 -25.15
N VAL S 26 74.89 14.15 -25.46
CA VAL S 26 75.86 13.06 -25.31
C VAL S 26 76.16 12.82 -23.83
N SER S 27 76.03 13.84 -22.99
CA SER S 27 76.23 13.66 -21.56
C SER S 27 75.08 12.95 -20.88
N THR S 28 73.98 12.67 -21.59
CA THR S 28 72.93 11.82 -21.06
C THR S 28 73.23 10.36 -21.35
N ILE S 29 73.79 10.09 -22.52
CA ILE S 29 74.25 8.74 -22.87
C ILE S 29 75.39 8.30 -21.98
N LEU S 30 76.38 9.17 -21.76
CA LEU S 30 77.54 8.80 -20.98
C LEU S 30 77.27 8.70 -19.49
N THR S 31 76.23 9.39 -19.00
CA THR S 31 75.83 9.30 -17.60
C THR S 31 75.36 7.90 -17.23
N ASN S 32 76.15 7.18 -16.45
CA ASN S 32 75.87 5.78 -16.18
C ASN S 32 75.05 5.60 -14.91
N ILE S 33 73.94 4.88 -15.03
CA ILE S 33 72.98 4.68 -13.97
C ILE S 33 73.26 3.34 -13.32
N LYS S 34 73.31 3.31 -12.00
CA LYS S 34 73.66 2.11 -11.25
C LYS S 34 72.48 1.73 -10.36
N VAL S 35 72.35 0.42 -10.09
CA VAL S 35 71.24 -0.09 -9.28
C VAL S 35 71.39 0.38 -7.84
N GLY S 36 70.32 0.92 -7.28
CA GLY S 36 70.36 1.46 -5.95
C GLY S 36 70.50 2.97 -5.89
N ASP S 37 70.56 3.64 -7.04
CA ASP S 37 70.74 5.07 -7.11
C ASP S 37 69.40 5.78 -7.24
N TYR S 38 69.29 6.92 -6.57
CA TYR S 38 68.16 7.82 -6.75
C TYR S 38 68.24 8.47 -8.11
N VAL S 39 67.27 8.18 -8.97
CA VAL S 39 67.14 8.91 -10.22
C VAL S 39 65.84 9.69 -10.18
N ASP S 40 65.56 10.42 -11.24
CA ASP S 40 64.54 11.45 -11.26
C ASP S 40 63.86 11.37 -12.63
N VAL S 41 62.73 10.64 -12.71
CA VAL S 41 62.12 10.39 -14.02
C VAL S 41 61.50 11.67 -14.55
N VAL S 42 61.99 12.11 -15.71
CA VAL S 42 61.46 13.28 -16.41
C VAL S 42 61.34 12.85 -17.86
N ALA S 43 60.11 12.76 -18.35
CA ALA S 43 59.87 12.22 -19.68
C ALA S 43 60.35 13.18 -20.75
N ASP S 44 61.13 12.66 -21.67
CA ASP S 44 61.80 13.41 -22.72
C ASP S 44 61.12 13.05 -24.04
N SER S 45 60.13 13.85 -24.44
CA SER S 45 59.75 13.84 -25.83
C SER S 45 60.89 14.41 -26.66
N ALA S 46 60.92 14.03 -27.94
CA ALA S 46 62.03 13.88 -28.90
C ALA S 46 62.71 12.53 -28.75
N VAL S 47 62.30 11.70 -27.81
CA VAL S 47 62.62 10.28 -27.82
C VAL S 47 61.40 9.46 -28.20
N ARG S 48 60.28 9.66 -27.48
CA ARG S 48 58.95 9.09 -27.76
C ARG S 48 59.00 7.57 -27.75
N GLU S 49 59.81 7.01 -26.87
CA GLU S 49 60.10 5.57 -26.89
C GLU S 49 60.54 5.19 -25.49
N GLY S 50 59.75 4.39 -24.80
CA GLY S 50 60.05 4.06 -23.43
C GLY S 50 59.78 5.17 -22.47
N MET S 51 58.86 6.07 -22.79
CA MET S 51 58.52 7.16 -21.91
C MET S 51 57.76 6.63 -20.70
N PRO S 52 57.87 7.28 -19.56
CA PRO S 52 56.98 6.93 -18.46
C PRO S 52 55.59 7.46 -18.73
N HIS S 53 54.62 6.99 -17.96
CA HIS S 53 53.31 7.59 -17.99
C HIS S 53 53.38 8.99 -17.38
N LYS S 54 52.33 9.78 -17.60
CA LYS S 54 52.32 11.19 -17.22
C LYS S 54 52.37 11.39 -15.72
N TYR S 55 52.04 10.35 -14.93
CA TYR S 55 52.11 10.46 -13.48
C TYR S 55 53.55 10.54 -13.02
N TYR S 56 54.44 9.82 -13.69
CA TYR S 56 55.81 9.68 -13.23
C TYR S 56 56.70 10.72 -13.91
N HIS S 57 56.36 11.99 -13.75
CA HIS S 57 57.14 13.01 -14.43
C HIS S 57 57.84 13.98 -13.48
N GLY S 58 57.28 14.30 -12.35
CA GLY S 58 58.12 15.01 -11.42
C GLY S 58 58.80 14.10 -10.44
N ARG S 59 58.60 12.80 -10.58
CA ARG S 59 58.85 11.84 -9.54
C ARG S 59 60.29 11.38 -9.53
N THR S 60 60.69 10.81 -8.40
CA THR S 60 62.07 10.41 -8.19
C THR S 60 62.13 9.23 -7.23
N GLY S 61 62.84 8.18 -7.63
CA GLY S 61 62.90 6.97 -6.85
C GLY S 61 64.20 6.21 -7.01
N ILE S 62 64.22 4.96 -6.56
CA ILE S 62 65.42 4.14 -6.52
C ILE S 62 65.44 3.23 -7.74
N VAL S 63 66.57 3.19 -8.43
CA VAL S 63 66.80 2.21 -9.48
C VAL S 63 66.88 0.82 -8.89
N TRP S 64 66.10 -0.11 -9.42
CA TRP S 64 66.22 -1.51 -9.07
C TRP S 64 66.66 -2.38 -10.24
N ASN S 65 66.63 -1.86 -11.46
CA ASN S 65 66.89 -2.64 -12.66
C ASN S 65 67.71 -1.79 -13.62
N VAL S 66 68.76 -2.38 -14.19
CA VAL S 66 69.51 -1.77 -15.27
C VAL S 66 69.67 -2.82 -16.36
N THR S 67 69.09 -2.56 -17.53
CA THR S 67 69.10 -3.40 -18.71
C THR S 67 69.91 -2.62 -19.74
N PRO S 68 70.21 -3.11 -20.97
CA PRO S 68 71.09 -2.32 -21.85
C PRO S 68 70.62 -0.93 -22.26
N ARG S 69 69.33 -0.71 -22.49
CA ARG S 69 68.86 0.65 -22.71
C ARG S 69 67.69 1.02 -21.80
N GLY S 70 67.61 0.40 -20.63
CA GLY S 70 66.48 0.59 -19.76
C GLY S 70 66.90 0.77 -18.32
N VAL S 71 66.04 1.46 -17.58
CA VAL S 71 66.19 1.66 -16.15
C VAL S 71 64.85 1.33 -15.52
N GLY S 72 64.84 0.38 -14.60
CA GLY S 72 63.72 0.24 -13.70
C GLY S 72 63.89 1.18 -12.52
N VAL S 73 62.79 1.72 -12.02
CA VAL S 73 62.86 2.66 -10.91
C VAL S 73 61.61 2.51 -10.06
N ILE S 74 61.79 2.44 -8.74
CA ILE S 74 60.72 2.19 -7.80
C ILE S 74 60.18 3.53 -7.33
N ILE S 75 58.93 3.82 -7.66
CA ILE S 75 58.31 5.12 -7.42
C ILE S 75 57.02 4.91 -6.64
N ASN S 76 56.85 5.67 -5.57
CA ASN S 76 55.69 5.55 -4.70
C ASN S 76 54.48 6.23 -5.34
N LYS S 77 53.37 5.51 -5.42
CA LYS S 77 52.11 6.05 -5.91
C LYS S 77 51.03 5.80 -4.86
N PRO S 78 50.46 6.84 -4.26
CA PRO S 78 49.39 6.63 -3.28
C PRO S 78 48.04 6.37 -3.97
N VAL S 79 47.33 5.34 -3.52
CA VAL S 79 46.17 4.91 -4.29
C VAL S 79 44.88 5.26 -3.57
N ARG S 80 44.57 4.60 -2.45
CA ARG S 80 43.44 5.03 -1.64
C ARG S 80 43.91 5.33 -0.23
N THR S 81 44.34 4.31 0.52
CA THR S 81 44.70 4.44 1.91
C THR S 81 46.12 3.95 2.16
N ARG S 82 46.91 3.87 1.09
CA ARG S 82 48.18 3.18 1.12
C ARG S 82 49.06 3.77 0.04
N THR S 83 50.36 3.62 0.19
CA THR S 83 51.33 4.14 -0.76
C THR S 83 52.10 2.94 -1.27
N LEU S 84 51.64 2.37 -2.38
CA LEU S 84 52.32 1.22 -2.95
C LEU S 84 53.40 1.66 -3.92
N ARG S 85 54.37 0.78 -4.12
CA ARG S 85 55.63 1.11 -4.78
C ARG S 85 55.61 0.60 -6.20
N LYS S 86 55.49 1.51 -7.17
CA LYS S 86 55.37 1.14 -8.57
C LYS S 86 56.76 0.99 -9.16
N ARG S 87 56.97 -0.15 -9.82
CA ARG S 87 58.25 -0.45 -10.46
C ARG S 87 58.06 -0.27 -11.96
N ILE S 88 58.24 0.96 -12.42
CA ILE S 88 58.13 1.25 -13.85
C ILE S 88 59.47 0.96 -14.50
N CYS S 89 59.48 0.89 -15.83
CA CYS S 89 60.70 0.70 -16.58
C CYS S 89 60.68 1.61 -17.79
N VAL S 90 61.69 2.46 -17.89
CA VAL S 90 61.74 3.49 -18.92
C VAL S 90 63.01 3.26 -19.74
N ARG S 91 63.14 4.06 -20.78
CA ARG S 91 64.39 4.19 -21.51
C ARG S 91 65.32 5.08 -20.67
N PHE S 92 66.62 5.05 -20.98
CA PHE S 92 67.57 5.71 -20.11
C PHE S 92 67.59 7.23 -20.27
N GLU S 93 66.97 7.79 -21.31
CA GLU S 93 66.92 9.24 -21.46
C GLU S 93 65.87 9.88 -20.59
N HIS S 94 64.94 9.10 -20.07
CA HIS S 94 63.85 9.64 -19.29
C HIS S 94 64.16 9.65 -17.81
N VAL S 95 65.40 9.37 -17.43
CA VAL S 95 65.86 9.50 -16.05
C VAL S 95 67.00 10.50 -16.02
N ARG S 96 66.99 11.35 -14.99
CA ARG S 96 68.13 12.14 -14.56
C ARG S 96 68.58 11.59 -13.23
N LYS S 97 69.88 11.65 -12.95
CA LYS S 97 70.35 11.36 -11.61
C LYS S 97 69.87 12.44 -10.66
N SER S 98 69.47 12.03 -9.46
CA SER S 98 68.81 12.92 -8.53
C SER S 98 69.83 13.54 -7.60
N ARG S 99 69.74 14.86 -7.42
CA ARG S 99 70.52 15.59 -6.43
C ARG S 99 69.76 15.77 -5.13
N CYS S 100 68.96 14.78 -4.76
CA CYS S 100 68.15 14.89 -3.56
C CYS S 100 68.99 14.72 -2.31
N GLN S 101 69.93 13.78 -2.33
CA GLN S 101 70.85 13.54 -1.22
C GLN S 101 72.14 14.34 -1.35
N GLU S 102 72.12 15.48 -2.05
CA GLU S 102 73.34 16.27 -2.19
C GLU S 102 73.71 16.97 -0.89
N ALA S 103 72.72 17.51 -0.19
CA ALA S 103 72.96 18.20 1.06
C ALA S 103 73.22 17.27 2.22
N PHE S 104 73.00 15.97 2.05
CA PHE S 104 73.34 15.00 3.08
C PHE S 104 74.70 14.39 2.88
N LYS S 105 75.13 14.18 1.64
CA LYS S 105 76.52 13.80 1.41
C LYS S 105 77.48 14.96 1.62
N ALA S 106 76.96 16.20 1.70
CA ALA S 106 77.82 17.35 1.97
C ALA S 106 78.15 17.45 3.45
N LYS S 107 77.15 17.28 4.32
CA LYS S 107 77.43 17.32 5.74
C LYS S 107 77.91 15.98 6.28
N GLU S 108 77.84 14.93 5.47
CA GLU S 108 78.53 13.70 5.85
C GLU S 108 80.03 13.83 5.64
N HIS S 109 80.45 14.32 4.49
CA HIS S 109 81.87 14.53 4.23
C HIS S 109 82.45 15.68 5.02
N GLN S 110 81.60 16.56 5.57
CA GLN S 110 82.03 17.53 6.56
C GLN S 110 82.26 16.89 7.92
N PHE S 111 81.70 15.72 8.15
CA PHE S 111 81.95 14.97 9.38
C PHE S 111 83.12 13.99 9.23
N GLN S 112 83.71 13.89 8.04
CA GLN S 112 85.07 13.37 7.94
C GLN S 112 86.08 14.48 7.68
N ALA S 113 85.63 15.71 7.45
CA ALA S 113 86.55 16.85 7.46
C ALA S 113 86.87 17.25 8.90
N TYR S 114 85.84 17.56 9.68
CA TYR S 114 85.88 17.42 11.12
C TYR S 114 86.02 15.94 11.46
N LEU S 115 86.60 15.64 12.62
CA LEU S 115 87.19 14.36 13.08
C LEU S 115 88.47 13.98 12.36
N ALA S 116 88.86 14.69 11.32
CA ALA S 116 90.22 14.61 10.81
C ALA S 116 91.01 15.85 11.18
N ALA S 117 90.35 16.81 11.81
CA ALA S 117 90.99 17.99 12.36
C ALA S 117 90.93 18.02 13.88
N LYS S 118 90.16 17.13 14.51
CA LYS S 118 90.07 17.11 15.96
C LYS S 118 90.97 16.05 16.59
N LYS S 119 90.99 14.83 16.05
CA LYS S 119 91.76 13.78 16.70
C LYS S 119 93.25 13.94 16.43
N ALA S 120 93.62 14.43 15.25
CA ALA S 120 95.02 14.56 14.87
C ALA S 120 95.54 15.98 15.06
N GLY S 121 94.98 16.94 14.34
CA GLY S 121 95.39 18.31 14.42
C GLY S 121 94.53 19.10 15.39
N LYS S 122 94.49 20.41 15.18
CA LYS S 122 93.60 21.27 15.94
C LYS S 122 92.92 22.35 15.12
N ALA S 123 93.27 22.54 13.85
CA ALA S 123 92.80 23.68 13.06
C ALA S 123 91.37 23.44 12.61
N LEU S 124 90.47 24.33 13.02
CA LEU S 124 89.05 24.25 12.67
C LEU S 124 88.58 25.59 12.13
N PRO S 125 87.61 25.57 11.23
CA PRO S 125 86.88 26.81 10.92
C PRO S 125 85.96 27.17 12.07
N PRO S 126 85.84 28.45 12.40
CA PRO S 126 85.06 28.85 13.58
C PRO S 126 83.57 28.68 13.38
N LEU S 127 82.87 28.47 14.49
CA LEU S 127 81.42 28.37 14.46
C LEU S 127 80.81 29.74 14.23
N LYS S 128 79.68 29.76 13.52
CA LYS S 128 79.08 31.01 13.08
C LYS S 128 78.11 31.50 14.13
N LYS S 129 78.25 32.77 14.50
CA LYS S 129 77.38 33.38 15.49
C LYS S 129 76.07 33.82 14.84
N SER S 130 75.01 33.84 15.63
CA SER S 130 73.68 34.14 15.13
C SER S 130 73.51 35.65 14.92
N SER S 131 72.78 36.00 13.87
CA SER S 131 72.43 37.39 13.60
C SER S 131 71.23 37.85 14.40
N ARG S 132 70.64 36.98 15.21
CA ARG S 132 69.44 37.27 15.98
C ARG S 132 69.76 37.79 17.38
N MET S 133 71.03 37.96 17.72
CA MET S 133 71.42 38.52 19.00
C MET S 133 71.24 40.03 19.00
N GLY S 134 71.31 40.62 20.19
CA GLY S 134 71.09 42.04 20.34
C GLY S 134 72.34 42.88 20.31
N GLY S 135 72.65 43.47 19.16
CA GLY S 135 73.77 44.36 19.04
C GLY S 135 73.37 45.82 19.11
N ILE S 136 74.35 46.69 18.92
CA ILE S 136 74.11 48.12 18.85
C ILE S 136 74.10 48.54 17.39
N VAL S 137 73.26 49.51 17.06
CA VAL S 137 73.10 49.98 15.69
C VAL S 137 73.76 51.34 15.58
N ARG S 138 74.74 51.46 14.69
CA ARG S 138 75.37 52.74 14.37
C ARG S 138 74.72 53.28 13.10
N PRO S 139 73.85 54.28 13.18
CA PRO S 139 73.11 54.73 11.99
C PRO S 139 73.99 55.52 11.03
N LYS S 140 74.37 54.92 9.91
CA LYS S 140 75.13 55.64 8.90
C LYS S 140 74.25 56.43 7.96
N ASN S 141 72.93 56.24 8.03
CA ASN S 141 71.98 56.96 7.20
C ASN S 141 70.62 56.84 7.87
N VAL S 142 69.92 57.96 8.03
CA VAL S 142 68.55 57.93 8.51
C VAL S 142 67.66 58.65 7.50
N GLU S 143 66.43 58.16 7.38
CA GLU S 143 65.40 58.80 6.59
C GLU S 143 64.22 59.08 7.49
N VAL S 144 63.14 59.59 6.89
CA VAL S 144 61.87 59.77 7.57
C VAL S 144 60.80 59.15 6.68
N LEU S 145 60.16 58.11 7.18
CA LEU S 145 59.10 57.40 6.47
C LEU S 145 57.80 58.11 6.81
N ALA S 146 57.21 58.82 5.84
CA ALA S 146 56.15 59.75 6.22
C ALA S 146 54.95 59.85 5.30
N ARG S 147 54.94 59.17 4.14
CA ARG S 147 53.83 59.21 3.16
C ARG S 147 53.56 60.65 2.71
N ARG S 148 54.47 61.14 1.87
CA ARG S 148 54.35 62.48 1.30
C ARG S 148 53.08 62.62 0.46
N VAL S 149 52.73 63.89 0.19
CA VAL S 149 51.52 64.22 -0.56
C VAL S 149 51.61 63.74 -1.99
N ALA S 150 52.80 63.83 -2.59
CA ALA S 150 53.03 63.48 -3.98
C ALA S 150 53.10 61.98 -4.20
N ASP S 151 52.92 61.16 -3.17
CA ASP S 151 52.88 59.71 -3.35
C ASP S 151 51.54 59.24 -3.90
N TYR S 152 50.50 60.06 -3.78
CA TYR S 152 49.18 59.71 -4.27
C TYR S 152 48.99 59.99 -5.76
N GLU S 153 49.77 60.91 -6.32
CA GLU S 153 49.56 61.34 -7.71
C GLU S 153 50.24 60.40 -8.69
N ALA S 154 49.97 59.10 -8.58
CA ALA S 154 50.52 58.11 -9.48
C ALA S 154 49.62 56.87 -9.52
N THR T 1 -25.15 -7.78 46.81
CA THR T 1 -23.80 -7.35 46.48
C THR T 1 -23.73 -6.04 45.74
N HIS T 2 -24.75 -5.21 45.89
CA HIS T 2 -25.00 -4.15 44.93
C HIS T 2 -24.99 -2.75 45.48
N TYR T 3 -25.27 -2.55 46.76
CA TYR T 3 -25.44 -1.18 47.25
C TYR T 3 -24.07 -0.54 47.44
N SER T 4 -23.87 0.59 46.76
CA SER T 4 -22.62 1.31 46.85
C SER T 4 -22.42 1.88 48.25
N ARG T 5 -23.50 2.30 48.89
CA ARG T 5 -23.43 2.96 50.18
C ARG T 5 -24.40 2.27 51.12
N LYS T 6 -24.06 2.32 52.40
CA LYS T 6 -24.94 1.77 53.41
C LYS T 6 -25.53 2.91 54.24
N PRO T 7 -26.69 2.71 54.85
CA PRO T 7 -27.25 3.75 55.70
C PRO T 7 -26.46 3.93 56.97
N GLN T 8 -26.67 5.10 57.59
CA GLN T 8 -26.11 5.38 58.91
C GLN T 8 -26.73 4.45 59.93
N VAL T 9 -28.03 4.59 60.11
CA VAL T 9 -28.82 3.74 60.99
C VAL T 9 -29.66 2.85 60.09
N SER T 10 -29.30 1.57 60.00
CA SER T 10 -30.01 0.65 59.12
C SER T 10 -31.37 0.25 59.67
N SER T 11 -31.61 0.46 60.95
CA SER T 11 -32.92 0.18 61.54
C SER T 11 -33.89 1.34 61.38
N LYS T 12 -33.51 2.37 60.64
CA LYS T 12 -34.39 3.48 60.27
C LYS T 12 -34.22 3.81 58.80
N SER T 13 -34.02 2.78 57.97
CA SER T 13 -33.74 3.02 56.55
C SER T 13 -34.20 1.84 55.73
N ALA T 14 -35.07 2.10 54.74
CA ALA T 14 -35.64 1.07 53.90
C ALA T 14 -35.01 1.10 52.50
N LYS T 15 -34.65 -0.06 51.99
CA LYS T 15 -33.96 -0.22 50.72
C LYS T 15 -34.94 -0.64 49.62
N ALA T 16 -34.56 -0.32 48.38
CA ALA T 16 -35.26 -0.83 47.20
C ALA T 16 -34.28 -0.88 46.04
N LYS T 17 -34.60 -1.72 45.05
CA LYS T 17 -33.63 -2.06 44.04
C LYS T 17 -34.34 -2.66 42.83
N VAL T 18 -33.81 -2.41 41.62
CA VAL T 18 -34.35 -2.99 40.39
C VAL T 18 -33.26 -3.83 39.75
N SER T 19 -33.62 -5.04 39.32
CA SER T 19 -32.64 -5.99 38.79
C SER T 19 -32.17 -5.58 37.40
N ASP T 20 -33.07 -5.51 36.44
CA ASP T 20 -32.79 -5.02 35.08
C ASP T 20 -34.07 -4.33 34.61
N LEU T 21 -34.06 -3.01 34.55
CA LEU T 21 -35.32 -2.30 34.47
C LEU T 21 -35.91 -2.31 33.07
N ARG T 22 -35.06 -2.30 32.03
CA ARG T 22 -35.45 -2.14 30.62
C ARG T 22 -36.27 -0.86 30.42
N CYS T 23 -35.75 0.22 30.98
CA CYS T 23 -35.97 1.57 30.52
C CYS T 23 -34.67 2.04 29.93
N HIS T 24 -34.65 3.25 29.38
CA HIS T 24 -33.38 3.78 28.90
C HIS T 24 -32.53 4.21 30.09
N TYR T 25 -31.23 3.87 30.01
CA TYR T 25 -30.28 4.30 31.04
C TYR T 25 -30.20 5.82 31.12
N LYS T 26 -30.09 6.48 29.97
CA LYS T 26 -29.90 7.91 29.90
C LYS T 26 -31.17 8.71 30.15
N ASN T 27 -32.28 8.07 30.48
CA ASN T 27 -33.46 8.80 30.93
C ASN T 27 -33.80 8.49 32.37
N THR T 28 -33.56 7.26 32.80
CA THR T 28 -33.68 6.87 34.19
C THR T 28 -32.51 7.39 35.01
N PHE T 29 -31.45 7.84 34.35
CA PHE T 29 -30.38 8.56 35.03
C PHE T 29 -30.88 9.87 35.63
N GLU T 30 -31.61 10.66 34.84
CA GLU T 30 -32.04 11.97 35.31
C GLU T 30 -33.37 11.93 36.02
N THR T 31 -34.24 10.98 35.68
CA THR T 31 -35.48 10.78 36.41
C THR T 31 -35.20 10.46 37.86
N ALA T 32 -34.13 9.72 38.11
CA ALA T 32 -33.83 9.27 39.45
C ALA T 32 -32.86 10.17 40.18
N ASN T 33 -31.92 10.84 39.50
CA ASN T 33 -30.99 11.70 40.21
C ASN T 33 -31.62 12.98 40.72
N VAL T 34 -32.81 13.33 40.24
CA VAL T 34 -33.43 14.58 40.69
C VAL T 34 -34.04 14.42 42.07
N ILE T 35 -34.29 13.20 42.52
CA ILE T 35 -34.93 12.97 43.82
C ILE T 35 -33.92 12.59 44.89
N ASN T 36 -32.64 12.86 44.69
CA ASN T 36 -31.59 12.37 45.58
C ASN T 36 -31.49 13.14 46.89
N GLY T 37 -32.29 14.17 47.11
CA GLY T 37 -32.21 14.87 48.37
C GLY T 37 -33.58 15.12 48.92
N MET T 38 -34.57 14.74 48.15
CA MET T 38 -35.97 15.01 48.45
C MET T 38 -36.49 14.08 49.52
N PRO T 39 -37.50 14.50 50.26
CA PRO T 39 -38.32 13.56 51.02
C PRO T 39 -39.07 12.62 50.10
N LEU T 40 -39.62 11.55 50.69
CA LEU T 40 -40.34 10.55 49.92
C LEU T 40 -41.60 11.12 49.28
N ARG T 41 -42.32 11.96 50.00
CA ARG T 41 -43.58 12.47 49.48
C ARG T 41 -43.38 13.63 48.53
N LYS T 42 -42.29 14.39 48.66
CA LYS T 42 -42.00 15.43 47.68
C LYS T 42 -41.40 14.85 46.42
N ALA T 43 -40.78 13.68 46.50
CA ALA T 43 -40.27 12.98 45.32
C ALA T 43 -41.40 12.29 44.57
N GLN T 44 -42.38 11.77 45.29
CA GLN T 44 -43.55 11.20 44.65
C GLN T 44 -44.44 12.28 44.03
N GLN T 45 -44.47 13.46 44.62
CA GLN T 45 -45.22 14.58 44.05
C GLN T 45 -44.64 15.02 42.72
N LEU T 46 -43.30 15.01 42.61
CA LEU T 46 -42.64 15.42 41.39
C LEU T 46 -42.99 14.51 40.22
N TYR T 47 -43.11 13.21 40.48
CA TYR T 47 -43.37 12.26 39.41
C TYR T 47 -44.80 12.32 38.92
N ARG T 48 -45.76 12.62 39.80
CA ARG T 48 -47.14 12.81 39.35
C ARG T 48 -47.33 14.12 38.63
N GLN T 49 -46.37 15.04 38.75
CA GLN T 49 -46.36 16.31 38.05
C GLN T 49 -45.57 16.29 36.75
N VAL T 50 -44.62 15.37 36.61
CA VAL T 50 -43.98 15.14 35.32
C VAL T 50 -44.94 14.41 34.39
N LEU T 51 -45.82 13.57 34.95
CA LEU T 51 -46.81 12.91 34.11
C LEU T 51 -47.89 13.87 33.65
N ALA T 52 -48.31 14.79 34.51
CA ALA T 52 -49.23 15.85 34.11
C ALA T 52 -48.56 16.94 33.28
N LYS T 53 -47.24 16.88 33.13
CA LYS T 53 -46.42 17.81 32.34
C LYS T 53 -46.51 19.24 32.88
N THR T 54 -46.52 19.36 34.19
CA THR T 54 -46.48 20.64 34.89
C THR T 54 -45.09 20.98 35.39
N ARG T 55 -44.30 19.97 35.70
CA ARG T 55 -42.89 20.08 36.04
C ARG T 55 -42.13 19.12 35.14
N CYS T 56 -40.83 19.33 34.98
CA CYS T 56 -40.05 18.47 34.10
C CYS T 56 -38.89 17.84 34.85
N ILE T 57 -38.28 16.86 34.18
CA ILE T 57 -37.05 16.22 34.64
C ILE T 57 -35.87 16.94 34.01
N PRO T 58 -34.96 17.53 34.79
CA PRO T 58 -33.82 18.23 34.19
C PRO T 58 -32.80 17.23 33.67
N PHE T 59 -32.46 17.34 32.39
CA PHE T 59 -31.42 16.50 31.82
C PHE T 59 -30.12 17.29 31.89
N LYS T 60 -29.23 16.89 32.80
CA LYS T 60 -28.03 17.66 33.07
C LYS T 60 -26.77 17.00 32.57
N ARG T 61 -26.73 15.68 32.39
CA ARG T 61 -25.56 15.01 31.87
C ARG T 61 -25.79 14.41 30.49
N TYR T 62 -26.83 13.60 30.34
CA TYR T 62 -27.14 13.03 29.03
C TYR T 62 -28.23 13.84 28.36
N ASN T 63 -27.94 15.13 28.17
CA ASN T 63 -28.91 15.97 27.48
C ASN T 63 -28.61 16.05 25.99
N GLY T 64 -27.49 16.67 25.58
CA GLY T 64 -26.99 16.57 24.21
C GLY T 64 -27.91 16.76 23.03
N LYS T 65 -28.37 18.01 22.81
CA LYS T 65 -29.32 18.40 21.76
C LYS T 65 -30.71 17.81 21.98
N ILE T 66 -31.20 17.91 23.22
CA ILE T 66 -32.63 17.81 23.44
C ILE T 66 -33.15 19.24 23.34
N GLY T 67 -34.47 19.38 23.19
CA GLY T 67 -35.05 20.68 23.13
C GLY T 67 -35.01 21.36 24.48
N ARG T 68 -34.86 22.67 24.45
CA ARG T 68 -34.85 23.45 25.66
C ARG T 68 -36.26 23.93 25.99
N THR T 69 -36.61 23.88 27.26
CA THR T 69 -37.98 24.11 27.70
C THR T 69 -38.03 25.21 28.75
N ALA T 70 -39.24 25.70 28.98
CA ALA T 70 -39.51 26.79 29.91
C ALA T 70 -39.63 26.33 31.35
N GLN T 71 -39.74 25.04 31.58
CA GLN T 71 -39.97 24.48 32.91
C GLN T 71 -38.69 24.08 33.61
N ALA T 72 -37.56 24.11 32.93
CA ALA T 72 -36.28 23.73 33.51
C ALA T 72 -35.60 24.89 34.24
N LYS T 73 -36.27 26.02 34.40
CA LYS T 73 -35.71 27.11 35.19
C LYS T 73 -35.91 26.87 36.67
N GLU T 74 -36.69 25.85 37.02
CA GLU T 74 -36.83 25.37 38.38
C GLU T 74 -35.51 24.82 38.87
N TRP T 75 -34.82 24.11 37.99
CA TRP T 75 -33.61 23.37 38.32
C TRP T 75 -32.36 24.10 37.91
N GLY T 76 -32.48 25.33 37.41
CA GLY T 76 -31.33 26.05 36.91
C GLY T 76 -30.83 25.55 35.58
N GLN T 77 -31.64 24.80 34.85
CA GLN T 77 -31.28 24.29 33.54
C GLN T 77 -31.93 25.15 32.46
N THR T 78 -31.84 24.67 31.23
CA THR T 78 -32.52 25.31 30.12
C THR T 78 -33.28 24.22 29.37
N LYS T 79 -32.76 22.98 29.42
CA LYS T 79 -33.35 21.86 28.70
C LYS T 79 -33.63 20.69 29.61
N GLY T 80 -34.84 20.17 29.50
CA GLY T 80 -35.30 18.99 30.23
C GLY T 80 -36.48 18.40 29.51
N ARG T 81 -36.89 17.22 29.96
CA ARG T 81 -37.93 16.45 29.30
C ARG T 81 -38.84 15.80 30.32
N TRP T 82 -39.78 15.01 29.82
CA TRP T 82 -40.82 14.36 30.63
C TRP T 82 -40.83 12.87 30.35
N PRO T 83 -39.77 12.14 30.74
CA PRO T 83 -39.64 10.76 30.27
C PRO T 83 -40.58 9.79 30.96
N ARG T 84 -41.81 9.66 30.45
CA ARG T 84 -42.88 9.01 31.19
C ARG T 84 -42.67 7.52 31.45
N LYS T 85 -41.77 6.87 30.74
CA LYS T 85 -41.56 5.46 31.02
C LYS T 85 -40.53 5.25 32.09
N SER T 86 -39.55 6.15 32.19
CA SER T 86 -38.61 6.16 33.30
C SER T 86 -39.23 6.75 34.55
N VAL T 87 -40.23 7.61 34.39
CA VAL T 87 -40.93 8.15 35.54
C VAL T 87 -41.71 7.05 36.24
N VAL T 88 -42.57 6.35 35.51
CA VAL T 88 -43.48 5.38 36.12
C VAL T 88 -42.81 4.10 36.55
N ALA T 89 -41.57 3.86 36.14
CA ALA T 89 -40.78 2.77 36.69
C ALA T 89 -40.08 3.16 37.97
N MET T 90 -39.84 4.46 38.17
CA MET T 90 -39.34 4.96 39.43
C MET T 90 -40.45 5.11 40.45
N MET T 91 -41.71 5.13 40.02
CA MET T 91 -42.81 5.18 40.97
C MET T 91 -43.07 3.81 41.56
N SER T 92 -42.82 2.75 40.80
CA SER T 92 -42.89 1.39 41.30
C SER T 92 -41.78 1.09 42.28
N LEU T 93 -40.69 1.84 42.25
CA LEU T 93 -39.58 1.61 43.15
C LEU T 93 -39.71 2.41 44.44
N LEU T 94 -40.25 3.63 44.35
CA LEU T 94 -40.58 4.37 45.55
C LEU T 94 -41.71 3.71 46.32
N LYS T 95 -42.62 3.03 45.63
CA LYS T 95 -43.66 2.28 46.33
C LYS T 95 -43.15 1.00 46.95
N ASN T 96 -42.07 0.45 46.41
CA ASN T 96 -41.46 -0.71 47.04
C ASN T 96 -40.68 -0.29 48.28
N ALA T 97 -39.99 0.83 48.21
CA ALA T 97 -39.18 1.30 49.33
C ALA T 97 -40.04 1.70 50.52
N GLU T 98 -41.24 2.23 50.27
CA GLU T 98 -42.10 2.57 51.39
C GLU T 98 -42.88 1.38 51.92
N ALA T 99 -43.06 0.33 51.12
CA ALA T 99 -43.60 -0.89 51.68
C ALA T 99 -42.58 -1.58 52.56
N ASN T 100 -41.30 -1.44 52.21
CA ASN T 100 -40.20 -1.94 53.00
C ASN T 100 -39.90 -1.07 54.21
N ALA T 101 -40.53 0.09 54.32
CA ALA T 101 -40.45 0.90 55.53
C ALA T 101 -41.54 0.55 56.52
N ILE T 102 -42.71 0.15 56.02
CA ILE T 102 -43.84 -0.16 56.90
C ILE T 102 -43.61 -1.46 57.64
N GLU T 103 -43.03 -2.45 56.97
CA GLU T 103 -42.74 -3.71 57.66
C GLU T 103 -41.51 -3.64 58.55
N LYS T 104 -40.67 -2.61 58.41
CA LYS T 104 -39.68 -2.33 59.43
C LYS T 104 -40.28 -1.58 60.62
N GLY T 105 -41.45 -0.96 60.44
CA GLY T 105 -42.10 -0.23 61.50
C GLY T 105 -41.97 1.27 61.43
N LEU T 106 -41.73 1.82 60.25
CA LEU T 106 -41.32 3.21 60.08
C LEU T 106 -42.42 4.01 59.42
N ASP T 107 -42.43 5.31 59.71
CA ASP T 107 -43.39 6.21 59.09
C ASP T 107 -42.87 6.63 57.73
N PRO T 108 -43.56 6.30 56.64
CA PRO T 108 -43.07 6.69 55.31
C PRO T 108 -43.23 8.17 55.01
N ASN T 109 -43.87 8.96 55.87
CA ASN T 109 -43.98 10.39 55.63
C ASN T 109 -42.77 11.16 56.13
N GLN T 110 -41.76 10.48 56.68
CA GLN T 110 -40.56 11.10 57.22
C GLN T 110 -39.29 10.62 56.54
N MET T 111 -39.42 9.99 55.38
CA MET T 111 -38.30 9.35 54.71
C MET T 111 -37.71 10.30 53.69
N VAL T 112 -36.45 10.65 53.86
CA VAL T 112 -35.70 11.45 52.88
C VAL T 112 -34.91 10.48 52.01
N ILE T 113 -34.97 10.68 50.69
CA ILE T 113 -34.32 9.79 49.76
C ILE T 113 -32.84 10.08 49.76
N LYS T 114 -32.10 9.39 50.63
CA LYS T 114 -30.65 9.34 50.53
C LYS T 114 -30.28 8.33 49.46
N HIS T 115 -29.16 8.54 48.77
CA HIS T 115 -28.58 7.53 47.86
C HIS T 115 -29.47 7.07 46.71
N VAL T 116 -29.57 7.84 45.67
CA VAL T 116 -29.96 7.29 44.37
C VAL T 116 -28.69 6.98 43.59
N GLN T 117 -28.60 5.77 43.04
CA GLN T 117 -27.56 5.43 42.08
C GLN T 117 -28.17 4.68 40.90
N VAL T 118 -27.91 5.16 39.69
CA VAL T 118 -28.29 4.49 38.45
C VAL T 118 -27.03 4.08 37.72
N ASP T 119 -26.91 2.79 37.37
CA ASP T 119 -25.81 2.30 36.58
C ASP T 119 -26.33 1.54 35.37
N GLN T 120 -25.41 1.25 34.46
CA GLN T 120 -25.75 0.64 33.18
C GLN T 120 -25.85 -0.87 33.32
N ALA T 121 -26.93 -1.44 32.81
CA ALA T 121 -27.08 -2.88 32.76
C ALA T 121 -26.42 -3.42 31.49
N ALA T 122 -26.44 -4.75 31.36
CA ALA T 122 -25.98 -5.39 30.14
C ALA T 122 -26.96 -5.11 29.01
N ARG T 123 -26.43 -4.73 27.84
CA ARG T 123 -27.27 -4.36 26.72
C ARG T 123 -27.84 -5.59 26.03
N MET T 124 -28.90 -5.38 25.26
CA MET T 124 -29.60 -6.45 24.59
C MET T 124 -29.56 -6.25 23.08
N ARG T 125 -29.34 -7.32 22.36
CA ARG T 125 -28.93 -7.26 20.96
C ARG T 125 -30.11 -7.43 20.02
N ARG T 126 -30.31 -6.44 19.16
CA ARG T 126 -31.16 -6.57 17.99
C ARG T 126 -30.36 -6.07 16.79
N ARG T 127 -31.06 -5.83 15.69
CA ARG T 127 -30.46 -5.65 14.38
C ARG T 127 -31.29 -4.71 13.53
N THR T 128 -30.65 -3.72 12.93
CA THR T 128 -31.29 -2.88 11.93
C THR T 128 -30.59 -3.05 10.59
N TYR T 129 -31.34 -2.81 9.53
CA TYR T 129 -30.92 -3.15 8.18
C TYR T 129 -30.71 -1.87 7.40
N ARG T 130 -29.47 -1.58 7.05
CA ARG T 130 -29.12 -0.33 6.44
C ARG T 130 -29.05 -0.50 4.93
N ALA T 131 -28.62 0.54 4.24
CA ALA T 131 -28.55 0.51 2.79
C ALA T 131 -27.39 -0.35 2.33
N HIS T 132 -27.46 -0.75 1.06
CA HIS T 132 -26.40 -1.45 0.33
C HIS T 132 -26.06 -2.81 0.93
N GLY T 133 -27.01 -3.42 1.64
CA GLY T 133 -26.81 -4.75 2.16
C GLY T 133 -26.14 -4.82 3.51
N ARG T 134 -26.10 -3.72 4.24
CA ARG T 134 -25.43 -3.69 5.53
C ARG T 134 -26.38 -4.03 6.65
N ILE T 135 -25.81 -4.56 7.72
CA ILE T 135 -26.52 -4.92 8.94
C ILE T 135 -25.71 -4.39 10.10
N THR T 136 -26.38 -3.68 11.01
CA THR T 136 -25.65 -2.87 11.97
C THR T 136 -26.49 -2.84 13.25
N PRO T 137 -25.90 -2.61 14.42
CA PRO T 137 -26.57 -3.00 15.67
C PRO T 137 -27.68 -2.05 16.11
N TYR T 138 -28.54 -2.58 16.97
CA TYR T 138 -29.76 -1.90 17.43
C TYR T 138 -30.00 -2.13 18.93
N MET T 139 -28.98 -1.84 19.76
CA MET T 139 -28.91 -2.21 21.17
C MET T 139 -30.00 -1.56 22.01
N CYS T 140 -30.17 -2.09 23.23
CA CYS T 140 -31.28 -1.69 24.10
C CYS T 140 -30.87 -0.75 25.22
N SER T 141 -29.72 -1.00 25.85
CA SER T 141 -29.19 -0.25 26.98
C SER T 141 -30.15 -0.09 28.16
N PRO T 142 -30.41 -1.14 28.95
CA PRO T 142 -31.22 -0.98 30.17
C PRO T 142 -30.38 -0.54 31.36
N CYS T 143 -30.96 -0.48 32.56
CA CYS T 143 -30.29 0.14 33.69
C CYS T 143 -30.52 -0.62 34.99
N HIS T 144 -29.68 -0.32 35.98
CA HIS T 144 -29.78 -0.76 37.36
C HIS T 144 -30.04 0.46 38.22
N VAL T 145 -31.12 0.47 38.97
CA VAL T 145 -31.40 1.54 39.93
C VAL T 145 -31.35 0.94 41.32
N GLN T 146 -30.82 1.69 42.29
CA GLN T 146 -30.89 1.29 43.67
C GLN T 146 -31.09 2.52 44.53
N LEU T 147 -31.80 2.35 45.63
CA LEU T 147 -31.98 3.43 46.59
C LEU T 147 -32.29 2.85 47.96
N PHE T 148 -31.74 3.48 48.99
CA PHE T 148 -32.38 3.45 50.29
C PHE T 148 -33.01 4.80 50.57
N MET T 149 -33.55 4.95 51.78
CA MET T 149 -34.06 6.24 52.23
C MET T 149 -34.04 6.22 53.75
N SER T 150 -33.50 7.25 54.36
CA SER T 150 -33.23 7.27 55.78
C SER T 150 -34.21 8.23 56.44
N GLU T 151 -34.80 7.80 57.54
CA GLU T 151 -35.80 8.62 58.22
C GLU T 151 -35.14 9.76 58.96
N LYS T 152 -35.66 10.97 58.77
CA LYS T 152 -35.17 12.16 59.47
C LYS T 152 -36.37 12.89 60.04
N LYS T 153 -36.55 12.79 61.35
CA LYS T 153 -37.71 13.36 62.02
C LYS T 153 -37.28 14.17 63.24
N GLU T 154 -38.27 14.86 63.81
CA GLU T 154 -38.16 15.67 65.03
C GLU T 154 -37.09 16.76 64.95
N VAL U 1 -92.20 2.21 -25.18
CA VAL U 1 -90.96 1.89 -25.87
C VAL U 1 -91.14 1.93 -27.37
N ALA U 2 -92.32 1.53 -27.83
CA ALA U 2 -92.65 1.64 -29.25
C ALA U 2 -92.79 3.11 -29.65
N VAL U 3 -93.64 3.83 -28.95
CA VAL U 3 -93.79 5.27 -29.14
C VAL U 3 -93.13 5.98 -27.96
N ARG U 4 -92.51 7.13 -28.23
CA ARG U 4 -91.85 7.90 -27.18
C ARG U 4 -92.86 8.42 -26.17
N ALA U 5 -92.39 8.54 -24.93
CA ALA U 5 -93.21 9.16 -23.91
C ALA U 5 -93.16 10.67 -24.10
N LYS U 6 -94.01 11.35 -23.34
CA LYS U 6 -93.97 12.79 -23.24
C LYS U 6 -93.96 13.11 -21.76
N VAL U 7 -93.39 14.27 -21.44
CA VAL U 7 -93.35 14.70 -20.04
C VAL U 7 -94.74 15.11 -19.59
N GLY U 8 -95.52 15.73 -20.49
CA GLY U 8 -96.88 16.11 -20.16
C GLY U 8 -97.82 14.96 -19.93
N SER U 9 -97.50 13.79 -20.47
CA SER U 9 -98.34 12.61 -20.32
C SER U 9 -98.05 11.84 -19.03
N ARG U 10 -97.23 12.38 -18.13
CA ARG U 10 -97.00 11.77 -16.83
C ARG U 10 -98.10 12.10 -15.84
N SER U 11 -99.07 12.92 -16.23
CA SER U 11 -100.27 13.08 -15.42
C SER U 11 -101.10 11.79 -15.38
N TYR U 12 -101.46 11.28 -16.55
CA TYR U 12 -102.30 10.10 -16.70
C TYR U 12 -101.45 8.94 -17.19
N VAL U 13 -101.41 7.85 -16.43
CA VAL U 13 -100.74 6.62 -16.86
C VAL U 13 -101.77 5.51 -16.91
N ARG U 14 -101.33 4.33 -17.35
CA ARG U 14 -102.21 3.20 -17.58
C ARG U 14 -102.10 2.19 -16.44
N GLN U 15 -103.22 1.92 -15.78
CA GLN U 15 -103.27 1.05 -14.62
C GLN U 15 -103.50 -0.42 -15.00
N LYS U 16 -103.92 -0.69 -16.25
CA LYS U 16 -104.06 -2.04 -16.81
C LYS U 16 -105.11 -2.85 -16.02
N GLN U 17 -106.36 -2.46 -16.22
CA GLN U 17 -107.54 -3.14 -15.67
C GLN U 17 -107.51 -4.65 -15.89
N LEU U 18 -107.92 -5.41 -14.87
CA LEU U 18 -108.04 -6.85 -14.95
C LEU U 18 -109.03 -7.27 -16.02
N ALA U 19 -108.82 -8.46 -16.56
CA ALA U 19 -109.73 -9.02 -17.55
C ALA U 19 -110.98 -9.60 -16.90
N LYS U 20 -110.81 -10.36 -15.81
CA LYS U 20 -111.93 -10.99 -15.13
C LYS U 20 -112.58 -10.01 -14.16
N GLY U 21 -111.84 -9.57 -13.15
CA GLY U 21 -112.31 -8.57 -12.22
C GLY U 21 -112.26 -9.06 -10.77
N LYS U 22 -112.50 -8.10 -9.88
CA LYS U 22 -112.58 -8.28 -8.42
C LYS U 22 -111.33 -8.89 -7.80
N LYS U 23 -110.23 -8.17 -7.78
CA LYS U 23 -109.08 -8.52 -6.97
C LYS U 23 -109.26 -7.75 -5.66
N VAL U 24 -109.31 -8.48 -4.54
CA VAL U 24 -109.78 -7.93 -3.28
C VAL U 24 -108.68 -8.07 -2.22
N PHE U 25 -108.42 -6.97 -1.50
CA PHE U 25 -107.32 -6.89 -0.54
C PHE U 25 -107.89 -6.46 0.80
N LYS U 26 -108.03 -7.40 1.73
CA LYS U 26 -108.48 -7.05 3.06
C LYS U 26 -107.30 -6.59 3.91
N ILE U 27 -107.58 -5.74 4.89
CA ILE U 27 -106.56 -5.32 5.86
C ILE U 27 -107.19 -5.40 7.24
N ASP U 28 -106.74 -6.34 8.05
CA ASP U 28 -107.35 -6.63 9.35
C ASP U 28 -106.78 -5.70 10.40
N CYS U 29 -107.60 -4.77 10.87
CA CYS U 29 -107.26 -3.87 11.97
C CYS U 29 -108.12 -4.26 13.16
N SER U 30 -107.67 -5.26 13.90
CA SER U 30 -108.42 -5.81 15.03
C SER U 30 -107.62 -5.77 16.32
N ILE U 31 -106.31 -5.98 16.24
CA ILE U 31 -105.41 -5.87 17.39
C ILE U 31 -105.13 -4.42 17.80
N PRO U 32 -104.76 -3.47 16.92
CA PRO U 32 -104.54 -2.10 17.44
C PRO U 32 -105.82 -1.35 17.76
N ALA U 33 -106.98 -1.86 17.33
CA ALA U 33 -108.25 -1.20 17.58
C ALA U 33 -108.92 -1.67 18.86
N ALA U 34 -109.10 -2.99 19.00
CA ALA U 34 -109.79 -3.51 20.18
C ALA U 34 -108.92 -3.42 21.42
N ASP U 35 -107.61 -3.52 21.26
CA ASP U 35 -106.69 -3.41 22.39
C ASP U 35 -106.16 -1.98 22.52
N GLY U 36 -107.09 -1.03 22.64
CA GLY U 36 -106.68 0.32 22.92
C GLY U 36 -106.49 1.25 21.74
N ILE U 37 -105.24 1.33 21.28
CA ILE U 37 -104.60 2.44 20.56
C ILE U 37 -105.44 3.11 19.48
N PHE U 38 -106.04 2.32 18.61
CA PHE U 38 -106.84 2.86 17.51
C PHE U 38 -108.28 3.01 17.97
N SER U 39 -108.72 4.25 18.17
CA SER U 39 -110.10 4.53 18.49
C SER U 39 -110.94 4.56 17.21
N GLU U 40 -112.21 4.89 17.36
CA GLU U 40 -113.07 5.16 16.21
C GLU U 40 -113.08 6.65 15.87
N ASP U 41 -111.90 7.21 15.81
CA ASP U 41 -111.56 8.52 15.29
C ASP U 41 -110.41 8.43 14.29
N VAL U 42 -109.46 7.54 14.54
CA VAL U 42 -108.41 7.20 13.60
C VAL U 42 -108.84 6.09 12.63
N LEU U 43 -109.64 5.12 13.10
CA LEU U 43 -110.15 4.07 12.22
C LEU U 43 -111.14 4.61 11.20
N GLY U 44 -111.76 5.76 11.47
CA GLY U 44 -112.54 6.43 10.45
C GLY U 44 -111.72 7.26 9.49
N ASN U 45 -110.47 7.55 9.85
CA ASN U 45 -109.53 8.16 8.94
C ASN U 45 -108.72 7.13 8.17
N PHE U 46 -108.58 5.92 8.71
CA PHE U 46 -107.91 4.84 7.99
C PHE U 46 -108.70 4.39 6.79
N GLU U 47 -110.03 4.32 6.92
CA GLU U 47 -110.87 4.12 5.74
C GLU U 47 -110.88 5.35 4.84
N GLN U 48 -110.56 6.51 5.39
CA GLN U 48 -110.53 7.72 4.58
C GLN U 48 -109.19 7.87 3.86
N PHE U 49 -108.09 7.43 4.49
CA PHE U 49 -106.75 7.65 3.95
C PHE U 49 -106.54 6.95 2.62
N PHE U 50 -107.13 5.78 2.45
CA PHE U 50 -107.03 5.09 1.17
C PHE U 50 -107.94 5.71 0.13
N GLN U 51 -109.12 6.19 0.51
CA GLN U 51 -109.97 6.86 -0.46
C GLN U 51 -109.38 8.20 -0.90
N ASP U 52 -108.51 8.79 -0.09
CA ASP U 52 -107.94 10.09 -0.38
C ASP U 52 -106.58 10.02 -1.06
N ASN U 53 -105.82 8.92 -0.89
CA ASN U 53 -104.45 8.87 -1.37
C ASN U 53 -104.06 7.66 -2.21
N THR U 54 -104.98 6.72 -2.46
CA THR U 54 -104.69 5.65 -3.42
C THR U 54 -104.68 6.25 -4.81
N LYS U 55 -103.60 6.02 -5.55
CA LYS U 55 -103.55 6.51 -6.91
C LYS U 55 -104.26 5.56 -7.86
N LEU U 56 -104.86 6.13 -8.89
CA LEU U 56 -105.58 5.39 -9.91
C LEU U 56 -105.28 6.10 -11.23
N ASN U 57 -104.62 5.38 -12.14
CA ASN U 57 -104.15 5.91 -13.43
C ASN U 57 -103.27 7.14 -13.24
N GLY U 58 -102.34 7.06 -12.30
CA GLY U 58 -101.39 8.13 -12.06
C GLY U 58 -101.87 9.25 -11.18
N ARG U 59 -103.18 9.48 -11.11
CA ARG U 59 -103.76 10.60 -10.37
C ARG U 59 -104.15 10.15 -8.98
N LYS U 60 -103.97 11.04 -8.02
CA LYS U 60 -104.24 10.77 -6.61
C LYS U 60 -105.60 11.31 -6.22
N GLY U 61 -106.33 10.54 -5.41
CA GLY U 61 -107.55 11.03 -4.80
C GLY U 61 -108.72 11.19 -5.74
N LYS U 62 -108.79 10.37 -6.79
CA LYS U 62 -109.87 10.49 -7.76
C LYS U 62 -110.38 9.11 -8.18
N LEU U 63 -110.32 8.13 -7.27
CA LEU U 63 -110.85 6.80 -7.58
C LEU U 63 -112.37 6.85 -7.58
N SER U 64 -112.98 6.30 -8.62
CA SER U 64 -114.43 6.30 -8.75
C SER U 64 -114.83 5.02 -9.46
N ASP U 65 -115.49 4.13 -8.73
CA ASP U 65 -116.06 2.84 -9.14
C ASP U 65 -115.01 1.80 -9.50
N LYS U 66 -113.72 2.15 -9.49
CA LYS U 66 -112.66 1.19 -9.73
C LYS U 66 -112.02 0.68 -8.45
N VAL U 67 -112.06 1.47 -7.38
CA VAL U 67 -111.63 1.04 -6.05
C VAL U 67 -112.80 1.28 -5.10
N ARG U 68 -113.14 0.27 -4.29
CA ARG U 68 -114.25 0.36 -3.35
C ARG U 68 -113.84 -0.23 -2.01
N LEU U 69 -114.18 0.47 -0.92
CA LEU U 69 -113.65 0.17 0.41
C LEU U 69 -114.68 -0.34 1.39
N SER U 70 -115.72 0.43 1.67
CA SER U 70 -116.98 0.00 2.31
C SER U 70 -116.89 -0.47 3.77
N MET U 71 -115.68 -0.61 4.34
CA MET U 71 -115.41 -0.77 5.77
C MET U 71 -116.22 -1.84 6.52
N ASN U 72 -115.78 -3.09 6.45
CA ASN U 72 -116.38 -4.18 7.23
C ASN U 72 -116.06 -4.01 8.73
N ASP U 73 -116.35 -5.03 9.54
CA ASP U 73 -116.43 -4.98 10.99
C ASP U 73 -115.19 -4.40 11.69
N ASN U 74 -114.04 -5.05 11.53
CA ASN U 74 -112.76 -4.43 11.87
C ASN U 74 -111.80 -4.45 10.71
N VAL U 75 -112.26 -4.72 9.50
CA VAL U 75 -111.40 -4.98 8.35
C VAL U 75 -111.68 -3.92 7.30
N LEU U 76 -110.61 -3.30 6.79
CA LEU U 76 -110.70 -2.40 5.65
C LEU U 76 -110.47 -3.25 4.41
N THR U 77 -111.49 -3.32 3.54
CA THR U 77 -111.51 -4.26 2.44
C THR U 77 -111.50 -3.49 1.12
N ILE U 78 -110.38 -3.56 0.41
CA ILE U 78 -110.22 -2.81 -0.84
C ILE U 78 -110.57 -3.77 -1.97
N SER U 79 -111.74 -3.56 -2.55
CA SER U 79 -112.14 -4.32 -3.72
C SER U 79 -111.90 -3.50 -4.98
N THR U 80 -111.21 -4.09 -5.94
CA THR U 80 -110.84 -3.36 -7.14
C THR U 80 -110.77 -4.31 -8.32
N THR U 81 -110.90 -3.73 -9.51
CA THR U 81 -110.72 -4.43 -10.77
C THR U 81 -109.52 -3.92 -11.54
N MET U 82 -108.70 -3.06 -10.93
CA MET U 82 -107.49 -2.53 -11.53
C MET U 82 -106.30 -3.28 -10.97
N ALA U 83 -105.25 -3.44 -11.78
CA ALA U 83 -104.11 -4.24 -11.37
C ALA U 83 -103.28 -3.46 -10.37
N TYR U 84 -103.64 -3.57 -9.10
CA TYR U 84 -102.82 -3.10 -8.01
C TYR U 84 -101.95 -4.23 -7.50
N ARG U 85 -101.05 -3.87 -6.61
CA ARG U 85 -100.20 -4.84 -5.94
C ARG U 85 -100.63 -4.96 -4.50
N LYS U 86 -100.53 -6.17 -3.96
CA LYS U 86 -100.74 -6.34 -2.53
C LYS U 86 -99.67 -5.62 -1.74
N LYS U 87 -98.46 -5.52 -2.29
CA LYS U 87 -97.34 -4.80 -1.70
C LYS U 87 -97.54 -3.29 -1.74
N TYR U 88 -98.55 -2.80 -2.46
CA TYR U 88 -98.82 -1.37 -2.51
C TYR U 88 -99.64 -0.89 -1.33
N PHE U 89 -100.52 -1.71 -0.80
CA PHE U 89 -101.31 -1.31 0.34
C PHE U 89 -100.62 -1.62 1.66
N LYS U 90 -99.55 -2.41 1.64
CA LYS U 90 -98.66 -2.46 2.78
C LYS U 90 -97.84 -1.18 2.87
N TYR U 91 -97.44 -0.66 1.72
CA TYR U 91 -96.78 0.63 1.61
C TYR U 91 -97.69 1.77 2.03
N LEU U 92 -98.92 1.76 1.55
CA LEU U 92 -99.83 2.87 1.76
C LEU U 92 -100.44 2.85 3.15
N THR U 93 -100.31 1.74 3.88
CA THR U 93 -100.66 1.70 5.29
C THR U 93 -99.54 2.30 6.15
N LYS U 94 -98.29 2.00 5.81
CA LYS U 94 -97.14 2.49 6.56
C LYS U 94 -96.97 3.99 6.50
N LYS U 95 -97.50 4.65 5.47
CA LYS U 95 -97.46 6.11 5.44
C LYS U 95 -98.43 6.69 6.44
N PHE U 96 -99.65 6.16 6.48
CA PHE U 96 -100.62 6.53 7.51
C PHE U 96 -100.11 6.16 8.90
N LEU U 97 -99.44 5.02 9.02
CA LEU U 97 -99.00 4.53 10.31
C LEU U 97 -97.75 5.26 10.79
N LYS U 98 -97.01 5.91 9.89
CA LYS U 98 -95.91 6.79 10.27
C LYS U 98 -96.42 8.18 10.62
N LYS U 99 -97.48 8.62 9.96
CA LYS U 99 -98.01 9.96 10.17
C LYS U 99 -98.57 10.14 11.58
N LYS U 100 -99.01 9.05 12.21
CA LYS U 100 -99.54 9.09 13.57
C LYS U 100 -98.61 8.45 14.58
N ASP U 101 -97.31 8.33 14.24
CA ASP U 101 -96.24 7.82 15.12
C ASP U 101 -96.52 6.41 15.65
N LEU U 102 -97.26 5.62 14.89
CA LEU U 102 -97.65 4.28 15.27
C LEU U 102 -96.76 3.21 14.65
N ARG U 103 -95.67 3.62 13.99
CA ARG U 103 -94.75 2.67 13.35
C ARG U 103 -93.57 2.40 14.28
N ASP U 104 -93.85 2.35 15.56
CA ASP U 104 -92.98 1.71 16.53
C ASP U 104 -93.81 0.80 17.42
N TRP U 105 -95.12 0.77 17.22
CA TRP U 105 -96.04 -0.09 17.97
C TRP U 105 -96.65 -1.19 17.12
N ILE U 106 -96.86 -0.94 15.83
CA ILE U 106 -97.67 -1.79 14.98
C ILE U 106 -96.84 -2.35 13.84
N ARG U 107 -96.92 -3.66 13.62
CA ARG U 107 -96.47 -4.30 12.38
C ARG U 107 -97.68 -4.60 11.51
N ILE U 108 -97.62 -4.18 10.25
CA ILE U 108 -98.47 -4.80 9.25
C ILE U 108 -97.76 -6.08 8.77
N LEU U 109 -98.53 -7.15 8.61
CA LEU U 109 -97.94 -8.46 8.49
C LEU U 109 -98.83 -9.31 7.60
N ALA U 110 -98.22 -10.06 6.69
CA ALA U 110 -98.95 -10.86 5.73
C ALA U 110 -99.47 -12.11 6.40
N THR U 111 -100.74 -12.42 6.18
CA THR U 111 -101.38 -13.63 6.70
C THR U 111 -101.89 -14.54 5.61
N GLY U 112 -102.69 -14.03 4.67
CA GLY U 112 -103.21 -14.84 3.59
C GLY U 112 -102.96 -14.19 2.24
N LYS U 113 -103.29 -14.93 1.19
CA LYS U 113 -103.08 -14.46 -0.18
C LYS U 113 -104.18 -13.47 -0.54
N GLY U 114 -104.03 -12.25 -0.03
CA GLY U 114 -105.03 -11.22 -0.21
C GLY U 114 -105.55 -10.62 1.07
N THR U 115 -104.74 -10.65 2.13
CA THR U 115 -105.05 -9.94 3.36
C THR U 115 -103.78 -9.64 4.13
N TYR U 116 -103.83 -8.55 4.91
CA TYR U 116 -102.82 -8.17 5.87
C TYR U 116 -103.42 -8.18 7.28
N GLN U 117 -102.59 -7.86 8.25
CA GLN U 117 -103.03 -7.82 9.64
C GLN U 117 -102.10 -6.88 10.41
N LEU U 118 -102.64 -5.77 10.89
CA LEU U 118 -101.90 -4.91 11.80
C LEU U 118 -101.77 -5.60 13.15
N LYS U 119 -100.55 -5.91 13.57
CA LYS U 119 -100.31 -6.51 14.87
C LYS U 119 -99.25 -5.73 15.62
N TYR U 120 -99.27 -5.89 16.94
CA TYR U 120 -98.26 -5.33 17.82
C TYR U 120 -96.94 -6.10 17.67
N PHE U 121 -95.87 -5.53 18.18
CA PHE U 121 -94.60 -6.23 18.25
C PHE U 121 -94.63 -7.29 19.35
N ALA V 1 -31.99 -77.26 -39.53
CA ALA V 1 -33.36 -77.03 -39.93
C ALA V 1 -33.44 -76.64 -41.41
N LYS V 2 -34.60 -76.17 -41.84
CA LYS V 2 -34.83 -75.89 -43.25
C LYS V 2 -35.99 -74.91 -43.35
N SER V 3 -36.43 -74.68 -44.59
CA SER V 3 -37.57 -73.83 -44.96
C SER V 3 -37.47 -72.44 -44.34
N TYR V 4 -36.43 -71.72 -44.76
CA TYR V 4 -36.20 -70.37 -44.29
C TYR V 4 -36.92 -69.42 -45.23
N THR V 5 -38.06 -68.90 -44.76
CA THR V 5 -38.94 -68.07 -45.56
C THR V 5 -38.83 -66.59 -45.20
N ARG V 6 -38.08 -66.24 -44.16
CA ARG V 6 -37.87 -64.88 -43.72
CA ARG V 6 -37.87 -64.88 -43.72
C ARG V 6 -36.47 -64.42 -44.11
N PRO V 7 -36.25 -63.10 -44.27
CA PRO V 7 -34.93 -62.63 -44.71
C PRO V 7 -33.84 -62.67 -43.65
N GLN V 8 -34.10 -63.13 -42.43
CA GLN V 8 -33.07 -63.12 -41.40
C GLN V 8 -33.27 -64.32 -40.48
N PHE V 9 -32.19 -64.68 -39.80
CA PHE V 9 -32.14 -65.89 -38.98
C PHE V 9 -32.48 -65.49 -37.55
N ARG V 10 -33.69 -65.83 -37.12
CA ARG V 10 -34.07 -65.64 -35.73
C ARG V 10 -33.83 -66.94 -34.96
N ARG V 11 -33.71 -66.82 -33.65
CA ARG V 11 -33.19 -67.91 -32.82
C ARG V 11 -34.20 -69.05 -32.72
N PRO V 12 -33.81 -70.27 -33.01
CA PRO V 12 -34.72 -71.40 -32.81
C PRO V 12 -34.97 -71.64 -31.34
N HIS V 13 -36.16 -72.11 -31.03
CA HIS V 13 -36.55 -72.34 -29.65
C HIS V 13 -36.12 -73.74 -29.26
N THR V 14 -35.09 -73.83 -28.43
CA THR V 14 -34.63 -75.09 -27.90
C THR V 14 -35.54 -75.52 -26.75
N TYR V 15 -35.28 -76.71 -26.23
CA TYR V 15 -35.93 -77.14 -25.00
C TYR V 15 -35.29 -76.44 -23.83
N ARG V 16 -36.14 -75.92 -22.95
CA ARG V 16 -35.74 -75.04 -21.87
C ARG V 16 -36.32 -75.59 -20.58
N LYS V 17 -35.46 -75.96 -19.64
CA LYS V 17 -35.81 -76.62 -18.40
C LYS V 17 -36.26 -75.61 -17.35
N PRO V 18 -37.26 -75.93 -16.53
CA PRO V 18 -37.61 -75.05 -15.41
C PRO V 18 -36.54 -75.01 -14.34
N ALA V 19 -36.57 -73.96 -13.53
CA ALA V 19 -35.64 -73.81 -12.43
C ALA V 19 -36.14 -74.56 -11.20
N MET V 20 -35.20 -75.14 -10.46
CA MET V 20 -35.50 -75.82 -9.21
C MET V 20 -36.00 -74.84 -8.16
N ALA V 21 -36.98 -75.28 -7.36
CA ALA V 21 -37.40 -74.51 -6.20
C ALA V 21 -36.44 -74.81 -5.05
N LYS V 22 -35.86 -73.76 -4.49
CA LYS V 22 -34.91 -73.92 -3.39
C LYS V 22 -35.65 -74.32 -2.11
N PRO V 23 -34.97 -75.04 -1.18
CA PRO V 23 -35.66 -75.51 0.04
C PRO V 23 -36.06 -74.41 1.01
N SER V 24 -35.13 -73.52 1.35
CA SER V 24 -35.36 -72.41 2.28
C SER V 24 -34.19 -71.44 2.17
N ASN V 25 -34.47 -70.18 2.50
CA ASN V 25 -33.42 -69.18 2.68
C ASN V 25 -33.61 -68.36 3.94
N ARG V 26 -34.67 -68.62 4.70
CA ARG V 26 -34.98 -67.91 5.94
C ARG V 26 -35.17 -68.91 7.06
N VAL V 27 -34.43 -68.71 8.15
CA VAL V 27 -34.36 -69.65 9.26
C VAL V 27 -35.15 -69.16 10.47
N THR V 28 -36.11 -68.26 10.26
CA THR V 28 -36.76 -67.54 11.33
C THR V 28 -38.24 -67.93 11.36
N VAL V 29 -38.76 -68.15 12.57
CA VAL V 29 -40.18 -68.43 12.73
C VAL V 29 -40.98 -67.16 12.44
N GLU V 30 -42.22 -67.33 12.00
CA GLU V 30 -43.11 -66.21 11.76
C GLU V 30 -44.53 -66.69 12.05
N SER V 31 -45.04 -66.35 13.22
CA SER V 31 -46.34 -66.83 13.65
C SER V 31 -47.44 -66.07 12.91
N LYS V 32 -48.35 -66.81 12.28
CA LYS V 32 -49.45 -66.20 11.55
C LYS V 32 -50.53 -65.65 12.47
N ASP V 33 -50.51 -66.02 13.74
CA ASP V 33 -51.48 -65.53 14.72
C ASP V 33 -51.07 -64.18 15.29
N ILE V 34 -49.77 -63.94 15.52
CA ILE V 34 -49.35 -62.63 16.01
C ILE V 34 -49.26 -61.59 14.91
N ALA V 35 -49.49 -61.97 13.66
CA ALA V 35 -49.17 -61.13 12.51
C ALA V 35 -50.11 -59.96 12.33
N ALA V 36 -51.20 -59.87 13.08
CA ALA V 36 -52.09 -58.74 12.98
C ALA V 36 -52.00 -57.81 14.18
N PHE V 37 -51.10 -58.09 15.13
CA PHE V 37 -50.80 -57.14 16.19
C PHE V 37 -49.84 -56.06 15.74
N SER V 38 -49.15 -56.28 14.63
CA SER V 38 -48.31 -55.26 14.03
C SER V 38 -49.08 -54.40 13.05
N VAL V 39 -50.21 -54.89 12.54
CA VAL V 39 -51.08 -54.11 11.70
C VAL V 39 -51.78 -53.01 12.50
N ILE V 40 -52.45 -53.39 13.58
CA ILE V 40 -53.17 -52.46 14.44
C ILE V 40 -52.30 -52.16 15.65
N ARG V 41 -52.01 -50.89 15.91
CA ARG V 41 -51.19 -50.54 17.05
C ARG V 41 -51.98 -50.16 18.30
N TYR V 42 -52.76 -49.08 18.24
CA TYR V 42 -53.47 -48.55 19.39
C TYR V 42 -54.55 -47.61 18.90
N PRO V 43 -55.60 -47.39 19.68
CA PRO V 43 -56.63 -46.42 19.30
C PRO V 43 -56.31 -45.01 19.75
N LEU V 44 -56.83 -44.04 18.99
CA LEU V 44 -56.82 -42.66 19.45
C LEU V 44 -57.98 -42.39 20.38
N THR V 45 -57.82 -41.37 21.22
CA THR V 45 -58.80 -41.04 22.24
C THR V 45 -59.06 -39.53 22.20
N THR V 46 -58.89 -38.92 21.03
CA THR V 46 -59.01 -37.47 20.93
C THR V 46 -60.48 -37.08 20.84
N ASP V 47 -60.74 -35.78 20.73
CA ASP V 47 -62.10 -35.28 20.74
C ASP V 47 -62.81 -35.58 19.42
N LYS V 48 -62.10 -35.51 18.30
CA LYS V 48 -62.69 -35.87 17.02
C LYS V 48 -62.91 -37.38 16.92
N ALA V 49 -62.07 -38.16 17.61
CA ALA V 49 -62.24 -39.61 17.63
C ALA V 49 -63.42 -40.02 18.50
N MET V 50 -63.59 -39.38 19.66
CA MET V 50 -64.70 -39.72 20.55
C MET V 50 -66.05 -39.34 19.96
N LYS V 51 -66.10 -38.27 19.19
CA LYS V 51 -67.32 -37.87 18.52
C LYS V 51 -67.76 -38.87 17.46
N LYS V 52 -66.83 -39.43 16.70
CA LYS V 52 -67.15 -40.37 15.64
C LYS V 52 -67.55 -41.75 16.14
N ILE V 53 -67.13 -42.16 17.34
CA ILE V 53 -67.60 -43.43 17.90
C ILE V 53 -69.09 -43.33 18.20
N GLU V 54 -69.50 -42.23 18.82
CA GLU V 54 -70.89 -42.04 19.19
C GLU V 54 -71.74 -41.70 17.97
N GLU V 55 -71.36 -40.66 17.20
CA GLU V 55 -72.31 -40.18 16.22
C GLU V 55 -72.31 -41.03 14.95
N ASN V 56 -71.16 -41.35 14.35
CA ASN V 56 -71.29 -42.05 13.09
C ASN V 56 -71.42 -43.56 13.27
N ASN V 57 -70.29 -44.27 13.25
CA ASN V 57 -70.14 -45.58 13.90
C ASN V 57 -68.67 -45.90 14.12
N THR V 58 -67.75 -44.99 13.81
CA THR V 58 -66.42 -45.41 13.42
C THR V 58 -65.49 -45.53 14.61
N LEU V 59 -64.47 -46.37 14.45
CA LEU V 59 -63.35 -46.46 15.37
C LEU V 59 -62.11 -45.91 14.69
N THR V 60 -61.16 -45.45 15.51
CA THR V 60 -59.96 -44.78 15.03
C THR V 60 -58.76 -45.44 15.68
N PHE V 61 -57.77 -45.81 14.86
CA PHE V 61 -56.57 -46.47 15.32
C PHE V 61 -55.37 -45.87 14.60
N ILE V 62 -54.26 -45.77 15.30
CA ILE V 62 -52.97 -45.74 14.62
C ILE V 62 -52.64 -47.15 14.17
N VAL V 63 -52.34 -47.30 12.89
CA VAL V 63 -51.99 -48.59 12.31
C VAL V 63 -50.55 -48.45 11.82
N ASP V 64 -49.95 -49.53 11.33
CA ASP V 64 -48.64 -49.35 10.72
C ASP V 64 -48.79 -48.71 9.35
N SER V 65 -47.81 -47.91 8.99
CA SER V 65 -47.91 -47.07 7.81
C SER V 65 -47.75 -47.83 6.50
N ARG V 66 -47.38 -49.11 6.55
CA ARG V 66 -47.22 -49.89 5.33
C ARG V 66 -48.26 -51.00 5.22
N ALA V 67 -49.47 -50.75 5.70
CA ALA V 67 -50.59 -51.65 5.48
C ALA V 67 -51.57 -50.98 4.53
N ASN V 68 -52.31 -51.79 3.78
CA ASN V 68 -53.38 -51.25 2.97
C ASN V 68 -54.70 -51.38 3.71
N LYS V 69 -55.77 -50.86 3.09
CA LYS V 69 -57.08 -50.87 3.71
C LYS V 69 -57.68 -52.26 3.78
N THR V 70 -57.23 -53.18 2.93
CA THR V 70 -57.77 -54.53 2.95
C THR V 70 -57.24 -55.32 4.14
N GLU V 71 -55.96 -55.19 4.45
CA GLU V 71 -55.39 -55.93 5.56
C GLU V 71 -55.65 -55.28 6.91
N ILE V 72 -56.13 -54.04 6.94
CA ILE V 72 -56.61 -53.45 8.17
C ILE V 72 -57.99 -54.01 8.53
N LYS V 73 -58.84 -54.24 7.53
CA LYS V 73 -60.14 -54.86 7.77
C LYS V 73 -60.01 -56.28 8.30
N LYS V 74 -58.97 -57.00 7.89
CA LYS V 74 -58.84 -58.39 8.26
C LYS V 74 -58.22 -58.53 9.63
N ALA V 75 -57.50 -57.49 10.06
CA ALA V 75 -56.98 -57.43 11.42
C ALA V 75 -58.03 -56.94 12.40
N MET V 76 -59.01 -56.16 11.93
CA MET V 76 -60.16 -55.78 12.73
C MET V 76 -61.22 -56.86 12.79
N ARG V 77 -60.94 -58.04 12.28
CA ARG V 77 -61.79 -59.21 12.43
C ARG V 77 -61.16 -60.24 13.34
N LYS V 78 -59.84 -60.38 13.28
CA LYS V 78 -59.17 -61.40 14.06
C LYS V 78 -58.88 -60.94 15.48
N LEU V 79 -58.40 -59.69 15.63
CA LEU V 79 -58.28 -59.13 16.97
C LEU V 79 -59.63 -58.89 17.58
N TYR V 80 -60.42 -58.03 16.96
CA TYR V 80 -61.68 -57.57 17.49
C TYR V 80 -62.76 -58.26 16.67
N GLN V 81 -63.71 -58.91 17.32
CA GLN V 81 -64.69 -59.72 16.59
C GLN V 81 -65.80 -58.81 16.05
N VAL V 82 -65.41 -57.94 15.11
CA VAL V 82 -66.30 -56.97 14.48
C VAL V 82 -66.01 -56.96 12.98
N LYS V 83 -66.91 -56.30 12.24
CA LYS V 83 -66.88 -56.27 10.79
C LYS V 83 -66.72 -54.83 10.32
N ALA V 84 -65.61 -54.56 9.64
CA ALA V 84 -65.36 -53.24 9.08
C ALA V 84 -65.93 -53.15 7.68
N VAL V 85 -66.79 -52.15 7.45
CA VAL V 85 -67.36 -51.92 6.13
C VAL V 85 -66.64 -50.84 5.35
N LYS V 86 -65.78 -50.05 6.00
CA LYS V 86 -65.21 -48.87 5.37
C LYS V 86 -64.02 -48.44 6.21
N VAL V 87 -62.84 -48.36 5.59
CA VAL V 87 -61.65 -47.86 6.24
C VAL V 87 -61.16 -46.68 5.42
N ASN V 88 -60.80 -45.60 6.10
CA ASN V 88 -60.36 -44.37 5.46
C ASN V 88 -58.99 -44.01 6.04
N THR V 89 -57.92 -44.43 5.41
CA THR V 89 -56.61 -44.26 6.03
C THR V 89 -56.04 -42.88 5.72
N LEU V 90 -55.00 -42.53 6.46
CA LEU V 90 -54.49 -41.18 6.52
C LEU V 90 -53.10 -41.16 7.13
N ILE V 91 -52.06 -40.90 6.33
CA ILE V 91 -50.71 -40.80 6.88
C ILE V 91 -50.53 -39.39 7.43
N ARG V 92 -50.35 -39.28 8.74
CA ARG V 92 -50.42 -38.01 9.45
C ARG V 92 -49.15 -37.20 9.24
N PRO V 93 -49.18 -35.88 9.51
CA PRO V 93 -47.92 -35.11 9.56
C PRO V 93 -46.98 -35.53 10.68
N ASP V 94 -47.45 -36.29 11.67
CA ASP V 94 -46.58 -36.92 12.65
C ASP V 94 -45.72 -37.99 12.02
N GLY V 95 -46.21 -38.59 10.93
CA GLY V 95 -45.54 -39.69 10.27
C GLY V 95 -46.27 -41.00 10.39
N LEU V 96 -47.35 -41.04 11.17
CA LEU V 96 -48.08 -42.26 11.45
C LEU V 96 -49.32 -42.37 10.57
N LYS V 97 -49.77 -43.59 10.35
CA LYS V 97 -50.97 -43.82 9.58
C LYS V 97 -52.16 -44.00 10.51
N LYS V 98 -53.18 -43.18 10.32
CA LYS V 98 -54.40 -43.24 11.10
C LYS V 98 -55.54 -43.72 10.23
N ALA V 99 -56.32 -44.67 10.74
CA ALA V 99 -57.44 -45.25 10.02
C ALA V 99 -58.74 -44.96 10.75
N TYR V 100 -59.75 -44.51 10.03
CA TYR V 100 -61.12 -44.43 10.54
C TYR V 100 -61.85 -45.67 10.08
N ILE V 101 -62.38 -46.45 11.02
CA ILE V 101 -62.86 -47.79 10.74
C ILE V 101 -64.34 -47.85 11.14
N ARG V 102 -65.24 -47.84 10.15
CA ARG V 102 -66.67 -47.84 10.40
C ARG V 102 -67.18 -49.27 10.53
N LEU V 103 -67.94 -49.55 11.58
CA LEU V 103 -68.43 -50.89 11.82
C LEU V 103 -69.76 -51.12 11.12
N SER V 104 -70.19 -52.39 11.12
CA SER V 104 -71.15 -52.88 10.13
C SER V 104 -72.60 -52.72 10.53
N ALA V 105 -72.89 -51.93 11.57
CA ALA V 105 -74.22 -51.65 12.11
C ALA V 105 -74.95 -52.87 12.67
N ALA V 106 -74.31 -54.04 12.65
CA ALA V 106 -74.65 -55.15 13.51
C ALA V 106 -73.78 -55.15 14.75
N HIS V 107 -72.76 -54.30 14.78
CA HIS V 107 -71.79 -54.21 15.85
C HIS V 107 -71.82 -52.80 16.40
N ASP V 108 -71.97 -52.66 17.70
CA ASP V 108 -72.00 -51.34 18.33
C ASP V 108 -70.58 -50.84 18.51
N ALA V 109 -70.39 -49.53 18.32
CA ALA V 109 -69.05 -48.98 18.42
C ALA V 109 -68.62 -48.79 19.85
N LEU V 110 -69.54 -48.42 20.73
CA LEU V 110 -69.19 -48.27 22.13
C LEU V 110 -68.97 -49.62 22.81
N ASP V 111 -69.74 -50.64 22.42
CA ASP V 111 -69.56 -51.97 22.98
C ASP V 111 -68.21 -52.56 22.60
N THR V 112 -67.69 -52.23 21.43
CA THR V 112 -66.33 -52.60 21.10
C THR V 112 -65.32 -51.75 21.86
N ALA V 113 -65.59 -50.45 21.96
CA ALA V 113 -64.65 -49.53 22.60
C ALA V 113 -64.65 -49.64 24.12
N ASN V 114 -65.65 -50.27 24.74
CA ASN V 114 -65.50 -50.60 26.15
C ASN V 114 -64.66 -51.85 26.33
N LYS V 115 -64.79 -52.82 25.43
CA LYS V 115 -64.00 -54.04 25.53
C LYS V 115 -62.53 -53.79 25.30
N ILE V 116 -62.22 -52.88 24.37
CA ILE V 116 -60.86 -52.37 24.25
C ILE V 116 -60.50 -51.55 25.48
N GLY V 117 -61.35 -50.58 25.81
CA GLY V 117 -61.25 -49.81 27.01
C GLY V 117 -60.61 -48.48 26.75
N LEU V 118 -61.42 -47.44 26.60
CA LEU V 118 -60.96 -46.12 26.19
C LEU V 118 -62.02 -45.07 26.45
N ALA W 1 -8.32 -53.48 39.90
CA ALA W 1 -8.73 -52.38 39.03
C ALA W 1 -7.56 -51.87 38.20
N SER W 2 -6.42 -51.66 38.86
CA SER W 2 -5.17 -51.18 38.28
C SER W 2 -5.36 -49.86 37.54
N ILE W 3 -5.94 -48.89 38.24
CA ILE W 3 -6.18 -47.59 37.64
C ILE W 3 -4.90 -46.76 37.63
N LYS W 4 -4.11 -46.83 38.69
CA LYS W 4 -2.87 -46.06 38.79
C LYS W 4 -1.80 -46.64 37.88
N CYS W 5 -1.16 -45.78 37.11
CA CYS W 5 -0.16 -46.17 36.14
C CYS W 5 0.86 -45.04 36.05
N GLY W 6 1.65 -45.03 34.98
CA GLY W 6 2.63 -43.97 34.81
C GLY W 6 2.00 -42.66 34.36
N SER W 7 0.95 -42.73 33.56
CA SER W 7 0.33 -41.56 32.96
C SER W 7 -0.85 -41.12 33.79
N ARG W 8 -0.75 -39.92 34.37
CA ARG W 8 -1.81 -39.33 35.19
C ARG W 8 -3.10 -39.15 34.40
N ARG W 9 -2.98 -38.60 33.19
CA ARG W 9 -4.13 -38.30 32.34
C ARG W 9 -4.90 -39.56 31.95
N LYS W 10 -4.20 -40.68 31.82
CA LYS W 10 -4.82 -41.96 31.57
C LYS W 10 -5.33 -42.61 32.84
N ALA W 11 -4.61 -42.43 33.95
CA ALA W 11 -5.05 -42.96 35.22
C ALA W 11 -6.28 -42.21 35.72
N ARG W 12 -6.25 -40.88 35.65
CA ARG W 12 -7.40 -40.08 36.05
C ARG W 12 -8.56 -40.18 35.05
N ARG W 13 -8.33 -40.74 33.86
CA ARG W 13 -9.44 -41.07 32.97
C ARG W 13 -10.08 -42.40 33.32
N ALA W 14 -9.28 -43.42 33.65
CA ALA W 14 -9.84 -44.73 33.98
C ALA W 14 -10.50 -44.75 35.34
N HIS W 15 -10.30 -43.73 36.16
CA HIS W 15 -11.02 -43.62 37.42
C HIS W 15 -12.40 -43.04 37.21
N PHE W 16 -12.49 -41.91 36.53
CA PHE W 16 -13.76 -41.21 36.40
C PHE W 16 -14.57 -41.68 35.20
N GLN W 17 -14.05 -42.62 34.41
CA GLN W 17 -14.82 -43.25 33.35
C GLN W 17 -14.81 -44.75 33.57
N ALA W 18 -15.09 -45.17 34.78
CA ALA W 18 -15.06 -46.53 35.27
C ALA W 18 -16.46 -47.11 35.29
N PRO W 19 -16.61 -48.37 34.88
CA PRO W 19 -17.90 -49.04 34.98
C PRO W 19 -18.26 -49.31 36.43
N SER W 20 -19.52 -49.67 36.64
CA SER W 20 -20.00 -49.88 38.00
C SER W 20 -19.47 -51.16 38.64
N HIS W 21 -18.87 -52.07 37.87
CA HIS W 21 -18.18 -53.17 38.51
C HIS W 21 -16.76 -52.79 38.89
N VAL W 22 -16.22 -51.73 38.28
CA VAL W 22 -14.96 -51.16 38.73
C VAL W 22 -15.19 -50.19 39.86
N ARG W 23 -16.27 -49.41 39.79
CA ARG W 23 -16.68 -48.49 40.85
C ARG W 23 -17.04 -49.19 42.15
N ARG W 24 -17.33 -50.49 42.12
CA ARG W 24 -17.60 -51.20 43.36
C ARG W 24 -16.33 -51.47 44.14
N VAL W 25 -15.26 -51.86 43.44
CA VAL W 25 -13.99 -52.14 44.10
C VAL W 25 -13.35 -50.85 44.58
N LEU W 26 -13.41 -49.80 43.77
CA LEU W 26 -12.92 -48.48 44.13
C LEU W 26 -13.65 -47.88 45.31
N MET W 27 -14.95 -48.14 45.45
CA MET W 27 -15.73 -47.70 46.60
C MET W 27 -15.71 -48.78 47.66
N SER W 28 -14.59 -48.85 48.37
CA SER W 28 -14.38 -49.80 49.43
C SER W 28 -14.19 -49.06 50.75
N ALA W 29 -14.37 -49.79 51.84
CA ALA W 29 -14.18 -49.27 53.19
C ALA W 29 -13.34 -50.25 53.98
N PRO W 30 -12.57 -49.77 54.96
CA PRO W 30 -11.87 -50.69 55.86
C PRO W 30 -12.83 -51.41 56.78
N LEU W 31 -12.33 -52.46 57.42
CA LEU W 31 -13.11 -53.21 58.38
C LEU W 31 -12.73 -52.76 59.78
N SER W 32 -13.66 -52.90 60.71
CA SER W 32 -13.36 -52.62 62.10
C SER W 32 -12.37 -53.65 62.62
N LYS W 33 -11.58 -53.26 63.62
CA LYS W 33 -10.46 -54.11 64.02
C LYS W 33 -10.89 -55.31 64.84
N GLU W 34 -12.15 -55.40 65.26
CA GLU W 34 -12.70 -56.65 65.76
C GLU W 34 -13.22 -57.54 64.63
N LEU W 35 -13.32 -57.01 63.43
CA LEU W 35 -13.86 -57.70 62.25
C LEU W 35 -12.80 -57.94 61.20
N ARG W 36 -11.87 -56.99 61.04
CA ARG W 36 -10.63 -57.25 60.31
C ARG W 36 -9.86 -58.42 60.91
N ALA W 37 -9.82 -58.51 62.24
CA ALA W 37 -9.06 -59.57 62.89
C ALA W 37 -9.76 -60.91 62.82
N LYS W 38 -11.06 -60.95 62.54
CA LYS W 38 -11.78 -62.21 62.45
C LYS W 38 -11.61 -62.82 61.06
N TYR W 39 -12.03 -62.10 60.02
CA TYR W 39 -11.98 -62.60 58.66
C TYR W 39 -10.60 -62.55 58.05
N ASN W 40 -9.64 -61.88 58.70
CA ASN W 40 -8.27 -61.66 58.23
C ASN W 40 -8.26 -60.91 56.90
N VAL W 41 -9.24 -60.05 56.68
CA VAL W 41 -9.34 -59.23 55.49
C VAL W 41 -9.27 -57.79 55.96
N ARG W 42 -8.57 -56.94 55.21
CA ARG W 42 -8.32 -55.59 55.71
C ARG W 42 -9.39 -54.59 55.28
N ALA W 43 -9.82 -54.62 54.03
CA ALA W 43 -10.86 -53.75 53.53
C ALA W 43 -11.89 -54.58 52.78
N MET W 44 -12.98 -53.93 52.39
CA MET W 44 -14.07 -54.68 51.80
C MET W 44 -14.90 -53.72 50.96
N PRO W 45 -15.40 -54.13 49.80
CA PRO W 45 -16.32 -53.27 49.06
C PRO W 45 -17.66 -53.17 49.79
N VAL W 46 -18.19 -51.96 49.80
CA VAL W 46 -19.39 -51.69 50.58
C VAL W 46 -20.62 -52.18 49.82
N ARG W 47 -21.52 -52.84 50.53
CA ARG W 47 -22.81 -53.25 50.03
C ARG W 47 -23.85 -52.31 50.63
N LYS W 48 -25.11 -52.49 50.26
CA LYS W 48 -26.22 -51.93 51.00
C LYS W 48 -26.51 -52.81 52.21
N ASP W 49 -27.13 -52.22 53.23
CA ASP W 49 -27.64 -52.88 54.44
C ASP W 49 -26.56 -53.49 55.31
N ASP W 50 -25.30 -53.06 55.18
CA ASP W 50 -24.30 -53.41 56.16
C ASP W 50 -23.94 -52.17 56.96
N GLU W 51 -23.59 -52.36 58.23
CA GLU W 51 -23.46 -51.24 59.16
C GLU W 51 -22.05 -50.70 59.16
N VAL W 52 -21.94 -49.38 59.25
CA VAL W 52 -20.67 -48.68 59.21
C VAL W 52 -20.66 -47.57 60.27
N ILE W 53 -19.46 -47.04 60.53
CA ILE W 53 -19.26 -45.85 61.35
C ILE W 53 -18.32 -44.92 60.59
N VAL W 54 -18.57 -43.63 60.70
CA VAL W 54 -17.92 -42.62 59.88
C VAL W 54 -16.72 -42.08 60.64
N LYS W 55 -15.61 -41.89 59.92
CA LYS W 55 -14.33 -41.56 60.53
C LYS W 55 -13.77 -40.20 60.14
N ARG W 56 -14.16 -39.65 58.99
CA ARG W 56 -13.82 -38.28 58.61
C ARG W 56 -15.09 -37.49 58.33
N GLY W 57 -14.95 -36.17 58.41
CA GLY W 57 -16.04 -35.26 58.11
C GLY W 57 -16.66 -34.69 59.37
N THR W 58 -17.72 -33.89 59.15
CA THR W 58 -18.50 -33.38 60.26
C THR W 58 -19.33 -34.46 60.91
N PHE W 59 -19.63 -35.52 60.18
CA PHE W 59 -20.39 -36.65 60.70
C PHE W 59 -19.50 -37.74 61.27
N LYS W 60 -18.31 -37.43 61.73
CA LYS W 60 -17.46 -38.49 62.26
C LYS W 60 -17.92 -38.88 63.65
N GLY W 61 -17.85 -40.17 63.94
CA GLY W 61 -18.42 -40.70 65.16
C GLY W 61 -19.87 -41.08 65.04
N ARG W 62 -20.41 -41.14 63.83
CA ARG W 62 -21.82 -41.46 63.60
C ARG W 62 -21.91 -42.86 63.04
N GLU W 63 -22.74 -43.69 63.66
CA GLU W 63 -22.94 -45.05 63.22
C GLU W 63 -24.11 -45.08 62.24
N GLY W 64 -24.44 -46.26 61.75
CA GLY W 64 -25.66 -46.41 60.98
C GLY W 64 -25.52 -47.48 59.93
N LYS W 65 -26.62 -47.68 59.20
CA LYS W 65 -26.76 -48.72 58.20
C LYS W 65 -26.74 -48.09 56.81
N VAL W 66 -26.05 -48.74 55.89
CA VAL W 66 -25.92 -48.23 54.53
C VAL W 66 -27.21 -48.49 53.78
N THR W 67 -27.85 -47.42 53.31
CA THR W 67 -29.11 -47.55 52.61
C THR W 67 -29.01 -47.37 51.10
N ALA W 68 -27.91 -46.82 50.59
CA ALA W 68 -27.70 -46.68 49.15
C ALA W 68 -26.22 -46.51 48.87
N CYS W 69 -25.70 -47.29 47.94
CA CYS W 69 -24.35 -47.10 47.41
C CYS W 69 -24.51 -46.43 46.06
N TYR W 70 -24.43 -45.11 46.06
CA TYR W 70 -24.77 -44.28 44.90
C TYR W 70 -23.48 -44.19 44.09
N ARG W 71 -23.24 -45.16 43.21
CA ARG W 71 -21.94 -45.25 42.55
C ARG W 71 -21.74 -44.19 41.49
N LEU W 72 -22.81 -43.60 40.98
CA LEU W 72 -22.67 -42.52 40.01
C LEU W 72 -22.21 -41.23 40.65
N LYS W 73 -22.59 -40.99 41.91
CA LYS W 73 -22.12 -39.82 42.65
C LYS W 73 -20.89 -40.12 43.51
N TRP W 74 -20.38 -41.35 43.46
CA TRP W 74 -19.21 -41.84 44.22
C TRP W 74 -19.41 -41.80 45.72
N VAL W 75 -20.63 -41.91 46.22
CA VAL W 75 -20.92 -41.69 47.62
C VAL W 75 -21.65 -42.88 48.19
N ILE W 76 -21.94 -42.80 49.48
CA ILE W 76 -22.60 -43.82 50.27
C ILE W 76 -23.75 -43.11 50.98
N LEU W 77 -24.75 -43.86 51.40
CA LEU W 77 -25.87 -43.27 52.12
C LEU W 77 -26.15 -44.08 53.38
N ILE W 78 -25.90 -43.46 54.53
CA ILE W 78 -26.25 -43.99 55.83
C ILE W 78 -27.56 -43.33 56.26
N ASP W 79 -28.47 -44.11 56.86
CA ASP W 79 -29.73 -43.54 57.33
C ASP W 79 -29.53 -42.55 58.47
N LYS W 80 -28.65 -42.86 59.42
CA LYS W 80 -28.46 -42.01 60.59
C LYS W 80 -27.64 -40.77 60.30
N VAL W 81 -27.02 -40.69 59.14
CA VAL W 81 -26.21 -39.56 58.73
C VAL W 81 -27.02 -38.77 57.72
N ASN W 82 -27.61 -37.66 58.16
CA ASN W 82 -28.49 -36.88 57.31
C ASN W 82 -28.58 -35.45 57.84
N ARG W 83 -29.33 -34.62 57.11
CA ARG W 83 -29.68 -33.29 57.55
C ARG W 83 -31.04 -32.96 56.97
N GLU W 84 -31.49 -31.73 57.16
CA GLU W 84 -32.78 -31.30 56.66
C GLU W 84 -32.62 -30.16 55.67
N LYS W 85 -33.58 -30.04 54.78
CA LYS W 85 -33.59 -28.96 53.81
C LYS W 85 -34.33 -27.78 54.41
N ALA W 86 -34.66 -26.79 53.57
CA ALA W 86 -35.40 -25.62 54.03
C ALA W 86 -36.83 -25.99 54.39
N ASN W 87 -37.35 -27.05 53.78
CA ASN W 87 -38.72 -27.51 54.01
C ASN W 87 -38.89 -28.14 55.38
N GLY W 88 -37.81 -28.56 56.02
CA GLY W 88 -37.88 -29.42 57.17
C GLY W 88 -37.83 -30.88 56.83
N SER W 89 -37.93 -31.23 55.55
CA SER W 89 -37.80 -32.60 55.11
C SER W 89 -36.35 -33.02 55.16
N THR W 90 -36.12 -34.29 55.49
CA THR W 90 -34.77 -34.80 55.70
C THR W 90 -34.23 -35.42 54.41
N VAL W 91 -32.93 -35.26 54.19
CA VAL W 91 -32.25 -35.80 53.02
C VAL W 91 -30.97 -36.48 53.47
N ALA W 92 -30.64 -37.59 52.84
CA ALA W 92 -29.44 -38.32 53.20
C ALA W 92 -28.21 -37.67 52.58
N VAL W 93 -27.16 -37.55 53.38
CA VAL W 93 -25.94 -36.86 52.96
C VAL W 93 -24.91 -37.90 52.56
N GLY W 94 -24.26 -37.68 51.42
CA GLY W 94 -23.30 -38.64 50.92
C GLY W 94 -21.94 -38.54 51.60
N ILE W 95 -21.32 -39.69 51.78
CA ILE W 95 -19.97 -39.80 52.32
C ILE W 95 -19.18 -40.64 51.34
N HIS W 96 -17.93 -40.31 51.15
CA HIS W 96 -17.13 -41.26 50.39
C HIS W 96 -16.80 -42.45 51.28
N PRO W 97 -16.75 -43.67 50.74
CA PRO W 97 -16.42 -44.84 51.56
C PRO W 97 -14.97 -44.89 52.08
N SER W 98 -14.11 -43.94 51.73
CA SER W 98 -12.83 -43.78 52.41
C SER W 98 -13.02 -43.33 53.85
N ASN W 99 -14.03 -42.49 54.10
CA ASN W 99 -14.20 -41.81 55.37
C ASN W 99 -15.00 -42.64 56.38
N VAL W 100 -15.00 -43.96 56.24
CA VAL W 100 -16.02 -44.84 56.79
C VAL W 100 -15.39 -46.21 56.98
N GLU W 101 -15.62 -46.85 58.14
CA GLU W 101 -15.20 -48.24 58.29
C GLU W 101 -16.41 -49.12 58.62
N ILE W 102 -16.34 -50.37 58.19
CA ILE W 102 -17.46 -51.30 58.30
C ILE W 102 -17.42 -51.94 59.68
N THR W 103 -18.58 -51.98 60.35
CA THR W 103 -18.67 -52.63 61.64
C THR W 103 -19.50 -53.91 61.64
N LYS W 104 -20.22 -54.17 60.55
CA LYS W 104 -20.94 -55.42 60.39
C LYS W 104 -21.10 -55.67 58.91
N LEU W 105 -20.86 -56.91 58.47
CA LEU W 105 -20.95 -57.25 57.06
C LEU W 105 -22.32 -57.83 56.74
N LYS W 106 -22.81 -57.54 55.55
CA LYS W 106 -24.02 -58.17 55.02
C LYS W 106 -23.58 -59.33 54.13
N LEU W 107 -23.89 -60.55 54.56
CA LEU W 107 -23.26 -61.76 54.03
C LEU W 107 -24.23 -62.58 53.22
N THR W 108 -23.84 -62.89 51.98
CA THR W 108 -24.51 -63.83 51.12
C THR W 108 -23.50 -64.89 50.73
N HIS W 109 -23.93 -65.94 50.03
CA HIS W 109 -22.95 -66.92 49.57
C HIS W 109 -22.45 -66.54 48.18
N HIS W 110 -22.14 -65.26 48.01
CA HIS W 110 -21.29 -64.74 46.95
C HIS W 110 -20.39 -63.71 47.61
N ARG W 111 -20.83 -63.23 48.77
CA ARG W 111 -20.04 -62.31 49.58
C ARG W 111 -19.17 -63.06 50.56
N LYS W 112 -19.65 -64.19 51.07
CA LYS W 112 -18.82 -65.15 51.81
C LYS W 112 -17.79 -65.83 50.92
N SER W 113 -17.93 -65.74 49.60
CA SER W 113 -16.95 -66.25 48.66
C SER W 113 -15.92 -65.21 48.26
N ILE W 114 -16.14 -63.94 48.58
CA ILE W 114 -15.13 -62.91 48.36
C ILE W 114 -14.19 -62.86 49.56
N LEU W 115 -14.72 -63.10 50.76
CA LEU W 115 -13.90 -63.09 51.97
C LEU W 115 -12.96 -64.28 52.03
N GLU W 116 -13.38 -65.43 51.49
CA GLU W 116 -12.49 -66.58 51.40
C GLU W 116 -11.45 -66.39 50.31
N ARG W 117 -11.65 -65.43 49.42
CA ARG W 117 -10.75 -65.16 48.32
C ARG W 117 -9.72 -64.11 48.70
N LYS W 118 -10.10 -63.17 49.56
CA LYS W 118 -9.19 -62.16 50.08
C LYS W 118 -8.59 -62.53 51.42
N ASP W 119 -8.79 -63.77 51.86
CA ASP W 119 -8.31 -64.22 53.17
C ASP W 119 -6.79 -64.32 53.14
N ARG W 120 -6.15 -63.57 54.03
CA ARG W 120 -4.70 -63.44 54.01
C ARG W 120 -4.02 -64.61 54.70
N SER W 121 -4.76 -65.46 55.39
CA SER W 121 -4.19 -66.59 56.10
C SER W 121 -3.71 -67.67 55.13
N MET X 1 -61.19 66.34 -3.52
CA MET X 1 -61.39 66.05 -4.94
C MET X 1 -62.88 65.97 -5.29
N ARG X 2 -63.26 64.85 -5.90
CA ARG X 2 -64.64 64.60 -6.22
C ARG X 2 -64.90 63.11 -6.10
N THR X 3 -66.16 62.77 -5.90
CA THR X 3 -66.60 61.38 -5.83
C THR X 3 -67.05 60.97 -7.23
N ILE X 4 -66.22 60.20 -7.91
CA ILE X 4 -66.61 59.56 -9.16
C ILE X 4 -67.55 58.39 -8.84
N GLU X 5 -68.46 58.09 -9.75
CA GLU X 5 -69.28 56.91 -9.60
C GLU X 5 -68.86 55.84 -10.60
N CYS X 6 -68.99 54.59 -10.18
CA CYS X 6 -68.52 53.44 -10.93
C CYS X 6 -69.30 53.28 -12.23
N GLU X 7 -68.65 52.71 -13.23
CA GLU X 7 -69.29 52.56 -14.52
C GLU X 7 -70.32 51.44 -14.50
N PHE X 8 -69.95 50.31 -13.92
CA PHE X 8 -70.85 49.17 -13.92
C PHE X 8 -71.96 49.34 -12.89
N SER X 9 -71.58 49.53 -11.62
CA SER X 9 -72.53 49.45 -10.52
C SER X 9 -72.96 50.81 -9.96
N HIS X 10 -72.35 51.90 -10.43
CA HIS X 10 -72.59 53.27 -9.95
C HIS X 10 -72.39 53.40 -8.45
N PHE X 11 -71.41 52.68 -7.91
CA PHE X 11 -71.02 52.83 -6.51
C PHE X 11 -70.36 54.19 -6.28
N ALA X 12 -70.01 54.46 -5.04
CA ALA X 12 -69.28 55.68 -4.72
C ALA X 12 -67.79 55.38 -4.80
N VAL X 13 -67.08 56.12 -5.65
CA VAL X 13 -65.63 55.98 -5.72
C VAL X 13 -65.04 57.28 -5.19
N HIS X 14 -64.74 57.29 -3.91
CA HIS X 14 -64.11 58.38 -3.20
C HIS X 14 -62.63 58.40 -3.58
N PRO X 15 -61.92 59.52 -3.33
CA PRO X 15 -60.53 59.63 -3.82
C PRO X 15 -59.60 58.54 -3.30
N GLY X 16 -58.66 58.13 -4.17
CA GLY X 16 -57.71 57.09 -3.84
C GLY X 16 -58.31 55.72 -3.58
N HIS X 17 -59.45 55.38 -4.19
CA HIS X 17 -60.05 54.08 -3.94
C HIS X 17 -60.17 53.19 -5.16
N GLY X 18 -60.78 53.64 -6.24
CA GLY X 18 -61.08 52.76 -7.35
C GLY X 18 -59.90 52.42 -8.22
N ARG X 19 -60.20 52.12 -9.48
CA ARG X 19 -59.16 51.79 -10.45
C ARG X 19 -59.72 52.16 -11.81
N ARG X 20 -59.10 53.11 -12.48
CA ARG X 20 -59.65 53.65 -13.72
C ARG X 20 -59.11 52.87 -14.91
N TYR X 21 -59.83 52.97 -16.02
CA TYR X 21 -59.56 52.12 -17.18
C TYR X 21 -60.06 52.80 -18.44
N VAL X 22 -59.32 52.65 -19.52
CA VAL X 22 -59.64 53.28 -20.78
C VAL X 22 -59.40 52.32 -21.94
N PRO X 23 -60.42 51.95 -22.70
CA PRO X 23 -60.27 50.94 -23.75
C PRO X 23 -59.95 51.57 -25.10
N PHE X 24 -59.68 50.69 -26.08
CA PHE X 24 -59.30 51.15 -27.41
C PHE X 24 -60.47 51.77 -28.18
N ALA X 25 -61.71 51.41 -27.83
CA ALA X 25 -62.90 51.90 -28.50
C ALA X 25 -63.54 53.06 -27.74
N PHE X 26 -62.69 53.95 -27.23
CA PHE X 26 -63.05 54.92 -26.20
C PHE X 26 -64.15 55.88 -26.62
N LEU X 27 -65.04 56.19 -25.69
CA LEU X 27 -66.05 57.20 -25.92
C LEU X 27 -65.43 58.59 -25.86
N SER X 28 -66.04 59.53 -26.56
CA SER X 28 -65.60 60.92 -26.48
C SER X 28 -66.02 61.56 -25.18
N THR X 29 -67.11 61.07 -24.58
CA THR X 29 -67.63 61.63 -23.34
C THR X 29 -67.07 60.90 -22.11
N LYS X 30 -66.94 59.59 -22.19
CA LYS X 30 -66.31 58.79 -21.14
C LYS X 30 -65.11 58.08 -21.74
N PRO X 31 -63.98 58.77 -21.87
CA PRO X 31 -62.79 58.07 -22.36
C PRO X 31 -62.26 57.09 -21.35
N VAL X 32 -62.29 57.47 -20.08
CA VAL X 32 -61.77 56.67 -18.99
C VAL X 32 -62.95 56.23 -18.14
N LEU X 33 -62.99 54.94 -17.81
CA LEU X 33 -64.07 54.34 -17.05
C LEU X 33 -63.57 54.00 -15.66
N THR X 34 -64.29 54.48 -14.65
CA THR X 34 -63.91 54.26 -13.27
C THR X 34 -64.64 53.04 -12.74
N PHE X 35 -63.90 52.14 -12.10
CA PHE X 35 -64.48 50.96 -11.48
C PHE X 35 -64.12 50.93 -10.00
N SER X 36 -65.06 50.44 -9.19
CA SER X 36 -64.89 50.40 -7.75
C SER X 36 -64.33 49.08 -7.24
N ARG X 37 -64.70 47.97 -7.87
CA ARG X 37 -64.22 46.65 -7.47
C ARG X 37 -63.54 45.97 -8.64
N PRO X 38 -62.79 44.90 -8.40
CA PRO X 38 -62.53 43.96 -9.49
C PRO X 38 -63.77 43.20 -9.93
N LYS X 39 -64.71 42.95 -9.01
CA LYS X 39 -65.99 42.34 -9.35
C LYS X 39 -66.80 43.21 -10.30
N CYS X 40 -66.66 44.53 -10.20
CA CYS X 40 -67.31 45.42 -11.16
C CYS X 40 -66.64 45.32 -12.53
N PHE X 41 -65.31 45.28 -12.55
CA PHE X 41 -64.57 45.15 -13.80
C PHE X 41 -64.70 43.75 -14.41
N ALA X 42 -64.97 42.74 -13.59
CA ALA X 42 -65.12 41.38 -14.09
C ALA X 42 -66.44 41.19 -14.81
N LEU X 43 -67.52 41.77 -14.28
CA LEU X 43 -68.80 41.72 -14.97
C LEU X 43 -68.86 42.70 -16.13
N TYR X 44 -67.95 43.66 -16.18
CA TYR X 44 -67.79 44.50 -17.36
C TYR X 44 -67.06 43.77 -18.48
N MET X 45 -66.16 42.85 -18.14
CA MET X 45 -65.39 42.13 -19.15
C MET X 45 -66.21 41.05 -19.84
N ARG X 46 -67.07 40.37 -19.11
CA ARG X 46 -67.96 39.39 -19.69
C ARG X 46 -69.24 40.02 -20.22
N LYS X 47 -69.29 41.35 -20.21
CA LYS X 47 -70.27 42.18 -20.91
C LYS X 47 -71.68 41.93 -20.39
N LYS X 48 -71.81 41.99 -19.07
CA LYS X 48 -73.11 41.94 -18.43
C LYS X 48 -73.72 43.33 -18.38
N ASN X 49 -75.03 43.40 -18.44
CA ASN X 49 -75.74 44.66 -18.32
C ASN X 49 -75.70 45.07 -16.85
N PRO X 50 -75.61 46.36 -16.53
CA PRO X 50 -75.73 46.75 -15.11
C PRO X 50 -77.06 46.39 -14.48
N ARG X 51 -78.17 46.55 -15.20
CA ARG X 51 -79.39 45.90 -14.78
C ARG X 51 -79.23 44.40 -14.97
N PHE X 52 -80.08 43.63 -14.27
CA PHE X 52 -80.13 42.16 -14.11
C PHE X 52 -79.07 41.65 -13.13
N ILE X 53 -78.19 42.50 -12.61
CA ILE X 53 -77.36 42.16 -11.46
C ILE X 53 -77.96 42.85 -10.24
N PRO X 54 -78.37 42.11 -9.22
CA PRO X 54 -79.27 42.65 -8.20
C PRO X 54 -78.64 43.63 -7.22
N TRP X 55 -77.32 43.83 -7.25
CA TRP X 55 -76.66 44.69 -6.29
C TRP X 55 -76.15 45.99 -6.88
N THR X 56 -76.47 46.28 -8.14
CA THR X 56 -76.05 47.52 -8.77
C THR X 56 -77.16 48.55 -8.66
N ARG X 57 -76.83 49.81 -8.92
CA ARG X 57 -77.81 50.87 -8.80
C ARG X 57 -78.78 50.91 -9.97
N THR X 58 -78.40 50.32 -11.10
CA THR X 58 -79.29 50.28 -12.26
C THR X 58 -80.46 49.35 -12.02
N TYR X 59 -80.20 48.20 -11.40
CA TYR X 59 -81.23 47.26 -11.01
C TYR X 59 -82.18 47.87 -10.00
N ARG X 60 -81.63 48.48 -8.94
CA ARG X 60 -82.42 48.93 -7.81
C ARG X 60 -83.29 50.13 -8.13
N ARG X 61 -83.08 50.78 -9.27
CA ARG X 61 -83.88 51.92 -9.67
C ARG X 61 -84.92 51.59 -10.72
N ILE X 62 -84.91 50.37 -11.28
CA ILE X 62 -85.91 49.98 -12.25
C ILE X 62 -86.84 48.89 -11.74
N HIS X 63 -86.45 48.14 -10.72
CA HIS X 63 -87.27 47.06 -10.18
C HIS X 63 -87.86 47.39 -8.83
N ARG X 64 -87.08 47.99 -7.94
CA ARG X 64 -87.49 48.16 -6.56
C ARG X 64 -87.93 49.57 -6.24
N LYS X 65 -87.94 50.47 -7.21
CA LYS X 65 -88.51 51.80 -7.06
C LYS X 65 -88.88 52.37 -8.43
N LYS Y 1 -85.23 -51.07 -73.78
CA LYS Y 1 -84.65 -51.68 -74.97
C LYS Y 1 -83.83 -52.90 -74.60
N PHE Y 2 -82.90 -52.70 -73.67
CA PHE Y 2 -81.96 -53.74 -73.27
C PHE Y 2 -82.29 -54.33 -71.91
N LEU Y 3 -83.17 -53.71 -71.13
CA LEU Y 3 -83.52 -54.19 -69.80
C LEU Y 3 -84.62 -55.26 -69.87
N LYS Y 4 -84.33 -56.31 -70.60
CA LYS Y 4 -85.24 -57.42 -70.76
C LYS Y 4 -85.27 -58.26 -69.49
N PRO Y 5 -86.39 -58.92 -69.20
CA PRO Y 5 -86.44 -59.82 -68.05
C PRO Y 5 -85.56 -61.05 -68.28
N GLY Y 6 -84.80 -61.41 -67.25
CA GLY Y 6 -83.82 -62.46 -67.36
C GLY Y 6 -82.40 -61.98 -67.49
N LYS Y 7 -82.10 -60.78 -67.04
CA LYS Y 7 -80.83 -60.12 -67.28
C LYS Y 7 -80.14 -59.81 -65.96
N VAL Y 8 -78.87 -60.18 -65.87
CA VAL Y 8 -78.14 -60.02 -64.62
C VAL Y 8 -77.72 -58.56 -64.46
N VAL Y 9 -78.06 -57.98 -63.31
CA VAL Y 9 -77.61 -56.64 -62.96
C VAL Y 9 -76.84 -56.73 -61.66
N ILE Y 10 -76.24 -55.61 -61.25
CA ILE Y 10 -75.48 -55.53 -60.01
C ILE Y 10 -76.01 -54.35 -59.22
N VAL Y 11 -76.52 -54.63 -58.02
CA VAL Y 11 -77.23 -53.60 -57.25
C VAL Y 11 -76.22 -52.61 -56.69
N THR Y 12 -76.45 -51.33 -56.96
CA THR Y 12 -75.44 -50.31 -56.79
C THR Y 12 -75.72 -49.44 -55.57
N ALA Y 13 -76.90 -49.52 -55.00
CA ALA Y 13 -77.29 -48.68 -53.86
C ALA Y 13 -78.07 -49.51 -52.86
N GLY Y 14 -77.91 -49.16 -51.59
CA GLY Y 14 -78.71 -49.77 -50.54
C GLY Y 14 -77.94 -50.77 -49.71
N ARG Y 15 -78.72 -51.55 -48.95
CA ARG Y 15 -78.18 -52.58 -48.07
C ARG Y 15 -77.62 -53.75 -48.86
N TYR Y 16 -78.06 -53.89 -50.11
CA TYR Y 16 -77.52 -54.91 -51.01
C TYR Y 16 -76.56 -54.34 -52.04
N ALA Y 17 -75.71 -53.40 -51.65
CA ALA Y 17 -74.78 -52.78 -52.57
C ALA Y 17 -73.73 -53.78 -53.06
N GLY Y 18 -73.72 -54.03 -54.36
CA GLY Y 18 -72.74 -54.89 -54.96
C GLY Y 18 -73.18 -56.32 -55.16
N HIS Y 19 -74.45 -56.64 -54.95
CA HIS Y 19 -74.96 -57.97 -55.16
C HIS Y 19 -75.48 -58.12 -56.57
N LYS Y 20 -75.41 -59.34 -57.08
CA LYS Y 20 -75.93 -59.62 -58.41
C LYS Y 20 -77.42 -59.90 -58.31
N ALA Y 21 -78.14 -59.54 -59.37
CA ALA Y 21 -79.58 -59.71 -59.39
C ALA Y 21 -80.06 -59.87 -60.81
N VAL Y 22 -81.11 -60.66 -60.99
CA VAL Y 22 -81.68 -60.90 -62.31
C VAL Y 22 -83.03 -60.20 -62.37
N ILE Y 23 -83.36 -59.65 -63.54
CA ILE Y 23 -84.58 -58.87 -63.70
C ILE Y 23 -85.74 -59.83 -63.96
N VAL Y 24 -86.75 -59.77 -63.10
CA VAL Y 24 -87.94 -60.61 -63.23
C VAL Y 24 -89.00 -59.88 -64.02
N GLN Y 25 -89.46 -58.74 -63.52
CA GLN Y 25 -90.48 -57.94 -64.17
C GLN Y 25 -89.96 -56.52 -64.29
N ASN Y 26 -90.48 -55.76 -65.24
CA ASN Y 26 -89.86 -54.49 -65.58
C ASN Y 26 -90.95 -53.49 -65.92
N SER Y 27 -90.74 -52.25 -65.49
CA SER Y 27 -91.70 -51.16 -65.67
C SER Y 27 -90.92 -49.92 -66.08
N ASP Y 28 -90.82 -49.69 -67.39
CA ASP Y 28 -90.00 -48.60 -67.88
C ASP Y 28 -90.70 -47.26 -67.70
N ILE Y 29 -92.02 -47.24 -67.61
CA ILE Y 29 -92.78 -46.01 -67.45
C ILE Y 29 -93.12 -45.82 -65.97
N ALA Y 30 -92.94 -44.59 -65.49
CA ALA Y 30 -93.26 -44.27 -64.12
C ALA Y 30 -94.77 -44.24 -63.92
N THR Y 31 -95.19 -44.33 -62.66
CA THR Y 31 -96.60 -44.31 -62.34
C THR Y 31 -96.79 -43.73 -60.94
N LYS Y 32 -98.05 -43.57 -60.54
CA LYS Y 32 -98.35 -43.13 -59.18
C LYS Y 32 -97.90 -44.17 -58.18
N GLU Y 33 -97.47 -43.68 -57.01
CA GLU Y 33 -96.95 -44.32 -55.79
C GLU Y 33 -95.58 -44.97 -55.98
N ARG Y 34 -95.09 -45.03 -57.22
CA ARG Y 34 -93.68 -45.34 -57.53
C ARG Y 34 -93.28 -44.49 -58.72
N PRO Y 35 -93.00 -43.19 -58.51
CA PRO Y 35 -92.84 -42.22 -59.60
C PRO Y 35 -91.51 -42.28 -60.35
N TYR Y 36 -91.10 -43.48 -60.72
CA TYR Y 36 -89.77 -43.72 -61.26
C TYR Y 36 -89.78 -45.01 -62.05
N GLY Y 37 -88.77 -45.18 -62.89
CA GLY Y 37 -88.57 -46.46 -63.53
C GLY Y 37 -87.98 -47.46 -62.56
N ARG Y 38 -88.32 -48.72 -62.75
CA ARG Y 38 -88.01 -49.73 -61.75
C ARG Y 38 -88.02 -51.11 -62.39
N ALA Y 39 -87.53 -52.08 -61.62
CA ALA Y 39 -87.41 -53.45 -62.07
C ALA Y 39 -87.53 -54.36 -60.87
N LEU Y 40 -88.33 -55.42 -61.01
CA LEU Y 40 -88.43 -56.43 -59.97
C LEU Y 40 -87.19 -57.31 -60.03
N LEU Y 41 -86.31 -57.17 -59.06
CA LEU Y 41 -85.06 -57.92 -59.04
C LEU Y 41 -85.18 -59.12 -58.13
N ALA Y 42 -84.62 -60.24 -58.56
CA ALA Y 42 -84.48 -61.44 -57.74
C ALA Y 42 -82.99 -61.74 -57.64
N GLY Y 43 -82.36 -61.30 -56.56
CA GLY Y 43 -80.93 -61.38 -56.43
C GLY Y 43 -80.48 -62.41 -55.41
N ILE Y 44 -79.23 -62.27 -54.99
CA ILE Y 44 -78.61 -63.21 -54.08
C ILE Y 44 -78.35 -62.50 -52.77
N LYS Y 45 -79.09 -62.88 -51.75
CA LYS Y 45 -78.90 -62.35 -50.40
C LYS Y 45 -77.61 -62.86 -49.78
N LYS Y 46 -77.30 -64.14 -49.97
CA LYS Y 46 -76.08 -64.71 -49.44
C LYS Y 46 -75.55 -65.73 -50.43
N TYR Y 47 -74.38 -65.45 -50.98
CA TYR Y 47 -73.69 -66.27 -51.96
C TYR Y 47 -73.26 -67.61 -51.35
N PRO Y 48 -73.25 -68.67 -52.15
CA PRO Y 48 -72.71 -69.95 -51.66
C PRO Y 48 -71.20 -69.90 -51.53
N LYS Y 49 -70.69 -70.44 -50.43
CA LYS Y 49 -69.27 -70.42 -50.16
C LYS Y 49 -68.57 -71.44 -51.04
N LYS Y 50 -67.24 -71.36 -51.11
CA LYS Y 50 -66.51 -72.34 -51.90
C LYS Y 50 -66.30 -73.61 -51.09
N VAL Y 51 -66.31 -74.73 -51.79
CA VAL Y 51 -66.04 -76.03 -51.18
C VAL Y 51 -64.72 -76.56 -51.74
N VAL Y 52 -63.98 -77.25 -50.89
CA VAL Y 52 -62.71 -77.84 -51.25
C VAL Y 52 -62.80 -79.34 -50.94
N ARG Y 53 -61.86 -80.10 -51.49
CA ARG Y 53 -61.82 -81.53 -51.23
C ARG Y 53 -61.38 -81.79 -49.80
N GLY Y 54 -62.18 -82.59 -49.09
CA GLY Y 54 -61.96 -82.84 -47.69
C GLY Y 54 -63.23 -82.60 -46.91
N MET Y 55 -64.05 -81.69 -47.42
CA MET Y 55 -65.33 -81.40 -46.80
C MET Y 55 -66.30 -82.54 -47.06
N SER Y 56 -67.06 -82.90 -46.03
CA SER Y 56 -68.07 -83.93 -46.18
C SER Y 56 -69.33 -83.34 -46.78
N LYS Y 57 -70.17 -84.20 -47.34
CA LYS Y 57 -71.54 -83.80 -47.59
C LYS Y 57 -72.26 -83.65 -46.25
N GLN Y 58 -73.18 -82.67 -46.20
CA GLN Y 58 -73.82 -81.98 -45.06
C GLN Y 58 -72.88 -80.92 -44.49
N THR Y 59 -71.66 -80.78 -45.00
CA THR Y 59 -70.87 -79.56 -44.91
C THR Y 59 -70.80 -78.85 -46.25
N ILE Y 60 -70.70 -79.63 -47.34
CA ILE Y 60 -70.81 -79.06 -48.68
C ILE Y 60 -72.23 -78.58 -48.95
N ALA Y 61 -73.23 -79.38 -48.54
CA ALA Y 61 -74.61 -79.06 -48.84
C ALA Y 61 -75.11 -77.85 -48.06
N ARG Y 62 -74.49 -77.53 -46.93
CA ARG Y 62 -74.83 -76.33 -46.19
C ARG Y 62 -74.03 -75.13 -46.66
N ARG Y 63 -72.79 -75.32 -47.10
CA ARG Y 63 -72.01 -74.22 -47.64
C ARG Y 63 -72.41 -73.82 -49.04
N SER Y 64 -73.24 -74.60 -49.73
CA SER Y 64 -73.62 -74.32 -51.11
C SER Y 64 -75.03 -73.78 -51.22
N GLN Y 65 -75.58 -73.24 -50.14
CA GLN Y 65 -76.92 -72.69 -50.15
C GLN Y 65 -76.92 -71.26 -50.64
N VAL Y 66 -77.86 -70.94 -51.52
CA VAL Y 66 -78.08 -69.55 -51.91
C VAL Y 66 -79.22 -69.00 -51.08
N GLY Y 67 -79.12 -67.74 -50.73
CA GLY Y 67 -80.24 -67.00 -50.16
C GLY Y 67 -80.58 -65.88 -51.12
N VAL Y 68 -81.88 -65.60 -51.27
CA VAL Y 68 -82.32 -64.65 -52.28
C VAL Y 68 -83.00 -63.45 -51.62
N PHE Y 69 -83.23 -62.43 -52.43
CA PHE Y 69 -84.18 -61.37 -52.14
C PHE Y 69 -85.03 -61.17 -53.38
N LEU Y 70 -86.25 -60.65 -53.19
CA LEU Y 70 -87.20 -60.48 -54.29
C LEU Y 70 -87.88 -59.12 -54.09
N ARG Y 71 -87.48 -58.12 -54.88
CA ARG Y 71 -87.61 -56.76 -54.39
C ARG Y 71 -87.48 -55.76 -55.52
N VAL Y 72 -88.40 -54.79 -55.58
CA VAL Y 72 -88.43 -53.77 -56.64
C VAL Y 72 -87.37 -52.70 -56.34
N VAL Y 73 -86.55 -52.36 -57.33
CA VAL Y 73 -85.48 -51.38 -57.20
C VAL Y 73 -85.56 -50.42 -58.39
N ASN Y 74 -85.38 -49.13 -58.12
CA ASN Y 74 -85.22 -48.07 -59.14
C ASN Y 74 -84.11 -48.42 -60.13
N HIS Y 75 -84.31 -48.02 -61.40
CA HIS Y 75 -83.34 -48.36 -62.45
C HIS Y 75 -81.98 -47.72 -62.26
N LYS Y 76 -81.91 -46.57 -61.59
CA LYS Y 76 -80.61 -45.94 -61.36
C LYS Y 76 -79.91 -46.48 -60.13
N HIS Y 77 -80.41 -47.56 -59.55
CA HIS Y 77 -79.80 -48.19 -58.38
C HIS Y 77 -79.38 -49.62 -58.67
N PHE Y 78 -79.22 -49.98 -59.94
CA PHE Y 78 -78.48 -51.16 -60.32
C PHE Y 78 -77.75 -50.89 -61.62
N LEU Y 79 -76.83 -51.78 -61.94
CA LEU Y 79 -75.94 -51.63 -63.09
C LEU Y 79 -76.09 -52.86 -63.98
N PRO Y 80 -76.64 -52.72 -65.18
CA PRO Y 80 -76.86 -53.90 -66.02
C PRO Y 80 -75.57 -54.46 -66.60
N THR Y 81 -75.53 -55.77 -66.69
CA THR Y 81 -74.40 -56.52 -67.19
C THR Y 81 -74.82 -57.23 -68.46
N ARG Y 82 -73.87 -57.58 -69.32
CA ARG Y 82 -74.23 -58.31 -70.53
C ARG Y 82 -74.67 -59.74 -70.25
N TYR Y 83 -74.31 -60.26 -69.08
CA TYR Y 83 -74.64 -61.58 -68.61
C TYR Y 83 -76.14 -61.76 -68.43
N ASN Y 84 -76.62 -62.98 -68.66
CA ASN Y 84 -78.04 -63.28 -68.60
C ASN Y 84 -78.26 -64.57 -67.83
N VAL Y 85 -79.44 -64.69 -67.22
CA VAL Y 85 -79.91 -65.91 -66.59
C VAL Y 85 -81.30 -66.20 -67.11
N ASP Y 86 -81.50 -67.41 -67.65
CA ASP Y 86 -82.67 -67.74 -68.44
C ASP Y 86 -83.91 -67.86 -67.56
N MET Y 87 -84.48 -66.69 -67.24
CA MET Y 87 -85.82 -66.61 -66.69
C MET Y 87 -86.82 -67.00 -67.77
N SER Y 88 -87.51 -68.12 -67.60
CA SER Y 88 -88.47 -68.56 -68.59
C SER Y 88 -89.74 -67.71 -68.50
N LYS Y 89 -90.53 -67.77 -69.56
CA LYS Y 89 -91.78 -67.01 -69.59
C LYS Y 89 -92.84 -67.61 -68.68
N GLU Y 90 -92.68 -68.87 -68.29
CA GLU Y 90 -93.59 -69.53 -67.38
C GLU Y 90 -93.18 -69.39 -65.92
N LEU Y 91 -92.00 -68.86 -65.64
CA LEU Y 91 -91.51 -68.76 -64.28
C LEU Y 91 -91.78 -67.39 -63.66
N ARG Y 92 -91.63 -66.31 -64.44
CA ARG Y 92 -91.99 -65.00 -63.93
C ARG Y 92 -93.49 -64.78 -63.88
N GLY Y 93 -94.29 -65.67 -64.47
CA GLY Y 93 -95.71 -65.66 -64.21
C GLY Y 93 -96.05 -66.12 -62.81
N LYS Y 94 -95.16 -66.91 -62.20
CA LYS Y 94 -95.37 -67.44 -60.87
C LYS Y 94 -94.71 -66.59 -59.79
N ILE Y 95 -94.27 -65.38 -60.13
CA ILE Y 95 -93.61 -64.49 -59.19
C ILE Y 95 -94.49 -63.27 -59.00
N ASN Y 96 -95.26 -63.27 -57.92
CA ASN Y 96 -96.06 -62.12 -57.54
C ASN Y 96 -95.39 -61.39 -56.39
N VAL Y 97 -95.48 -60.07 -56.41
CA VAL Y 97 -94.88 -59.22 -55.39
C VAL Y 97 -95.92 -58.35 -54.69
N SER Y 98 -97.12 -58.22 -55.25
CA SER Y 98 -98.16 -57.34 -54.74
C SER Y 98 -99.01 -58.03 -53.67
N ASP Y 99 -98.35 -58.60 -52.67
CA ASP Y 99 -99.00 -59.31 -51.59
C ASP Y 99 -97.97 -59.42 -50.47
N ALA Y 100 -98.40 -59.96 -49.32
CA ALA Y 100 -97.51 -60.23 -48.21
C ALA Y 100 -97.14 -61.70 -48.09
N SER Y 101 -98.10 -62.58 -48.35
CA SER Y 101 -97.86 -64.02 -48.27
C SER Y 101 -97.45 -64.60 -49.62
N LYS Y 102 -97.96 -64.05 -50.71
CA LYS Y 102 -97.54 -64.45 -52.05
C LYS Y 102 -96.25 -63.78 -52.48
N ARG Y 103 -95.62 -63.00 -51.61
CA ARG Y 103 -94.23 -62.60 -51.78
C ARG Y 103 -93.29 -63.50 -50.99
N SER Y 104 -93.76 -64.07 -49.89
CA SER Y 104 -93.00 -65.10 -49.19
C SER Y 104 -93.00 -66.41 -49.96
N ARG Y 105 -94.16 -66.81 -50.48
CA ARG Y 105 -94.25 -68.05 -51.25
C ARG Y 105 -93.60 -67.94 -52.62
N SER Y 106 -93.35 -66.73 -53.09
CA SER Y 106 -92.59 -66.49 -54.31
C SER Y 106 -91.11 -66.30 -54.06
N LYS Y 107 -90.70 -66.09 -52.81
CA LYS Y 107 -89.29 -65.99 -52.50
C LYS Y 107 -88.70 -67.37 -52.21
N ARG Y 108 -89.52 -68.32 -51.76
CA ARG Y 108 -89.07 -69.71 -51.67
C ARG Y 108 -88.97 -70.34 -53.05
N LEU Y 109 -89.75 -69.86 -54.02
CA LEU Y 109 -89.71 -70.41 -55.37
C LEU Y 109 -88.46 -69.96 -56.11
N VAL Y 110 -88.07 -68.71 -55.96
CA VAL Y 110 -86.88 -68.18 -56.62
C VAL Y 110 -85.61 -68.80 -56.03
N ARG Y 111 -85.60 -68.98 -54.70
CA ARG Y 111 -84.50 -69.65 -54.02
C ARG Y 111 -84.32 -71.09 -54.49
N HIS Y 112 -85.41 -71.76 -54.84
CA HIS Y 112 -85.30 -73.12 -55.36
CA HIS Y 112 -85.32 -73.13 -55.36
C HIS Y 112 -84.77 -73.15 -56.78
N VAL Y 113 -85.17 -72.19 -57.60
CA VAL Y 113 -84.72 -72.16 -58.99
C VAL Y 113 -83.23 -71.81 -59.07
N PHE Y 114 -82.79 -70.81 -58.29
CA PHE Y 114 -81.38 -70.46 -58.28
C PHE Y 114 -80.50 -71.56 -57.71
N GLN Y 115 -81.04 -72.34 -56.78
CA GLN Y 115 -80.30 -73.50 -56.29
C GLN Y 115 -80.14 -74.55 -57.38
N ALA Y 116 -81.17 -74.69 -58.22
CA ALA Y 116 -81.09 -75.64 -59.32
C ALA Y 116 -80.17 -75.17 -60.43
N ARG Y 117 -80.11 -73.85 -60.70
CA ARG Y 117 -79.06 -73.33 -61.58
C ARG Y 117 -77.67 -73.54 -61.00
N TYR Y 118 -77.55 -73.48 -59.68
CA TYR Y 118 -76.22 -73.59 -59.07
C TYR Y 118 -75.75 -75.03 -59.01
N ASN Y 119 -76.62 -75.98 -58.64
CA ASN Y 119 -76.20 -77.36 -58.58
C ASN Y 119 -75.94 -77.94 -59.96
N ALA Y 120 -76.69 -77.49 -60.98
CA ALA Y 120 -76.43 -77.92 -62.34
C ALA Y 120 -75.23 -77.23 -62.96
N GLY Y 121 -74.67 -76.21 -62.31
CA GLY Y 121 -73.48 -75.55 -62.78
C GLY Y 121 -73.69 -74.55 -63.87
N SER Y 122 -74.93 -74.22 -64.22
CA SER Y 122 -75.21 -73.24 -65.26
C SER Y 122 -75.16 -71.84 -64.68
N SER Y 123 -74.60 -70.92 -65.45
CA SER Y 123 -74.42 -69.50 -65.11
C SER Y 123 -73.64 -69.35 -63.81
N MET Y 124 -72.39 -69.83 -63.85
CA MET Y 124 -71.55 -69.76 -62.67
C MET Y 124 -70.92 -68.39 -62.45
N TRP Y 125 -71.09 -67.44 -63.37
CA TRP Y 125 -70.66 -66.07 -63.06
C TRP Y 125 -71.60 -65.42 -62.06
N PHE Y 126 -72.87 -65.77 -62.14
CA PHE Y 126 -73.91 -65.16 -61.33
C PHE Y 126 -73.76 -65.53 -59.87
N PHE Y 127 -73.13 -66.67 -59.58
CA PHE Y 127 -72.99 -67.13 -58.22
C PHE Y 127 -71.62 -66.86 -57.64
N GLN Y 128 -70.72 -66.26 -58.43
CA GLN Y 128 -69.47 -65.74 -57.91
C GLN Y 128 -69.70 -64.38 -57.29
N ARG Y 129 -69.13 -64.18 -56.11
CA ARG Y 129 -69.28 -62.95 -55.37
C ARG Y 129 -68.46 -61.84 -56.02
N LEU Y 130 -68.99 -60.62 -55.98
CA LEU Y 130 -68.34 -59.46 -56.59
C LEU Y 130 -67.47 -58.82 -55.51
N ARG Y 131 -66.16 -58.80 -55.75
CA ARG Y 131 -65.16 -58.44 -54.74
C ARG Y 131 -64.69 -57.01 -54.96
N PHE Y 132 -65.23 -56.08 -54.17
CA PHE Y 132 -64.84 -54.69 -54.24
C PHE Y 132 -64.34 -54.21 -52.88
N SER Z 1 46.71 -34.18 47.23
CA SER Z 1 46.22 -34.31 45.86
C SER Z 1 45.38 -33.11 45.45
N HIS Z 2 44.11 -33.12 45.86
CA HIS Z 2 43.15 -32.09 45.46
C HIS Z 2 43.25 -30.96 46.48
N SER Z 3 43.88 -29.87 46.08
CA SER Z 3 44.20 -28.79 46.97
C SER Z 3 42.99 -27.93 47.25
N VAL Z 4 43.14 -27.00 48.19
CA VAL Z 4 42.06 -26.09 48.52
C VAL Z 4 41.89 -25.04 47.45
N ASP Z 5 42.98 -24.64 46.78
CA ASP Z 5 42.91 -23.67 45.70
C ASP Z 5 42.13 -24.21 44.52
N LEU Z 6 42.16 -25.52 44.31
CA LEU Z 6 41.36 -26.12 43.26
C LEU Z 6 39.90 -26.27 43.70
N GLN Z 7 39.68 -26.62 44.96
CA GLN Z 7 38.31 -26.74 45.47
C GLN Z 7 37.59 -25.42 45.52
N TRP Z 8 38.30 -24.30 45.59
CA TRP Z 8 37.63 -23.01 45.60
C TRP Z 8 37.16 -22.59 44.22
N ILE Z 9 37.87 -22.99 43.17
CA ILE Z 9 37.41 -22.74 41.80
C ILE Z 9 36.14 -23.51 41.49
N LEU Z 10 35.97 -24.68 42.10
CA LEU Z 10 34.83 -25.54 41.78
C LEU Z 10 33.55 -25.08 42.46
N VAL Z 11 33.63 -24.44 43.62
CA VAL Z 11 32.43 -24.16 44.43
C VAL Z 11 32.11 -22.69 44.54
N ARG Z 12 32.88 -21.80 43.90
CA ARG Z 12 32.71 -20.37 44.14
C ARG Z 12 31.41 -19.84 43.56
N GLN Z 13 30.96 -20.35 42.42
CA GLN Z 13 29.67 -19.93 41.88
C GLN Z 13 28.51 -20.84 42.25
N ASN Z 14 28.76 -22.09 42.62
CA ASN Z 14 27.70 -23.00 43.00
C ASN Z 14 28.12 -23.80 44.22
N SER Z 15 27.46 -23.54 45.34
CA SER Z 15 27.65 -24.39 46.50
C SER Z 15 26.34 -24.43 47.27
N ARG Z 16 26.23 -25.45 48.11
CA ARG Z 16 25.14 -25.54 49.07
C ARG Z 16 25.15 -24.38 50.05
N PHE Z 17 26.34 -23.83 50.32
CA PHE Z 17 26.57 -22.87 51.38
C PHE Z 17 26.54 -21.41 50.92
N LEU Z 18 26.37 -21.15 49.62
CA LEU Z 18 26.63 -19.83 49.07
C LEU Z 18 25.61 -18.79 49.49
N GLN Z 19 24.32 -19.03 49.20
CA GLN Z 19 23.18 -18.20 49.58
C GLN Z 19 23.30 -16.76 49.04
N LYS Z 20 23.22 -16.66 47.72
CA LYS Z 20 23.26 -15.38 47.03
C LYS Z 20 21.86 -14.78 47.00
N ARG Z 21 21.48 -14.07 48.07
CA ARG Z 21 20.20 -13.40 48.17
C ARG Z 21 20.37 -11.93 47.84
N GLY Z 22 19.49 -11.41 47.00
CA GLY Z 22 19.67 -10.06 46.51
C GLY Z 22 20.90 -10.03 45.64
N GLY Z 23 21.96 -9.44 46.14
CA GLY Z 23 23.25 -9.59 45.52
C GLY Z 23 24.33 -9.75 46.57
N ILE Z 24 23.98 -10.33 47.71
CA ILE Z 24 24.78 -10.14 48.92
C ILE Z 24 25.91 -11.16 49.04
N ARG Z 25 25.64 -12.42 48.70
CA ARG Z 25 26.58 -13.55 48.81
C ARG Z 25 27.06 -13.72 50.26
N MET Z 26 26.12 -14.17 51.08
CA MET Z 26 26.35 -14.42 52.50
C MET Z 26 26.38 -15.91 52.75
N SER Z 27 27.49 -16.43 53.27
CA SER Z 27 27.67 -17.87 53.37
C SER Z 27 26.97 -18.47 54.58
N ASN Z 28 26.22 -19.55 54.34
CA ASN Z 28 25.49 -20.37 55.30
C ASN Z 28 26.38 -21.44 55.93
N ASP Z 29 27.68 -21.31 55.77
CA ASP Z 29 28.62 -22.31 56.29
C ASP Z 29 28.60 -22.31 57.81
N PRO Z 30 28.48 -23.47 58.45
CA PRO Z 30 28.58 -23.49 59.91
C PRO Z 30 30.01 -23.60 60.43
N PHE Z 31 30.99 -23.32 59.58
CA PHE Z 31 32.38 -23.23 60.03
C PHE Z 31 32.96 -21.90 59.58
N ASN Z 32 32.11 -20.89 59.53
CA ASN Z 32 32.41 -19.58 59.00
C ASN Z 32 32.16 -18.56 60.09
N ASN Z 33 33.23 -17.89 60.52
CA ASN Z 33 33.16 -16.91 61.59
C ASN Z 33 32.50 -15.61 61.15
N ASN Z 34 32.39 -15.37 59.85
CA ASN Z 34 32.05 -14.05 59.34
C ASN Z 34 30.72 -14.01 58.61
N GLY Z 35 30.32 -15.10 57.97
CA GLY Z 35 29.18 -15.10 57.09
C GLY Z 35 29.50 -14.75 55.66
N ASN Z 36 30.69 -14.20 55.39
CA ASN Z 36 31.09 -13.85 54.04
C ASN Z 36 31.44 -15.07 53.22
N TRP Z 37 31.08 -15.04 51.95
CA TRP Z 37 31.50 -16.08 51.01
C TRP Z 37 32.87 -15.69 50.43
N THR Z 38 33.87 -15.78 51.28
CA THR Z 38 35.25 -15.62 50.87
C THR Z 38 35.97 -16.93 51.07
N LYS Z 39 37.21 -16.99 50.60
CA LYS Z 39 37.98 -18.21 50.67
C LYS Z 39 38.59 -18.43 52.04
N ARG Z 40 39.02 -17.34 52.69
CA ARG Z 40 39.63 -17.45 54.01
C ARG Z 40 38.61 -17.85 55.06
N HIS Z 41 37.35 -17.44 54.89
CA HIS Z 41 36.37 -17.59 55.94
C HIS Z 41 35.52 -18.84 55.80
N CYS Z 42 35.53 -19.50 54.66
CA CYS Z 42 34.82 -20.78 54.54
C CYS Z 42 35.67 -21.89 55.14
N GLY Z 43 35.15 -22.54 56.16
CA GLY Z 43 35.88 -23.56 56.88
C GLY Z 43 35.62 -24.97 56.46
N PHE Z 44 34.82 -25.19 55.41
CA PHE Z 44 34.49 -26.53 55.01
C PHE Z 44 35.42 -27.08 53.93
N LEU Z 45 36.17 -26.22 53.25
CA LEU Z 45 37.18 -26.70 52.31
C LEU Z 45 38.60 -26.30 52.64
N ASN Z 46 38.82 -25.30 53.51
CA ASN Z 46 40.16 -25.00 53.99
C ASN Z 46 40.71 -26.19 54.76
N GLU Z 47 41.98 -26.51 54.55
CA GLU Z 47 42.50 -27.80 55.02
C GLU Z 47 42.69 -27.82 56.53
N LYS Z 48 42.87 -26.66 57.14
CA LYS Z 48 42.73 -26.46 58.56
C LYS Z 48 41.61 -25.46 58.75
N ALA Z 49 40.94 -25.50 59.89
CA ALA Z 49 39.80 -24.61 60.10
C ALA Z 49 39.54 -24.46 61.58
N ALA Z 50 38.84 -23.39 61.93
CA ALA Z 50 38.51 -23.11 63.34
C ALA Z 50 37.34 -22.15 63.38
N VAL Z 51 36.21 -22.60 63.93
CA VAL Z 51 35.07 -21.72 64.16
C VAL Z 51 34.81 -21.68 65.66
N VAL Z 52 34.36 -20.52 66.13
CA VAL Z 52 33.98 -20.31 67.51
C VAL Z 52 32.46 -20.18 67.59
N LYS Z 53 31.84 -20.98 68.46
CA LYS Z 53 30.40 -21.19 68.55
C LYS Z 53 29.87 -20.95 69.97
N PRO Z 54 28.56 -20.88 70.17
CA PRO Z 54 28.00 -20.94 71.52
C PRO Z 54 28.13 -22.33 72.13
N ALA Z 55 27.90 -22.37 73.45
CA ALA Z 55 28.01 -23.59 74.22
C ALA Z 55 26.93 -23.55 75.29
N LYS Z 56 27.06 -24.41 76.29
CA LYS Z 56 26.06 -24.54 77.35
C LYS Z 56 26.04 -23.29 78.23
N GLY Z 57 24.87 -22.66 78.33
CA GLY Z 57 24.73 -21.46 79.12
C GLY Z 57 25.38 -20.26 78.47
N GLY Z 58 26.43 -19.73 79.10
CA GLY Z 58 27.20 -18.65 78.53
C GLY Z 58 28.60 -19.01 78.10
N ALA Z 59 28.94 -20.30 78.03
CA ALA Z 59 30.28 -20.70 77.63
C ALA Z 59 30.48 -20.50 76.14
N ILE Z 60 31.75 -20.52 75.73
CA ILE Z 60 32.15 -20.23 74.36
C ILE Z 60 32.83 -21.47 73.80
N CYS Z 61 32.15 -22.16 72.88
CA CYS Z 61 32.74 -23.33 72.25
C CYS Z 61 33.65 -22.91 71.10
N VAL Z 62 34.68 -23.71 70.87
CA VAL Z 62 35.62 -23.53 69.76
C VAL Z 62 35.72 -24.85 69.03
N THR Z 63 35.20 -24.90 67.81
CA THR Z 63 35.31 -26.09 66.97
C THR Z 63 36.51 -25.93 66.05
N VAL Z 64 37.50 -26.80 66.21
CA VAL Z 64 38.75 -26.74 65.47
C VAL Z 64 38.79 -27.91 64.50
N LYS Z 65 39.17 -27.63 63.26
CA LYS Z 65 39.57 -28.66 62.32
C LYS Z 65 41.08 -28.53 62.13
N ASP Z 66 41.83 -29.46 62.70
CA ASP Z 66 43.22 -29.62 62.33
C ASP Z 66 43.30 -30.32 60.99
N GLY Z 67 44.46 -30.28 60.37
CA GLY Z 67 44.57 -30.81 59.03
C GLY Z 67 44.73 -32.31 58.95
N SER Z 68 44.69 -32.99 60.10
CA SER Z 68 45.12 -34.37 60.17
C SER Z 68 44.05 -35.33 59.64
N SER Z 69 42.81 -35.15 60.06
CA SER Z 69 41.78 -36.16 59.88
C SER Z 69 40.65 -35.70 58.98
N ASN Z 70 40.99 -34.97 57.91
CA ASN Z 70 39.99 -34.56 56.92
C ASN Z 70 39.44 -35.73 56.13
N ASN Z 71 40.17 -36.85 56.11
CA ASN Z 71 39.73 -38.06 55.43
C ASN Z 71 38.44 -38.61 56.04
N LYS Z 72 38.24 -38.40 57.34
CA LYS Z 72 37.11 -38.93 58.08
C LYS Z 72 36.18 -37.79 58.46
N PRO Z 73 34.90 -37.82 58.08
CA PRO Z 73 34.03 -36.67 58.36
C PRO Z 73 33.53 -36.57 59.78
N ARG Z 74 33.57 -37.65 60.56
CA ARG Z 74 33.10 -37.61 61.93
C ARG Z 74 34.22 -37.41 62.93
N GLN Z 75 35.47 -37.47 62.49
CA GLN Z 75 36.62 -37.23 63.34
C GLN Z 75 37.34 -35.94 62.98
N THR Z 76 36.76 -35.10 62.13
CA THR Z 76 37.50 -33.98 61.59
C THR Z 76 37.26 -32.66 62.30
N TYR Z 77 36.14 -32.48 62.98
CA TYR Z 77 35.88 -31.25 63.72
C TYR Z 77 35.88 -31.59 65.22
N ARG Z 78 36.91 -31.13 65.91
CA ARG Z 78 37.04 -31.32 67.35
C ARG Z 78 36.56 -30.06 68.05
N LYS Z 79 35.70 -30.22 69.04
CA LYS Z 79 35.16 -29.07 69.76
C LYS Z 79 35.70 -29.04 71.18
N THR Z 80 35.93 -27.83 71.68
CA THR Z 80 36.57 -27.63 72.98
C THR Z 80 35.88 -26.47 73.67
N VAL Z 81 35.07 -26.77 74.68
CA VAL Z 81 34.29 -25.75 75.36
C VAL Z 81 35.16 -25.09 76.42
N HIS Z 82 35.21 -23.77 76.40
CA HIS Z 82 35.95 -22.99 77.39
C HIS Z 82 35.10 -22.82 78.64
N ALA Z 83 35.53 -21.91 79.52
CA ALA Z 83 34.76 -21.58 80.70
C ALA Z 83 33.52 -20.76 80.34
N ALA Z 84 32.68 -20.50 81.34
CA ALA Z 84 31.47 -19.72 81.11
C ALA Z 84 31.79 -18.24 80.94
N GLY Z 85 32.70 -17.72 81.75
CA GLY Z 85 33.08 -16.32 81.69
C GLY Z 85 34.47 -16.16 81.11
N VAL Z 86 34.75 -16.89 80.03
CA VAL Z 86 36.08 -16.95 79.45
C VAL Z 86 36.46 -15.59 78.85
N ARG Z 87 37.71 -15.21 79.04
CA ARG Z 87 38.24 -13.99 78.45
C ARG Z 87 38.44 -14.19 76.96
N ALA Z 88 37.97 -13.24 76.16
CA ALA Z 88 37.84 -13.45 74.73
C ALA Z 88 39.15 -13.36 73.97
N SER Z 89 40.20 -12.81 74.58
CA SER Z 89 41.52 -12.86 73.96
C SER Z 89 42.09 -14.28 73.96
N ASP Z 90 41.63 -15.12 74.89
CA ASP Z 90 42.05 -16.52 74.95
C ASP Z 90 41.35 -17.36 73.89
N VAL Z 91 40.12 -16.99 73.52
CA VAL Z 91 39.40 -17.69 72.47
C VAL Z 91 40.02 -17.36 71.12
N SER Z 92 40.60 -16.16 70.99
CA SER Z 92 41.33 -15.81 69.78
C SER Z 92 42.61 -16.63 69.63
N ARG Z 93 43.32 -16.88 70.73
CA ARG Z 93 44.52 -17.70 70.65
C ARG Z 93 44.20 -19.18 70.45
N ALA Z 94 42.99 -19.60 70.84
CA ALA Z 94 42.58 -20.98 70.63
C ALA Z 94 42.32 -21.30 69.17
N VAL Z 95 42.15 -20.28 68.34
CA VAL Z 95 42.08 -20.47 66.90
C VAL Z 95 43.30 -19.91 66.18
N ALA Z 96 44.10 -19.08 66.83
CA ALA Z 96 45.31 -18.56 66.19
C ALA Z 96 46.47 -19.54 66.28
N ALA Z 97 46.30 -20.66 66.98
CA ALA Z 97 47.29 -21.72 66.95
C ALA Z 97 47.18 -22.53 65.66
N VAL Z 98 45.95 -22.78 65.21
CA VAL Z 98 45.75 -23.54 63.98
C VAL Z 98 45.85 -22.63 62.76
N ARG Z 99 45.15 -21.49 62.75
CA ARG Z 99 45.19 -20.56 61.64
C ARG Z 99 45.30 -19.13 62.17
N PRO Z 100 46.48 -18.51 62.08
CA PRO Z 100 46.66 -17.15 62.61
C PRO Z 100 45.99 -16.07 61.79
N ASP Z 101 45.46 -16.39 60.62
CA ASP Z 101 44.78 -15.44 59.76
C ASP Z 101 43.28 -15.34 60.05
N LEU Z 102 42.81 -16.01 61.09
CA LEU Z 102 41.46 -15.87 61.62
C LEU Z 102 41.52 -15.42 63.08
N ALA Z 103 42.52 -14.64 63.43
CA ALA Z 103 42.69 -14.23 64.82
C ALA Z 103 41.85 -13.01 65.18
N ASP Z 104 41.87 -11.97 64.34
CA ASP Z 104 41.12 -10.76 64.64
C ASP Z 104 39.62 -10.98 64.53
N VAL Z 105 39.18 -11.85 63.64
CA VAL Z 105 37.75 -12.02 63.41
C VAL Z 105 37.11 -12.85 64.51
N SER Z 106 37.86 -13.78 65.09
CA SER Z 106 37.31 -14.70 66.07
C SER Z 106 37.26 -14.09 67.46
N PHE Z 107 38.13 -13.12 67.74
CA PHE Z 107 37.94 -12.29 68.92
C PHE Z 107 36.60 -11.59 68.87
N ARG Z 108 36.30 -10.96 67.74
CA ARG Z 108 35.05 -10.24 67.56
C ARG Z 108 33.85 -11.17 67.60
N ARG Z 109 34.05 -12.42 67.17
CA ARG Z 109 33.00 -13.42 67.20
C ARG Z 109 32.75 -13.91 68.61
N ALA Z 110 33.81 -14.20 69.35
CA ALA Z 110 33.69 -14.63 70.74
C ALA Z 110 33.18 -13.52 71.63
N ARG Z 111 33.55 -12.28 71.34
CA ARG Z 111 32.96 -11.14 72.03
C ARG Z 111 31.49 -10.95 71.65
N ARG Z 112 31.13 -11.35 70.42
CA ARG Z 112 29.73 -11.27 70.00
C ARG Z 112 28.88 -12.33 70.69
N MET Z 113 29.44 -13.52 70.90
CA MET Z 113 28.70 -14.57 71.57
C MET Z 113 28.49 -14.28 73.05
N ALA Z 114 29.38 -13.48 73.65
CA ALA Z 114 29.21 -13.08 75.04
C ALA Z 114 28.23 -11.93 75.19
N CYS Z 115 28.09 -11.11 74.15
CA CYS Z 115 27.05 -10.09 74.17
C CYS Z 115 25.67 -10.68 73.94
N ILE Z 116 25.58 -11.77 73.19
CA ILE Z 116 24.28 -12.35 72.86
C ILE Z 116 23.73 -13.14 74.04
N ALA Z 117 24.53 -14.04 74.62
CA ALA Z 117 24.08 -14.85 75.73
C ALA Z 117 23.81 -14.02 76.98
N SER Z 118 24.42 -12.85 77.09
CA SER Z 118 24.02 -11.89 78.11
C SER Z 118 22.70 -11.22 77.76
N ARG Z 119 22.38 -11.12 76.47
CA ARG Z 119 21.17 -10.42 76.02
C ARG Z 119 20.01 -11.39 75.84
N THR Z 120 20.31 -12.61 75.38
CA THR Z 120 19.30 -13.66 75.28
C THR Z 120 18.72 -13.97 76.65
N ALA Z 121 19.56 -13.95 77.69
CA ALA Z 121 19.11 -14.08 79.06
C ALA Z 121 18.57 -12.78 79.63
N LYS Z 122 18.71 -11.66 78.91
CA LYS Z 122 18.17 -10.39 79.35
C LYS Z 122 16.77 -10.12 78.81
N VAL Z 123 16.50 -10.56 77.58
CA VAL Z 123 15.17 -10.37 76.99
C VAL Z 123 14.21 -11.46 77.40
N ALA Z 124 14.67 -12.51 78.09
CA ALA Z 124 13.78 -13.50 78.67
C ALA Z 124 13.44 -13.19 80.12
N ALA Z 125 14.20 -12.32 80.77
CA ALA Z 125 13.82 -11.80 82.08
C ALA Z 125 12.73 -10.75 81.99
N ALA Z 126 12.40 -10.29 80.79
CA ALA Z 126 11.28 -9.39 80.56
C ALA Z 126 10.13 -10.06 79.83
N ARG Z 127 10.42 -11.08 79.02
CA ARG Z 127 9.39 -11.78 78.27
C ARG Z 127 8.59 -12.69 79.20
N LYS Z 128 9.28 -13.38 80.12
CA LYS Z 128 8.56 -14.14 81.15
C LYS Z 128 7.93 -13.21 82.16
N ALA Z 129 8.49 -12.01 82.35
CA ALA Z 129 7.85 -11.01 83.20
C ALA Z 129 6.58 -10.45 82.58
N ARG Z 130 6.52 -10.33 81.25
CA ARG Z 130 5.29 -10.01 80.56
C ARG Z 130 4.29 -11.17 80.59
N SER Z 131 4.78 -12.40 80.66
CA SER Z 131 3.94 -13.58 80.50
C SER Z 131 3.34 -14.07 81.82
N GLU Z 132 2.67 -13.18 82.54
CA GLU Z 132 1.77 -13.56 83.63
C GLU Z 132 0.38 -13.08 83.25
N LYS Z 133 -0.35 -13.97 82.60
CA LYS Z 133 -1.69 -13.74 82.11
C LYS Z 133 -2.33 -15.10 81.90
N ILE Z 134 -3.66 -15.13 81.85
CA ILE Z 134 -4.36 -16.38 81.64
C ILE Z 134 -4.23 -16.78 80.18
N LYS Z 135 -3.61 -17.91 79.92
CA LYS Z 135 -3.42 -18.42 78.56
C LYS Z 135 -4.10 -19.76 78.41
N PHE Z 136 -4.19 -20.22 77.17
CA PHE Z 136 -4.86 -21.46 76.84
C PHE Z 136 -3.89 -22.46 76.22
N SER Z 137 -4.08 -23.74 76.57
CA SER Z 137 -3.56 -24.90 75.85
C SER Z 137 -2.02 -24.93 75.85
N ARG Z 138 -1.44 -25.10 77.03
CA ARG Z 138 0.02 -25.26 77.10
C ARG Z 138 0.40 -26.62 76.55
N LYS Z 139 1.61 -26.71 75.99
CA LYS Z 139 2.06 -27.92 75.33
C LYS Z 139 3.22 -28.54 76.10
N SER Z 140 3.33 -29.86 75.99
CA SER Z 140 4.36 -30.63 76.68
C SER Z 140 4.57 -31.99 76.04
N SER AA 1 -43.57 -59.14 37.92
CA SER AA 1 -44.84 -59.77 37.59
C SER AA 1 -44.63 -60.92 36.61
N HIS AA 2 -45.39 -60.92 35.52
CA HIS AA 2 -45.29 -62.02 34.56
C HIS AA 2 -44.09 -61.80 33.65
N HIS AA 3 -43.21 -62.81 33.64
CA HIS AA 3 -41.81 -62.70 33.23
C HIS AA 3 -41.39 -64.12 32.89
N MET AA 4 -41.22 -64.42 31.61
CA MET AA 4 -40.82 -65.77 31.23
C MET AA 4 -39.34 -65.93 31.48
N LYS AA 5 -39.00 -66.72 32.49
CA LYS AA 5 -37.65 -67.23 32.63
C LYS AA 5 -37.35 -68.17 31.47
N ILE AA 6 -36.10 -68.16 31.01
CA ILE AA 6 -35.78 -68.94 29.82
C ILE AA 6 -35.51 -70.40 30.18
N LYS AA 7 -35.21 -70.72 31.43
CA LYS AA 7 -34.93 -72.11 31.78
C LYS AA 7 -36.18 -72.97 31.74
N ASP AA 8 -37.34 -72.41 32.09
CA ASP AA 8 -38.62 -73.08 31.95
C ASP AA 8 -39.25 -72.81 30.60
N LEU AA 9 -38.53 -72.15 29.70
CA LEU AA 9 -39.02 -71.80 28.37
C LEU AA 9 -38.37 -72.62 27.27
N ARG AA 10 -37.18 -73.16 27.50
CA ARG AA 10 -36.52 -74.01 26.54
C ARG AA 10 -37.04 -75.44 26.57
N GLU AA 11 -37.80 -75.81 27.60
CA GLU AA 11 -38.37 -77.14 27.70
C GLU AA 11 -39.75 -77.23 27.05
N LYS AA 12 -40.24 -76.16 26.46
CA LYS AA 12 -41.50 -76.17 25.74
C LYS AA 12 -41.29 -76.66 24.31
N SER AA 13 -42.40 -77.04 23.68
CA SER AA 13 -42.39 -77.47 22.29
C SER AA 13 -42.59 -76.25 21.39
N LYS AA 14 -42.59 -76.48 20.07
CA LYS AA 14 -42.77 -75.38 19.14
C LYS AA 14 -44.19 -74.83 19.16
N ASP AA 15 -45.17 -75.67 19.52
CA ASP AA 15 -46.56 -75.22 19.51
C ASP AA 15 -46.90 -74.43 20.77
N ASP AA 16 -46.42 -74.88 21.93
CA ASP AA 16 -46.70 -74.15 23.17
C ASP AA 16 -45.93 -72.84 23.24
N LEU AA 17 -44.78 -72.75 22.58
CA LEU AA 17 -44.04 -71.50 22.53
C LEU AA 17 -44.75 -70.47 21.65
N LEU AA 18 -45.34 -70.91 20.54
CA LEU AA 18 -46.13 -69.98 19.74
C LEU AA 18 -47.42 -69.58 20.43
N LYS AA 19 -48.00 -70.49 21.21
CA LYS AA 19 -49.26 -70.18 21.90
C LYS AA 19 -49.05 -69.19 23.05
N THR AA 20 -47.86 -69.17 23.65
CA THR AA 20 -47.53 -68.16 24.65
C THR AA 20 -46.88 -66.92 24.05
N LEU AA 21 -46.66 -66.91 22.73
CA LEU AA 21 -46.23 -65.70 22.03
C LEU AA 21 -47.42 -64.85 21.64
N THR AA 22 -48.48 -65.49 21.15
CA THR AA 22 -49.74 -64.80 20.90
C THR AA 22 -50.37 -64.34 22.19
N GLU AA 23 -50.12 -65.07 23.28
CA GLU AA 23 -50.59 -64.66 24.59
C GLU AA 23 -49.94 -63.36 25.03
N TYR AA 24 -48.67 -63.17 24.67
CA TYR AA 24 -47.91 -62.02 25.16
C TYR AA 24 -47.79 -60.89 24.16
N LYS AA 25 -47.98 -61.15 22.87
CA LYS AA 25 -48.26 -60.04 21.96
C LYS AA 25 -49.62 -59.44 22.23
N LYS AA 26 -50.58 -60.23 22.68
CA LYS AA 26 -51.92 -59.72 22.98
C LYS AA 26 -51.92 -58.90 24.27
N GLU AA 27 -51.12 -59.30 25.25
CA GLU AA 27 -51.03 -58.56 26.50
C GLU AA 27 -50.24 -57.27 26.33
N LEU AA 28 -49.30 -57.24 25.40
CA LEU AA 28 -48.61 -55.99 25.10
C LEU AA 28 -49.51 -55.05 24.33
N SER AA 29 -50.39 -55.59 23.49
CA SER AA 29 -51.22 -54.75 22.65
C SER AA 29 -52.34 -54.08 23.43
N GLN AA 30 -52.80 -54.70 24.51
CA GLN AA 30 -53.79 -54.07 25.36
C GLN AA 30 -53.17 -53.34 26.53
N LEU AA 31 -51.85 -53.18 26.55
CA LEU AA 31 -51.22 -52.14 27.34
C LEU AA 31 -50.82 -50.94 26.51
N ARG AA 32 -50.79 -51.06 25.19
CA ARG AA 32 -50.64 -49.90 24.33
C ARG AA 32 -51.90 -49.05 24.29
N VAL AA 33 -53.04 -49.58 24.73
CA VAL AA 33 -54.24 -48.77 24.87
C VAL AA 33 -54.29 -48.06 26.22
N VAL AA 34 -53.72 -48.65 27.28
CA VAL AA 34 -53.66 -47.93 28.55
C VAL AA 34 -52.51 -46.94 28.56
N GLN AA 35 -51.57 -47.06 27.62
CA GLN AA 35 -50.50 -46.08 27.48
C GLN AA 35 -51.00 -44.83 26.77
N GLN AA 36 -52.12 -44.94 26.06
CA GLN AA 36 -52.73 -43.83 25.37
C GLN AA 36 -53.95 -43.26 26.07
N THR AA 37 -54.60 -44.04 26.93
CA THR AA 37 -55.73 -43.57 27.71
C THR AA 37 -55.28 -43.52 29.17
N GLY AA 38 -54.59 -42.43 29.52
CA GLY AA 38 -54.08 -42.24 30.87
C GLY AA 38 -53.10 -43.31 31.31
N GLY AA 39 -53.55 -44.18 32.20
CA GLY AA 39 -52.76 -45.31 32.61
C GLY AA 39 -52.09 -45.11 33.95
N ALA AA 40 -52.39 -45.97 34.91
CA ALA AA 40 -51.69 -45.96 36.18
C ALA AA 40 -50.23 -46.36 35.96
N GLU AA 41 -49.35 -45.82 36.79
CA GLU AA 41 -47.93 -46.07 36.61
C GLU AA 41 -47.49 -47.46 37.06
N THR AA 42 -48.41 -48.32 37.51
CA THR AA 42 -48.10 -49.70 37.87
C THR AA 42 -48.52 -50.71 36.82
N ARG AA 43 -49.73 -50.56 36.26
CA ARG AA 43 -50.17 -51.40 35.16
C ARG AA 43 -49.32 -51.14 33.92
N LEU AA 44 -49.33 -49.90 33.44
CA LEU AA 44 -48.25 -49.39 32.61
C LEU AA 44 -46.95 -49.48 33.40
N GLY AA 45 -45.87 -49.85 32.72
CA GLY AA 45 -44.66 -50.17 33.42
C GLY AA 45 -44.38 -51.65 33.51
N ARG AA 46 -45.34 -52.48 33.12
CA ARG AA 46 -45.07 -53.85 32.72
C ARG AA 46 -44.81 -53.94 31.23
N ILE AA 47 -44.47 -52.82 30.61
CA ILE AA 47 -44.17 -52.80 29.19
C ILE AA 47 -42.78 -53.35 28.88
N ARG AA 48 -41.76 -53.06 29.70
CA ARG AA 48 -40.49 -53.76 29.50
C ARG AA 48 -40.53 -55.27 29.83
N PRO AA 49 -41.09 -55.74 30.97
CA PRO AA 49 -41.04 -57.20 31.22
C PRO AA 49 -41.83 -58.05 30.25
N ILE AA 50 -42.85 -57.50 29.59
CA ILE AA 50 -43.52 -58.25 28.52
C ILE AA 50 -42.67 -58.23 27.27
N ARG AA 51 -42.17 -57.06 26.90
CA ARG AA 51 -41.52 -56.89 25.61
C ARG AA 51 -40.16 -57.56 25.57
N LYS AA 52 -39.52 -57.73 26.73
CA LYS AA 52 -38.29 -58.50 26.82
C LYS AA 52 -38.55 -59.99 26.97
N SER AA 53 -39.75 -60.40 27.39
CA SER AA 53 -40.09 -61.82 27.42
C SER AA 53 -40.64 -62.30 26.11
N ILE AA 54 -41.21 -61.41 25.29
CA ILE AA 54 -41.43 -61.73 23.88
C ILE AA 54 -40.11 -61.97 23.19
N ALA AA 55 -39.09 -61.18 23.53
CA ALA AA 55 -37.76 -61.37 22.99
C ALA AA 55 -37.08 -62.65 23.45
N ARG AA 56 -37.52 -63.23 24.57
CA ARG AA 56 -37.01 -64.54 24.98
C ARG AA 56 -37.71 -65.69 24.29
N ILE AA 57 -39.00 -65.54 23.98
CA ILE AA 57 -39.71 -66.61 23.29
C ILE AA 57 -39.26 -66.70 21.85
N LEU AA 58 -39.03 -65.55 21.22
CA LEU AA 58 -38.56 -65.53 19.85
C LEU AA 58 -37.11 -65.94 19.70
N THR AA 59 -36.29 -65.78 20.74
CA THR AA 59 -34.93 -66.30 20.65
C THR AA 59 -34.85 -67.77 21.05
N VAL AA 60 -35.88 -68.34 21.67
CA VAL AA 60 -35.93 -69.79 21.84
C VAL AA 60 -36.51 -70.44 20.59
N LEU AA 61 -37.48 -69.79 19.96
CA LEU AA 61 -38.03 -70.28 18.70
C LEU AA 61 -37.01 -70.21 17.57
N ASN AA 62 -36.20 -69.16 17.51
CA ASN AA 62 -35.25 -69.05 16.42
C ASN AA 62 -33.99 -69.87 16.64
N GLN AA 63 -33.55 -70.02 17.89
CA GLN AA 63 -32.40 -70.90 18.15
C GLN AA 63 -32.76 -72.37 18.06
N ASN AA 64 -34.04 -72.73 18.14
CA ASN AA 64 -34.46 -74.10 17.89
C ASN AA 64 -34.74 -74.36 16.43
N GLU AA 65 -34.81 -73.34 15.59
CA GLU AA 65 -35.00 -73.53 14.17
C GLU AA 65 -33.67 -73.67 13.44
N ARG AA 66 -32.67 -72.90 13.86
CA ARG AA 66 -31.34 -73.08 13.28
C ARG AA 66 -30.65 -74.34 13.78
N SER AA 67 -31.03 -74.83 14.96
CA SER AA 67 -30.45 -76.08 15.45
C SER AA 67 -31.03 -77.27 14.71
N ASN AA 68 -32.33 -77.24 14.42
CA ASN AA 68 -32.97 -78.30 13.65
C ASN AA 68 -32.89 -78.08 12.16
N LEU AA 69 -32.00 -77.22 11.69
CA LEU AA 69 -31.80 -77.07 10.26
C LEU AA 69 -30.32 -77.23 9.96
N LYS AA 70 -29.45 -76.82 10.89
CA LYS AA 70 -28.04 -77.20 10.80
C LYS AA 70 -27.86 -78.70 10.96
N MET AA 71 -28.72 -79.35 11.74
CA MET AA 71 -28.80 -80.80 11.75
C MET AA 71 -29.88 -81.30 10.78
N PHE AA 72 -29.85 -80.75 9.57
CA PHE AA 72 -30.60 -81.24 8.44
C PHE AA 72 -29.76 -81.21 7.17
N TYR AA 73 -28.65 -80.49 7.17
CA TYR AA 73 -27.78 -80.38 6.03
C TYR AA 73 -26.38 -80.95 6.27
N ALA AA 74 -25.93 -81.01 7.52
CA ALA AA 74 -24.67 -81.67 7.83
C ALA AA 74 -24.85 -83.16 8.10
N ASP AA 75 -26.08 -83.67 7.94
CA ASP AA 75 -26.35 -85.07 8.24
C ASP AA 75 -25.77 -86.01 7.18
N ARG AA 76 -25.72 -85.57 5.93
CA ARG AA 76 -25.43 -86.46 4.81
C ARG AA 76 -24.75 -85.65 3.72
N LYS AA 77 -24.80 -86.16 2.49
CA LYS AA 77 -24.16 -85.53 1.34
C LYS AA 77 -25.05 -84.48 0.68
N LEU AA 78 -25.92 -83.86 1.47
CA LEU AA 78 -26.78 -82.76 1.02
C LEU AA 78 -26.13 -81.40 1.22
N ARG AA 79 -24.82 -81.35 1.49
CA ARG AA 79 -24.13 -80.14 1.88
C ARG AA 79 -23.70 -79.27 0.70
N CYS AA 80 -24.22 -79.51 -0.50
CA CYS AA 80 -24.11 -78.55 -1.58
C CYS AA 80 -25.35 -77.69 -1.72
N LYS AA 81 -26.48 -78.15 -1.18
CA LYS AA 81 -27.72 -77.40 -1.17
C LYS AA 81 -27.98 -76.73 0.18
N THR AA 82 -26.94 -76.61 1.01
CA THR AA 82 -27.03 -75.89 2.27
C THR AA 82 -27.21 -74.41 1.99
N PRO AA 83 -28.25 -73.76 2.51
CA PRO AA 83 -28.43 -72.34 2.24
C PRO AA 83 -27.40 -71.52 2.99
N LYS AA 84 -26.98 -70.42 2.36
CA LYS AA 84 -25.79 -69.68 2.80
C LYS AA 84 -25.97 -68.97 4.11
N VAL AA 85 -27.21 -68.84 4.62
CA VAL AA 85 -27.42 -68.32 5.95
C VAL AA 85 -26.93 -69.31 7.01
N LEU AA 86 -26.87 -70.60 6.70
CA LEU AA 86 -26.44 -71.63 7.63
C LEU AA 86 -24.97 -71.97 7.51
N ARG AA 87 -24.28 -71.44 6.51
CA ARG AA 87 -22.88 -71.74 6.33
C ARG AA 87 -22.04 -70.92 7.30
N ALA AA 88 -20.80 -71.34 7.49
CA ALA AA 88 -19.90 -70.69 8.42
C ALA AA 88 -19.50 -69.33 7.87
N LYS AA 89 -20.08 -68.28 8.42
CA LYS AA 89 -19.73 -66.94 7.99
C LYS AA 89 -18.38 -66.57 8.57
N LEU AA 90 -17.43 -66.32 7.69
CA LEU AA 90 -16.11 -65.84 8.05
C LEU AA 90 -15.99 -64.48 7.40
N THR AA 91 -14.78 -63.95 7.33
CA THR AA 91 -14.47 -62.94 6.35
C THR AA 91 -14.69 -63.50 4.94
N HIS AA 92 -15.17 -62.63 4.03
CA HIS AA 92 -15.29 -62.93 2.60
C HIS AA 92 -13.99 -63.45 2.01
N ARG AA 93 -12.86 -62.91 2.44
CA ARG AA 93 -11.56 -63.32 1.93
C ARG AA 93 -11.16 -64.69 2.43
N ARG AA 94 -11.61 -65.06 3.63
CA ARG AA 94 -11.24 -66.33 4.24
C ARG AA 94 -11.98 -67.52 3.64
N ARG AA 95 -13.13 -67.28 3.03
CA ARG AA 95 -13.84 -68.38 2.38
C ARG AA 95 -13.24 -68.71 1.03
N LEU AA 96 -12.75 -67.69 0.32
CA LEU AA 96 -12.11 -67.87 -0.98
C LEU AA 96 -10.67 -68.36 -0.85
N ALA AA 97 -10.05 -68.17 0.31
CA ALA AA 97 -8.67 -68.55 0.53
C ALA AA 97 -8.49 -70.06 0.44
N LEU AA 98 -7.26 -70.48 0.15
CA LEU AA 98 -6.93 -71.89 0.08
C LEU AA 98 -6.98 -72.52 1.45
N LYS AA 99 -7.77 -73.57 1.60
CA LYS AA 99 -7.80 -74.35 2.83
C LYS AA 99 -6.48 -75.09 3.00
N GLU AA 100 -6.25 -75.59 4.20
CA GLU AA 100 -4.94 -76.17 4.47
C GLU AA 100 -4.88 -77.66 4.09
N ASN AA 101 -6.01 -78.27 3.72
CA ASN AA 101 -5.95 -79.54 3.00
C ASN AA 101 -5.42 -79.31 1.60
N GLU AA 102 -5.77 -78.18 1.00
CA GLU AA 102 -5.08 -77.63 -0.17
C GLU AA 102 -3.78 -76.98 0.31
N LYS AA 103 -3.06 -76.31 -0.59
CA LYS AA 103 -2.03 -75.32 -0.26
C LYS AA 103 -0.76 -75.90 0.40
N ASN AA 104 -0.84 -77.14 0.88
CA ASN AA 104 0.31 -77.95 1.21
C ASN AA 104 0.47 -79.06 0.21
N ARG AA 105 -0.29 -79.01 -0.88
CA ARG AA 105 -0.10 -79.96 -1.96
C ARG AA 105 1.28 -79.76 -2.53
N LYS AA 106 1.94 -80.86 -2.84
CA LYS AA 106 3.29 -80.77 -3.34
C LYS AA 106 3.55 -81.90 -4.34
N THR AA 107 4.58 -81.69 -5.15
CA THR AA 107 4.93 -82.57 -6.24
C THR AA 107 5.40 -83.92 -5.67
N SER AA 108 5.38 -84.95 -6.52
CA SER AA 108 6.04 -86.20 -6.17
C SER AA 108 7.54 -85.99 -5.95
N ARG AA 109 8.15 -85.04 -6.65
CA ARG AA 109 9.55 -84.75 -6.40
C ARG AA 109 9.75 -83.94 -5.13
N GLN AA 110 8.84 -82.99 -4.86
CA GLN AA 110 8.92 -82.22 -3.63
C GLN AA 110 8.69 -83.05 -2.38
N MET AA 111 7.93 -84.15 -2.49
CA MET AA 111 7.87 -85.09 -1.38
C MET AA 111 9.16 -85.90 -1.24
N ARG AA 112 9.75 -86.30 -2.38
CA ARG AA 112 10.96 -87.12 -2.35
C ARG AA 112 12.14 -86.37 -1.75
N GLN AA 113 12.27 -85.08 -2.05
CA GLN AA 113 13.42 -84.34 -1.57
C GLN AA 113 13.28 -83.97 -0.10
N ALA AA 114 12.08 -84.00 0.45
CA ALA AA 114 11.87 -83.84 1.88
C ALA AA 114 11.90 -85.17 2.62
N HIS AA 115 11.96 -86.27 1.90
CA HIS AA 115 12.13 -87.60 2.46
C HIS AA 115 13.52 -88.15 2.27
N LYS AA 116 14.16 -87.85 1.14
CA LYS AA 116 15.55 -88.23 0.94
C LYS AA 116 16.51 -87.33 1.69
N PHE AA 117 16.18 -86.05 1.89
CA PHE AA 117 16.99 -85.12 2.67
C PHE AA 117 16.13 -84.31 3.62
N PRO AA 118 15.76 -84.87 4.78
CA PRO AA 118 14.98 -84.11 5.75
C PRO AA 118 15.85 -83.26 6.66
N LYS AA 119 15.23 -82.22 7.21
CA LYS AA 119 15.94 -81.25 8.04
C LYS AA 119 16.26 -81.86 9.40
N ARG AA 120 17.54 -81.97 9.72
CA ARG AA 120 18.00 -82.67 10.90
C ARG AA 120 18.07 -81.74 12.10
N VAL AA 121 17.85 -82.31 13.27
CA VAL AA 121 18.17 -81.64 14.51
C VAL AA 121 19.57 -82.08 14.92
N TYR AA 122 20.34 -81.13 15.44
CA TYR AA 122 21.77 -81.27 15.60
C TYR AA 122 22.23 -80.24 16.61
N ALA AA 123 23.48 -80.34 17.03
CA ALA AA 123 24.06 -79.35 17.92
C ALA AA 123 25.50 -79.11 17.50
N VAL AA 124 26.26 -78.46 18.37
CA VAL AA 124 27.67 -78.22 18.11
C VAL AA 124 28.36 -78.13 19.46
N LYS AA 125 29.61 -78.57 19.52
CA LYS AA 125 30.34 -78.54 20.77
C LYS AA 125 31.74 -77.98 20.55
N ALA BA 1 14.91 8.56 -11.66
CA ALA BA 1 15.34 9.25 -12.87
C ALA BA 1 16.80 9.66 -12.77
N LYS BA 2 17.10 10.93 -12.99
CA LYS BA 2 18.47 11.42 -12.93
C LYS BA 2 18.94 11.49 -11.48
N SER BA 3 20.23 11.23 -11.28
CA SER BA 3 20.83 11.23 -9.95
C SER BA 3 22.19 11.91 -10.04
N LYS BA 4 22.99 11.76 -8.99
CA LYS BA 4 24.30 12.39 -8.92
C LYS BA 4 25.34 11.45 -9.50
N ASN BA 5 26.14 11.97 -10.43
CA ASN BA 5 27.00 11.12 -11.25
C ASN BA 5 28.24 10.68 -10.50
N HIS BA 6 29.08 11.64 -10.13
CA HIS BA 6 30.44 11.39 -9.70
C HIS BA 6 30.80 12.42 -8.66
N THR BA 7 31.39 11.99 -7.55
CA THR BA 7 31.81 12.94 -6.53
C THR BA 7 33.07 12.39 -5.87
N ASN BA 8 33.93 13.31 -5.44
CA ASN BA 8 35.17 13.00 -4.75
C ASN BA 8 35.18 13.65 -3.37
N HIS BA 9 34.01 13.83 -2.77
CA HIS BA 9 33.86 14.70 -1.62
C HIS BA 9 34.38 14.08 -0.34
N ASN BA 10 33.79 12.98 0.09
CA ASN BA 10 34.18 12.37 1.36
C ASN BA 10 35.50 11.61 1.28
N GLN BA 11 36.03 11.38 0.08
CA GLN BA 11 37.00 10.31 -0.11
C GLN BA 11 38.34 10.61 0.52
N SER BA 12 38.80 11.86 0.40
CA SER BA 12 40.05 12.24 1.05
C SER BA 12 39.92 12.26 2.56
N SER BA 13 38.73 12.49 3.09
CA SER BA 13 38.50 12.34 4.52
C SER BA 13 38.40 10.88 4.92
N LYS BA 14 37.84 10.02 4.06
CA LYS BA 14 37.86 8.59 4.30
C LYS BA 14 39.25 8.00 4.20
N ASN BA 15 40.09 8.54 3.34
CA ASN BA 15 41.40 7.94 3.10
C ASN BA 15 42.38 8.18 4.23
N HIS BA 16 42.10 9.14 5.10
CA HIS BA 16 43.00 9.51 6.18
C HIS BA 16 42.52 9.06 7.54
N ARG BA 17 41.45 8.28 7.63
CA ARG BA 17 41.00 7.78 8.92
C ARG BA 17 41.91 6.66 9.39
N ASN BA 18 42.16 5.69 8.52
CA ASN BA 18 43.18 4.68 8.74
C ASN BA 18 44.48 5.08 8.05
N GLY BA 19 44.67 6.38 7.84
CA GLY BA 19 45.87 6.96 7.30
C GLY BA 19 46.09 6.69 5.83
N ILE BA 20 46.94 7.50 5.21
CA ILE BA 20 47.66 7.03 4.04
C ILE BA 20 48.82 6.20 4.57
N LYS BA 21 48.73 4.88 4.44
CA LYS BA 21 49.82 4.02 4.87
C LYS BA 21 51.03 4.26 3.97
N GLY BA 22 52.13 4.68 4.58
CA GLY BA 22 53.29 5.11 3.84
C GLY BA 22 54.00 3.96 3.15
N PRO BA 23 55.01 4.29 2.35
CA PRO BA 23 55.75 3.26 1.64
C PRO BA 23 56.58 2.41 2.60
N MET BA 24 56.87 1.22 2.17
CA MET BA 24 57.60 0.28 2.97
C MET BA 24 59.09 0.35 2.62
N PRO BA 25 59.98 -0.01 3.54
CA PRO BA 25 61.41 0.20 3.30
C PRO BA 25 61.98 -0.69 2.21
N LEU BA 26 63.20 -0.36 1.81
CA LEU BA 26 63.82 -0.95 0.63
C LEU BA 26 64.59 -2.23 0.93
N HIS BA 27 64.51 -2.74 2.15
CA HIS BA 27 65.01 -4.06 2.46
C HIS BA 27 63.90 -5.09 2.58
N LEU BA 28 62.64 -4.67 2.55
CA LEU BA 28 61.51 -5.57 2.48
C LEU BA 28 61.06 -5.68 1.04
N HIS BA 29 60.77 -6.92 0.61
CA HIS BA 29 60.19 -7.24 -0.70
C HIS BA 29 61.06 -6.76 -1.85
N ASN BA 30 62.39 -6.76 -1.68
CA ASN BA 30 63.29 -6.36 -2.75
C ASN BA 30 63.67 -7.56 -3.64
N SER BA 31 62.63 -8.16 -4.20
CA SER BA 31 62.79 -9.26 -5.13
C SER BA 31 63.48 -8.79 -6.40
N LYS BA 32 64.46 -9.57 -6.86
CA LYS BA 32 65.15 -9.29 -8.11
C LYS BA 32 64.59 -10.07 -9.28
N ARG BA 33 63.45 -10.72 -9.12
CA ARG BA 33 62.80 -11.37 -10.24
C ARG BA 33 62.32 -10.35 -11.25
N GLY BA 34 62.53 -10.64 -12.52
CA GLY BA 34 62.21 -9.72 -13.58
C GLY BA 34 63.31 -8.73 -13.90
N SER BA 35 64.40 -8.74 -13.14
CA SER BA 35 65.52 -7.87 -13.42
C SER BA 35 66.34 -8.45 -14.56
N TRP BA 36 67.41 -7.74 -14.94
CA TRP BA 36 68.23 -8.11 -16.09
C TRP BA 36 68.95 -9.41 -15.78
N LEU BA 37 68.76 -10.39 -16.63
CA LEU BA 37 69.01 -11.79 -16.33
C LEU BA 37 70.46 -12.25 -16.34
N PRO BA 38 71.37 -11.77 -17.23
CA PRO BA 38 72.79 -12.12 -17.04
C PRO BA 38 73.39 -11.73 -15.72
N ALA BA 39 72.97 -10.61 -15.13
CA ALA BA 39 73.43 -10.27 -13.79
C ALA BA 39 72.65 -10.98 -12.69
N LEU BA 40 71.49 -11.56 -13.02
CA LEU BA 40 70.73 -12.33 -12.05
C LEU BA 40 71.31 -13.73 -11.92
N VAL BA 41 71.77 -14.31 -13.02
CA VAL BA 41 72.35 -15.64 -13.00
C VAL BA 41 73.75 -15.60 -12.39
N ASN BA 42 74.46 -14.48 -12.57
CA ASN BA 42 75.76 -14.30 -11.94
C ASN BA 42 75.66 -14.26 -10.43
N ALA BA 43 74.69 -13.53 -9.91
CA ALA BA 43 74.51 -13.39 -8.47
C ALA BA 43 74.05 -14.67 -7.79
N ARG BA 44 73.47 -15.60 -8.55
CA ARG BA 44 73.16 -16.91 -7.99
C ARG BA 44 74.43 -17.75 -7.82
N ARG BA 45 75.41 -17.57 -8.69
CA ARG BA 45 76.68 -18.27 -8.57
C ARG BA 45 77.43 -17.85 -7.31
N VAL BA 46 77.22 -16.61 -6.90
CA VAL BA 46 77.92 -16.04 -5.77
C VAL BA 46 77.24 -16.42 -4.46
N ARG BA 47 75.91 -16.45 -4.44
CA ARG BA 47 75.18 -16.83 -3.24
C ARG BA 47 75.30 -18.32 -2.92
N LYS BA 48 75.58 -19.14 -3.92
CA LYS BA 48 75.83 -20.55 -3.65
C LYS BA 48 77.23 -20.79 -3.14
N HIS BA 49 78.13 -19.82 -3.26
CA HIS BA 49 79.40 -19.83 -2.56
C HIS BA 49 79.30 -19.19 -1.19
N ASN BA 50 78.47 -18.17 -1.04
CA ASN BA 50 78.33 -17.53 0.27
C ASN BA 50 77.58 -18.40 1.26
N GLN BA 51 76.80 -19.36 0.80
CA GLN BA 51 76.12 -20.27 1.71
C GLN BA 51 77.05 -21.35 2.20
N LYS BA 52 77.89 -21.90 1.33
CA LYS BA 52 78.86 -22.88 1.77
C LYS BA 52 80.05 -22.25 2.49
N ALA BA 53 80.26 -20.95 2.33
CA ALA BA 53 81.18 -20.26 3.22
C ALA BA 53 80.56 -20.08 4.61
N ALA BA 54 79.25 -19.88 4.66
CA ALA BA 54 78.55 -19.76 5.93
C ALA BA 54 78.38 -21.10 6.62
N LEU BA 55 78.32 -22.19 5.86
CA LEU BA 55 78.34 -23.52 6.45
C LEU BA 55 79.72 -23.86 6.98
N LYS BA 56 80.78 -23.34 6.36
CA LYS BA 56 82.13 -23.63 6.79
C LYS BA 56 82.57 -22.74 7.94
N LYS BA 57 82.12 -21.47 7.95
CA LYS BA 57 82.46 -20.57 9.04
C LYS BA 57 81.83 -21.01 10.36
N ARG BA 58 80.55 -21.38 10.35
CA ARG BA 58 79.91 -21.87 11.56
C ARG BA 58 80.50 -23.20 12.04
N ARG BA 59 80.86 -24.10 11.12
CA ARG BA 59 81.56 -25.32 11.50
C ARG BA 59 82.95 -25.03 12.05
N GLU BA 60 83.62 -24.00 11.55
CA GLU BA 60 84.90 -23.59 12.11
C GLU BA 60 84.73 -22.84 13.42
N ARG BA 61 83.57 -22.25 13.68
CA ARG BA 61 83.31 -21.62 14.97
C ARG BA 61 83.04 -22.63 16.07
N ILE BA 62 82.76 -23.88 15.73
CA ILE BA 62 82.49 -24.91 16.73
C ILE BA 62 83.79 -25.56 17.21
N ALA BA 63 84.73 -25.81 16.30
CA ALA BA 63 86.01 -26.35 16.70
C ALA BA 63 86.86 -25.35 17.46
N ALA BA 64 86.58 -24.06 17.31
CA ALA BA 64 87.15 -23.00 18.15
C ALA BA 64 86.38 -22.81 19.43
N PHE BA 65 85.57 -23.77 19.81
CA PHE BA 65 84.83 -23.80 21.06
C PHE BA 65 85.04 -25.10 21.82
N ALA BA 66 85.14 -26.22 21.12
CA ALA BA 66 85.41 -27.51 21.74
C ALA BA 66 86.86 -27.66 22.17
N ALA BA 67 87.76 -26.79 21.68
CA ALA BA 67 89.14 -26.79 22.13
C ALA BA 67 89.42 -25.74 23.20
N LYS BA 68 88.54 -24.76 23.37
CA LYS BA 68 88.72 -23.74 24.38
C LYS BA 68 87.77 -23.94 25.55
N ALA CA 1 57.33 -12.93 63.89
CA ALA CA 1 57.81 -11.55 63.87
C ALA CA 1 59.23 -11.49 63.37
N ALA CA 2 59.79 -12.64 63.01
CA ALA CA 2 61.16 -12.70 62.53
C ALA CA 2 61.30 -12.09 61.15
N PHE CA 3 60.28 -12.23 60.30
CA PHE CA 3 60.29 -11.56 59.01
C PHE CA 3 59.86 -10.12 59.13
N LYS CA 4 58.90 -9.84 60.02
CA LYS CA 4 58.36 -8.49 60.14
C LYS CA 4 59.31 -7.53 60.83
N GLN CA 5 60.32 -8.04 61.54
CA GLN CA 5 61.28 -7.15 62.18
C GLN CA 5 62.31 -6.63 61.18
N GLN CA 6 62.72 -7.48 60.23
CA GLN CA 6 63.68 -7.04 59.22
C GLN CA 6 63.07 -6.08 58.23
N GLN CA 7 61.75 -6.09 58.07
CA GLN CA 7 61.10 -5.14 57.17
C GLN CA 7 61.06 -3.75 57.79
N THR CA 8 60.70 -3.64 59.06
CA THR CA 8 60.68 -2.34 59.71
C THR CA 8 62.06 -1.85 60.10
N GLU CA 9 63.07 -2.72 60.10
CA GLU CA 9 64.45 -2.26 60.23
C GLU CA 9 65.01 -1.78 58.91
N ASN CA 10 64.40 -2.21 57.79
CA ASN CA 10 64.71 -1.65 56.48
C ASN CA 10 63.83 -0.47 56.16
N PHE CA 11 62.63 -0.42 56.72
CA PHE CA 11 61.81 0.78 56.60
C PHE CA 11 62.39 1.91 57.42
N LYS CA 12 63.10 1.59 58.50
CA LYS CA 12 63.75 2.60 59.33
C LYS CA 12 64.89 3.28 58.59
N LYS CA 13 65.56 2.57 57.68
CA LYS CA 13 66.62 3.18 56.89
C LYS CA 13 66.08 4.06 55.77
N ALA CA 14 64.92 3.70 55.21
CA ALA CA 14 64.32 4.48 54.13
C ALA CA 14 63.60 5.73 54.62
N VAL CA 15 63.38 5.87 55.93
CA VAL CA 15 62.81 7.11 56.45
C VAL CA 15 63.91 8.16 56.61
N VAL CA 16 65.05 7.78 57.16
CA VAL CA 16 66.15 8.72 57.33
C VAL CA 16 66.82 9.04 55.99
N ALA CA 17 66.61 8.20 54.98
CA ALA CA 17 67.17 8.47 53.66
C ALA CA 17 66.31 9.44 52.87
N ARG CA 18 64.98 9.41 53.05
CA ARG CA 18 64.14 10.41 52.42
C ARG CA 18 64.17 11.73 53.18
N LYS CA 19 64.47 11.70 54.48
CA LYS CA 19 64.64 12.94 55.24
C LYS CA 19 65.97 13.62 54.95
N ALA CA 20 66.97 12.86 54.51
CA ALA CA 20 68.22 13.46 54.09
C ALA CA 20 68.10 14.02 52.69
N ALA CA 21 67.48 13.26 51.78
CA ALA CA 21 67.29 13.67 50.40
C ALA CA 21 66.30 14.82 50.28
N LYS CA 22 65.46 15.06 51.28
CA LYS CA 22 64.59 16.22 51.26
C LYS CA 22 65.34 17.50 51.57
N ALA CA 23 66.21 17.48 52.58
CA ALA CA 23 66.97 18.66 52.95
C ALA CA 23 68.19 18.88 52.07
N ALA CA 24 68.73 17.81 51.47
CA ALA CA 24 69.80 17.97 50.51
C ALA CA 24 69.29 18.62 49.24
N LEU CA 25 68.08 18.29 48.83
CA LEU CA 25 67.49 18.93 47.67
C LEU CA 25 66.88 20.29 48.01
N LYS CA 26 66.61 20.55 49.29
CA LYS CA 26 66.19 21.87 49.70
C LYS CA 26 67.33 22.88 49.55
N LYS CA 27 68.57 22.47 49.84
CA LYS CA 27 69.69 23.39 49.75
C LYS CA 27 70.08 23.64 48.31
N THR CA 28 70.21 22.59 47.50
CA THR CA 28 70.61 22.75 46.11
C THR CA 28 69.50 23.27 45.22
N ALA CA 29 68.30 23.51 45.77
CA ALA CA 29 67.31 24.35 45.14
C ALA CA 29 67.29 25.74 45.73
N TYR CA 30 67.72 25.91 46.97
CA TYR CA 30 67.90 27.25 47.52
C TYR CA 30 69.13 27.91 46.91
N LEU CA 31 70.15 27.11 46.63
CA LEU CA 31 71.40 27.62 46.10
C LEU CA 31 71.28 27.88 44.61
N ARG CA 32 70.57 27.02 43.90
CA ARG CA 32 70.50 27.13 42.44
C ARG CA 32 69.48 28.19 42.02
N ALA CA 33 68.44 28.41 42.82
CA ALA CA 33 67.49 29.47 42.54
C ALA CA 33 68.01 30.84 42.93
N ARG CA 34 69.07 30.92 43.72
CA ARG CA 34 69.71 32.21 43.96
C ARG CA 34 70.59 32.59 42.79
N LYS CA 35 71.25 31.60 42.17
CA LYS CA 35 72.11 31.83 41.03
C LYS CA 35 71.34 32.40 39.86
N TYR CA 36 70.13 31.88 39.62
CA TYR CA 36 69.32 32.32 38.49
C TYR CA 36 68.75 33.71 38.74
N SER CA 37 68.46 34.03 39.99
CA SER CA 37 67.90 35.34 40.32
C SER CA 37 68.94 36.43 40.19
N ARG CA 38 70.21 36.12 40.43
CA ARG CA 38 71.28 37.07 40.15
C ARG CA 38 71.42 37.31 38.66
N GLU CA 39 71.18 36.28 37.84
CA GLU CA 39 71.23 36.42 36.40
C GLU CA 39 70.04 37.21 35.88
N TYR CA 40 68.86 36.97 36.43
CA TYR CA 40 67.66 37.67 35.98
C TYR CA 40 67.70 39.13 36.38
N ARG CA 41 68.35 39.47 37.49
CA ARG CA 41 68.43 40.84 37.94
C ARG CA 41 69.65 41.55 37.36
N GLY CA 42 70.75 40.84 37.17
CA GLY CA 42 71.97 41.43 36.68
C GLY CA 42 72.02 41.60 35.19
N ALA CA 43 71.56 40.61 34.43
CA ALA CA 43 71.48 40.77 32.99
C ALA CA 43 70.37 41.73 32.59
N GLU CA 44 69.36 41.92 33.44
CA GLU CA 44 68.39 42.97 33.16
C GLU CA 44 68.98 44.34 33.35
N LYS CA 45 69.95 44.49 34.27
CA LYS CA 45 70.64 45.76 34.43
C LYS CA 45 71.59 46.04 33.29
N LYS CA 46 72.11 45.00 32.63
CA LYS CA 46 73.10 45.21 31.58
C LYS CA 46 72.47 45.87 30.36
N LEU CA 47 71.25 45.47 30.02
CA LEU CA 47 70.60 46.05 28.87
C LEU CA 47 70.03 47.43 29.16
N VAL CA 48 69.88 47.81 30.42
CA VAL CA 48 69.54 49.19 30.75
C VAL CA 48 70.77 50.08 30.57
N THR CA 49 71.96 49.52 30.76
CA THR CA 49 73.20 50.27 30.54
C THR CA 49 73.48 50.46 29.06
N LEU CA 50 73.37 49.39 28.28
CA LEU CA 50 73.65 49.44 26.85
C LEU CA 50 72.67 50.33 26.09
N ARG CA 51 71.43 50.40 26.55
CA ARG CA 51 70.47 51.28 25.90
C ARG CA 51 70.64 52.75 26.30
N ARG CA 52 71.41 53.05 27.34
CA ARG CA 52 71.78 54.43 27.61
C ARG CA 52 73.05 54.82 26.88
N GLN CA 53 74.02 53.90 26.78
CA GLN CA 53 75.20 54.10 25.96
C GLN CA 53 74.84 54.25 24.48
N ALA CA 54 73.75 53.61 24.05
CA ALA CA 54 73.28 53.80 22.68
C ALA CA 54 72.63 55.16 22.52
N ALA CA 55 71.76 55.54 23.45
CA ALA CA 55 70.97 56.75 23.30
C ALA CA 55 71.79 58.02 23.49
N SER CA 56 72.92 57.95 24.19
CA SER CA 56 73.69 59.15 24.48
C SER CA 56 74.44 59.66 23.26
N HIS CA 57 74.91 58.76 22.40
CA HIS CA 57 75.64 59.14 21.21
C HIS CA 57 74.79 59.09 19.95
N GLY CA 58 73.46 59.08 20.10
CA GLY CA 58 72.58 59.08 18.96
C GLY CA 58 72.45 57.75 18.26
N ASN CA 59 72.91 56.67 18.86
CA ASN CA 59 72.85 55.35 18.26
C ASN CA 59 71.57 54.65 18.72
N TYR CA 60 71.40 53.41 18.28
CA TYR CA 60 70.25 52.60 18.66
C TYR CA 60 70.72 51.25 19.16
N TYR CA 61 70.03 50.72 20.15
CA TYR CA 61 70.28 49.35 20.60
C TYR CA 61 69.17 48.47 20.04
N LEU CA 62 69.51 47.67 19.03
CA LEU CA 62 68.61 46.64 18.54
C LEU CA 62 68.56 45.52 19.56
N GLU CA 63 67.42 45.37 20.22
CA GLU CA 63 67.30 44.32 21.23
C GLU CA 63 67.25 42.95 20.55
N ALA CA 64 67.64 41.93 21.30
CA ALA CA 64 67.69 40.58 20.77
C ALA CA 64 66.28 40.08 20.48
N LYS CA 65 66.10 39.51 19.31
CA LYS CA 65 64.77 39.06 18.89
C LYS CA 65 64.33 37.88 19.75
N PRO CA 66 63.05 37.83 20.15
CA PRO CA 66 62.65 36.93 21.23
C PRO CA 66 62.73 35.47 20.80
N LYS CA 67 63.28 34.66 21.69
CA LYS CA 67 63.55 33.27 21.39
C LYS CA 67 62.44 32.35 21.87
N VAL CA 68 61.58 32.82 22.77
CA VAL CA 68 60.53 32.02 23.38
C VAL CA 68 59.21 32.73 23.15
N ALA CA 69 58.21 31.98 22.71
CA ALA CA 69 56.86 32.47 22.58
C ALA CA 69 55.93 31.63 23.45
N VAL CA 70 54.93 32.28 24.03
CA VAL CA 70 53.84 31.59 24.71
C VAL CA 70 52.62 31.65 23.80
N VAL CA 71 51.98 30.50 23.58
CA VAL CA 71 50.97 30.34 22.55
C VAL CA 71 49.73 29.73 23.20
N THR CA 72 48.65 30.51 23.29
CA THR CA 72 47.38 29.98 23.77
C THR CA 72 46.38 29.86 22.64
N ARG CA 73 45.55 28.81 22.70
CA ARG CA 73 44.50 28.59 21.72
C ARG CA 73 43.22 29.28 22.15
N ILE CA 74 42.65 30.10 21.27
CA ILE CA 74 41.52 30.95 21.66
C ILE CA 74 40.23 30.56 20.97
N ARG CA 75 40.25 29.60 20.05
CA ARG CA 75 39.04 29.17 19.39
C ARG CA 75 38.85 27.68 19.60
N GLY CA 76 37.60 27.24 19.59
CA GLY CA 76 37.25 25.86 19.84
C GLY CA 76 37.49 24.93 18.67
N ILE CA 77 37.01 23.70 18.83
CA ILE CA 77 37.47 22.55 18.05
C ILE CA 77 36.58 22.27 16.84
N ALA CA 78 35.71 23.20 16.49
CA ALA CA 78 34.76 22.96 15.42
C ALA CA 78 35.20 23.64 14.14
N LYS CA 79 34.93 22.96 13.02
CA LYS CA 79 35.12 23.47 11.65
C LYS CA 79 36.58 23.85 11.39
N VAL CA 80 37.48 22.88 11.55
CA VAL CA 80 38.89 23.13 11.43
C VAL CA 80 39.43 22.33 10.25
N ASN CA 81 40.15 23.00 9.36
CA ASN CA 81 40.71 22.39 8.16
C ASN CA 81 41.87 21.47 8.55
N PRO CA 82 42.14 20.41 7.77
CA PRO CA 82 43.08 19.38 8.26
C PRO CA 82 44.54 19.79 8.29
N LYS CA 83 44.93 20.88 7.61
CA LYS CA 83 46.27 21.40 7.79
C LYS CA 83 46.37 22.23 9.07
N GLN CA 84 45.35 23.05 9.34
CA GLN CA 84 45.29 23.81 10.58
C GLN CA 84 45.04 22.90 11.76
N ARG CA 85 44.32 21.81 11.56
CA ARG CA 85 44.01 20.93 12.68
C ARG CA 85 45.21 20.10 13.10
N LYS CA 86 46.09 19.74 12.16
CA LYS CA 86 47.25 18.94 12.53
C LYS CA 86 48.30 19.77 13.26
N ILE CA 87 48.47 21.03 12.86
CA ILE CA 87 49.43 21.91 13.52
C ILE CA 87 48.99 22.20 14.94
N LEU CA 88 47.69 22.38 15.16
CA LEU CA 88 47.16 22.52 16.51
C LEU CA 88 47.29 21.25 17.33
N GLN CA 89 47.48 20.09 16.70
CA GLN CA 89 47.79 18.86 17.41
C GLN CA 89 49.29 18.77 17.71
N LEU CA 90 50.12 19.18 16.76
CA LEU CA 90 51.56 19.14 16.92
C LEU CA 90 52.10 20.23 17.81
N LEU CA 91 51.29 21.23 18.14
CA LEU CA 91 51.62 22.21 19.16
C LEU CA 91 51.00 21.85 20.50
N ARG CA 92 50.27 20.74 20.55
CA ARG CA 92 49.54 20.26 21.72
C ARG CA 92 48.50 21.26 22.18
N LEU CA 93 47.75 21.83 21.23
CA LEU CA 93 46.68 22.78 21.54
C LEU CA 93 45.39 22.16 21.03
N ARG CA 94 44.83 21.25 21.82
CA ARG CA 94 43.70 20.45 21.39
C ARG CA 94 42.38 20.85 22.02
N GLN CA 95 42.40 21.81 22.93
CA GLN CA 95 41.22 22.33 23.58
C GLN CA 95 41.36 23.83 23.63
N ILE CA 96 40.26 24.54 23.82
CA ILE CA 96 40.32 25.99 23.93
C ILE CA 96 41.02 26.36 25.23
N PHE CA 97 41.78 27.45 25.19
CA PHE CA 97 42.56 28.01 26.27
C PHE CA 97 43.63 27.06 26.78
N ASN CA 98 44.05 26.11 25.96
CA ASN CA 98 45.31 25.43 26.23
C ASN CA 98 46.45 26.33 25.81
N THR CA 99 47.54 26.26 26.55
CA THR CA 99 48.66 27.16 26.34
C THR CA 99 49.95 26.36 26.36
N VAL CA 100 50.86 26.66 25.43
CA VAL CA 100 52.16 25.99 25.37
C VAL CA 100 53.24 27.03 25.15
N PHE CA 101 54.42 26.76 25.69
CA PHE CA 101 55.63 27.51 25.37
C PHE CA 101 56.27 26.83 24.17
N VAL CA 102 56.65 27.62 23.17
CA VAL CA 102 57.36 27.11 22.02
C VAL CA 102 58.60 27.97 21.80
N LYS CA 103 59.57 27.41 21.09
CA LYS CA 103 60.68 28.21 20.63
C LYS CA 103 60.24 29.11 19.48
N MET CA 104 61.07 30.11 19.18
CA MET CA 104 60.64 31.10 18.22
C MET CA 104 61.63 31.08 17.06
N ASN CA 105 61.91 29.89 16.56
CA ASN CA 105 62.77 29.74 15.41
C ASN CA 105 61.91 29.72 14.15
N LYS CA 106 62.56 29.62 13.00
CA LYS CA 106 61.88 29.60 11.71
C LYS CA 106 61.01 28.36 11.46
N PRO CA 107 61.35 27.13 11.91
CA PRO CA 107 60.35 26.06 11.81
C PRO CA 107 59.09 26.29 12.63
N MET CA 108 59.16 26.99 13.74
CA MET CA 108 57.99 27.12 14.59
C MET CA 108 57.15 28.33 14.20
N GLU CA 109 57.77 29.39 13.68
CA GLU CA 109 57.01 30.55 13.27
C GLU CA 109 56.17 30.26 12.04
N ASN CA 110 56.67 29.44 11.12
CA ASN CA 110 55.92 29.07 9.93
C ASN CA 110 54.83 28.05 10.21
N MET CA 111 54.82 27.44 11.38
CA MET CA 111 53.64 26.71 11.87
C MET CA 111 52.65 27.63 12.55
N LEU CA 112 53.12 28.70 13.21
CA LEU CA 112 52.24 29.64 13.87
C LEU CA 112 51.56 30.60 12.90
N ARG CA 113 52.19 30.90 11.75
CA ARG CA 113 51.52 31.68 10.71
C ARG CA 113 50.35 30.94 10.09
N ALA CA 114 50.44 29.62 10.03
CA ALA CA 114 49.43 28.81 9.39
C ALA CA 114 48.19 28.61 10.25
N VAL CA 115 48.25 28.91 11.55
CA VAL CA 115 47.09 28.68 12.41
C VAL CA 115 46.72 29.92 13.22
N GLU CA 116 47.06 31.11 12.72
CA GLU CA 116 46.80 32.34 13.46
C GLU CA 116 45.35 32.62 13.86
N PRO CA 117 44.30 32.33 13.06
CA PRO CA 117 42.93 32.59 13.55
C PRO CA 117 42.50 31.79 14.76
N TYR CA 118 43.26 30.78 15.17
CA TYR CA 118 42.89 29.87 16.23
C TYR CA 118 43.70 30.09 17.50
N ILE CA 119 44.78 30.87 17.43
CA ILE CA 119 45.73 31.04 18.52
C ILE CA 119 46.00 32.51 18.76
N ALA CA 120 46.45 32.82 19.97
CA ALA CA 120 46.93 34.15 20.32
C ALA CA 120 48.28 33.99 20.99
N TYR CA 121 49.33 34.46 20.34
CA TYR CA 121 50.67 34.26 20.84
C TYR CA 121 51.38 35.59 21.04
N GLY CA 122 52.58 35.50 21.58
CA GLY CA 122 53.30 36.66 22.02
C GLY CA 122 54.53 36.23 22.79
N TYR CA 123 55.12 37.17 23.53
CA TYR CA 123 56.42 37.01 24.15
C TYR CA 123 56.29 37.08 25.65
N PRO CA 124 56.58 36.02 26.39
CA PRO CA 124 56.31 36.00 27.83
C PRO CA 124 57.40 36.71 28.63
N SER CA 125 57.02 37.09 29.84
CA SER CA 125 57.97 37.66 30.78
C SER CA 125 58.40 36.58 31.77
N LEU CA 126 59.21 36.97 32.74
CA LEU CA 126 59.66 36.02 33.74
C LEU CA 126 58.53 35.66 34.71
N ALA CA 127 57.67 36.61 35.03
CA ALA CA 127 56.55 36.33 35.90
C ALA CA 127 55.44 35.55 35.21
N THR CA 128 55.31 35.67 33.88
CA THR CA 128 54.33 34.86 33.16
C THR CA 128 54.74 33.39 33.16
N VAL CA 129 56.03 33.11 33.08
CA VAL CA 129 56.51 31.73 33.13
C VAL CA 129 56.31 31.14 34.52
N ARG CA 130 56.69 31.88 35.56
CA ARG CA 130 56.69 31.29 36.89
C ARG CA 130 55.29 31.24 37.49
N ALA CA 131 54.37 32.06 36.97
CA ALA CA 131 52.98 31.89 37.38
C ALA CA 131 52.35 30.69 36.69
N MET CA 132 52.75 30.40 35.46
CA MET CA 132 52.22 29.24 34.76
C MET CA 132 52.83 27.94 35.25
N VAL CA 133 54.07 27.95 35.70
CA VAL CA 133 54.70 26.71 36.16
C VAL CA 133 54.25 26.40 37.58
N TYR CA 134 54.06 27.41 38.41
CA TYR CA 134 53.70 27.16 39.80
C TYR CA 134 52.21 26.87 39.94
N LYS CA 135 51.38 27.78 39.44
CA LYS CA 135 49.94 27.69 39.68
C LYS CA 135 49.29 26.63 38.80
N ARG CA 136 49.69 26.56 37.53
CA ARG CA 136 49.01 25.68 36.58
C ARG CA 136 49.99 24.78 35.83
N GLY CA 137 51.17 24.54 36.36
CA GLY CA 137 52.10 23.65 35.71
C GLY CA 137 51.98 22.25 36.25
N TYR CA 138 51.71 21.27 35.39
CA TYR CA 138 51.64 19.89 35.82
C TYR CA 138 52.65 19.12 35.00
N LEU CA 139 52.82 17.84 35.32
CA LEU CA 139 53.84 17.00 34.68
C LEU CA 139 53.24 15.71 34.18
N LYS CA 140 53.94 15.09 33.23
CA LYS CA 140 53.55 13.81 32.67
C LYS CA 140 54.38 12.73 33.36
N ILE CA 141 53.89 12.25 34.49
CA ILE CA 141 54.56 11.22 35.29
C ILE CA 141 53.75 9.95 35.19
N ASN CA 142 54.41 8.87 34.76
CA ASN CA 142 53.82 7.55 34.52
C ASN CA 142 52.69 7.61 33.51
N GLY CA 143 52.80 8.48 32.52
CA GLY CA 143 51.73 8.73 31.58
C GLY CA 143 50.53 9.47 32.14
N GLN CA 144 50.62 10.01 33.35
CA GLN CA 144 49.51 10.68 34.02
C GLN CA 144 49.84 12.14 34.27
N ARG CA 145 48.80 12.92 34.50
CA ARG CA 145 48.89 14.37 34.63
C ARG CA 145 48.87 14.72 36.11
N VAL CA 146 50.05 14.89 36.71
CA VAL CA 146 50.13 15.17 38.14
C VAL CA 146 50.72 16.56 38.36
N LYS CA 147 50.16 17.26 39.35
CA LYS CA 147 50.52 18.63 39.60
C LYS CA 147 51.84 18.71 40.35
N ILE CA 148 52.67 19.70 39.97
CA ILE CA 148 53.91 20.00 40.66
C ILE CA 148 53.62 20.39 42.10
N THR CA 149 54.07 19.57 43.03
CA THR CA 149 53.94 19.88 44.45
C THR CA 149 55.28 20.07 45.14
N ASP CA 150 56.27 19.24 44.86
CA ASP CA 150 57.60 19.44 45.44
C ASP CA 150 58.66 19.20 44.38
N ASN CA 151 59.86 19.73 44.66
CA ASN CA 151 60.97 19.62 43.72
C ASN CA 151 61.55 18.22 43.67
N GLN CA 152 61.21 17.35 44.62
CA GLN CA 152 61.59 15.96 44.54
C GLN CA 152 60.86 15.25 43.42
N MET CA 153 59.62 15.65 43.16
CA MET CA 153 58.84 15.05 42.10
C MET CA 153 59.30 15.53 40.73
N ILE CA 154 59.89 16.71 40.66
CA ILE CA 154 60.48 17.21 39.42
C ILE CA 154 61.80 16.49 39.15
N LYS CA 155 62.62 16.35 40.18
CA LYS CA 155 63.90 15.65 40.06
C LYS CA 155 63.71 14.18 39.74
N ASP CA 156 62.62 13.58 40.23
CA ASP CA 156 62.33 12.20 39.87
C ASP CA 156 61.83 12.06 38.44
N LYS CA 157 61.37 13.15 37.83
CA LYS CA 157 60.78 13.07 36.50
C LYS CA 157 61.83 13.18 35.40
N TYR CA 158 62.61 14.25 35.44
CA TYR CA 158 63.50 14.56 34.33
C TYR CA 158 64.76 13.71 34.34
N ASN CA 159 65.29 13.41 35.54
CA ASN CA 159 66.52 12.64 35.73
C ASN CA 159 67.69 13.20 34.94
N ASN CA 160 67.91 14.50 35.08
CA ASN CA 160 68.88 15.19 34.25
C ASN CA 160 70.04 15.79 35.03
N ALA CA 161 69.94 15.92 36.35
CA ALA CA 161 70.93 16.54 37.24
C ALA CA 161 71.24 17.98 36.88
N ASP CA 162 70.36 18.63 36.12
CA ASP CA 162 70.45 20.05 35.81
C ASP CA 162 69.08 20.64 36.05
N ILE CA 163 68.07 19.79 35.95
CA ILE CA 163 66.68 20.16 36.20
C ILE CA 163 66.30 19.42 37.47
N VAL CA 164 66.44 20.08 38.62
CA VAL CA 164 66.14 19.44 39.90
C VAL CA 164 65.04 20.16 40.68
N CYS CA 165 64.63 21.35 40.26
CA CYS CA 165 63.65 22.11 41.00
C CYS CA 165 62.76 22.87 40.03
N ALA CA 166 61.79 23.60 40.60
CA ALA CA 166 60.84 24.34 39.78
C ALA CA 166 61.42 25.61 39.21
N GLU CA 167 62.53 26.10 39.77
CA GLU CA 167 63.25 27.21 39.17
C GLU CA 167 64.14 26.78 38.02
N ASP CA 168 64.46 25.49 37.93
CA ASP CA 168 65.17 25.00 36.75
C ASP CA 168 64.26 25.00 35.54
N MET CA 169 62.98 24.70 35.74
CA MET CA 169 62.06 24.66 34.63
C MET CA 169 61.69 26.04 34.14
N VAL CA 170 61.51 27.00 35.06
CA VAL CA 170 61.31 28.36 34.61
C VAL CA 170 62.61 28.97 34.10
N ASN CA 171 63.76 28.37 34.38
CA ASN CA 171 64.98 28.85 33.76
C ASN CA 171 65.04 28.43 32.30
N GLN CA 172 64.87 27.14 32.04
CA GLN CA 172 64.99 26.60 30.68
C GLN CA 172 63.88 27.12 29.78
N ILE CA 173 62.71 27.41 30.32
CA ILE CA 173 61.65 27.99 29.52
C ILE CA 173 61.96 29.46 29.21
N TYR CA 174 62.33 30.24 30.22
CA TYR CA 174 62.51 31.67 30.01
C TYR CA 174 63.77 31.97 29.20
N THR CA 175 64.88 31.32 29.54
CA THR CA 175 66.12 31.41 28.77
C THR CA 175 66.42 30.02 28.25
N CYS CA 176 66.38 29.86 26.91
CA CYS CA 176 66.09 28.59 26.22
C CYS CA 176 66.91 27.42 26.73
N GLY CA 177 68.22 27.56 26.77
CA GLY CA 177 69.06 26.54 27.34
C GLY CA 177 69.11 25.26 26.51
N LYS CA 178 69.87 24.31 27.03
CA LYS CA 178 70.08 23.06 26.35
C LYS CA 178 68.88 22.13 26.46
N HIS CA 179 67.97 22.37 27.40
CA HIS CA 179 66.90 21.45 27.71
C HIS CA 179 65.54 22.12 27.67
N PHE CA 180 65.32 23.06 26.74
CA PHE CA 180 63.99 23.63 26.58
C PHE CA 180 62.99 22.57 26.15
N ARG CA 181 63.40 21.66 25.27
CA ARG CA 181 62.47 20.68 24.75
C ARG CA 181 62.10 19.67 25.82
N THR CA 182 63.07 19.23 26.63
CA THR CA 182 62.77 18.17 27.58
C THR CA 182 61.91 18.68 28.74
N VAL CA 183 62.04 19.96 29.09
CA VAL CA 183 61.20 20.56 30.12
C VAL CA 183 59.77 20.72 29.63
N THR CA 184 59.60 21.19 28.40
CA THR CA 184 58.25 21.49 27.90
C THR CA 184 57.53 20.23 27.44
N HIS CA 185 58.24 19.29 26.84
CA HIS CA 185 57.71 17.95 26.65
C HIS CA 185 57.59 17.20 27.97
N GLY CA 186 58.19 17.68 29.05
CA GLY CA 186 57.96 17.10 30.34
C GLY CA 186 56.61 17.47 30.92
N MET CA 187 56.15 18.68 30.66
CA MET CA 187 54.93 19.17 31.25
C MET CA 187 53.74 18.79 30.39
N TRP CA 188 52.59 18.79 30.97
CA TRP CA 188 51.35 18.68 30.25
C TRP CA 188 51.07 20.04 29.64
N PRO CA 189 50.30 20.13 28.54
CA PRO CA 189 49.82 21.43 28.05
C PRO CA 189 49.02 22.20 29.09
N PHE CA 190 49.38 23.47 29.31
CA PHE CA 190 48.76 24.28 30.35
C PHE CA 190 47.31 24.54 30.00
N LYS CA 191 46.42 24.32 30.95
CA LYS CA 191 45.00 24.51 30.72
C LYS CA 191 44.54 25.68 31.59
N LEU CA 192 44.30 26.82 30.97
CA LEU CA 192 44.04 28.05 31.69
C LEU CA 192 42.53 28.31 31.77
N ALA CA 193 42.17 29.30 32.57
CA ALA CA 193 40.79 29.74 32.60
C ALA CA 193 40.55 30.68 31.43
N PRO CA 194 39.29 30.98 31.10
CA PRO CA 194 39.04 32.10 30.22
C PRO CA 194 39.45 33.40 30.90
N PRO CA 195 39.80 34.43 30.14
CA PRO CA 195 40.29 35.65 30.77
C PRO CA 195 39.17 36.39 31.47
N ALA CA 196 39.46 36.87 32.67
CA ALA CA 196 38.52 37.75 33.34
C ALA CA 196 38.47 39.08 32.62
N GLY CA 197 37.29 39.69 32.61
CA GLY CA 197 37.10 40.92 31.89
C GLY CA 197 36.80 40.76 30.42
N GLY CA 198 37.04 39.61 29.84
CA GLY CA 198 36.54 39.29 28.53
C GLY CA 198 37.62 39.21 27.46
N MET CA 199 37.15 39.04 26.24
CA MET CA 199 37.93 39.06 25.01
C MET CA 199 37.25 40.07 24.10
N ARG CA 200 38.04 40.82 23.33
CA ARG CA 200 37.41 41.91 22.60
C ARG CA 200 36.70 41.41 21.34
N GLN CA 201 37.41 40.71 20.45
CA GLN CA 201 36.80 39.99 19.33
C GLN CA 201 37.66 38.78 19.02
N LYS CA 202 37.08 37.59 19.09
CA LYS CA 202 37.80 36.36 18.78
C LYS CA 202 38.14 36.26 17.30
N ARG CA 203 37.30 36.84 16.44
CA ARG CA 203 37.30 36.58 15.02
C ARG CA 203 38.20 37.49 14.20
N ARG CA 204 38.90 38.42 14.83
CA ARG CA 204 39.77 39.32 14.10
C ARG CA 204 41.14 39.38 14.75
N HIS CA 205 42.13 39.79 13.97
CA HIS CA 205 43.51 39.88 14.42
C HIS CA 205 43.64 41.00 15.45
N PHE CA 206 44.72 40.98 16.21
CA PHE CA 206 44.93 41.96 17.26
C PHE CA 206 45.09 43.38 16.69
N VAL CA 207 45.61 43.50 15.48
CA VAL CA 207 45.78 44.80 14.85
C VAL CA 207 44.45 45.32 14.35
N GLU CA 208 43.57 44.43 13.91
CA GLU CA 208 42.24 44.79 13.42
C GLU CA 208 41.28 45.20 14.51
N GLY CA 209 41.67 45.14 15.78
CA GLY CA 209 40.77 45.43 16.86
C GLY CA 209 40.22 44.22 17.59
N GLY CA 210 40.78 43.04 17.33
CA GLY CA 210 40.32 41.81 17.96
C GLY CA 210 41.41 41.16 18.78
N ASP CA 211 41.56 39.83 18.67
CA ASP CA 211 42.37 39.11 19.65
C ASP CA 211 43.40 38.13 19.10
N TYR CA 212 43.26 37.59 17.90
CA TYR CA 212 44.26 36.59 17.57
C TYR CA 212 45.54 37.22 17.05
N GLY CA 213 46.56 36.40 16.88
CA GLY CA 213 47.83 36.85 16.35
C GLY CA 213 48.85 37.19 17.41
N ASN CA 214 49.87 37.94 16.98
CA ASN CA 214 51.04 38.25 17.78
C ASN CA 214 50.81 39.51 18.61
N ARG CA 215 51.26 39.48 19.87
CA ARG CA 215 51.31 40.64 20.74
C ARG CA 215 52.74 40.79 21.23
N ASP CA 216 53.40 41.87 20.81
CA ASP CA 216 54.85 42.00 20.98
C ASP CA 216 55.18 42.40 22.41
N THR CA 217 54.94 41.46 23.35
CA THR CA 217 54.91 41.40 24.84
C THR CA 217 53.60 41.82 25.50
N LEU CA 218 52.56 42.24 24.77
CA LEU CA 218 51.26 42.47 25.39
C LEU CA 218 50.53 41.19 25.80
N ILE CA 219 51.05 40.01 25.48
CA ILE CA 219 50.41 38.75 25.84
C ILE CA 219 50.48 38.47 27.33
N ASN CA 220 51.28 39.23 28.06
CA ASN CA 220 51.42 39.02 29.49
C ASN CA 220 50.20 39.48 30.26
N ARG CA 221 49.63 40.64 29.90
CA ARG CA 221 48.42 41.11 30.56
C ARG CA 221 47.20 40.32 30.15
N PHE CA 222 47.24 39.64 29.01
CA PHE CA 222 46.14 38.77 28.60
C PHE CA 222 46.21 37.43 29.32
N LEU CA 223 47.40 36.91 29.54
CA LEU CA 223 47.58 35.70 30.35
C LEU CA 223 47.46 35.97 31.83
N ALA CA 224 47.77 37.19 32.28
CA ALA CA 224 47.59 37.54 33.69
C ALA CA 224 46.13 37.62 34.10
N ARG CA 225 45.20 37.65 33.15
CA ARG CA 225 43.79 37.56 33.45
C ARG CA 225 43.27 36.12 33.37
N MET CA 226 44.15 35.16 33.09
CA MET CA 226 43.79 33.75 32.91
C MET CA 226 44.40 32.82 33.93
N ILE CA 227 45.62 33.09 34.38
CA ILE CA 227 46.35 32.17 35.25
C ILE CA 227 45.73 32.17 36.64
N VAL DA 1 -64.86 -31.58 -82.66
CA VAL DA 1 -64.34 -30.96 -83.87
C VAL DA 1 -65.43 -30.02 -84.35
N ASP DA 2 -65.11 -29.17 -85.34
CA ASP DA 2 -66.09 -28.22 -85.87
C ASP DA 2 -67.11 -28.88 -86.79
N THR DA 3 -66.87 -30.12 -87.23
CA THR DA 3 -67.83 -30.79 -88.11
C THR DA 3 -69.10 -31.18 -87.36
N ILE DA 4 -68.94 -31.79 -86.18
CA ILE DA 4 -70.11 -32.15 -85.40
C ILE DA 4 -70.73 -30.92 -84.72
N ASN DA 5 -69.96 -29.83 -84.57
CA ASN DA 5 -70.52 -28.61 -84.01
C ASN DA 5 -71.58 -28.00 -84.92
N ALA DA 6 -71.43 -28.15 -86.24
CA ALA DA 6 -72.52 -27.79 -87.13
C ALA DA 6 -73.66 -28.78 -87.05
N LYS DA 7 -73.34 -30.05 -86.77
CA LYS DA 7 -74.39 -31.06 -86.62
C LYS DA 7 -75.11 -30.93 -85.30
N LEU DA 8 -74.51 -30.23 -84.32
CA LEU DA 8 -75.15 -30.05 -83.02
C LEU DA 8 -75.88 -28.72 -82.88
N GLN DA 9 -75.56 -27.71 -83.69
CA GLN DA 9 -76.35 -26.49 -83.65
C GLN DA 9 -77.74 -26.72 -84.22
N LEU DA 10 -77.91 -27.70 -85.09
CA LEU DA 10 -79.19 -27.92 -85.73
C LEU DA 10 -80.11 -28.74 -84.84
N VAL DA 11 -79.57 -29.53 -83.93
CA VAL DA 11 -80.40 -30.24 -82.96
C VAL DA 11 -80.72 -29.36 -81.76
N MET DA 12 -79.93 -28.31 -81.48
CA MET DA 12 -80.34 -27.36 -80.45
C MET DA 12 -81.43 -26.42 -80.93
N LYS DA 13 -81.61 -26.29 -82.25
CA LYS DA 13 -82.67 -25.46 -82.80
C LYS DA 13 -83.94 -26.29 -83.01
N SER DA 14 -83.84 -27.36 -83.78
CA SER DA 14 -84.96 -28.25 -84.07
C SER DA 14 -84.52 -29.68 -83.82
N GLY DA 15 -84.98 -30.26 -82.72
CA GLY DA 15 -84.59 -31.59 -82.30
C GLY DA 15 -84.52 -31.56 -80.79
N LYS DA 16 -84.72 -32.72 -80.18
CA LYS DA 16 -84.86 -32.82 -78.73
C LYS DA 16 -83.63 -33.49 -78.13
N TYR DA 17 -83.19 -32.98 -76.98
CA TYR DA 17 -81.93 -33.38 -76.39
C TYR DA 17 -82.07 -33.34 -74.87
N VAL DA 18 -81.15 -33.99 -74.19
CA VAL DA 18 -81.07 -33.88 -72.74
C VAL DA 18 -79.60 -33.72 -72.38
N LEU DA 19 -79.35 -33.07 -71.26
CA LEU DA 19 -78.01 -32.70 -70.85
C LEU DA 19 -77.66 -33.32 -69.50
N GLY DA 20 -76.36 -33.44 -69.25
CA GLY DA 20 -75.86 -34.04 -68.04
C GLY DA 20 -75.79 -35.56 -68.14
N THR DA 21 -75.12 -36.16 -67.15
CA THR DA 21 -74.84 -37.59 -67.21
C THR DA 21 -75.93 -38.43 -66.56
N GLN DA 22 -76.38 -38.03 -65.36
CA GLN DA 22 -77.42 -38.78 -64.68
C GLN DA 22 -78.76 -38.68 -65.37
N GLN DA 23 -78.96 -37.62 -66.14
CA GLN DA 23 -80.21 -37.44 -66.87
C GLN DA 23 -80.18 -38.14 -68.21
N ALA DA 24 -78.99 -38.39 -68.77
CA ALA DA 24 -78.84 -39.07 -70.05
C ALA DA 24 -78.70 -40.57 -69.92
N LEU DA 25 -78.34 -41.08 -68.75
CA LEU DA 25 -78.41 -42.53 -68.55
C LEU DA 25 -79.84 -43.00 -68.52
N THR DA 26 -80.76 -42.13 -68.08
CA THR DA 26 -82.19 -42.41 -68.14
C THR DA 26 -82.65 -42.63 -69.58
N THR DA 27 -82.13 -41.83 -70.50
CA THR DA 27 -82.46 -42.00 -71.92
C THR DA 27 -81.86 -43.27 -72.51
N LEU DA 28 -80.81 -43.81 -71.90
CA LEU DA 28 -80.21 -45.05 -72.33
C LEU DA 28 -80.90 -46.27 -71.76
N ARG DA 29 -81.40 -46.18 -70.52
CA ARG DA 29 -82.19 -47.26 -69.95
C ARG DA 29 -83.54 -47.37 -70.64
N GLN DA 30 -84.04 -46.26 -71.15
CA GLN DA 30 -85.16 -46.23 -72.08
C GLN DA 30 -84.61 -46.39 -73.50
N GLY DA 31 -85.50 -46.50 -74.47
CA GLY DA 31 -85.02 -46.60 -75.84
C GLY DA 31 -84.93 -45.26 -76.53
N ARG DA 32 -84.98 -44.19 -75.74
CA ARG DA 32 -85.22 -42.86 -76.29
C ARG DA 32 -83.95 -42.19 -76.79
N SER DA 33 -82.78 -42.75 -76.52
CA SER DA 33 -81.53 -42.09 -76.90
C SER DA 33 -81.07 -42.50 -78.29
N LYS DA 34 -80.59 -41.54 -79.06
CA LYS DA 34 -80.13 -41.79 -80.43
C LYS DA 34 -78.64 -41.59 -80.61
N LEU DA 35 -78.00 -40.75 -79.79
CA LEU DA 35 -76.61 -40.37 -79.97
C LEU DA 35 -76.11 -39.78 -78.67
N ILE DA 36 -74.94 -40.24 -78.21
CA ILE DA 36 -74.32 -39.77 -76.97
C ILE DA 36 -73.00 -39.10 -77.32
N VAL DA 37 -72.82 -37.87 -76.85
CA VAL DA 37 -71.55 -37.15 -76.99
C VAL DA 37 -70.90 -37.10 -75.61
N ILE DA 38 -69.59 -37.36 -75.55
CA ILE DA 38 -68.84 -37.31 -74.31
C ILE DA 38 -67.65 -36.37 -74.50
N SER DA 39 -67.46 -35.46 -73.55
CA SER DA 39 -66.32 -34.57 -73.56
C SER DA 39 -65.02 -35.32 -73.25
N ASN DA 40 -63.90 -34.62 -73.38
CA ASN DA 40 -62.63 -35.31 -73.19
C ASN DA 40 -62.14 -35.31 -71.75
N ASN DA 41 -62.53 -34.33 -70.94
CA ASN DA 41 -62.26 -34.40 -69.50
C ASN DA 41 -63.43 -35.01 -68.73
N CYS DA 42 -63.91 -36.12 -69.22
CA CYS DA 42 -64.93 -36.83 -68.47
C CYS DA 42 -64.24 -37.85 -67.57
N PRO DA 43 -64.71 -38.00 -66.33
CA PRO DA 43 -64.10 -38.98 -65.41
C PRO DA 43 -64.25 -40.39 -65.93
N PRO DA 44 -63.15 -41.14 -66.04
CA PRO DA 44 -63.22 -42.47 -66.68
C PRO DA 44 -63.96 -43.53 -65.91
N ILE DA 45 -64.40 -43.28 -64.67
CA ILE DA 45 -65.39 -44.18 -64.13
C ILE DA 45 -66.76 -43.83 -64.68
N ARG DA 46 -66.99 -42.57 -65.00
CA ARG DA 46 -68.24 -42.14 -65.61
C ARG DA 46 -68.26 -42.41 -67.10
N ARG DA 47 -67.13 -42.23 -67.78
CA ARG DA 47 -67.06 -42.53 -69.21
C ARG DA 47 -67.23 -44.02 -69.48
N ALA DA 48 -66.61 -44.88 -68.68
CA ALA DA 48 -66.72 -46.32 -68.89
C ALA DA 48 -68.09 -46.87 -68.54
N GLU DA 49 -68.87 -46.14 -67.75
CA GLU DA 49 -70.25 -46.54 -67.45
C GLU DA 49 -71.23 -46.03 -68.48
N VAL DA 50 -70.99 -44.83 -69.02
CA VAL DA 50 -71.84 -44.32 -70.10
C VAL DA 50 -71.67 -45.16 -71.36
N GLU DA 51 -70.43 -45.44 -71.73
CA GLU DA 51 -70.22 -46.27 -72.91
C GLU DA 51 -70.42 -47.76 -72.64
N TYR DA 52 -70.74 -48.16 -71.42
CA TYR DA 52 -71.20 -49.53 -71.25
C TYR DA 52 -72.66 -49.65 -71.60
N TYR DA 53 -73.48 -48.65 -71.27
CA TYR DA 53 -74.89 -48.67 -71.64
C TYR DA 53 -75.07 -48.48 -73.13
N CYS DA 54 -74.17 -47.76 -73.78
CA CYS DA 54 -74.24 -47.57 -75.22
C CYS DA 54 -73.93 -48.86 -75.99
N THR DA 55 -73.21 -49.79 -75.39
CA THR DA 55 -73.02 -51.08 -76.05
C THR DA 55 -74.13 -52.07 -75.70
N LEU DA 56 -74.73 -51.94 -74.51
CA LEU DA 56 -75.88 -52.76 -74.18
C LEU DA 56 -77.10 -52.34 -75.00
N SER DA 57 -77.19 -51.06 -75.34
CA SER DA 57 -78.30 -50.55 -76.13
C SER DA 57 -77.99 -50.50 -77.61
N LYS DA 58 -76.75 -50.81 -78.00
CA LYS DA 58 -76.24 -50.65 -79.37
C LYS DA 58 -76.45 -49.22 -79.88
N THR DA 59 -76.18 -48.24 -79.01
CA THR DA 59 -76.34 -46.82 -79.27
C THR DA 59 -75.02 -46.24 -79.73
N PRO DA 60 -74.99 -45.52 -80.87
CA PRO DA 60 -73.73 -44.96 -81.34
C PRO DA 60 -73.26 -43.81 -80.46
N ILE DA 61 -71.96 -43.78 -80.21
CA ILE DA 61 -71.35 -42.85 -79.26
C ILE DA 61 -70.32 -42.02 -80.01
N HIS DA 62 -70.01 -40.85 -79.44
CA HIS DA 62 -69.06 -39.92 -80.03
C HIS DA 62 -68.26 -39.26 -78.93
N HIS DA 63 -66.95 -39.27 -79.06
CA HIS DA 63 -66.09 -38.56 -78.13
C HIS DA 63 -65.75 -37.21 -78.74
N TYR DA 64 -65.97 -36.14 -77.97
CA TYR DA 64 -66.10 -34.82 -78.57
C TYR DA 64 -64.76 -34.19 -78.92
N SER DA 65 -63.67 -34.61 -78.30
CA SER DA 65 -62.34 -33.97 -78.38
C SER DA 65 -62.44 -32.50 -78.01
N GLY DA 66 -63.02 -32.26 -76.85
CA GLY DA 66 -63.12 -30.94 -76.28
C GLY DA 66 -63.64 -31.05 -74.87
N ASN DA 67 -63.45 -29.97 -74.10
CA ASN DA 67 -63.86 -29.90 -72.71
C ASN DA 67 -65.37 -30.06 -72.57
N ASN DA 68 -65.80 -30.27 -71.33
CA ASN DA 68 -67.21 -30.08 -71.02
C ASN DA 68 -67.57 -28.60 -71.09
N LEU DA 69 -66.62 -27.70 -70.85
CA LEU DA 69 -66.79 -26.30 -71.15
C LEU DA 69 -66.91 -26.08 -72.66
N ASP DA 70 -66.15 -26.85 -73.45
CA ASP DA 70 -66.25 -26.77 -74.90
C ASP DA 70 -67.49 -27.48 -75.42
N LEU DA 71 -67.83 -28.62 -74.82
CA LEU DA 71 -69.06 -29.29 -75.23
C LEU DA 71 -70.28 -28.55 -74.73
N GLY DA 72 -70.17 -27.80 -73.64
CA GLY DA 72 -71.30 -26.99 -73.20
C GLY DA 72 -71.53 -25.78 -74.09
N THR DA 73 -70.45 -25.12 -74.52
CA THR DA 73 -70.51 -23.96 -75.39
C THR DA 73 -71.09 -24.30 -76.76
N ALA DA 74 -70.79 -25.50 -77.28
CA ALA DA 74 -71.31 -25.91 -78.59
C ALA DA 74 -72.82 -26.11 -78.56
N CYS DA 75 -73.37 -26.44 -77.40
CA CYS DA 75 -74.80 -26.55 -77.21
C CYS DA 75 -75.47 -25.19 -77.02
N GLY DA 76 -74.70 -24.11 -77.05
CA GLY DA 76 -75.23 -22.78 -76.82
C GLY DA 76 -75.57 -22.51 -75.37
N LYS DA 77 -74.81 -23.07 -74.45
CA LYS DA 77 -75.13 -22.99 -73.03
C LYS DA 77 -74.06 -22.22 -72.27
N HIS DA 78 -74.49 -21.59 -71.19
CA HIS DA 78 -73.61 -20.85 -70.31
C HIS DA 78 -73.14 -21.69 -69.13
N PHE DA 79 -73.08 -23.00 -69.33
CA PHE DA 79 -72.55 -23.92 -68.33
C PHE DA 79 -71.77 -25.00 -69.07
N ARG DA 80 -71.22 -25.94 -68.31
CA ARG DA 80 -70.45 -27.04 -68.84
C ARG DA 80 -71.17 -28.35 -68.57
N THR DA 81 -71.09 -29.25 -69.55
CA THR DA 81 -71.79 -30.53 -69.49
C THR DA 81 -70.91 -31.64 -70.05
N CYS DA 82 -70.86 -32.77 -69.35
CA CYS DA 82 -69.98 -33.85 -69.78
C CYS DA 82 -70.63 -34.80 -70.76
N VAL DA 83 -71.95 -34.95 -70.74
CA VAL DA 83 -72.65 -35.90 -71.59
C VAL DA 83 -73.85 -35.22 -72.22
N LEU DA 84 -73.94 -35.29 -73.54
CA LEU DA 84 -75.07 -34.80 -74.32
C LEU DA 84 -75.77 -35.97 -74.98
N SER DA 85 -77.02 -36.21 -74.61
CA SER DA 85 -77.85 -37.20 -75.28
C SER DA 85 -78.81 -36.52 -76.23
N VAL DA 86 -79.04 -37.17 -77.37
CA VAL DA 86 -79.93 -36.65 -78.40
C VAL DA 86 -81.08 -37.63 -78.53
N THR DA 87 -82.28 -37.18 -78.18
CA THR DA 87 -83.46 -38.04 -78.23
C THR DA 87 -84.29 -37.81 -79.48
N ASN DA 88 -83.91 -36.84 -80.30
CA ASN DA 88 -84.57 -36.58 -81.58
C ASN DA 88 -83.53 -35.90 -82.43
N VAL DA 89 -83.23 -36.48 -83.60
CA VAL DA 89 -82.16 -35.94 -84.43
C VAL DA 89 -82.57 -34.60 -85.05
N GLY DA 90 -83.80 -34.51 -85.54
CA GLY DA 90 -84.26 -33.28 -86.16
C GLY DA 90 -84.18 -33.34 -87.67
N ASP DA 91 -83.33 -32.51 -88.26
CA ASP DA 91 -83.12 -32.53 -89.71
C ASP DA 91 -81.68 -32.83 -90.09
N SER DA 92 -80.87 -33.29 -89.15
CA SER DA 92 -79.49 -33.69 -89.46
C SER DA 92 -79.31 -35.19 -89.38
N THR EA 1 -65.05 47.28 39.93
CA THR EA 1 -64.99 47.07 38.49
C THR EA 1 -66.30 46.45 38.02
N ARG EA 2 -66.21 45.49 37.10
CA ARG EA 2 -67.37 44.76 36.60
C ARG EA 2 -67.41 43.35 37.13
N ALA EA 3 -66.25 42.76 37.45
CA ALA EA 3 -66.21 41.45 38.07
C ALA EA 3 -66.38 41.52 39.58
N SER EA 4 -66.33 42.71 40.17
CA SER EA 4 -66.57 42.88 41.59
C SER EA 4 -68.02 43.18 41.91
N LEU EA 5 -68.74 43.78 40.96
CA LEU EA 5 -70.15 44.12 41.12
C LEU EA 5 -71.06 43.00 40.66
N ARG EA 6 -70.62 41.77 40.83
CA ARG EA 6 -71.30 40.57 40.36
C ARG EA 6 -72.07 39.94 41.51
N LYS EA 7 -73.18 39.28 41.17
CA LYS EA 7 -74.07 38.72 42.20
C LYS EA 7 -73.64 37.28 42.49
N ARG EA 8 -72.42 37.16 43.04
CA ARG EA 8 -71.78 35.86 43.13
C ARG EA 8 -72.31 35.09 44.33
N THR EA 9 -72.86 33.92 44.07
CA THR EA 9 -73.41 33.01 45.07
C THR EA 9 -72.27 32.08 45.48
N GLY EA 10 -72.56 30.96 46.12
CA GLY EA 10 -71.56 29.92 46.33
C GLY EA 10 -71.30 29.13 45.06
N ARG EA 11 -70.62 28.01 45.25
CA ARG EA 11 -70.37 27.08 44.15
C ARG EA 11 -71.68 26.48 43.64
N LYS EA 12 -71.68 26.10 42.38
CA LYS EA 12 -72.78 25.28 41.90
C LYS EA 12 -72.59 23.85 42.41
N PRO EA 13 -73.68 23.08 42.57
CA PRO EA 13 -73.55 21.73 43.15
C PRO EA 13 -72.76 20.79 42.25
N ASP EA 14 -72.37 19.65 42.85
CA ASP EA 14 -71.46 18.74 42.19
C ASP EA 14 -72.11 18.02 41.02
N ALA EA 15 -73.43 17.96 40.98
CA ALA EA 15 -74.16 17.51 39.80
C ALA EA 15 -74.87 18.74 39.22
N VAL EA 16 -74.24 19.36 38.24
CA VAL EA 16 -74.80 20.48 37.51
C VAL EA 16 -74.86 20.06 36.05
N SER EA 17 -75.77 20.68 35.30
CA SER EA 17 -75.88 20.38 33.87
C SER EA 17 -76.35 21.61 33.12
N MET EA 18 -75.65 21.96 32.04
CA MET EA 18 -75.94 23.17 31.31
C MET EA 18 -75.78 22.94 29.81
N GLU EA 19 -76.45 23.78 29.03
CA GLU EA 19 -76.38 23.78 27.58
C GLU EA 19 -75.54 24.96 27.10
N ALA EA 20 -74.67 24.71 26.13
CA ALA EA 20 -73.84 25.76 25.58
C ALA EA 20 -73.60 25.52 24.11
N THR EA 21 -73.49 26.61 23.37
CA THR EA 21 -73.01 26.57 22.00
C THR EA 21 -71.50 26.72 22.02
N ILE EA 22 -70.81 25.91 21.24
CA ILE EA 22 -69.40 26.11 20.98
C ILE EA 22 -69.23 26.38 19.48
N HIS EA 23 -68.82 27.59 19.16
CA HIS EA 23 -68.42 27.99 17.83
C HIS EA 23 -67.17 27.21 17.46
N LEU EA 24 -67.31 26.20 16.61
CA LEU EA 24 -66.21 25.31 16.29
C LEU EA 24 -65.35 25.81 15.16
N SER EA 25 -65.84 26.73 14.34
CA SER EA 25 -65.04 27.24 13.23
C SER EA 25 -63.87 28.08 13.71
N LYS EA 26 -63.98 28.68 14.88
CA LYS EA 26 -62.88 29.46 15.40
C LYS EA 26 -61.77 28.60 15.96
N LEU EA 27 -62.04 27.33 16.18
CA LEU EA 27 -61.05 26.37 16.64
C LEU EA 27 -60.45 25.58 15.51
N LEU EA 28 -61.20 25.42 14.42
CA LEU EA 28 -60.78 24.65 13.25
C LEU EA 28 -60.75 25.62 12.08
N LYS EA 29 -59.64 26.33 11.93
CA LYS EA 29 -59.46 27.24 10.81
C LYS EA 29 -58.05 27.03 10.29
N LYS EA 30 -57.96 26.58 9.03
CA LYS EA 30 -56.75 26.19 8.30
C LYS EA 30 -56.08 24.95 8.87
N LYS EA 31 -56.76 24.15 9.68
CA LYS EA 31 -56.27 22.83 10.06
C LYS EA 31 -56.33 21.89 8.85
N THR EA 32 -55.51 20.85 8.87
CA THR EA 32 -55.46 19.95 7.72
C THR EA 32 -56.75 19.13 7.69
N PHE EA 33 -57.25 18.89 6.46
CA PHE EA 33 -58.59 18.35 6.28
C PHE EA 33 -58.77 16.94 6.82
N SER EA 34 -57.70 16.15 6.89
CA SER EA 34 -57.84 14.77 7.32
C SER EA 34 -57.91 14.60 8.83
N LYS EA 35 -57.90 15.69 9.59
CA LYS EA 35 -57.90 15.59 11.04
C LYS EA 35 -58.82 16.60 11.70
N ARG EA 36 -59.73 17.22 10.95
CA ARG EA 36 -60.57 18.26 11.54
C ARG EA 36 -61.65 17.67 12.43
N ALA EA 37 -62.16 16.48 12.12
CA ALA EA 37 -63.06 15.77 13.02
C ALA EA 37 -62.37 15.01 14.16
N PRO EA 38 -61.17 14.41 14.00
CA PRO EA 38 -60.46 13.94 15.21
C PRO EA 38 -60.16 15.02 16.24
N LEU EA 39 -59.57 16.14 15.85
CA LEU EA 39 -59.26 17.17 16.82
C LEU EA 39 -60.33 18.23 16.92
N ALA EA 40 -61.58 17.90 16.61
CA ALA EA 40 -62.71 18.66 17.13
C ALA EA 40 -63.35 17.99 18.33
N ILE EA 41 -63.15 16.69 18.51
CA ILE EA 41 -63.46 16.05 19.78
C ILE EA 41 -62.57 16.62 20.86
N LYS EA 42 -61.29 16.82 20.56
CA LYS EA 42 -60.35 17.34 21.54
C LYS EA 42 -60.63 18.78 21.90
N ARG EA 43 -61.18 19.57 20.98
CA ARG EA 43 -61.50 20.96 21.29
C ARG EA 43 -62.82 21.10 22.02
N ILE EA 44 -63.63 20.05 22.05
CA ILE EA 44 -64.81 20.02 22.91
C ILE EA 44 -64.45 19.49 24.30
N LYS EA 45 -63.58 18.48 24.37
CA LYS EA 45 -63.07 17.99 25.64
C LYS EA 45 -62.26 19.06 26.38
N ALA EA 46 -61.61 19.96 25.65
CA ALA EA 46 -60.90 21.06 26.29
C ALA EA 46 -61.82 22.22 26.60
N PHE EA 47 -62.92 22.35 25.87
CA PHE EA 47 -63.85 23.45 26.09
C PHE EA 47 -64.63 23.26 27.38
N VAL EA 48 -65.17 22.06 27.57
CA VAL EA 48 -65.94 21.76 28.77
C VAL EA 48 -65.04 21.31 29.91
N GLY EA 49 -63.78 21.03 29.64
CA GLY EA 49 -62.84 20.58 30.64
C GLY EA 49 -62.30 21.73 31.45
N ARG EA 50 -62.07 22.87 30.82
CA ARG EA 50 -61.73 24.08 31.56
C ARG EA 50 -62.97 24.84 32.00
N LEU EA 51 -64.16 24.33 31.68
CA LEU EA 51 -65.42 24.88 32.12
C LEU EA 51 -65.96 24.20 33.35
N MET EA 52 -65.86 22.87 33.40
CA MET EA 52 -66.34 22.08 34.52
C MET EA 52 -65.23 21.56 35.41
N LYS EA 53 -63.97 21.88 35.09
CA LYS EA 53 -62.79 21.54 35.89
C LYS EA 53 -62.65 20.02 36.04
N THR EA 54 -62.79 19.33 34.91
CA THR EA 54 -62.70 17.88 34.86
C THR EA 54 -61.64 17.45 33.86
N LYS EA 55 -61.10 16.26 34.07
CA LYS EA 55 -60.24 15.61 33.10
C LYS EA 55 -60.91 14.41 32.45
N ASP EA 56 -62.04 13.96 32.96
CA ASP EA 56 -62.80 12.86 32.37
C ASP EA 56 -63.98 13.48 31.63
N ASN EA 57 -63.95 13.44 30.30
CA ASN EA 57 -64.99 14.02 29.47
C ASN EA 57 -65.45 12.96 28.49
N ARG EA 58 -66.76 12.69 28.50
CA ARG EA 58 -67.32 11.59 27.72
C ARG EA 58 -68.25 12.11 26.64
N ILE EA 59 -68.13 11.55 25.44
CA ILE EA 59 -68.67 12.17 24.23
C ILE EA 59 -70.07 11.67 23.86
N ASP EA 60 -70.49 10.49 24.33
CA ASP EA 60 -71.92 10.13 24.39
C ASP EA 60 -72.60 10.11 23.02
N ALA EA 61 -72.40 9.05 22.24
CA ALA EA 61 -72.34 8.97 20.78
C ALA EA 61 -73.24 9.87 19.93
N SER EA 62 -74.28 10.48 20.50
CA SER EA 62 -75.00 11.54 19.80
C SER EA 62 -74.08 12.69 19.38
N LEU EA 63 -73.08 13.02 20.20
CA LEU EA 63 -72.18 14.09 19.83
C LEU EA 63 -71.07 13.62 18.89
N ASN EA 64 -70.60 12.38 19.05
CA ASN EA 64 -69.61 11.84 18.12
C ASN EA 64 -70.18 11.72 16.71
N THR EA 65 -71.44 11.31 16.62
CA THR EA 65 -72.09 11.22 15.32
C THR EA 65 -72.26 12.59 14.69
N TYR EA 66 -72.50 13.62 15.50
CA TYR EA 66 -72.77 14.95 14.96
C TYR EA 66 -71.54 15.62 14.39
N ILE EA 67 -70.37 15.45 14.99
CA ILE EA 67 -69.25 16.17 14.41
C ILE EA 67 -68.61 15.36 13.29
N TRP EA 68 -68.97 14.08 13.16
CA TRP EA 68 -68.48 13.23 12.09
C TRP EA 68 -69.49 13.03 10.97
N HIS EA 69 -70.68 13.63 11.02
CA HIS EA 69 -71.72 13.20 10.08
C HIS EA 69 -71.53 13.78 8.68
N LYS EA 70 -70.51 14.59 8.47
CA LYS EA 70 -70.16 15.11 7.16
C LYS EA 70 -68.72 14.79 6.81
N GLY EA 71 -68.22 13.66 7.29
CA GLY EA 71 -66.87 13.24 7.00
C GLY EA 71 -65.86 13.91 7.91
N VAL EA 72 -64.59 13.72 7.55
CA VAL EA 72 -63.48 14.18 8.39
C VAL EA 72 -63.15 15.65 8.18
N LYS EA 73 -63.69 16.29 7.14
CA LYS EA 73 -63.35 17.68 6.87
C LYS EA 73 -64.58 18.57 6.73
N GLY EA 74 -65.75 18.08 7.12
CA GLY EA 74 -66.95 18.88 7.06
C GLY EA 74 -67.54 19.09 8.43
N VAL EA 75 -66.69 19.34 9.41
CA VAL EA 75 -67.12 19.56 10.80
C VAL EA 75 -67.97 20.82 10.84
N PRO EA 76 -69.11 20.82 11.52
CA PRO EA 76 -69.98 22.00 11.49
C PRO EA 76 -69.37 23.18 12.22
N GLY EA 77 -69.93 24.35 11.93
CA GLY EA 77 -69.39 25.56 12.52
C GLY EA 77 -69.73 25.71 13.98
N ARG EA 78 -70.84 25.14 14.41
CA ARG EA 78 -71.31 25.23 15.78
C ARG EA 78 -71.95 23.92 16.17
N VAL EA 79 -71.92 23.61 17.47
CA VAL EA 79 -72.74 22.56 18.03
C VAL EA 79 -73.32 23.08 19.36
N ARG EA 80 -74.63 22.95 19.50
CA ARG EA 80 -75.30 23.19 20.77
C ARG EA 80 -75.17 21.92 21.57
N VAL EA 81 -74.60 22.01 22.75
CA VAL EA 81 -74.08 20.81 23.40
C VAL EA 81 -74.60 20.79 24.84
N LEU EA 82 -74.86 19.58 25.35
CA LEU EA 82 -75.42 19.40 26.68
C LEU EA 82 -74.37 18.79 27.60
N ILE EA 83 -73.88 19.59 28.52
CA ILE EA 83 -72.92 19.15 29.53
C ILE EA 83 -73.70 18.60 30.71
N GLN EA 84 -73.25 17.48 31.29
CA GLN EA 84 -73.75 17.01 32.57
C GLN EA 84 -72.54 16.61 33.40
N ARG EA 85 -72.36 17.23 34.56
CA ARG EA 85 -71.28 16.87 35.45
C ARG EA 85 -71.77 15.87 36.49
N LYS EA 86 -70.98 14.83 36.72
CA LYS EA 86 -71.32 13.78 37.67
C LYS EA 86 -70.21 13.55 38.69
N SER EA 87 -70.30 12.45 39.44
CA SER EA 87 -69.36 12.14 40.52
C SER EA 87 -69.38 10.65 40.77
N GLU EA 88 -68.28 9.97 40.50
CA GLU EA 88 -68.17 8.53 40.75
C GLU EA 88 -66.70 8.18 40.90
N THR EA 89 -66.31 7.70 42.07
CA THR EA 89 -64.91 7.52 42.44
C THR EA 89 -64.65 6.07 42.79
N THR EA 90 -63.52 5.53 42.29
CA THR EA 90 -63.08 4.20 42.68
C THR EA 90 -62.74 4.15 44.16
N GLU EA 91 -63.24 3.11 44.84
CA GLU EA 91 -63.11 2.95 46.28
C GLU EA 91 -61.66 2.84 46.73
N GLY EA 92 -61.19 3.85 47.45
CA GLY EA 92 -59.82 3.91 47.91
C GLY EA 92 -59.05 5.14 47.49
N ASN EA 93 -59.62 6.03 46.67
CA ASN EA 93 -58.88 7.20 46.22
C ASN EA 93 -58.92 8.28 47.28
N LYS EA 94 -57.82 9.02 47.40
CA LYS EA 94 -57.70 10.09 48.38
C LYS EA 94 -58.37 11.38 47.92
N HIS EA 95 -58.96 11.40 46.72
CA HIS EA 95 -59.56 12.59 46.15
C HIS EA 95 -60.81 12.18 45.37
N LYS EA 96 -61.73 13.12 45.21
CA LYS EA 96 -63.04 12.86 44.65
C LYS EA 96 -63.03 13.07 43.14
N HIS EA 97 -63.64 12.14 42.40
CA HIS EA 97 -63.58 12.11 40.95
C HIS EA 97 -64.88 12.63 40.35
N PHE EA 98 -64.78 13.67 39.54
CA PHE EA 98 -65.88 14.21 38.75
C PHE EA 98 -65.67 13.86 37.29
N TYR EA 99 -66.75 13.53 36.60
CA TYR EA 99 -66.70 13.37 35.15
C TYR EA 99 -67.81 14.18 34.50
N THR EA 100 -67.66 14.34 33.19
CA THR EA 100 -68.54 15.17 32.37
C THR EA 100 -68.98 14.34 31.18
N VAL EA 101 -70.28 14.25 30.97
CA VAL EA 101 -70.84 13.57 29.80
C VAL EA 101 -71.45 14.62 28.90
N ILE EA 102 -70.87 14.82 27.73
CA ILE EA 102 -71.28 15.85 26.80
C ILE EA 102 -72.10 15.21 25.70
N SER EA 103 -73.24 15.80 25.36
CA SER EA 103 -74.13 15.23 24.35
C SER EA 103 -74.70 16.33 23.46
N ASN EA 104 -75.43 15.93 22.44
CA ASN EA 104 -75.94 16.85 21.42
C ASN EA 104 -77.30 17.42 21.81
N VAL EA 105 -77.54 18.66 21.42
CA VAL EA 105 -78.84 19.30 21.44
C VAL EA 105 -79.14 19.79 20.02
N PRO EA 106 -80.07 19.18 19.28
CA PRO EA 106 -80.40 19.68 17.94
C PRO EA 106 -81.32 20.89 18.02
N VAL EA 107 -80.95 21.98 17.32
CA VAL EA 107 -81.65 23.25 17.49
C VAL EA 107 -82.20 23.80 16.17
N ALA EA 108 -81.57 23.42 15.06
CA ALA EA 108 -81.84 23.82 13.67
C ALA EA 108 -81.54 25.29 13.36
N SER EA 109 -81.17 26.10 14.36
CA SER EA 109 -80.67 27.46 14.16
C SER EA 109 -79.98 27.89 15.44
N PHE EA 110 -78.75 28.39 15.31
CA PHE EA 110 -77.90 28.72 16.45
C PHE EA 110 -77.98 30.17 16.84
N LYS EA 111 -78.92 30.93 16.29
CA LYS EA 111 -78.99 32.36 16.53
C LYS EA 111 -79.91 32.67 17.71
N GLY EA 112 -79.40 33.47 18.63
CA GLY EA 112 -80.15 33.82 19.82
C GLY EA 112 -80.08 32.80 20.92
N LEU EA 113 -79.10 31.92 20.88
CA LEU EA 113 -78.93 30.87 21.88
C LEU EA 113 -77.70 31.20 22.71
N THR EA 114 -77.90 31.34 24.01
CA THR EA 114 -76.80 31.64 24.92
C THR EA 114 -76.69 30.46 25.88
N THR EA 115 -75.86 30.58 26.91
CA THR EA 115 -75.63 29.47 27.83
C THR EA 115 -76.71 29.44 28.90
N LYS EA 116 -77.37 28.30 29.04
CA LYS EA 116 -78.42 28.09 30.04
C LYS EA 116 -78.13 26.84 30.84
N THR EA 117 -78.46 26.89 32.13
CA THR EA 117 -78.40 25.72 33.00
C THR EA 117 -79.74 24.98 32.96
N VAL EA 118 -79.68 23.68 32.72
CA VAL EA 118 -80.88 22.85 32.63
C VAL EA 118 -81.04 22.05 33.91
N GLU EA 119 -82.13 21.28 33.99
CA GLU EA 119 -82.66 20.57 35.17
C GLU EA 119 -82.67 21.43 36.43
N VAL FA 1 20.55 -3.51 67.12
CA VAL FA 1 21.67 -2.79 66.52
C VAL FA 1 21.32 -1.38 66.11
N LYS FA 2 22.33 -0.54 66.10
CA LYS FA 2 22.37 0.75 65.44
C LYS FA 2 23.20 0.59 64.18
N PRO FA 3 22.86 1.28 63.10
CA PRO FA 3 23.60 1.08 61.85
C PRO FA 3 24.96 1.74 61.86
N THR FA 4 25.84 1.21 61.03
CA THR FA 4 27.08 1.90 60.76
C THR FA 4 26.80 3.11 59.88
N VAL FA 5 27.56 4.16 60.09
CA VAL FA 5 27.25 5.44 59.48
C VAL FA 5 28.28 5.74 58.40
N SER FA 6 27.94 6.74 57.57
CA SER FA 6 28.75 7.18 56.45
C SER FA 6 28.30 8.60 56.12
N LYS FA 7 28.68 9.07 54.94
CA LYS FA 7 28.27 10.40 54.50
C LYS FA 7 26.78 10.41 54.15
N ALA FA 8 26.25 11.61 53.97
CA ALA FA 8 24.82 11.79 53.77
C ALA FA 8 24.38 11.30 52.39
N ILE FA 9 23.17 10.77 52.34
CA ILE FA 9 22.66 10.09 51.14
C ILE FA 9 22.32 11.15 50.11
N VAL FA 10 23.07 11.17 49.01
CA VAL FA 10 22.95 12.27 48.06
C VAL FA 10 21.74 12.09 47.17
N LYS FA 11 21.67 10.97 46.43
CA LYS FA 11 20.58 10.65 45.50
C LYS FA 11 20.45 11.74 44.43
N LYS FA 12 21.40 11.73 43.49
CA LYS FA 12 21.42 12.52 42.27
C LYS FA 12 20.06 12.77 41.63
N ARG FA 13 19.24 11.74 41.54
CA ARG FA 13 17.87 11.90 41.08
C ARG FA 13 16.98 11.02 41.94
N THR FA 14 15.90 11.60 42.45
CA THR FA 14 14.86 10.81 43.09
C THR FA 14 13.66 10.60 42.20
N LYS FA 15 13.49 11.43 41.19
CA LYS FA 15 12.43 11.28 40.21
C LYS FA 15 12.65 10.01 39.39
N ARG FA 16 11.58 9.28 39.16
CA ARG FA 16 11.61 8.07 38.35
C ARG FA 16 11.84 8.42 36.88
N PHE FA 17 12.67 7.62 36.21
CA PHE FA 17 12.81 7.69 34.75
C PHE FA 17 11.63 6.95 34.14
N THR FA 18 10.55 7.68 33.88
CA THR FA 18 9.37 7.07 33.31
C THR FA 18 9.44 7.10 31.79
N ARG FA 19 8.49 6.40 31.17
CA ARG FA 19 8.47 6.28 29.72
CA ARG FA 19 8.49 6.28 29.72
C ARG FA 19 8.07 7.60 29.06
N HIS FA 20 8.50 7.78 27.81
CA HIS FA 20 8.06 8.92 27.05
C HIS FA 20 6.62 8.77 26.61
N ARG FA 21 5.81 9.73 27.03
CA ARG FA 21 4.45 9.98 26.56
C ARG FA 21 3.55 8.80 26.91
N TYR FA 22 3.72 8.29 28.14
CA TYR FA 22 2.97 7.13 28.59
C TYR FA 22 1.64 7.55 29.21
N GLU FA 23 1.55 8.79 29.69
CA GLU FA 23 0.38 9.26 30.42
C GLU FA 23 -0.85 9.33 29.52
N LEU FA 24 -0.64 9.48 28.22
CA LEU FA 24 -1.68 9.61 27.24
C LEU FA 24 -2.27 8.27 26.83
N PHE FA 25 -1.63 7.16 27.18
CA PHE FA 25 -2.02 5.84 26.71
C PHE FA 25 -2.14 4.91 27.92
N PRO FA 26 -3.32 4.39 28.22
CA PRO FA 26 -3.45 3.43 29.33
C PRO FA 26 -2.72 2.11 29.15
N GLN FA 27 -2.36 1.71 27.92
CA GLN FA 27 -1.52 0.54 27.74
C GLN FA 27 -0.13 0.73 28.31
N LEU FA 28 0.45 1.91 28.08
CA LEU FA 28 1.89 2.06 28.23
C LEU FA 28 2.26 2.11 29.70
N SER FA 29 3.17 1.22 30.09
CA SER FA 29 3.68 1.20 31.44
C SER FA 29 4.57 2.40 31.68
N SER FA 30 4.84 2.67 32.96
CA SER FA 30 5.78 3.72 33.31
C SER FA 30 7.21 3.23 33.33
N SER FA 31 7.46 1.97 33.03
CA SER FA 31 8.82 1.45 33.01
C SER FA 31 9.55 2.03 31.82
N TRP FA 32 10.83 2.30 31.99
CA TRP FA 32 11.60 2.97 30.96
C TRP FA 32 11.82 2.09 29.74
N ARG FA 33 11.44 2.62 28.57
CA ARG FA 33 11.79 2.09 27.28
C ARG FA 33 12.55 3.14 26.50
N LYS FA 34 13.65 2.76 25.89
CA LYS FA 34 14.49 3.74 25.23
C LYS FA 34 13.90 4.11 23.87
N PRO FA 35 13.84 5.40 23.52
CA PRO FA 35 13.37 5.81 22.19
C PRO FA 35 14.36 5.40 21.10
N ARG FA 36 13.86 4.70 20.10
CA ARG FA 36 14.58 4.50 18.85
C ARG FA 36 13.99 5.35 17.73
N GLY FA 37 13.17 6.33 18.06
CA GLY FA 37 12.53 7.12 17.04
C GLY FA 37 13.50 8.07 16.38
N GLU FA 38 13.40 8.17 15.06
CA GLU FA 38 14.34 8.97 14.30
C GLU FA 38 14.09 10.46 14.43
N ASP FA 39 12.88 10.86 14.83
CA ASP FA 39 12.53 12.25 15.05
C ASP FA 39 12.02 12.47 16.46
N SER FA 40 12.40 11.61 17.38
CA SER FA 40 11.93 11.65 18.76
C SER FA 40 12.58 12.81 19.51
N PRO FA 41 11.80 13.65 20.20
CA PRO FA 41 12.40 14.76 20.94
C PRO FA 41 13.12 14.34 22.20
N VAL FA 42 12.76 13.21 22.79
CA VAL FA 42 13.49 12.73 23.96
C VAL FA 42 14.81 12.13 23.55
N ARG FA 43 14.84 11.45 22.41
CA ARG FA 43 16.04 10.78 21.94
C ARG FA 43 17.06 11.78 21.40
N ARG FA 44 16.58 12.82 20.74
CA ARG FA 44 17.41 13.89 20.19
C ARG FA 44 17.80 14.92 21.22
N ARG FA 45 17.35 14.74 22.47
CA ARG FA 45 17.78 15.49 23.66
C ARG FA 45 17.44 16.97 23.54
N TYR FA 46 16.17 17.27 23.34
CA TYR FA 46 15.74 18.67 23.34
C TYR FA 46 15.75 19.24 24.75
N LYS FA 47 15.27 20.46 24.88
CA LYS FA 47 15.43 21.25 26.08
C LYS FA 47 14.35 20.97 27.12
N GLY FA 48 13.10 20.78 26.70
CA GLY FA 48 12.02 20.68 27.65
C GLY FA 48 11.52 19.27 27.89
N GLN FA 49 12.38 18.31 27.60
CA GLN FA 49 11.97 16.91 27.50
C GLN FA 49 12.39 16.13 28.74
N LYS FA 50 11.94 14.88 28.78
CA LYS FA 50 12.36 13.96 29.81
C LYS FA 50 13.81 13.58 29.61
N ALA FA 51 14.48 13.26 30.71
CA ALA FA 51 15.85 12.78 30.65
C ALA FA 51 15.86 11.28 30.37
N MET FA 52 17.06 10.76 30.15
CA MET FA 52 17.28 9.37 29.82
C MET FA 52 18.29 8.78 30.80
N PRO FA 53 18.12 7.52 31.21
CA PRO FA 53 19.07 6.91 32.15
C PRO FA 53 20.46 6.78 31.56
N ASN FA 54 21.45 6.97 32.42
CA ASN FA 54 22.79 7.31 31.98
C ASN FA 54 23.73 6.86 33.08
N LYS FA 55 25.00 6.64 32.74
CA LYS FA 55 25.96 6.22 33.75
C LYS FA 55 26.25 7.32 34.75
N GLY FA 56 26.04 8.58 34.38
CA GLY FA 56 26.32 9.68 35.28
C GLY FA 56 25.35 9.78 36.43
N TYR FA 57 24.12 9.27 36.24
CA TYR FA 57 23.12 9.28 37.30
C TYR FA 57 23.38 8.26 38.40
N GLY FA 58 24.40 7.41 38.25
CA GLY FA 58 24.65 6.34 39.18
C GLY FA 58 25.01 6.83 40.57
N SER FA 59 24.83 5.93 41.53
CA SER FA 59 24.80 6.30 42.93
C SER FA 59 26.17 6.11 43.56
N ASP FA 60 26.48 6.98 44.53
CA ASP FA 60 27.70 6.96 45.32
C ASP FA 60 27.92 5.60 45.96
N ARG FA 61 29.03 4.95 45.60
CA ARG FA 61 29.21 3.53 45.91
C ARG FA 61 29.47 3.30 47.37
N ALA FA 62 29.97 4.30 48.09
CA ALA FA 62 30.13 4.18 49.53
C ALA FA 62 28.78 4.11 50.23
N THR FA 63 27.75 4.73 49.64
CA THR FA 63 26.43 4.78 50.25
C THR FA 63 25.36 4.12 49.40
N LYS FA 64 25.75 3.39 48.36
CA LYS FA 64 24.79 2.75 47.49
C LYS FA 64 24.17 1.54 48.19
N TYR FA 65 22.89 1.28 47.89
CA TYR FA 65 22.02 0.17 48.27
C TYR FA 65 21.50 0.24 49.69
N ILE FA 66 21.87 1.21 50.47
CA ILE FA 66 21.46 1.19 51.86
C ILE FA 66 20.11 1.88 51.96
N THR FA 67 19.28 1.36 52.85
CA THR FA 67 17.91 1.79 53.05
C THR FA 67 17.91 3.01 53.97
N PRO FA 68 16.78 3.73 54.14
CA PRO FA 68 16.83 4.97 54.96
C PRO FA 68 17.09 4.75 56.43
N SER FA 69 17.08 3.52 56.93
CA SER FA 69 17.46 3.28 58.30
C SER FA 69 18.97 3.28 58.49
N GLY FA 70 19.73 3.06 57.43
CA GLY FA 70 21.16 2.90 57.51
C GLY FA 70 21.63 1.50 57.28
N PHE FA 71 20.76 0.64 56.78
CA PHE FA 71 20.96 -0.78 56.67
C PHE FA 71 20.81 -1.23 55.24
N ARG FA 72 21.70 -2.12 54.82
CA ARG FA 72 21.44 -2.97 53.67
C ARG FA 72 20.44 -4.05 54.07
N SER FA 73 19.79 -4.64 53.07
CA SER FA 73 18.69 -5.55 53.32
C SER FA 73 19.01 -6.94 52.79
N PHE FA 74 18.90 -7.94 53.65
CA PHE FA 74 19.15 -9.33 53.28
C PHE FA 74 17.86 -10.11 53.48
N PRO FA 75 17.25 -10.68 52.44
CA PRO FA 75 15.99 -11.40 52.62
C PRO FA 75 16.17 -12.75 53.30
N ILE FA 76 15.40 -12.98 54.36
CA ILE FA 76 15.46 -14.25 55.09
C ILE FA 76 14.11 -14.95 54.99
N ASN FA 77 14.14 -16.26 55.18
CA ASN FA 77 12.99 -17.11 54.99
C ASN FA 77 12.65 -17.98 56.19
N ASN FA 78 13.56 -18.13 57.14
CA ASN FA 78 13.35 -18.96 58.33
C ASN FA 78 14.30 -18.46 59.43
N VAL FA 79 14.42 -19.25 60.50
CA VAL FA 79 15.13 -18.80 61.70
C VAL FA 79 16.64 -18.95 61.53
N GLU FA 80 17.08 -19.99 60.83
CA GLU FA 80 18.50 -20.25 60.64
C GLU FA 80 19.19 -19.21 59.79
N ASP FA 81 18.44 -18.39 59.05
CA ASP FA 81 19.03 -17.32 58.28
C ASP FA 81 19.30 -16.08 59.11
N LEU FA 82 18.85 -16.05 60.37
CA LEU FA 82 19.29 -14.99 61.28
C LEU FA 82 20.72 -15.19 61.71
N TYR FA 83 21.21 -16.43 61.66
CA TYR FA 83 22.53 -16.78 62.13
C TYR FA 83 23.63 -16.30 61.20
N MET FA 84 23.31 -15.98 59.94
CA MET FA 84 24.28 -15.36 59.06
C MET FA 84 24.49 -13.89 59.41
N LEU FA 85 23.50 -13.23 59.99
CA LEU FA 85 23.52 -11.80 60.23
C LEU FA 85 23.94 -11.47 61.65
N VAL FA 86 24.77 -12.30 62.25
CA VAL FA 86 25.21 -12.08 63.62
C VAL FA 86 26.47 -11.23 63.68
N MET FA 87 27.46 -11.55 62.86
CA MET FA 87 28.62 -10.69 62.76
C MET FA 87 28.37 -9.53 61.82
N GLN FA 88 27.72 -9.83 60.69
CA GLN FA 88 27.30 -8.83 59.71
C GLN FA 88 25.98 -8.26 60.19
N ASN FA 89 26.05 -7.43 61.21
CA ASN FA 89 24.86 -7.08 61.99
C ASN FA 89 24.56 -5.59 61.95
N ARG FA 90 25.58 -4.75 61.98
CA ARG FA 90 25.39 -3.33 61.82
C ARG FA 90 25.44 -2.90 60.37
N LYS FA 91 25.59 -3.85 59.45
CA LYS FA 91 25.56 -3.58 58.03
C LYS FA 91 24.30 -4.06 57.35
N TYR FA 92 23.80 -5.23 57.72
CA TYR FA 92 22.65 -5.84 57.05
C TYR FA 92 21.45 -5.90 57.98
N ALA FA 93 20.27 -5.95 57.36
CA ALA FA 93 19.00 -6.04 58.06
C ALA FA 93 18.16 -7.13 57.42
N GLY FA 94 17.38 -7.81 58.25
CA GLY FA 94 16.57 -8.89 57.75
C GLY FA 94 15.29 -8.38 57.09
N VAL FA 95 14.91 -9.02 56.00
CA VAL FA 95 13.65 -8.75 55.32
C VAL FA 95 12.94 -10.09 55.27
N ILE FA 96 11.96 -10.31 56.15
CA ILE FA 96 11.20 -11.55 56.12
C ILE FA 96 10.38 -11.56 54.84
N SER FA 97 10.47 -12.66 54.09
CA SER FA 97 9.80 -12.76 52.80
C SER FA 97 8.28 -12.74 52.97
N HIS FA 98 7.61 -12.31 51.90
CA HIS FA 98 6.16 -12.11 51.93
C HIS FA 98 5.42 -13.42 52.15
N THR FA 99 5.88 -14.49 51.51
CA THR FA 99 5.20 -15.77 51.60
C THR FA 99 5.49 -16.51 52.89
N VAL FA 100 6.28 -15.95 53.81
CA VAL FA 100 6.48 -16.57 55.11
C VAL FA 100 5.24 -16.33 55.95
N GLY FA 101 4.68 -17.41 56.48
CA GLY FA 101 3.40 -17.34 57.15
C GLY FA 101 3.45 -16.62 58.47
N ALA FA 102 2.27 -16.40 59.04
CA ALA FA 102 2.17 -15.68 60.31
C ALA FA 102 2.66 -16.51 61.48
N ARG FA 103 2.73 -17.82 61.32
CA ARG FA 103 3.17 -18.71 62.38
C ARG FA 103 4.70 -18.72 62.52
N LYS FA 104 5.41 -18.69 61.39
CA LYS FA 104 6.86 -18.71 61.39
C LYS FA 104 7.47 -17.33 61.61
N ARG FA 105 6.69 -16.26 61.52
CA ARG FA 105 7.21 -14.93 61.82
C ARG FA 105 7.32 -14.68 63.31
N LYS FA 106 6.67 -15.50 64.14
CA LYS FA 106 6.87 -15.40 65.57
C LYS FA 106 8.22 -15.92 65.97
N ALA FA 107 8.61 -17.07 65.42
CA ALA FA 107 9.91 -17.66 65.72
C ALA FA 107 11.05 -16.78 65.22
N ILE FA 108 10.84 -16.08 64.12
CA ILE FA 108 11.89 -15.21 63.60
C ILE FA 108 11.96 -13.93 64.41
N ALA FA 109 10.82 -13.36 64.78
CA ALA FA 109 10.84 -12.09 65.51
C ALA FA 109 11.22 -12.24 66.98
N ARG FA 110 11.03 -13.42 67.59
CA ARG FA 110 11.55 -13.63 68.92
C ARG FA 110 13.06 -13.65 68.93
N LYS FA 111 13.66 -14.42 68.04
CA LYS FA 111 15.10 -14.59 68.08
C LYS FA 111 15.84 -13.37 67.57
N ALA FA 112 15.26 -12.64 66.62
CA ALA FA 112 15.87 -11.40 66.15
C ALA FA 112 15.87 -10.30 67.19
N MET FA 113 15.17 -10.45 68.31
CA MET FA 113 15.42 -9.58 69.45
C MET FA 113 16.47 -10.17 70.38
N GLU FA 114 16.42 -11.48 70.60
CA GLU FA 114 17.44 -12.19 71.39
C GLU FA 114 18.81 -12.00 70.78
N LEU FA 115 18.92 -12.31 69.50
CA LEU FA 115 20.17 -12.30 68.76
C LEU FA 115 20.54 -10.91 68.26
N ASP FA 116 19.63 -9.94 68.41
CA ASP FA 116 19.82 -8.52 68.14
C ASP FA 116 20.17 -8.27 66.66
N VAL FA 117 19.24 -8.68 65.80
CA VAL FA 117 19.37 -8.54 64.36
C VAL FA 117 18.17 -7.75 63.87
N ARG FA 118 18.43 -6.64 63.20
CA ARG FA 118 17.37 -5.76 62.74
C ARG FA 118 16.55 -6.42 61.65
N LEU FA 119 15.24 -6.47 61.84
CA LEU FA 119 14.33 -6.88 60.79
C LEU FA 119 13.72 -5.64 60.15
N ALA FA 120 13.73 -5.59 58.83
CA ALA FA 120 13.16 -4.44 58.13
C ALA FA 120 11.65 -4.45 58.12
N ASN FA 121 11.01 -5.60 58.34
CA ASN FA 121 9.56 -5.71 58.31
C ASN FA 121 9.07 -6.58 59.47
N GLY FA 122 9.58 -6.34 60.66
CA GLY FA 122 9.12 -7.13 61.79
C GLY FA 122 9.55 -6.61 63.15
N ASN FA 123 8.60 -6.67 64.10
CA ASN FA 123 8.81 -6.35 65.51
C ASN FA 123 9.31 -4.92 65.72
N ALA FA 124 8.76 -3.98 64.93
CA ALA FA 124 9.11 -2.58 65.13
C ALA FA 124 8.42 -1.98 66.33
N LYS FA 125 7.32 -2.57 66.78
CA LYS FA 125 6.66 -2.15 68.02
C LYS FA 125 7.50 -2.53 69.22
N LEU FA 126 8.09 -3.74 69.21
CA LEU FA 126 8.83 -4.23 70.35
C LEU FA 126 10.23 -3.63 70.43
N ARG FA 127 10.84 -3.31 69.29
CA ARG FA 127 12.13 -2.66 69.27
C ARG FA 127 12.06 -1.22 69.77
N LYS FA 128 10.86 -0.65 69.82
CA LYS FA 128 10.69 0.72 70.30
C LYS FA 128 10.82 0.84 71.81
N ILE FA 129 10.47 -0.21 72.57
CA ILE FA 129 10.61 -0.15 74.02
C ILE FA 129 12.07 -0.25 74.40
N ALA FA 130 12.69 -1.39 74.10
CA ALA FA 130 14.09 -1.63 74.43
C ALA FA 130 15.01 -1.01 73.39
N LYS GA 1 -6.08 70.66 71.76
CA LYS GA 1 -6.41 71.94 71.13
C LYS GA 1 -5.19 72.56 70.49
N THR GA 2 -4.01 72.00 70.78
CA THR GA 2 -2.75 72.53 70.31
C THR GA 2 -2.21 71.69 69.17
N SER GA 3 -1.04 72.08 68.66
CA SER GA 3 -0.41 71.43 67.51
C SER GA 3 0.55 70.36 68.01
N ARG GA 4 0.04 69.13 68.10
CA ARG GA 4 0.79 67.97 68.58
C ARG GA 4 0.94 66.97 67.45
N VAL GA 5 2.18 66.72 67.04
CA VAL GA 5 2.43 65.90 65.86
C VAL GA 5 2.31 64.43 66.20
N ASN GA 6 2.29 63.59 65.18
CA ASN GA 6 2.41 62.15 65.34
C ASN GA 6 3.90 61.79 65.41
N ARG GA 7 4.23 60.73 66.15
CA ARG GA 7 5.63 60.54 66.53
C ARG GA 7 6.27 59.19 66.21
N ASN GA 8 5.52 58.17 65.80
CA ASN GA 8 6.07 56.88 65.33
C ASN GA 8 6.99 56.22 66.35
N ARG GA 9 6.44 55.99 67.53
CA ARG GA 9 7.17 55.34 68.61
C ARG GA 9 6.76 53.88 68.70
N LYS GA 10 6.65 53.28 67.52
CA LYS GA 10 6.34 51.87 67.32
C LYS GA 10 7.54 51.01 67.69
N ALA GA 11 7.46 49.72 67.40
CA ALA GA 11 8.65 48.91 67.40
C ALA GA 11 9.50 49.26 66.18
N PRO GA 12 10.82 49.26 66.30
CA PRO GA 12 11.67 49.65 65.17
C PRO GA 12 11.76 48.57 64.11
N ARG GA 13 12.05 49.00 62.88
CA ARG GA 13 12.48 48.08 61.84
C ARG GA 13 13.99 48.18 61.66
N LEU GA 14 14.64 47.02 61.73
CA LEU GA 14 16.07 46.90 61.56
C LEU GA 14 16.40 46.24 60.24
N TYR GA 15 15.48 46.27 59.29
CA TYR GA 15 15.70 45.70 57.99
C TYR GA 15 15.55 46.75 56.90
N MET GA 16 16.09 46.42 55.74
CA MET GA 16 15.94 47.21 54.52
C MET GA 16 14.87 46.58 53.65
N LYS GA 17 13.93 47.41 53.16
CA LYS GA 17 12.88 46.89 52.30
C LYS GA 17 13.42 46.64 50.90
N GLY GA 18 13.24 45.41 50.41
CA GLY GA 18 13.61 45.05 49.07
C GLY GA 18 12.48 44.32 48.37
N THR GA 19 12.70 44.04 47.10
CA THR GA 19 11.70 43.41 46.25
C THR GA 19 12.35 42.23 45.56
N LEU GA 20 11.70 41.07 45.56
CA LEU GA 20 12.13 40.00 44.69
C LEU GA 20 11.85 40.39 43.25
N ALA GA 21 12.90 40.76 42.51
CA ALA GA 21 12.72 41.10 41.11
C ALA GA 21 12.40 39.86 40.29
N GLY GA 22 13.16 38.79 40.49
CA GLY GA 22 12.95 37.57 39.76
C GLY GA 22 14.08 36.63 40.04
N TYR GA 23 14.56 35.94 39.03
CA TYR GA 23 15.69 35.03 39.16
C TYR GA 23 16.80 35.47 38.23
N THR GA 24 17.97 34.85 38.37
CA THR GA 24 18.91 34.88 37.26
C THR GA 24 18.30 34.18 36.07
N ARG GA 25 18.47 34.77 34.91
CA ARG GA 25 17.96 34.18 33.68
C ARG GA 25 18.78 34.74 32.53
N GLY GA 26 18.63 34.10 31.37
CA GLY GA 26 19.15 34.67 30.15
C GLY GA 26 17.98 34.86 29.22
N LEU GA 27 18.20 34.71 27.92
CA LEU GA 27 17.06 34.57 27.02
C LEU GA 27 16.47 33.18 27.06
N HIS GA 28 17.25 32.20 27.48
CA HIS GA 28 16.88 30.81 27.34
C HIS GA 28 16.06 30.27 28.51
N GLY GA 29 15.86 31.06 29.55
CA GLY GA 29 15.09 30.62 30.68
C GLY GA 29 15.80 30.91 31.97
N GLN GA 30 15.17 30.47 33.05
CA GLN GA 30 15.57 30.84 34.39
C GLN GA 30 16.56 29.87 34.98
N THR GA 31 17.27 30.36 35.98
CA THR GA 31 18.03 29.54 36.91
C THR GA 31 17.44 29.87 38.27
N LYS GA 32 16.57 29.00 38.78
CA LYS GA 32 15.88 29.27 40.03
C LYS GA 32 16.77 29.06 41.25
N GLN GA 33 17.99 28.57 41.05
CA GLN GA 33 18.97 28.32 42.11
C GLN GA 33 19.29 29.58 42.90
N THR GA 34 19.22 30.74 42.26
CA THR GA 34 19.60 32.00 42.86
C THR GA 34 18.64 33.08 42.40
N ALA GA 35 18.35 34.02 43.30
CA ALA GA 35 17.32 35.03 43.09
C ALA GA 35 17.92 36.42 43.06
N LEU GA 36 17.09 37.38 42.67
CA LEU GA 36 17.48 38.76 42.44
C LEU GA 36 16.61 39.69 43.26
N VAL GA 37 17.24 40.50 44.11
CA VAL GA 37 16.52 41.35 45.04
C VAL GA 37 16.96 42.80 44.84
N ARG GA 38 16.01 43.65 44.47
CA ARG GA 38 16.19 45.09 44.36
C ARG GA 38 15.86 45.74 45.70
N VAL GA 39 16.87 46.25 46.38
CA VAL GA 39 16.72 46.85 47.70
C VAL GA 39 16.65 48.36 47.55
N GLU GA 40 15.73 48.99 48.31
CA GLU GA 40 15.52 50.43 48.23
C GLU GA 40 16.73 51.18 48.74
N ASN GA 41 17.08 52.27 48.03
CA ASN GA 41 18.21 53.18 48.22
C ASN GA 41 19.55 52.55 47.94
N VAL GA 42 19.60 51.31 47.47
CA VAL GA 42 20.82 50.66 47.01
C VAL GA 42 20.76 50.72 45.50
N ASN GA 43 21.62 51.54 44.90
CA ASN GA 43 21.55 51.78 43.46
C ASN GA 43 22.87 51.73 42.72
N THR GA 44 24.00 51.62 43.41
CA THR GA 44 25.30 51.45 42.79
C THR GA 44 25.83 50.07 43.17
N ARG GA 45 26.71 49.52 42.34
CA ARG GA 45 27.30 48.21 42.61
C ARG GA 45 28.18 48.23 43.85
N GLU GA 46 28.79 49.38 44.16
CA GLU GA 46 29.49 49.51 45.43
C GLU GA 46 28.54 49.46 46.62
N ASP GA 47 27.30 49.89 46.41
CA ASP GA 47 26.32 49.88 47.48
C ASP GA 47 25.75 48.50 47.75
N ALA GA 48 25.89 47.58 46.81
CA ALA GA 48 25.48 46.20 47.04
C ALA GA 48 26.58 45.35 47.64
N THR GA 49 27.84 45.78 47.55
CA THR GA 49 28.91 45.02 48.18
C THR GA 49 28.91 45.17 49.68
N TRP GA 50 28.26 46.22 50.21
CA TRP GA 50 28.12 46.35 51.65
C TRP GA 50 27.21 45.25 52.20
N TYR GA 51 26.19 44.91 51.44
CA TYR GA 51 25.16 43.98 51.84
C TYR GA 51 25.51 42.53 51.56
N VAL GA 52 26.68 42.25 50.99
CA VAL GA 52 27.03 40.88 50.64
C VAL GA 52 27.29 40.10 51.92
N GLY GA 53 26.48 39.09 52.17
CA GLY GA 53 26.59 38.28 53.35
C GLY GA 53 25.49 38.49 54.36
N LYS GA 54 24.68 39.52 54.19
CA LYS GA 54 23.58 39.77 55.11
C LYS GA 54 22.49 38.71 54.94
N ARG GA 55 21.66 38.57 55.96
CA ARG GA 55 20.60 37.58 55.92
C ARG GA 55 19.32 38.19 55.41
N VAL GA 56 18.55 37.39 54.69
CA VAL GA 56 17.44 37.84 53.86
C VAL GA 56 16.23 36.99 54.17
N CYS GA 57 15.06 37.61 54.25
CA CYS GA 57 13.84 36.91 54.62
C CYS GA 57 12.70 37.26 53.67
N TYR GA 58 11.90 36.26 53.31
CA TYR GA 58 10.64 36.46 52.61
C TYR GA 58 9.50 36.03 53.52
N VAL GA 59 8.78 37.00 54.06
CA VAL GA 59 7.69 36.74 54.99
C VAL GA 59 6.39 36.61 54.21
N TYR GA 60 5.63 35.57 54.52
CA TYR GA 60 4.35 35.28 53.90
C TYR GA 60 3.51 34.58 54.95
N HIS GA 61 2.37 34.04 54.54
CA HIS GA 61 1.55 33.25 55.44
C HIS GA 61 1.07 32.01 54.70
N GLY GA 62 0.58 31.05 55.46
CA GLY GA 62 0.04 29.84 54.88
C GLY GA 62 -1.45 29.86 55.03
N LYS GA 63 -2.04 28.73 55.31
CA LYS GA 63 -3.46 28.67 55.65
C LYS GA 63 -3.69 28.15 57.05
N LYS GA 64 -2.94 27.13 57.46
CA LYS GA 64 -3.01 26.57 58.80
C LYS GA 64 -1.83 27.10 59.62
N VAL GA 65 -1.98 27.03 60.94
CA VAL GA 65 -0.89 27.37 61.84
C VAL GA 65 0.04 26.17 62.01
N LYS GA 66 1.04 26.06 61.13
CA LYS GA 66 2.07 25.05 61.29
C LYS GA 66 3.09 25.54 62.30
N ARG GA 67 4.09 24.70 62.58
CA ARG GA 67 4.92 24.88 63.76
C ARG GA 67 6.15 25.74 63.44
N CYS GA 68 6.31 26.82 64.20
CA CYS GA 68 7.39 27.79 64.07
C CYS GA 68 8.45 27.53 65.15
N VAL GA 69 9.42 28.43 65.27
CA VAL GA 69 10.36 28.33 66.37
C VAL GA 69 9.76 29.00 67.60
N ARG GA 70 10.25 28.58 68.77
CA ARG GA 70 9.70 28.93 70.07
C ARG GA 70 8.20 28.65 70.15
N TRP GA 71 7.83 27.47 69.69
CA TRP GA 71 6.44 27.04 69.75
C TRP GA 71 6.01 26.78 71.17
N SER GA 72 6.86 26.11 71.95
CA SER GA 72 6.61 25.86 73.36
C SER GA 72 7.04 27.03 74.22
N LYS GA 73 8.14 27.69 73.88
CA LYS GA 73 8.70 28.72 74.74
C LYS GA 73 7.93 30.02 74.62
N ALA GA 74 7.39 30.33 73.44
CA ALA GA 74 6.68 31.58 73.20
C ALA GA 74 5.44 31.33 72.35
N PRO GA 75 4.33 30.94 72.96
CA PRO GA 75 3.13 30.64 72.19
C PRO GA 75 2.37 31.86 71.69
N ALA GA 76 2.92 33.06 71.80
CA ALA GA 76 2.31 34.26 71.24
C ALA GA 76 2.78 34.55 69.83
N ARG GA 77 3.91 33.98 69.41
CA ARG GA 77 4.34 34.11 68.03
C ARG GA 77 3.85 32.97 67.15
N ARG GA 78 2.97 32.13 67.68
CA ARG GA 78 2.34 31.09 66.87
C ARG GA 78 1.41 31.73 65.86
N SER GA 79 1.69 31.53 64.59
CA SER GA 79 0.99 32.27 63.57
C SER GA 79 0.84 31.42 62.33
N THR GA 80 0.00 31.90 61.42
CA THR GA 80 -0.04 31.39 60.06
C THR GA 80 1.15 31.90 59.25
N THR GA 81 1.85 32.90 59.78
CA THR GA 81 3.02 33.49 59.14
C THR GA 81 4.18 32.49 59.06
N ARG GA 82 4.72 32.33 57.87
CA ARG GA 82 5.95 31.57 57.69
C ARG GA 82 7.04 32.51 57.26
N ALA GA 83 8.22 31.98 56.96
CA ALA GA 83 9.35 32.77 56.47
C ALA GA 83 10.39 31.84 55.85
N LEU GA 84 10.94 32.26 54.71
CA LEU GA 84 12.09 31.63 54.08
C LEU GA 84 13.31 32.51 54.22
N TRP GA 85 14.48 31.90 54.45
CA TRP GA 85 15.69 32.64 54.76
C TRP GA 85 16.78 32.40 53.72
N GLY GA 86 17.66 33.39 53.58
CA GLY GA 86 18.72 33.35 52.59
C GLY GA 86 19.87 34.26 52.97
N ARG GA 87 20.84 34.35 52.06
CA ARG GA 87 22.01 35.22 52.20
C ARG GA 87 22.24 35.94 50.89
N VAL GA 88 22.63 37.22 50.96
CA VAL GA 88 23.12 37.91 49.77
C VAL GA 88 24.49 37.35 49.42
N THR GA 89 24.64 36.87 48.19
CA THR GA 89 25.89 36.23 47.78
C THR GA 89 26.83 37.15 47.04
N ARG GA 90 26.34 38.00 46.15
CA ARG GA 90 27.16 38.85 45.29
C ARG GA 90 26.27 39.93 44.69
N PRO GA 91 26.85 41.04 44.23
CA PRO GA 91 26.06 42.01 43.48
C PRO GA 91 25.70 41.48 42.10
N HIS GA 92 24.73 42.15 41.47
CA HIS GA 92 24.23 41.74 40.15
C HIS GA 92 24.04 42.97 39.28
N GLY GA 93 25.04 43.29 38.48
CA GLY GA 93 24.96 44.45 37.62
C GLY GA 93 25.45 45.71 38.30
N ASN GA 94 25.49 46.79 37.52
CA ASN GA 94 25.94 48.07 38.04
C ASN GA 94 24.89 48.79 38.89
N ALA GA 95 23.63 48.40 38.81
CA ALA GA 95 22.55 49.21 39.37
C ALA GA 95 22.15 48.82 40.78
N GLY GA 96 23.01 48.11 41.49
CA GLY GA 96 22.77 47.89 42.90
C GLY GA 96 21.80 46.78 43.24
N MET GA 97 21.63 45.81 42.35
CA MET GA 97 20.85 44.65 42.72
C MET GA 97 21.75 43.56 43.27
N MET GA 98 21.14 42.68 44.05
CA MET GA 98 21.85 41.68 44.80
C MET GA 98 21.47 40.32 44.25
N ARG GA 99 22.33 39.35 44.49
CA ARG GA 99 22.07 38.01 44.00
C ARG GA 99 22.03 37.12 45.22
N VAL GA 100 20.83 36.75 45.67
CA VAL GA 100 20.68 36.05 46.93
C VAL GA 100 20.40 34.58 46.65
N LYS GA 101 20.69 33.74 47.63
CA LYS GA 101 20.35 32.32 47.58
C LYS GA 101 19.67 31.94 48.87
N PHE GA 102 18.52 31.29 48.78
CA PHE GA 102 17.85 30.91 49.99
C PHE GA 102 18.37 29.58 50.50
N ASN GA 103 18.12 29.32 51.78
CA ASN GA 103 18.74 28.19 52.47
C ASN GA 103 18.10 26.88 52.03
N GLY GA 104 18.86 26.04 51.34
CA GLY GA 104 18.47 24.68 51.06
C GLY GA 104 17.43 24.51 49.97
N ALA GA 105 16.84 25.59 49.49
CA ALA GA 105 15.75 25.54 48.53
C ALA GA 105 15.87 26.77 47.65
N SER GA 106 14.78 27.13 46.99
CA SER GA 106 14.67 28.38 46.29
C SER GA 106 13.48 29.16 46.82
N VAL GA 107 13.48 30.45 46.54
CA VAL GA 107 12.33 31.30 46.88
C VAL GA 107 11.15 30.87 46.00
N PRO GA 108 9.92 30.87 46.51
CA PRO GA 108 8.80 30.54 45.65
C PRO GA 108 8.61 31.60 44.58
N ALA GA 109 8.08 31.18 43.44
CA ALA GA 109 7.86 32.12 42.36
C ALA GA 109 6.66 33.00 42.60
N SER GA 110 5.84 32.69 43.60
CA SER GA 110 4.79 33.59 44.05
C SER GA 110 5.37 34.86 44.64
N ALA GA 111 6.60 34.83 45.13
CA ALA GA 111 7.24 35.95 45.80
C ALA GA 111 7.74 37.03 44.87
N ILE GA 112 7.59 36.85 43.56
CA ILE GA 112 8.18 37.78 42.59
C ILE GA 112 7.34 39.04 42.56
N GLY GA 113 7.97 40.17 42.87
CA GLY GA 113 7.27 41.41 43.05
C GLY GA 113 6.82 41.68 44.47
N ARG GA 114 6.93 40.71 45.37
CA ARG GA 114 6.50 40.87 46.75
C ARG GA 114 7.67 41.26 47.63
N ARG GA 115 7.34 41.66 48.87
CA ARG GA 115 8.30 42.28 49.76
C ARG GA 115 9.29 41.26 50.33
N ILE GA 116 10.57 41.56 50.18
CA ILE GA 116 11.65 40.84 50.84
C ILE GA 116 12.40 41.81 51.74
N ARG GA 117 12.61 41.41 52.98
CA ARG GA 117 13.39 42.18 53.94
C ARG GA 117 14.83 41.68 53.99
N VAL GA 118 15.78 42.58 53.83
CA VAL GA 118 17.19 42.24 53.99
C VAL GA 118 17.67 42.93 55.26
N TYR GA 119 18.55 42.29 55.98
CA TYR GA 119 18.87 42.70 57.34
C TYR GA 119 20.24 43.35 57.41
N LEU GA 120 20.60 43.74 58.63
CA LEU GA 120 21.87 44.38 58.89
C LEU GA 120 22.87 43.43 59.53
N TYR GA 121 22.42 42.31 60.05
CA TYR GA 121 23.27 41.24 60.52
C TYR GA 121 23.45 40.19 59.44
N PRO GA 122 24.58 39.47 59.36
CA PRO GA 122 25.84 39.50 60.13
C PRO GA 122 26.66 40.76 59.90
N SER GA 123 27.13 41.36 60.99
CA SER GA 123 27.69 42.70 60.95
C SER GA 123 29.19 42.68 60.73
N GLN GA 124 29.68 43.70 60.04
CA GLN GA 124 31.07 43.78 59.59
C GLN GA 124 31.75 45.04 60.10
N ILE GA 125 31.00 45.96 60.70
CA ILE GA 125 31.51 47.28 61.04
C ILE GA 125 31.43 47.56 62.54
N CYS HA 1 -71.39 -11.95 -11.25
CA CYS HA 1 -71.25 -11.32 -9.95
C CYS HA 1 -70.87 -12.33 -8.82
N PRO HA 2 -71.39 -13.56 -8.79
CA PRO HA 2 -70.71 -14.59 -7.99
C PRO HA 2 -69.45 -15.08 -8.68
N ARG HA 3 -68.39 -15.24 -7.91
CA ARG HA 3 -67.10 -15.67 -8.41
C ARG HA 3 -66.80 -17.07 -7.91
N VAL HA 4 -66.24 -17.89 -8.80
CA VAL HA 4 -66.16 -19.34 -8.65
C VAL HA 4 -64.71 -19.82 -8.74
N GLN HA 5 -64.48 -21.02 -8.22
CA GLN HA 5 -63.16 -21.63 -8.15
C GLN HA 5 -63.14 -22.91 -8.97
N TYR HA 6 -61.95 -23.35 -9.35
CA TYR HA 6 -61.82 -24.71 -9.85
C TYR HA 6 -61.97 -25.71 -8.72
N ARG HA 7 -62.42 -26.90 -9.08
CA ARG HA 7 -62.88 -27.87 -8.11
C ARG HA 7 -62.20 -29.22 -8.26
N ARG HA 8 -61.32 -29.40 -9.24
CA ARG HA 8 -60.85 -30.71 -9.67
C ARG HA 8 -59.35 -30.77 -9.84
N ARG HA 9 -58.61 -30.02 -9.03
CA ARG HA 9 -57.16 -30.01 -8.84
C ARG HA 9 -56.39 -29.47 -10.03
N MET HA 10 -57.04 -29.05 -11.11
CA MET HA 10 -56.38 -28.48 -12.27
C MET HA 10 -56.97 -27.11 -12.56
N HIS HA 11 -56.10 -26.15 -12.81
CA HIS HA 11 -56.44 -24.74 -12.73
C HIS HA 11 -56.01 -23.95 -13.95
N TYR HA 12 -55.99 -24.59 -15.11
CA TYR HA 12 -55.52 -23.96 -16.34
C TYR HA 12 -56.60 -24.11 -17.40
N ALA HA 13 -56.81 -23.06 -18.18
CA ALA HA 13 -57.89 -23.03 -19.15
C ALA HA 13 -57.41 -23.63 -20.48
N THR HA 14 -57.28 -24.94 -20.47
CA THR HA 14 -56.91 -25.68 -21.67
C THR HA 14 -58.19 -26.18 -22.35
N ARG HA 15 -58.05 -26.81 -23.51
CA ARG HA 15 -59.21 -27.37 -24.19
C ARG HA 15 -59.75 -28.60 -23.49
N GLY HA 16 -58.93 -29.29 -22.71
CA GLY HA 16 -59.41 -30.41 -21.94
C GLY HA 16 -60.21 -29.99 -20.73
N ASN HA 17 -59.95 -28.78 -20.20
CA ASN HA 17 -60.55 -28.40 -18.93
C ASN HA 17 -61.96 -27.83 -19.14
N ARG HA 18 -62.06 -26.64 -19.77
CA ARG HA 18 -63.31 -26.02 -20.26
C ARG HA 18 -64.52 -26.09 -19.33
N MET HA 19 -64.57 -25.28 -18.30
CA MET HA 19 -65.57 -25.47 -17.27
C MET HA 19 -66.91 -24.81 -17.65
N LYS HA 20 -67.98 -25.18 -16.92
CA LYS HA 20 -69.34 -25.02 -17.45
C LYS HA 20 -70.23 -24.07 -16.63
N MET HA 21 -69.88 -23.69 -15.39
CA MET HA 21 -70.54 -22.59 -14.65
C MET HA 21 -72.03 -22.80 -14.39
N VAL HA 22 -72.43 -23.68 -13.45
CA VAL HA 22 -73.84 -24.02 -13.27
C VAL HA 22 -74.32 -23.68 -11.86
N ARG HA 23 -75.62 -23.38 -11.75
CA ARG HA 23 -76.34 -23.02 -10.53
C ARG HA 23 -77.01 -24.25 -9.93
N THR HA 24 -76.85 -24.46 -8.63
CA THR HA 24 -77.19 -25.70 -7.94
C THR HA 24 -78.53 -25.57 -7.24
N PRO HA 25 -79.11 -26.67 -6.74
CA PRO HA 25 -80.28 -26.54 -5.85
C PRO HA 25 -80.03 -25.83 -4.53
N GLY HA 26 -78.80 -25.65 -4.10
CA GLY HA 26 -78.54 -24.87 -2.91
C GLY HA 26 -78.30 -23.41 -3.21
N ASN HA 27 -78.61 -23.01 -4.45
CA ASN HA 27 -78.55 -21.63 -4.94
C ASN HA 27 -77.14 -21.06 -4.83
N LYS HA 28 -76.21 -21.74 -5.51
CA LYS HA 28 -74.83 -21.27 -5.62
C LYS HA 28 -74.30 -21.65 -6.99
N LEU HA 29 -73.47 -20.81 -7.57
CA LEU HA 29 -72.76 -21.24 -8.77
C LEU HA 29 -71.60 -22.13 -8.37
N VAL HA 30 -71.56 -23.31 -8.98
CA VAL HA 30 -70.37 -24.13 -8.94
C VAL HA 30 -69.80 -24.14 -10.35
N MET HA 31 -68.73 -24.87 -10.53
CA MET HA 31 -67.94 -24.87 -11.76
C MET HA 31 -67.81 -26.32 -12.18
N GLN HA 32 -68.68 -26.79 -13.07
CA GLN HA 32 -68.60 -28.16 -13.55
C GLN HA 32 -67.82 -28.24 -14.85
N LYS HA 33 -67.38 -29.44 -15.19
CA LYS HA 33 -66.48 -29.67 -16.31
C LYS HA 33 -67.24 -30.16 -17.54
N ARG HA 34 -66.94 -29.55 -18.67
CA ARG HA 34 -67.49 -29.99 -19.96
CA ARG HA 34 -67.49 -30.00 -19.94
C ARG HA 34 -66.66 -31.16 -20.46
N ALA HA 35 -67.32 -32.19 -20.96
CA ALA HA 35 -66.62 -33.29 -21.59
C ALA HA 35 -66.05 -32.84 -22.93
N LYS HA 36 -64.88 -33.38 -23.27
CA LYS HA 36 -64.37 -33.21 -24.62
C LYS HA 36 -65.28 -33.94 -25.59
N ARG HA 37 -65.38 -33.42 -26.80
CA ARG HA 37 -66.23 -34.02 -27.81
C ARG HA 37 -65.38 -34.73 -28.85
N SER HA 38 -66.03 -35.55 -29.67
CA SER HA 38 -65.39 -36.22 -30.77
C SER HA 38 -65.77 -35.48 -32.05
N GLN HA 39 -64.89 -35.55 -33.05
CA GLN HA 39 -65.22 -34.99 -34.35
C GLN HA 39 -66.26 -35.81 -35.07
N GLY HA 40 -66.45 -37.07 -34.69
CA GLY HA 40 -67.36 -37.97 -35.34
C GLY HA 40 -66.64 -38.89 -36.29
N ILE HA 41 -67.36 -39.90 -36.74
CA ILE HA 41 -66.84 -40.88 -37.68
C ILE HA 41 -66.71 -40.23 -39.05
N HIS HA 42 -65.57 -40.43 -39.71
CA HIS HA 42 -65.28 -39.77 -40.96
C HIS HA 42 -64.95 -40.76 -42.08
N THR HA 43 -65.14 -40.28 -43.30
CA THR HA 43 -64.64 -40.80 -44.56
C THR HA 43 -63.12 -40.65 -44.55
N PRO HA 44 -62.34 -41.50 -45.25
CA PRO HA 44 -60.89 -41.35 -45.24
C PRO HA 44 -60.39 -40.00 -45.74
N TRP HA 45 -59.22 -39.60 -45.21
CA TRP HA 45 -58.60 -38.33 -45.56
C TRP HA 45 -58.32 -38.23 -47.04
N VAL HA 46 -57.93 -39.35 -47.66
CA VAL HA 46 -57.60 -39.34 -49.08
C VAL HA 46 -58.82 -39.40 -49.98
N LEU HA 47 -60.02 -39.50 -49.41
CA LEU HA 47 -61.24 -39.44 -50.20
C LEU HA 47 -62.04 -38.18 -49.90
N GLY HA 48 -61.44 -37.21 -49.22
CA GLY HA 48 -62.16 -36.06 -48.75
C GLY HA 48 -62.65 -36.34 -47.35
N HIS HA 49 -62.06 -35.70 -46.36
CA HIS HA 49 -62.28 -36.04 -44.95
C HIS HA 49 -63.65 -35.51 -44.53
N LYS HA 50 -64.68 -36.28 -44.90
CA LYS HA 50 -66.07 -35.86 -44.73
C LYS HA 50 -66.76 -36.71 -43.70
N ARG HA 51 -67.74 -36.11 -43.05
CA ARG HA 51 -68.46 -36.76 -41.96
C ARG HA 51 -69.48 -37.75 -42.52
N LEU HA 52 -69.45 -38.99 -42.04
CA LEU HA 52 -70.41 -39.98 -42.50
C LEU HA 52 -71.80 -39.72 -41.95
N GLY HA 53 -72.80 -40.15 -42.71
CA GLY HA 53 -74.18 -40.00 -42.32
C GLY HA 53 -74.72 -41.29 -41.72
N GLY HA 54 -75.61 -41.14 -40.75
CA GLY HA 54 -76.12 -42.27 -40.02
C GLY HA 54 -75.22 -42.78 -38.92
N THR HA 55 -74.08 -42.13 -38.71
CA THR HA 55 -73.11 -42.48 -37.69
C THR HA 55 -72.98 -41.31 -36.74
N LYS HA 56 -72.87 -41.60 -35.44
CA LYS HA 56 -72.88 -40.57 -34.42
C LYS HA 56 -71.48 -40.27 -33.93
N ALA HA 57 -71.32 -39.06 -33.38
CA ALA HA 57 -70.04 -38.61 -32.83
C ALA HA 57 -69.96 -39.07 -31.38
N LEU HA 58 -69.22 -40.15 -31.15
CA LEU HA 58 -69.10 -40.77 -29.84
C LEU HA 58 -67.63 -40.87 -29.49
N ARG HA 59 -67.25 -40.43 -28.29
CA ARG HA 59 -65.83 -40.20 -28.06
C ARG HA 59 -65.00 -41.42 -27.72
N HIS HA 60 -65.08 -41.95 -26.49
CA HIS HA 60 -64.13 -42.98 -26.06
C HIS HA 60 -64.77 -44.15 -25.34
N ILE HA 61 -65.72 -43.89 -24.45
CA ILE HA 61 -66.47 -44.99 -23.85
C ILE HA 61 -67.92 -44.93 -24.24
N ASP HA 62 -68.41 -43.77 -24.67
CA ASP HA 62 -69.69 -43.73 -25.34
C ASP HA 62 -69.62 -44.31 -26.74
N ALA HA 63 -68.42 -44.40 -27.32
CA ALA HA 63 -68.21 -45.20 -28.51
C ALA HA 63 -67.99 -46.67 -28.17
N ARG HA 64 -67.71 -46.97 -26.92
CA ARG HA 64 -67.41 -48.34 -26.54
C ARG HA 64 -68.64 -49.04 -25.95
N LEU HA 65 -69.46 -48.30 -25.21
CA LEU HA 65 -70.68 -48.84 -24.61
C LEU HA 65 -71.87 -48.79 -25.55
N ALA HA 66 -71.74 -48.20 -26.73
CA ALA HA 66 -72.86 -48.07 -27.64
C ALA HA 66 -73.02 -49.32 -28.51
N SER HA 67 -74.22 -49.47 -29.07
CA SER HA 67 -74.47 -50.50 -30.05
C SER HA 67 -73.71 -50.20 -31.34
N ARG HA 68 -73.63 -51.22 -32.19
CA ARG HA 68 -72.90 -51.10 -33.44
C ARG HA 68 -73.64 -50.22 -34.44
N HIS HA 69 -74.94 -50.01 -34.24
CA HIS HA 69 -75.78 -49.31 -35.18
C HIS HA 69 -75.65 -47.81 -35.11
N GLU HA 70 -75.17 -47.26 -33.99
CA GLU HA 70 -74.90 -45.83 -33.94
C GLU HA 70 -73.58 -45.48 -34.59
N LYS HA 71 -72.83 -46.48 -35.04
CA LYS HA 71 -71.48 -46.31 -35.56
C LYS HA 71 -71.30 -46.91 -36.94
N SER HA 72 -72.36 -47.47 -37.51
CA SER HA 72 -72.26 -48.13 -38.81
C SER HA 72 -73.60 -48.04 -39.50
N VAL HA 73 -73.72 -48.75 -40.61
CA VAL HA 73 -74.92 -48.76 -41.42
C VAL HA 73 -74.96 -50.12 -42.11
N SER HA 74 -76.11 -50.50 -42.64
CA SER HA 74 -76.39 -51.91 -42.90
C SER HA 74 -75.75 -52.47 -44.17
N ARG HA 75 -74.94 -51.72 -44.88
CA ARG HA 75 -74.38 -52.17 -46.15
C ARG HA 75 -72.87 -52.33 -46.08
N ALA HA 76 -72.29 -52.61 -47.25
CA ALA HA 76 -70.86 -52.85 -47.37
C ALA HA 76 -70.08 -51.59 -47.08
N TYR HA 77 -68.95 -51.77 -46.38
CA TYR HA 77 -68.06 -50.69 -45.91
C TYR HA 77 -68.80 -49.67 -45.06
N GLY HA 78 -69.79 -50.13 -44.31
CA GLY HA 78 -70.65 -49.23 -43.56
C GLY HA 78 -69.95 -48.73 -42.32
N GLY HA 79 -69.95 -47.43 -42.15
CA GLY HA 79 -69.11 -46.84 -41.13
C GLY HA 79 -67.69 -46.57 -41.57
N VAL HA 80 -67.32 -46.96 -42.79
CA VAL HA 80 -66.04 -46.61 -43.37
C VAL HA 80 -66.21 -45.69 -44.56
N LEU HA 81 -67.03 -46.07 -45.52
CA LEU HA 81 -67.22 -45.31 -46.74
C LEU HA 81 -68.67 -44.89 -46.85
N SER HA 82 -68.90 -43.88 -47.69
CA SER HA 82 -70.21 -43.29 -47.88
C SER HA 82 -70.90 -43.91 -49.09
N HIS HA 83 -72.11 -43.43 -49.37
CA HIS HA 83 -72.92 -44.03 -50.43
C HIS HA 83 -72.43 -43.66 -51.82
N ASP HA 84 -71.77 -42.51 -51.96
CA ASP HA 84 -71.31 -42.06 -53.27
C ASP HA 84 -70.02 -42.73 -53.70
N GLN HA 85 -69.40 -43.48 -52.82
CA GLN HA 85 -68.14 -44.12 -53.12
C GLN HA 85 -68.06 -45.58 -52.73
N VAL HA 86 -69.06 -46.11 -52.02
CA VAL HA 86 -69.30 -47.54 -52.10
C VAL HA 86 -69.70 -47.92 -53.51
N ARG HA 87 -70.53 -47.10 -54.14
CA ARG HA 87 -70.99 -47.45 -55.48
C ARG HA 87 -69.92 -47.21 -56.54
N ASP HA 88 -69.03 -46.24 -56.33
CA ASP HA 88 -67.95 -45.99 -57.29
C ASP HA 88 -66.87 -47.06 -57.25
N ARG HA 89 -66.90 -47.95 -56.24
CA ARG HA 89 -66.07 -49.13 -56.15
C ARG HA 89 -66.76 -50.38 -56.66
N VAL HA 90 -68.08 -50.46 -56.47
CA VAL HA 90 -68.87 -51.52 -57.11
C VAL HA 90 -68.82 -51.38 -58.61
N VAL HA 91 -68.91 -50.14 -59.11
CA VAL HA 91 -68.92 -49.91 -60.54
C VAL HA 91 -67.55 -50.16 -61.15
N ARG HA 92 -66.48 -49.78 -60.47
CA ARG HA 92 -65.18 -50.10 -61.04
C ARG HA 92 -64.69 -51.49 -60.69
N ALA HA 93 -65.30 -52.19 -59.74
CA ALA HA 93 -64.97 -53.60 -59.63
C ALA HA 93 -65.63 -54.43 -60.71
N PHE HA 94 -66.66 -53.89 -61.36
CA PHE HA 94 -67.22 -54.56 -62.52
C PHE HA 94 -66.59 -54.08 -63.81
N LEU HA 95 -66.45 -52.77 -64.00
CA LEU HA 95 -66.01 -52.27 -65.30
C LEU HA 95 -64.51 -52.43 -65.52
N VAL HA 96 -63.70 -52.48 -64.48
CA VAL HA 96 -62.27 -52.66 -64.68
C VAL HA 96 -61.91 -54.15 -64.76
N GLU HA 97 -62.67 -55.02 -64.11
CA GLU HA 97 -62.51 -56.45 -64.34
C GLU HA 97 -62.96 -56.83 -65.74
N GLU HA 98 -64.10 -56.32 -66.19
CA GLU HA 98 -64.61 -56.71 -67.50
C GLU HA 98 -63.87 -56.08 -68.65
N GLN HA 99 -63.16 -54.97 -68.42
CA GLN HA 99 -62.35 -54.39 -69.48
C GLN HA 99 -61.13 -55.25 -69.76
N ARG HA 100 -60.57 -55.90 -68.74
CA ARG HA 100 -59.46 -56.82 -68.96
C ARG HA 100 -59.91 -58.11 -69.62
N ILE HA 101 -61.15 -58.54 -69.36
CA ILE HA 101 -61.71 -59.71 -70.03
C ILE HA 101 -61.91 -59.44 -71.52
N VAL HA 102 -62.25 -58.20 -71.88
CA VAL HA 102 -62.32 -57.83 -73.29
C VAL HA 102 -60.94 -57.85 -73.92
N LYS HA 103 -59.92 -57.41 -73.19
CA LYS HA 103 -58.57 -57.38 -73.71
C LYS HA 103 -57.84 -58.71 -73.56
N GLN HA 104 -58.26 -59.57 -72.64
CA GLN HA 104 -57.68 -60.91 -72.57
C GLN HA 104 -58.23 -61.81 -73.68
N ALA HA 105 -59.55 -61.78 -73.88
CA ALA HA 105 -60.14 -62.59 -74.93
C ALA HA 105 -59.82 -62.06 -76.32
N LEU HA 106 -59.47 -60.78 -76.43
CA LEU HA 106 -58.96 -60.27 -77.70
C LEU HA 106 -57.56 -60.78 -77.95
N LYS HA 107 -56.80 -61.06 -76.89
CA LYS HA 107 -55.41 -61.49 -77.05
C LYS HA 107 -55.33 -62.94 -77.48
N GLU HA 108 -56.21 -63.79 -76.93
CA GLU HA 108 -56.23 -65.19 -77.34
C GLU HA 108 -56.86 -65.36 -78.71
N HIS HA 109 -57.75 -64.45 -79.10
CA HIS HA 109 -58.30 -64.50 -80.45
C HIS HA 109 -57.30 -64.04 -81.49
N SER HA 110 -56.29 -63.26 -81.10
CA SER HA 110 -55.29 -62.82 -82.04
C SER HA 110 -54.24 -63.91 -82.28
N LYS HA 111 -53.80 -64.59 -81.22
CA LYS HA 111 -52.79 -65.62 -81.35
C LYS HA 111 -53.29 -66.87 -82.06
N MET HA 112 -54.59 -67.15 -82.00
CA MET HA 112 -55.12 -68.29 -82.72
C MET HA 112 -55.38 -67.95 -84.19
N LYS HA 113 -55.65 -66.68 -84.49
CA LYS HA 113 -55.72 -66.26 -85.90
C LYS HA 113 -54.35 -66.28 -86.54
N LEU HA 114 -53.29 -66.07 -85.74
CA LEU HA 114 -51.93 -66.32 -86.20
C LEU HA 114 -51.66 -67.80 -86.39
N SER HA 115 -52.33 -68.66 -85.61
CA SER HA 115 -52.18 -70.10 -85.72
C SER HA 115 -52.89 -70.69 -86.94
N HIS HA 116 -53.60 -69.87 -87.73
CA HIS HA 116 -54.08 -70.34 -89.03
C HIS HA 116 -53.86 -69.28 -90.11
N LYS HA 117 -53.01 -68.30 -89.85
CA LYS HA 117 -52.52 -67.43 -90.92
C LYS HA 117 -51.27 -68.01 -91.55
N ARG HA 118 -50.47 -68.72 -90.76
CA ARG HA 118 -49.24 -69.34 -91.23
C ARG HA 118 -49.32 -70.86 -91.34
N THR HA 119 -50.13 -71.52 -90.51
CA THR HA 119 -50.34 -72.95 -90.68
C THR HA 119 -51.27 -73.28 -91.84
N ALA HA 120 -51.99 -72.28 -92.35
CA ALA HA 120 -52.68 -72.43 -93.62
C ALA HA 120 -51.77 -72.18 -94.81
N ASN HA 121 -50.54 -71.72 -94.57
CA ASN HA 121 -49.54 -71.61 -95.62
C ASN HA 121 -48.75 -72.89 -95.81
N LYS HA 122 -49.07 -73.95 -95.07
CA LYS HA 122 -48.53 -75.27 -95.35
C LYS HA 122 -49.14 -75.86 -96.61
N LYS HA 123 -50.35 -75.42 -96.97
CA LYS HA 123 -51.01 -75.82 -98.20
C LYS HA 123 -50.98 -74.70 -99.24
N LYS HA 124 -49.94 -73.87 -99.23
CA LYS HA 124 -49.74 -72.85 -100.26
C LYS HA 124 -48.24 -72.62 -100.39
N SER HA 125 -47.69 -72.92 -101.55
CA SER HA 125 -46.33 -72.52 -101.89
C SER HA 125 -46.18 -72.56 -103.40
N ALA IA 1 49.41 -75.88 -16.18
CA ALA IA 1 48.47 -75.34 -17.16
C ALA IA 1 47.85 -73.94 -16.88
N PRO IA 2 47.38 -73.60 -15.63
CA PRO IA 2 46.74 -72.30 -15.47
C PRO IA 2 47.68 -71.10 -15.32
N THR IA 3 48.96 -71.22 -15.73
CA THR IA 3 49.93 -70.14 -15.91
C THR IA 3 50.15 -69.33 -14.63
N PRO IA 4 51.01 -69.80 -13.73
CA PRO IA 4 51.12 -69.21 -12.38
C PRO IA 4 51.53 -67.74 -12.39
N ARG IA 5 51.06 -67.03 -11.37
CA ARG IA 5 51.20 -65.60 -11.30
C ARG IA 5 52.52 -65.22 -10.62
N THR IA 6 53.10 -64.11 -11.08
CA THR IA 6 54.35 -63.60 -10.55
C THR IA 6 54.04 -62.64 -9.42
N GLY IA 7 54.68 -62.83 -8.27
CA GLY IA 7 54.25 -62.19 -7.04
C GLY IA 7 54.42 -60.69 -6.88
N ILE IA 8 54.61 -59.95 -7.97
CA ILE IA 8 54.70 -58.50 -7.91
C ILE IA 8 53.47 -57.92 -8.58
N ILE IA 9 53.24 -56.63 -8.35
CA ILE IA 9 51.94 -56.04 -8.68
C ILE IA 9 51.78 -55.72 -10.16
N ALA IA 10 52.86 -55.56 -10.90
CA ALA IA 10 52.75 -55.12 -12.28
C ALA IA 10 53.47 -56.11 -13.19
N GLY IA 11 53.04 -56.14 -14.44
CA GLY IA 11 53.62 -56.99 -15.44
C GLY IA 11 52.63 -57.99 -15.97
N PHE IA 12 53.14 -58.91 -16.78
CA PHE IA 12 52.35 -60.07 -17.14
C PHE IA 12 52.32 -61.02 -15.95
N ASN IA 13 51.16 -61.66 -15.74
CA ASN IA 13 50.92 -62.65 -14.69
C ASN IA 13 51.14 -62.03 -13.30
N LYS IA 14 50.42 -60.94 -13.03
CA LYS IA 14 50.85 -59.93 -12.06
C LYS IA 14 50.23 -60.09 -10.68
N GLY IA 15 49.92 -61.30 -10.23
CA GLY IA 15 49.12 -61.46 -9.06
C GLY IA 15 49.86 -62.02 -7.86
N HIS IA 16 49.08 -62.46 -6.89
CA HIS IA 16 49.56 -63.14 -5.70
C HIS IA 16 49.74 -64.62 -6.05
N VAL IA 17 50.85 -65.20 -5.60
CA VAL IA 17 51.14 -66.59 -5.93
C VAL IA 17 50.20 -67.48 -5.12
N THR IA 18 49.33 -68.21 -5.81
CA THR IA 18 48.20 -68.83 -5.13
C THR IA 18 47.80 -70.23 -5.60
N THR IA 19 48.61 -70.91 -6.42
CA THR IA 19 48.40 -72.31 -6.84
C THR IA 19 47.04 -72.49 -7.53
N ARG IA 20 46.97 -71.93 -8.74
CA ARG IA 20 45.72 -71.86 -9.48
C ARG IA 20 45.20 -73.26 -9.83
N ARG IA 21 43.88 -73.39 -9.85
CA ARG IA 21 43.18 -74.61 -10.20
C ARG IA 21 42.76 -74.60 -11.65
N PRO IA 22 42.59 -75.78 -12.26
CA PRO IA 22 42.02 -75.82 -13.60
C PRO IA 22 40.55 -75.45 -13.61
N ARG IA 23 40.10 -74.96 -14.76
CA ARG IA 23 38.68 -74.72 -14.98
C ARG IA 23 37.92 -76.04 -15.00
N GLN IA 24 36.76 -76.06 -14.35
CA GLN IA 24 36.02 -77.30 -14.19
C GLN IA 24 34.78 -77.31 -15.08
N PRO IA 25 34.36 -78.47 -15.58
CA PRO IA 25 33.28 -78.49 -16.56
C PRO IA 25 31.92 -78.16 -15.96
N SER IA 26 31.20 -77.31 -16.67
CA SER IA 26 29.89 -76.80 -16.29
C SER IA 26 28.81 -77.40 -17.19
N PRO IA 27 27.52 -77.22 -16.84
CA PRO IA 27 26.47 -77.53 -17.82
C PRO IA 27 26.37 -76.52 -18.93
N ASN IA 28 26.97 -75.35 -18.77
CA ASN IA 28 26.98 -74.35 -19.82
C ASN IA 28 28.11 -74.56 -20.81
N ASP IA 29 28.90 -75.63 -20.66
CA ASP IA 29 29.87 -76.02 -21.66
C ASP IA 29 29.25 -76.73 -22.84
N ARG IA 30 27.96 -77.01 -22.79
CA ARG IA 30 27.27 -77.75 -23.83
C ARG IA 30 26.54 -76.84 -24.80
N PHE IA 31 26.94 -75.57 -24.89
CA PHE IA 31 26.42 -74.68 -25.91
C PHE IA 31 27.33 -74.58 -27.11
N ALA IA 32 28.63 -74.79 -26.92
CA ALA IA 32 29.61 -74.73 -27.99
C ALA IA 32 29.81 -76.07 -28.68
N VAL IA 33 28.84 -76.97 -28.58
CA VAL IA 33 28.92 -78.27 -29.23
C VAL IA 33 27.96 -78.28 -30.41
N PRO IA 34 28.18 -79.10 -31.44
CA PRO IA 34 27.23 -79.16 -32.55
C PRO IA 34 25.89 -79.78 -32.14
N HIS IA 35 24.81 -79.12 -32.54
CA HIS IA 35 23.45 -79.55 -32.26
C HIS IA 35 22.92 -80.25 -33.50
N LYS IA 36 23.23 -81.54 -33.62
CA LYS IA 36 22.95 -82.27 -34.85
C LYS IA 36 21.48 -82.68 -34.99
N HIS IA 37 20.70 -82.64 -33.92
CA HIS IA 37 19.26 -82.83 -34.04
C HIS IA 37 18.52 -81.53 -34.23
N LEU IA 38 18.99 -80.46 -33.61
CA LEU IA 38 18.44 -79.13 -33.83
C LEU IA 38 18.70 -78.64 -35.25
N ARG IA 39 19.70 -79.17 -35.94
CA ARG IA 39 19.91 -78.81 -37.33
C ARG IA 39 19.03 -79.64 -38.26
N ALA IA 40 18.83 -80.91 -37.92
CA ALA IA 40 17.98 -81.78 -38.74
C ALA IA 40 16.52 -81.33 -38.70
N VAL IA 41 16.07 -80.78 -37.57
CA VAL IA 41 14.73 -80.21 -37.50
C VAL IA 41 14.66 -78.93 -38.31
N LYS IA 42 15.68 -78.07 -38.22
CA LYS IA 42 15.70 -76.84 -39.00
C LYS IA 42 15.86 -77.08 -40.48
N ALA IA 43 16.48 -78.20 -40.87
CA ALA IA 43 16.60 -78.52 -42.29
C ALA IA 43 15.31 -79.04 -42.87
N ILE IA 44 14.47 -79.68 -42.07
CA ILE IA 44 13.16 -80.14 -42.54
C ILE IA 44 12.21 -78.97 -42.68
N ILE IA 45 12.22 -78.05 -41.71
CA ILE IA 45 11.34 -76.89 -41.76
C ILE IA 45 11.75 -75.95 -42.89
N ALA IA 46 13.05 -75.82 -43.15
CA ALA IA 46 13.50 -74.98 -44.24
C ALA IA 46 13.18 -75.58 -45.61
N ASP IA 47 13.09 -76.90 -45.68
CA ASP IA 47 12.71 -77.61 -46.90
C ASP IA 47 11.21 -77.76 -47.02
N LEU IA 48 10.46 -77.07 -46.16
CA LEU IA 48 9.01 -77.08 -46.09
C LEU IA 48 8.41 -75.74 -46.47
N VAL IA 49 8.91 -74.65 -45.91
CA VAL IA 49 8.22 -73.37 -45.98
C VAL IA 49 8.72 -72.49 -47.12
N GLY IA 50 9.86 -72.83 -47.72
CA GLY IA 50 10.42 -71.98 -48.72
C GLY IA 50 11.42 -71.01 -48.15
N LEU IA 51 11.37 -69.75 -48.59
CA LEU IA 51 12.37 -68.76 -48.24
C LEU IA 51 11.70 -67.45 -47.86
N SER IA 52 12.43 -66.65 -47.09
CA SER IA 52 11.99 -65.34 -46.64
C SER IA 52 11.97 -64.36 -47.82
N PRO IA 53 11.36 -63.18 -47.68
CA PRO IA 53 11.61 -62.12 -48.67
C PRO IA 53 13.04 -61.62 -48.63
N LEU IA 54 13.70 -61.70 -47.48
CA LEU IA 54 15.12 -61.39 -47.41
C LEU IA 54 15.94 -62.48 -48.09
N GLU IA 55 15.62 -63.74 -47.84
CA GLU IA 55 16.44 -64.84 -48.32
C GLU IA 55 16.31 -65.04 -49.82
N LYS IA 56 15.16 -64.70 -50.41
CA LYS IA 56 15.06 -64.72 -51.86
C LYS IA 56 15.76 -63.54 -52.49
N ARG IA 57 15.76 -62.39 -51.82
CA ARG IA 57 16.40 -61.22 -52.40
C ARG IA 57 17.92 -61.32 -52.32
N VAL IA 58 18.45 -61.85 -51.22
CA VAL IA 58 19.89 -61.95 -51.02
C VAL IA 58 20.52 -62.87 -52.05
N GLN IA 59 19.83 -63.94 -52.43
CA GLN IA 59 20.42 -64.87 -53.37
C GLN IA 59 19.87 -64.76 -54.78
N GLU IA 60 18.96 -63.83 -55.07
CA GLU IA 60 18.62 -63.58 -56.47
C GLU IA 60 19.67 -62.70 -57.12
N PHE IA 61 20.33 -61.84 -56.34
CA PHE IA 61 21.52 -61.19 -56.87
C PHE IA 61 22.81 -61.71 -56.26
N LEU IA 62 22.80 -62.86 -55.64
CA LEU IA 62 24.03 -63.58 -55.43
C LEU IA 62 24.36 -64.48 -56.62
N ARG IA 63 23.42 -64.61 -57.55
CA ARG IA 63 23.66 -65.28 -58.81
C ARG IA 63 24.42 -64.39 -59.79
N VAL IA 64 24.20 -63.08 -59.72
CA VAL IA 64 24.73 -62.16 -60.71
C VAL IA 64 26.00 -61.53 -60.18
N GLY IA 65 26.63 -62.18 -59.22
CA GLY IA 65 27.77 -61.61 -58.52
C GLY IA 65 27.31 -60.94 -57.24
N LYS IA 66 27.68 -59.67 -57.07
CA LYS IA 66 27.14 -58.75 -56.06
C LYS IA 66 27.19 -59.30 -54.64
N GLU IA 67 28.37 -59.73 -54.19
CA GLU IA 67 28.47 -60.27 -52.85
C GLU IA 67 28.61 -59.19 -51.78
N LYS IA 68 29.22 -58.05 -52.09
CA LYS IA 68 29.21 -57.00 -51.09
C LYS IA 68 27.88 -56.27 -51.09
N ARG IA 69 27.12 -56.34 -52.18
CA ARG IA 69 25.76 -55.81 -52.15
C ARG IA 69 24.81 -56.74 -51.40
N ALA IA 70 25.10 -58.05 -51.38
CA ALA IA 70 24.32 -58.96 -50.55
C ALA IA 70 24.63 -58.76 -49.08
N LEU IA 71 25.86 -58.40 -48.75
CA LEU IA 71 26.23 -58.17 -47.37
C LEU IA 71 25.68 -56.84 -46.88
N LYS IA 72 25.59 -55.84 -47.75
CA LYS IA 72 25.01 -54.55 -47.38
C LYS IA 72 23.50 -54.63 -47.24
N TYR IA 73 22.85 -55.49 -48.03
CA TYR IA 73 21.41 -55.67 -47.92
C TYR IA 73 21.05 -56.48 -46.68
N CYS IA 74 21.95 -57.36 -46.22
CA CYS IA 74 21.70 -58.09 -44.98
C CYS IA 74 21.89 -57.18 -43.77
N LYS IA 75 22.99 -56.42 -43.72
CA LYS IA 75 23.27 -55.56 -42.57
C LYS IA 75 22.26 -54.44 -42.43
N LYS IA 76 21.65 -54.01 -43.54
CA LYS IA 76 20.53 -53.08 -43.45
C LYS IA 76 19.34 -53.72 -42.74
N ARG IA 77 19.09 -54.99 -43.02
CA ARG IA 77 17.87 -55.62 -42.56
C ARG IA 77 18.07 -56.61 -41.43
N LEU IA 78 19.30 -57.03 -41.14
CA LEU IA 78 19.58 -57.79 -39.94
C LEU IA 78 20.19 -56.93 -38.84
N GLY IA 79 20.75 -55.78 -39.18
CA GLY IA 79 21.36 -54.89 -38.22
C GLY IA 79 22.78 -55.25 -37.87
N ASP IA 80 22.96 -56.46 -37.38
CA ASP IA 80 24.27 -56.97 -36.99
C ASP IA 80 25.09 -57.28 -38.24
N PHE IA 81 26.41 -57.21 -38.09
CA PHE IA 81 27.30 -57.48 -39.22
C PHE IA 81 27.83 -58.91 -39.23
N THR IA 82 27.96 -59.54 -38.06
CA THR IA 82 28.29 -60.96 -38.03
C THR IA 82 27.13 -61.81 -38.54
N ALA IA 83 25.91 -61.42 -38.20
CA ALA IA 83 24.74 -62.11 -38.72
C ALA IA 83 24.53 -61.83 -40.20
N ALA IA 84 25.01 -60.69 -40.69
CA ALA IA 84 24.94 -60.40 -42.12
C ALA IA 84 25.86 -61.31 -42.91
N LYS IA 85 27.06 -61.58 -42.38
CA LYS IA 85 27.98 -62.50 -43.04
C LYS IA 85 27.43 -63.91 -43.06
N LYS IA 86 26.80 -64.32 -41.97
CA LYS IA 86 26.33 -65.70 -41.84
C LYS IA 86 25.10 -65.94 -42.70
N LYS IA 87 24.23 -64.95 -42.83
CA LYS IA 87 23.04 -65.09 -43.67
C LYS IA 87 23.42 -65.13 -45.14
N ARG IA 88 24.43 -64.36 -45.54
CA ARG IA 88 24.95 -64.46 -46.90
C ARG IA 88 25.61 -65.81 -47.14
N SER IA 89 26.30 -66.33 -46.12
CA SER IA 89 26.97 -67.62 -46.24
C SER IA 89 26.00 -68.78 -46.19
N LYS IA 90 24.81 -68.60 -45.61
CA LYS IA 90 23.79 -69.63 -45.65
C LYS IA 90 23.06 -69.63 -46.99
N MET IA 91 23.08 -68.53 -47.71
CA MET IA 91 22.50 -68.50 -49.04
C MET IA 91 23.44 -69.11 -50.07
N GLU IA 92 24.74 -68.95 -49.88
CA GLU IA 92 25.72 -69.54 -50.78
C GLU IA 92 25.77 -71.06 -50.67
N GLU IA 93 25.27 -71.63 -49.59
CA GLU IA 93 25.20 -73.08 -49.48
C GLU IA 93 23.96 -73.63 -50.18
N ALA IA 94 22.86 -72.88 -50.14
CA ALA IA 94 21.67 -73.26 -50.92
C ALA IA 94 21.89 -73.10 -52.41
N LEU IA 95 22.83 -72.25 -52.82
CA LEU IA 95 23.21 -72.18 -54.22
C LEU IA 95 24.18 -73.28 -54.59
N ARG IA 96 24.98 -73.76 -53.65
CA ARG IA 96 25.81 -74.95 -53.85
C ARG IA 96 24.89 -76.16 -53.68
N HIS IA 97 24.18 -76.48 -54.78
CA HIS IA 97 23.10 -77.47 -54.84
C HIS IA 97 22.03 -77.25 -53.77
N THR JA 1 -33.05 -5.91 -12.91
CA THR JA 1 -31.61 -5.83 -12.82
C THR JA 1 -31.01 -7.06 -12.15
N LYS JA 2 -29.69 -7.12 -12.13
CA LYS JA 2 -28.94 -8.32 -11.75
C LYS JA 2 -28.84 -8.54 -10.26
N GLY JA 3 -29.30 -7.61 -9.45
CA GLY JA 3 -29.10 -7.73 -8.02
C GLY JA 3 -30.29 -8.29 -7.30
N THR JA 4 -31.07 -7.40 -6.67
CA THR JA 4 -32.21 -7.79 -5.87
C THR JA 4 -33.35 -8.32 -6.73
N THR JA 5 -33.62 -7.66 -7.85
CA THR JA 5 -34.78 -7.97 -8.67
C THR JA 5 -34.66 -9.35 -9.31
N SER JA 6 -33.46 -9.73 -9.71
CA SER JA 6 -33.26 -11.02 -10.36
C SER JA 6 -33.25 -12.17 -9.37
N MET JA 7 -33.14 -11.91 -8.07
CA MET JA 7 -33.29 -12.94 -7.06
C MET JA 7 -34.70 -13.49 -7.01
N GLY JA 8 -35.68 -12.74 -7.46
CA GLY JA 8 -37.04 -13.23 -7.48
C GLY JA 8 -37.38 -14.06 -8.69
N GLN JA 9 -36.47 -14.14 -9.65
CA GLN JA 9 -36.66 -14.92 -10.86
C GLN JA 9 -36.20 -16.35 -10.70
N ARG JA 10 -35.63 -16.68 -9.54
CA ARG JA 10 -35.10 -18.01 -9.27
C ARG JA 10 -36.23 -18.83 -8.68
N HIS JA 11 -36.76 -19.78 -9.44
CA HIS JA 11 -38.00 -20.41 -9.03
C HIS JA 11 -37.91 -21.90 -8.77
N GLY JA 12 -37.22 -22.66 -9.62
CA GLY JA 12 -37.32 -24.09 -9.50
C GLY JA 12 -36.36 -24.71 -8.51
N ARG JA 13 -35.84 -25.87 -8.86
CA ARG JA 13 -34.75 -26.50 -8.11
C ARG JA 13 -33.78 -27.05 -9.13
N THR JA 14 -32.50 -26.73 -8.98
CA THR JA 14 -31.48 -27.46 -9.71
C THR JA 14 -31.32 -28.85 -9.13
N HIS JA 15 -31.12 -28.94 -7.81
CA HIS JA 15 -30.81 -30.18 -7.12
C HIS JA 15 -31.92 -30.57 -6.18
N ILE JA 16 -32.16 -31.89 -6.09
CA ILE JA 16 -33.04 -32.49 -5.10
C ILE JA 16 -32.18 -33.47 -4.31
N LEU JA 17 -32.78 -34.23 -3.42
CA LEU JA 17 -32.00 -35.10 -2.56
C LEU JA 17 -31.55 -36.36 -3.26
N CYS JA 18 -30.34 -36.78 -2.93
CA CYS JA 18 -29.76 -38.00 -3.47
C CYS JA 18 -30.26 -39.19 -2.66
N ARG JA 19 -30.70 -40.22 -3.38
CA ARG JA 19 -31.17 -41.46 -2.79
C ARG JA 19 -30.05 -42.23 -2.12
N ARG JA 20 -28.80 -41.97 -2.50
CA ARG JA 20 -27.61 -42.59 -1.95
C ARG JA 20 -26.72 -41.61 -1.19
N CYS JA 21 -26.56 -40.39 -1.70
CA CYS JA 21 -25.59 -39.44 -1.17
C CYS JA 21 -26.04 -38.94 0.19
N GLY JA 22 -27.34 -38.84 0.39
CA GLY JA 22 -27.94 -38.24 1.55
C GLY JA 22 -28.24 -36.77 1.42
N ARG JA 23 -27.52 -36.09 0.54
CA ARG JA 23 -27.47 -34.64 0.49
C ARG JA 23 -28.39 -34.11 -0.59
N ASN JA 24 -28.58 -32.79 -0.57
CA ASN JA 24 -29.40 -32.07 -1.54
C ASN JA 24 -28.60 -31.74 -2.80
N SER JA 25 -28.05 -32.80 -3.41
CA SER JA 25 -27.06 -32.67 -4.47
C SER JA 25 -27.42 -33.41 -5.75
N TYR JA 26 -28.60 -34.01 -5.82
CA TYR JA 26 -28.98 -34.80 -6.97
C TYR JA 26 -29.58 -33.88 -8.04
N HIS JA 27 -28.86 -33.71 -9.15
CA HIS JA 27 -29.30 -32.86 -10.24
C HIS JA 27 -30.53 -33.46 -10.89
N VAL JA 28 -31.49 -32.61 -11.26
CA VAL JA 28 -32.77 -33.15 -11.70
C VAL JA 28 -32.80 -33.37 -13.22
N GLN JA 29 -32.27 -32.45 -14.03
CA GLN JA 29 -32.29 -32.68 -15.48
C GLN JA 29 -31.27 -33.73 -15.88
N TRP JA 30 -30.04 -33.58 -15.39
CA TRP JA 30 -28.98 -34.56 -15.56
C TRP JA 30 -29.16 -35.48 -14.39
N GLU JA 31 -29.64 -36.70 -14.61
CA GLU JA 31 -29.87 -37.52 -13.43
C GLU JA 31 -28.57 -38.06 -12.85
N ARG JA 32 -27.88 -37.22 -12.07
CA ARG JA 32 -26.65 -37.57 -11.39
C ARG JA 32 -26.45 -36.65 -10.19
N CYS JA 33 -25.87 -37.22 -9.12
CA CYS JA 33 -25.63 -36.51 -7.87
C CYS JA 33 -24.31 -35.75 -7.93
N ALA JA 34 -24.33 -34.52 -7.41
CA ALA JA 34 -23.14 -33.69 -7.39
C ALA JA 34 -22.13 -34.11 -6.33
N ALA JA 35 -22.52 -34.96 -5.39
CA ALA JA 35 -21.66 -35.29 -4.26
C ALA JA 35 -21.22 -36.75 -4.20
N CYS JA 36 -22.01 -37.68 -4.70
CA CYS JA 36 -21.60 -39.08 -4.66
C CYS JA 36 -21.67 -39.71 -6.04
N ALA JA 37 -21.94 -38.91 -7.08
CA ALA JA 37 -22.06 -39.30 -8.49
C ALA JA 37 -23.10 -40.39 -8.75
N TYR JA 38 -24.11 -40.53 -7.89
CA TYR JA 38 -25.14 -41.53 -8.10
C TYR JA 38 -25.96 -41.19 -9.34
N PRO JA 39 -26.22 -42.13 -10.24
CA PRO JA 39 -26.19 -43.59 -10.20
C PRO JA 39 -24.94 -44.30 -10.67
N ARG JA 40 -23.77 -43.68 -10.58
CA ARG JA 40 -22.57 -44.41 -10.91
C ARG JA 40 -22.25 -45.35 -9.75
N ALA JA 41 -21.65 -46.50 -10.09
CA ALA JA 41 -21.35 -47.50 -9.08
C ALA JA 41 -20.30 -46.99 -8.10
N SER JA 42 -19.28 -46.32 -8.62
CA SER JA 42 -18.27 -45.69 -7.78
C SER JA 42 -18.77 -44.33 -7.32
N ARG JA 43 -18.24 -43.88 -6.19
CA ARG JA 43 -18.57 -42.57 -5.65
C ARG JA 43 -17.49 -41.56 -6.04
N ARG JA 44 -17.82 -40.28 -5.87
CA ARG JA 44 -16.83 -39.23 -6.04
C ARG JA 44 -15.82 -39.27 -4.91
N ARG JA 45 -14.55 -39.29 -5.28
CA ARG JA 45 -13.48 -39.17 -4.30
C ARG JA 45 -12.29 -38.53 -5.01
N TYR JA 46 -11.89 -37.36 -4.55
CA TYR JA 46 -10.83 -36.60 -5.20
C TYR JA 46 -9.84 -36.11 -4.17
N ASN JA 47 -8.56 -36.40 -4.41
CA ASN JA 47 -7.47 -36.05 -3.51
C ASN JA 47 -7.18 -34.56 -3.43
N TRP JA 48 -7.76 -33.73 -4.31
CA TRP JA 48 -7.65 -32.30 -4.11
C TRP JA 48 -8.58 -31.78 -3.02
N SER JA 49 -9.43 -32.62 -2.44
CA SER JA 49 -10.18 -32.23 -1.24
C SER JA 49 -10.15 -33.45 -0.33
N VAL JA 50 -9.12 -33.53 0.52
CA VAL JA 50 -9.07 -34.58 1.52
C VAL JA 50 -10.03 -34.25 2.65
N LYS JA 51 -10.38 -32.99 2.84
CA LYS JA 51 -11.34 -32.61 3.88
C LYS JA 51 -12.72 -33.19 3.59
N ALA JA 52 -13.09 -33.27 2.32
CA ALA JA 52 -14.32 -33.97 1.94
C ALA JA 52 -14.15 -35.48 1.98
N ILE JA 53 -12.94 -35.99 1.74
CA ILE JA 53 -12.68 -37.42 1.89
C ILE JA 53 -12.88 -37.84 3.34
N LYS JA 54 -12.39 -37.03 4.29
CA LYS JA 54 -12.56 -37.32 5.70
C LYS JA 54 -13.98 -37.16 6.19
N ARG JA 55 -14.89 -36.63 5.38
CA ARG JA 55 -16.29 -36.52 5.75
C ARG JA 55 -17.17 -37.64 5.20
N ARG JA 56 -16.75 -38.33 4.14
CA ARG JA 56 -17.53 -39.42 3.57
C ARG JA 56 -16.86 -40.76 3.82
N ARG JA 57 -16.14 -40.88 4.92
CA ARG JA 57 -15.19 -41.97 5.10
C ARG JA 57 -15.82 -43.05 5.98
N THR JA 58 -15.13 -44.18 6.08
CA THR JA 58 -15.50 -45.21 7.05
C THR JA 58 -15.26 -44.69 8.46
N GLY JA 59 -16.24 -44.91 9.34
CA GLY JA 59 -16.18 -44.43 10.69
C GLY JA 59 -16.85 -43.11 10.92
N THR JA 60 -17.15 -42.36 9.86
CA THR JA 60 -17.95 -41.15 10.00
C THR JA 60 -19.41 -41.48 10.25
N GLY JA 61 -19.85 -42.67 9.88
CA GLY JA 61 -21.20 -43.11 10.19
C GLY JA 61 -21.25 -44.10 11.33
N ARG JA 62 -22.00 -45.18 11.13
CA ARG JA 62 -22.41 -46.08 12.19
C ARG JA 62 -21.55 -47.34 12.29
N CYS JA 63 -21.14 -47.91 11.15
CA CYS JA 63 -20.31 -49.13 11.04
C CYS JA 63 -20.98 -50.32 11.72
N ARG JA 64 -22.16 -50.69 11.19
CA ARG JA 64 -22.99 -51.71 11.83
C ARG JA 64 -22.36 -53.09 11.79
N TYR JA 65 -21.61 -53.37 10.74
CA TYR JA 65 -21.00 -54.67 10.55
C TYR JA 65 -19.52 -54.67 10.88
N LEU JA 66 -18.82 -53.56 10.66
CA LEU JA 66 -17.42 -53.48 11.06
C LEU JA 66 -17.27 -53.36 12.57
N LYS JA 67 -18.33 -53.04 13.29
CA LYS JA 67 -18.30 -53.25 14.74
C LYS JA 67 -18.23 -54.73 15.06
N VAL JA 68 -19.06 -55.55 14.42
CA VAL JA 68 -19.12 -56.94 14.85
C VAL JA 68 -17.97 -57.76 14.25
N VAL JA 69 -17.54 -57.47 13.02
CA VAL JA 69 -16.55 -58.33 12.40
C VAL JA 69 -15.16 -58.03 12.93
N ASN JA 70 -14.93 -56.84 13.49
CA ASN JA 70 -13.63 -56.57 14.06
C ASN JA 70 -13.41 -57.29 15.38
N ARG JA 71 -14.48 -57.53 16.16
CA ARG JA 71 -14.30 -58.38 17.32
C ARG JA 71 -14.47 -59.85 17.00
N ARG JA 72 -15.08 -60.19 15.87
CA ARG JA 72 -15.02 -61.57 15.44
C ARG JA 72 -13.61 -61.98 15.05
N ILE JA 73 -12.83 -61.06 14.50
CA ILE JA 73 -11.44 -61.35 14.14
C ILE JA 73 -10.53 -61.27 15.36
N ALA JA 74 -10.79 -60.30 16.24
CA ALA JA 74 -10.02 -60.15 17.46
C ALA JA 74 -10.20 -61.33 18.41
N ASN JA 75 -11.38 -61.93 18.41
CA ASN JA 75 -11.65 -63.13 19.18
C ASN JA 75 -11.52 -64.38 18.34
N HIS JA 76 -10.95 -64.23 17.15
CA HIS JA 76 -10.42 -65.32 16.31
C HIS JA 76 -11.49 -66.27 15.84
N PHE JA 77 -12.69 -65.73 15.62
CA PHE JA 77 -13.87 -66.46 15.14
C PHE JA 77 -14.19 -67.65 16.05
N LYS JA 78 -14.38 -67.35 17.35
CA LYS JA 78 -14.64 -68.44 18.25
C LYS JA 78 -16.08 -68.93 18.14
N THR JA 79 -16.28 -70.19 18.51
CA THR JA 79 -17.51 -70.93 18.29
C THR JA 79 -17.61 -72.02 19.35
N PRO JA 80 -18.72 -72.14 20.08
CA PRO JA 80 -18.75 -73.10 21.17
C PRO JA 80 -19.00 -74.53 20.71
N PRO KA 1 -82.44 -42.87 -12.16
CA PRO KA 1 -83.58 -43.66 -11.71
C PRO KA 1 -84.65 -43.83 -12.77
N ARG KA 2 -85.31 -44.97 -12.74
CA ARG KA 2 -86.23 -45.39 -13.78
C ARG KA 2 -87.67 -45.10 -13.37
N GLU KA 3 -88.61 -45.54 -14.20
CA GLU KA 3 -90.02 -45.20 -14.02
C GLU KA 3 -90.89 -46.33 -14.53
N ILE KA 4 -91.81 -46.76 -13.70
CA ILE KA 4 -92.73 -47.84 -14.02
C ILE KA 4 -93.91 -47.28 -14.77
N LYS KA 5 -94.35 -47.97 -15.81
CA LYS KA 5 -95.47 -47.52 -16.63
C LYS KA 5 -96.80 -48.05 -16.12
N THR KA 6 -96.93 -49.37 -16.05
CA THR KA 6 -98.18 -50.02 -15.69
C THR KA 6 -98.14 -50.52 -14.25
N LEU KA 7 -99.20 -51.21 -13.86
CA LEU KA 7 -99.26 -51.85 -12.54
C LEU KA 7 -98.82 -53.31 -12.59
N LYS KA 8 -98.85 -53.93 -13.78
CA LYS KA 8 -98.33 -55.28 -13.92
C LYS KA 8 -96.82 -55.34 -13.81
N GLU KA 9 -96.13 -54.23 -14.08
CA GLU KA 9 -94.69 -54.16 -13.90
C GLU KA 9 -94.29 -53.67 -12.52
N PHE KA 10 -95.16 -52.92 -11.83
CA PHE KA 10 -94.90 -52.51 -10.46
C PHE KA 10 -94.91 -53.70 -9.51
N LEU KA 11 -95.85 -54.63 -9.69
CA LEU KA 11 -95.94 -55.77 -8.78
C LEU KA 11 -94.84 -56.79 -9.04
N ALA KA 12 -94.24 -56.78 -10.23
CA ALA KA 12 -93.07 -57.63 -10.46
C ALA KA 12 -91.84 -57.05 -9.79
N ILE KA 13 -91.74 -55.73 -9.70
CA ILE KA 13 -90.60 -55.08 -9.06
C ILE KA 13 -90.69 -55.20 -7.54
N CYS KA 14 -91.89 -55.08 -6.98
CA CYS KA 14 -92.05 -55.28 -5.54
C CYS KA 14 -91.95 -56.74 -5.14
N SER KA 15 -92.01 -57.68 -6.07
CA SER KA 15 -91.79 -59.08 -5.76
C SER KA 15 -90.32 -59.45 -5.72
N ARG KA 16 -89.45 -58.56 -6.18
CA ARG KA 16 -88.03 -58.84 -6.29
C ARG KA 16 -87.37 -58.89 -4.91
N LYS KA 17 -86.25 -59.60 -4.83
CA LYS KA 17 -85.57 -59.78 -3.56
C LYS KA 17 -84.74 -58.56 -3.17
N ASP KA 18 -84.35 -57.73 -4.12
CA ASP KA 18 -83.52 -56.57 -3.81
C ASP KA 18 -84.32 -55.38 -3.31
N ALA KA 19 -85.63 -55.38 -3.50
CA ALA KA 19 -86.48 -54.25 -3.18
C ALA KA 19 -86.59 -54.06 -1.68
N ARG KA 20 -85.75 -53.19 -1.12
CA ARG KA 20 -85.73 -52.99 0.32
C ARG KA 20 -86.97 -52.27 0.80
N CYS KA 21 -87.30 -51.14 0.19
CA CYS KA 21 -88.36 -50.31 0.71
C CYS KA 21 -89.08 -49.62 -0.44
N VAL KA 22 -90.41 -49.56 -0.33
CA VAL KA 22 -91.20 -48.68 -1.15
C VAL KA 22 -91.52 -47.44 -0.33
N LYS KA 23 -91.14 -46.30 -0.86
CA LYS KA 23 -91.37 -45.01 -0.23
C LYS KA 23 -92.61 -44.41 -0.86
N VAL KA 24 -93.57 -44.02 -0.04
CA VAL KA 24 -94.83 -43.47 -0.52
C VAL KA 24 -94.82 -41.98 -0.28
N LYS KA 25 -94.91 -41.21 -1.35
CA LYS KA 25 -94.86 -39.75 -1.32
C LYS KA 25 -96.18 -39.22 -1.83
N HIS KA 26 -96.92 -38.53 -0.96
CA HIS KA 26 -98.21 -37.97 -1.32
C HIS KA 26 -98.01 -36.54 -1.79
N ASN KA 27 -97.90 -36.35 -3.10
CA ASN KA 27 -97.97 -35.03 -3.69
C ASN KA 27 -99.40 -34.49 -3.57
N PRO KA 28 -99.60 -33.17 -3.64
CA PRO KA 28 -100.97 -32.64 -3.65
C PRO KA 28 -101.78 -33.00 -4.88
N SER KA 29 -101.14 -33.46 -5.95
CA SER KA 29 -101.84 -33.93 -7.13
C SER KA 29 -101.83 -35.45 -7.26
N ALA KA 30 -100.66 -36.08 -7.17
CA ALA KA 30 -100.52 -37.52 -7.37
C ALA KA 30 -99.89 -38.16 -6.15
N THR KA 31 -99.63 -39.47 -6.24
CA THR KA 31 -98.80 -40.17 -5.29
C THR KA 31 -97.67 -40.85 -6.05
N LYS KA 32 -96.59 -41.14 -5.34
CA LYS KA 32 -95.42 -41.75 -5.94
C LYS KA 32 -94.98 -42.94 -5.09
N PHE KA 33 -94.85 -44.09 -5.74
CA PHE KA 33 -94.39 -45.31 -5.10
C PHE KA 33 -92.95 -45.52 -5.55
N LYS KA 34 -92.01 -45.22 -4.67
CA LYS KA 34 -90.59 -45.21 -5.02
C LYS KA 34 -89.94 -46.48 -4.49
N VAL KA 35 -89.89 -47.51 -5.32
CA VAL KA 35 -89.28 -48.76 -4.91
C VAL KA 35 -87.77 -48.61 -4.99
N ARG KA 36 -87.09 -48.88 -3.89
CA ARG KA 36 -85.65 -48.76 -3.81
C ARG KA 36 -85.05 -50.15 -3.99
N CYS KA 37 -84.69 -50.46 -5.23
CA CYS KA 37 -84.01 -51.71 -5.52
C CYS KA 37 -82.50 -51.49 -5.43
N SER KA 38 -81.73 -52.53 -5.71
CA SER KA 38 -80.31 -52.48 -5.41
C SER KA 38 -79.50 -51.66 -6.40
N ARG KA 39 -80.03 -51.34 -7.57
CA ARG KA 39 -79.33 -50.44 -8.47
C ARG KA 39 -80.14 -49.20 -8.82
N TYR KA 40 -81.40 -49.35 -9.21
CA TYR KA 40 -82.21 -48.22 -9.58
C TYR KA 40 -83.32 -47.98 -8.58
N LEU KA 41 -83.91 -46.79 -8.67
CA LEU KA 41 -85.01 -46.34 -7.84
C LEU KA 41 -86.20 -46.20 -8.76
N TYR KA 42 -87.13 -47.15 -8.67
CA TYR KA 42 -88.27 -47.23 -9.57
C TYR KA 42 -89.45 -46.49 -8.99
N THR KA 43 -90.11 -45.67 -9.80
CA THR KA 43 -91.18 -44.80 -9.32
C THR KA 43 -92.43 -44.99 -10.17
N LEU KA 44 -93.55 -45.30 -9.51
CA LEU KA 44 -94.86 -45.40 -10.14
C LEU KA 44 -95.69 -44.18 -9.77
N VAL KA 45 -96.07 -43.39 -10.77
CA VAL KA 45 -96.76 -42.13 -10.55
C VAL KA 45 -98.25 -42.38 -10.79
N VAL KA 46 -99.02 -42.46 -9.71
CA VAL KA 46 -100.46 -42.70 -9.78
C VAL KA 46 -101.15 -41.36 -9.60
N ASN KA 47 -101.80 -40.86 -10.67
CA ASN KA 47 -102.41 -39.55 -10.63
C ASN KA 47 -103.73 -39.51 -9.90
N ASP KA 48 -104.43 -40.65 -9.79
CA ASP KA 48 -105.74 -40.69 -9.16
C ASP KA 48 -105.58 -41.06 -7.68
N LYS KA 49 -106.17 -40.24 -6.81
CA LYS KA 49 -106.01 -40.41 -5.37
C LYS KA 49 -106.75 -41.63 -4.84
N LYS KA 50 -107.78 -42.09 -5.55
CA LYS KA 50 -108.53 -43.26 -5.10
C LYS KA 50 -107.87 -44.56 -5.53
N LYS KA 51 -107.31 -44.58 -6.75
CA LYS KA 51 -106.56 -45.75 -7.21
C LYS KA 51 -105.22 -45.88 -6.52
N ALA KA 52 -104.72 -44.81 -5.89
CA ALA KA 52 -103.44 -44.88 -5.19
C ALA KA 52 -103.53 -45.72 -3.93
N ASP KA 53 -104.60 -45.56 -3.15
CA ASP KA 53 -104.75 -46.32 -1.92
C ASP KA 53 -105.03 -47.78 -2.19
N LYS KA 54 -105.64 -48.10 -3.33
CA LYS KA 54 -105.83 -49.49 -3.71
C LYS KA 54 -104.51 -50.17 -4.04
N ILE KA 55 -103.54 -49.41 -4.56
CA ILE KA 55 -102.23 -49.95 -4.89
C ILE KA 55 -101.37 -50.14 -3.63
N GLU KA 56 -101.58 -49.31 -2.60
CA GLU KA 56 -100.89 -49.51 -1.33
C GLU KA 56 -101.29 -50.81 -0.64
N ARG KA 57 -102.54 -51.25 -0.83
CA ARG KA 57 -103.03 -52.44 -0.16
C ARG KA 57 -102.53 -53.73 -0.78
N SER KA 58 -102.00 -53.67 -2.00
CA SER KA 58 -101.50 -54.85 -2.69
C SER KA 58 -100.03 -55.11 -2.42
N ILE KA 59 -99.39 -54.28 -1.60
CA ILE KA 59 -97.99 -54.47 -1.22
C ILE KA 59 -97.90 -54.57 0.29
N HIS KA 60 -98.95 -55.13 0.89
CA HIS KA 60 -98.98 -55.37 2.34
C HIS KA 60 -97.87 -56.27 2.88
N PRO KA 61 -97.72 -57.57 2.42
CA PRO KA 61 -97.16 -58.60 3.33
C PRO KA 61 -95.72 -58.45 3.82
N SER KA 62 -94.72 -58.36 2.94
CA SER KA 62 -93.35 -58.48 3.41
C SER KA 62 -92.40 -57.53 2.70
N VAL KA 63 -92.90 -56.41 2.20
CA VAL KA 63 -92.05 -55.34 1.68
C VAL KA 63 -92.23 -54.13 2.61
N LYS KA 64 -91.18 -53.36 2.80
CA LYS KA 64 -91.20 -52.28 3.78
C LYS KA 64 -91.85 -51.05 3.16
N LYS KA 65 -92.89 -50.53 3.81
CA LYS KA 65 -93.57 -49.33 3.38
C LYS KA 65 -93.16 -48.16 4.26
N ILE KA 66 -92.90 -47.02 3.63
CA ILE KA 66 -92.41 -45.83 4.30
C ILE KA 66 -93.23 -44.64 3.82
N ALA KA 67 -93.80 -43.89 4.76
CA ALA KA 67 -94.53 -42.68 4.45
C ALA KA 67 -93.54 -41.53 4.45
N VAL KA 68 -93.26 -40.99 3.27
CA VAL KA 68 -92.27 -39.93 3.14
C VAL KA 68 -92.83 -38.63 3.72
N THR KA 69 -92.16 -38.11 4.73
CA THR KA 69 -92.49 -36.84 5.35
C THR KA 69 -91.27 -35.92 5.30
N ALA KA 70 -91.45 -34.72 5.83
CA ALA KA 70 -90.38 -33.74 5.90
C ALA KA 70 -89.70 -33.91 7.24
N ARG KA 71 -88.58 -34.64 7.24
CA ARG KA 71 -87.81 -34.79 8.45
C ARG KA 71 -87.08 -33.49 8.76
N SER KA 72 -87.22 -33.01 9.98
CA SER KA 72 -86.67 -31.73 10.38
C SER KA 72 -85.16 -31.86 10.59
N HIS KA 73 -84.52 -30.73 10.95
CA HIS KA 73 -83.11 -30.79 11.30
C HIS KA 73 -82.86 -31.45 12.64
N ALA KA 74 -83.85 -31.47 13.52
CA ALA KA 74 -83.64 -31.94 14.89
C ALA KA 74 -83.58 -33.45 15.01
N LYS KA 75 -83.96 -34.21 13.97
CA LYS KA 75 -83.84 -35.66 14.06
C LYS KA 75 -82.38 -36.10 13.93
N THR KA 76 -81.61 -35.40 13.09
CA THR KA 76 -80.20 -35.63 12.69
C THR KA 76 -79.46 -36.92 13.10
N GLY LA 1 -47.24 -26.72 -1.31
CA GLY LA 1 -48.41 -27.07 -2.08
C GLY LA 1 -48.87 -28.45 -1.71
N ARG LA 2 -49.54 -29.12 -2.62
CA ARG LA 2 -50.15 -30.41 -2.34
C ARG LA 2 -49.21 -31.57 -2.67
N PHE LA 3 -48.58 -31.52 -3.84
CA PHE LA 3 -47.62 -32.56 -4.21
C PHE LA 3 -46.38 -32.51 -3.33
N LYS LA 4 -46.09 -33.65 -2.72
CA LYS LA 4 -44.82 -33.98 -2.12
C LYS LA 4 -44.67 -35.49 -2.28
N PRO LA 5 -43.45 -35.99 -2.42
CA PRO LA 5 -43.25 -37.42 -2.28
C PRO LA 5 -43.41 -37.82 -0.82
N LEU LA 6 -43.76 -39.09 -0.61
CA LEU LA 6 -43.92 -39.59 0.75
C LEU LA 6 -42.58 -39.69 1.47
N ALA LA 7 -41.48 -39.87 0.73
CA ALA LA 7 -40.17 -39.84 1.36
C ALA LA 7 -39.75 -38.42 1.74
N VAL LA 8 -40.35 -37.40 1.14
CA VAL LA 8 -40.14 -36.02 1.59
C VAL LA 8 -41.09 -35.69 2.73
N LYS LA 9 -42.31 -36.24 2.68
CA LYS LA 9 -43.27 -36.08 3.77
C LYS LA 9 -42.79 -36.75 5.04
N LYS LA 10 -42.12 -37.89 4.92
CA LYS LA 10 -41.61 -38.56 6.10
C LYS LA 10 -40.30 -37.96 6.61
N LYS LA 11 -39.61 -37.14 5.83
CA LYS LA 11 -38.50 -36.37 6.37
C LYS LA 11 -38.98 -35.11 7.03
N TYR LA 12 -40.00 -34.47 6.46
CA TYR LA 12 -40.68 -33.35 7.07
C TYR LA 12 -41.44 -33.74 8.33
N ALA LA 13 -41.78 -35.02 8.48
CA ALA LA 13 -42.46 -35.49 9.69
C ALA LA 13 -41.49 -35.79 10.82
N LYS LA 14 -40.25 -36.13 10.48
CA LYS LA 14 -39.24 -36.34 11.51
C LYS LA 14 -38.85 -35.04 12.16
N LYS LA 15 -38.69 -33.99 11.35
CA LYS LA 15 -38.29 -32.67 11.85
C LYS LA 15 -39.37 -31.99 12.66
N MET LA 16 -40.63 -32.38 12.51
CA MET LA 16 -41.67 -31.92 13.41
C MET LA 16 -41.59 -32.61 14.76
N ASN LA 17 -41.15 -33.86 14.78
CA ASN LA 17 -41.00 -34.62 16.01
C ASN LA 17 -39.65 -34.41 16.66
N GLN LA 18 -38.76 -33.65 16.03
CA GLN LA 18 -37.52 -33.22 16.64
C GLN LA 18 -37.58 -31.79 17.13
N ASN LA 19 -38.64 -31.07 16.80
CA ASN LA 19 -38.73 -29.64 17.07
C ASN LA 19 -39.36 -29.36 18.42
N LYS LA 20 -39.22 -30.27 19.35
CA LYS LA 20 -39.76 -30.25 20.68
C LYS LA 20 -38.66 -29.95 21.68
N PRO LA 21 -38.96 -29.25 22.77
CA PRO LA 21 -37.90 -28.81 23.68
C PRO LA 21 -37.36 -29.95 24.54
N VAL LA 22 -36.28 -29.64 25.24
CA VAL LA 22 -35.73 -30.53 26.28
C VAL LA 22 -36.73 -30.60 27.43
N PRO LA 23 -37.07 -31.78 27.93
CA PRO LA 23 -37.94 -31.85 29.11
C PRO LA 23 -37.19 -31.44 30.37
N TYR LA 24 -37.95 -31.20 31.43
CA TYR LA 24 -37.37 -30.61 32.63
C TYR LA 24 -36.55 -31.61 33.44
N TRP LA 25 -36.91 -32.89 33.40
CA TRP LA 25 -36.18 -33.87 34.18
C TRP LA 25 -34.84 -34.24 33.59
N ILE LA 26 -34.58 -33.89 32.33
CA ILE LA 26 -33.22 -33.96 31.79
C ILE LA 26 -32.31 -33.01 32.56
N ARG LA 27 -32.82 -31.84 32.91
CA ARG LA 27 -32.05 -30.84 33.65
C ARG LA 27 -31.77 -31.22 35.10
N LEU LA 28 -32.20 -32.39 35.58
CA LEU LA 28 -32.01 -32.78 36.96
C LEU LA 28 -31.17 -34.04 37.11
N ARG LA 29 -30.49 -34.49 36.05
CA ARG LA 29 -29.66 -35.67 36.16
C ARG LA 29 -28.31 -35.30 36.75
N THR LA 30 -27.45 -36.30 36.96
CA THR LA 30 -26.20 -36.09 37.68
C THR LA 30 -25.17 -35.37 36.82
N GLY LA 31 -24.75 -35.99 35.74
CA GLY LA 31 -23.73 -35.38 34.91
C GLY LA 31 -24.32 -34.55 33.80
N ASN LA 32 -25.16 -33.57 34.17
CA ASN LA 32 -25.97 -32.89 33.21
C ASN LA 32 -25.16 -31.90 32.40
N ARG LA 33 -25.51 -31.77 31.13
CA ARG LA 33 -24.90 -30.82 30.23
C ARG LA 33 -25.89 -29.95 29.50
N ILE LA 34 -27.16 -30.32 29.42
CA ILE LA 34 -28.11 -29.76 28.48
C ILE LA 34 -29.06 -28.84 29.22
N LYS LA 35 -29.01 -27.56 28.87
CA LYS LA 35 -30.02 -26.61 29.31
C LYS LA 35 -31.09 -26.41 28.26
N TRP LA 36 -30.71 -26.01 27.05
CA TRP LA 36 -31.66 -25.82 25.96
C TRP LA 36 -31.25 -26.68 24.77
N ASN LA 37 -32.02 -26.59 23.70
CA ASN LA 37 -31.99 -27.61 22.66
C ASN LA 37 -31.05 -27.31 21.51
N GLU LA 38 -30.58 -26.06 21.32
CA GLU LA 38 -29.52 -25.71 20.35
C GLU LA 38 -29.80 -26.06 18.88
N LYS LA 39 -30.97 -26.65 18.61
CA LYS LA 39 -31.37 -27.17 17.31
C LYS LA 39 -32.84 -26.89 17.08
N ARG LA 40 -33.42 -25.97 17.86
CA ARG LA 40 -34.80 -25.56 17.69
C ARG LA 40 -34.92 -24.85 16.36
N ARG LA 41 -35.47 -25.56 15.39
CA ARG LA 41 -35.69 -25.00 14.07
C ARG LA 41 -37.01 -24.25 14.05
N HIS LA 42 -37.00 -23.09 13.43
CA HIS LA 42 -38.21 -22.33 13.16
C HIS LA 42 -38.37 -22.22 11.66
N TRP LA 43 -39.61 -22.26 11.20
CA TRP LA 43 -39.89 -22.36 9.77
C TRP LA 43 -39.51 -21.10 9.00
N ARG LA 44 -39.38 -19.97 9.68
CA ARG LA 44 -39.06 -18.72 9.02
C ARG LA 44 -37.57 -18.40 9.06
N ARG LA 45 -36.88 -18.73 10.15
CA ARG LA 45 -35.46 -18.40 10.29
C ARG LA 45 -34.57 -19.25 9.39
N THR LA 46 -34.75 -20.56 9.37
CA THR LA 46 -33.87 -21.44 8.62
C THR LA 46 -34.72 -22.46 7.87
N LYS LA 47 -34.35 -22.70 6.61
CA LYS LA 47 -35.14 -23.53 5.72
C LYS LA 47 -34.50 -24.89 5.53
N LEU LA 48 -35.32 -25.93 5.60
CA LEU LA 48 -34.85 -27.30 5.40
C LEU LA 48 -34.60 -27.57 3.93
N ASN LA 49 -35.54 -27.17 3.08
CA ASN LA 49 -35.52 -27.29 1.62
C ASN LA 49 -35.46 -28.75 1.18
N TYR LA 50 -36.47 -29.50 1.58
CA TYR LA 50 -36.59 -30.89 1.13
C TYR LA 50 -37.47 -30.93 -0.11
N MET MA 1 -11.51 95.17 -20.28
CA MET MA 1 -10.84 95.46 -19.02
C MET MA 1 -9.96 96.70 -19.20
N GLU MA 2 -9.74 97.45 -18.12
CA GLU MA 2 -8.83 98.58 -18.18
C GLU MA 2 -7.39 98.10 -18.35
N PRO MA 3 -6.61 98.74 -19.22
CA PRO MA 3 -5.27 98.20 -19.55
C PRO MA 3 -4.27 98.24 -18.40
N THR MA 4 -4.49 99.08 -17.39
CA THR MA 4 -3.66 99.03 -16.19
C THR MA 4 -4.00 97.84 -15.30
N LEU MA 5 -5.22 97.32 -15.40
CA LEU MA 5 -5.62 96.12 -14.68
C LEU MA 5 -5.47 94.85 -15.51
N VAL MA 6 -5.26 94.98 -16.83
CA VAL MA 6 -4.90 93.82 -17.63
C VAL MA 6 -3.49 93.35 -17.25
N ALA MA 7 -2.58 94.30 -17.10
CA ALA MA 7 -1.21 93.99 -16.69
C ALA MA 7 -1.12 93.56 -15.23
N LEU MA 8 -2.10 93.95 -14.41
CA LEU MA 8 -2.17 93.46 -13.04
C LEU MA 8 -2.64 92.02 -12.99
N ALA MA 9 -3.52 91.62 -13.91
CA ALA MA 9 -3.98 90.25 -13.94
C ALA MA 9 -2.98 89.31 -14.56
N LYS MA 10 -2.19 89.79 -15.52
CA LYS MA 10 -1.11 89.00 -16.11
C LYS MA 10 0.03 88.77 -15.14
N LYS MA 11 0.15 89.61 -14.12
CA LYS MA 11 1.12 89.41 -13.04
C LYS MA 11 0.88 88.09 -12.32
N TYR MA 12 -0.38 87.78 -12.05
CA TYR MA 12 -0.77 86.56 -11.37
C TYR MA 12 -0.95 85.40 -12.32
N ASN MA 13 -1.49 85.67 -13.51
CA ASN MA 13 -1.92 84.62 -14.42
C ASN MA 13 -0.89 84.26 -15.48
N TRP MA 14 0.07 85.14 -15.79
CA TRP MA 14 1.04 84.80 -16.82
C TRP MA 14 2.46 84.67 -16.29
N GLU MA 15 2.90 85.56 -15.41
CA GLU MA 15 4.28 85.56 -14.95
C GLU MA 15 4.48 84.41 -13.97
N LYS MA 16 4.65 83.22 -14.53
CA LYS MA 16 4.87 82.00 -13.77
C LYS MA 16 5.82 81.09 -14.54
N LYS MA 17 6.38 80.11 -13.82
CA LYS MA 17 7.13 79.01 -14.40
C LYS MA 17 6.49 77.71 -13.92
N VAL MA 18 6.71 76.64 -14.67
CA VAL MA 18 6.01 75.37 -14.45
C VAL MA 18 7.05 74.25 -14.37
N CYS MA 19 6.97 73.43 -13.31
CA CYS MA 19 7.76 72.21 -13.24
C CYS MA 19 7.35 71.27 -14.35
N ARG MA 20 8.33 70.65 -15.01
CA ARG MA 20 8.04 69.71 -16.08
C ARG MA 20 7.76 68.31 -15.59
N ARG MA 21 7.88 68.03 -14.30
CA ARG MA 21 7.61 66.70 -13.80
C ARG MA 21 6.34 66.60 -12.96
N CYS MA 22 5.82 67.70 -12.42
CA CYS MA 22 4.57 67.63 -11.67
C CYS MA 22 3.61 68.75 -12.00
N TYR MA 23 3.93 69.59 -12.99
CA TYR MA 23 3.09 70.68 -13.51
C TYR MA 23 2.80 71.72 -12.44
N ALA MA 24 3.76 72.03 -11.59
CA ALA MA 24 3.55 73.00 -10.51
C ALA MA 24 3.49 74.42 -11.08
N ARG MA 25 3.22 75.37 -10.20
CA ARG MA 25 3.15 76.78 -10.59
C ARG MA 25 4.18 77.53 -9.76
N LEU MA 26 5.26 77.94 -10.41
CA LEU MA 26 6.43 78.50 -9.77
C LEU MA 26 6.63 79.92 -10.25
N PRO MA 27 7.27 80.80 -9.46
CA PRO MA 27 7.47 82.18 -9.91
C PRO MA 27 8.54 82.25 -11.00
N VAL MA 28 8.67 83.45 -11.57
CA VAL MA 28 9.51 83.68 -12.75
C VAL MA 28 11.00 83.56 -12.46
N ARG MA 29 11.38 83.61 -11.19
CA ARG MA 29 12.78 83.54 -10.82
C ARG MA 29 13.14 82.25 -10.11
N ALA MA 30 12.22 81.29 -10.04
CA ALA MA 30 12.47 80.05 -9.33
C ALA MA 30 13.42 79.16 -10.11
N THR MA 31 14.37 78.58 -9.40
CA THR MA 31 15.30 77.62 -9.99
C THR MA 31 14.82 76.18 -9.87
N ASN MA 32 14.23 75.82 -8.73
CA ASN MA 32 13.79 74.46 -8.48
C ASN MA 32 12.32 74.42 -8.10
N CYS MA 33 11.73 73.23 -8.27
CA CYS MA 33 10.43 72.89 -7.74
C CYS MA 33 10.44 73.00 -6.22
N ARG MA 34 9.30 73.35 -5.64
CA ARG MA 34 9.18 73.32 -4.19
C ARG MA 34 8.47 72.07 -3.72
N LYS MA 35 7.87 71.32 -4.62
CA LYS MA 35 7.10 70.16 -4.23
C LYS MA 35 8.03 68.99 -3.94
N LYS MA 36 7.65 68.18 -2.98
CA LYS MA 36 8.47 67.06 -2.56
C LYS MA 36 8.45 65.93 -3.57
N ALA MA 37 7.49 65.91 -4.50
CA ALA MA 37 7.32 64.78 -5.41
C ALA MA 37 8.03 65.05 -6.74
N CYS MA 38 8.03 66.31 -7.22
CA CYS MA 38 8.96 66.58 -8.31
C CYS MA 38 10.17 67.07 -7.53
N GLY MA 39 11.13 66.17 -7.29
CA GLY MA 39 11.96 66.21 -6.10
C GLY MA 39 12.89 67.41 -5.98
N HIS MA 40 12.27 68.59 -5.92
CA HIS MA 40 12.92 69.90 -5.98
C HIS MA 40 13.76 70.03 -7.26
N CYS MA 41 13.20 69.57 -8.36
CA CYS MA 41 13.98 69.38 -9.58
C CYS MA 41 14.14 70.69 -10.35
N SER MA 42 15.23 70.76 -11.11
CA SER MA 42 15.59 71.94 -11.89
C SER MA 42 15.06 71.87 -13.33
N ASN MA 43 14.22 70.89 -13.65
CA ASN MA 43 13.63 70.79 -14.98
C ASN MA 43 12.38 71.67 -15.00
N LEU MA 44 12.59 72.96 -15.21
CA LEU MA 44 11.51 73.93 -15.30
C LEU MA 44 11.37 74.42 -16.73
N ARG MA 45 10.17 74.91 -17.04
CA ARG MA 45 9.91 75.61 -18.28
C ARG MA 45 9.08 76.84 -17.98
N MET MA 46 9.19 77.84 -18.84
CA MET MA 46 8.38 79.04 -18.68
C MET MA 46 6.95 78.73 -19.12
N LYS MA 47 5.99 79.39 -18.46
CA LYS MA 47 4.58 79.16 -18.73
C LYS MA 47 4.23 79.60 -20.14
N LYS MA 48 3.51 78.74 -20.85
CA LYS MA 48 3.23 78.99 -22.26
C LYS MA 48 2.20 80.10 -22.43
N LYS MA 49 2.36 80.88 -23.49
CA LYS MA 49 1.57 82.07 -23.74
C LYS MA 49 0.51 81.80 -24.81
N LEU MA 50 -0.51 82.65 -24.83
CA LEU MA 50 -1.57 82.58 -25.84
C LEU MA 50 -1.06 82.90 -27.23
N GLY NA 1 -21.27 13.99 -99.48
CA GLY NA 1 -21.77 15.35 -99.44
C GLY NA 1 -23.18 15.46 -98.91
N THR NA 2 -24.14 15.13 -99.77
CA THR NA 2 -25.47 14.62 -99.43
C THR NA 2 -26.44 15.63 -98.83
N VAL NA 3 -25.96 16.72 -98.24
CA VAL NA 3 -26.87 17.70 -97.65
C VAL NA 3 -26.40 19.12 -97.96
N SER NA 4 -27.28 20.07 -97.68
CA SER NA 4 -26.98 21.48 -97.87
C SER NA 4 -26.31 22.06 -96.62
N ARG NA 5 -26.19 23.38 -96.62
CA ARG NA 5 -25.47 24.05 -95.56
C ARG NA 5 -26.25 24.01 -94.26
N PRO NA 6 -25.66 23.58 -93.18
CA PRO NA 6 -26.23 23.90 -91.87
C PRO NA 6 -25.72 25.25 -91.42
N ARG NA 7 -26.49 25.96 -90.59
CA ARG NA 7 -26.01 27.24 -90.08
C ARG NA 7 -24.86 27.03 -89.10
N GLY NA 8 -24.88 25.92 -88.39
CA GLY NA 8 -23.85 25.61 -87.43
C GLY NA 8 -23.32 24.19 -87.59
N MET NA 9 -23.48 23.41 -86.53
CA MET NA 9 -22.96 22.05 -86.46
C MET NA 9 -23.75 21.11 -87.35
N ARG NA 10 -23.44 19.84 -87.25
CA ARG NA 10 -24.34 18.80 -87.71
C ARG NA 10 -25.60 18.89 -86.85
N PRO NA 11 -26.80 18.68 -87.42
CA PRO NA 11 -28.01 18.89 -86.60
C PRO NA 11 -28.15 17.95 -85.43
N LYS NA 12 -27.74 16.68 -85.57
CA LYS NA 12 -27.46 15.87 -84.39
C LYS NA 12 -26.03 16.18 -84.02
N TRP NA 13 -25.71 16.06 -82.73
CA TRP NA 13 -24.61 16.58 -81.94
C TRP NA 13 -24.80 18.06 -81.63
N HIS NA 14 -25.77 18.71 -82.26
CA HIS NA 14 -26.38 19.90 -81.69
C HIS NA 14 -27.66 19.52 -80.99
N LYS NA 15 -28.35 18.50 -81.50
CA LYS NA 15 -29.45 17.91 -80.78
C LYS NA 15 -28.96 17.22 -79.51
N LYS NA 16 -27.83 16.53 -79.58
CA LYS NA 16 -27.25 15.83 -78.44
C LYS NA 16 -26.67 16.79 -77.43
N ARG NA 17 -26.07 17.88 -77.90
CA ARG NA 17 -25.62 18.96 -77.02
C ARG NA 17 -26.78 19.57 -76.24
N ILE NA 18 -27.94 19.74 -76.89
CA ILE NA 18 -29.13 20.22 -76.22
C ILE NA 18 -29.69 19.17 -75.27
N LYS NA 19 -29.60 17.89 -75.66
CA LYS NA 19 -30.14 16.82 -74.85
C LYS NA 19 -29.33 16.63 -73.58
N ARG NA 20 -28.01 16.80 -73.67
CA ARG NA 20 -27.18 16.82 -72.47
C ARG NA 20 -27.39 18.08 -71.66
N LEU NA 21 -27.76 19.17 -72.32
CA LEU NA 21 -28.02 20.43 -71.63
C LEU NA 21 -29.32 20.37 -70.85
N LYS NA 22 -30.32 19.66 -71.38
CA LYS NA 22 -31.60 19.51 -70.71
C LYS NA 22 -31.51 18.56 -69.52
N LEU NA 23 -30.43 17.78 -69.42
CA LEU NA 23 -30.20 17.00 -68.21
C LEU NA 23 -29.59 17.85 -67.12
N ARG NA 24 -28.68 18.75 -67.46
CA ARG NA 24 -28.06 19.60 -66.45
C ARG NA 24 -29.05 20.63 -65.94
N ARG NA 25 -29.99 21.04 -66.80
CA ARG NA 25 -31.08 21.89 -66.33
C ARG NA 25 -32.02 21.12 -65.42
N ARG NA 26 -32.32 19.88 -65.77
CA ARG NA 26 -33.24 19.05 -64.98
C ARG NA 26 -32.65 18.69 -63.63
N ARG NA 27 -31.36 18.32 -63.58
CA ARG NA 27 -30.78 17.83 -62.34
C ARG NA 27 -30.51 18.95 -61.36
N MET NA 28 -30.22 20.15 -61.86
CA MET NA 28 -30.11 21.32 -60.99
C MET NA 28 -31.46 21.74 -60.45
N ARG NA 29 -32.53 21.29 -61.08
CA ARG NA 29 -33.85 21.71 -60.65
C ARG NA 29 -34.46 20.71 -59.67
N GLN NA 30 -34.09 19.43 -59.80
CA GLN NA 30 -34.51 18.44 -58.81
C GLN NA 30 -33.75 18.60 -57.50
N ARG NA 31 -32.60 19.25 -57.53
CA ARG NA 31 -31.81 19.47 -56.33
C ARG NA 31 -32.50 20.46 -55.39
N SER NA 32 -33.13 21.48 -55.96
CA SER NA 32 -33.85 22.45 -55.15
C SER NA 32 -35.23 21.94 -54.76
N LYS NA 33 -35.91 21.23 -55.67
CA LYS NA 33 -37.23 20.69 -55.38
C LYS NA 33 -37.37 19.26 -55.87
N ALA OA 1 -66.53 2.38 -55.51
CA ALA OA 1 -65.62 3.04 -56.42
C ALA OA 1 -64.36 2.22 -56.60
N LYS OA 2 -63.37 2.82 -57.25
CA LYS OA 2 -62.04 2.24 -57.32
C LYS OA 2 -61.20 2.83 -56.20
N ARG OA 3 -60.57 1.97 -55.42
CA ARG OA 3 -60.07 2.37 -54.11
C ARG OA 3 -58.61 2.80 -54.12
N THR OA 4 -57.80 2.27 -55.03
CA THR OA 4 -56.44 2.73 -55.25
C THR OA 4 -56.19 2.81 -56.75
N VAL OA 5 -55.14 3.53 -57.12
CA VAL OA 5 -54.83 3.75 -58.52
C VAL OA 5 -54.08 2.56 -59.11
N LYS OA 6 -52.89 2.27 -58.59
CA LYS OA 6 -52.10 1.19 -59.15
C LYS OA 6 -51.48 0.26 -58.11
N MET OA 7 -51.52 0.57 -56.83
CA MET OA 7 -51.24 -0.45 -55.82
C MET OA 7 -52.50 -1.25 -55.58
N GLY OA 8 -52.50 -2.50 -55.99
CA GLY OA 8 -53.71 -3.28 -55.91
C GLY OA 8 -53.75 -4.00 -54.59
N VAL OA 9 -53.41 -5.29 -54.60
CA VAL OA 9 -53.30 -6.06 -53.37
C VAL OA 9 -52.14 -5.58 -52.50
N MET OA 10 -51.17 -4.86 -53.08
CA MET OA 10 -49.99 -4.46 -52.33
C MET OA 10 -50.22 -3.25 -51.45
N GLY OA 11 -51.39 -2.63 -51.50
CA GLY OA 11 -51.75 -1.52 -50.63
C GLY OA 11 -51.81 -1.89 -49.16
N ARG OA 12 -51.89 -3.18 -48.86
CA ARG OA 12 -51.62 -3.84 -47.59
C ARG OA 12 -50.37 -3.33 -46.88
N TYR OA 13 -49.33 -2.99 -47.62
CA TYR OA 13 -48.01 -2.68 -47.08
C TYR OA 13 -47.77 -1.19 -46.88
N GLY OA 14 -48.62 -0.33 -47.42
CA GLY OA 14 -48.49 1.09 -47.12
C GLY OA 14 -47.35 1.73 -47.88
N THR OA 15 -46.65 2.63 -47.21
CA THR OA 15 -45.50 3.31 -47.81
C THR OA 15 -44.21 2.57 -47.56
N ARG OA 16 -44.25 1.27 -47.39
CA ARG OA 16 -43.08 0.49 -47.08
C ARG OA 16 -42.63 -0.33 -48.28
N TYR OA 17 -41.37 -0.76 -48.20
CA TYR OA 17 -40.69 -1.82 -48.93
C TYR OA 17 -40.22 -1.46 -50.33
N GLY OA 18 -40.27 -0.21 -50.73
CA GLY OA 18 -39.79 0.13 -52.05
C GLY OA 18 -40.82 -0.11 -53.13
N ALA OA 19 -40.84 0.77 -54.12
CA ALA OA 19 -41.87 0.73 -55.16
C ALA OA 19 -41.75 -0.51 -56.03
N ASN OA 20 -40.56 -0.79 -56.52
CA ASN OA 20 -40.38 -1.95 -57.38
C ASN OA 20 -40.36 -3.32 -56.70
N PRO OA 21 -39.81 -3.51 -55.48
CA PRO OA 21 -40.02 -4.81 -54.82
C PRO OA 21 -41.47 -5.10 -54.46
N ARG OA 22 -42.31 -4.07 -54.32
CA ARG OA 22 -43.74 -4.31 -54.23
C ARG OA 22 -44.33 -4.76 -55.56
N LYS OA 23 -43.69 -4.41 -56.68
CA LYS OA 23 -44.22 -4.75 -58.00
C LYS OA 23 -43.79 -6.12 -58.48
N ARG OA 24 -42.58 -6.57 -58.12
CA ARG OA 24 -42.21 -7.95 -58.39
C ARG OA 24 -43.05 -8.90 -57.56
N ALA OA 25 -43.36 -8.52 -56.31
CA ALA OA 25 -44.23 -9.33 -55.48
C ALA OA 25 -45.69 -9.22 -55.87
N LYS OA 26 -46.06 -8.20 -56.65
CA LYS OA 26 -47.47 -8.01 -56.98
C LYS OA 26 -47.95 -9.00 -58.01
N LYS OA 27 -47.10 -9.35 -58.99
CA LYS OA 27 -47.51 -10.26 -60.04
C LYS OA 27 -47.67 -11.68 -59.54
N LEU OA 28 -47.07 -12.00 -58.40
CA LEU OA 28 -47.06 -13.34 -57.84
C LEU OA 28 -47.97 -13.46 -56.62
N GLU OA 29 -48.25 -12.36 -55.94
CA GLU OA 29 -49.29 -12.33 -54.92
C GLU OA 29 -50.67 -12.34 -55.56
N VAL OA 30 -50.82 -11.71 -56.73
CA VAL OA 30 -52.07 -11.83 -57.48
C VAL OA 30 -52.21 -13.23 -58.04
N SER OA 31 -51.10 -13.83 -58.47
CA SER OA 31 -51.17 -15.12 -59.16
C SER OA 31 -51.52 -16.24 -58.21
N GLN OA 32 -50.96 -16.25 -57.00
CA GLN OA 32 -51.20 -17.36 -56.10
C GLN OA 32 -52.58 -17.30 -55.46
N HIS OA 33 -53.18 -16.12 -55.36
CA HIS OA 33 -54.51 -15.98 -54.79
C HIS OA 33 -55.60 -15.92 -55.85
N ALA OA 34 -55.25 -16.06 -57.12
CA ALA OA 34 -56.22 -16.18 -58.18
C ALA OA 34 -56.62 -17.64 -58.37
N LYS OA 35 -57.85 -17.86 -58.80
CA LYS OA 35 -58.34 -19.22 -59.01
C LYS OA 35 -58.07 -19.63 -60.46
N HIS OA 36 -57.31 -20.71 -60.61
CA HIS OA 36 -56.86 -21.19 -61.91
C HIS OA 36 -57.87 -22.19 -62.45
N PHE OA 37 -57.56 -22.77 -63.61
CA PHE OA 37 -58.51 -23.55 -64.39
C PHE OA 37 -58.33 -25.05 -64.10
N CYS OA 38 -59.37 -25.68 -63.57
CA CYS OA 38 -59.41 -27.12 -63.31
C CYS OA 38 -59.63 -27.81 -64.65
N SER OA 39 -58.54 -28.21 -65.29
CA SER OA 39 -58.64 -28.94 -66.55
C SER OA 39 -59.23 -30.33 -66.37
N PHE OA 40 -59.13 -30.88 -65.17
CA PHE OA 40 -59.84 -32.10 -64.81
C PHE OA 40 -61.33 -31.86 -64.78
N CYS OA 41 -61.76 -30.80 -64.11
CA CYS OA 41 -63.15 -30.64 -63.77
C CYS OA 41 -63.84 -29.50 -64.50
N GLY OA 42 -63.14 -28.84 -65.43
CA GLY OA 42 -63.75 -27.84 -66.29
C GLY OA 42 -63.94 -26.48 -65.67
N LYS OA 43 -63.69 -26.34 -64.37
CA LYS OA 43 -64.02 -25.15 -63.61
C LYS OA 43 -62.79 -24.27 -63.44
N PHE OA 44 -63.05 -23.00 -63.09
CA PHE OA 44 -61.99 -22.10 -62.64
C PHE OA 44 -61.97 -22.15 -61.12
N ALA OA 45 -61.26 -23.13 -60.58
CA ALA OA 45 -61.34 -23.37 -59.15
C ALA OA 45 -60.05 -23.80 -58.47
N PHE OA 46 -58.92 -23.87 -59.16
CA PHE OA 46 -57.68 -24.22 -58.47
C PHE OA 46 -57.21 -23.09 -57.59
N ARG OA 47 -57.25 -23.29 -56.28
CA ARG OA 47 -56.65 -22.39 -55.31
C ARG OA 47 -55.43 -23.08 -54.70
N ARG OA 48 -54.37 -22.32 -54.52
CA ARG OA 48 -53.14 -22.88 -53.95
C ARG OA 48 -53.31 -23.12 -52.47
N LYS OA 49 -53.01 -24.33 -52.01
CA LYS OA 49 -53.00 -24.50 -50.57
C LYS OA 49 -51.65 -24.04 -50.04
N ALA OA 50 -50.63 -24.88 -50.15
CA ALA OA 50 -49.29 -24.53 -49.70
C ALA OA 50 -48.40 -24.44 -50.92
N VAL OA 51 -47.11 -24.16 -50.72
CA VAL OA 51 -46.26 -23.81 -51.85
C VAL OA 51 -46.05 -25.04 -52.74
N GLY OA 52 -46.57 -24.95 -53.96
CA GLY OA 52 -46.56 -26.06 -54.86
C GLY OA 52 -47.78 -26.95 -54.82
N ILE OA 53 -48.80 -26.62 -54.04
CA ILE OA 53 -49.95 -27.51 -53.83
C ILE OA 53 -51.21 -26.76 -54.24
N TRP OA 54 -51.95 -27.30 -55.20
CA TRP OA 54 -53.14 -26.68 -55.76
C TRP OA 54 -54.32 -27.61 -55.60
N ARG OA 55 -55.54 -27.05 -55.53
CA ARG OA 55 -56.71 -27.87 -55.23
C ARG OA 55 -57.96 -27.32 -55.90
N CYS OA 56 -58.58 -28.13 -56.77
CA CYS OA 56 -59.80 -27.73 -57.49
C CYS OA 56 -60.93 -27.71 -56.48
N ASP OA 57 -61.52 -26.52 -56.25
CA ASP OA 57 -62.62 -26.41 -55.31
C ASP OA 57 -63.90 -27.07 -55.79
N GLY OA 58 -64.02 -27.31 -57.09
CA GLY OA 58 -65.15 -28.05 -57.61
C GLY OA 58 -64.87 -29.53 -57.66
N CYS OA 59 -63.65 -29.91 -58.01
CA CYS OA 59 -63.34 -31.29 -58.31
C CYS OA 59 -62.58 -32.03 -57.22
N SER OA 60 -62.10 -31.31 -56.18
CA SER OA 60 -61.34 -31.87 -55.04
C SER OA 60 -60.11 -32.65 -55.48
N LYS OA 61 -59.54 -32.23 -56.59
CA LYS OA 61 -58.32 -32.81 -57.13
C LYS OA 61 -57.17 -31.99 -56.60
N THR OA 62 -56.12 -32.65 -56.12
CA THR OA 62 -54.97 -31.94 -55.58
C THR OA 62 -53.80 -32.14 -56.53
N VAL OA 63 -53.32 -31.05 -57.13
CA VAL OA 63 -52.27 -31.10 -58.14
C VAL OA 63 -51.01 -30.47 -57.58
N ALA OA 64 -49.92 -31.21 -57.59
CA ALA OA 64 -48.62 -30.63 -57.30
C ALA OA 64 -48.17 -29.73 -58.43
N GLY OA 65 -47.53 -28.64 -58.08
CA GLY OA 65 -46.80 -27.94 -59.10
C GLY OA 65 -46.88 -26.45 -59.13
N GLY OA 66 -45.73 -25.80 -59.14
CA GLY OA 66 -45.68 -24.37 -59.35
C GLY OA 66 -45.87 -23.60 -58.07
N ALA OA 67 -44.95 -22.70 -57.75
CA ALA OA 67 -45.00 -22.08 -56.43
C ALA OA 67 -46.05 -20.99 -56.37
N TYR OA 68 -46.19 -20.19 -57.43
CA TYR OA 68 -47.08 -19.05 -57.44
C TYR OA 68 -48.10 -19.10 -58.56
N THR OA 69 -47.90 -19.96 -59.55
CA THR OA 69 -48.85 -20.22 -60.59
C THR OA 69 -48.97 -21.73 -60.75
N LEU OA 70 -50.14 -22.19 -61.20
CA LEU OA 70 -50.46 -23.61 -61.24
C LEU OA 70 -49.52 -24.40 -62.15
N SER OA 71 -49.33 -23.93 -63.36
CA SER OA 71 -48.40 -24.55 -64.28
C SER OA 71 -47.36 -23.52 -64.69
N THR OA 72 -46.13 -23.77 -64.33
CA THR OA 72 -44.97 -22.99 -64.72
C THR OA 72 -44.65 -23.25 -66.19
N PRO OA 73 -44.13 -22.25 -66.91
CA PRO OA 73 -43.92 -22.41 -68.35
C PRO OA 73 -42.84 -23.41 -68.74
N ASN OA 74 -41.99 -23.82 -67.80
CA ASN OA 74 -41.06 -24.90 -68.06
C ASN OA 74 -41.75 -26.26 -68.02
N ASN OA 75 -42.91 -26.36 -67.40
CA ASN OA 75 -43.60 -27.65 -67.35
C ASN OA 75 -44.21 -28.00 -68.71
N SER OA 76 -44.83 -27.03 -69.37
CA SER OA 76 -45.47 -27.29 -70.65
C SER OA 76 -44.45 -27.59 -71.74
N THR OA 77 -43.21 -27.11 -71.58
CA THR OA 77 -42.13 -27.53 -72.45
C THR OA 77 -41.76 -28.99 -72.20
N VAL OA 78 -41.86 -29.42 -70.95
CA VAL OA 78 -41.56 -30.80 -70.57
C VAL OA 78 -42.67 -31.75 -70.98
N ARG OA 79 -43.93 -31.33 -70.82
CA ARG OA 79 -45.06 -32.19 -71.17
C ARG OA 79 -45.09 -32.49 -72.66
N SER OA 80 -44.71 -31.52 -73.48
CA SER OA 80 -44.63 -31.75 -74.91
C SER OA 80 -43.46 -32.66 -75.26
N THR OA 81 -42.37 -32.56 -74.51
CA THR OA 81 -41.19 -33.39 -74.77
C THR OA 81 -41.46 -34.85 -74.43
N VAL OA 82 -42.16 -35.11 -73.33
CA VAL OA 82 -42.51 -36.47 -72.94
C VAL OA 82 -43.53 -37.06 -73.89
N ARG OA 83 -44.51 -36.26 -74.31
CA ARG OA 83 -45.53 -36.71 -75.25
C ARG OA 83 -44.93 -37.02 -76.62
N ARG OA 84 -43.96 -36.24 -77.07
CA ARG OA 84 -43.27 -36.53 -78.31
C ARG OA 84 -42.38 -37.77 -78.21
N LEU OA 85 -41.64 -37.91 -77.12
CA LEU OA 85 -40.75 -39.04 -76.94
C LEU OA 85 -41.47 -40.35 -76.66
N ARG OA 86 -42.74 -40.34 -76.26
CA ARG OA 86 -43.46 -41.60 -76.17
C ARG OA 86 -44.20 -41.93 -77.46
N GLU OA 87 -44.20 -41.02 -78.43
CA GLU OA 87 -44.73 -41.34 -79.75
C GLU OA 87 -43.68 -41.95 -80.65
N LEU OA 88 -42.40 -41.68 -80.38
CA LEU OA 88 -41.31 -42.28 -81.14
C LEU OA 88 -41.04 -43.72 -80.74
N ALA OA 89 -41.58 -44.16 -79.61
CA ALA OA 89 -41.45 -45.53 -79.16
C ALA OA 89 -42.67 -46.37 -79.44
N LYS OA 90 -43.70 -45.79 -80.04
CA LYS OA 90 -44.91 -46.52 -80.37
C LYS OA 90 -45.24 -46.34 -81.85
N VAL PA 1 44.81 -5.41 -48.74
CA VAL PA 1 46.15 -5.66 -48.25
C VAL PA 1 46.81 -6.74 -49.09
N ASN PA 2 47.81 -6.33 -49.87
CA ASN PA 2 48.58 -7.26 -50.66
C ASN PA 2 49.64 -7.93 -49.78
N TYR PA 3 49.88 -9.20 -50.03
CA TYR PA 3 50.79 -9.95 -49.22
C TYR PA 3 51.48 -10.86 -50.22
N PRO PA 4 52.78 -11.09 -50.06
CA PRO PA 4 53.48 -11.94 -51.02
C PRO PA 4 53.05 -13.40 -50.91
N LYS PA 5 53.23 -14.12 -52.01
CA LYS PA 5 52.98 -15.55 -52.02
C LYS PA 5 54.12 -16.35 -51.42
N LYS PA 6 55.23 -15.70 -51.08
CA LYS PA 6 56.37 -16.32 -50.46
C LYS PA 6 56.89 -15.43 -49.35
N LYS PA 7 57.53 -16.05 -48.36
CA LYS PA 7 57.84 -15.39 -47.11
C LYS PA 7 59.02 -16.14 -46.53
N VAL PA 8 60.08 -15.43 -46.17
CA VAL PA 8 61.31 -16.07 -45.69
C VAL PA 8 61.33 -15.97 -44.18
N MET PA 9 61.31 -17.13 -43.51
CA MET PA 9 61.07 -17.24 -42.08
C MET PA 9 61.83 -18.44 -41.53
N HIS PA 10 61.71 -18.64 -40.22
CA HIS PA 10 62.70 -19.38 -39.42
C HIS PA 10 62.52 -20.91 -39.40
N CYS PA 11 61.29 -21.42 -39.48
CA CYS PA 11 60.91 -22.83 -39.61
C CYS PA 11 61.13 -23.70 -38.36
N GLY PA 12 62.04 -23.31 -37.46
CA GLY PA 12 62.26 -23.90 -36.14
C GLY PA 12 62.09 -25.39 -35.90
N ASP PA 13 62.54 -26.24 -36.82
CA ASP PA 13 62.09 -27.63 -36.80
C ASP PA 13 63.26 -28.61 -36.78
N ALA PA 14 64.48 -28.11 -36.57
CA ALA PA 14 65.73 -28.86 -36.36
C ALA PA 14 66.20 -29.61 -37.61
N ARG PA 15 65.36 -29.71 -38.61
CA ARG PA 15 65.74 -29.90 -40.00
C ARG PA 15 66.02 -28.57 -40.66
N CYS PA 16 65.32 -27.51 -40.23
CA CYS PA 16 65.60 -26.18 -40.73
C CYS PA 16 66.52 -25.41 -39.80
N ASN PA 17 65.97 -24.99 -38.67
CA ASN PA 17 66.55 -24.00 -37.73
C ASN PA 17 67.27 -22.85 -38.46
N ALA PA 18 66.59 -22.29 -39.47
CA ALA PA 18 67.21 -21.37 -40.41
C ALA PA 18 66.14 -20.71 -41.26
N HIS PA 19 66.44 -19.50 -41.74
CA HIS PA 19 65.53 -18.78 -42.63
C HIS PA 19 65.36 -19.50 -43.95
N LYS PA 20 64.15 -19.99 -44.18
CA LYS PA 20 63.80 -20.74 -45.37
C LYS PA 20 62.53 -20.16 -45.98
N SER PA 21 62.30 -20.50 -47.25
CA SER PA 21 61.13 -20.00 -47.95
C SER PA 21 59.88 -20.75 -47.51
N PHE PA 22 58.86 -19.99 -47.17
CA PHE PA 22 57.51 -20.47 -46.87
C PHE PA 22 56.59 -20.06 -48.01
N LYS PA 23 55.52 -20.81 -48.22
CA LYS PA 23 54.48 -20.40 -49.14
C LYS PA 23 53.16 -20.27 -48.39
N VAL PA 24 52.31 -19.38 -48.88
CA VAL PA 24 51.17 -18.87 -48.14
C VAL PA 24 49.90 -19.36 -48.83
N VAL PA 25 48.94 -19.87 -48.06
CA VAL PA 25 47.73 -20.30 -48.74
C VAL PA 25 46.57 -19.37 -48.42
N GLN PA 26 45.91 -19.58 -47.27
CA GLN PA 26 45.14 -18.68 -46.41
C GLN PA 26 44.42 -19.65 -45.47
N TYR PA 27 43.95 -19.23 -44.30
CA TYR PA 27 43.13 -20.09 -43.48
C TYR PA 27 41.66 -19.88 -43.82
N LYS PA 28 41.00 -20.94 -44.28
CA LYS PA 28 39.55 -21.02 -44.36
C LYS PA 28 39.12 -22.24 -43.56
N ALA PA 29 38.14 -22.06 -42.68
CA ALA PA 29 37.80 -23.08 -41.70
C ALA PA 29 37.20 -24.31 -42.34
N GLY PA 30 37.57 -25.47 -41.83
CA GLY PA 30 37.09 -26.71 -42.38
C GLY PA 30 35.61 -26.92 -42.12
N LYS PA 31 35.04 -27.87 -42.84
CA LYS PA 31 33.62 -28.19 -42.71
C LYS PA 31 33.36 -28.79 -41.34
N ALA PA 32 32.38 -28.24 -40.64
CA ALA PA 32 32.01 -28.69 -39.31
C ALA PA 32 31.46 -30.11 -39.40
N ARG PA 33 32.23 -31.08 -38.93
CA ARG PA 33 31.84 -32.46 -39.09
C ARG PA 33 30.77 -32.84 -38.08
N LEU PA 34 29.79 -33.59 -38.57
CA LEU PA 34 28.94 -34.40 -37.73
C LEU PA 34 29.80 -35.44 -37.03
N PHE PA 35 29.29 -35.94 -35.89
CA PHE PA 35 30.01 -36.81 -34.96
C PHE PA 35 31.24 -36.14 -34.35
N ALA PA 36 31.19 -34.81 -34.21
CA ALA PA 36 31.99 -34.15 -33.20
C ALA PA 36 31.24 -34.22 -31.89
N ARG PA 37 31.98 -34.13 -30.79
CA ARG PA 37 31.42 -34.36 -29.45
C ARG PA 37 30.35 -33.33 -29.09
N GLY PA 38 30.60 -32.05 -29.40
CA GLY PA 38 29.60 -31.03 -29.14
C GLY PA 38 28.50 -30.97 -30.15
N LYS PA 39 28.71 -31.59 -31.31
CA LYS PA 39 27.64 -31.73 -32.29
C LYS PA 39 26.72 -32.88 -31.97
N ARG PA 40 27.25 -33.97 -31.42
CA ARG PA 40 26.41 -35.07 -30.98
C ARG PA 40 25.57 -34.68 -29.78
N ARG PA 41 26.13 -33.84 -28.90
CA ARG PA 41 25.39 -33.32 -27.76
C ARG PA 41 24.26 -32.40 -28.20
N TYR PA 42 24.51 -31.59 -29.21
CA TYR PA 42 23.52 -30.67 -29.72
C TYR PA 42 22.39 -31.38 -30.46
N ASP PA 43 22.73 -32.45 -31.18
CA ASP PA 43 21.69 -33.22 -31.85
C ASP PA 43 20.84 -33.99 -30.85
N ARG PA 44 21.40 -34.33 -29.69
CA ARG PA 44 20.65 -35.02 -28.66
C ARG PA 44 19.76 -34.06 -27.88
N LYS PA 45 20.18 -32.80 -27.74
CA LYS PA 45 19.40 -31.82 -27.02
C LYS PA 45 18.27 -31.25 -27.87
N GLN PA 46 18.46 -31.19 -29.18
CA GLN PA 46 17.45 -30.64 -30.08
C GLN PA 46 16.32 -31.61 -30.36
N SER PA 47 16.57 -32.91 -30.27
CA SER PA 47 15.54 -33.88 -30.62
C SER PA 47 14.48 -33.94 -29.52
N GLY PA 48 13.23 -33.74 -29.91
CA GLY PA 48 12.15 -33.72 -28.96
C GLY PA 48 11.15 -32.65 -29.30
N TYR PA 49 10.71 -31.88 -28.31
CA TYR PA 49 9.65 -30.90 -28.56
C TYR PA 49 9.93 -29.50 -28.08
N GLY PA 50 11.04 -29.23 -27.39
CA GLY PA 50 11.24 -27.93 -26.79
C GLY PA 50 11.53 -26.80 -27.77
N GLY PA 51 11.74 -27.11 -29.03
CA GLY PA 51 12.08 -26.09 -30.00
C GLY PA 51 13.58 -25.94 -30.14
N GLN PA 52 14.05 -24.70 -30.13
CA GLN PA 52 15.47 -24.41 -30.16
C GLN PA 52 15.94 -24.26 -28.72
N THR PA 53 17.04 -24.94 -28.40
CA THR PA 53 17.45 -25.17 -27.02
C THR PA 53 18.76 -24.49 -26.66
N LYS PA 54 19.54 -24.05 -27.63
CA LYS PA 54 20.74 -23.25 -27.48
C LYS PA 54 20.51 -21.91 -28.16
N PRO PA 55 21.19 -20.85 -27.72
CA PRO PA 55 21.00 -19.55 -28.36
C PRO PA 55 21.60 -19.50 -29.76
N VAL PA 56 20.95 -18.74 -30.63
CA VAL PA 56 21.37 -18.59 -32.01
C VAL PA 56 21.61 -17.11 -32.30
N PHE PA 57 22.87 -16.77 -32.53
CA PHE PA 57 23.32 -15.40 -32.56
C PHE PA 57 22.87 -14.69 -33.83
N HIS PA 58 22.25 -13.52 -33.67
CA HIS PA 58 21.78 -12.72 -34.79
C HIS PA 58 22.54 -11.41 -34.97
N LYS PA 59 22.71 -10.65 -33.89
CA LYS PA 59 23.20 -9.28 -33.98
C LYS PA 59 24.68 -9.18 -34.31
N LYS PA 60 25.04 -9.55 -35.54
CA LYS PA 60 26.43 -9.48 -35.99
C LYS PA 60 26.84 -8.04 -36.20
N ALA PA 61 27.99 -7.67 -35.66
CA ALA PA 61 28.49 -6.32 -35.74
C ALA PA 61 29.77 -6.19 -36.53
N LYS PA 62 30.64 -7.19 -36.49
CA LYS PA 62 31.87 -7.17 -37.27
C LYS PA 62 31.55 -7.29 -38.74
N THR PA 63 32.08 -6.38 -39.53
CA THR PA 63 31.99 -6.45 -40.98
C THR PA 63 33.24 -7.05 -41.60
N THR PA 64 34.13 -7.58 -40.77
CA THR PA 64 35.53 -7.82 -41.10
C THR PA 64 36.05 -8.92 -40.18
N LYS PA 65 36.90 -9.80 -40.72
CA LYS PA 65 37.48 -10.91 -39.98
C LYS PA 65 39.00 -10.84 -40.02
N LYS PA 66 39.65 -11.36 -38.98
CA LYS PA 66 41.10 -11.37 -38.95
C LYS PA 66 41.67 -12.35 -39.97
N ILE PA 67 42.81 -12.01 -40.53
CA ILE PA 67 43.45 -12.80 -41.58
C ILE PA 67 44.46 -13.73 -40.94
N VAL PA 68 44.29 -15.03 -41.15
CA VAL PA 68 45.24 -16.04 -40.72
C VAL PA 68 45.87 -16.66 -41.95
N LEU PA 69 47.19 -16.66 -42.00
CA LEU PA 69 47.95 -17.21 -43.11
C LEU PA 69 48.62 -18.49 -42.69
N LYS PA 70 48.36 -19.57 -43.43
CA LYS PA 70 49.04 -20.83 -43.21
C LYS PA 70 50.31 -20.85 -44.03
N LEU PA 71 51.44 -21.13 -43.39
CA LEU PA 71 52.75 -20.93 -43.99
C LEU PA 71 53.49 -22.26 -44.03
N GLN PA 72 53.56 -22.88 -45.20
CA GLN PA 72 54.17 -24.19 -45.35
C GLN PA 72 55.61 -24.02 -45.82
N CYS PA 73 56.55 -24.61 -45.07
CA CYS PA 73 57.95 -24.47 -45.41
C CYS PA 73 58.35 -25.31 -46.62
N SER PA 74 59.36 -24.84 -47.33
CA SER PA 74 59.86 -25.56 -48.51
C SER PA 74 60.70 -26.76 -48.11
N GLY PA 75 61.46 -26.64 -47.03
CA GLY PA 75 62.32 -27.72 -46.59
C GLY PA 75 61.54 -28.88 -46.03
N CYS PA 76 60.89 -28.67 -44.90
CA CYS PA 76 59.97 -29.64 -44.32
C CYS PA 76 58.57 -29.09 -44.42
N LYS PA 77 57.68 -29.84 -45.05
CA LYS PA 77 56.38 -29.30 -45.42
C LYS PA 77 55.48 -29.15 -44.21
N SER PA 78 55.78 -28.17 -43.34
CA SER PA 78 55.16 -28.04 -42.04
C SER PA 78 54.55 -26.66 -41.90
N ILE PA 79 53.24 -26.62 -41.75
CA ILE PA 79 52.47 -25.38 -41.73
C ILE PA 79 52.71 -24.62 -40.42
N ARG PA 80 52.69 -23.30 -40.52
CA ARG PA 80 52.87 -22.41 -39.38
C ARG PA 80 51.82 -21.29 -39.51
N GLN PA 81 50.89 -21.24 -38.56
CA GLN PA 81 49.83 -20.24 -38.60
C GLN PA 81 50.27 -18.92 -38.00
N VAL PA 82 50.10 -17.82 -38.74
CA VAL PA 82 50.31 -16.47 -38.24
C VAL PA 82 49.04 -15.68 -38.51
N VAL PA 83 48.86 -14.59 -37.76
CA VAL PA 83 47.66 -13.78 -37.81
C VAL PA 83 48.03 -12.38 -38.26
N LEU PA 84 47.22 -11.78 -39.11
CA LEU PA 84 47.31 -10.38 -39.47
C LEU PA 84 46.04 -9.68 -39.00
N LYS PA 85 46.02 -8.36 -39.13
CA LYS PA 85 44.94 -7.57 -38.56
C LYS PA 85 43.66 -7.72 -39.36
N ARG PA 86 42.64 -7.00 -38.93
CA ARG PA 86 41.37 -6.99 -39.62
C ARG PA 86 41.46 -6.11 -40.86
N THR PA 87 41.23 -6.71 -42.02
CA THR PA 87 41.13 -5.97 -43.26
C THR PA 87 39.93 -6.51 -44.03
N LYS PA 88 39.31 -5.62 -44.81
CA LYS PA 88 38.12 -6.03 -45.54
C LYS PA 88 38.48 -6.83 -46.78
N HIS PA 89 39.50 -6.40 -47.53
CA HIS PA 89 39.97 -7.11 -48.70
C HIS PA 89 41.42 -7.54 -48.49
N PHE PA 90 41.67 -8.84 -48.68
CA PHE PA 90 43.01 -9.41 -48.61
C PHE PA 90 43.31 -10.10 -49.94
N GLU PA 91 44.55 -9.99 -50.40
CA GLU PA 91 44.97 -10.62 -51.64
C GLU PA 91 46.39 -11.13 -51.49
N LEU PA 92 46.68 -12.25 -52.12
CA LEU PA 92 48.05 -12.75 -52.26
C LEU PA 92 48.47 -12.60 -53.71
N ASN PA 93 49.50 -11.80 -53.96
CA ASN PA 93 50.03 -11.70 -55.30
C ASN PA 93 51.54 -11.49 -55.23
N ASP PA 94 52.24 -12.03 -56.22
CA ASP PA 94 53.67 -11.81 -56.36
C ASP PA 94 54.00 -10.48 -57.01
N LYS PA 95 53.02 -9.83 -57.62
CA LYS PA 95 53.26 -8.57 -58.31
C LYS PA 95 53.50 -7.45 -57.30
N LYS PA 96 54.50 -6.62 -57.58
CA LYS PA 96 54.88 -5.55 -56.68
C LYS PA 96 55.01 -4.22 -57.41
#